data_6YL3
#
_entry.id   6YL3
#
_cell.length_a   1.00
_cell.length_b   1.00
_cell.length_c   1.00
_cell.angle_alpha   90.00
_cell.angle_beta   90.00
_cell.angle_gamma   90.00
#
_symmetry.space_group_name_H-M   'P 1'
#
loop_
_entity.id
_entity.type
_entity.pdbx_description
1 polymer 'Urease subunit gamma'
2 polymer 'Urease subunit beta'
3 polymer 'Urease subunit alpha'
4 non-polymer 'NICKEL (II) ION'
5 water water
#
loop_
_entity_poly.entity_id
_entity_poly.type
_entity_poly.pdbx_seq_one_letter_code
_entity_poly.pdbx_strand_id
1 'polypeptide(L)'
;MQLTPREVEKLMIYTLSDVAFKRKARGLKLNYPEAVSIITVTAMEGARDGKSVEDVMKEASKVLTKDDVMDGVADLIPNV
QVEAIFTDGSRLVTVHDPIK
;
A,D,G,J,M,P,S,W,Z,2,5,8
2 'polypeptide(L)'
;SEQNTPLGGCILADTPITFNENKPVTKVKVRNTGDRPIQVGSHFHFFEVNRALEFDRAAAYGKRLNISSTTAIRFEPGDE
TEVPLIPFGGKQTLYGFNNLVDGWTGEGVVPNSERPDKLEAIRRAAERGFKS
;
B,E,H,K,N,Q,T,X,0,3,6,9
3 'polypeptide(L)'
;PQISRQEYAGLFGPTTGDKIRLGDTNLFIEIEKDLRGYGEESVYGGGKSLRDGMGANNHLTRDNGVLDLVITNVTIVDAR
LGVIKADVGIRDGKIAGIGKSGNPGVMDGVTPGLVVGVSTDAISGEHLILTAAGIDTHIHLISPQQAYHALSNGVATFFG
GGIGPTDGTNGTTVTPGPWNIRQMLRSVEGLPVNVGILGKGNSYGRGPLLEQAIAGVVGY(KCX)VHEDWGATANALRHS
LRMADEMDIQVSVHTDSLNECGYVEDTIDAFEGRTIHTFHTEGAGGGHAPDIIRVASQPNVLPSSTNPTLPYGVNSQAEL
FDMIMVCHNLNPNVPADVSFAESRVRPETIAAENVLHDMGVISMFSSDSQAMGRVGENWLRVMQTANAMKASRGKLPEDA
PGNDNFRVLRYVAKITINPAIAQGVSHVIGSVEVGKMADLVLWDPRFFGAKPKMVIKGGMINWAAMGDPNASLPTPQPVF
YRPMFGAMGKTMQDTCVTFVSQAALDDGVKEKAGLDRQVIAVKNCRTISKHDLVRNDQTPNIEVDPETFAVKVDGVHATC
EPIDTAAMNQRYFFG
;
C,F,I,L,O,R,V,Y,1,4,7,U
#
# COMPACT_ATOMS: atom_id res chain seq x y z
N MET A 1 -48.26 31.61 19.96
CA MET A 1 -47.95 32.97 19.55
C MET A 1 -46.87 33.21 18.48
N GLN A 2 -46.22 32.15 18.14
CA GLN A 2 -45.26 31.95 17.16
C GLN A 2 -44.20 33.09 17.15
N LEU A 3 -43.54 33.16 18.24
CA LEU A 3 -42.48 34.13 18.48
C LEU A 3 -41.19 33.81 17.78
N THR A 4 -40.82 34.73 16.99
CA THR A 4 -39.64 34.88 16.25
C THR A 4 -38.49 35.40 17.09
N PRO A 5 -37.27 35.12 16.71
CA PRO A 5 -36.11 35.65 17.44
C PRO A 5 -36.14 37.16 17.82
N ARG A 6 -36.60 37.99 16.92
CA ARG A 6 -36.76 39.44 17.12
C ARG A 6 -37.76 39.83 18.21
N GLU A 7 -38.80 39.11 18.31
CA GLU A 7 -39.86 39.17 19.31
C GLU A 7 -39.38 38.73 20.67
N VAL A 8 -38.71 37.64 20.75
CA VAL A 8 -38.19 37.12 21.98
C VAL A 8 -37.16 38.11 22.56
N GLU A 9 -36.23 38.57 21.74
CA GLU A 9 -35.14 39.52 22.11
C GLU A 9 -35.67 40.75 22.78
N LYS A 10 -36.76 41.25 22.33
CA LYS A 10 -37.37 42.40 22.88
C LYS A 10 -37.93 42.24 24.26
N LEU A 11 -38.17 41.03 24.74
CA LEU A 11 -38.55 40.80 26.11
C LEU A 11 -37.48 41.29 27.12
N MET A 12 -36.19 41.17 26.76
CA MET A 12 -35.07 41.65 27.62
C MET A 12 -35.33 43.15 27.91
N ILE A 13 -35.69 43.94 26.93
CA ILE A 13 -35.86 45.38 27.04
C ILE A 13 -36.96 45.73 28.03
N TYR A 14 -38.05 45.07 27.91
CA TYR A 14 -39.20 45.20 28.76
C TYR A 14 -38.97 44.90 30.21
N THR A 15 -38.18 43.88 30.46
CA THR A 15 -37.78 43.44 31.82
C THR A 15 -36.81 44.42 32.47
N LEU A 16 -35.78 44.83 31.75
N LEU A 16 -35.78 44.83 31.75
CA LEU A 16 -34.76 45.77 32.32
CA LEU A 16 -34.76 45.77 32.32
C LEU A 16 -35.52 47.14 32.60
C LEU A 16 -35.52 47.14 32.60
N SER A 17 -36.32 47.80 31.71
CA SER A 17 -37.13 48.99 31.88
C SER A 17 -38.14 48.93 32.92
N ASP A 18 -38.72 47.81 33.19
CA ASP A 18 -39.55 47.75 34.36
C ASP A 18 -38.77 47.93 35.65
N VAL A 19 -37.65 47.26 35.79
CA VAL A 19 -36.76 47.44 36.89
C VAL A 19 -36.31 48.89 36.97
N ALA A 20 -35.89 49.45 35.85
CA ALA A 20 -35.44 50.83 35.75
C ALA A 20 -36.47 51.86 36.13
N PHE A 21 -37.69 51.71 35.70
CA PHE A 21 -38.73 52.61 36.08
C PHE A 21 -39.06 52.54 37.56
N LYS A 22 -38.95 51.37 38.18
CA LYS A 22 -39.16 51.22 39.62
C LYS A 22 -38.08 51.96 40.41
N ARG A 23 -36.86 51.86 39.97
CA ARG A 23 -35.70 52.50 40.56
C ARG A 23 -35.77 54.02 40.49
N LYS A 24 -36.09 54.57 39.34
CA LYS A 24 -36.25 55.98 39.15
C LYS A 24 -37.33 56.56 40.05
N ALA A 25 -38.38 55.83 40.28
CA ALA A 25 -39.47 56.21 41.13
C ALA A 25 -39.18 56.20 42.63
N ARG A 26 -38.22 55.41 43.11
CA ARG A 26 -37.52 55.46 44.39
C ARG A 26 -36.50 56.58 44.55
N GLY A 27 -36.34 57.43 43.59
CA GLY A 27 -35.28 58.34 43.52
C GLY A 27 -33.90 57.89 43.25
N LEU A 28 -33.69 56.73 42.71
CA LEU A 28 -32.37 56.32 42.34
C LEU A 28 -31.99 56.94 41.01
N LYS A 29 -30.78 57.42 40.97
N LYS A 29 -30.79 57.43 40.97
CA LYS A 29 -30.10 57.85 39.78
CA LYS A 29 -30.12 57.86 39.77
C LYS A 29 -29.61 56.63 38.99
C LYS A 29 -29.61 56.65 38.99
N LEU A 30 -29.95 56.61 37.73
CA LEU A 30 -29.78 55.51 36.86
C LEU A 30 -28.44 55.44 36.24
N ASN A 31 -28.04 54.27 36.00
CA ASN A 31 -26.91 53.84 35.30
C ASN A 31 -27.17 53.67 33.82
N TYR A 32 -26.22 53.29 33.19
CA TYR A 32 -26.09 53.15 31.73
C TYR A 32 -27.13 52.18 31.17
N PRO A 33 -27.04 50.90 31.41
CA PRO A 33 -28.09 49.95 31.03
C PRO A 33 -29.53 50.33 31.33
N GLU A 34 -29.80 50.78 32.49
CA GLU A 34 -31.08 51.20 32.93
C GLU A 34 -31.64 52.36 32.09
N ALA A 35 -30.82 53.34 31.86
CA ALA A 35 -31.16 54.56 31.14
C ALA A 35 -31.42 54.27 29.67
N VAL A 36 -30.56 53.52 29.05
CA VAL A 36 -30.74 53.02 27.71
C VAL A 36 -32.07 52.25 27.57
N SER A 37 -32.43 51.45 28.56
CA SER A 37 -33.68 50.71 28.65
C SER A 37 -34.91 51.59 28.55
N ILE A 38 -34.96 52.65 29.32
CA ILE A 38 -36.07 53.55 29.44
C ILE A 38 -36.29 54.34 28.15
N ILE A 39 -35.24 54.79 27.51
CA ILE A 39 -35.31 55.49 26.25
C ILE A 39 -35.79 54.55 25.17
N THR A 40 -35.28 53.34 25.15
CA THR A 40 -35.61 52.32 24.17
C THR A 40 -37.08 51.95 24.20
N VAL A 41 -37.62 51.71 25.36
CA VAL A 41 -38.99 51.29 25.55
C VAL A 41 -39.96 52.40 25.28
N THR A 42 -39.55 53.63 25.51
CA THR A 42 -40.36 54.81 25.23
C THR A 42 -40.66 54.90 23.74
N ALA A 43 -39.67 54.73 22.93
CA ALA A 43 -39.77 54.61 21.50
C ALA A 43 -40.66 53.47 21.05
N MET A 44 -40.29 52.30 21.43
CA MET A 44 -41.04 51.08 21.23
C MET A 44 -42.51 51.21 21.57
N GLU A 45 -42.81 51.80 22.66
CA GLU A 45 -44.18 51.93 23.07
C GLU A 45 -44.95 52.97 22.25
N GLY A 46 -44.27 54.00 21.84
CA GLY A 46 -44.78 54.98 20.93
C GLY A 46 -45.20 54.44 19.61
N ALA A 47 -44.31 53.70 18.98
CA ALA A 47 -44.52 52.91 17.80
C ALA A 47 -45.82 52.15 17.88
N ARG A 48 -46.04 51.47 18.99
CA ARG A 48 -47.17 50.58 19.22
C ARG A 48 -48.45 51.34 19.36
N ASP A 49 -48.31 52.48 20.01
CA ASP A 49 -49.33 53.52 20.24
C ASP A 49 -49.70 54.19 18.89
N GLY A 50 -48.97 54.04 17.78
CA GLY A 50 -49.33 54.60 16.50
C GLY A 50 -48.71 55.89 16.05
N LYS A 51 -47.78 56.43 16.77
CA LYS A 51 -47.02 57.58 16.45
C LYS A 51 -46.06 57.39 15.28
N SER A 52 -45.63 58.49 14.81
CA SER A 52 -44.62 58.61 13.80
C SER A 52 -43.22 58.44 14.41
N VAL A 53 -42.26 58.09 13.60
CA VAL A 53 -40.87 58.03 13.94
C VAL A 53 -40.39 59.37 14.49
N GLU A 54 -40.78 60.43 13.80
CA GLU A 54 -40.49 61.80 14.18
C GLU A 54 -40.99 62.11 15.57
N ASP A 55 -42.21 61.82 15.83
CA ASP A 55 -42.85 62.05 17.09
C ASP A 55 -42.29 61.19 18.23
N VAL A 56 -41.95 59.94 17.99
CA VAL A 56 -41.47 59.09 19.05
C VAL A 56 -40.10 59.56 19.49
N MET A 57 -39.24 59.84 18.53
N MET A 57 -39.24 59.86 18.52
CA MET A 57 -37.96 60.49 18.63
CA MET A 57 -37.95 60.51 18.66
C MET A 57 -37.90 61.64 19.59
C MET A 57 -37.92 61.64 19.62
N LYS A 58 -38.76 62.62 19.42
CA LYS A 58 -38.92 63.69 20.35
C LYS A 58 -39.18 63.22 21.76
N GLU A 59 -40.22 62.40 21.86
CA GLU A 59 -40.70 61.80 23.11
C GLU A 59 -39.53 61.14 23.85
N ALA A 60 -38.76 60.33 23.24
CA ALA A 60 -37.67 59.57 23.80
C ALA A 60 -36.47 60.40 24.16
N SER A 61 -36.23 61.44 23.39
CA SER A 61 -35.15 62.43 23.69
C SER A 61 -35.54 63.28 24.91
N LYS A 62 -36.71 63.17 25.47
CA LYS A 62 -37.17 63.95 26.60
C LYS A 62 -37.49 63.23 27.89
N VAL A 63 -37.41 61.93 27.94
CA VAL A 63 -37.83 61.12 29.08
C VAL A 63 -36.83 61.21 30.23
N LEU A 64 -35.56 61.25 29.94
CA LEU A 64 -34.50 61.36 30.92
C LEU A 64 -33.68 62.64 30.82
N THR A 65 -33.39 63.19 31.96
CA THR A 65 -32.50 64.30 32.23
C THR A 65 -31.18 63.94 32.89
N LYS A 66 -30.27 64.92 32.84
N LYS A 66 -30.27 64.92 32.85
CA LYS A 66 -29.03 64.89 33.58
CA LYS A 66 -29.03 64.86 33.57
C LYS A 66 -29.23 64.56 35.03
C LYS A 66 -29.21 64.57 35.05
N ASP A 67 -30.21 65.16 35.67
CA ASP A 67 -30.49 64.89 37.06
C ASP A 67 -30.87 63.46 37.35
N ASP A 68 -31.52 62.79 36.45
CA ASP A 68 -32.10 61.48 36.59
C ASP A 68 -31.09 60.37 36.40
N VAL A 69 -29.93 60.69 35.99
CA VAL A 69 -28.85 59.80 35.74
C VAL A 69 -27.65 60.13 36.59
N MET A 70 -26.93 59.10 36.81
CA MET A 70 -25.63 59.11 37.41
C MET A 70 -24.62 59.89 36.56
N ASP A 71 -23.83 60.69 37.23
CA ASP A 71 -22.83 61.54 36.62
C ASP A 71 -21.93 60.78 35.64
N GLY A 72 -21.88 61.26 34.48
CA GLY A 72 -21.18 60.70 33.41
C GLY A 72 -21.95 59.87 32.40
N VAL A 73 -23.14 59.42 32.72
CA VAL A 73 -23.86 58.44 31.92
C VAL A 73 -24.16 59.01 30.57
N ALA A 74 -24.52 60.27 30.52
CA ALA A 74 -24.61 61.01 29.29
C ALA A 74 -23.53 60.76 28.26
N ASP A 75 -22.28 60.78 28.74
CA ASP A 75 -21.06 60.53 27.95
C ASP A 75 -21.07 59.12 27.38
N LEU A 76 -21.77 58.19 27.99
CA LEU A 76 -21.92 56.81 27.64
C LEU A 76 -23.04 56.54 26.67
N ILE A 77 -23.96 57.44 26.50
CA ILE A 77 -25.14 57.42 25.70
C ILE A 77 -25.16 58.66 24.83
N PRO A 78 -24.36 58.74 23.87
CA PRO A 78 -24.51 59.79 22.89
C PRO A 78 -25.76 59.71 22.02
N ASN A 79 -26.04 58.55 21.47
CA ASN A 79 -27.28 58.16 20.84
C ASN A 79 -27.74 56.79 21.31
N VAL A 80 -29.05 56.59 21.26
CA VAL A 80 -29.73 55.30 21.31
C VAL A 80 -30.50 54.97 20.04
N GLN A 81 -30.26 53.79 19.51
CA GLN A 81 -30.98 53.15 18.47
C GLN A 81 -31.74 51.85 18.80
N VAL A 82 -32.95 51.81 18.31
CA VAL A 82 -33.91 50.70 18.29
C VAL A 82 -34.84 50.68 17.10
N GLU A 83 -35.09 49.49 16.65
CA GLU A 83 -36.10 49.08 15.72
C GLU A 83 -37.35 48.74 16.45
N ALA A 84 -38.35 49.42 16.07
CA ALA A 84 -39.69 49.33 16.46
C ALA A 84 -40.64 49.07 15.30
N ILE A 85 -41.80 48.66 15.64
CA ILE A 85 -42.81 48.19 14.73
C ILE A 85 -43.88 49.28 14.79
N PHE A 86 -43.84 50.05 13.79
CA PHE A 86 -44.72 51.14 13.47
C PHE A 86 -45.86 50.58 12.63
N THR A 87 -46.91 51.34 12.52
CA THR A 87 -48.03 51.03 11.64
C THR A 87 -47.66 50.65 10.21
N ASP A 88 -46.69 51.29 9.65
CA ASP A 88 -46.14 51.01 8.36
C ASP A 88 -44.98 50.05 8.33
N GLY A 89 -44.60 49.53 9.40
CA GLY A 89 -43.62 48.51 9.51
C GLY A 89 -42.58 48.77 10.52
N SER A 90 -41.62 47.91 10.51
CA SER A 90 -40.41 48.05 11.24
C SER A 90 -39.59 49.21 10.66
N ARG A 91 -39.15 50.01 11.52
CA ARG A 91 -38.35 51.19 11.37
C ARG A 91 -37.32 51.46 12.46
N LEU A 92 -36.14 51.85 12.06
CA LEU A 92 -35.12 52.42 12.90
C LEU A 92 -35.38 53.80 13.35
N VAL A 93 -35.35 53.92 14.63
CA VAL A 93 -35.38 55.10 15.44
C VAL A 93 -34.01 55.32 16.07
N THR A 94 -33.38 56.40 15.70
CA THR A 94 -32.28 57.02 16.39
C THR A 94 -32.81 58.20 17.16
N VAL A 95 -32.35 58.24 18.35
CA VAL A 95 -32.62 59.22 19.35
C VAL A 95 -31.28 59.87 19.64
N HIS A 96 -31.13 61.14 19.31
CA HIS A 96 -29.86 61.92 19.34
C HIS A 96 -29.70 62.59 20.70
N ASP A 97 -28.57 62.42 21.38
CA ASP A 97 -28.25 63.07 22.68
C ASP A 97 -29.45 62.96 23.63
N PRO A 98 -29.99 61.78 23.95
CA PRO A 98 -31.19 61.74 24.79
C PRO A 98 -31.11 62.32 26.20
N ILE A 99 -29.96 62.39 26.87
CA ILE A 99 -29.82 62.89 28.21
C ILE A 99 -29.29 64.30 28.07
N LYS A 100 -30.19 65.22 28.24
CA LYS A 100 -29.91 66.64 28.11
C LYS A 100 -29.89 67.22 29.50
N SER B 1 -8.42 69.83 31.55
CA SER B 1 -7.46 69.80 32.68
C SER B 1 -7.12 68.37 33.10
N GLU B 2 -8.18 67.59 33.40
CA GLU B 2 -8.25 66.19 33.94
C GLU B 2 -9.51 66.07 34.77
N GLN B 3 -9.80 67.09 35.60
CA GLN B 3 -10.97 67.24 36.50
C GLN B 3 -12.26 67.43 35.68
N ASN B 4 -12.16 67.85 34.42
CA ASN B 4 -13.23 68.20 33.50
C ASN B 4 -13.48 67.27 32.31
N THR B 5 -12.58 66.39 31.98
CA THR B 5 -12.72 65.46 30.89
C THR B 5 -13.89 64.51 31.09
N PRO B 6 -14.77 64.34 30.11
CA PRO B 6 -15.78 63.28 30.21
C PRO B 6 -15.19 61.88 30.28
N LEU B 7 -16.03 60.91 30.63
CA LEU B 7 -15.70 59.47 30.62
C LEU B 7 -15.14 59.19 29.23
N GLY B 8 -14.01 58.58 29.09
CA GLY B 8 -13.24 58.21 27.97
C GLY B 8 -12.65 59.31 27.18
N GLY B 9 -12.72 60.51 27.69
CA GLY B 9 -12.32 61.66 26.99
C GLY B 9 -10.85 61.80 26.88
N CYS B 10 -10.56 62.62 25.96
CA CYS B 10 -9.25 63.03 25.54
C CYS B 10 -8.91 64.44 26.01
N ILE B 11 -7.69 64.60 26.44
CA ILE B 11 -7.03 65.87 26.68
C ILE B 11 -6.02 66.04 25.59
N LEU B 12 -6.34 66.92 24.70
CA LEU B 12 -5.52 67.22 23.54
C LEU B 12 -4.55 68.33 23.81
N ALA B 13 -3.35 68.12 23.38
CA ALA B 13 -2.36 69.16 23.28
C ALA B 13 -2.78 70.32 22.36
N ASP B 14 -1.94 71.34 22.20
CA ASP B 14 -2.25 72.57 21.46
C ASP B 14 -1.66 72.61 20.06
N THR B 15 -0.47 72.12 19.89
CA THR B 15 0.26 72.25 18.68
C THR B 15 -0.49 71.70 17.49
N PRO B 16 -0.76 72.51 16.47
CA PRO B 16 -1.31 72.01 15.21
C PRO B 16 -0.49 70.96 14.51
N ILE B 17 -1.18 70.21 13.71
CA ILE B 17 -0.60 69.16 12.92
C ILE B 17 -0.32 69.73 11.53
N THR B 18 0.84 69.47 11.07
CA THR B 18 1.31 69.84 9.75
C THR B 18 1.54 68.63 8.90
N PHE B 19 0.83 68.58 7.79
CA PHE B 19 0.88 67.53 6.82
C PHE B 19 1.13 68.04 5.39
N ASN B 20 1.70 67.16 4.61
CA ASN B 20 2.03 67.22 3.22
C ASN B 20 3.05 68.35 2.89
N GLU B 21 3.75 68.92 3.90
CA GLU B 21 4.67 70.08 3.91
C GLU B 21 5.72 70.09 2.81
N ASN B 22 6.20 68.98 2.41
CA ASN B 22 7.29 68.89 1.48
C ASN B 22 6.88 68.86 0.03
N LYS B 23 5.77 68.67 -0.21
CA LYS B 23 5.24 68.27 -1.45
C LYS B 23 4.84 69.52 -2.30
N PRO B 24 5.23 69.60 -3.58
CA PRO B 24 4.90 70.76 -4.42
C PRO B 24 3.46 70.83 -4.91
N VAL B 25 2.90 72.02 -4.78
CA VAL B 25 1.48 72.31 -4.93
C VAL B 25 1.17 73.02 -6.24
N THR B 26 0.29 72.43 -6.99
CA THR B 26 -0.32 72.88 -8.23
C THR B 26 -1.79 73.22 -8.01
N LYS B 27 -2.12 74.46 -8.19
CA LYS B 27 -3.49 74.93 -8.22
C LYS B 27 -4.13 74.83 -9.61
N VAL B 28 -5.26 74.19 -9.66
CA VAL B 28 -6.08 74.07 -10.85
C VAL B 28 -7.48 74.58 -10.56
N LYS B 29 -8.11 75.05 -11.62
CA LYS B 29 -9.48 75.57 -11.68
C LYS B 29 -10.44 74.54 -12.26
N VAL B 30 -11.48 74.23 -11.53
CA VAL B 30 -12.35 73.13 -11.81
C VAL B 30 -13.79 73.62 -11.95
N ARG B 31 -14.37 73.37 -13.09
CA ARG B 31 -15.77 73.59 -13.36
C ARG B 31 -16.52 72.28 -13.64
N ASN B 32 -17.60 72.09 -12.94
CA ASN B 32 -18.58 71.03 -13.18
C ASN B 32 -19.60 71.46 -14.20
N THR B 33 -19.46 70.91 -15.33
CA THR B 33 -20.24 70.95 -16.53
C THR B 33 -21.34 69.94 -16.66
N GLY B 34 -21.56 69.09 -15.70
CA GLY B 34 -22.72 68.26 -15.64
C GLY B 34 -23.81 68.81 -14.82
N ASP B 35 -24.90 68.10 -14.87
CA ASP B 35 -26.09 68.38 -14.10
C ASP B 35 -26.16 67.72 -12.74
N ARG B 36 -25.24 66.89 -12.41
CA ARG B 36 -25.22 66.21 -11.19
C ARG B 36 -23.96 66.48 -10.34
N PRO B 37 -24.12 66.53 -9.04
CA PRO B 37 -23.00 66.68 -8.13
C PRO B 37 -21.92 65.62 -8.27
N ILE B 38 -20.71 66.09 -8.19
CA ILE B 38 -19.46 65.35 -8.25
C ILE B 38 -18.68 65.66 -6.98
N GLN B 39 -18.21 64.65 -6.31
CA GLN B 39 -17.41 64.64 -5.12
C GLN B 39 -16.23 63.67 -5.23
N VAL B 40 -15.09 64.21 -4.94
CA VAL B 40 -13.78 63.60 -5.12
C VAL B 40 -13.01 63.63 -3.80
N GLY B 41 -12.45 62.55 -3.49
CA GLY B 41 -11.61 62.32 -2.34
C GLY B 41 -10.16 62.53 -2.48
N SER B 42 -9.50 62.46 -1.34
CA SER B 42 -8.16 62.91 -1.12
C SER B 42 -7.10 62.18 -1.92
N HIS B 43 -7.30 60.86 -2.06
CA HIS B 43 -6.38 59.90 -2.73
C HIS B 43 -6.78 59.50 -4.13
N PHE B 44 -7.86 59.95 -4.63
CA PHE B 44 -8.16 59.74 -6.05
C PHE B 44 -7.18 60.47 -6.96
N HIS B 45 -6.84 59.88 -8.03
CA HIS B 45 -6.00 60.37 -9.15
C HIS B 45 -6.80 61.39 -9.93
N PHE B 46 -6.62 62.65 -9.54
CA PHE B 46 -7.41 63.82 -10.02
C PHE B 46 -7.57 63.82 -11.56
N PHE B 47 -6.55 63.52 -12.33
CA PHE B 47 -6.55 63.25 -13.75
C PHE B 47 -7.64 62.44 -14.33
N GLU B 48 -8.18 61.54 -13.57
CA GLU B 48 -9.09 60.52 -13.95
C GLU B 48 -10.46 60.72 -13.37
N VAL B 49 -10.74 61.89 -12.78
CA VAL B 49 -12.06 62.23 -12.18
C VAL B 49 -13.10 62.34 -13.32
N ASN B 50 -14.36 62.21 -12.97
CA ASN B 50 -15.59 62.29 -13.78
C ASN B 50 -15.32 63.16 -15.05
N ARG B 51 -15.34 62.59 -16.23
CA ARG B 51 -15.39 63.26 -17.57
C ARG B 51 -16.03 64.66 -17.52
N ALA B 52 -17.18 64.88 -16.91
CA ALA B 52 -17.92 66.16 -16.79
C ALA B 52 -17.14 67.33 -16.13
N LEU B 53 -16.11 67.11 -15.32
CA LEU B 53 -15.24 68.07 -14.75
C LEU B 53 -14.27 68.56 -15.82
N GLU B 54 -14.20 69.87 -15.91
CA GLU B 54 -13.39 70.58 -16.89
C GLU B 54 -12.35 71.34 -16.11
N PHE B 55 -11.08 71.09 -16.33
CA PHE B 55 -9.93 71.59 -15.68
C PHE B 55 -8.75 71.26 -16.58
N ASP B 56 -7.56 71.73 -16.26
CA ASP B 56 -6.32 71.46 -16.95
C ASP B 56 -5.80 70.09 -16.58
N ARG B 57 -6.15 69.17 -17.39
CA ARG B 57 -6.04 67.79 -17.03
C ARG B 57 -4.56 67.41 -16.96
N ALA B 58 -3.79 67.89 -17.87
CA ALA B 58 -2.34 67.77 -17.92
C ALA B 58 -1.65 68.15 -16.64
N ALA B 59 -2.19 69.13 -15.95
CA ALA B 59 -1.64 69.60 -14.71
C ALA B 59 -1.88 68.67 -13.49
N ALA B 60 -2.91 67.92 -13.50
CA ALA B 60 -3.38 66.89 -12.58
C ALA B 60 -2.78 65.51 -12.79
N TYR B 61 -2.02 65.31 -13.82
CA TYR B 61 -1.25 64.10 -14.06
C TYR B 61 -0.32 63.84 -12.92
N GLY B 62 -0.53 62.73 -12.34
CA GLY B 62 0.10 62.27 -11.13
C GLY B 62 -0.27 62.88 -9.92
N LYS B 63 -1.40 63.48 -9.87
CA LYS B 63 -1.85 64.26 -8.77
C LYS B 63 -3.15 63.87 -8.09
N ARG B 64 -3.17 64.25 -6.84
CA ARG B 64 -4.16 64.21 -5.83
C ARG B 64 -4.37 65.55 -5.17
N LEU B 65 -5.49 65.63 -4.59
CA LEU B 65 -5.89 66.74 -3.78
C LEU B 65 -5.14 66.83 -2.44
N ASN B 66 -4.67 68.02 -2.15
CA ASN B 66 -3.88 68.42 -1.02
C ASN B 66 -4.78 68.81 0.14
N ILE B 67 -5.53 67.85 0.55
CA ILE B 67 -6.45 67.88 1.64
C ILE B 67 -6.18 66.72 2.61
N SER B 68 -6.86 66.77 3.75
CA SER B 68 -6.78 65.74 4.77
C SER B 68 -7.20 64.39 4.22
N SER B 69 -6.34 63.43 4.39
CA SER B 69 -6.69 62.04 4.25
C SER B 69 -8.08 61.81 4.82
N THR B 70 -8.82 61.20 4.00
CA THR B 70 -10.14 60.69 4.12
C THR B 70 -11.22 61.69 3.77
N THR B 71 -10.88 62.93 3.57
CA THR B 71 -11.84 63.95 3.29
C THR B 71 -11.95 64.10 1.74
N ALA B 72 -12.84 64.94 1.34
CA ALA B 72 -13.30 65.13 -0.02
C ALA B 72 -13.67 66.59 -0.32
N ILE B 73 -13.77 66.86 -1.61
CA ILE B 73 -14.19 68.17 -2.16
C ILE B 73 -15.41 67.90 -3.06
N ARG B 74 -16.45 68.65 -2.88
CA ARG B 74 -17.71 68.65 -3.58
C ARG B 74 -17.80 69.75 -4.64
N PHE B 75 -18.07 69.35 -5.81
CA PHE B 75 -18.22 70.15 -7.01
C PHE B 75 -19.66 70.04 -7.45
N GLU B 76 -20.44 71.00 -7.05
CA GLU B 76 -21.83 71.17 -7.42
C GLU B 76 -21.98 71.62 -8.87
N PRO B 77 -23.11 71.32 -9.49
CA PRO B 77 -23.31 71.69 -10.90
C PRO B 77 -23.23 73.18 -11.16
N GLY B 78 -22.39 73.47 -12.13
CA GLY B 78 -22.09 74.73 -12.67
C GLY B 78 -21.39 75.70 -11.78
N ASP B 79 -20.45 75.23 -11.01
CA ASP B 79 -19.73 76.02 -10.07
C ASP B 79 -18.25 75.85 -10.37
N GLU B 80 -17.50 76.82 -9.96
CA GLU B 80 -16.09 76.85 -10.16
C GLU B 80 -15.36 77.04 -8.87
N THR B 81 -14.36 76.20 -8.69
CA THR B 81 -13.53 76.08 -7.51
C THR B 81 -12.10 75.84 -7.92
N GLU B 82 -11.22 76.46 -7.18
CA GLU B 82 -9.82 76.25 -7.29
C GLU B 82 -9.42 75.19 -6.28
N VAL B 83 -8.61 74.27 -6.73
CA VAL B 83 -8.15 73.23 -5.88
C VAL B 83 -6.66 73.03 -5.85
N PRO B 84 -6.10 72.77 -4.66
CA PRO B 84 -4.71 72.45 -4.55
C PRO B 84 -4.42 70.98 -4.86
N LEU B 85 -3.46 70.76 -5.64
CA LEU B 85 -2.95 69.50 -6.07
C LEU B 85 -1.50 69.30 -5.67
N ILE B 86 -1.18 68.07 -5.38
CA ILE B 86 0.08 67.52 -4.94
C ILE B 86 0.32 66.13 -5.55
N PRO B 87 1.55 65.76 -5.75
CA PRO B 87 1.86 64.43 -6.22
C PRO B 87 1.73 63.36 -5.19
N PHE B 88 1.41 62.24 -5.69
CA PHE B 88 1.44 60.99 -5.02
C PHE B 88 2.89 60.64 -4.65
N GLY B 89 3.01 59.90 -3.64
CA GLY B 89 4.22 59.36 -3.16
C GLY B 89 4.48 57.96 -3.59
N GLY B 90 5.30 57.35 -2.83
CA GLY B 90 5.85 56.08 -3.07
C GLY B 90 6.48 55.89 -4.40
N LYS B 91 6.11 54.88 -5.05
CA LYS B 91 6.61 54.58 -6.36
C LYS B 91 5.89 55.35 -7.50
N GLN B 92 4.87 56.13 -7.26
CA GLN B 92 4.11 56.86 -8.27
C GLN B 92 3.60 55.99 -9.39
N THR B 93 3.09 54.86 -9.02
CA THR B 93 2.49 53.82 -9.78
C THR B 93 0.99 53.75 -9.47
N LEU B 94 0.23 54.09 -10.43
CA LEU B 94 -1.18 54.25 -10.44
C LEU B 94 -1.82 53.26 -11.41
N TYR B 95 -2.46 52.22 -10.84
CA TYR B 95 -3.18 51.17 -11.59
C TYR B 95 -4.69 51.31 -11.36
N GLY B 96 -5.52 51.05 -12.35
CA GLY B 96 -6.97 51.15 -12.21
C GLY B 96 -7.54 52.54 -12.40
N PHE B 97 -8.45 53.01 -11.56
CA PHE B 97 -9.22 54.28 -11.71
C PHE B 97 -10.00 54.12 -13.06
N ASN B 98 -9.76 54.88 -14.12
CA ASN B 98 -10.49 54.87 -15.42
C ASN B 98 -9.67 54.28 -16.56
N ASN B 99 -8.61 53.68 -16.22
CA ASN B 99 -7.66 53.01 -17.03
C ASN B 99 -6.97 53.95 -18.04
N LEU B 100 -6.73 55.18 -17.60
CA LEU B 100 -6.02 56.24 -18.31
C LEU B 100 -4.49 56.15 -18.28
N VAL B 101 -3.90 55.73 -17.21
CA VAL B 101 -2.48 55.55 -16.99
C VAL B 101 -2.06 54.09 -16.86
N ASP B 102 -2.49 53.40 -15.83
CA ASP B 102 -2.04 52.06 -15.57
C ASP B 102 -0.53 51.91 -15.67
N GLY B 103 0.11 52.78 -14.97
CA GLY B 103 1.45 52.96 -14.70
C GLY B 103 2.08 54.07 -13.88
N TRP B 104 3.28 54.35 -14.27
CA TRP B 104 4.18 55.27 -13.64
C TRP B 104 3.83 56.67 -14.06
N THR B 105 3.71 57.49 -13.12
CA THR B 105 3.34 58.88 -13.20
C THR B 105 4.39 59.85 -12.74
N GLY B 106 5.57 59.41 -12.56
CA GLY B 106 6.65 60.21 -12.16
C GLY B 106 7.12 61.12 -13.29
N GLU B 107 7.95 62.05 -12.93
CA GLU B 107 8.66 62.99 -13.85
C GLU B 107 9.78 62.36 -14.58
N GLY B 108 10.51 61.50 -13.96
CA GLY B 108 11.66 60.97 -14.63
C GLY B 108 12.76 62.03 -14.50
N VAL B 109 13.71 62.04 -15.42
CA VAL B 109 15.06 62.55 -15.13
C VAL B 109 15.47 63.77 -15.99
N VAL B 110 14.66 64.18 -16.94
CA VAL B 110 14.90 65.18 -17.96
C VAL B 110 14.01 66.39 -17.65
N PRO B 111 14.42 67.48 -16.82
CA PRO B 111 13.73 68.95 -16.32
C PRO B 111 13.56 69.62 -17.69
N ASN B 112 12.38 70.15 -18.02
CA ASN B 112 12.03 70.94 -19.25
C ASN B 112 11.90 70.06 -20.49
N SER B 113 11.35 68.86 -20.32
CA SER B 113 10.65 68.00 -21.33
C SER B 113 9.61 67.15 -20.59
N GLU B 114 8.68 66.56 -21.31
CA GLU B 114 7.72 65.60 -20.75
C GLU B 114 8.15 64.21 -21.18
N ARG B 115 8.05 63.21 -20.30
CA ARG B 115 8.08 61.77 -20.62
C ARG B 115 7.03 61.52 -21.69
N PRO B 116 7.12 60.63 -22.88
CA PRO B 116 6.10 60.27 -23.84
C PRO B 116 4.93 59.49 -23.34
N ASP B 117 5.07 58.69 -22.31
CA ASP B 117 3.94 57.98 -21.74
C ASP B 117 2.93 58.96 -21.11
N LYS B 118 3.40 60.09 -20.60
CA LYS B 118 2.54 61.19 -20.11
C LYS B 118 1.68 61.83 -21.22
N LEU B 119 2.30 62.22 -22.29
CA LEU B 119 1.68 62.70 -23.51
C LEU B 119 0.74 61.69 -24.13
N GLU B 120 1.06 60.40 -24.11
CA GLU B 120 0.13 59.38 -24.47
C GLU B 120 -1.11 59.45 -23.60
N ALA B 121 -0.97 59.32 -22.30
CA ALA B 121 -2.03 59.48 -21.33
C ALA B 121 -2.90 60.66 -21.60
N ILE B 122 -2.27 61.80 -21.79
CA ILE B 122 -3.01 63.04 -21.99
C ILE B 122 -3.84 62.99 -23.27
N ARG B 123 -3.29 62.40 -24.33
N ARG B 123 -3.28 62.39 -24.33
CA ARG B 123 -4.00 62.21 -25.57
CA ARG B 123 -4.01 62.19 -25.56
C ARG B 123 -5.16 61.24 -25.40
C ARG B 123 -5.17 61.24 -25.36
N ARG B 124 -4.97 60.37 -24.67
CA ARG B 124 -5.98 59.27 -24.49
C ARG B 124 -7.17 59.81 -23.70
N ALA B 125 -7.00 60.48 -22.58
CA ALA B 125 -7.97 61.32 -21.92
C ALA B 125 -8.85 62.11 -22.84
N ALA B 126 -8.22 62.75 -23.77
CA ALA B 126 -8.90 63.63 -24.70
C ALA B 126 -9.92 62.90 -25.55
N GLU B 127 -9.61 61.75 -26.03
CA GLU B 127 -10.45 61.01 -26.92
C GLU B 127 -11.34 59.93 -26.30
N ARG B 128 -11.19 59.57 -25.04
CA ARG B 128 -12.10 58.96 -24.10
C ARG B 128 -13.12 59.95 -23.50
N GLY B 129 -13.02 61.21 -23.79
CA GLY B 129 -13.91 62.23 -23.33
C GLY B 129 -13.74 63.01 -22.08
N PHE B 130 -12.58 63.01 -21.55
CA PHE B 130 -12.20 63.62 -20.30
C PHE B 130 -11.82 65.08 -20.56
N LYS B 131 -12.73 65.98 -20.18
CA LYS B 131 -12.77 67.38 -20.51
C LYS B 131 -11.59 68.16 -19.96
N SER B 132 -10.87 68.82 -20.82
CA SER B 132 -9.86 69.85 -20.58
C SER B 132 -10.08 71.23 -21.08
N PRO C 1 -0.54 71.39 4.14
CA PRO C 1 -1.37 72.25 4.94
C PRO C 1 -1.25 72.04 6.46
N GLN C 2 -1.97 72.85 7.22
CA GLN C 2 -1.94 72.83 8.69
C GLN C 2 -3.35 72.55 9.20
N ILE C 3 -3.54 71.67 10.15
CA ILE C 3 -4.84 71.26 10.74
C ILE C 3 -4.69 71.33 12.26
N SER C 4 -5.71 71.74 12.96
CA SER C 4 -5.85 71.72 14.40
C SER C 4 -5.95 70.30 14.92
N ARG C 5 -5.33 70.11 16.09
CA ARG C 5 -5.35 68.86 16.86
C ARG C 5 -6.76 68.35 17.00
N GLN C 6 -7.67 69.22 17.35
CA GLN C 6 -9.00 68.89 17.63
C GLN C 6 -9.70 68.34 16.41
N GLU C 7 -9.36 68.84 15.27
CA GLU C 7 -9.91 68.41 14.01
C GLU C 7 -9.27 67.11 13.54
N TYR C 8 -7.98 67.05 13.70
CA TYR C 8 -7.18 65.86 13.47
C TYR C 8 -7.77 64.68 14.27
N ALA C 9 -8.01 64.85 15.59
CA ALA C 9 -8.43 63.84 16.53
C ALA C 9 -9.76 63.26 16.13
N GLY C 10 -10.68 64.12 15.82
CA GLY C 10 -11.92 63.80 15.24
C GLY C 10 -11.89 62.96 14.00
N LEU C 11 -10.90 63.09 13.22
CA LEU C 11 -10.72 62.27 12.05
C LEU C 11 -9.98 60.96 12.31
N PHE C 12 -9.02 60.99 13.12
CA PHE C 12 -8.00 59.99 13.23
C PHE C 12 -7.67 59.51 14.64
N GLY C 13 -8.33 60.01 15.59
CA GLY C 13 -8.01 59.92 16.93
C GLY C 13 -6.79 60.58 17.49
N PRO C 14 -6.48 60.30 18.74
CA PRO C 14 -5.35 60.96 19.40
C PRO C 14 -3.98 60.67 18.89
N THR C 15 -3.08 61.64 18.89
CA THR C 15 -1.68 61.41 18.48
C THR C 15 -0.69 61.66 19.63
N THR C 16 0.63 61.59 19.41
CA THR C 16 1.70 61.77 20.44
C THR C 16 1.46 63.01 21.29
N GLY C 17 1.43 62.91 22.62
CA GLY C 17 1.17 64.02 23.54
C GLY C 17 -0.25 64.08 23.98
N ASP C 18 -1.21 63.51 23.27
CA ASP C 18 -2.55 63.48 23.64
C ASP C 18 -2.73 62.42 24.71
N LYS C 19 -3.61 62.73 25.61
N LYS C 19 -3.61 62.73 25.61
CA LYS C 19 -4.01 62.01 26.79
CA LYS C 19 -4.02 62.01 26.79
C LYS C 19 -5.47 61.47 26.78
C LYS C 19 -5.47 61.46 26.77
N ILE C 20 -5.65 60.23 27.17
CA ILE C 20 -6.93 59.52 27.24
C ILE C 20 -7.23 59.00 28.65
N ARG C 21 -8.35 59.39 29.13
CA ARG C 21 -9.03 58.95 30.30
C ARG C 21 -9.58 57.54 30.06
N LEU C 22 -9.21 56.67 30.98
CA LEU C 22 -9.61 55.26 31.00
C LEU C 22 -10.86 55.22 31.87
N GLY C 23 -12.00 55.32 31.34
CA GLY C 23 -13.26 55.28 31.90
C GLY C 23 -13.65 56.41 32.71
N ASP C 24 -14.25 56.06 33.81
CA ASP C 24 -14.54 56.90 34.90
C ASP C 24 -13.50 56.90 35.96
N THR C 25 -12.37 56.29 35.66
CA THR C 25 -11.19 56.37 36.53
C THR C 25 -10.53 57.75 36.35
N ASN C 26 -9.60 58.03 37.21
CA ASN C 26 -8.60 59.06 37.25
C ASN C 26 -7.26 58.68 36.68
N LEU C 27 -7.22 57.66 35.90
CA LEU C 27 -6.13 57.27 35.12
C LEU C 27 -6.22 57.81 33.68
N PHE C 28 -5.16 58.34 33.28
CA PHE C 28 -4.86 59.07 32.05
C PHE C 28 -3.58 58.51 31.47
N ILE C 29 -3.71 57.95 30.53
CA ILE C 29 -2.74 57.48 29.59
C ILE C 29 -2.45 58.56 28.58
N GLU C 30 -1.27 58.51 28.09
CA GLU C 30 -0.61 59.39 27.14
C GLU C 30 0.12 58.60 26.07
N ILE C 31 -0.07 58.98 24.84
CA ILE C 31 0.57 58.44 23.67
C ILE C 31 2.01 58.91 23.63
N GLU C 32 2.89 57.96 23.69
CA GLU C 32 4.32 58.05 23.73
C GLU C 32 4.90 58.26 22.34
N LYS C 33 4.39 57.50 21.40
CA LYS C 33 4.87 57.38 20.01
C LYS C 33 3.73 57.22 19.00
N ASP C 34 3.86 57.81 17.82
CA ASP C 34 2.98 57.72 16.70
C ASP C 34 3.80 57.21 15.54
N LEU C 35 3.53 55.99 15.21
CA LEU C 35 4.16 55.29 14.16
C LEU C 35 3.54 55.46 12.77
N ARG C 36 2.46 56.17 12.62
CA ARG C 36 1.79 56.11 11.31
C ARG C 36 1.77 57.44 10.59
N GLY C 37 2.90 58.18 10.62
CA GLY C 37 3.24 59.48 9.92
C GLY C 37 2.17 60.55 10.10
N TYR C 38 1.95 61.39 9.08
CA TYR C 38 0.84 62.39 8.94
C TYR C 38 0.49 62.59 7.44
N GLY C 39 -0.75 62.90 7.08
CA GLY C 39 -1.15 63.08 5.68
C GLY C 39 -1.42 61.84 4.86
N GLU C 40 -1.11 60.61 5.23
CA GLU C 40 -1.42 59.42 4.39
C GLU C 40 -2.23 58.36 5.18
N GLU C 41 -3.09 58.79 6.03
CA GLU C 41 -3.81 58.07 7.05
C GLU C 41 -4.82 57.09 6.43
N SER C 42 -4.65 55.84 6.67
CA SER C 42 -5.46 54.72 6.22
C SER C 42 -6.73 54.52 6.99
N VAL C 43 -7.85 54.78 6.36
CA VAL C 43 -9.21 54.63 6.84
C VAL C 43 -10.12 54.00 5.77
N TYR C 44 -11.00 53.14 6.27
CA TYR C 44 -11.95 52.38 5.52
C TYR C 44 -13.15 53.31 5.46
N GLY C 45 -13.63 53.42 4.30
CA GLY C 45 -14.93 53.93 4.00
C GLY C 45 -15.13 54.38 2.55
N GLY C 46 -16.38 54.71 2.24
CA GLY C 46 -16.82 55.46 1.09
C GLY C 46 -16.23 56.83 1.05
N GLY C 47 -15.49 57.00 0.01
CA GLY C 47 -14.71 58.12 -0.31
C GLY C 47 -13.40 58.34 0.42
N LYS C 48 -12.89 57.35 1.07
CA LYS C 48 -11.77 57.35 1.91
C LYS C 48 -10.57 56.70 1.26
N SER C 49 -9.56 56.46 2.04
CA SER C 49 -8.21 56.19 1.58
C SER C 49 -7.91 54.72 1.21
N LEU C 50 -8.55 53.76 1.82
CA LEU C 50 -8.36 52.31 1.61
C LEU C 50 -9.33 51.86 0.55
N ARG C 51 -9.15 52.41 -0.64
CA ARG C 51 -9.91 52.13 -1.85
C ARG C 51 -8.88 51.60 -2.83
N ASP C 52 -9.40 51.02 -3.88
CA ASP C 52 -8.64 50.31 -4.88
C ASP C 52 -7.77 51.25 -5.69
N GLY C 53 -6.50 50.99 -5.71
CA GLY C 53 -5.33 51.60 -6.30
C GLY C 53 -4.75 52.80 -5.63
N MET C 54 -5.43 53.19 -4.58
N MET C 54 -5.43 53.19 -4.58
CA MET C 54 -5.09 54.36 -3.78
CA MET C 54 -5.09 54.36 -3.78
C MET C 54 -4.38 53.78 -2.49
C MET C 54 -4.38 53.78 -2.48
N GLY C 55 -4.87 53.86 -1.24
CA GLY C 55 -4.33 53.31 -0.05
C GLY C 55 -4.19 51.80 -0.07
N ALA C 56 -5.09 51.14 -0.74
CA ALA C 56 -5.05 49.76 -1.13
C ALA C 56 -4.47 49.43 -2.49
N ASN C 57 -3.50 48.58 -2.44
CA ASN C 57 -2.92 47.85 -3.46
C ASN C 57 -3.95 46.93 -4.06
N ASN C 58 -3.96 46.90 -5.34
CA ASN C 58 -4.90 46.25 -6.21
C ASN C 58 -4.29 45.33 -7.26
N HIS C 59 -3.07 45.07 -7.20
CA HIS C 59 -2.33 44.28 -8.11
C HIS C 59 -1.52 43.11 -7.55
N LEU C 60 -1.27 43.08 -6.30
CA LEU C 60 -0.56 42.09 -5.56
C LEU C 60 -1.48 40.98 -5.04
N THR C 61 -1.10 39.76 -5.32
CA THR C 61 -1.62 38.53 -4.77
C THR C 61 -1.12 38.41 -3.34
N ARG C 62 -1.72 37.54 -2.63
CA ARG C 62 -1.60 37.47 -1.19
C ARG C 62 -0.23 36.99 -0.74
N ASP C 63 0.48 36.28 -1.56
CA ASP C 63 1.74 35.62 -1.37
C ASP C 63 2.94 36.56 -1.42
N ASN C 64 2.78 37.73 -1.92
CA ASN C 64 3.48 38.98 -1.64
C ASN C 64 3.38 39.60 -0.27
N GLY C 65 2.74 38.92 0.59
CA GLY C 65 2.68 39.32 1.98
C GLY C 65 1.61 40.33 2.32
N VAL C 66 0.64 40.51 1.44
CA VAL C 66 -0.53 41.27 1.72
C VAL C 66 -1.26 40.70 2.94
N LEU C 67 -1.75 41.58 3.72
CA LEU C 67 -2.47 41.35 4.93
C LEU C 67 -3.82 40.70 4.67
N ASP C 68 -4.25 39.95 5.62
CA ASP C 68 -5.60 39.42 5.83
C ASP C 68 -6.52 40.35 6.61
N LEU C 69 -6.00 41.17 7.46
CA LEU C 69 -6.65 42.11 8.30
C LEU C 69 -5.69 43.25 8.74
N VAL C 70 -6.25 44.39 8.89
CA VAL C 70 -5.68 45.64 9.37
C VAL C 70 -6.60 46.37 10.30
N ILE C 71 -6.04 46.78 11.42
CA ILE C 71 -6.61 47.57 12.45
C ILE C 71 -5.87 48.91 12.40
N THR C 72 -6.58 49.92 12.09
CA THR C 72 -6.14 51.26 11.74
C THR C 72 -6.29 52.30 12.81
N ASN C 73 -5.28 53.07 12.91
CA ASN C 73 -5.23 54.23 13.70
C ASN C 73 -5.57 53.97 15.21
N VAL C 74 -4.99 52.97 15.74
CA VAL C 74 -5.29 52.42 17.06
C VAL C 74 -4.21 52.69 18.05
N THR C 75 -4.68 52.96 19.19
CA THR C 75 -3.94 53.08 20.44
C THR C 75 -3.73 51.75 21.16
N ILE C 76 -2.55 51.31 21.11
CA ILE C 76 -1.94 50.12 21.68
C ILE C 76 -1.43 50.38 23.10
N VAL C 77 -2.03 49.72 24.01
CA VAL C 77 -1.71 49.62 25.43
C VAL C 77 -1.26 48.19 25.69
N ASP C 78 0.04 48.05 25.76
CA ASP C 78 0.77 46.77 25.93
C ASP C 78 1.99 46.92 26.89
N ALA C 79 2.25 45.93 27.75
CA ALA C 79 3.27 45.94 28.81
C ALA C 79 4.69 45.88 28.28
N ARG C 80 4.93 45.37 27.10
CA ARG C 80 6.16 45.43 26.42
C ARG C 80 6.36 46.57 25.40
N LEU C 81 5.34 46.97 24.65
CA LEU C 81 5.43 48.07 23.67
C LEU C 81 5.14 49.44 24.27
N GLY C 82 4.41 49.48 25.35
CA GLY C 82 3.94 50.69 25.97
C GLY C 82 2.60 51.20 25.39
N VAL C 83 2.44 52.46 25.25
CA VAL C 83 1.34 53.33 24.80
C VAL C 83 1.69 54.06 23.49
N ILE C 84 1.31 53.44 22.40
CA ILE C 84 1.62 53.91 21.03
C ILE C 84 0.37 53.94 20.14
N LYS C 85 0.42 54.72 19.11
CA LYS C 85 -0.50 54.88 18.00
C LYS C 85 0.12 54.36 16.73
N ALA C 86 -0.53 53.42 16.18
CA ALA C 86 -0.16 52.56 15.08
C ALA C 86 -1.33 51.87 14.36
N ASP C 87 -0.99 51.43 13.18
CA ASP C 87 -1.65 50.44 12.37
C ASP C 87 -1.11 49.07 12.76
N VAL C 88 -2.02 48.12 12.90
CA VAL C 88 -1.81 46.75 13.20
C VAL C 88 -2.45 45.82 12.21
N GLY C 89 -1.63 45.03 11.72
CA GLY C 89 -1.68 44.00 10.80
C GLY C 89 -1.50 42.52 11.07
N ILE C 90 -2.47 41.82 10.61
CA ILE C 90 -2.66 40.43 10.77
C ILE C 90 -2.73 39.67 9.48
N ARG C 91 -1.99 38.61 9.47
CA ARG C 91 -1.67 37.61 8.52
C ARG C 91 -1.43 36.23 9.14
N ASP C 92 -2.14 35.30 8.64
CA ASP C 92 -2.19 33.88 8.95
C ASP C 92 -2.44 33.63 10.45
N GLY C 93 -3.33 34.36 10.99
CA GLY C 93 -3.72 34.49 12.32
C GLY C 93 -2.67 35.02 13.30
N LYS C 94 -1.64 35.60 12.83
CA LYS C 94 -0.49 36.19 13.43
C LYS C 94 -0.30 37.69 13.08
N ILE C 95 0.22 38.43 14.04
CA ILE C 95 0.68 39.83 14.04
C ILE C 95 1.94 39.88 13.20
N ALA C 96 1.84 40.47 12.02
CA ALA C 96 2.86 40.68 11.02
C ALA C 96 3.60 42.00 11.11
N GLY C 97 3.05 42.96 11.67
CA GLY C 97 3.50 44.27 11.78
C GLY C 97 2.65 45.22 12.58
N ILE C 98 3.28 46.30 13.13
CA ILE C 98 2.80 47.43 13.93
C ILE C 98 3.50 48.65 13.32
N GLY C 99 2.80 49.61 12.80
CA GLY C 99 3.47 50.67 12.03
C GLY C 99 2.48 51.41 11.16
N LYS C 100 2.90 51.77 9.98
CA LYS C 100 2.11 52.48 8.98
C LYS C 100 1.69 51.46 7.91
N SER C 101 0.43 51.23 7.74
CA SER C 101 -0.20 50.46 6.69
C SER C 101 -0.51 51.33 5.44
N GLY C 102 -0.57 50.76 4.31
CA GLY C 102 -1.01 51.17 2.96
C GLY C 102 -0.36 50.50 1.81
N ASN C 103 -0.35 51.23 0.75
CA ASN C 103 0.05 50.95 -0.59
C ASN C 103 1.36 51.66 -0.97
N PRO C 104 2.46 50.96 -1.00
CA PRO C 104 3.75 51.53 -1.34
C PRO C 104 3.84 52.13 -2.78
N GLY C 105 2.91 51.79 -3.64
CA GLY C 105 2.86 52.40 -4.96
C GLY C 105 2.65 53.90 -4.98
N VAL C 106 1.88 54.38 -4.03
CA VAL C 106 1.28 55.70 -3.93
C VAL C 106 1.55 56.42 -2.64
N MET C 107 2.30 55.83 -1.74
CA MET C 107 2.54 56.20 -0.37
C MET C 107 3.98 55.96 0.00
N ASP C 108 4.47 56.90 0.71
CA ASP C 108 5.72 56.82 1.39
C ASP C 108 5.45 56.28 2.80
N GLY C 109 6.43 55.59 3.29
CA GLY C 109 6.54 55.14 4.63
C GLY C 109 5.68 54.00 5.08
N VAL C 110 5.30 53.08 4.21
CA VAL C 110 4.56 51.90 4.57
C VAL C 110 5.48 50.89 5.22
N THR C 111 5.13 50.50 6.39
CA THR C 111 5.92 49.51 7.10
C THR C 111 5.96 48.22 6.31
N PRO C 112 7.10 47.63 6.12
CA PRO C 112 7.13 46.32 5.51
C PRO C 112 6.28 45.32 6.21
N GLY C 113 5.61 44.58 5.45
CA GLY C 113 4.62 43.68 5.95
C GLY C 113 3.21 44.19 6.15
N LEU C 114 3.01 45.49 6.15
CA LEU C 114 1.76 46.16 6.29
C LEU C 114 1.11 46.67 4.96
N VAL C 115 1.30 45.94 3.92
CA VAL C 115 0.64 46.17 2.66
C VAL C 115 -0.79 45.69 2.66
N VAL C 116 -1.65 46.57 2.55
CA VAL C 116 -3.06 46.44 2.37
C VAL C 116 -3.35 46.27 0.88
N GLY C 117 -4.17 45.33 0.58
CA GLY C 117 -4.57 44.78 -0.61
C GLY C 117 -5.92 44.16 -0.76
N VAL C 118 -6.03 43.43 -1.83
CA VAL C 118 -7.25 42.72 -2.24
C VAL C 118 -7.72 41.75 -1.16
N SER C 119 -6.80 41.04 -0.52
CA SER C 119 -6.94 40.16 0.67
C SER C 119 -7.36 40.80 1.96
N THR C 120 -7.21 42.04 2.12
CA THR C 120 -7.41 42.73 3.33
C THR C 120 -8.80 43.22 3.62
N ASP C 121 -9.28 42.86 4.78
CA ASP C 121 -10.28 43.48 5.62
C ASP C 121 -9.74 44.43 6.66
N ALA C 122 -10.62 45.19 7.17
CA ALA C 122 -10.41 46.34 7.98
C ALA C 122 -11.35 46.60 9.14
N ILE C 123 -10.67 46.98 10.17
CA ILE C 123 -11.09 47.51 11.43
C ILE C 123 -10.50 48.89 11.71
N SER C 124 -11.36 49.75 12.02
CA SER C 124 -11.22 51.15 12.35
C SER C 124 -11.02 51.32 13.83
N GLY C 125 -9.83 51.52 14.16
CA GLY C 125 -9.27 51.73 15.48
C GLY C 125 -9.12 53.12 16.03
N GLU C 126 -9.65 54.07 15.29
CA GLU C 126 -9.43 55.50 15.49
C GLU C 126 -9.74 55.94 16.89
N HIS C 127 -10.86 55.60 17.37
CA HIS C 127 -11.33 55.95 18.68
C HIS C 127 -11.20 54.75 19.69
N LEU C 128 -10.35 53.78 19.40
CA LEU C 128 -10.17 52.54 20.14
C LEU C 128 -8.77 52.26 20.69
N ILE C 129 -8.80 51.50 21.77
CA ILE C 129 -7.74 50.82 22.47
C ILE C 129 -7.76 49.31 22.21
N LEU C 130 -6.70 48.88 21.82
CA LEU C 130 -6.23 47.56 21.59
C LEU C 130 -5.26 47.03 22.62
N THR C 131 -5.64 46.02 23.19
CA THR C 131 -4.95 45.18 24.14
C THR C 131 -4.84 43.74 23.65
N ALA C 132 -3.82 43.15 24.11
CA ALA C 132 -3.74 41.75 24.31
C ALA C 132 -4.91 41.30 25.17
N ALA C 133 -5.39 40.15 24.85
CA ALA C 133 -6.34 39.42 25.64
C ALA C 133 -5.66 38.89 26.90
N GLY C 134 -6.34 38.99 27.90
CA GLY C 134 -6.02 38.39 29.14
C GLY C 134 -5.98 36.91 29.21
N ILE C 135 -5.22 36.51 30.18
CA ILE C 135 -4.92 35.18 30.54
C ILE C 135 -5.15 34.95 32.03
N ASP C 136 -6.09 34.02 32.33
CA ASP C 136 -6.60 33.60 33.64
C ASP C 136 -5.95 32.22 33.97
N THR C 137 -4.97 32.20 34.81
CA THR C 137 -4.17 31.14 35.34
C THR C 137 -4.79 30.30 36.45
N HIS C 138 -5.87 30.66 36.99
CA HIS C 138 -6.53 30.01 38.09
C HIS C 138 -8.03 29.74 37.83
N ILE C 139 -8.29 28.86 36.95
CA ILE C 139 -9.61 28.46 36.51
C ILE C 139 -9.95 27.10 37.06
N HIS C 140 -10.99 27.10 37.74
CA HIS C 140 -11.74 25.94 38.08
C HIS C 140 -12.81 25.64 37.00
N LEU C 141 -12.68 24.49 36.40
CA LEU C 141 -13.51 23.87 35.39
C LEU C 141 -14.74 23.20 35.97
N ILE C 142 -15.53 24.04 36.56
CA ILE C 142 -16.72 23.72 37.19
C ILE C 142 -17.89 23.74 36.20
N SER C 143 -17.99 24.79 35.40
CA SER C 143 -19.01 25.18 34.41
C SER C 143 -18.42 25.61 33.07
N PRO C 144 -18.82 25.00 31.95
CA PRO C 144 -18.40 25.45 30.65
C PRO C 144 -18.73 26.89 30.24
N GLN C 145 -19.71 27.48 30.79
CA GLN C 145 -20.27 28.79 30.61
C GLN C 145 -19.40 29.94 31.10
N GLN C 146 -18.46 29.63 31.97
CA GLN C 146 -17.44 30.54 32.42
C GLN C 146 -16.70 31.23 31.25
N ALA C 147 -16.44 30.52 30.24
CA ALA C 147 -15.82 30.98 29.02
C ALA C 147 -16.47 32.18 28.42
N TYR C 148 -17.77 32.25 28.48
CA TYR C 148 -18.59 33.31 27.96
C TYR C 148 -18.47 34.55 28.81
N HIS C 149 -18.49 34.35 30.11
CA HIS C 149 -18.30 35.42 31.14
C HIS C 149 -16.89 35.99 30.96
N ALA C 150 -15.92 35.22 30.64
CA ALA C 150 -14.55 35.57 30.47
C ALA C 150 -14.32 36.45 29.20
N LEU C 151 -14.71 35.92 28.08
CA LEU C 151 -14.71 36.62 26.77
C LEU C 151 -15.39 37.99 26.84
N SER C 152 -16.33 38.14 27.61
CA SER C 152 -17.12 39.29 27.90
C SER C 152 -16.46 40.35 28.81
N ASN C 153 -15.36 40.03 29.41
CA ASN C 153 -14.36 40.89 30.08
C ASN C 153 -12.96 40.86 29.50
N GLY C 154 -12.82 40.44 28.33
CA GLY C 154 -11.61 40.42 27.69
C GLY C 154 -10.53 39.38 27.95
N VAL C 155 -10.89 38.23 28.45
CA VAL C 155 -10.14 37.04 28.71
C VAL C 155 -10.52 35.93 27.76
N ALA C 156 -9.59 35.43 27.19
CA ALA C 156 -9.46 34.41 26.17
C ALA C 156 -8.53 33.25 26.32
N THR C 157 -7.83 33.13 27.41
CA THR C 157 -7.03 31.98 27.79
C THR C 157 -7.31 31.59 29.29
N PHE C 158 -7.51 30.33 29.50
CA PHE C 158 -7.77 29.60 30.74
C PHE C 158 -6.63 28.59 30.97
N PHE C 159 -6.10 28.61 32.11
CA PHE C 159 -5.24 27.67 32.74
C PHE C 159 -5.91 27.31 34.08
N GLY C 160 -5.99 26.09 34.29
CA GLY C 160 -6.59 25.30 35.29
C GLY C 160 -6.95 23.89 35.00
N GLY C 161 -7.90 23.51 35.72
CA GLY C 161 -8.39 22.18 35.89
C GLY C 161 -9.75 21.97 36.52
N GLY C 162 -10.15 20.79 36.39
CA GLY C 162 -11.34 20.20 36.77
C GLY C 162 -11.95 19.17 35.81
N ILE C 163 -13.11 18.73 36.18
CA ILE C 163 -13.95 17.75 35.51
C ILE C 163 -15.46 17.98 35.65
N GLY C 164 -15.89 19.24 35.74
CA GLY C 164 -17.23 19.73 36.00
C GLY C 164 -17.50 19.86 37.47
N PRO C 165 -18.75 19.95 37.95
CA PRO C 165 -18.97 20.24 39.34
C PRO C 165 -18.80 19.14 40.40
N THR C 166 -17.69 18.46 40.41
CA THR C 166 -17.34 17.46 41.45
C THR C 166 -16.78 18.24 42.62
N ASP C 167 -16.81 17.68 43.78
CA ASP C 167 -16.29 18.30 45.02
C ASP C 167 -14.77 18.58 44.94
N GLY C 168 -14.07 17.78 44.27
CA GLY C 168 -12.69 18.02 44.00
C GLY C 168 -12.38 19.23 43.11
N THR C 169 -13.20 19.46 42.15
CA THR C 169 -13.12 20.61 41.25
C THR C 169 -13.61 21.80 41.90
N ASN C 170 -14.64 21.71 42.70
CA ASN C 170 -15.12 22.85 43.43
C ASN C 170 -14.01 23.43 44.31
N GLY C 171 -13.19 22.62 44.84
CA GLY C 171 -12.01 23.05 45.56
C GLY C 171 -10.69 23.16 44.96
N THR C 172 -10.41 22.43 43.91
CA THR C 172 -9.08 22.49 43.35
C THR C 172 -9.16 22.51 41.81
N THR C 173 -8.13 22.98 41.16
CA THR C 173 -7.69 23.10 39.76
C THR C 173 -6.87 21.90 39.27
N VAL C 174 -7.54 20.79 39.40
CA VAL C 174 -6.97 19.46 39.12
C VAL C 174 -7.93 18.68 38.20
N THR C 175 -7.38 18.00 37.26
CA THR C 175 -7.95 17.09 36.30
C THR C 175 -7.16 15.82 36.53
N PRO C 176 -7.62 14.96 37.41
CA PRO C 176 -6.81 13.86 37.82
C PRO C 176 -6.81 12.64 36.93
N GLY C 177 -5.68 12.32 36.55
CA GLY C 177 -5.29 11.20 35.80
C GLY C 177 -5.51 11.18 34.31
N PRO C 178 -4.79 10.28 33.48
CA PRO C 178 -4.70 10.05 31.82
C PRO C 178 -6.19 10.00 31.37
N TRP C 179 -7.16 9.41 32.07
CA TRP C 179 -8.53 9.26 31.57
C TRP C 179 -9.27 10.55 31.59
N ASN C 180 -9.36 11.14 32.73
CA ASN C 180 -9.95 12.41 32.99
C ASN C 180 -9.33 13.56 32.15
N ILE C 181 -8.03 13.57 31.98
CA ILE C 181 -7.28 14.53 31.16
C ILE C 181 -7.75 14.43 29.71
N ARG C 182 -7.75 13.24 29.15
CA ARG C 182 -8.16 12.91 27.78
C ARG C 182 -9.56 13.42 27.49
N GLN C 183 -10.41 13.17 28.39
CA GLN C 183 -11.81 13.56 28.45
C GLN C 183 -11.98 15.02 28.42
N MET C 184 -11.20 15.69 29.18
CA MET C 184 -11.24 17.07 29.33
C MET C 184 -10.63 17.80 28.13
N LEU C 185 -9.57 17.30 27.56
CA LEU C 185 -9.00 17.77 26.32
C LEU C 185 -10.05 17.76 25.20
N ARG C 186 -10.76 16.70 25.08
CA ARG C 186 -11.83 16.44 24.13
C ARG C 186 -13.03 17.35 24.30
N SER C 187 -13.41 17.67 25.49
CA SER C 187 -14.46 18.53 25.87
C SER C 187 -14.24 19.96 25.49
N VAL C 188 -13.04 20.45 25.74
CA VAL C 188 -12.67 21.84 25.59
C VAL C 188 -12.62 22.25 24.15
N GLU C 189 -12.54 21.32 23.26
CA GLU C 189 -12.83 21.48 21.85
C GLU C 189 -14.13 22.22 21.55
N GLY C 190 -15.04 22.20 22.42
CA GLY C 190 -16.23 22.90 22.40
C GLY C 190 -16.27 24.28 23.03
N LEU C 191 -15.16 24.81 23.37
CA LEU C 191 -15.02 26.07 24.01
C LEU C 191 -14.21 27.12 23.18
N PRO C 192 -14.55 28.28 23.26
CA PRO C 192 -14.01 29.32 22.42
C PRO C 192 -12.84 30.13 22.97
N VAL C 193 -12.18 29.55 23.92
CA VAL C 193 -10.99 29.95 24.62
C VAL C 193 -9.89 28.95 24.52
N ASN C 194 -8.71 29.43 24.57
CA ASN C 194 -7.51 28.66 24.71
C ASN C 194 -7.54 28.01 26.08
N VAL C 195 -6.93 26.88 26.21
CA VAL C 195 -6.86 26.02 27.42
C VAL C 195 -5.56 25.24 27.54
N GLY C 196 -5.13 25.26 28.73
CA GLY C 196 -4.21 24.29 29.26
C GLY C 196 -4.63 23.71 30.60
N ILE C 197 -4.42 22.50 30.74
CA ILE C 197 -4.93 21.72 31.85
C ILE C 197 -3.78 21.37 32.81
N LEU C 198 -4.13 21.44 34.05
CA LEU C 198 -3.42 21.01 35.24
C LEU C 198 -3.84 19.68 35.89
N GLY C 199 -2.96 19.01 36.15
CA GLY C 199 -2.87 17.76 36.86
C GLY C 199 -2.63 17.77 38.38
N LYS C 200 -2.77 16.64 39.01
CA LYS C 200 -2.65 16.41 40.44
C LYS C 200 -1.22 16.03 40.75
N GLY C 201 -0.63 16.80 41.43
CA GLY C 201 0.75 16.77 41.88
C GLY C 201 1.08 15.92 43.10
N ASN C 202 0.10 15.65 43.90
CA ASN C 202 0.35 14.95 45.18
C ASN C 202 0.62 13.49 44.89
N SER C 203 1.83 13.10 44.68
CA SER C 203 2.34 11.76 44.36
C SER C 203 3.68 11.41 45.03
N TYR C 204 3.90 10.17 45.36
CA TYR C 204 5.20 9.76 45.94
C TYR C 204 6.19 9.42 44.79
N GLY C 205 6.08 8.44 43.93
CA GLY C 205 7.13 8.28 42.86
C GLY C 205 6.87 9.15 41.60
N ARG C 206 7.69 8.98 40.57
CA ARG C 206 7.61 9.56 39.26
C ARG C 206 6.43 9.05 38.41
N GLY C 207 6.05 7.85 38.58
CA GLY C 207 5.04 7.18 37.79
C GLY C 207 3.78 7.92 37.54
N PRO C 208 3.11 8.29 38.64
CA PRO C 208 1.85 8.96 38.57
C PRO C 208 1.84 10.35 38.02
N LEU C 209 2.94 11.03 38.06
CA LEU C 209 3.19 12.33 37.50
C LEU C 209 3.48 12.27 36.01
N LEU C 210 4.26 11.32 35.61
CA LEU C 210 4.73 11.16 34.25
C LEU C 210 3.57 10.87 33.29
N GLU C 211 2.77 9.91 33.74
CA GLU C 211 1.44 9.44 33.23
C GLU C 211 0.58 10.66 32.81
N GLN C 212 0.42 11.67 33.64
CA GLN C 212 -0.40 12.81 33.38
C GLN C 212 0.27 13.80 32.38
N ALA C 213 1.55 13.97 32.50
CA ALA C 213 2.48 14.66 31.62
C ALA C 213 2.33 14.22 30.16
N ILE C 214 2.46 12.96 29.88
CA ILE C 214 2.29 12.36 28.60
C ILE C 214 0.82 12.50 28.09
N ALA C 215 -0.13 12.30 29.00
CA ALA C 215 -1.59 12.43 28.73
C ALA C 215 -1.86 13.87 28.23
N GLY C 216 -1.02 14.86 28.52
CA GLY C 216 -1.11 16.22 27.96
C GLY C 216 -1.11 17.42 28.93
N VAL C 217 -0.96 17.31 30.25
CA VAL C 217 -1.05 18.50 31.16
C VAL C 217 0.14 19.46 30.93
N VAL C 218 -0.02 20.70 31.28
CA VAL C 218 0.90 21.81 31.22
C VAL C 218 1.50 22.19 32.56
N GLY C 219 1.12 21.45 33.56
CA GLY C 219 1.34 21.72 34.87
C GLY C 219 0.76 20.73 35.88
N TYR C 220 1.22 20.84 37.04
CA TYR C 220 0.76 20.14 38.25
C TYR C 220 0.34 21.13 39.32
N VAL C 222 -0.56 21.35 43.16
CA VAL C 222 -0.42 21.04 44.59
C VAL C 222 -1.31 21.88 45.54
N HIS C 223 -2.28 21.17 46.04
CA HIS C 223 -3.41 21.60 46.84
C HIS C 223 -3.50 20.86 48.19
N GLU C 224 -3.83 21.60 49.27
CA GLU C 224 -4.05 21.09 50.64
C GLU C 224 -5.09 20.01 50.71
N ASP C 225 -6.16 20.21 50.04
CA ASP C 225 -7.28 19.33 49.85
C ASP C 225 -6.96 17.93 49.41
N TRP C 226 -5.91 17.79 48.69
CA TRP C 226 -5.42 16.49 48.30
C TRP C 226 -4.07 16.17 49.01
N GLY C 227 -3.62 17.03 49.93
CA GLY C 227 -2.28 17.06 50.58
C GLY C 227 -1.21 18.01 50.07
N ALA C 228 -0.96 19.17 50.67
CA ALA C 228 0.12 20.14 50.28
C ALA C 228 1.41 19.89 51.12
N THR C 229 1.89 18.70 51.11
CA THR C 229 3.04 18.11 51.78
C THR C 229 4.36 18.50 51.14
N ALA C 230 5.44 18.35 51.90
CA ALA C 230 6.76 18.55 51.41
C ALA C 230 7.06 17.54 50.31
N ASN C 231 6.59 16.37 50.50
CA ASN C 231 6.72 15.27 49.58
C ASN C 231 6.15 15.64 48.21
N ALA C 232 4.92 16.07 48.20
CA ALA C 232 4.18 16.52 47.05
C ALA C 232 4.97 17.52 46.21
N LEU C 233 5.34 18.59 46.87
CA LEU C 233 6.16 19.65 46.36
C LEU C 233 7.41 19.16 45.71
N ARG C 234 8.19 18.46 46.43
CA ARG C 234 9.44 17.97 46.03
C ARG C 234 9.33 17.10 44.79
N HIS C 235 8.39 16.16 44.75
CA HIS C 235 8.34 15.27 43.63
C HIS C 235 7.77 15.97 42.36
N SER C 236 6.77 16.77 42.52
CA SER C 236 6.14 17.68 41.55
C SER C 236 7.10 18.61 40.85
N LEU C 237 7.95 19.27 41.60
CA LEU C 237 8.97 20.10 41.10
C LEU C 237 10.09 19.40 40.39
N ARG C 238 10.53 18.31 40.90
CA ARG C 238 11.51 17.46 40.23
C ARG C 238 11.03 16.92 38.87
N MET C 239 9.83 16.50 38.81
CA MET C 239 9.18 16.10 37.58
C MET C 239 9.03 17.24 36.61
N ALA C 240 8.66 18.37 37.08
CA ALA C 240 8.45 19.59 36.33
C ALA C 240 9.64 20.04 35.57
N ASP C 241 10.74 19.99 36.22
CA ASP C 241 11.99 20.33 35.68
C ASP C 241 12.37 19.33 34.61
N GLU C 242 11.97 18.12 34.79
CA GLU C 242 12.14 17.09 33.78
C GLU C 242 11.28 17.34 32.53
N MET C 243 10.04 17.66 32.69
CA MET C 243 9.02 17.75 31.71
C MET C 243 8.84 19.12 31.05
N ASP C 244 9.53 20.16 31.49
CA ASP C 244 9.31 21.55 31.20
C ASP C 244 7.85 21.97 31.27
N ILE C 245 7.34 21.80 32.40
CA ILE C 245 6.07 22.25 32.83
C ILE C 245 6.11 22.94 34.19
N GLN C 246 5.08 23.63 34.50
CA GLN C 246 4.86 24.44 35.66
C GLN C 246 4.19 23.71 36.84
N VAL C 247 4.38 24.25 37.99
CA VAL C 247 3.81 23.87 39.24
C VAL C 247 3.26 25.08 39.93
N SER C 248 2.02 24.99 40.28
CA SER C 248 1.17 25.85 41.00
C SER C 248 0.83 25.20 42.35
N VAL C 249 0.64 26.01 43.36
CA VAL C 249 0.44 25.68 44.76
C VAL C 249 -0.51 26.57 45.51
N HIS C 250 -1.30 25.87 46.26
CA HIS C 250 -2.24 26.18 47.32
C HIS C 250 -1.76 25.47 48.60
N THR C 251 -1.16 26.24 49.46
CA THR C 251 -0.40 25.70 50.62
C THR C 251 -1.33 25.31 51.77
N ASP C 252 -0.79 24.59 52.71
CA ASP C 252 -1.39 24.07 53.95
C ASP C 252 -1.84 25.24 54.87
N SER C 253 -3.09 25.54 54.98
CA SER C 253 -3.65 26.64 55.80
C SER C 253 -3.60 26.35 57.33
N LEU C 254 -3.67 25.12 57.71
CA LEU C 254 -3.70 24.55 59.05
C LEU C 254 -2.36 24.43 59.80
N ASN C 255 -1.32 24.62 59.14
CA ASN C 255 0.08 24.45 59.45
C ASN C 255 0.50 22.99 59.93
N GLU C 256 -0.32 22.02 59.49
CA GLU C 256 -0.21 20.59 59.83
C GLU C 256 1.21 20.08 59.66
N CYS C 257 1.80 20.03 58.47
CA CYS C 257 3.11 19.43 58.27
C CYS C 257 4.20 20.48 58.40
N GLY C 258 3.89 21.75 58.71
CA GLY C 258 4.79 22.88 58.63
C GLY C 258 4.20 24.27 58.56
N TYR C 259 5.08 25.20 58.75
CA TYR C 259 4.94 26.61 58.59
C TYR C 259 5.48 26.96 57.20
N VAL C 260 5.17 28.14 56.77
CA VAL C 260 5.59 28.75 55.53
C VAL C 260 7.06 28.58 55.18
N GLU C 261 7.92 28.80 56.13
CA GLU C 261 9.33 28.57 56.03
C GLU C 261 9.71 27.13 55.61
N ASP C 262 9.02 26.14 56.12
CA ASP C 262 9.18 24.76 55.73
C ASP C 262 8.68 24.50 54.29
N THR C 263 7.55 25.06 53.94
CA THR C 263 7.07 25.09 52.54
C THR C 263 8.11 25.65 51.62
N ILE C 264 8.69 26.75 52.01
CA ILE C 264 9.69 27.43 51.22
C ILE C 264 10.87 26.53 50.93
N ASP C 265 11.26 25.77 51.92
CA ASP C 265 12.34 24.84 51.86
C ASP C 265 12.00 23.62 50.99
N ALA C 266 10.73 23.21 50.97
CA ALA C 266 10.19 22.21 50.08
C ALA C 266 10.28 22.62 48.62
N PHE C 267 10.17 23.91 48.32
CA PHE C 267 10.37 24.44 46.97
C PHE C 267 11.78 24.19 46.43
N GLU C 268 12.78 24.23 47.27
CA GLU C 268 14.12 23.84 47.01
C GLU C 268 14.74 24.65 45.81
N GLY C 269 14.53 25.89 45.85
CA GLY C 269 14.78 27.02 44.98
C GLY C 269 14.28 26.99 43.54
N ARG C 270 13.44 26.02 43.27
CA ARG C 270 12.82 25.62 42.05
C ARG C 270 11.67 26.55 41.70
N THR C 271 11.49 26.84 40.43
CA THR C 271 10.42 27.68 39.97
C THR C 271 9.02 27.16 40.34
N ILE C 272 8.23 28.02 40.84
CA ILE C 272 6.88 27.82 41.31
C ILE C 272 5.98 29.04 41.29
N HIS C 273 4.74 28.75 40.94
CA HIS C 273 3.61 29.59 40.88
C HIS C 273 2.73 29.38 42.12
N THR C 274 2.58 30.36 42.81
CA THR C 274 1.87 30.54 44.07
C THR C 274 0.60 31.31 43.87
N PHE C 275 -0.58 30.62 43.93
CA PHE C 275 -1.95 31.13 43.88
C PHE C 275 -2.32 31.91 45.14
N HIS C 276 -3.30 32.77 45.10
CA HIS C 276 -3.80 33.55 46.25
C HIS C 276 -2.69 33.73 47.32
N THR C 277 -1.63 34.47 46.99
CA THR C 277 -0.37 34.63 47.76
C THR C 277 -0.62 35.29 49.14
N GLU C 278 -1.63 36.10 49.24
CA GLU C 278 -2.16 36.74 50.47
C GLU C 278 -2.68 35.78 51.53
N GLY C 279 -3.36 34.75 51.12
CA GLY C 279 -3.97 33.73 51.95
C GLY C 279 -5.48 33.68 52.15
N ALA C 280 -6.27 34.70 51.87
CA ALA C 280 -7.73 34.61 52.04
C ALA C 280 -8.34 33.40 51.32
N GLY C 281 -7.80 33.05 50.17
CA GLY C 281 -8.15 31.93 49.30
C GLY C 281 -7.54 30.59 49.59
N GLY C 282 -6.79 30.49 50.66
CA GLY C 282 -5.96 29.45 51.08
C GLY C 282 -4.49 29.79 51.28
N GLY C 283 -3.89 29.15 52.27
CA GLY C 283 -2.46 29.19 52.51
C GLY C 283 -2.17 29.40 53.97
N HIS C 284 -0.98 28.96 54.34
CA HIS C 284 -0.32 29.05 55.62
C HIS C 284 -0.72 30.34 56.31
N ALA C 285 -1.34 30.20 57.38
CA ALA C 285 -1.90 31.31 58.09
C ALA C 285 -0.98 31.82 59.19
N PRO C 286 -0.77 33.10 59.36
CA PRO C 286 -1.29 34.29 58.72
C PRO C 286 -0.46 34.77 57.55
N ASP C 287 0.62 34.08 57.25
CA ASP C 287 1.85 34.62 56.66
C ASP C 287 2.39 34.00 55.36
N ILE C 288 1.56 33.36 54.59
CA ILE C 288 1.92 32.90 53.24
C ILE C 288 2.49 33.97 52.29
N ILE C 289 2.13 35.21 52.47
CA ILE C 289 2.56 36.45 51.80
C ILE C 289 4.06 36.68 51.70
N ARG C 290 4.79 36.03 52.55
CA ARG C 290 6.26 36.07 52.62
C ARG C 290 6.98 35.33 51.50
N VAL C 291 6.30 34.46 50.80
CA VAL C 291 6.76 33.79 49.62
C VAL C 291 7.04 34.79 48.46
N ALA C 292 6.42 35.96 48.45
CA ALA C 292 6.61 37.09 47.51
C ALA C 292 7.99 37.75 47.57
N SER C 293 8.84 37.39 48.53
CA SER C 293 10.26 37.74 48.74
C SER C 293 11.29 36.84 48.04
N GLN C 294 10.94 35.82 47.62
CA GLN C 294 11.73 34.82 47.06
C GLN C 294 11.80 34.90 45.50
N PRO C 295 12.99 34.72 44.96
CA PRO C 295 13.25 34.86 43.49
C PRO C 295 12.69 33.77 42.59
N ASN C 296 12.37 32.66 43.12
CA ASN C 296 11.85 31.47 42.50
C ASN C 296 10.33 31.38 42.49
N VAL C 297 9.69 32.23 43.17
CA VAL C 297 8.29 32.34 43.32
C VAL C 297 7.76 33.41 42.35
N LEU C 298 6.77 33.02 41.63
CA LEU C 298 5.98 33.75 40.66
C LEU C 298 4.63 33.93 41.26
N PRO C 299 4.39 35.03 41.91
CA PRO C 299 3.22 35.19 42.71
C PRO C 299 2.02 35.82 42.02
N SER C 300 0.96 35.27 42.35
CA SER C 300 -0.40 35.61 42.07
C SER C 300 -1.27 35.77 43.27
N SER C 301 -2.32 36.66 43.09
CA SER C 301 -3.50 36.88 43.90
C SER C 301 -4.78 36.53 43.15
N THR C 302 -5.78 36.06 43.83
CA THR C 302 -7.10 35.85 43.24
C THR C 302 -7.84 37.17 43.33
N ASN C 303 -8.79 37.36 42.46
CA ASN C 303 -9.38 38.68 42.31
C ASN C 303 -10.39 39.01 43.38
N PRO C 304 -11.11 38.31 44.49
CA PRO C 304 -12.12 38.88 45.38
C PRO C 304 -11.63 39.92 46.43
N THR C 305 -10.37 39.99 46.75
CA THR C 305 -9.72 40.96 47.64
C THR C 305 -9.23 42.27 47.01
N LEU C 306 -9.24 42.39 45.73
CA LEU C 306 -8.78 43.47 44.92
C LEU C 306 -9.93 44.16 44.19
N PRO C 307 -10.28 45.38 44.46
CA PRO C 307 -9.67 46.23 45.41
C PRO C 307 -10.22 45.94 46.77
N TYR C 308 -9.57 46.47 47.77
CA TYR C 308 -9.98 46.37 49.16
C TYR C 308 -11.03 47.38 49.48
N GLY C 309 -12.15 46.85 49.84
CA GLY C 309 -13.30 47.63 50.17
C GLY C 309 -13.92 47.32 51.52
N VAL C 310 -14.84 48.18 51.84
CA VAL C 310 -15.58 48.26 53.08
C VAL C 310 -16.46 47.06 53.38
N ASN C 311 -16.93 46.41 52.39
CA ASN C 311 -17.66 45.18 52.46
C ASN C 311 -16.79 43.93 52.36
N SER C 312 -15.48 44.07 52.22
CA SER C 312 -14.58 42.96 51.95
C SER C 312 -14.45 41.98 53.10
N GLN C 313 -14.46 42.45 54.30
CA GLN C 313 -14.28 41.57 55.43
C GLN C 313 -15.54 40.77 55.73
N ALA C 314 -16.65 41.42 55.81
CA ALA C 314 -17.97 40.79 55.84
C ALA C 314 -18.22 39.69 54.83
N GLU C 315 -17.80 39.90 53.63
CA GLU C 315 -18.02 38.99 52.54
C GLU C 315 -17.25 37.72 52.73
N LEU C 316 -15.99 37.88 52.97
CA LEU C 316 -15.01 36.83 53.00
C LEU C 316 -15.23 35.90 54.15
N PHE C 317 -15.50 36.46 55.31
CA PHE C 317 -15.87 35.76 56.50
C PHE C 317 -16.96 34.79 56.20
N ASP C 318 -18.03 35.33 55.73
CA ASP C 318 -19.22 34.57 55.51
C ASP C 318 -19.02 33.52 54.45
N MET C 319 -18.25 33.84 53.43
CA MET C 319 -17.88 32.95 52.31
C MET C 319 -17.16 31.70 52.71
N ILE C 320 -16.15 31.82 53.56
CA ILE C 320 -15.43 30.65 54.02
C ILE C 320 -16.30 29.82 54.85
N MET C 321 -17.02 30.45 55.73
CA MET C 321 -17.90 29.74 56.59
C MET C 321 -18.94 29.01 55.87
N VAL C 322 -19.16 29.28 54.60
CA VAL C 322 -19.92 28.40 53.79
C VAL C 322 -19.10 27.58 52.85
N CYS C 323 -18.01 28.14 52.35
CA CYS C 323 -17.13 27.38 51.48
C CYS C 323 -16.74 26.06 52.15
N HIS C 324 -16.41 26.12 53.45
CA HIS C 324 -16.00 24.98 54.24
C HIS C 324 -17.10 24.49 55.17
N ASN C 325 -18.35 24.71 54.80
CA ASN C 325 -19.49 24.37 55.64
C ASN C 325 -19.28 24.43 57.15
N LEU C 326 -18.82 25.56 57.65
CA LEU C 326 -18.57 25.62 59.04
C LEU C 326 -19.85 25.95 59.78
N VAL C 334 -14.47 29.01 64.15
CA VAL C 334 -14.39 30.44 64.03
C VAL C 334 -13.04 31.00 64.26
N SER C 335 -12.14 30.12 64.59
CA SER C 335 -10.79 30.48 64.86
C SER C 335 -9.94 30.06 63.71
N PHE C 336 -10.48 29.18 62.87
CA PHE C 336 -10.01 29.02 61.51
C PHE C 336 -10.45 30.22 60.69
N ALA C 337 -11.61 30.80 60.99
CA ALA C 337 -12.21 31.85 60.17
C ALA C 337 -11.46 33.17 60.28
N GLU C 338 -11.35 33.70 61.46
CA GLU C 338 -10.75 35.01 61.76
C GLU C 338 -9.24 34.99 61.67
N SER C 339 -8.68 33.85 61.42
CA SER C 339 -7.28 33.66 61.12
C SER C 339 -6.98 33.55 59.65
N ARG C 340 -8.02 33.22 58.90
CA ARG C 340 -8.05 33.07 57.47
C ARG C 340 -8.33 34.39 56.82
N VAL C 341 -9.07 35.25 57.48
CA VAL C 341 -9.63 36.44 56.94
C VAL C 341 -9.12 37.60 57.80
N ARG C 342 -8.12 38.24 57.28
CA ARG C 342 -7.26 39.21 57.91
C ARG C 342 -7.24 40.55 57.19
N PRO C 343 -7.89 41.57 57.72
CA PRO C 343 -7.87 42.90 57.09
C PRO C 343 -6.50 43.42 56.75
N GLU C 344 -5.57 43.12 57.64
CA GLU C 344 -4.18 43.57 57.55
C GLU C 344 -3.43 42.99 56.36
N THR C 345 -3.62 41.75 56.08
CA THR C 345 -2.90 41.18 54.98
C THR C 345 -3.58 41.49 53.62
N ILE C 346 -4.88 41.73 53.64
CA ILE C 346 -5.67 42.06 52.47
C ILE C 346 -5.25 43.42 51.94
N ALA C 347 -5.20 44.42 52.79
CA ALA C 347 -4.59 45.69 52.52
C ALA C 347 -3.18 45.59 52.02
N ALA C 348 -2.44 44.73 52.62
CA ALA C 348 -1.08 44.52 52.25
C ALA C 348 -0.96 44.01 50.83
N GLU C 349 -1.86 43.12 50.43
CA GLU C 349 -1.90 42.53 49.08
C GLU C 349 -2.01 43.65 48.02
N ASN C 350 -2.87 44.59 48.22
CA ASN C 350 -3.19 45.78 47.47
C ASN C 350 -1.95 46.64 47.26
N VAL C 351 -1.21 46.86 48.30
CA VAL C 351 0.00 47.63 48.27
C VAL C 351 1.09 46.93 47.53
N LEU C 352 1.24 45.69 47.75
CA LEU C 352 2.26 44.93 47.13
C LEU C 352 2.12 44.81 45.60
N HIS C 353 0.88 44.76 45.18
CA HIS C 353 0.46 44.87 43.80
C HIS C 353 0.98 46.13 43.18
N ASP C 354 0.66 47.25 43.76
CA ASP C 354 1.10 48.55 43.37
C ASP C 354 2.59 48.74 43.37
N MET C 355 3.30 48.01 44.13
CA MET C 355 4.76 47.99 44.20
C MET C 355 5.43 47.15 43.14
N GLY C 356 4.74 46.27 42.51
CA GLY C 356 5.29 45.26 41.69
C GLY C 356 5.86 44.02 42.37
N VAL C 357 5.39 43.72 43.54
CA VAL C 357 5.78 42.58 44.34
C VAL C 357 4.88 41.34 44.14
N ILE C 358 3.60 41.47 43.91
CA ILE C 358 2.69 40.42 43.43
C ILE C 358 2.44 40.64 41.92
N SER C 359 2.73 39.66 41.14
CA SER C 359 2.98 39.81 39.75
C SER C 359 1.80 39.52 38.78
N MET C 360 0.74 38.91 39.23
CA MET C 360 -0.46 38.43 38.57
C MET C 360 -1.75 38.39 39.34
N PHE C 361 -2.79 38.74 38.63
CA PHE C 361 -4.15 38.62 38.93
C PHE C 361 -4.67 37.31 38.33
N SER C 362 -5.70 36.77 38.92
CA SER C 362 -6.38 35.50 38.68
C SER C 362 -7.72 35.48 39.34
N SER C 363 -8.51 34.39 38.87
CA SER C 363 -9.88 34.38 39.31
C SER C 363 -10.11 33.33 40.36
N ASP C 364 -9.78 32.26 40.30
CA ASP C 364 -10.22 31.23 41.23
C ASP C 364 -11.71 30.86 40.97
N SER C 365 -12.10 30.82 39.71
CA SER C 365 -13.48 30.81 39.19
C SER C 365 -14.37 29.87 39.92
N GLN C 366 -15.41 30.40 40.51
CA GLN C 366 -16.47 29.70 41.27
C GLN C 366 -15.96 28.82 42.40
N ALA C 367 -14.80 29.18 42.87
CA ALA C 367 -14.05 28.80 44.05
C ALA C 367 -13.33 30.01 44.70
N MET C 368 -14.11 30.97 45.03
CA MET C 368 -14.02 32.25 45.66
C MET C 368 -13.77 33.53 44.80
N GLY C 369 -13.43 33.37 43.55
CA GLY C 369 -13.29 34.54 42.67
C GLY C 369 -14.21 34.55 41.46
N ARG C 370 -14.03 35.51 40.52
CA ARG C 370 -14.97 36.06 39.52
C ARG C 370 -14.24 36.20 38.15
N VAL C 371 -14.40 35.18 37.34
CA VAL C 371 -13.96 34.90 36.03
C VAL C 371 -14.23 35.98 35.05
N GLY C 372 -15.21 36.75 35.26
CA GLY C 372 -15.58 37.88 34.42
C GLY C 372 -15.30 39.28 34.88
N GLU C 373 -14.36 39.41 35.76
CA GLU C 373 -13.99 40.60 36.49
C GLU C 373 -12.46 40.88 36.65
N ASN C 374 -11.59 40.14 36.07
CA ASN C 374 -10.12 40.29 36.09
C ASN C 374 -9.62 41.60 35.45
N TRP C 375 -10.14 41.95 34.28
CA TRP C 375 -9.80 43.21 33.62
C TRP C 375 -10.46 44.33 34.39
N LEU C 376 -11.70 44.17 34.85
CA LEU C 376 -12.42 45.16 35.68
C LEU C 376 -11.69 45.44 36.98
N ARG C 377 -11.11 44.43 37.62
CA ARG C 377 -10.72 44.61 38.99
C ARG C 377 -9.31 45.27 39.08
N VAL C 378 -8.47 44.88 38.18
CA VAL C 378 -7.16 45.40 37.79
C VAL C 378 -7.18 46.91 37.66
N MET C 379 -8.06 47.41 36.85
CA MET C 379 -8.35 48.83 36.66
C MET C 379 -8.92 49.46 37.91
N GLN C 380 -9.79 48.81 38.53
CA GLN C 380 -10.38 49.26 39.80
C GLN C 380 -9.30 49.45 40.92
N THR C 381 -8.36 48.56 40.99
CA THR C 381 -7.24 48.52 41.91
C THR C 381 -6.24 49.65 41.63
N ALA C 382 -5.75 49.80 40.40
CA ALA C 382 -4.90 50.86 39.93
C ALA C 382 -5.42 52.22 40.32
N ASN C 383 -6.67 52.44 40.18
CA ASN C 383 -7.38 53.65 40.48
C ASN C 383 -7.61 53.89 41.94
N ALA C 384 -7.90 52.86 42.71
CA ALA C 384 -8.00 53.04 44.16
C ALA C 384 -6.64 53.40 44.76
N MET C 385 -5.63 52.78 44.27
CA MET C 385 -4.25 52.94 44.68
C MET C 385 -3.63 54.29 44.31
N LYS C 386 -3.95 54.84 43.15
CA LYS C 386 -3.55 56.19 42.78
C LYS C 386 -4.09 57.18 43.77
N ALA C 387 -5.32 57.04 44.08
CA ALA C 387 -5.99 57.84 45.06
C ALA C 387 -5.27 57.82 46.43
N SER C 388 -4.97 56.65 46.94
CA SER C 388 -4.39 56.48 48.28
C SER C 388 -2.91 56.78 48.40
N ARG C 389 -2.15 56.50 47.40
CA ARG C 389 -0.72 56.54 47.39
C ARG C 389 -0.12 57.62 46.54
N GLY C 390 -0.86 58.17 45.61
CA GLY C 390 -0.42 58.97 44.52
C GLY C 390 0.37 58.29 43.46
N LYS C 391 1.20 59.07 42.81
CA LYS C 391 1.98 58.63 41.70
C LYS C 391 3.08 57.77 42.17
N LEU C 392 3.15 56.66 41.60
CA LEU C 392 4.32 55.89 41.64
C LEU C 392 5.53 56.73 41.31
N PRO C 393 6.65 56.39 41.90
CA PRO C 393 7.85 57.22 41.75
C PRO C 393 8.36 57.29 40.37
N GLU C 394 8.31 56.18 39.66
CA GLU C 394 8.60 56.03 38.25
C GLU C 394 7.54 56.60 37.31
N ASP C 395 6.37 56.98 37.76
CA ASP C 395 5.48 57.69 36.89
C ASP C 395 6.12 58.99 36.43
N ALA C 396 5.77 59.34 35.37
CA ALA C 396 5.90 60.62 34.71
C ALA C 396 4.84 61.58 35.20
N PRO C 397 5.17 62.83 35.37
CA PRO C 397 4.25 63.74 36.00
C PRO C 397 2.94 63.96 35.33
N GLY C 398 2.90 63.99 34.02
CA GLY C 398 1.65 64.26 33.43
C GLY C 398 0.73 63.08 33.25
N ASN C 399 1.26 61.87 33.33
CA ASN C 399 0.53 60.64 33.05
C ASN C 399 0.78 59.43 33.96
N ASP C 400 -0.16 58.52 33.86
CA ASP C 400 -0.31 57.28 34.56
C ASP C 400 0.10 56.03 33.81
N ASN C 401 0.90 56.16 32.79
CA ASN C 401 1.39 55.08 31.97
C ASN C 401 2.14 54.01 32.76
N PHE C 402 3.14 54.36 33.53
CA PHE C 402 3.91 53.44 34.33
C PHE C 402 3.00 52.54 35.14
N ARG C 403 2.07 53.12 35.82
CA ARG C 403 1.12 52.44 36.63
C ARG C 403 0.25 51.47 35.84
N VAL C 404 -0.49 52.00 34.90
CA VAL C 404 -1.40 51.26 34.07
C VAL C 404 -0.73 50.07 33.51
N LEU C 405 0.43 50.27 32.99
N LEU C 405 0.41 50.25 32.98
CA LEU C 405 1.21 49.27 32.36
CA LEU C 405 1.15 49.22 32.35
C LEU C 405 1.68 48.16 33.34
C LEU C 405 1.68 48.16 33.34
N ARG C 406 1.94 48.51 34.55
CA ARG C 406 2.25 47.51 35.60
C ARG C 406 1.09 46.51 35.74
N TYR C 407 -0.07 47.10 35.91
CA TYR C 407 -1.37 46.42 36.08
C TYR C 407 -1.73 45.50 34.88
N VAL C 408 -1.60 45.96 33.68
CA VAL C 408 -1.78 45.27 32.43
C VAL C 408 -0.89 44.07 32.28
N ALA C 409 0.32 44.17 32.72
CA ALA C 409 1.22 43.07 32.73
C ALA C 409 0.72 41.87 33.56
N LYS C 410 -0.03 42.16 34.55
CA LYS C 410 -0.62 41.30 35.52
C LYS C 410 -1.61 40.29 34.91
N ILE C 411 -2.42 40.71 33.95
CA ILE C 411 -3.42 39.93 33.22
C ILE C 411 -3.05 39.50 31.83
N THR C 412 -1.92 39.90 31.31
CA THR C 412 -1.36 39.68 30.00
C THR C 412 -0.03 38.96 29.91
N ILE C 413 1.05 39.63 29.98
CA ILE C 413 2.28 39.04 29.67
C ILE C 413 2.84 38.16 30.81
N ASN C 414 2.57 38.54 32.00
CA ASN C 414 3.05 37.83 33.18
C ASN C 414 2.45 36.43 33.36
N PRO C 415 1.17 36.27 33.39
CA PRO C 415 0.61 34.93 33.24
C PRO C 415 1.19 34.04 32.13
N ALA C 416 1.38 34.58 31.00
CA ALA C 416 1.96 33.88 29.88
C ALA C 416 3.33 33.39 30.16
N ILE C 417 4.10 34.22 30.71
CA ILE C 417 5.48 33.87 31.02
C ILE C 417 5.51 32.73 32.04
N ALA C 418 4.68 32.84 33.02
CA ALA C 418 4.55 31.87 34.12
C ALA C 418 4.21 30.43 33.65
N GLN C 419 3.47 30.29 32.61
CA GLN C 419 2.93 29.04 32.11
C GLN C 419 3.59 28.57 30.77
N GLY C 420 4.54 29.25 30.37
CA GLY C 420 5.41 29.12 29.27
C GLY C 420 4.85 29.20 27.89
N VAL C 421 4.05 30.15 27.68
CA VAL C 421 3.34 30.54 26.49
C VAL C 421 3.44 31.97 25.92
N SER C 422 4.41 32.70 26.37
CA SER C 422 4.76 34.03 25.95
C SER C 422 5.37 34.06 24.59
N HIS C 423 5.77 32.98 24.10
CA HIS C 423 6.18 32.84 22.74
C HIS C 423 5.05 32.93 21.69
N VAL C 424 3.87 32.65 22.06
CA VAL C 424 2.69 32.63 21.26
C VAL C 424 1.59 33.57 21.61
N ILE C 425 1.44 33.91 22.81
CA ILE C 425 0.46 34.79 23.35
C ILE C 425 0.98 35.72 24.45
N GLY C 426 0.15 36.65 24.86
CA GLY C 426 0.27 37.66 25.90
C GLY C 426 0.67 39.12 25.74
N SER C 427 1.09 39.54 24.58
CA SER C 427 1.53 40.85 24.18
C SER C 427 1.18 41.04 22.69
N VAL C 428 1.01 42.26 22.34
CA VAL C 428 0.89 42.82 21.01
C VAL C 428 2.25 43.08 20.45
N GLU C 429 2.81 42.10 19.83
CA GLU C 429 4.13 42.06 19.34
C GLU C 429 4.17 41.20 18.09
N VAL C 430 5.09 41.53 17.26
CA VAL C 430 5.28 40.84 16.04
C VAL C 430 5.72 39.42 16.31
N GLY C 431 5.10 38.59 15.62
CA GLY C 431 5.10 37.18 15.53
C GLY C 431 4.15 36.35 16.38
N LYS C 432 3.39 36.98 17.21
CA LYS C 432 2.43 36.45 18.06
C LYS C 432 1.03 36.30 17.49
N MET C 433 0.36 35.28 18.08
N MET C 433 0.37 35.29 18.07
CA MET C 433 -1.02 34.87 17.77
CA MET C 433 -1.00 34.88 17.76
C MET C 433 -1.89 36.10 17.95
C MET C 433 -1.89 36.10 17.95
N ALA C 434 -2.77 36.37 16.88
CA ALA C 434 -3.57 37.62 17.21
C ALA C 434 -4.73 37.31 18.17
N ASP C 435 -4.50 37.24 19.50
CA ASP C 435 -5.43 37.11 20.68
C ASP C 435 -5.47 38.55 21.27
N LEU C 436 -6.42 39.32 20.87
CA LEU C 436 -6.64 40.73 20.96
C LEU C 436 -8.07 41.08 21.32
N VAL C 437 -8.12 42.13 22.01
CA VAL C 437 -9.20 42.86 22.52
C VAL C 437 -9.15 44.33 22.17
N LEU C 438 -10.26 44.78 21.69
CA LEU C 438 -10.71 46.13 21.38
C LEU C 438 -11.74 46.71 22.33
N TRP C 439 -11.40 47.82 22.83
CA TRP C 439 -12.10 48.59 23.77
C TRP C 439 -12.41 50.03 23.40
N ASP C 440 -13.50 50.46 23.74
CA ASP C 440 -13.84 51.84 23.81
C ASP C 440 -13.30 52.44 25.10
N PRO C 441 -12.56 53.55 25.03
CA PRO C 441 -12.07 54.18 26.26
C PRO C 441 -13.01 54.48 27.28
N ARG C 442 -14.17 54.83 26.91
CA ARG C 442 -15.23 55.07 27.78
C ARG C 442 -15.59 53.88 28.72
N PHE C 443 -15.35 52.66 28.28
CA PHE C 443 -15.67 51.34 28.79
C PHE C 443 -14.44 50.47 29.14
N PHE C 444 -13.24 51.01 29.09
CA PHE C 444 -11.98 50.34 29.26
C PHE C 444 -11.94 49.47 30.52
N GLY C 445 -11.58 48.22 30.38
CA GLY C 445 -11.62 47.22 31.43
C GLY C 445 -12.83 46.43 31.75
N ALA C 446 -13.94 47.01 31.53
CA ALA C 446 -15.29 46.62 31.83
C ALA C 446 -15.99 45.90 30.72
N LYS C 447 -16.20 46.57 29.63
CA LYS C 447 -17.05 46.16 28.50
C LYS C 447 -16.36 46.32 27.15
N PRO C 448 -15.75 45.30 26.64
CA PRO C 448 -15.13 45.39 25.37
C PRO C 448 -16.06 45.45 24.18
N LYS C 449 -15.51 45.85 23.11
CA LYS C 449 -16.16 45.90 21.80
C LYS C 449 -16.15 44.51 21.15
N MET C 450 -15.02 43.91 21.09
CA MET C 450 -14.64 42.66 20.50
C MET C 450 -13.35 42.01 20.90
N VAL C 451 -13.39 40.72 20.74
CA VAL C 451 -12.41 39.77 20.83
C VAL C 451 -12.10 39.06 19.56
N ILE C 452 -10.90 39.20 19.23
CA ILE C 452 -10.16 38.64 18.17
C ILE C 452 -9.26 37.55 18.67
N LYS C 453 -9.58 36.37 18.15
CA LYS C 453 -9.23 35.06 18.57
C LYS C 453 -8.80 34.38 17.26
N GLY C 454 -7.56 34.22 17.16
CA GLY C 454 -6.74 33.65 16.22
C GLY C 454 -6.79 34.36 14.87
N GLY C 455 -7.08 35.60 14.86
CA GLY C 455 -7.23 36.39 13.69
C GLY C 455 -8.64 36.65 13.18
N MET C 456 -9.64 36.00 13.70
CA MET C 456 -11.07 36.14 13.58
C MET C 456 -11.70 36.61 14.86
N ILE C 457 -12.75 37.38 14.70
CA ILE C 457 -13.64 37.89 15.65
C ILE C 457 -14.52 36.70 16.09
N ASN C 458 -14.36 36.35 17.32
CA ASN C 458 -15.05 35.26 17.97
C ASN C 458 -16.18 35.63 18.87
N TRP C 459 -16.18 36.80 19.38
CA TRP C 459 -17.00 37.36 20.41
C TRP C 459 -17.04 38.87 20.30
N ALA C 460 -18.20 39.36 20.45
CA ALA C 460 -18.71 40.71 20.26
C ALA C 460 -20.05 41.11 20.82
N ALA C 461 -20.11 42.35 21.19
CA ALA C 461 -21.27 43.10 21.52
C ALA C 461 -22.00 43.49 20.24
N MET C 462 -23.10 42.92 20.09
CA MET C 462 -24.00 42.84 18.97
C MET C 462 -25.43 43.08 19.40
N GLY C 463 -26.14 44.00 18.70
CA GLY C 463 -27.56 44.18 18.81
C GLY C 463 -28.34 43.43 17.77
N ASP C 464 -29.56 43.88 17.50
CA ASP C 464 -30.70 43.12 16.93
C ASP C 464 -30.14 42.55 15.64
N PRO C 465 -30.00 41.24 15.44
CA PRO C 465 -29.60 40.67 14.15
C PRO C 465 -30.58 40.96 13.00
N ASN C 466 -31.83 41.29 13.27
CA ASN C 466 -32.84 41.70 12.30
C ASN C 466 -32.78 43.16 11.96
N ALA C 467 -31.96 43.91 12.60
CA ALA C 467 -32.06 45.31 12.44
C ALA C 467 -31.29 45.70 11.17
N SER C 468 -31.47 46.89 10.80
CA SER C 468 -30.82 47.58 9.68
C SER C 468 -29.43 48.06 10.00
N LEU C 469 -29.04 48.06 11.23
CA LEU C 469 -27.66 48.19 11.67
C LEU C 469 -27.27 47.16 12.72
N PRO C 470 -25.98 47.11 13.05
CA PRO C 470 -25.47 46.28 14.15
C PRO C 470 -25.57 46.82 15.51
N THR C 471 -25.99 47.99 15.65
CA THR C 471 -26.04 48.75 16.85
C THR C 471 -27.37 48.85 17.49
N PRO C 472 -28.47 48.52 16.85
CA PRO C 472 -29.69 48.68 17.51
C PRO C 472 -29.96 47.63 18.62
N GLN C 473 -30.65 48.07 19.59
CA GLN C 473 -30.95 47.45 20.88
C GLN C 473 -31.85 46.21 20.71
N PRO C 474 -31.65 45.16 21.51
CA PRO C 474 -30.71 45.02 22.60
C PRO C 474 -29.33 44.59 22.19
N VAL C 475 -28.38 45.29 22.71
CA VAL C 475 -26.98 44.98 22.55
C VAL C 475 -26.52 44.13 23.76
N PHE C 476 -26.02 42.98 23.45
CA PHE C 476 -25.51 41.94 24.32
C PHE C 476 -24.51 41.05 23.56
N TYR C 477 -23.61 40.46 24.32
CA TYR C 477 -22.55 39.66 23.90
C TYR C 477 -23.02 38.32 23.42
N ARG C 478 -22.54 38.01 22.33
CA ARG C 478 -22.81 37.02 21.33
C ARG C 478 -21.63 36.42 20.62
N PRO C 479 -21.63 35.13 20.42
CA PRO C 479 -20.69 34.58 19.53
C PRO C 479 -20.77 35.04 18.10
N MET C 480 -19.68 35.02 17.55
CA MET C 480 -19.37 35.38 16.18
C MET C 480 -18.80 34.17 15.39
N PHE C 481 -18.46 34.35 14.12
CA PHE C 481 -18.02 33.31 13.17
C PHE C 481 -16.75 32.58 13.58
N GLY C 482 -15.81 33.23 14.21
CA GLY C 482 -14.68 32.57 14.77
C GLY C 482 -15.03 31.53 15.87
N ALA C 483 -16.12 31.69 16.48
CA ALA C 483 -16.85 30.88 17.46
C ALA C 483 -17.79 29.84 16.87
N MET C 484 -17.70 29.58 15.61
CA MET C 484 -18.62 28.84 14.78
C MET C 484 -17.89 27.85 13.96
N GLY C 485 -18.57 26.79 13.74
CA GLY C 485 -18.12 25.74 13.04
C GLY C 485 -16.82 25.11 13.38
N LYS C 486 -16.10 24.71 12.34
CA LYS C 486 -14.73 24.20 12.47
C LYS C 486 -13.70 25.32 12.74
N THR C 487 -13.97 26.57 12.53
CA THR C 487 -13.09 27.68 12.76
C THR C 487 -12.76 27.90 14.25
N MET C 488 -13.77 27.69 15.11
N MET C 488 -13.78 27.71 15.06
CA MET C 488 -13.66 27.79 16.62
CA MET C 488 -13.76 27.73 16.55
C MET C 488 -12.42 26.90 17.03
C MET C 488 -12.49 26.90 17.00
N GLN C 489 -12.24 25.62 16.61
CA GLN C 489 -11.14 24.81 16.86
C GLN C 489 -9.89 25.31 16.17
N ASP C 490 -10.00 25.75 14.94
CA ASP C 490 -8.89 26.26 14.17
C ASP C 490 -8.22 27.47 14.77
N THR C 491 -8.91 28.27 15.44
CA THR C 491 -8.56 29.52 15.99
C THR C 491 -8.24 29.47 17.50
N CYS C 492 -8.41 28.28 18.10
CA CYS C 492 -8.20 28.02 19.53
C CYS C 492 -7.07 26.99 19.70
N VAL C 493 -6.28 27.16 20.72
CA VAL C 493 -5.12 26.41 21.16
C VAL C 493 -5.47 25.63 22.43
N THR C 494 -5.10 24.48 22.43
CA THR C 494 -4.92 23.55 23.51
C THR C 494 -3.41 23.36 23.75
N PHE C 495 -3.00 23.98 24.73
CA PHE C 495 -1.72 23.84 25.36
C PHE C 495 -1.53 22.50 26.09
N VAL C 496 -0.43 21.97 25.82
CA VAL C 496 0.16 20.75 26.28
C VAL C 496 1.67 20.74 26.55
N SER C 497 2.10 19.71 27.20
CA SER C 497 3.48 19.32 27.49
C SER C 497 4.14 18.90 26.17
N GLN C 498 5.35 19.18 26.02
CA GLN C 498 6.21 18.68 24.95
C GLN C 498 6.26 17.18 24.91
N ALA C 499 6.21 16.55 26.05
CA ALA C 499 6.15 15.11 26.23
C ALA C 499 4.96 14.52 25.50
N ALA C 500 3.87 15.11 25.72
CA ALA C 500 2.59 14.79 25.12
C ALA C 500 2.56 15.03 23.62
N LEU C 501 3.07 16.14 23.21
CA LEU C 501 3.16 16.56 21.85
C LEU C 501 3.97 15.54 21.06
N ASP C 502 5.09 15.15 21.61
CA ASP C 502 6.01 14.26 21.05
C ASP C 502 5.44 12.82 20.97
N ASP C 503 4.63 12.40 21.90
CA ASP C 503 3.90 11.16 22.01
C ASP C 503 2.65 11.11 21.14
N GLY C 504 2.36 12.12 20.39
CA GLY C 504 1.21 12.25 19.56
C GLY C 504 -0.15 12.50 20.10
N VAL C 505 -0.25 13.28 21.14
CA VAL C 505 -1.46 13.61 21.83
C VAL C 505 -2.57 14.06 20.89
N LYS C 506 -2.20 14.79 19.88
CA LYS C 506 -3.13 15.34 18.92
C LYS C 506 -3.90 14.24 18.18
N GLU C 507 -3.21 13.25 17.68
CA GLU C 507 -3.74 12.02 17.06
C GLU C 507 -4.47 11.14 18.07
N LYS C 508 -3.79 10.73 19.12
CA LYS C 508 -4.25 9.86 20.20
C LYS C 508 -5.56 10.27 20.80
N ALA C 509 -5.70 11.49 21.14
CA ALA C 509 -6.86 12.18 21.68
C ALA C 509 -7.82 12.71 20.65
N GLY C 510 -7.39 12.76 19.43
CA GLY C 510 -8.21 13.15 18.38
C GLY C 510 -8.65 14.57 18.36
N LEU C 511 -7.76 15.49 18.67
CA LEU C 511 -7.99 16.87 18.83
C LEU C 511 -7.86 17.58 17.47
N ASP C 512 -8.80 18.44 17.19
CA ASP C 512 -8.83 19.33 16.08
C ASP C 512 -8.32 20.74 16.40
N ARG C 513 -8.21 21.11 17.68
CA ARG C 513 -7.63 22.36 18.16
C ARG C 513 -6.22 22.46 17.66
N GLN C 514 -5.67 23.66 17.65
CA GLN C 514 -4.25 23.82 17.58
C GLN C 514 -3.68 23.27 18.90
N VAL C 515 -2.69 22.47 18.80
CA VAL C 515 -1.96 21.85 19.92
C VAL C 515 -0.51 22.33 19.92
N ILE C 516 -0.17 23.10 20.89
CA ILE C 516 1.06 23.83 21.12
C ILE C 516 1.72 23.46 22.46
N ALA C 517 2.98 23.12 22.39
CA ALA C 517 3.82 22.73 23.52
C ALA C 517 4.17 23.95 24.33
N VAL C 518 3.85 23.96 25.59
CA VAL C 518 4.46 24.87 26.56
C VAL C 518 5.99 24.76 26.64
N LYS C 519 6.65 25.89 26.90
CA LYS C 519 8.13 25.93 26.90
C LYS C 519 8.59 27.12 27.75
N ASN C 520 9.69 27.06 28.39
CA ASN C 520 10.39 28.08 29.18
C ASN C 520 9.80 28.37 30.58
N CYS C 521 9.36 27.38 31.26
CA CYS C 521 8.63 27.43 32.56
C CYS C 521 9.63 27.39 33.77
N ARG C 522 10.71 26.71 33.65
CA ARG C 522 11.63 26.29 34.73
C ARG C 522 12.88 27.14 34.93
N THR C 523 13.28 27.91 33.98
CA THR C 523 14.45 28.82 34.00
C THR C 523 14.11 30.27 34.40
N ILE C 524 12.94 30.56 34.52
CA ILE C 524 12.34 31.80 34.89
C ILE C 524 12.28 31.97 36.39
N SER C 525 12.33 33.18 36.78
CA SER C 525 12.26 33.76 38.06
C SER C 525 11.46 35.03 38.08
N LYS C 526 11.30 35.52 39.26
CA LYS C 526 10.56 36.71 39.54
C LYS C 526 11.02 37.89 38.74
N HIS C 527 12.30 38.01 38.53
CA HIS C 527 12.94 39.08 37.78
C HIS C 527 12.69 39.05 36.29
N ASP C 528 12.27 37.94 35.74
CA ASP C 528 11.80 37.83 34.37
C ASP C 528 10.39 38.31 34.16
N LEU C 529 9.80 38.70 35.16
CA LEU C 529 8.45 39.14 35.09
C LEU C 529 8.55 40.61 34.66
N VAL C 530 7.52 41.09 34.02
CA VAL C 530 7.45 42.42 33.41
C VAL C 530 6.67 43.36 34.29
N ARG C 531 7.34 44.38 34.69
CA ARG C 531 7.00 45.48 35.54
C ARG C 531 6.62 45.07 36.98
N ASN C 532 6.83 43.84 37.35
CA ASN C 532 6.43 43.29 38.60
C ASN C 532 7.52 42.32 39.10
N ASP C 533 8.71 42.82 39.22
CA ASP C 533 9.95 42.08 39.41
C ASP C 533 10.66 42.26 40.75
N GLN C 534 10.05 42.90 41.68
CA GLN C 534 10.46 43.23 43.04
C GLN C 534 10.36 42.10 44.08
N THR C 535 11.46 41.88 44.78
CA THR C 535 11.70 40.90 45.84
C THR C 535 12.11 41.56 47.18
N PRO C 536 11.25 42.27 47.83
CA PRO C 536 11.62 42.84 49.13
C PRO C 536 11.48 41.89 50.31
N ASN C 537 11.95 42.34 51.46
CA ASN C 537 11.75 41.67 52.72
C ASN C 537 10.33 41.87 53.20
N ILE C 538 9.64 40.79 53.42
CA ILE C 538 8.29 40.81 53.95
C ILE C 538 8.19 40.08 55.29
N GLU C 539 7.66 40.79 56.24
CA GLU C 539 7.43 40.40 57.61
C GLU C 539 5.97 40.57 57.99
N VAL C 540 5.46 39.58 58.62
CA VAL C 540 4.12 39.51 59.16
C VAL C 540 4.15 39.20 60.65
N ASP C 541 3.48 39.96 61.38
CA ASP C 541 3.30 39.88 62.82
C ASP C 541 2.33 38.77 63.23
N PRO C 542 2.81 37.70 63.86
CA PRO C 542 1.94 36.56 64.21
C PRO C 542 0.84 36.87 65.18
N GLU C 543 0.87 38.01 65.84
CA GLU C 543 -0.25 38.44 66.67
C GLU C 543 -1.30 39.25 65.93
N THR C 544 -0.90 40.40 65.47
CA THR C 544 -1.73 41.38 64.85
C THR C 544 -1.76 41.31 63.33
N PHE C 545 -0.98 40.44 62.69
CA PHE C 545 -1.01 40.14 61.27
C PHE C 545 -0.55 41.29 60.41
N ALA C 546 0.01 42.32 61.05
CA ALA C 546 0.55 43.53 60.42
C ALA C 546 1.71 43.13 59.49
N VAL C 547 1.81 43.70 58.31
CA VAL C 547 2.81 43.50 57.30
C VAL C 547 3.71 44.69 57.09
N LYS C 548 4.97 44.38 57.16
CA LYS C 548 6.10 45.21 56.93
C LYS C 548 6.84 44.74 55.73
N VAL C 549 7.15 45.65 54.81
CA VAL C 549 7.79 45.41 53.51
C VAL C 549 9.02 46.29 53.55
N ASP C 550 10.22 45.72 53.56
CA ASP C 550 11.50 46.43 53.84
C ASP C 550 11.33 47.34 55.08
N GLY C 551 10.74 46.85 56.17
CA GLY C 551 10.47 47.63 57.40
C GLY C 551 9.32 48.63 57.35
N VAL C 552 8.50 48.78 56.31
CA VAL C 552 7.49 49.77 56.20
C VAL C 552 6.16 49.08 56.20
N HIS C 553 5.35 49.54 57.08
CA HIS C 553 4.02 49.08 57.25
C HIS C 553 3.30 49.24 55.93
N ALA C 554 2.70 48.15 55.48
CA ALA C 554 2.02 48.03 54.20
C ALA C 554 0.55 47.95 54.45
N THR C 555 -0.10 49.11 54.38
CA THR C 555 -1.52 49.22 54.48
C THR C 555 -2.08 50.39 53.65
N CYS C 556 -3.37 50.38 53.48
CA CYS C 556 -4.21 51.36 52.84
C CYS C 556 -5.58 51.07 53.39
N GLU C 557 -6.48 52.01 53.24
CA GLU C 557 -7.81 52.13 53.73
C GLU C 557 -8.83 51.65 52.72
N PRO C 558 -9.88 51.02 53.14
CA PRO C 558 -10.85 50.59 52.16
C PRO C 558 -11.66 51.68 51.53
N ILE C 559 -11.89 51.41 50.27
CA ILE C 559 -12.75 52.17 49.39
C ILE C 559 -14.20 51.88 49.73
N ASP C 560 -14.96 52.94 49.70
CA ASP C 560 -16.40 52.95 49.61
C ASP C 560 -16.93 52.74 48.19
N THR C 561 -16.38 53.47 47.23
CA THR C 561 -16.83 53.50 45.84
C THR C 561 -15.77 53.08 44.85
N ALA C 562 -16.08 52.03 44.15
CA ALA C 562 -15.37 51.55 43.01
C ALA C 562 -15.80 52.24 41.70
N ALA C 563 -14.79 52.49 40.84
CA ALA C 563 -14.90 52.99 39.46
C ALA C 563 -15.23 51.80 38.52
N MET C 564 -15.85 52.03 37.36
CA MET C 564 -16.14 51.03 36.33
C MET C 564 -17.09 50.03 37.02
N ASN C 565 -18.04 50.47 37.78
CA ASN C 565 -18.74 49.56 38.70
C ASN C 565 -20.25 49.69 38.53
N GLN C 566 -21.00 50.37 39.38
CA GLN C 566 -22.49 50.46 39.34
C GLN C 566 -22.98 51.34 38.17
N ARG C 567 -22.18 52.24 37.63
CA ARG C 567 -22.46 53.07 36.45
C ARG C 567 -22.70 52.27 35.18
N TYR C 568 -21.96 51.29 34.97
CA TYR C 568 -21.75 50.41 33.84
C TYR C 568 -22.51 49.07 33.86
N PHE C 569 -22.88 48.56 34.99
CA PHE C 569 -23.36 47.20 35.16
C PHE C 569 -24.74 47.16 35.83
N PHE C 570 -25.63 46.37 35.24
CA PHE C 570 -26.89 45.90 35.80
C PHE C 570 -26.72 44.69 36.73
N GLY C 571 -25.69 43.86 36.51
CA GLY C 571 -25.32 42.45 36.95
C GLY C 571 -25.95 42.24 38.29
N MET D 1 -32.84 27.89 43.23
CA MET D 1 -34.22 27.55 42.89
C MET D 1 -34.46 26.37 41.94
N GLN D 2 -33.39 25.87 41.39
CA GLN D 2 -33.22 24.77 40.59
C GLN D 2 -34.28 24.69 39.47
N LEU D 3 -34.25 25.71 38.67
CA LEU D 3 -35.13 25.88 37.53
C LEU D 3 -34.78 25.00 36.36
N THR D 4 -35.74 24.23 36.02
CA THR D 4 -35.87 23.35 34.93
C THR D 4 -36.26 24.08 33.66
N PRO D 5 -35.94 23.53 32.52
CA PRO D 5 -36.34 24.14 31.24
C PRO D 5 -37.82 24.61 31.12
N ARG D 6 -38.74 23.85 31.64
CA ARG D 6 -40.19 24.15 31.68
C ARG D 6 -40.55 25.37 32.51
N GLU D 7 -39.88 25.56 33.57
CA GLU D 7 -39.93 26.69 34.50
C GLU D 7 -39.37 27.96 33.89
N VAL D 8 -38.23 27.88 33.29
CA VAL D 8 -37.60 28.99 32.66
C VAL D 8 -38.49 29.51 31.50
N GLU D 9 -38.96 28.60 30.65
CA GLU D 9 -39.80 28.89 29.47
C GLU D 9 -41.01 29.70 29.82
N LYS D 10 -41.61 29.43 30.92
CA LYS D 10 -42.75 30.11 31.38
C LYS D 10 -42.51 31.55 31.77
N LEU D 11 -41.29 31.97 32.04
CA LEU D 11 -40.99 33.37 32.26
C LEU D 11 -41.34 34.26 31.05
N MET D 12 -41.17 33.73 29.82
CA MET D 12 -41.53 34.47 28.57
C MET D 12 -43.00 34.89 28.69
N ILE D 13 -43.88 34.01 29.12
CA ILE D 13 -45.32 34.24 29.19
C ILE D 13 -45.66 35.38 30.12
N TYR D 14 -45.08 35.36 31.26
CA TYR D 14 -45.22 36.36 32.30
C TYR D 14 -44.79 37.74 31.91
N THR D 15 -43.72 37.83 31.15
CA THR D 15 -43.15 39.08 30.63
C THR D 15 -44.03 39.68 29.53
N LEU D 16 -44.43 38.86 28.55
N LEU D 16 -44.43 38.86 28.55
CA LEU D 16 -45.27 39.35 27.43
CA LEU D 16 -45.27 39.35 27.43
C LEU D 16 -46.65 39.82 28.04
C LEU D 16 -46.65 39.82 28.04
N SER D 17 -47.42 39.07 28.90
CA SER D 17 -48.63 39.43 29.60
C SER D 17 -48.56 40.59 30.48
N ASP D 18 -47.46 40.85 31.11
CA ASP D 18 -47.36 42.10 31.80
C ASP D 18 -47.40 43.31 30.85
N VAL D 19 -46.66 43.26 29.77
CA VAL D 19 -46.70 44.25 28.73
C VAL D 19 -48.13 44.36 28.19
N ALA D 20 -48.74 43.24 27.86
CA ALA D 20 -50.10 43.16 27.34
C ALA D 20 -51.15 43.75 28.25
N PHE D 21 -51.11 43.46 29.51
CA PHE D 21 -52.03 44.03 30.45
C PHE D 21 -51.86 45.53 30.58
N LYS D 22 -50.66 46.06 30.48
CA LYS D 22 -50.41 47.50 30.52
C LYS D 22 -51.03 48.18 29.32
N ARG D 23 -50.90 47.58 28.16
CA ARG D 23 -51.42 48.08 26.90
C ARG D 23 -52.93 48.11 26.88
N LYS D 24 -53.59 47.04 27.30
CA LYS D 24 -55.01 46.97 27.39
C LYS D 24 -55.60 48.03 28.31
N ALA D 25 -54.91 48.34 29.37
CA ALA D 25 -55.29 49.35 30.33
C ALA D 25 -55.15 50.80 29.85
N ARG D 26 -54.28 51.10 28.89
CA ARG D 26 -54.19 52.28 28.04
C ARG D 26 -55.24 52.39 26.94
N GLY D 27 -56.15 51.47 26.85
CA GLY D 27 -57.00 51.32 25.75
C GLY D 27 -56.48 50.85 24.44
N LEU D 28 -55.35 50.21 24.37
CA LEU D 28 -54.90 49.66 23.13
C LEU D 28 -55.58 48.34 22.88
N LYS D 29 -56.00 48.18 21.66
N LYS D 29 -56.02 48.18 21.66
CA LYS D 29 -56.47 46.94 21.09
CA LYS D 29 -56.48 46.93 21.12
C LYS D 29 -55.30 46.02 20.79
C LYS D 29 -55.31 46.01 20.80
N LEU D 30 -55.39 44.81 21.27
CA LEU D 30 -54.34 43.86 21.29
C LEU D 30 -54.25 43.07 20.04
N ASN D 31 -53.07 42.71 19.75
CA ASN D 31 -52.63 41.84 18.76
C ASN D 31 -52.59 40.41 19.20
N TYR D 32 -52.20 39.63 18.36
CA TYR D 32 -52.15 38.17 18.42
C TYR D 32 -51.28 37.67 19.59
N PRO D 33 -49.99 37.82 19.55
CA PRO D 33 -49.13 37.51 20.70
C PRO D 33 -49.57 38.02 22.06
N GLU D 34 -49.95 39.22 22.15
CA GLU D 34 -50.41 39.85 23.34
C GLU D 34 -51.67 39.17 23.92
N ALA D 35 -52.61 38.89 23.07
CA ALA D 35 -53.89 38.29 23.42
C ALA D 35 -53.74 36.87 23.88
N VAL D 36 -52.97 36.08 23.15
CA VAL D 36 -52.58 34.76 23.52
C VAL D 36 -51.90 34.74 24.90
N SER D 37 -51.06 35.71 25.20
CA SER D 37 -50.39 35.91 26.48
C SER D 37 -51.34 36.02 27.65
N ILE D 38 -52.35 36.85 27.52
CA ILE D 38 -53.29 37.18 28.55
C ILE D 38 -54.18 35.98 28.87
N ILE D 39 -54.61 35.25 27.89
CA ILE D 39 -55.42 34.04 28.06
C ILE D 39 -54.59 32.97 28.74
N THR D 40 -53.36 32.81 28.31
CA THR D 40 -52.42 31.82 28.82
C THR D 40 -52.14 32.00 30.29
N VAL D 41 -51.85 33.21 30.71
CA VAL D 41 -51.51 33.55 32.06
C VAL D 41 -52.68 33.48 32.99
N THR D 42 -53.85 33.73 32.48
CA THR D 42 -55.10 33.63 33.22
C THR D 42 -55.31 32.20 33.71
N ALA D 43 -55.15 31.26 32.83
CA ALA D 43 -55.14 29.85 33.10
C ALA D 43 -54.10 29.45 34.12
N MET D 44 -52.87 29.70 33.78
CA MET D 44 -51.72 29.51 34.63
C MET D 44 -51.92 30.05 36.04
N GLU D 45 -52.43 31.20 36.17
CA GLU D 45 -52.62 31.79 37.48
C GLU D 45 -53.75 31.14 38.26
N GLY D 46 -54.78 30.72 37.58
CA GLY D 46 -55.84 29.94 38.12
C GLY D 46 -55.43 28.64 38.72
N ALA D 47 -54.69 27.87 37.98
CA ALA D 47 -53.99 26.67 38.37
C ALA D 47 -53.30 26.87 39.71
N ARG D 48 -52.57 27.95 39.84
CA ARG D 48 -51.72 28.26 40.99
C ARG D 48 -52.54 28.61 42.19
N ASP D 49 -53.62 29.31 41.90
CA ASP D 49 -54.70 29.73 42.81
C ASP D 49 -55.49 28.50 43.28
N GLY D 50 -55.38 27.29 42.71
CA GLY D 50 -56.05 26.11 43.19
C GLY D 50 -57.32 25.66 42.54
N LYS D 51 -57.76 26.30 41.50
CA LYS D 51 -58.90 25.95 40.70
C LYS D 51 -58.73 24.67 39.92
N SER D 52 -59.83 24.21 39.48
CA SER D 52 -59.96 23.10 38.58
C SER D 52 -59.67 23.52 37.15
N VAL D 53 -59.33 22.57 36.31
CA VAL D 53 -59.16 22.73 34.89
C VAL D 53 -60.43 23.29 34.27
N GLU D 54 -61.55 22.73 34.66
CA GLU D 54 -62.87 23.16 34.23
C GLU D 54 -63.11 24.62 34.54
N ASP D 55 -62.87 25.01 35.75
CA ASP D 55 -63.05 26.35 36.20
C ASP D 55 -62.09 27.36 35.57
N VAL D 56 -60.83 27.00 35.34
CA VAL D 56 -59.88 27.93 34.79
C VAL D 56 -60.24 28.22 33.36
N MET D 57 -60.55 27.18 32.60
N MET D 57 -60.56 27.17 32.60
CA MET D 57 -61.10 27.17 31.28
CA MET D 57 -61.13 27.19 31.26
C MET D 57 -62.17 28.18 31.03
C MET D 57 -62.17 28.22 31.04
N LYS D 58 -63.21 28.19 31.82
CA LYS D 58 -64.23 29.21 31.81
C LYS D 58 -63.66 30.59 31.93
N GLU D 59 -62.90 30.77 32.99
CA GLU D 59 -62.24 32.02 33.36
C GLU D 59 -61.47 32.57 32.15
N ALA D 60 -60.64 31.82 31.52
CA ALA D 60 -59.79 32.19 30.42
C ALA D 60 -60.53 32.44 29.14
N SER D 61 -61.60 31.72 28.92
CA SER D 61 -62.50 31.94 27.75
C SER D 61 -63.28 33.25 27.93
N LYS D 62 -63.21 33.94 29.03
CA LYS D 62 -63.93 35.17 29.29
C LYS D 62 -63.12 36.45 29.51
N VAL D 63 -61.82 36.41 29.51
CA VAL D 63 -60.96 37.53 29.83
C VAL D 63 -60.91 38.55 28.70
N LEU D 64 -60.89 38.11 27.47
CA LEU D 64 -60.87 38.95 26.30
C LEU D 64 -62.11 38.84 25.42
N THR D 65 -62.56 39.96 24.95
CA THR D 65 -63.59 40.19 23.96
C THR D 65 -63.10 40.65 22.59
N LYS D 66 -64.03 40.55 21.65
N LYS D 66 -64.03 40.56 21.64
CA LYS D 66 -63.87 41.12 20.32
CA LYS D 66 -63.85 41.12 20.32
C LYS D 66 -63.46 42.57 20.36
C LYS D 66 -63.46 42.58 20.35
N ASP D 67 -64.06 43.37 21.21
CA ASP D 67 -63.71 44.76 21.35
C ASP D 67 -62.29 45.00 21.78
N ASP D 68 -61.72 44.15 22.58
CA ASP D 68 -60.44 44.26 23.22
C ASP D 68 -59.29 43.88 22.32
N VAL D 69 -59.58 43.35 21.20
CA VAL D 69 -58.64 42.91 20.22
C VAL D 69 -58.85 43.62 18.90
N MET D 70 -57.75 43.68 18.23
CA MET D 70 -57.64 44.12 16.88
C MET D 70 -58.42 43.20 15.93
N ASP D 71 -59.12 43.81 15.00
CA ASP D 71 -59.95 43.14 14.03
C ASP D 71 -59.22 42.01 13.31
N GLY D 72 -59.79 40.87 13.37
CA GLY D 72 -59.26 39.70 12.85
C GLY D 72 -58.55 38.74 13.79
N VAL D 73 -58.15 39.18 14.96
CA VAL D 73 -57.28 38.42 15.83
C VAL D 73 -57.95 37.15 16.27
N ALA D 74 -59.23 37.22 16.54
CA ALA D 74 -60.07 36.06 16.73
C ALA D 74 -59.84 34.90 15.80
N ASP D 75 -59.73 35.23 14.51
CA ASP D 75 -59.49 34.26 13.41
C ASP D 75 -58.11 33.61 13.58
N LEU D 76 -57.19 34.24 14.27
CA LEU D 76 -55.85 33.83 14.54
C LEU D 76 -55.71 32.98 15.78
N ILE D 77 -56.68 32.99 16.66
CA ILE D 77 -56.78 32.35 17.93
C ILE D 77 -58.08 31.57 17.98
N PRO D 78 -58.20 30.52 17.29
CA PRO D 78 -59.31 29.64 17.49
C PRO D 78 -59.38 28.94 18.84
N ASN D 79 -58.28 28.35 19.25
CA ASN D 79 -58.01 27.86 20.59
C ASN D 79 -56.64 28.28 21.08
N VAL D 80 -56.51 28.40 22.39
CA VAL D 80 -55.26 28.45 23.15
C VAL D 80 -55.07 27.26 24.09
N GLN D 81 -53.92 26.63 23.99
CA GLN D 81 -53.40 25.65 24.88
C GLN D 81 -52.12 25.98 25.67
N VAL D 82 -52.19 25.65 26.94
CA VAL D 82 -51.14 25.68 27.97
C VAL D 82 -51.26 24.62 29.03
N GLU D 83 -50.12 24.13 29.41
CA GLU D 83 -49.84 23.31 30.55
C GLU D 83 -49.51 24.17 31.71
N ALA D 84 -50.28 23.96 32.71
CA ALA D 84 -50.25 24.51 34.00
C ALA D 84 -50.13 23.46 35.10
N ILE D 85 -49.76 23.92 36.22
CA ILE D 85 -49.42 23.11 37.38
C ILE D 85 -50.56 23.38 38.36
N PHE D 86 -51.40 22.44 38.38
CA PHE D 86 -52.55 22.28 39.23
C PHE D 86 -52.13 21.58 40.50
N THR D 87 -52.95 21.64 41.49
CA THR D 87 -52.78 20.90 42.74
C THR D 87 -52.48 19.41 42.56
N ASP D 88 -53.10 18.77 41.64
CA ASP D 88 -52.88 17.41 41.25
C ASP D 88 -51.86 17.18 40.18
N GLY D 89 -51.24 18.15 39.71
CA GLY D 89 -50.17 18.07 38.79
C GLY D 89 -50.30 18.95 37.62
N SER D 90 -49.37 18.77 36.73
CA SER D 90 -49.40 19.34 35.43
C SER D 90 -50.54 18.74 34.62
N ARG D 91 -51.25 19.59 34.02
CA ARG D 91 -52.40 19.41 33.16
C ARG D 91 -52.52 20.40 31.99
N LEU D 92 -52.88 19.87 30.85
CA LEU D 92 -53.31 20.60 29.70
C LEU D 92 -54.67 21.17 29.82
N VAL D 93 -54.70 22.44 29.61
CA VAL D 93 -55.82 23.34 29.47
C VAL D 93 -55.91 23.79 28.02
N THR D 94 -56.98 23.42 27.37
CA THR D 94 -57.48 24.01 26.16
C THR D 94 -58.63 24.90 26.50
N VAL D 95 -58.56 26.04 25.91
CA VAL D 95 -59.48 27.11 25.98
C VAL D 95 -60.02 27.28 24.58
N HIS D 96 -61.31 27.02 24.39
CA HIS D 96 -62.00 26.94 23.08
C HIS D 96 -62.56 28.30 22.70
N ASP D 97 -62.28 28.82 21.52
CA ASP D 97 -62.81 30.12 21.01
C ASP D 97 -62.71 31.20 22.08
N PRO D 98 -61.54 31.52 22.65
CA PRO D 98 -61.51 32.48 23.75
C PRO D 98 -61.97 33.92 23.46
N ILE D 99 -61.93 34.44 22.24
CA ILE D 99 -62.32 35.78 21.90
C ILE D 99 -63.71 35.66 21.30
N LYS D 100 -64.67 36.00 22.10
CA LYS D 100 -66.07 35.94 21.74
C LYS D 100 -66.55 37.35 21.51
N SER E 1 -67.75 36.85 -0.17
CA SER E 1 -67.58 37.85 -1.26
C SER E 1 -66.10 38.11 -1.55
N GLU E 2 -65.37 38.50 -0.49
CA GLU E 2 -63.95 38.95 -0.39
C GLU E 2 -63.83 39.93 0.78
N GLN E 3 -64.82 40.84 0.88
CA GLN E 3 -64.96 41.89 1.93
C GLN E 3 -65.28 41.27 3.29
N ASN E 4 -65.78 40.03 3.31
CA ASN E 4 -66.26 39.28 4.46
C ASN E 4 -65.43 38.07 4.92
N THR E 5 -64.53 37.58 4.12
CA THR E 5 -63.70 36.45 4.46
C THR E 5 -62.80 36.73 5.65
N PRO E 6 -62.75 35.87 6.65
CA PRO E 6 -61.75 36.02 7.73
C PRO E 6 -60.32 35.92 7.21
N LEU E 7 -59.38 36.32 8.08
CA LEU E 7 -57.92 36.17 7.83
C LEU E 7 -57.71 34.69 7.48
N GLY E 8 -57.05 34.38 6.41
CA GLY E 8 -56.71 33.15 5.80
C GLY E 8 -57.83 32.35 5.25
N GLY E 9 -59.00 32.95 5.18
CA GLY E 9 -60.17 32.28 4.79
C GLY E 9 -60.24 32.01 3.34
N CYS E 10 -61.11 31.11 3.10
CA CYS E 10 -61.46 30.55 1.84
C CYS E 10 -62.82 31.07 1.35
N ILE E 11 -62.86 31.35 0.08
CA ILE E 11 -64.08 31.60 -0.69
C ILE E 11 -64.27 30.39 -1.57
N LEU E 12 -65.23 29.61 -1.21
CA LEU E 12 -65.57 28.38 -1.89
C LEU E 12 -66.60 28.60 -2.96
N ALA E 13 -66.35 28.01 -4.08
CA ALA E 13 -67.34 27.85 -5.12
C ALA E 13 -68.58 27.06 -4.67
N ASP E 14 -69.55 26.87 -5.55
CA ASP E 14 -70.85 26.25 -5.24
C ASP E 14 -70.96 24.80 -5.65
N THR E 15 -70.41 24.44 -6.77
CA THR E 15 -70.60 23.18 -7.36
C THR E 15 -70.17 22.04 -6.44
N PRO E 16 -71.07 21.12 -6.10
CA PRO E 16 -70.71 19.91 -5.36
C PRO E 16 -69.66 19.04 -6.02
N ILE E 17 -69.01 18.29 -5.19
CA ILE E 17 -67.98 17.37 -5.61
C ILE E 17 -68.64 16.00 -5.75
N THR E 18 -68.34 15.38 -6.83
CA THR E 18 -68.78 14.04 -7.15
C THR E 18 -67.62 13.09 -7.19
N PHE E 19 -67.70 12.08 -6.36
CA PHE E 19 -66.72 11.05 -6.21
C PHE E 19 -67.31 9.63 -6.32
N ASN E 20 -66.46 8.73 -6.75
CA ASN E 20 -66.61 7.31 -6.90
C ASN E 20 -67.70 6.93 -7.95
N GLU E 21 -68.15 7.88 -8.79
CA GLU E 21 -69.25 7.84 -9.77
C GLU E 21 -69.28 6.63 -10.69
N ASN E 22 -68.17 6.10 -11.05
CA ASN E 22 -68.10 5.04 -12.01
C ASN E 22 -68.19 3.65 -11.43
N LYS E 23 -68.09 3.54 -10.28
CA LYS E 23 -67.81 2.35 -9.58
C LYS E 23 -69.13 1.63 -9.16
N PRO E 24 -69.28 0.33 -9.40
CA PRO E 24 -70.52 -0.38 -9.04
C PRO E 24 -70.71 -0.67 -7.57
N VAL E 25 -71.92 -0.41 -7.11
CA VAL E 25 -72.30 -0.36 -5.71
C VAL E 25 -73.12 -1.57 -5.28
N THR E 26 -72.64 -2.25 -4.28
CA THR E 26 -73.21 -3.36 -3.54
C THR E 26 -73.63 -2.93 -2.14
N LYS E 27 -74.88 -2.99 -1.89
CA LYS E 27 -75.44 -2.83 -0.55
C LYS E 27 -75.47 -4.11 0.26
N VAL E 28 -74.91 -4.07 1.42
CA VAL E 28 -74.92 -5.14 2.39
C VAL E 28 -75.49 -4.66 3.71
N LYS E 29 -76.07 -5.59 4.43
CA LYS E 29 -76.67 -5.44 5.75
C LYS E 29 -75.74 -5.97 6.85
N VAL E 30 -75.44 -5.14 7.81
CA VAL E 30 -74.42 -5.37 8.79
C VAL E 30 -75.00 -5.30 10.19
N ARG E 31 -74.87 -6.37 10.92
CA ARG E 31 -75.19 -6.45 12.32
C ARG E 31 -73.96 -6.73 13.19
N ASN E 32 -73.77 -5.90 14.18
CA ASN E 32 -72.78 -6.08 15.25
C ASN E 32 -73.35 -6.93 16.36
N THR E 33 -72.88 -8.11 16.40
CA THR E 33 -73.05 -9.20 17.31
C THR E 33 -72.11 -9.25 18.48
N GLY E 34 -71.21 -8.33 18.64
CA GLY E 34 -70.45 -8.18 19.83
C GLY E 34 -70.99 -7.19 20.78
N ASP E 35 -70.36 -7.14 21.91
CA ASP E 35 -70.65 -6.21 22.98
C ASP E 35 -69.90 -4.91 22.93
N ARG E 36 -69.00 -4.75 22.04
CA ARG E 36 -68.23 -3.59 21.90
C ARG E 36 -68.36 -2.89 20.55
N PRO E 37 -68.32 -1.58 20.53
CA PRO E 37 -68.35 -0.82 19.30
C PRO E 37 -67.23 -1.16 18.32
N ILE E 38 -67.62 -1.20 17.09
CA ILE E 38 -66.82 -1.46 15.91
C ILE E 38 -67.00 -0.28 14.95
N GLN E 39 -65.91 0.26 14.48
CA GLN E 39 -65.77 1.33 13.53
C GLN E 39 -64.75 1.01 12.45
N VAL E 40 -65.20 1.19 11.25
CA VAL E 40 -64.53 0.81 10.01
C VAL E 40 -64.42 2.02 9.09
N GLY E 41 -63.29 2.20 8.57
CA GLY E 41 -62.92 3.21 7.62
C GLY E 41 -63.06 2.90 6.18
N SER E 42 -62.86 3.94 5.40
CA SER E 42 -63.22 4.02 4.01
C SER E 42 -62.48 3.05 3.11
N HIS E 43 -61.20 2.84 3.41
CA HIS E 43 -60.23 2.00 2.64
C HIS E 43 -59.97 0.64 3.23
N PHE E 44 -60.51 0.31 4.33
CA PHE E 44 -60.43 -1.06 4.83
C PHE E 44 -61.16 -2.04 3.91
N HIS E 45 -60.63 -3.19 3.75
CA HIS E 45 -61.15 -4.37 3.01
C HIS E 45 -62.27 -4.97 3.83
N PHE E 46 -63.49 -4.53 3.53
CA PHE E 46 -64.73 -4.83 4.28
C PHE E 46 -64.84 -6.34 4.64
N PHE E 47 -64.55 -7.25 3.74
CA PHE E 47 -64.38 -8.66 3.93
C PHE E 47 -63.67 -9.16 5.14
N GLU E 48 -62.76 -8.39 5.64
CA GLU E 48 -61.83 -8.72 6.65
C GLU E 48 -62.06 -7.96 7.92
N VAL E 49 -63.21 -7.26 8.05
CA VAL E 49 -63.58 -6.49 9.26
C VAL E 49 -63.82 -7.48 10.42
N ASN E 50 -63.74 -6.98 11.64
CA ASN E 50 -63.96 -7.62 12.95
C ASN E 50 -64.90 -8.85 12.78
N ARG E 51 -64.41 -10.06 12.98
CA ARG E 51 -65.18 -11.34 13.14
C ARG E 51 -66.61 -11.12 13.68
N ALA E 52 -66.85 -10.35 14.73
CA ALA E 52 -68.17 -10.05 15.35
C ALA E 52 -69.24 -9.43 14.44
N LEU E 53 -68.89 -8.76 13.34
CA LEU E 53 -69.76 -8.25 12.33
C LEU E 53 -70.27 -9.40 11.48
N GLU E 54 -71.58 -9.41 11.33
CA GLU E 54 -72.31 -10.44 10.60
C GLU E 54 -72.95 -9.75 9.41
N PHE E 55 -72.64 -10.14 8.20
CA PHE E 55 -73.03 -9.61 6.95
C PHE E 55 -72.69 -10.68 5.92
N ASP E 56 -73.06 -10.47 4.67
CA ASP E 56 -72.77 -11.34 3.54
C ASP E 56 -71.36 -11.12 3.07
N ARG E 57 -70.52 -11.94 3.57
CA ARG E 57 -69.12 -11.69 3.52
C ARG E 57 -68.64 -11.82 2.07
N ALA E 58 -69.14 -12.80 1.39
CA ALA E 58 -68.94 -13.03 -0.03
C ALA E 58 -69.19 -11.82 -0.90
N ALA E 59 -70.14 -11.02 -0.52
CA ALA E 59 -70.50 -9.82 -1.24
C ALA E 59 -69.50 -8.65 -1.08
N ALA E 60 -68.80 -8.57 -0.01
CA ALA E 60 -67.73 -7.67 0.40
C ALA E 60 -66.34 -8.04 -0.08
N TYR E 61 -66.17 -9.17 -0.69
CA TYR E 61 -64.95 -9.59 -1.34
C TYR E 61 -64.54 -8.59 -2.39
N GLY E 62 -63.41 -8.06 -2.18
CA GLY E 62 -62.83 -6.98 -2.91
C GLY E 62 -63.37 -5.70 -2.74
N LYS E 63 -64.04 -5.46 -1.66
CA LYS E 63 -64.74 -4.26 -1.40
C LYS E 63 -64.39 -3.45 -0.16
N ARG E 64 -64.68 -2.19 -0.32
CA ARG E 64 -64.61 -1.07 0.54
C ARG E 64 -65.92 -0.30 0.58
N LEU E 65 -66.04 0.42 1.60
CA LEU E 65 -67.10 1.35 1.82
C LEU E 65 -67.04 2.57 0.92
N ASN E 66 -68.18 2.89 0.33
CA ASN E 66 -68.44 3.94 -0.61
C ASN E 66 -68.81 5.22 0.12
N ILE E 67 -67.86 5.66 0.87
CA ILE E 67 -67.88 6.86 1.65
C ILE E 67 -66.63 7.71 1.34
N SER E 68 -66.63 8.93 1.86
CA SER E 68 -65.53 9.85 1.74
C SER E 68 -64.25 9.27 2.31
N SER E 69 -63.23 9.27 1.50
CA SER E 69 -61.87 9.09 1.96
C SER E 69 -61.68 9.81 3.29
N THR E 70 -61.18 9.05 4.16
CA THR E 70 -60.74 9.31 5.48
C THR E 70 -61.84 9.17 6.53
N THR E 71 -63.05 9.01 6.13
CA THR E 71 -64.15 8.92 7.04
C THR E 71 -64.42 7.40 7.33
N ALA E 72 -65.33 7.17 8.22
CA ALA E 72 -65.65 5.90 8.81
C ALA E 72 -67.15 5.74 9.12
N ILE E 73 -67.51 4.49 9.36
CA ILE E 73 -68.87 4.09 9.76
C ILE E 73 -68.76 3.32 11.10
N ARG E 74 -69.55 3.68 12.06
CA ARG E 74 -69.66 3.15 13.39
C ARG E 74 -70.84 2.19 13.53
N PHE E 75 -70.55 1.04 13.96
CA PHE E 75 -71.44 -0.07 14.20
C PHE E 75 -71.45 -0.34 15.69
N GLU E 76 -72.41 0.22 16.35
CA GLU E 76 -72.69 0.04 17.77
C GLU E 76 -73.26 -1.35 18.07
N PRO E 77 -73.07 -1.85 19.27
CA PRO E 77 -73.56 -3.19 19.61
C PRO E 77 -75.05 -3.37 19.47
N GLY E 78 -75.36 -4.40 18.74
CA GLY E 78 -76.64 -4.89 18.42
C GLY E 78 -77.49 -4.04 17.55
N ASP E 79 -76.92 -3.43 16.56
CA ASP E 79 -77.59 -2.53 15.69
C ASP E 79 -77.37 -3.02 14.27
N GLU E 80 -78.26 -2.65 13.40
CA GLU E 80 -78.22 -3.03 12.03
C GLU E 80 -78.27 -1.84 11.14
N THR E 81 -77.36 -1.84 10.19
CA THR E 81 -77.11 -0.78 9.22
C THR E 81 -76.82 -1.37 7.87
N GLU E 82 -77.33 -0.71 6.86
CA GLU E 82 -77.05 -1.01 5.52
C GLU E 82 -75.90 -0.14 5.07
N VAL E 83 -74.96 -0.74 4.38
CA VAL E 83 -73.84 -0.03 3.89
C VAL E 83 -73.56 -0.19 2.41
N PRO E 84 -73.17 0.89 1.75
CA PRO E 84 -72.76 0.80 0.37
C PRO E 84 -71.31 0.37 0.23
N LEU E 85 -71.10 -0.54 -0.62
CA LEU E 85 -69.84 -1.11 -0.99
C LEU E 85 -69.52 -0.91 -2.46
N ILE E 86 -68.26 -0.75 -2.73
CA ILE E 86 -67.61 -0.50 -3.99
C ILE E 86 -66.26 -1.22 -4.07
N PRO E 87 -65.83 -1.60 -5.23
CA PRO E 87 -64.52 -2.20 -5.40
C PRO E 87 -63.39 -1.23 -5.31
N PHE E 88 -62.33 -1.75 -4.87
CA PHE E 88 -61.03 -1.18 -4.90
C PHE E 88 -60.58 -1.02 -6.36
N GLY E 89 -59.76 -0.08 -6.54
CA GLY E 89 -59.12 0.21 -7.77
C GLY E 89 -57.74 -0.34 -7.88
N GLY E 90 -57.03 0.28 -8.75
CA GLY E 90 -55.75 -0.13 -9.16
C GLY E 90 -55.63 -1.52 -9.63
N LYS E 91 -54.69 -2.19 -9.11
CA LYS E 91 -54.45 -3.56 -9.43
C LYS E 91 -55.34 -4.56 -8.63
N GLN E 92 -56.15 -4.14 -7.70
CA GLN E 92 -57.00 -5.00 -6.88
C GLN E 92 -56.25 -6.10 -6.17
N THR E 93 -55.13 -5.74 -5.64
CA THR E 93 -54.18 -6.49 -4.88
C THR E 93 -54.18 -5.99 -3.43
N LEU E 94 -54.63 -6.83 -2.58
CA LEU E 94 -54.87 -6.66 -1.19
C LEU E 94 -53.99 -7.60 -0.37
N TYR E 95 -52.95 -7.01 0.26
CA TYR E 95 -52.02 -7.74 1.13
C TYR E 95 -52.22 -7.32 2.58
N GLY E 96 -52.08 -8.21 3.54
CA GLY E 96 -52.24 -7.87 4.95
C GLY E 96 -53.68 -7.90 5.46
N PHE E 97 -54.15 -6.92 6.23
CA PHE E 97 -55.46 -6.89 6.92
C PHE E 97 -55.44 -8.15 7.87
N ASN E 98 -56.28 -9.17 7.71
CA ASN E 98 -56.39 -10.36 8.58
C ASN E 98 -55.84 -11.63 7.95
N ASN E 99 -55.15 -11.48 6.90
CA ASN E 99 -54.50 -12.44 6.11
C ASN E 99 -55.46 -13.47 5.48
N LEU E 100 -56.63 -12.98 5.11
CA LEU E 100 -57.70 -13.70 4.42
C LEU E 100 -57.53 -13.88 2.91
N VAL E 101 -57.00 -12.92 2.23
CA VAL E 101 -56.72 -12.88 0.80
C VAL E 101 -55.24 -12.91 0.47
N ASP E 102 -54.49 -11.87 0.82
CA ASP E 102 -53.12 -11.76 0.43
C ASP E 102 -52.88 -12.06 -1.05
N GLY E 103 -53.66 -11.40 -1.82
CA GLY E 103 -53.74 -11.28 -3.21
C GLY E 103 -54.75 -10.48 -4.00
N TRP E 104 -54.98 -11.00 -5.16
CA TRP E 104 -55.81 -10.44 -6.18
C TRP E 104 -57.26 -10.70 -5.87
N THR E 105 -58.01 -9.70 -5.93
CA THR E 105 -59.42 -9.64 -5.64
C THR E 105 -60.29 -9.26 -6.80
N GLY E 106 -59.78 -9.27 -7.96
CA GLY E 106 -60.48 -8.95 -9.14
C GLY E 106 -61.44 -10.07 -9.53
N GLU E 107 -62.28 -9.77 -10.46
CA GLU E 107 -63.24 -10.69 -11.10
C GLU E 107 -62.61 -11.60 -12.08
N GLY E 108 -61.66 -11.13 -12.84
CA GLY E 108 -61.13 -11.98 -13.84
C GLY E 108 -62.10 -11.92 -15.02
N VAL E 109 -62.12 -12.95 -15.85
CA VAL E 109 -62.54 -12.79 -17.26
C VAL E 109 -63.78 -13.62 -17.64
N VAL E 110 -64.30 -14.43 -16.75
CA VAL E 110 -65.36 -15.40 -16.93
C VAL E 110 -66.60 -14.91 -16.17
N PRO E 111 -67.60 -14.07 -16.75
CA PRO E 111 -69.06 -13.39 -16.22
C PRO E 111 -69.84 -14.69 -15.94
N ASN E 112 -70.47 -14.83 -14.76
CA ASN E 112 -71.36 -15.96 -14.32
C ASN E 112 -70.59 -17.22 -13.97
N SER E 113 -69.40 -17.06 -13.37
CA SER E 113 -68.67 -18.02 -12.51
C SER E 113 -67.83 -17.22 -11.50
N GLU E 114 -67.35 -17.85 -10.46
CA GLU E 114 -66.41 -17.24 -9.51
C GLU E 114 -65.03 -17.82 -9.79
N ARG E 115 -63.98 -17.00 -9.74
CA ARG E 115 -62.55 -17.42 -9.62
C ARG E 115 -62.45 -18.34 -8.44
N PRO E 116 -61.64 -19.60 -8.34
CA PRO E 116 -61.42 -20.44 -7.17
C PRO E 116 -60.67 -19.85 -6.02
N ASP E 117 -59.79 -18.89 -6.24
CA ASP E 117 -59.11 -18.25 -5.14
C ASP E 117 -60.09 -17.42 -4.28
N LYS E 118 -61.17 -16.91 -4.88
CA LYS E 118 -62.27 -16.24 -4.16
C LYS E 118 -63.04 -17.19 -3.22
N LEU E 119 -63.47 -18.30 -3.73
CA LEU E 119 -64.07 -19.40 -2.99
C LEU E 119 -63.16 -19.95 -1.93
N GLU E 120 -61.86 -20.06 -2.16
CA GLU E 120 -60.92 -20.37 -1.13
C GLU E 120 -61.00 -19.35 -0.01
N ALA E 121 -60.77 -18.09 -0.30
CA ALA E 121 -60.92 -16.99 0.62
C ALA E 121 -62.18 -17.07 1.44
N ILE E 122 -63.28 -17.27 0.77
CA ILE E 122 -64.57 -17.28 1.43
C ILE E 122 -64.66 -18.45 2.42
N ARG E 123 -64.12 -19.60 2.03
N ARG E 123 -64.11 -19.60 2.04
CA ARG E 123 -64.07 -20.75 2.91
CA ARG E 123 -64.04 -20.75 2.92
C ARG E 123 -63.15 -20.51 4.10
C ARG E 123 -63.15 -20.46 4.11
N ARG E 124 -62.22 -19.87 3.88
CA ARG E 124 -61.17 -19.63 4.93
C ARG E 124 -61.72 -18.66 5.97
N ALA E 125 -62.30 -17.53 5.63
CA ALA E 125 -63.14 -16.70 6.45
C ALA E 125 -64.04 -17.45 7.39
N ALA E 126 -64.71 -18.41 6.84
CA ALA E 126 -65.70 -19.19 7.56
C ALA E 126 -65.10 -19.94 8.72
N GLU E 127 -63.95 -20.54 8.55
CA GLU E 127 -63.34 -21.37 9.54
C GLU E 127 -62.27 -20.70 10.43
N ARG E 128 -61.80 -19.50 10.14
CA ARG E 128 -61.18 -18.49 10.96
C ARG E 128 -62.18 -17.71 11.83
N GLY E 129 -63.45 -17.93 11.69
CA GLY E 129 -64.50 -17.30 12.44
C GLY E 129 -65.17 -16.03 12.07
N PHE E 130 -65.06 -15.66 10.86
CA PHE E 130 -65.56 -14.42 10.30
C PHE E 130 -67.01 -14.63 9.85
N LYS E 131 -67.93 -14.07 10.65
CA LYS E 131 -69.36 -14.31 10.64
C LYS E 131 -70.01 -13.86 9.35
N SER E 132 -70.69 -14.76 8.70
CA SER E 132 -71.65 -14.59 7.60
C SER E 132 -73.08 -14.97 7.78
N PRO F 1 -70.84 8.82 -4.74
CA PRO F 1 -71.69 9.76 -4.06
C PRO F 1 -71.37 11.24 -4.36
N GLN F 2 -72.15 12.14 -3.79
CA GLN F 2 -72.02 13.60 -4.00
C GLN F 2 -71.79 14.25 -2.65
N ILE F 3 -70.85 15.16 -2.52
CA ILE F 3 -70.48 15.88 -1.29
C ILE F 3 -70.43 17.38 -1.61
N SER F 4 -70.85 18.22 -0.73
CA SER F 4 -70.73 19.67 -0.75
C SER F 4 -69.29 20.09 -0.62
N ARG F 5 -68.97 21.17 -1.37
CA ARG F 5 -67.67 21.84 -1.35
C ARG F 5 -67.23 22.13 0.06
N GLN F 6 -68.13 22.65 0.85
CA GLN F 6 -67.86 23.07 2.16
C GLN F 6 -67.44 21.92 3.04
N GLU F 7 -68.00 20.78 2.81
CA GLU F 7 -67.70 19.57 3.54
C GLU F 7 -66.40 18.95 3.04
N TYR F 8 -66.25 18.94 1.75
CA TYR F 8 -65.04 18.53 1.08
C TYR F 8 -63.84 19.32 1.63
N ALA F 9 -63.93 20.66 1.70
CA ALA F 9 -62.88 21.59 2.07
C ALA F 9 -62.40 21.33 3.47
N GLY F 10 -63.34 21.18 4.36
CA GLY F 10 -63.13 20.75 5.68
C GLY F 10 -62.40 19.46 5.86
N LEU F 11 -62.52 18.58 4.96
CA LEU F 11 -61.77 17.34 4.98
C LEU F 11 -60.39 17.41 4.30
N PHE F 12 -60.32 18.09 3.25
CA PHE F 12 -59.27 18.01 2.29
C PHE F 12 -58.66 19.34 1.83
N GLY F 13 -59.13 20.39 2.33
CA GLY F 13 -58.93 21.68 1.87
C GLY F 13 -59.47 22.11 0.54
N PRO F 14 -59.08 23.30 0.10
CA PRO F 14 -59.62 23.85 -1.14
C PRO F 14 -59.29 23.16 -2.42
N THR F 15 -60.21 23.10 -3.38
CA THR F 15 -59.93 22.50 -4.70
C THR F 15 -60.04 23.54 -5.83
N THR F 16 -59.90 23.16 -7.10
CA THR F 16 -59.94 24.04 -8.31
C THR F 16 -61.14 25.00 -8.25
N GLY F 17 -60.94 26.31 -8.37
CA GLY F 17 -61.98 27.33 -8.31
C GLY F 17 -62.11 27.95 -6.95
N ASP F 18 -61.64 27.33 -5.88
CA ASP F 18 -61.66 27.85 -4.59
C ASP F 18 -60.54 28.87 -4.48
N LYS F 19 -60.84 29.90 -3.73
N LYS F 19 -60.84 29.90 -3.73
CA LYS F 19 -60.05 31.06 -3.43
CA LYS F 19 -60.05 31.07 -3.43
C LYS F 19 -59.60 31.19 -1.95
C LYS F 19 -59.59 31.19 -1.95
N ILE F 20 -58.35 31.53 -1.73
CA ILE F 20 -57.71 31.71 -0.43
C ILE F 20 -57.11 33.12 -0.28
N ARG F 21 -57.53 33.76 0.75
CA ARG F 21 -57.04 34.97 1.31
C ARG F 21 -55.70 34.71 1.98
N LEU F 22 -54.73 35.52 1.56
CA LEU F 22 -53.35 35.51 2.05
C LEU F 22 -53.33 36.51 3.18
N GLY F 23 -53.52 36.13 4.37
CA GLY F 23 -53.51 36.85 5.56
C GLY F 23 -54.61 37.77 5.75
N ASP F 24 -54.21 38.91 6.25
CA ASP F 24 -54.98 40.08 6.34
C ASP F 24 -54.85 41.00 5.18
N THR F 25 -54.20 40.53 4.13
CA THR F 25 -54.15 41.25 2.87
C THR F 25 -55.50 41.08 2.14
N ASN F 26 -55.65 41.83 1.11
CA ASN F 26 -56.62 41.81 0.03
C ASN F 26 -56.20 41.05 -1.20
N LEU F 27 -55.25 40.21 -1.08
CA LEU F 27 -54.85 39.27 -2.04
C LEU F 27 -55.50 37.89 -1.81
N PHE F 28 -56.00 37.40 -2.84
CA PHE F 28 -56.78 36.19 -3.04
C PHE F 28 -56.21 35.41 -4.20
N ILE F 29 -55.71 34.46 -3.91
CA ILE F 29 -55.27 33.38 -4.72
C ILE F 29 -56.41 32.42 -4.97
N GLU F 30 -56.32 31.78 -6.08
CA GLU F 30 -57.23 30.82 -6.67
C GLU F 30 -56.47 29.61 -7.22
N ILE F 31 -56.95 28.44 -6.90
CA ILE F 31 -56.46 27.18 -7.35
C ILE F 31 -56.84 26.98 -8.81
N GLU F 32 -55.85 26.87 -9.63
CA GLU F 32 -55.85 26.73 -11.05
C GLU F 32 -56.12 25.29 -11.46
N LYS F 33 -55.46 24.37 -10.80
CA LYS F 33 -55.42 22.94 -11.10
C LYS F 33 -55.41 22.07 -9.83
N ASP F 34 -56.06 20.93 -9.86
CA ASP F 34 -56.11 19.92 -8.84
C ASP F 34 -55.64 18.64 -9.48
N LEU F 35 -54.47 18.27 -9.11
CA LEU F 35 -53.81 17.09 -9.55
C LEU F 35 -54.11 15.81 -8.78
N ARG F 36 -54.89 15.85 -7.74
CA ARG F 36 -54.96 14.63 -6.91
C ARG F 36 -56.35 14.00 -6.88
N GLY F 37 -57.03 13.93 -8.07
CA GLY F 37 -58.34 13.29 -8.39
C GLY F 37 -59.45 13.67 -7.43
N TYR F 38 -60.38 12.75 -7.14
CA TYR F 38 -61.45 12.81 -6.09
C TYR F 38 -61.78 11.39 -5.57
N GLY F 39 -62.19 11.20 -4.33
CA GLY F 39 -62.49 9.88 -3.77
C GLY F 39 -61.33 9.02 -3.32
N GLU F 40 -60.05 9.27 -3.60
CA GLU F 40 -58.94 8.39 -3.10
C GLU F 40 -57.89 9.21 -2.32
N GLU F 41 -58.30 10.18 -1.61
CA GLU F 41 -57.56 11.24 -0.97
C GLU F 41 -56.68 10.70 0.18
N SER F 42 -55.41 10.83 0.05
CA SER F 42 -54.37 10.41 0.98
C SER F 42 -54.19 11.33 2.16
N VAL F 43 -54.58 10.85 3.33
CA VAL F 43 -54.45 11.48 4.63
C VAL F 43 -53.96 10.52 5.71
N TYR F 44 -53.12 11.05 6.57
CA TYR F 44 -52.47 10.39 7.66
C TYR F 44 -53.48 10.54 8.78
N GLY F 45 -53.69 9.46 9.40
CA GLY F 45 -54.30 9.35 10.69
C GLY F 45 -54.86 7.98 11.03
N GLY F 46 -55.28 7.85 12.28
CA GLY F 46 -56.14 6.81 12.80
C GLY F 46 -57.48 6.78 12.14
N GLY F 47 -57.68 5.68 11.53
CA GLY F 47 -58.78 5.33 10.72
C GLY F 47 -58.86 5.90 9.32
N LYS F 48 -57.80 6.42 8.79
CA LYS F 48 -57.68 7.10 7.58
C LYS F 48 -57.01 6.27 6.51
N SER F 49 -56.65 6.91 5.44
CA SER F 49 -56.33 6.27 4.17
C SER F 49 -54.89 5.77 4.03
N LEU F 50 -53.92 6.38 4.64
CA LEU F 50 -52.48 6.06 4.58
C LEU F 50 -52.17 5.09 5.70
N ARG F 51 -52.79 3.93 5.62
CA ARG F 51 -52.65 2.82 6.55
C ARG F 51 -52.13 1.67 5.69
N ASP F 52 -51.66 0.67 6.37
CA ASP F 52 -50.98 -0.47 5.79
C ASP F 52 -51.93 -1.31 4.96
N GLY F 53 -51.58 -1.51 3.72
CA GLY F 53 -52.16 -2.19 2.59
C GLY F 53 -53.28 -1.53 1.85
N MET F 54 -53.64 -0.39 2.37
N MET F 54 -53.64 -0.39 2.37
CA MET F 54 -54.73 0.45 1.86
CA MET F 54 -54.72 0.45 1.85
C MET F 54 -54.01 1.60 1.04
C MET F 54 -54.01 1.60 1.04
N GLY F 55 -54.04 2.90 1.37
CA GLY F 55 -53.36 3.97 0.72
C GLY F 55 -51.85 3.84 0.68
N ALA F 56 -51.29 3.24 1.71
CA ALA F 56 -49.95 2.76 1.80
C ALA F 56 -49.68 1.32 1.42
N ASN F 57 -48.78 1.19 0.51
CA ASN F 57 -48.10 0.06 0.10
C ASN F 57 -47.28 -0.45 1.26
N ASN F 58 -47.35 -1.73 1.42
CA ASN F 58 -46.81 -2.51 2.51
C ASN F 58 -45.93 -3.70 2.09
N HIS F 59 -45.60 -3.80 0.89
CA HIS F 59 -44.84 -4.84 0.33
C HIS F 59 -43.59 -4.48 -0.47
N LEU F 60 -43.45 -3.27 -0.86
CA LEU F 60 -42.37 -2.69 -1.60
C LEU F 60 -41.28 -2.13 -0.67
N THR F 61 -40.06 -2.53 -0.94
CA THR F 61 -38.84 -2.00 -0.40
C THR F 61 -38.58 -0.65 -1.07
N ARG F 62 -37.70 0.06 -0.49
CA ARG F 62 -37.51 1.47 -0.78
C ARG F 62 -36.93 1.71 -2.16
N ASP F 63 -36.24 0.75 -2.72
CA ASP F 63 -35.49 0.75 -3.95
C ASP F 63 -36.37 0.62 -5.20
N ASN F 64 -37.58 0.20 -5.06
CA ASN F 64 -38.76 0.48 -5.86
C ASN F 64 -39.28 1.89 -5.98
N GLY F 65 -38.59 2.78 -5.41
CA GLY F 65 -38.87 4.18 -5.53
C GLY F 65 -39.92 4.72 -4.58
N VAL F 66 -40.21 3.98 -3.52
CA VAL F 66 -41.03 4.47 -2.45
C VAL F 66 -40.41 5.73 -1.84
N LEU F 67 -41.26 6.62 -1.50
CA LEU F 67 -40.98 7.89 -0.93
C LEU F 67 -40.43 7.76 0.49
N ASP F 68 -39.64 8.70 0.84
CA ASP F 68 -39.18 9.05 2.19
C ASP F 68 -40.09 10.00 2.95
N LEU F 69 -40.83 10.83 2.26
CA LEU F 69 -41.74 11.79 2.76
C LEU F 69 -42.78 12.19 1.68
N VAL F 70 -43.94 12.49 2.13
CA VAL F 70 -45.12 12.97 1.43
C VAL F 70 -45.83 14.06 2.17
N ILE F 71 -46.12 15.11 1.46
CA ILE F 71 -46.86 16.25 1.84
C ILE F 71 -48.15 16.21 1.03
N THR F 72 -49.23 16.06 1.69
CA THR F 72 -50.57 15.74 1.21
C THR F 72 -51.53 16.88 1.16
N ASN F 73 -52.24 16.90 0.11
CA ASN F 73 -53.33 17.76 -0.12
C ASN F 73 -52.98 19.27 0.05
N VAL F 74 -51.91 19.67 -0.53
CA VAL F 74 -51.29 20.96 -0.35
C VAL F 74 -51.42 21.83 -1.56
N THR F 75 -51.63 23.04 -1.24
CA THR F 75 -51.62 24.19 -2.14
C THR F 75 -50.23 24.79 -2.35
N ILE F 76 -49.73 24.56 -3.48
CA ILE F 76 -48.47 24.97 -4.07
C ILE F 76 -48.59 26.32 -4.77
N VAL F 77 -47.91 27.27 -4.23
CA VAL F 77 -47.68 28.62 -4.72
C VAL F 77 -46.21 28.73 -5.11
N ASP F 78 -45.99 28.63 -6.39
CA ASP F 78 -44.66 28.62 -7.05
C ASP F 78 -44.68 29.43 -8.38
N ALA F 79 -43.61 30.19 -8.69
CA ALA F 79 -43.48 31.11 -9.82
C ALA F 79 -43.38 30.39 -11.16
N ARG F 80 -42.95 29.17 -11.22
CA ARG F 80 -42.98 28.35 -12.37
C ARG F 80 -44.19 27.37 -12.51
N LEU F 81 -44.68 26.79 -11.44
CA LEU F 81 -45.86 25.87 -11.48
C LEU F 81 -47.19 26.60 -11.35
N GLY F 82 -47.19 27.76 -10.77
CA GLY F 82 -48.37 28.52 -10.46
C GLY F 82 -49.01 28.14 -9.09
N VAL F 83 -50.29 28.12 -9.00
CA VAL F 83 -51.25 27.86 -7.93
C VAL F 83 -52.05 26.56 -8.16
N ILE F 84 -51.52 25.50 -7.60
CA ILE F 84 -52.08 24.13 -7.77
C ILE F 84 -52.24 23.42 -6.43
N LYS F 85 -53.09 22.43 -6.40
CA LYS F 85 -53.39 21.46 -5.37
C LYS F 85 -52.93 20.09 -5.79
N ALA F 86 -52.07 19.56 -5.02
CA ALA F 86 -51.28 18.38 -5.20
C ALA F 86 -50.71 17.77 -3.91
N ASP F 87 -50.34 16.52 -4.07
CA ASP F 87 -49.45 15.74 -3.25
C ASP F 87 -48.02 15.97 -3.74
N VAL F 88 -47.12 16.16 -2.79
CA VAL F 88 -45.72 16.35 -2.95
C VAL F 88 -44.90 15.38 -2.13
N GLY F 89 -44.11 14.74 -2.82
CA GLY F 89 -43.15 13.77 -2.60
C GLY F 89 -41.65 13.91 -2.70
N ILE F 90 -41.03 13.54 -1.66
CA ILE F 90 -39.65 13.64 -1.39
C ILE F 90 -39.00 12.31 -1.12
N ARG F 91 -37.91 12.15 -1.78
CA ARG F 91 -36.94 11.10 -1.91
C ARG F 91 -35.51 11.60 -2.14
N ASP F 92 -34.68 11.12 -1.30
CA ASP F 92 -33.24 11.36 -1.21
C ASP F 92 -32.89 12.85 -1.11
N GLY F 93 -33.64 13.54 -0.34
CA GLY F 93 -33.68 14.91 -0.13
C GLY F 93 -34.09 15.79 -1.32
N LYS F 94 -34.64 15.22 -2.33
CA LYS F 94 -35.12 15.72 -3.58
C LYS F 94 -36.62 15.45 -3.83
N ILE F 95 -37.26 16.38 -4.50
CA ILE F 95 -38.62 16.41 -5.05
C ILE F 95 -38.67 15.42 -6.20
N ALA F 96 -39.35 14.31 -5.99
CA ALA F 96 -39.56 13.20 -6.90
C ALA F 96 -40.83 13.29 -7.74
N GLY F 97 -41.78 13.97 -7.32
CA GLY F 97 -43.04 14.11 -7.86
C GLY F 97 -43.98 15.06 -7.18
N ILE F 98 -44.98 15.61 -7.95
CA ILE F 98 -46.07 16.53 -7.64
C ILE F 98 -47.29 15.92 -8.35
N GLY F 99 -48.33 15.54 -7.65
CA GLY F 99 -49.40 14.78 -8.30
C GLY F 99 -50.25 14.09 -7.26
N LYS F 100 -50.68 12.89 -7.56
CA LYS F 100 -51.52 12.04 -6.70
C LYS F 100 -50.59 10.97 -6.08
N SER F 101 -50.45 10.94 -4.81
CA SER F 101 -49.80 9.94 -3.99
C SER F 101 -50.77 8.79 -3.59
N GLY F 102 -50.28 7.64 -3.36
CA GLY F 102 -50.83 6.39 -2.78
C GLY F 102 -50.20 5.12 -3.25
N ASN F 103 -51.00 4.13 -3.18
CA ASN F 103 -50.80 2.74 -3.39
C ASN F 103 -51.46 2.23 -4.70
N PRO F 104 -50.69 2.02 -5.73
CA PRO F 104 -51.22 1.56 -7.00
C PRO F 104 -51.92 0.16 -6.95
N GLY F 105 -51.69 -0.59 -5.92
CA GLY F 105 -52.40 -1.85 -5.73
C GLY F 105 -53.90 -1.74 -5.62
N VAL F 106 -54.36 -0.69 -5.01
CA VAL F 106 -55.70 -0.42 -4.52
C VAL F 106 -56.31 0.87 -4.99
N MET F 107 -55.61 1.63 -5.80
CA MET F 107 -55.87 2.98 -6.24
C MET F 107 -55.52 3.15 -7.69
N ASP F 108 -56.37 3.84 -8.32
CA ASP F 108 -56.17 4.35 -9.63
C ASP F 108 -55.56 5.75 -9.51
N GLY F 109 -54.77 6.08 -10.49
CA GLY F 109 -54.20 7.35 -10.73
C GLY F 109 -53.10 7.84 -9.86
N VAL F 110 -52.26 6.96 -9.32
CA VAL F 110 -51.11 7.34 -8.55
C VAL F 110 -50.00 7.80 -9.47
N THR F 111 -49.55 8.98 -9.24
CA THR F 111 -48.47 9.51 -10.05
C THR F 111 -47.24 8.64 -9.90
N PRO F 112 -46.60 8.27 -10.97
CA PRO F 112 -45.33 7.57 -10.84
C PRO F 112 -44.33 8.32 -10.01
N GLY F 113 -43.69 7.60 -9.20
CA GLY F 113 -42.82 8.16 -8.22
C GLY F 113 -43.40 8.57 -6.90
N LEU F 114 -44.69 8.67 -6.78
CA LEU F 114 -45.43 9.02 -5.60
C LEU F 114 -46.07 7.81 -4.82
N VAL F 115 -45.42 6.71 -4.85
CA VAL F 115 -45.77 5.56 -4.05
C VAL F 115 -45.38 5.71 -2.61
N VAL F 116 -46.31 5.77 -1.80
CA VAL F 116 -46.27 5.77 -0.36
C VAL F 116 -46.23 4.30 0.10
N GLY F 117 -45.36 4.06 1.03
CA GLY F 117 -44.92 2.89 1.60
C GLY F 117 -44.39 2.87 3.00
N VAL F 118 -43.75 1.79 3.28
CA VAL F 118 -43.15 1.48 4.59
C VAL F 118 -42.13 2.55 4.98
N SER F 119 -41.31 3.02 4.04
CA SER F 119 -40.37 4.15 4.09
C SER F 119 -40.93 5.52 4.31
N THR F 120 -42.15 5.75 4.07
CA THR F 120 -42.76 7.02 4.07
C THR F 120 -43.31 7.52 5.38
N ASP F 121 -42.89 8.70 5.73
CA ASP F 121 -43.52 9.69 6.59
C ASP F 121 -44.35 10.71 5.86
N ALA F 122 -45.11 11.38 6.62
CA ALA F 122 -46.18 12.24 6.23
C ALA F 122 -46.42 13.52 7.00
N ILE F 123 -46.68 14.47 6.19
CA ILE F 123 -47.14 15.81 6.40
C ILE F 123 -48.46 16.10 5.70
N SER F 124 -49.35 16.56 6.46
CA SER F 124 -50.71 16.96 6.18
C SER F 124 -50.76 18.42 5.80
N GLY F 125 -50.86 18.62 4.56
CA GLY F 125 -50.95 19.86 3.84
C GLY F 125 -52.28 20.48 3.52
N GLU F 126 -53.31 19.87 4.07
CA GLU F 126 -54.71 20.13 3.73
C GLU F 126 -55.06 21.59 3.84
N HIS F 127 -54.75 22.18 4.92
CA HIS F 127 -55.03 23.57 5.20
C HIS F 127 -53.75 24.47 5.04
N LEU F 128 -52.76 24.02 4.29
CA LEU F 128 -51.46 24.64 4.10
C LEU F 128 -51.06 25.00 2.67
N ILE F 129 -50.24 26.02 2.61
CA ILE F 129 -49.44 26.53 1.53
C ILE F 129 -47.96 26.19 1.69
N LEU F 130 -47.50 25.63 0.71
CA LEU F 130 -46.17 25.25 0.36
C LEU F 130 -45.51 26.12 -0.70
N THR F 131 -44.48 26.67 -0.32
CA THR F 131 -43.55 27.46 -1.06
C THR F 131 -42.13 26.87 -1.02
N ALA F 132 -41.46 27.16 -2.04
CA ALA F 132 -40.05 27.26 -2.05
C ALA F 132 -39.60 28.23 -0.97
N ALA F 133 -38.51 27.90 -0.39
CA ALA F 133 -37.78 28.75 0.51
C ALA F 133 -37.12 29.87 -0.28
N GLY F 134 -37.19 30.96 0.26
CA GLY F 134 -36.48 32.11 -0.15
C GLY F 134 -35.00 32.07 -0.10
N ILE F 135 -34.49 32.92 -0.96
CA ILE F 135 -33.12 33.15 -1.20
C ILE F 135 -32.80 34.64 -1.16
N ASP F 136 -31.90 34.99 -0.18
CA ASP F 136 -31.41 36.33 0.19
C ASP F 136 -29.98 36.48 -0.41
N THR F 137 -29.85 37.20 -1.47
CA THR F 137 -28.71 37.54 -2.26
C THR F 137 -27.82 38.67 -1.74
N HIS F 138 -28.21 39.36 -0.74
CA HIS F 138 -27.51 40.49 -0.19
C HIS F 138 -27.37 40.40 1.35
N ILE F 139 -26.55 39.51 1.78
CA ILE F 139 -26.26 39.22 3.16
C ILE F 139 -24.90 39.71 3.52
N HIS F 140 -24.90 40.52 4.46
CA HIS F 140 -23.76 40.87 5.25
C HIS F 140 -23.61 39.92 6.45
N LEU F 141 -22.51 39.24 6.48
CA LEU F 141 -22.01 38.30 7.46
C LEU F 141 -21.36 38.99 8.66
N ILE F 142 -22.21 39.72 9.30
CA ILE F 142 -21.91 40.47 10.44
C ILE F 142 -22.07 39.64 11.72
N SER F 143 -23.17 38.93 11.84
CA SER F 143 -23.69 38.10 12.94
C SER F 143 -24.20 36.73 12.49
N PRO F 144 -23.68 35.64 13.07
CA PRO F 144 -24.21 34.33 12.79
C PRO F 144 -25.69 34.05 13.06
N GLN F 145 -26.29 34.75 13.92
CA GLN F 145 -27.64 34.74 14.41
C GLN F 145 -28.70 35.19 13.41
N GLN F 146 -28.28 35.91 12.40
CA GLN F 146 -29.09 36.28 11.27
C GLN F 146 -29.82 35.08 10.63
N ALA F 147 -29.17 34.00 10.55
CA ALA F 147 -29.67 32.74 10.05
C ALA F 147 -30.96 32.31 10.69
N TYR F 148 -31.10 32.53 11.96
CA TYR F 148 -32.24 32.19 12.77
C TYR F 148 -33.41 33.09 12.46
N HIS F 149 -33.11 34.38 12.33
CA HIS F 149 -34.10 35.45 11.96
C HIS F 149 -34.59 35.11 10.55
N ALA F 150 -33.79 34.64 9.68
CA ALA F 150 -34.08 34.32 8.31
C ALA F 150 -35.02 33.09 8.18
N LEU F 151 -34.60 32.00 8.73
CA LEU F 151 -35.39 30.74 8.85
C LEU F 151 -36.79 30.99 9.42
N SER F 152 -36.93 31.87 10.25
CA SER F 152 -38.11 32.33 10.92
C SER F 152 -39.06 33.22 10.08
N ASN F 153 -38.63 33.67 8.94
CA ASN F 153 -39.38 34.25 7.82
C ASN F 153 -39.32 33.51 6.51
N GLY F 154 -38.97 32.30 6.53
CA GLY F 154 -38.92 31.51 5.42
C GLY F 154 -37.82 31.56 4.38
N VAL F 155 -36.65 32.03 4.76
CA VAL F 155 -35.41 32.12 4.06
C VAL F 155 -34.39 31.15 4.63
N ALA F 156 -33.88 30.44 3.81
CA ALA F 156 -32.94 29.34 3.87
C ALA F 156 -31.71 29.30 3.00
N THR F 157 -31.47 30.29 2.19
CA THR F 157 -30.26 30.48 1.44
C THR F 157 -29.77 31.98 1.55
N PHE F 158 -28.52 32.13 1.81
CA PHE F 158 -27.71 33.34 1.97
C PHE F 158 -26.62 33.36 0.87
N PHE F 159 -26.53 34.41 0.21
CA PHE F 159 -25.50 34.88 -0.66
C PHE F 159 -25.08 36.26 -0.12
N GLY F 160 -23.86 36.40 0.01
CA GLY F 160 -23.03 37.43 0.53
C GLY F 160 -21.67 37.08 1.01
N GLY F 161 -21.29 37.89 1.90
CA GLY F 161 -19.99 38.04 2.45
C GLY F 161 -19.82 38.81 3.73
N GLY F 162 -18.67 38.66 4.22
CA GLY F 162 -18.13 39.16 5.40
C GLY F 162 -17.19 38.21 6.18
N ILE F 163 -16.80 38.69 7.32
CA ILE F 163 -15.92 38.07 8.29
C ILE F 163 -16.23 38.42 9.75
N GLY F 164 -17.50 38.64 10.09
CA GLY F 164 -18.05 39.10 11.35
C GLY F 164 -18.09 40.60 11.44
N PRO F 165 -18.22 41.23 12.60
CA PRO F 165 -18.42 42.66 12.64
C PRO F 165 -17.23 43.61 12.40
N THR F 166 -16.49 43.44 11.35
CA THR F 166 -15.40 44.36 10.95
C THR F 166 -16.06 45.50 10.20
N ASP F 167 -15.42 46.62 10.13
CA ASP F 167 -15.91 47.82 9.42
C ASP F 167 -16.11 47.57 7.91
N GLY F 168 -15.32 46.76 7.34
CA GLY F 168 -15.50 46.33 5.99
C GLY F 168 -16.76 45.50 5.71
N THR F 169 -17.11 44.67 6.62
CA THR F 169 -18.30 43.84 6.59
C THR F 169 -19.47 44.63 6.90
N ASN F 170 -19.39 45.54 7.84
CA ASN F 170 -20.49 46.39 8.15
C ASN F 170 -20.95 47.16 6.90
N GLY F 171 -20.05 47.53 6.08
CA GLY F 171 -20.36 48.13 4.80
C GLY F 171 -20.43 47.37 3.55
N THR F 172 -19.77 46.25 3.46
CA THR F 172 -19.79 45.52 2.21
C THR F 172 -19.92 44.01 2.46
N THR F 173 -20.38 43.28 1.50
CA THR F 173 -20.58 41.85 1.22
C THR F 173 -19.38 41.17 0.54
N VAL F 174 -18.30 41.32 1.27
CA VAL F 174 -16.96 40.88 0.83
C VAL F 174 -16.31 40.03 1.94
N THR F 175 -15.67 38.99 1.55
CA THR F 175 -14.86 38.05 2.30
C THR F 175 -13.54 38.09 1.57
N PRO F 176 -12.64 38.97 1.98
CA PRO F 176 -11.47 39.21 1.20
C PRO F 176 -10.31 38.25 1.39
N GLY F 177 -9.97 37.72 0.35
CA GLY F 177 -8.88 36.84 0.12
C GLY F 177 -8.98 35.40 0.52
N PRO F 178 -8.14 34.56 -0.04
CA PRO F 178 -8.16 33.11 0.18
C PRO F 178 -8.12 32.58 1.65
N TRP F 179 -7.47 33.27 2.54
CA TRP F 179 -7.44 32.93 3.96
C TRP F 179 -8.77 33.14 4.61
N ASN F 180 -9.28 34.31 4.52
CA ASN F 180 -10.57 34.73 4.99
C ASN F 180 -11.73 33.89 4.41
N ILE F 181 -11.68 33.57 3.14
CA ILE F 181 -12.65 32.72 2.44
C ILE F 181 -12.69 31.34 3.08
N ARG F 182 -11.54 30.70 3.22
CA ARG F 182 -11.33 29.37 3.82
C ARG F 182 -11.94 29.30 5.21
N GLN F 183 -11.67 30.28 5.96
CA GLN F 183 -12.14 30.54 7.31
C GLN F 183 -13.61 30.63 7.39
N MET F 184 -14.17 31.32 6.48
CA MET F 184 -15.53 31.57 6.41
C MET F 184 -16.32 30.35 5.90
N LEU F 185 -15.80 29.63 4.95
CA LEU F 185 -16.32 28.36 4.51
C LEU F 185 -16.46 27.38 5.70
N ARG F 186 -15.46 27.27 6.48
CA ARG F 186 -15.32 26.45 7.66
C ARG F 186 -16.29 26.84 8.77
N SER F 187 -16.54 28.08 8.98
CA SER F 187 -17.43 28.64 9.92
C SER F 187 -18.87 28.34 9.64
N VAL F 188 -19.28 28.46 8.40
CA VAL F 188 -20.64 28.36 7.96
C VAL F 188 -21.16 26.95 8.06
N GLU F 189 -20.29 26.00 8.16
CA GLU F 189 -20.56 24.65 8.60
C GLU F 189 -21.41 24.57 9.87
N GLY F 190 -21.37 25.54 10.68
CA GLY F 190 -22.14 25.71 11.79
C GLY F 190 -23.46 26.43 11.68
N LEU F 191 -23.90 26.67 10.49
CA LEU F 191 -25.10 27.36 10.19
C LEU F 191 -26.17 26.51 9.43
N PRO F 192 -27.34 26.71 9.68
CA PRO F 192 -28.40 25.87 9.16
C PRO F 192 -29.09 26.32 7.89
N VAL F 193 -28.41 27.14 7.16
CA VAL F 193 -28.69 27.71 5.88
C VAL F 193 -27.64 27.40 4.86
N ASN F 194 -28.04 27.34 3.65
CA ASN F 194 -27.20 27.28 2.50
C ASN F 194 -26.45 28.60 2.41
N VAL F 195 -25.29 28.58 1.86
CA VAL F 195 -24.34 29.70 1.71
C VAL F 195 -23.48 29.62 0.45
N GLY F 196 -23.39 30.73 -0.13
CA GLY F 196 -22.33 31.08 -1.04
C GLY F 196 -21.69 32.42 -0.74
N ILE F 197 -20.45 32.46 -0.89
CA ILE F 197 -19.62 33.58 -0.47
C ILE F 197 -19.14 34.35 -1.70
N LEU F 198 -19.13 35.64 -1.50
CA LEU F 198 -18.57 36.68 -2.32
C LEU F 198 -17.24 37.30 -1.89
N GLY F 199 -16.49 37.40 -2.75
CA GLY F 199 -15.19 38.02 -2.85
C GLY F 199 -15.07 39.49 -3.26
N LYS F 200 -13.92 40.06 -3.12
CA LYS F 200 -13.57 41.44 -3.41
C LYS F 200 -13.10 41.55 -4.84
N GLY F 201 -13.78 42.20 -5.56
CA GLY F 201 -13.64 42.46 -6.98
C GLY F 201 -12.69 43.58 -7.39
N ASN F 202 -12.41 44.48 -6.50
CA ASN F 202 -11.60 45.67 -6.87
C ASN F 202 -10.15 45.26 -7.00
N SER F 203 -9.71 44.86 -8.14
CA SER F 203 -8.38 44.40 -8.52
C SER F 203 -7.89 44.86 -9.90
N TYR F 204 -6.62 45.10 -10.08
CA TYR F 204 -6.10 45.47 -11.41
C TYR F 204 -5.79 44.18 -12.23
N GLY F 205 -4.87 43.28 -11.95
CA GLY F 205 -4.74 42.08 -12.84
C GLY F 205 -5.71 40.92 -12.49
N ARG F 206 -5.58 39.79 -13.17
CA ARG F 206 -6.25 38.55 -12.97
C ARG F 206 -5.86 37.82 -11.67
N GLY F 207 -4.68 37.95 -11.22
CA GLY F 207 -4.14 37.25 -10.09
C GLY F 207 -4.97 37.21 -8.86
N PRO F 208 -5.29 38.41 -8.36
CA PRO F 208 -6.03 38.55 -7.14
C PRO F 208 -7.46 38.10 -7.15
N LEU F 209 -8.07 38.04 -8.30
CA LEU F 209 -9.39 37.54 -8.57
C LEU F 209 -9.43 36.01 -8.66
N LEU F 210 -8.46 35.46 -9.32
CA LEU F 210 -8.37 34.04 -9.62
C LEU F 210 -8.22 33.22 -8.34
N GLU F 211 -7.34 33.66 -7.48
CA GLU F 211 -7.05 33.43 -6.07
C GLU F 211 -8.28 33.11 -5.28
N GLN F 212 -9.17 34.01 -5.31
CA GLN F 212 -10.37 33.94 -4.54
C GLN F 212 -11.39 32.93 -5.14
N ALA F 213 -11.49 32.89 -6.44
CA ALA F 213 -12.19 31.95 -7.30
C ALA F 213 -11.85 30.49 -6.94
N ILE F 214 -10.61 30.13 -6.96
CA ILE F 214 -10.12 28.83 -6.58
C ILE F 214 -10.37 28.53 -5.08
N ALA F 215 -10.18 29.54 -4.24
CA ALA F 215 -10.41 29.46 -2.77
C ALA F 215 -11.89 29.09 -2.54
N GLY F 216 -12.82 29.33 -3.47
CA GLY F 216 -14.21 28.89 -3.40
C GLY F 216 -15.33 29.92 -3.61
N VAL F 217 -15.12 31.21 -3.91
CA VAL F 217 -16.24 32.19 -4.01
C VAL F 217 -17.15 31.88 -5.22
N VAL F 218 -18.36 32.32 -5.19
CA VAL F 218 -19.42 32.23 -6.17
C VAL F 218 -19.68 33.50 -6.95
N GLY F 219 -18.87 34.49 -6.64
CA GLY F 219 -19.04 35.77 -7.04
C GLY F 219 -18.01 36.78 -6.52
N TYR F 220 -18.00 37.88 -7.13
CA TYR F 220 -17.25 39.09 -6.77
C TYR F 220 -18.20 40.27 -6.56
N VAL F 222 -18.18 44.19 -6.14
CA VAL F 222 -17.76 45.57 -6.43
C VAL F 222 -18.57 46.67 -5.72
N HIS F 223 -17.89 47.25 -4.78
CA HIS F 223 -18.32 48.21 -3.79
C HIS F 223 -17.50 49.51 -3.81
N GLU F 224 -18.17 50.67 -3.65
CA GLU F 224 -17.58 52.02 -3.57
C GLU F 224 -16.55 52.15 -2.48
N ASP F 225 -16.87 51.64 -1.35
CA ASP F 225 -16.07 51.54 -0.17
C ASP F 225 -14.69 50.97 -0.33
N TRP F 226 -14.55 50.11 -1.28
CA TRP F 226 -13.24 49.58 -1.63
C TRP F 226 -12.81 50.10 -3.03
N GLY F 227 -13.56 51.01 -3.64
CA GLY F 227 -13.47 51.48 -5.05
C GLY F 227 -14.38 50.90 -6.11
N ALA F 228 -15.48 51.54 -6.51
CA ALA F 228 -16.41 51.08 -7.59
C ALA F 228 -16.04 51.73 -8.96
N THR F 229 -14.82 51.58 -9.36
CA THR F 229 -14.11 52.06 -10.53
C THR F 229 -14.48 51.29 -11.78
N ALA F 230 -14.21 51.90 -12.94
CA ALA F 230 -14.35 51.25 -14.20
C ALA F 230 -13.42 50.07 -14.30
N ASN F 231 -12.27 50.25 -13.78
CA ASN F 231 -11.24 49.24 -13.72
C ASN F 231 -11.73 47.98 -13.01
N ALA F 232 -12.24 48.15 -11.83
CA ALA F 232 -12.81 47.13 -10.99
C ALA F 232 -13.81 46.27 -11.73
N LEU F 233 -14.81 46.94 -12.26
CA LEU F 233 -15.85 46.40 -13.07
C LEU F 233 -15.36 45.57 -14.19
N ARG F 234 -14.56 46.15 -15.02
CA ARG F 234 -14.02 45.56 -16.17
C ARG F 234 -13.26 44.29 -15.84
N HIS F 235 -12.37 44.30 -14.85
CA HIS F 235 -11.57 43.14 -14.60
C HIS F 235 -12.40 42.00 -13.93
N SER F 236 -13.24 42.34 -13.01
CA SER F 236 -14.26 41.53 -12.34
C SER F 236 -15.18 40.76 -13.26
N LEU F 237 -15.72 41.45 -14.23
CA LEU F 237 -16.54 40.87 -15.24
C LEU F 237 -15.81 39.98 -16.21
N ARG F 238 -14.67 40.37 -16.64
CA ARG F 238 -13.81 39.51 -17.48
C ARG F 238 -13.41 38.20 -16.80
N MET F 239 -13.06 38.25 -15.58
CA MET F 239 -12.78 37.10 -14.76
C MET F 239 -14.00 36.23 -14.57
N ALA F 240 -15.12 36.83 -14.32
CA ALA F 240 -16.40 36.19 -14.11
C ALA F 240 -16.83 35.31 -15.23
N ASP F 241 -16.68 35.81 -16.38
CA ASP F 241 -16.97 35.15 -17.59
C ASP F 241 -16.04 33.97 -17.76
N GLU F 242 -14.83 34.12 -17.31
CA GLU F 242 -13.88 33.04 -17.30
C GLU F 242 -14.27 31.92 -16.30
N MET F 243 -14.64 32.26 -15.12
CA MET F 243 -14.87 31.42 -13.99
C MET F 243 -16.30 30.88 -13.82
N ASP F 244 -17.25 31.29 -14.64
CA ASP F 244 -18.67 31.13 -14.47
C ASP F 244 -19.18 31.41 -13.06
N ILE F 245 -18.96 32.59 -12.67
CA ILE F 245 -19.45 33.19 -11.51
C ILE F 245 -20.03 34.58 -11.76
N GLN F 246 -20.75 35.05 -10.82
CA GLN F 246 -21.49 36.29 -10.79
C GLN F 246 -20.71 37.49 -10.23
N VAL F 247 -21.15 38.64 -10.60
CA VAL F 247 -20.71 39.94 -10.15
C VAL F 247 -21.90 40.76 -9.77
N SER F 248 -21.86 41.25 -8.59
CA SER F 248 -22.72 42.13 -7.89
C SER F 248 -21.98 43.47 -7.67
N VAL F 249 -22.74 44.55 -7.66
CA VAL F 249 -22.32 45.94 -7.61
C VAL F 249 -23.19 46.86 -6.82
N HIS F 250 -22.50 47.65 -6.09
CA HIS F 250 -22.79 48.84 -5.30
C HIS F 250 -21.95 50.01 -5.88
N THR F 251 -22.62 50.83 -6.64
CA THR F 251 -21.95 51.84 -7.49
C THR F 251 -21.53 53.08 -6.69
N ASP F 252 -20.73 53.88 -7.29
CA ASP F 252 -20.15 55.15 -6.82
C ASP F 252 -21.28 56.19 -6.56
N SER F 253 -21.63 56.48 -5.34
CA SER F 253 -22.70 57.44 -4.96
C SER F 253 -22.30 58.92 -5.19
N LEU F 254 -21.05 59.23 -5.08
CA LEU F 254 -20.38 60.54 -5.18
C LEU F 254 -20.13 61.09 -6.58
N ASN F 255 -20.31 60.32 -7.55
CA ASN F 255 -20.04 60.44 -8.96
C ASN F 255 -18.53 60.77 -9.34
N GLU F 256 -17.65 60.38 -8.41
CA GLU F 256 -16.20 60.61 -8.46
C GLU F 256 -15.61 60.22 -9.82
N CYS F 257 -15.61 58.97 -10.25
CA CYS F 257 -14.95 58.57 -11.49
C CYS F 257 -15.93 58.62 -12.64
N GLY F 258 -17.19 59.05 -12.47
CA GLY F 258 -18.27 58.94 -13.42
C GLY F 258 -19.69 59.04 -12.92
N TYR F 259 -20.55 59.17 -13.87
CA TYR F 259 -21.97 59.11 -13.81
C TYR F 259 -22.39 57.69 -14.20
N VAL F 260 -23.62 57.38 -13.92
CA VAL F 260 -24.29 56.14 -14.22
C VAL F 260 -24.07 55.60 -15.64
N GLU F 261 -24.17 56.45 -16.60
CA GLU F 261 -23.85 56.16 -17.98
C GLU F 261 -22.44 55.60 -18.21
N ASP F 262 -21.45 56.13 -17.52
CA ASP F 262 -20.10 55.63 -17.54
C ASP F 262 -19.96 54.26 -16.85
N THR F 263 -20.62 54.09 -15.73
CA THR F 263 -20.78 52.77 -15.09
C THR F 263 -21.34 51.76 -16.04
N ILE F 264 -22.37 52.13 -16.73
CA ILE F 264 -23.05 51.27 -17.69
C ILE F 264 -22.10 50.80 -18.75
N ASP F 265 -21.25 51.67 -19.21
CA ASP F 265 -20.28 51.40 -20.20
C ASP F 265 -19.14 50.52 -19.67
N ALA F 266 -18.81 50.63 -18.40
CA ALA F 266 -17.91 49.75 -17.69
C ALA F 266 -18.42 48.32 -17.63
N PHE F 267 -19.73 48.12 -17.57
CA PHE F 267 -20.34 46.79 -17.64
C PHE F 267 -20.06 46.07 -18.94
N GLU F 268 -19.98 46.78 -20.04
CA GLU F 268 -19.53 46.31 -21.31
C GLU F 268 -20.38 45.10 -21.83
N GLY F 269 -21.63 45.25 -21.72
CA GLY F 269 -22.80 44.44 -21.92
C GLY F 269 -22.90 43.07 -21.25
N ARG F 270 -22.01 42.85 -20.33
CA ARG F 270 -21.74 41.69 -19.54
C ARG F 270 -22.75 41.55 -18.41
N THR F 271 -23.14 40.34 -18.10
CA THR F 271 -24.08 40.06 -17.05
C THR F 271 -23.61 40.57 -15.67
N ILE F 272 -24.48 41.23 -15.01
CA ILE F 272 -24.33 41.86 -13.70
C ILE F 272 -25.59 42.02 -12.89
N HIS F 273 -25.39 41.80 -11.61
CA HIS F 273 -26.31 41.95 -10.54
C HIS F 273 -26.06 43.27 -9.80
N THR F 274 -26.99 44.04 -9.81
CA THR F 274 -27.12 45.39 -9.27
C THR F 274 -27.97 45.41 -8.04
N PHE F 275 -27.35 45.56 -6.83
CA PHE F 275 -27.94 45.71 -5.50
C PHE F 275 -28.65 47.06 -5.34
N HIS F 276 -29.56 47.21 -4.42
CA HIS F 276 -30.28 48.45 -4.12
C HIS F 276 -30.32 49.39 -5.36
N THR F 277 -31.02 48.97 -6.42
CA THR F 277 -31.06 49.59 -7.77
C THR F 277 -31.62 51.03 -7.73
N GLU F 278 -32.48 51.31 -6.81
CA GLU F 278 -33.06 52.62 -6.47
C GLU F 278 -32.06 53.68 -6.02
N GLY F 279 -31.10 53.31 -5.22
CA GLY F 279 -30.07 54.12 -4.65
C GLY F 279 -30.08 54.52 -3.18
N ALA F 280 -31.17 54.40 -2.44
CA ALA F 280 -31.15 54.75 -1.00
C ALA F 280 -30.03 54.03 -0.23
N GLY F 281 -29.73 52.80 -0.60
CA GLY F 281 -28.70 51.93 -0.07
C GLY F 281 -27.31 52.04 -0.62
N GLY F 282 -27.10 53.00 -1.49
CA GLY F 282 -25.99 53.24 -2.28
C GLY F 282 -26.21 53.28 -3.79
N GLY F 283 -25.47 54.14 -4.47
CA GLY F 283 -25.41 54.20 -5.90
C GLY F 283 -25.49 55.62 -6.39
N HIS F 284 -24.97 55.80 -7.59
CA HIS F 284 -24.92 57.01 -8.41
C HIS F 284 -26.19 57.81 -8.18
N ALA F 285 -26.00 58.94 -7.68
CA ALA F 285 -27.10 59.80 -7.29
C ALA F 285 -27.46 60.79 -8.37
N PRO F 286 -28.72 61.02 -8.68
CA PRO F 286 -29.97 60.52 -8.17
C PRO F 286 -30.48 59.30 -8.88
N ASP F 287 -29.76 58.82 -9.87
CA ASP F 287 -30.27 58.11 -11.05
C ASP F 287 -29.71 56.72 -11.38
N ILE F 288 -29.19 56.02 -10.44
CA ILE F 288 -28.80 54.61 -10.58
C ILE F 288 -29.90 53.68 -11.10
N ILE F 289 -31.13 53.98 -10.86
CA ILE F 289 -32.41 53.35 -11.28
C ILE F 289 -32.56 53.07 -12.77
N ARG F 290 -31.80 53.76 -13.56
CA ARG F 290 -31.75 53.65 -15.01
C ARG F 290 -31.05 52.41 -15.55
N VAL F 291 -30.28 51.74 -14.74
CA VAL F 291 -29.67 50.47 -15.00
C VAL F 291 -30.74 49.36 -15.20
N ALA F 292 -31.94 49.50 -14.67
CA ALA F 292 -33.11 48.62 -14.81
C ALA F 292 -33.70 48.56 -16.23
N SER F 293 -33.21 49.37 -17.17
CA SER F 293 -33.47 49.42 -18.62
C SER F 293 -32.57 48.54 -19.50
N GLN F 294 -31.60 48.10 -19.03
CA GLN F 294 -30.59 47.38 -19.68
C GLN F 294 -30.79 45.84 -19.57
N PRO F 295 -30.58 45.14 -20.67
CA PRO F 295 -30.80 43.66 -20.75
C PRO F 295 -29.82 42.77 -20.02
N ASN F 296 -28.69 43.26 -19.69
CA ASN F 296 -27.58 42.64 -19.01
C ASN F 296 -27.58 42.80 -17.51
N VAL F 297 -28.42 43.62 -17.02
CA VAL F 297 -28.60 43.95 -15.65
C VAL F 297 -29.77 43.14 -15.09
N LEU F 298 -29.49 42.52 -13.99
CA LEU F 298 -30.33 41.71 -13.15
C LEU F 298 -30.54 42.48 -11.88
N PRO F 299 -31.61 43.22 -11.80
CA PRO F 299 -31.77 44.16 -10.75
C PRO F 299 -32.51 43.68 -9.52
N SER F 300 -32.01 44.11 -8.47
CA SER F 300 -32.44 44.02 -7.12
C SER F 300 -32.57 45.33 -6.40
N SER F 301 -33.53 45.34 -5.42
CA SER F 301 -33.76 46.31 -4.34
C SER F 301 -33.53 45.70 -2.97
N THR F 302 -33.07 46.47 -2.03
CA THR F 302 -32.98 46.05 -0.63
C THR F 302 -34.34 46.30 0.00
N ASN F 303 -34.65 45.58 1.03
CA ASN F 303 -36.01 45.59 1.55
C ASN F 303 -36.32 46.81 2.39
N PRO F 304 -35.58 47.94 3.01
CA PRO F 304 -36.15 48.99 3.88
C PRO F 304 -37.07 50.03 3.20
N THR F 305 -37.05 50.20 1.89
CA THR F 305 -37.91 51.06 1.09
C THR F 305 -39.23 50.46 0.58
N LEU F 306 -39.43 49.20 0.75
CA LEU F 306 -40.55 48.41 0.31
C LEU F 306 -41.36 47.87 1.49
N PRO F 307 -42.58 48.26 1.73
CA PRO F 307 -43.32 49.18 0.95
C PRO F 307 -42.96 50.59 1.35
N TYR F 308 -43.37 51.53 0.56
CA TYR F 308 -43.20 52.96 0.79
C TYR F 308 -44.24 53.47 1.73
N GLY F 309 -43.76 53.92 2.83
CA GLY F 309 -44.58 54.44 3.86
C GLY F 309 -44.21 55.84 4.34
N VAL F 310 -45.08 56.33 5.16
CA VAL F 310 -45.12 57.66 5.73
C VAL F 310 -43.95 57.98 6.65
N ASN F 311 -43.41 57.02 7.29
CA ASN F 311 -42.22 57.10 8.08
C ASN F 311 -40.94 56.81 7.30
N SER F 312 -41.01 56.53 6.02
CA SER F 312 -39.87 56.06 5.24
C SER F 312 -38.80 57.12 5.03
N GLN F 313 -39.18 58.34 4.87
CA GLN F 313 -38.21 59.39 4.61
C GLN F 313 -37.46 59.78 5.86
N ALA F 314 -38.17 60.05 6.92
CA ALA F 314 -37.62 60.21 8.27
C ALA F 314 -36.61 59.16 8.70
N GLU F 315 -36.88 57.93 8.43
CA GLU F 315 -36.07 56.83 8.84
C GLU F 315 -34.75 56.83 8.14
N LEU F 316 -34.81 56.93 6.85
CA LEU F 316 -33.71 56.75 5.94
C LEU F 316 -32.71 57.87 6.08
N PHE F 317 -33.21 59.09 6.17
CA PHE F 317 -32.44 60.27 6.44
C PHE F 317 -31.56 60.04 7.62
N ASP F 318 -32.20 59.74 8.70
CA ASP F 318 -31.52 59.64 9.96
C ASP F 318 -30.53 58.49 9.95
N MET F 319 -30.88 57.41 9.30
CA MET F 319 -30.07 56.20 9.13
C MET F 319 -28.75 56.41 8.45
N ILE F 320 -28.75 57.14 7.33
CA ILE F 320 -27.51 57.42 6.64
C ILE F 320 -26.67 58.30 7.47
N MET F 321 -27.27 59.30 8.03
CA MET F 321 -26.56 60.22 8.84
C MET F 321 -25.94 59.59 10.01
N VAL F 322 -26.32 58.37 10.36
CA VAL F 322 -25.54 57.61 11.28
C VAL F 322 -24.76 56.53 10.63
N CYS F 323 -25.27 55.92 9.56
CA CYS F 323 -24.54 54.91 8.86
C CYS F 323 -23.15 55.44 8.49
N HIS F 324 -23.10 56.68 7.99
CA HIS F 324 -21.88 57.35 7.56
C HIS F 324 -21.38 58.37 8.57
N ASN F 325 -21.70 58.18 9.85
CA ASN F 325 -21.37 59.13 10.89
C ASN F 325 -21.31 60.61 10.49
N LEU F 326 -22.37 61.11 9.91
CA LEU F 326 -22.32 62.46 9.49
C LEU F 326 -22.67 63.37 10.63
N VAL F 334 -25.08 67.22 4.57
CA VAL F 334 -26.52 67.19 4.42
C VAL F 334 -26.98 67.28 3.02
N SER F 335 -26.03 67.44 2.14
CA SER F 335 -26.28 67.56 0.75
C SER F 335 -25.90 66.28 0.07
N PHE F 336 -25.12 65.46 0.76
CA PHE F 336 -25.02 64.06 0.48
C PHE F 336 -26.31 63.37 0.92
N ALA F 337 -26.93 63.86 2.01
CA ALA F 337 -28.07 63.18 2.63
C ALA F 337 -29.33 63.28 1.80
N GLU F 338 -29.77 64.48 1.49
CA GLU F 338 -31.02 64.78 0.78
C GLU F 338 -30.93 64.50 -0.71
N SER F 339 -29.77 64.10 -1.16
CA SER F 339 -29.52 63.62 -2.49
C SER F 339 -29.50 62.12 -2.59
N ARG F 340 -29.28 61.48 -1.46
CA ARG F 340 -29.23 60.07 -1.23
C ARG F 340 -30.62 59.54 -0.97
N VAL F 341 -31.47 60.35 -0.38
CA VAL F 341 -32.72 59.97 0.15
C VAL F 341 -33.79 60.82 -0.52
N ARG F 342 -34.40 60.22 -1.50
CA ARG F 342 -35.28 60.80 -2.49
C ARG F 342 -36.66 60.17 -2.51
N PRO F 343 -37.67 60.85 -1.99
CA PRO F 343 -39.04 60.30 -2.02
C PRO F 343 -39.51 59.83 -3.37
N GLU F 344 -39.10 60.57 -4.39
CA GLU F 344 -39.46 60.34 -5.78
C GLU F 344 -38.94 59.04 -6.34
N THR F 345 -37.73 58.69 -6.03
CA THR F 345 -37.19 57.49 -6.58
C THR F 345 -37.64 56.24 -5.76
N ILE F 346 -37.97 56.43 -4.49
CA ILE F 346 -38.42 55.40 -3.59
C ILE F 346 -39.79 54.91 -4.03
N ALA F 347 -40.71 55.81 -4.25
CA ALA F 347 -41.97 55.55 -4.90
C ALA F 347 -41.82 54.87 -6.23
N ALA F 348 -40.87 55.32 -6.98
CA ALA F 348 -40.62 54.77 -8.27
C ALA F 348 -40.21 53.32 -8.19
N GLU F 349 -39.41 52.96 -7.19
CA GLU F 349 -38.91 51.61 -6.95
C GLU F 349 -40.12 50.63 -6.78
N ASN F 350 -41.08 51.00 -6.01
CA ASN F 350 -42.35 50.38 -5.68
C ASN F 350 -43.14 50.07 -6.95
N VAL F 351 -43.24 51.03 -7.81
CA VAL F 351 -43.94 50.90 -9.06
C VAL F 351 -43.24 49.97 -10.00
N LEU F 352 -41.97 50.09 -10.10
CA LEU F 352 -41.21 49.30 -10.99
C LEU F 352 -41.21 47.80 -10.64
N HIS F 353 -41.25 47.53 -9.37
CA HIS F 353 -41.48 46.23 -8.79
C HIS F 353 -42.75 45.62 -9.32
N ASP F 354 -43.85 46.32 -9.14
CA ASP F 354 -45.15 45.96 -9.63
C ASP F 354 -45.25 45.78 -11.10
N MET F 355 -44.43 46.41 -11.86
CA MET F 355 -44.32 46.28 -13.31
C MET F 355 -43.51 45.10 -13.79
N GLY F 356 -42.74 44.50 -12.97
CA GLY F 356 -41.75 43.55 -13.35
C GLY F 356 -40.44 44.08 -13.91
N VAL F 357 -40.07 45.28 -13.57
CA VAL F 357 -38.86 45.93 -13.98
C VAL F 357 -37.69 45.78 -12.98
N ILE F 358 -37.91 45.72 -11.69
CA ILE F 358 -36.95 45.29 -10.66
C ILE F 358 -37.30 43.84 -10.24
N SER F 359 -36.36 42.97 -10.38
CA SER F 359 -36.60 41.57 -10.46
C SER F 359 -36.45 40.75 -9.14
N MET F 360 -35.88 41.28 -8.12
CA MET F 360 -35.52 40.75 -6.82
C MET F 360 -35.49 41.68 -5.63
N PHE F 361 -35.95 41.13 -4.53
CA PHE F 361 -35.89 41.58 -3.22
C PHE F 361 -34.65 40.98 -2.55
N SER F 362 -34.13 41.65 -1.56
CA SER F 362 -32.93 41.41 -0.77
C SER F 362 -32.94 42.23 0.48
N SER F 363 -31.94 41.80 1.38
CA SER F 363 -31.97 42.41 2.70
C SER F 363 -30.85 43.40 2.87
N ASP F 364 -29.78 43.23 2.61
CA ASP F 364 -28.72 44.15 3.01
C ASP F 364 -28.46 44.05 4.54
N SER F 365 -28.53 42.84 5.08
CA SER F 365 -28.64 42.50 6.51
C SER F 365 -27.69 43.29 7.36
N GLN F 366 -28.23 44.04 8.29
CA GLN F 366 -27.55 44.87 9.29
C GLN F 366 -26.56 45.87 8.71
N ALA F 367 -26.82 46.21 7.48
CA ALA F 367 -26.31 47.26 6.62
C ALA F 367 -27.43 47.89 5.74
N MET F 368 -28.40 48.38 6.42
CA MET F 368 -29.63 49.07 6.16
C MET F 368 -30.94 48.28 5.94
N GLY F 369 -30.86 46.98 5.75
CA GLY F 369 -32.08 46.17 5.65
C GLY F 369 -32.24 45.08 6.71
N ARG F 370 -33.26 44.20 6.58
CA ARG F 370 -33.92 43.35 7.60
C ARG F 370 -34.12 41.92 7.03
N VAL F 371 -33.17 41.08 7.35
CA VAL F 371 -32.97 39.70 7.10
C VAL F 371 -34.13 38.84 7.40
N GLY F 372 -34.94 39.22 8.30
CA GLY F 372 -36.14 38.50 8.70
C GLY F 372 -37.50 39.02 8.27
N GLU F 373 -37.50 39.79 7.22
CA GLU F 373 -38.60 40.53 6.68
C GLU F 373 -38.79 40.52 5.14
N ASN F 374 -38.04 39.78 4.39
CA ASN F 374 -38.11 39.63 2.92
C ASN F 374 -39.42 39.02 2.43
N TRP F 375 -39.89 37.95 3.06
CA TRP F 375 -41.17 37.33 2.73
C TRP F 375 -42.29 38.25 3.20
N LEU F 376 -42.15 38.86 4.38
CA LEU F 376 -43.11 39.84 4.93
C LEU F 376 -43.26 41.05 4.02
N ARG F 377 -42.17 41.54 3.44
CA ARG F 377 -42.23 42.85 2.88
C ARG F 377 -42.80 42.81 1.44
N VAL F 378 -42.43 41.78 0.73
CA VAL F 378 -42.89 41.27 -0.54
C VAL F 378 -44.42 41.25 -0.62
N MET F 379 -45.03 40.59 0.32
CA MET F 379 -46.46 40.53 0.54
C MET F 379 -47.04 41.87 0.91
N GLN F 380 -46.39 42.56 1.73
CA GLN F 380 -46.77 43.91 2.14
C GLN F 380 -46.82 44.91 0.93
N THR F 381 -45.88 44.80 0.04
CA THR F 381 -45.72 45.56 -1.19
C THR F 381 -46.80 45.23 -2.21
N ALA F 382 -47.00 43.96 -2.56
CA ALA F 382 -48.06 43.45 -3.41
C ALA F 382 -49.40 44.01 -3.04
N ASN F 383 -49.70 44.03 -1.80
CA ASN F 383 -50.93 44.50 -1.21
C ASN F 383 -51.07 45.99 -1.17
N ALA F 384 -50.02 46.72 -0.91
CA ALA F 384 -50.09 48.18 -1.00
C ALA F 384 -50.32 48.63 -2.45
N MET F 385 -49.68 47.98 -3.35
CA MET F 385 -49.73 48.22 -4.77
C MET F 385 -51.06 47.86 -5.43
N LYS F 386 -51.72 46.79 -5.01
CA LYS F 386 -53.07 46.46 -5.45
C LYS F 386 -54.02 47.58 -5.11
N ALA F 387 -53.92 48.03 -3.92
CA ALA F 387 -54.68 49.13 -3.42
C ALA F 387 -54.53 50.39 -4.30
N SER F 388 -53.31 50.79 -4.57
CA SER F 388 -53.01 52.02 -5.31
C SER F 388 -53.21 51.98 -6.80
N ARG F 389 -52.96 50.88 -7.42
CA ARG F 389 -52.91 50.69 -8.85
C ARG F 389 -54.02 49.84 -9.40
N GLY F 390 -54.68 49.05 -8.59
CA GLY F 390 -55.52 47.96 -8.95
C GLY F 390 -54.88 46.78 -9.56
N LYS F 391 -55.67 46.08 -10.36
CA LYS F 391 -55.26 44.86 -10.96
C LYS F 391 -54.31 45.13 -12.04
N LEU F 392 -53.23 44.47 -11.97
CA LEU F 392 -52.40 44.32 -13.08
C LEU F 392 -53.18 43.90 -14.30
N PRO F 393 -52.73 44.33 -15.46
CA PRO F 393 -53.50 44.07 -16.68
C PRO F 393 -53.64 42.65 -17.03
N GLU F 394 -52.59 41.88 -16.82
CA GLU F 394 -52.54 40.44 -16.92
C GLU F 394 -53.23 39.67 -15.80
N ASP F 395 -53.64 40.29 -14.72
CA ASP F 395 -54.46 39.58 -13.78
C ASP F 395 -55.76 39.14 -14.43
N ALA F 396 -56.20 38.15 -13.99
CA ALA F 396 -57.52 37.57 -14.13
C ALA F 396 -58.50 38.25 -13.20
N PRO F 397 -59.71 38.45 -13.63
CA PRO F 397 -60.63 39.27 -12.85
C PRO F 397 -60.96 38.78 -11.49
N GLY F 398 -61.10 37.49 -11.30
CA GLY F 398 -61.49 37.07 -9.99
C GLY F 398 -60.37 36.93 -8.99
N ASN F 399 -59.13 36.87 -9.44
CA ASN F 399 -57.97 36.60 -8.60
C ASN F 399 -56.69 37.39 -8.89
N ASP F 400 -55.84 37.36 -7.87
CA ASP F 400 -54.57 37.98 -7.73
C ASP F 400 -53.35 37.11 -7.96
N ASN F 401 -53.51 36.01 -8.63
CA ASN F 401 -52.47 35.06 -8.95
C ASN F 401 -51.30 35.68 -9.72
N PHE F 402 -51.54 36.35 -10.83
CA PHE F 402 -50.52 36.98 -11.63
C PHE F 402 -49.61 37.83 -10.77
N ARG F 403 -50.19 38.67 -9.96
CA ARG F 403 -49.52 39.54 -9.08
C ARG F 403 -48.66 38.81 -8.05
N VAL F 404 -49.30 38.00 -7.25
CA VAL F 404 -48.67 37.23 -6.20
C VAL F 404 -47.48 36.53 -6.70
N LEU F 405 -47.66 35.88 -7.81
N LEU F 405 -47.64 35.87 -7.79
CA LEU F 405 -46.66 35.10 -8.43
CA LEU F 405 -46.61 35.09 -8.37
C LEU F 405 -45.46 35.94 -8.94
C LEU F 405 -45.46 35.93 -8.94
N ARG F 406 -45.70 37.12 -9.38
CA ARG F 406 -44.62 38.06 -9.74
C ARG F 406 -43.67 38.28 -8.55
N TYR F 407 -44.31 38.63 -7.46
CA TYR F 407 -43.70 38.92 -6.14
C TYR F 407 -42.90 37.73 -5.59
N VAL F 408 -43.44 36.55 -5.60
CA VAL F 408 -42.85 35.27 -5.22
C VAL F 408 -41.62 34.94 -6.00
N ALA F 409 -41.61 35.22 -7.25
CA ALA F 409 -40.46 35.06 -8.09
C ALA F 409 -39.23 35.86 -7.60
N LYS F 410 -39.49 36.96 -7.00
CA LYS F 410 -38.60 37.94 -6.48
C LYS F 410 -37.70 37.39 -5.36
N ILE F 411 -38.24 36.57 -4.47
CA ILE F 411 -37.56 35.93 -3.34
C ILE F 411 -37.22 34.47 -3.50
N THR F 412 -37.59 33.84 -4.59
CA THR F 412 -37.43 32.46 -4.96
C THR F 412 -36.65 32.16 -6.22
N ILE F 413 -37.24 32.13 -7.34
CA ILE F 413 -36.61 31.64 -8.49
C ILE F 413 -35.62 32.64 -9.12
N ASN F 414 -35.92 33.87 -9.02
CA ASN F 414 -35.11 34.93 -9.59
C ASN F 414 -33.74 35.09 -8.92
N PRO F 415 -33.64 35.28 -7.67
CA PRO F 415 -32.35 35.11 -6.99
C PRO F 415 -31.51 33.87 -7.37
N ALA F 416 -32.12 32.77 -7.46
CA ALA F 416 -31.48 31.54 -7.85
C ALA F 416 -30.89 31.61 -9.21
N ILE F 417 -31.62 32.12 -10.10
CA ILE F 417 -31.19 32.23 -11.47
C ILE F 417 -29.98 33.16 -11.56
N ALA F 418 -30.05 34.24 -10.86
CA ALA F 418 -29.01 35.29 -10.80
C ALA F 418 -27.63 34.78 -10.32
N GLN F 419 -27.61 33.83 -9.43
CA GLN F 419 -26.43 33.31 -8.76
C GLN F 419 -26.03 31.88 -9.23
N GLY F 420 -26.68 31.40 -10.16
CA GLY F 420 -26.58 30.20 -10.87
C GLY F 420 -26.79 28.90 -10.16
N VAL F 421 -27.80 28.87 -9.41
CA VAL F 421 -28.32 27.80 -8.58
C VAL F 421 -29.77 27.32 -8.71
N SER F 422 -30.41 27.68 -9.78
CA SER F 422 -31.75 27.31 -10.16
C SER F 422 -31.84 25.90 -10.60
N HIS F 423 -30.78 25.28 -10.86
CA HIS F 423 -30.71 23.88 -11.10
C HIS F 423 -30.94 22.99 -9.86
N VAL F 424 -30.70 23.48 -8.71
CA VAL F 424 -30.82 22.84 -7.44
C VAL F 424 -31.79 23.39 -6.46
N ILE F 425 -32.06 24.61 -6.49
CA ILE F 425 -32.95 25.32 -5.63
C ILE F 425 -33.76 26.42 -6.34
N GLY F 426 -34.70 26.98 -5.64
CA GLY F 426 -35.62 28.07 -5.95
C GLY F 426 -37.06 27.94 -6.41
N SER F 427 -37.55 26.77 -6.72
CA SER F 427 -38.86 26.41 -7.20
C SER F 427 -39.17 24.98 -6.69
N VAL F 428 -40.42 24.75 -6.55
CA VAL F 428 -41.08 23.49 -6.31
C VAL F 428 -41.30 22.78 -7.60
N GLU F 429 -40.34 22.02 -8.02
CA GLU F 429 -40.25 21.38 -9.27
C GLU F 429 -39.48 20.07 -9.10
N VAL F 430 -39.83 19.15 -9.93
CA VAL F 430 -39.23 17.87 -9.92
C VAL F 430 -37.76 18.00 -10.29
N GLY F 431 -37.01 17.33 -9.54
CA GLY F 431 -35.63 17.16 -9.44
C GLY F 431 -34.79 18.07 -8.54
N LYS F 432 -35.39 19.02 -7.93
CA LYS F 432 -34.87 19.95 -7.06
C LYS F 432 -34.84 19.56 -5.58
N MET F 433 -33.81 20.15 -4.93
N MET F 433 -33.83 20.15 -4.94
CA MET F 433 -33.51 20.00 -3.50
CA MET F 433 -33.52 19.99 -3.51
C MET F 433 -34.77 20.37 -2.73
C MET F 433 -34.78 20.36 -2.74
N ALA F 434 -35.17 19.44 -1.76
CA ALA F 434 -36.43 19.94 -1.08
C ALA F 434 -36.13 21.01 -0.03
N ASP F 435 -35.95 22.30 -0.41
CA ASP F 435 -35.78 23.58 0.37
C ASP F 435 -37.19 24.26 0.25
N LEU F 436 -38.04 24.04 1.18
CA LEU F 436 -39.44 24.24 1.29
C LEU F 436 -39.84 24.80 2.63
N VAL F 437 -40.85 25.56 2.53
CA VAL F 437 -41.59 26.25 3.50
C VAL F 437 -43.08 25.99 3.39
N LEU F 438 -43.63 25.67 4.52
CA LEU F 438 -45.02 25.52 4.91
C LEU F 438 -45.59 26.63 5.77
N TRP F 439 -46.64 27.15 5.30
CA TRP F 439 -47.38 28.22 5.84
C TRP F 439 -48.86 27.99 6.09
N ASP F 440 -49.32 28.49 7.10
CA ASP F 440 -50.72 28.70 7.34
C ASP F 440 -51.19 29.94 6.60
N PRO F 441 -52.25 29.86 5.80
CA PRO F 441 -52.75 31.05 5.13
C PRO F 441 -53.04 32.20 5.92
N ARG F 442 -53.49 32.00 7.08
CA ARG F 442 -53.73 33.01 8.02
C ARG F 442 -52.49 33.90 8.34
N PHE F 443 -51.30 33.36 8.23
CA PHE F 443 -49.96 33.83 8.58
C PHE F 443 -49.00 33.95 7.37
N PHE F 444 -49.47 33.80 6.16
CA PHE F 444 -48.72 33.76 4.94
C PHE F 444 -47.76 34.94 4.80
N GLY F 445 -46.50 34.67 4.54
CA GLY F 445 -45.43 35.65 4.51
C GLY F 445 -44.68 36.07 5.73
N ALA F 446 -45.35 36.04 6.82
CA ALA F 446 -45.02 36.48 8.14
C ALA F 446 -44.42 35.43 9.02
N LYS F 447 -45.18 34.41 9.33
CA LYS F 447 -44.91 33.37 10.32
C LYS F 447 -45.12 31.97 9.80
N PRO F 448 -44.10 31.31 9.32
CA PRO F 448 -44.25 29.98 8.86
C PRO F 448 -44.45 28.93 9.91
N LYS F 449 -44.90 27.82 9.47
CA LYS F 449 -45.07 26.61 10.27
C LYS F 449 -43.74 25.87 10.44
N MET F 450 -43.09 25.63 9.37
CA MET F 450 -41.85 24.92 9.14
C MET F 450 -41.10 25.12 7.87
N VAL F 451 -39.84 24.87 8.02
CA VAL F 451 -38.84 24.78 7.09
C VAL F 451 -38.21 23.44 6.99
N ILE F 452 -38.30 22.97 5.82
CA ILE F 452 -37.77 21.78 5.26
C ILE F 452 -36.60 22.10 4.38
N LYS F 453 -35.47 21.55 4.85
CA LYS F 453 -34.12 21.84 4.53
C LYS F 453 -33.51 20.44 4.31
N GLY F 454 -33.28 20.17 3.10
CA GLY F 454 -32.74 19.10 2.44
C GLY F 454 -33.55 17.81 2.62
N GLY F 455 -34.81 17.93 2.81
CA GLY F 455 -35.68 16.84 3.05
C GLY F 455 -36.07 16.53 4.49
N MET F 456 -35.43 17.14 5.46
CA MET F 456 -35.66 17.19 6.89
C MET F 456 -36.08 18.57 7.32
N ILE F 457 -36.92 18.59 8.32
CA ILE F 457 -37.41 19.69 9.06
C ILE F 457 -36.25 20.15 9.95
N ASN F 458 -35.80 21.32 9.67
CA ASN F 458 -34.70 21.98 10.35
C ASN F 458 -35.07 23.04 11.33
N TRP F 459 -36.19 23.64 11.20
CA TRP F 459 -36.73 24.78 11.84
C TRP F 459 -38.24 24.79 11.81
N ALA F 460 -38.79 25.10 12.89
CA ALA F 460 -40.16 25.07 13.32
C ALA F 460 -40.61 25.82 14.56
N ALA F 461 -41.82 26.26 14.49
CA ALA F 461 -42.61 26.79 15.55
C ALA F 461 -43.13 25.65 16.41
N MET F 462 -42.64 25.59 17.56
CA MET F 462 -42.69 24.59 18.59
C MET F 462 -42.98 25.21 19.93
N GLY F 463 -43.99 24.68 20.65
CA GLY F 463 -44.25 24.97 22.04
C GLY F 463 -43.63 23.98 23.00
N ASP F 464 -44.16 23.92 24.20
CA ASP F 464 -43.51 23.44 25.45
C ASP F 464 -43.00 22.05 25.08
N PRO F 465 -41.70 21.75 25.06
CA PRO F 465 -41.21 20.39 24.86
C PRO F 465 -41.64 19.39 25.95
N ASN F 466 -42.01 19.83 27.14
CA ASN F 466 -42.56 19.03 28.23
C ASN F 466 -44.03 18.79 28.11
N ALA F 467 -44.68 19.37 27.18
CA ALA F 467 -46.09 19.30 27.19
C ALA F 467 -46.53 17.98 26.56
N SER F 468 -47.75 17.71 26.71
CA SER F 468 -48.49 16.57 26.16
C SER F 468 -48.86 16.74 24.70
N LEU F 469 -48.75 17.91 24.17
CA LEU F 469 -48.76 18.19 22.75
C LEU F 469 -47.65 19.10 22.29
N PRO F 470 -47.49 19.27 20.98
CA PRO F 470 -46.55 20.22 20.40
C PRO F 470 -47.00 21.62 20.30
N THR F 471 -48.18 21.89 20.61
CA THR F 471 -48.84 23.14 20.48
C THR F 471 -48.98 23.94 21.69
N PRO F 472 -48.77 23.42 22.89
CA PRO F 472 -48.94 24.25 24.00
C PRO F 472 -47.84 25.31 24.21
N GLN F 473 -48.25 26.39 24.75
CA GLN F 473 -47.55 27.66 24.92
C GLN F 473 -46.37 27.53 25.92
N PRO F 474 -45.25 28.22 25.69
CA PRO F 474 -44.99 29.17 24.65
C PRO F 474 -44.51 28.57 23.36
N VAL F 475 -45.11 29.01 22.31
CA VAL F 475 -44.74 28.66 20.96
C VAL F 475 -43.78 29.73 20.42
N PHE F 476 -42.63 29.30 20.04
CA PHE F 476 -41.51 30.02 19.50
C PHE F 476 -40.61 29.08 18.65
N TYR F 477 -39.91 29.68 17.72
CA TYR F 477 -39.08 29.09 16.76
C TYR F 477 -37.81 28.58 17.37
N ARG F 478 -37.55 27.42 17.05
CA ARG F 478 -36.66 26.40 17.51
C ARG F 478 -36.05 25.51 16.47
N PRO F 479 -34.78 25.23 16.58
CA PRO F 479 -34.24 24.20 15.79
C PRO F 479 -34.80 22.81 16.02
N MET F 480 -34.77 22.13 15.00
CA MET F 480 -35.20 20.77 14.84
C MET F 480 -34.03 19.83 14.44
N PHE F 481 -34.27 18.55 14.27
CA PHE F 481 -33.28 17.48 14.01
C PHE F 481 -32.45 17.68 12.74
N GLY F 482 -32.99 18.23 11.69
CA GLY F 482 -32.23 18.60 10.56
C GLY F 482 -31.14 19.67 10.83
N ALA F 483 -31.31 20.42 11.83
CA ALA F 483 -30.48 21.43 12.48
C ALA F 483 -29.55 20.89 13.56
N MET F 484 -29.37 19.62 13.64
CA MET F 484 -28.75 18.86 14.70
C MET F 484 -27.78 17.89 14.14
N GLY F 485 -26.77 17.69 14.91
CA GLY F 485 -25.76 16.87 14.63
C GLY F 485 -25.03 17.00 13.33
N LYS F 486 -24.67 15.85 12.79
CA LYS F 486 -24.07 15.77 11.45
C LYS F 486 -25.10 16.00 10.31
N THR F 487 -26.39 15.89 10.52
CA THR F 487 -27.42 16.09 9.55
C THR F 487 -27.51 17.54 9.02
N MET F 488 -27.29 18.50 9.93
N MET F 488 -27.32 18.45 9.95
CA MET F 488 -27.28 19.99 9.63
CA MET F 488 -27.23 19.92 9.74
C MET F 488 -26.29 20.18 8.42
C MET F 488 -26.30 20.16 8.49
N GLN F 489 -25.03 19.65 8.36
CA GLN F 489 -24.15 19.71 7.30
C GLN F 489 -24.62 18.91 6.12
N ASP F 490 -25.15 17.73 6.34
CA ASP F 490 -25.66 16.87 5.32
C ASP F 490 -26.78 17.45 4.49
N THR F 491 -27.58 18.25 5.04
CA THR F 491 -28.75 18.84 4.55
C THR F 491 -28.58 20.28 4.06
N CYS F 492 -27.35 20.81 4.23
CA CYS F 492 -26.98 22.20 3.86
C CYS F 492 -25.87 22.15 2.78
N VAL F 493 -25.92 23.07 1.87
CA VAL F 493 -25.08 23.32 0.73
C VAL F 493 -24.23 24.58 0.96
N THR F 494 -23.07 24.45 0.67
CA THR F 494 -22.05 25.44 0.42
C THR F 494 -21.75 25.47 -1.09
N PHE F 495 -22.27 26.43 -1.66
CA PHE F 495 -22.02 26.87 -2.99
C PHE F 495 -20.62 27.49 -3.18
N VAL F 496 -20.05 27.05 -4.20
CA VAL F 496 -18.76 27.35 -4.75
C VAL F 496 -18.65 27.43 -6.28
N SER F 497 -17.54 27.96 -6.72
CA SER F 497 -17.07 28.04 -8.10
C SER F 497 -16.70 26.62 -8.56
N GLN F 498 -16.92 26.34 -9.76
CA GLN F 498 -16.45 25.15 -10.46
C GLN F 498 -14.96 24.99 -10.39
N ALA F 499 -14.24 26.09 -10.44
CA ALA F 499 -12.81 26.19 -10.31
C ALA F 499 -12.34 25.57 -9.01
N ALA F 500 -12.98 25.96 -7.98
CA ALA F 500 -12.77 25.51 -6.63
C ALA F 500 -13.12 24.05 -6.43
N LEU F 501 -14.24 23.65 -6.96
CA LEU F 501 -14.74 22.32 -6.92
C LEU F 501 -13.73 21.37 -7.56
N ASP F 502 -13.25 21.75 -8.69
CA ASP F 502 -12.34 21.02 -9.49
C ASP F 502 -10.95 20.92 -8.82
N ASP F 503 -10.52 21.91 -8.10
CA ASP F 503 -9.32 22.03 -7.30
C ASP F 503 -9.40 21.34 -5.95
N GLY F 504 -10.47 20.68 -5.64
CA GLY F 504 -10.73 20.02 -4.41
C GLY F 504 -11.02 20.73 -3.15
N VAL F 505 -11.71 21.84 -3.23
CA VAL F 505 -12.08 22.70 -2.14
C VAL F 505 -12.66 21.92 -0.96
N LYS F 506 -13.44 20.93 -1.24
CA LYS F 506 -14.11 20.13 -0.25
C LYS F 506 -13.11 19.42 0.68
N GLU F 507 -12.12 18.77 0.13
CA GLU F 507 -10.97 18.16 0.80
C GLU F 507 -10.07 19.19 1.47
N LYS F 508 -9.55 20.12 0.69
CA LYS F 508 -8.62 21.18 1.07
C LYS F 508 -9.06 21.97 2.28
N ALA F 509 -10.27 22.40 2.29
CA ALA F 509 -10.97 23.13 3.33
C ALA F 509 -11.63 22.27 4.36
N GLY F 510 -11.74 21.01 4.09
CA GLY F 510 -12.26 20.09 5.00
C GLY F 510 -13.71 20.22 5.34
N LEU F 511 -14.55 20.48 4.36
CA LEU F 511 -15.92 20.75 4.48
C LEU F 511 -16.72 19.44 4.47
N ASP F 512 -17.65 19.34 5.37
CA ASP F 512 -18.61 18.30 5.48
C ASP F 512 -19.98 18.64 4.84
N ARG F 513 -20.24 19.91 4.55
CA ARG F 513 -21.41 20.40 3.82
C ARG F 513 -21.46 19.74 2.49
N GLN F 514 -22.63 19.74 1.87
CA GLN F 514 -22.71 19.49 0.47
C GLN F 514 -22.03 20.70 -0.23
N VAL F 515 -21.19 20.42 -1.14
CA VAL F 515 -20.45 21.39 -1.97
C VAL F 515 -20.84 21.24 -3.43
N ILE F 516 -21.52 22.21 -3.93
CA ILE F 516 -22.16 22.33 -5.23
C ILE F 516 -21.65 23.54 -6.03
N ALA F 517 -21.25 23.30 -7.24
CA ALA F 517 -20.72 24.30 -8.18
C ALA F 517 -21.87 25.12 -8.70
N VAL F 518 -21.80 26.41 -8.54
CA VAL F 518 -22.60 27.36 -9.33
C VAL F 518 -22.40 27.24 -10.85
N LYS F 519 -23.46 27.48 -11.60
CA LYS F 519 -23.41 27.30 -13.06
C LYS F 519 -24.52 28.16 -13.71
N ASN F 520 -24.35 28.65 -14.88
CA ASN F 520 -25.27 29.41 -15.74
C ASN F 520 -25.48 30.89 -15.33
N CYS F 521 -24.47 31.55 -14.92
CA CYS F 521 -24.48 32.94 -14.35
C CYS F 521 -24.28 34.00 -15.48
N ARG F 522 -23.56 33.71 -16.51
CA ARG F 522 -23.00 34.63 -17.52
C ARG F 522 -23.76 34.73 -18.83
N THR F 523 -24.58 33.79 -19.18
CA THR F 523 -25.41 33.71 -20.39
C THR F 523 -26.85 34.25 -20.19
N ILE F 524 -27.20 34.53 -19.07
CA ILE F 524 -28.45 35.06 -18.60
C ILE F 524 -28.50 36.57 -18.74
N SER F 525 -29.68 37.01 -18.91
CA SER F 525 -30.15 38.33 -19.04
C SER F 525 -31.47 38.54 -18.34
N LYS F 526 -31.89 39.76 -18.35
CA LYS F 526 -33.08 40.21 -17.73
C LYS F 526 -34.29 39.43 -18.16
N HIS F 527 -34.35 39.08 -19.41
CA HIS F 527 -35.44 38.32 -20.03
C HIS F 527 -35.54 36.88 -19.60
N ASP F 528 -34.50 36.31 -19.04
CA ASP F 528 -34.51 35.01 -18.42
C ASP F 528 -35.09 35.01 -17.03
N LEU F 529 -35.43 36.10 -16.58
CA LEU F 529 -35.96 36.22 -15.27
C LEU F 529 -37.44 35.89 -15.40
N VAL F 530 -38.03 35.41 -14.34
CA VAL F 530 -39.39 34.89 -14.29
C VAL F 530 -40.31 35.93 -13.68
N ARG F 531 -41.27 36.31 -14.48
CA ARG F 531 -42.33 37.27 -14.30
C ARG F 531 -41.83 38.71 -14.07
N ASN F 532 -40.56 38.98 -14.24
CA ASN F 532 -39.95 40.23 -13.97
C ASN F 532 -38.89 40.52 -15.04
N ASP F 533 -39.31 40.52 -16.27
CA ASP F 533 -38.47 40.51 -17.46
C ASP F 533 -38.53 41.76 -18.35
N GLN F 534 -39.12 42.80 -17.90
CA GLN F 534 -39.33 44.12 -18.49
C GLN F 534 -38.13 45.07 -18.44
N THR F 535 -37.80 45.62 -19.60
CA THR F 535 -36.73 46.57 -19.91
C THR F 535 -37.27 47.89 -20.52
N PRO F 536 -37.99 48.69 -19.79
CA PRO F 536 -38.43 49.97 -20.36
C PRO F 536 -37.40 51.09 -20.30
N ASN F 537 -37.75 52.19 -20.94
CA ASN F 537 -37.00 53.44 -20.84
C ASN F 537 -37.24 54.10 -19.50
N ILE F 538 -36.20 54.34 -18.78
CA ILE F 538 -36.25 55.02 -17.51
C ILE F 538 -35.44 56.31 -17.52
N GLU F 539 -36.11 57.37 -17.17
CA GLU F 539 -35.64 58.73 -17.08
C GLU F 539 -35.86 59.30 -15.70
N VAL F 540 -34.85 59.93 -15.19
CA VAL F 540 -34.82 60.62 -13.93
C VAL F 540 -34.40 62.08 -14.13
N ASP F 541 -35.15 62.93 -13.59
CA ASP F 541 -34.97 64.38 -13.59
C ASP F 541 -33.90 64.82 -12.60
N PRO F 542 -32.76 65.33 -13.08
CA PRO F 542 -31.65 65.70 -12.20
C PRO F 542 -31.95 66.83 -11.25
N GLU F 543 -33.02 67.55 -11.42
CA GLU F 543 -33.46 68.54 -10.44
C GLU F 543 -34.38 67.99 -9.37
N THR F 544 -35.54 67.56 -9.79
CA THR F 544 -36.62 67.11 -8.96
C THR F 544 -36.66 65.60 -8.73
N PHE F 545 -35.79 64.82 -9.37
CA PHE F 545 -35.59 63.39 -9.15
C PHE F 545 -36.78 62.56 -9.57
N ALA F 546 -37.72 63.19 -10.27
CA ALA F 546 -38.94 62.58 -10.81
C ALA F 546 -38.54 61.49 -11.82
N VAL F 547 -39.19 60.35 -11.82
CA VAL F 547 -39.01 59.20 -12.66
C VAL F 547 -40.16 58.97 -13.62
N LYS F 548 -39.77 58.86 -14.84
CA LYS F 548 -40.55 58.54 -15.99
C LYS F 548 -40.12 57.22 -16.55
N VAL F 549 -41.08 56.33 -16.82
CA VAL F 549 -40.90 54.95 -17.27
C VAL F 549 -41.70 54.89 -18.55
N ASP F 550 -41.06 54.72 -19.70
CA ASP F 550 -41.67 54.88 -21.05
C ASP F 550 -42.50 56.18 -21.09
N GLY F 551 -41.97 57.31 -20.62
CA GLY F 551 -42.66 58.61 -20.54
C GLY F 551 -43.74 58.77 -19.47
N VAL F 552 -44.01 57.86 -18.53
CA VAL F 552 -45.07 57.93 -17.60
C VAL F 552 -44.45 58.06 -16.23
N HIS F 553 -44.89 59.06 -15.56
CA HIS F 553 -44.50 59.37 -14.24
C HIS F 553 -44.80 58.16 -13.37
N ALA F 554 -43.79 57.72 -12.65
CA ALA F 554 -43.79 56.54 -11.81
C ALA F 554 -43.78 56.96 -10.39
N THR F 555 -44.97 57.05 -9.80
CA THR F 555 -45.16 57.33 -8.41
C THR F 555 -46.41 56.65 -7.84
N CYS F 556 -46.50 56.64 -6.54
CA CYS F 556 -47.57 56.18 -5.70
C CYS F 556 -47.31 56.88 -4.39
N GLU F 557 -48.31 56.91 -3.55
CA GLU F 557 -48.48 57.57 -2.30
C GLU F 557 -48.13 56.68 -1.14
N PRO F 558 -47.54 57.17 -0.10
CA PRO F 558 -47.23 56.30 1.02
C PRO F 558 -48.41 55.85 1.82
N ILE F 559 -48.24 54.61 2.22
CA ILE F 559 -49.11 53.91 3.13
C ILE F 559 -48.90 54.40 4.54
N ASP F 560 -49.99 54.53 5.22
CA ASP F 560 -50.10 54.63 6.66
C ASP F 560 -50.02 53.28 7.36
N THR F 561 -50.78 52.30 6.89
CA THR F 561 -50.94 50.99 7.51
C THR F 561 -50.52 49.84 6.60
N ALA F 562 -49.55 49.12 7.07
CA ALA F 562 -49.12 47.87 6.54
C ALA F 562 -49.93 46.68 7.07
N ALA F 563 -50.18 45.72 6.16
CA ALA F 563 -50.79 44.38 6.40
C ALA F 563 -49.68 43.43 6.92
N MET F 564 -50.03 42.37 7.66
CA MET F 564 -49.13 41.33 8.14
C MET F 564 -48.14 42.07 9.06
N ASN F 565 -48.58 42.97 9.89
CA ASN F 565 -47.64 43.91 10.53
C ASN F 565 -47.88 43.94 12.05
N GLN F 566 -48.53 44.91 12.63
CA GLN F 566 -48.71 45.07 14.10
C GLN F 566 -49.71 44.03 14.67
N ARG F 567 -50.59 43.45 13.89
CA ARG F 567 -51.51 42.38 14.26
C ARG F 567 -50.83 41.09 14.70
N TYR F 568 -49.82 40.73 14.06
CA TYR F 568 -49.01 39.52 14.05
C TYR F 568 -47.72 39.55 14.89
N PHE F 569 -47.15 40.68 15.14
CA PHE F 569 -45.82 40.83 15.69
C PHE F 569 -45.81 41.66 16.98
N PHE F 570 -45.13 41.15 17.99
CA PHE F 570 -44.68 41.82 19.20
C PHE F 570 -43.40 42.64 19.00
N GLY F 571 -42.53 42.24 18.06
CA GLY F 571 -41.08 42.54 17.74
C GLY F 571 -40.80 43.93 18.22
N MET G 1 -28.55 -23.04 -48.61
CA MET G 1 -27.46 -23.48 -49.47
C MET G 1 -26.06 -23.65 -48.86
N GLN G 2 -25.95 -23.23 -47.63
CA GLN G 2 -24.91 -23.32 -46.75
C GLN G 2 -23.55 -22.94 -47.40
N LEU G 3 -23.53 -21.73 -47.84
CA LEU G 3 -22.37 -21.12 -48.49
C LEU G 3 -21.27 -20.76 -47.53
N THR G 4 -20.17 -21.33 -47.81
CA THR G 4 -18.89 -21.17 -47.26
C THR G 4 -18.18 -19.95 -47.81
N PRO G 5 -17.25 -19.41 -47.07
CA PRO G 5 -16.47 -18.26 -47.57
C PRO G 5 -15.90 -18.37 -49.01
N ARG G 6 -15.41 -19.52 -49.39
CA ARG G 6 -14.89 -19.83 -50.73
C ARG G 6 -15.93 -19.74 -51.84
N GLU G 7 -17.10 -20.15 -51.56
CA GLU G 7 -18.30 -20.08 -52.39
C GLU G 7 -18.80 -18.68 -52.58
N VAL G 8 -18.89 -17.92 -51.53
CA VAL G 8 -19.33 -16.57 -51.57
C VAL G 8 -18.34 -15.73 -52.41
N GLU G 9 -17.05 -15.87 -52.15
CA GLU G 9 -15.95 -15.14 -52.83
C GLU G 9 -16.02 -15.28 -54.33
N LYS G 10 -16.36 -16.42 -54.80
CA LYS G 10 -16.48 -16.68 -56.18
C LYS G 10 -17.61 -15.96 -56.87
N LEU G 11 -18.62 -15.46 -56.17
CA LEU G 11 -19.64 -14.63 -56.77
C LEU G 11 -19.07 -13.34 -57.38
N MET G 12 -18.02 -12.77 -56.77
CA MET G 12 -17.34 -11.53 -57.31
C MET G 12 -16.91 -11.84 -58.76
N ILE G 13 -16.34 -13.00 -59.02
CA ILE G 13 -15.80 -13.37 -60.33
C ILE G 13 -16.87 -13.41 -61.38
N TYR G 14 -17.95 -14.02 -61.06
CA TYR G 14 -19.12 -14.15 -61.89
C TYR G 14 -19.77 -12.85 -62.29
N THR G 15 -19.80 -11.93 -61.36
CA THR G 15 -20.36 -10.57 -61.56
C THR G 15 -19.45 -9.72 -62.45
N LEU G 16 -18.15 -9.70 -62.16
N LEU G 16 -18.15 -9.70 -62.16
CA LEU G 16 -17.20 -8.87 -62.96
CA LEU G 16 -17.20 -8.87 -62.96
C LEU G 16 -17.20 -9.46 -64.43
C LEU G 16 -17.20 -9.46 -64.43
N SER G 17 -17.05 -10.79 -64.74
CA SER G 17 -17.12 -11.46 -66.03
C SER G 17 -18.37 -11.30 -66.76
N ASP G 18 -19.48 -11.22 -66.12
CA ASP G 18 -20.66 -10.85 -66.85
C ASP G 18 -20.59 -9.44 -67.44
N VAL G 19 -20.17 -8.48 -66.66
CA VAL G 19 -19.92 -7.14 -67.12
C VAL G 19 -18.90 -7.16 -68.26
N ALA G 20 -17.80 -7.86 -68.05
CA ALA G 20 -16.73 -7.98 -69.03
C ALA G 20 -17.15 -8.59 -70.34
N PHE G 21 -17.91 -9.65 -70.32
CA PHE G 21 -18.42 -10.24 -71.53
C PHE G 21 -19.36 -9.32 -72.27
N LYS G 22 -20.14 -8.52 -71.59
CA LYS G 22 -21.03 -7.54 -72.23
C LYS G 22 -20.24 -6.47 -72.96
N ARG G 23 -19.18 -6.01 -72.33
CA ARG G 23 -18.29 -4.99 -72.85
C ARG G 23 -17.55 -5.45 -74.10
N LYS G 24 -16.98 -6.65 -74.07
CA LYS G 24 -16.31 -7.23 -75.19
C LYS G 24 -17.20 -7.39 -76.40
N ALA G 25 -18.45 -7.70 -76.18
CA ALA G 25 -19.45 -7.85 -77.20
C ALA G 25 -19.93 -6.55 -77.85
N ARG G 26 -19.84 -5.40 -77.18
CA ARG G 26 -19.90 -4.02 -77.68
C ARG G 26 -18.66 -3.53 -78.42
N GLY G 27 -17.68 -4.36 -78.62
CA GLY G 27 -16.40 -3.96 -79.05
C GLY G 27 -15.49 -3.19 -78.19
N LEU G 28 -15.68 -3.17 -76.90
CA LEU G 28 -14.73 -2.52 -76.04
C LEU G 28 -13.54 -3.41 -75.80
N LYS G 29 -12.40 -2.81 -75.87
N LYS G 29 -12.39 -2.81 -75.88
CA LYS G 29 -11.14 -3.36 -75.46
CA LYS G 29 -11.14 -3.37 -75.46
C LYS G 29 -11.02 -3.35 -73.93
C LYS G 29 -11.03 -3.35 -73.94
N LEU G 30 -10.71 -4.48 -73.38
CA LEU G 30 -10.74 -4.75 -72.00
C LEU G 30 -9.50 -4.35 -71.28
N ASN G 31 -9.69 -3.99 -70.08
CA ASN G 31 -8.76 -3.71 -69.09
C ASN G 31 -8.35 -4.91 -68.30
N TYR G 32 -7.56 -4.70 -67.42
CA TYR G 32 -6.87 -5.65 -66.55
C TYR G 32 -7.86 -6.49 -65.72
N PRO G 33 -8.54 -5.95 -64.77
CA PRO G 33 -9.62 -6.66 -64.07
C PRO G 33 -10.62 -7.42 -64.90
N GLU G 34 -11.12 -6.84 -65.91
CA GLU G 34 -12.06 -7.43 -66.81
C GLU G 34 -11.50 -8.68 -67.51
N ALA G 35 -10.30 -8.58 -68.00
CA ALA G 35 -9.60 -9.63 -68.73
C ALA G 35 -9.28 -10.81 -67.85
N VAL G 36 -8.74 -10.54 -66.69
CA VAL G 36 -8.50 -11.52 -65.66
C VAL G 36 -9.80 -12.27 -65.30
N SER G 37 -10.92 -11.57 -65.22
CA SER G 37 -12.26 -12.12 -64.98
C SER G 37 -12.67 -13.17 -65.97
N ILE G 38 -12.52 -12.89 -67.25
CA ILE G 38 -12.94 -13.70 -68.33
C ILE G 38 -12.12 -14.99 -68.41
N ILE G 39 -10.84 -14.92 -68.20
CA ILE G 39 -9.95 -16.07 -68.18
C ILE G 39 -10.29 -16.94 -66.98
N THR G 40 -10.50 -16.34 -65.85
CA THR G 40 -10.81 -17.02 -64.59
C THR G 40 -12.08 -17.84 -64.68
N VAL G 41 -13.13 -17.27 -65.20
CA VAL G 41 -14.44 -17.87 -65.31
C VAL G 41 -14.47 -18.95 -66.34
N THR G 42 -13.66 -18.82 -67.37
CA THR G 42 -13.53 -19.81 -68.43
C THR G 42 -13.03 -21.13 -67.84
N ALA G 43 -12.02 -21.07 -67.04
CA ALA G 43 -11.49 -22.16 -66.26
C ALA G 43 -12.51 -22.78 -65.33
N MET G 44 -13.00 -21.97 -64.45
CA MET G 44 -14.07 -22.30 -63.53
C MET G 44 -15.23 -23.00 -64.19
N GLU G 45 -15.67 -22.53 -65.29
CA GLU G 45 -16.80 -23.12 -65.96
C GLU G 45 -16.46 -24.47 -66.62
N GLY G 46 -15.26 -24.58 -67.11
CA GLY G 46 -14.73 -25.82 -67.59
C GLY G 46 -14.69 -26.93 -66.59
N ALA G 47 -14.13 -26.66 -65.45
CA ALA G 47 -14.13 -27.46 -64.26
C ALA G 47 -15.52 -28.04 -64.01
N ARG G 48 -16.52 -27.19 -64.05
CA ARG G 48 -17.91 -27.52 -63.73
C ARG G 48 -18.52 -28.41 -64.74
N ASP G 49 -18.15 -28.11 -65.98
CA ASP G 49 -18.48 -28.83 -67.22
C ASP G 49 -17.79 -30.22 -67.22
N GLY G 50 -16.83 -30.54 -66.35
CA GLY G 50 -16.24 -31.86 -66.27
C GLY G 50 -14.92 -32.11 -66.95
N LYS G 51 -14.30 -31.13 -67.52
CA LYS G 51 -13.00 -31.18 -68.13
C LYS G 51 -11.88 -31.38 -67.14
N SER G 52 -10.78 -31.74 -67.71
CA SER G 52 -9.52 -31.87 -67.05
C SER G 52 -8.87 -30.50 -66.85
N VAL G 53 -7.97 -30.43 -65.91
CA VAL G 53 -7.12 -29.28 -65.66
C VAL G 53 -6.35 -28.91 -66.91
N GLU G 54 -5.79 -29.90 -67.56
CA GLU G 54 -5.06 -29.77 -68.81
C GLU G 54 -5.90 -29.14 -69.89
N ASP G 55 -7.08 -29.65 -70.08
CA ASP G 55 -8.00 -29.16 -71.06
C ASP G 55 -8.54 -27.76 -70.78
N VAL G 56 -8.81 -27.43 -69.52
CA VAL G 56 -9.37 -26.13 -69.22
C VAL G 56 -8.33 -25.07 -69.47
N MET G 57 -7.12 -25.31 -69.00
N MET G 57 -7.10 -25.32 -69.02
CA MET G 57 -5.90 -24.58 -69.26
CA MET G 57 -5.89 -24.56 -69.29
C MET G 57 -5.73 -24.12 -70.67
C MET G 57 -5.75 -24.10 -70.69
N LYS G 58 -5.78 -25.01 -71.63
CA LYS G 58 -5.78 -24.68 -73.03
C LYS G 58 -6.86 -23.70 -73.38
N GLU G 59 -8.08 -24.07 -73.03
CA GLU G 59 -9.31 -23.30 -73.27
C GLU G 59 -9.10 -21.87 -72.78
N ALA G 60 -8.68 -21.62 -71.61
CA ALA G 60 -8.51 -20.35 -70.97
C ALA G 60 -7.38 -19.54 -71.52
N SER G 61 -6.33 -20.20 -71.95
CA SER G 61 -5.18 -19.54 -72.63
C SER G 61 -5.60 -19.10 -74.05
N LYS G 62 -6.77 -19.39 -74.54
CA LYS G 62 -7.22 -19.03 -75.86
C LYS G 62 -8.43 -18.10 -75.98
N VAL G 63 -9.03 -17.70 -74.90
CA VAL G 63 -10.27 -16.92 -74.90
C VAL G 63 -10.02 -15.46 -75.28
N LEU G 64 -8.94 -14.90 -74.84
CA LEU G 64 -8.55 -13.53 -75.15
C LEU G 64 -7.27 -13.40 -75.95
N THR G 65 -7.29 -12.51 -76.89
CA THR G 65 -6.20 -12.02 -77.71
C THR G 65 -5.71 -10.62 -77.39
N LYS G 66 -4.54 -10.32 -77.95
N LYS G 66 -4.54 -10.32 -77.95
CA LYS G 66 -3.98 -8.99 -77.96
CA LYS G 66 -3.98 -8.98 -77.94
C LYS G 66 -4.95 -7.95 -78.47
C LYS G 66 -4.95 -7.94 -78.47
N ASP G 67 -5.67 -8.25 -79.53
CA ASP G 67 -6.65 -7.33 -80.07
C ASP G 67 -7.78 -7.01 -79.11
N ASP G 68 -8.18 -7.92 -78.29
CA ASP G 68 -9.32 -7.86 -77.41
C ASP G 68 -9.04 -7.10 -76.14
N VAL G 69 -7.84 -6.76 -75.91
CA VAL G 69 -7.39 -6.03 -74.76
C VAL G 69 -6.73 -4.74 -75.14
N MET G 70 -6.82 -3.87 -74.20
CA MET G 70 -6.14 -2.61 -74.18
C MET G 70 -4.62 -2.80 -74.14
N ASP G 71 -3.94 -1.99 -74.92
CA ASP G 71 -2.50 -2.03 -75.07
C ASP G 71 -1.77 -2.01 -73.72
N GLY G 72 -0.96 -2.96 -73.54
CA GLY G 72 -0.25 -3.17 -72.37
C GLY G 72 -0.76 -4.19 -71.38
N VAL G 73 -2.01 -4.60 -71.47
CA VAL G 73 -2.66 -5.40 -70.46
C VAL G 73 -1.99 -6.73 -70.34
N ALA G 74 -1.59 -7.29 -71.44
CA ALA G 74 -0.72 -8.45 -71.48
C ALA G 74 0.42 -8.46 -70.49
N ASP G 75 1.12 -7.32 -70.41
CA ASP G 75 2.26 -7.09 -69.50
C ASP G 75 1.80 -7.18 -68.05
N LEU G 76 0.54 -6.94 -67.76
CA LEU G 76 -0.10 -6.95 -66.49
C LEU G 76 -0.61 -8.31 -66.06
N ILE G 77 -0.75 -9.24 -66.97
CA ILE G 77 -1.27 -10.57 -66.87
C ILE G 77 -0.26 -11.53 -67.47
N PRO G 78 0.81 -11.76 -66.87
CA PRO G 78 1.67 -12.83 -67.29
C PRO G 78 1.11 -14.23 -67.12
N ASN G 79 0.59 -14.53 -65.95
CA ASN G 79 -0.24 -15.67 -65.64
C ASN G 79 -1.48 -15.30 -64.85
N VAL G 80 -2.52 -16.09 -65.01
CA VAL G 80 -3.69 -16.18 -64.14
C VAL G 80 -3.84 -17.52 -63.44
N GLN G 81 -4.01 -17.46 -62.14
CA GLN G 81 -4.39 -18.53 -61.27
C GLN G 81 -5.74 -18.46 -60.56
N VAL G 82 -6.44 -19.57 -60.60
CA VAL G 82 -7.69 -19.92 -59.91
C VAL G 82 -7.83 -21.37 -59.55
N GLU G 83 -8.40 -21.57 -58.40
CA GLU G 83 -8.93 -22.80 -57.87
C GLU G 83 -10.35 -22.95 -58.27
N ALA G 84 -10.57 -24.03 -58.90
CA ALA G 84 -11.78 -24.55 -59.38
C ALA G 84 -12.07 -25.95 -58.83
N ILE G 85 -13.29 -26.31 -58.96
CA ILE G 85 -13.85 -27.51 -58.40
C ILE G 85 -14.12 -28.42 -59.60
N PHE G 86 -13.24 -29.31 -59.74
CA PHE G 86 -13.19 -30.37 -60.70
C PHE G 86 -13.93 -31.57 -60.12
N THR G 87 -14.26 -32.50 -60.98
CA THR G 87 -14.85 -33.77 -60.58
C THR G 87 -14.10 -34.51 -59.46
N ASP G 88 -12.82 -34.47 -59.47
CA ASP G 88 -11.96 -35.01 -58.45
C ASP G 88 -11.58 -34.07 -57.34
N GLY G 89 -12.05 -32.91 -57.33
CA GLY G 89 -11.90 -31.97 -56.29
C GLY G 89 -11.46 -30.64 -56.74
N SER G 90 -11.18 -29.83 -55.76
CA SER G 90 -10.56 -28.57 -55.93
C SER G 90 -9.12 -28.76 -56.39
N ARG G 91 -8.78 -28.04 -57.36
CA ARG G 91 -7.53 -27.93 -58.06
C ARG G 91 -7.14 -26.55 -58.56
N LEU G 92 -5.90 -26.20 -58.38
CA LEU G 92 -5.24 -25.07 -58.99
C LEU G 92 -4.95 -25.26 -60.44
N VAL G 93 -5.44 -24.30 -61.16
CA VAL G 93 -5.25 -24.01 -62.56
C VAL G 93 -4.41 -22.74 -62.67
N THR G 94 -3.24 -22.88 -63.24
CA THR G 94 -2.45 -21.83 -63.80
C THR G 94 -2.60 -21.87 -65.29
N VAL G 95 -2.79 -20.72 -65.81
CA VAL G 95 -2.94 -20.39 -67.18
C VAL G 95 -1.77 -19.49 -67.51
N HIS G 96 -0.87 -19.96 -68.37
CA HIS G 96 0.43 -19.32 -68.70
C HIS G 96 0.27 -18.38 -69.87
N ASP G 97 0.71 -17.12 -69.77
CA ASP G 97 0.66 -16.12 -70.88
C ASP G 97 -0.70 -16.15 -71.57
N PRO G 98 -1.84 -15.96 -70.89
CA PRO G 98 -3.11 -16.08 -71.58
C PRO G 98 -3.42 -15.13 -72.73
N ILE G 99 -2.85 -13.93 -72.82
CA ILE G 99 -3.11 -12.97 -73.86
C ILE G 99 -1.95 -13.08 -74.83
N LYS G 100 -2.23 -13.75 -75.91
CA LYS G 100 -1.25 -14.01 -76.95
C LYS G 100 -1.57 -13.11 -78.11
N SER H 1 14.55 1.25 -75.71
CA SER H 1 14.73 2.70 -76.00
C SER H 1 14.06 3.56 -74.92
N GLU H 2 12.76 3.31 -74.70
CA GLU H 2 11.76 4.01 -73.83
C GLU H 2 10.39 3.85 -74.46
N GLN H 3 10.32 4.03 -75.80
CA GLN H 3 9.12 3.93 -76.66
C GLN H 3 8.63 2.47 -76.75
N ASN H 4 9.51 1.51 -76.46
CA ASN H 4 9.32 0.07 -76.57
C ASN H 4 9.20 -0.74 -75.28
N THR H 5 9.57 -0.20 -74.15
CA THR H 5 9.51 -0.88 -72.87
C THR H 5 8.08 -1.23 -72.48
N PRO H 6 7.80 -2.46 -72.09
CA PRO H 6 6.47 -2.78 -71.53
C PRO H 6 6.19 -2.01 -70.24
N LEU H 7 4.91 -2.05 -69.83
CA LEU H 7 4.45 -1.49 -68.54
C LEU H 7 5.35 -2.11 -67.48
N GLY H 8 5.95 -1.35 -66.61
CA GLY H 8 6.82 -1.60 -65.55
C GLY H 8 8.18 -2.08 -65.91
N GLY H 9 8.49 -2.05 -67.20
CA GLY H 9 9.67 -2.59 -67.69
C GLY H 9 10.88 -1.78 -67.38
N CYS H 10 11.93 -2.48 -67.52
CA CYS H 10 13.29 -2.07 -67.32
C CYS H 10 14.02 -1.85 -68.63
N ILE H 11 14.80 -0.81 -68.66
CA ILE H 11 15.82 -0.52 -69.67
C ILE H 11 17.15 -0.74 -69.00
N LEU H 12 17.76 -1.81 -69.38
CA LEU H 12 19.04 -2.23 -68.84
C LEU H 12 20.19 -1.69 -69.65
N ALA H 13 21.16 -1.21 -68.94
CA ALA H 13 22.45 -0.91 -69.51
C ALA H 13 23.14 -2.14 -70.13
N ASP H 14 24.34 -1.97 -70.67
CA ASP H 14 25.08 -3.01 -71.40
C ASP H 14 26.17 -3.69 -70.60
N THR H 15 26.88 -2.96 -69.79
CA THR H 15 28.03 -3.42 -69.12
C THR H 15 27.75 -4.64 -68.27
N PRO H 16 28.42 -5.76 -68.51
CA PRO H 16 28.35 -6.92 -67.63
C PRO H 16 28.74 -6.66 -66.19
N ILE H 17 28.23 -7.51 -65.35
CA ILE H 17 28.49 -7.47 -63.93
C ILE H 17 29.61 -8.46 -63.65
N THR H 18 30.55 -8.02 -62.91
CA THR H 18 31.67 -8.78 -62.45
C THR H 18 31.63 -8.97 -60.95
N PHE H 19 31.59 -10.23 -60.56
CA PHE H 19 31.54 -10.66 -59.20
C PHE H 19 32.63 -11.68 -58.85
N ASN H 20 32.98 -11.68 -57.58
CA ASN H 20 33.89 -12.53 -56.86
C ASN H 20 35.35 -12.40 -57.37
N GLU H 21 35.68 -11.36 -58.16
CA GLU H 21 36.93 -11.06 -58.89
C GLU H 21 38.21 -11.21 -58.09
N ASN H 22 38.19 -10.94 -56.83
CA ASN H 22 39.38 -10.92 -56.02
C ASN H 22 39.72 -12.24 -55.39
N LYS H 23 38.92 -13.07 -55.41
CA LYS H 23 38.90 -14.22 -54.60
C LYS H 23 39.62 -15.40 -55.31
N PRO H 24 40.54 -16.13 -54.65
CA PRO H 24 41.26 -17.24 -55.28
C PRO H 24 40.46 -18.52 -55.48
N VAL H 25 40.58 -19.06 -56.67
CA VAL H 25 39.76 -20.13 -57.21
C VAL H 25 40.49 -21.48 -57.23
N THR H 26 39.89 -22.44 -56.60
CA THR H 26 40.23 -23.86 -56.53
C THR H 26 39.23 -24.70 -57.30
N LYS H 27 39.70 -25.33 -58.32
CA LYS H 27 38.94 -26.33 -59.05
C LYS H 27 39.04 -27.73 -58.45
N VAL H 28 37.92 -28.33 -58.18
CA VAL H 28 37.80 -29.68 -57.72
C VAL H 28 36.90 -30.47 -58.64
N LYS H 29 37.16 -31.77 -58.68
CA LYS H 29 36.44 -32.80 -59.43
C LYS H 29 35.48 -33.58 -58.54
N VAL H 30 34.23 -33.62 -58.91
CA VAL H 30 33.16 -34.11 -58.09
C VAL H 30 32.42 -35.23 -58.80
N ARG H 31 32.39 -36.37 -58.18
CA ARG H 31 31.61 -37.51 -58.60
C ARG H 31 30.52 -37.87 -57.57
N ASN H 32 29.31 -37.98 -58.03
CA ASN H 32 28.17 -38.50 -57.28
C ASN H 32 28.09 -40.02 -57.42
N THR H 33 28.45 -40.63 -56.36
CA THR H 33 28.44 -42.02 -56.00
C THR H 33 27.20 -42.56 -55.38
N GLY H 34 26.17 -41.77 -55.21
CA GLY H 34 24.87 -42.27 -54.85
C GLY H 34 23.97 -42.47 -55.99
N ASP H 35 22.83 -43.01 -55.66
CA ASP H 35 21.75 -43.26 -56.58
C ASP H 35 20.75 -42.14 -56.74
N ARG H 36 20.86 -41.12 -55.98
CA ARG H 36 19.97 -40.03 -55.99
C ARG H 36 20.64 -38.69 -56.31
N PRO H 37 19.94 -37.83 -57.03
CA PRO H 37 20.44 -36.50 -57.31
C PRO H 37 20.76 -35.66 -56.09
N ILE H 38 21.85 -34.97 -56.19
CA ILE H 38 22.41 -34.05 -55.23
C ILE H 38 22.56 -32.69 -55.91
N GLN H 39 22.09 -31.65 -55.28
CA GLN H 39 22.14 -30.26 -55.65
C GLN H 39 22.57 -29.38 -54.49
N VAL H 40 23.55 -28.57 -54.78
CA VAL H 40 24.27 -27.73 -53.86
C VAL H 40 24.25 -26.29 -54.33
N GLY H 41 23.97 -25.44 -53.44
CA GLY H 41 23.95 -24.01 -53.60
C GLY H 41 25.19 -23.26 -53.33
N SER H 42 25.11 -21.98 -53.66
CA SER H 42 26.22 -21.08 -53.79
C SER H 42 27.00 -20.83 -52.51
N HIS H 43 26.27 -20.74 -51.40
CA HIS H 43 26.76 -20.43 -50.03
C HIS H 43 26.91 -21.61 -49.12
N PHE H 44 26.57 -22.77 -49.53
CA PHE H 44 26.88 -23.96 -48.74
C PHE H 44 28.39 -24.19 -48.64
N HIS H 45 28.83 -24.63 -47.52
CA HIS H 45 30.21 -25.04 -47.16
C HIS H 45 30.49 -26.38 -47.83
N PHE H 46 31.08 -26.29 -49.03
CA PHE H 46 31.30 -27.42 -49.96
C PHE H 46 31.88 -28.66 -49.23
N PHE H 47 32.84 -28.52 -48.35
CA PHE H 47 33.35 -29.49 -47.42
C PHE H 47 32.41 -30.42 -46.75
N GLU H 48 31.22 -29.97 -46.52
CA GLU H 48 30.22 -30.58 -45.72
C GLU H 48 29.04 -31.06 -46.52
N VAL H 49 29.16 -31.08 -47.86
CA VAL H 49 28.08 -31.55 -48.78
C VAL H 49 27.90 -33.07 -48.57
N ASN H 50 26.74 -33.57 -48.98
CA ASN H 50 26.26 -34.96 -48.96
C ASN H 50 27.47 -35.95 -48.99
N ARG H 51 27.71 -36.69 -47.94
CA ARG H 51 28.63 -37.88 -47.84
C ARG H 51 28.83 -38.59 -49.19
N ALA H 52 27.81 -38.90 -49.98
CA ALA H 52 27.87 -39.59 -51.30
C ALA H 52 28.72 -38.91 -52.39
N LEU H 53 28.99 -37.60 -52.35
CA LEU H 53 29.86 -36.86 -53.19
C LEU H 53 31.30 -37.16 -52.81
N GLU H 54 32.05 -37.50 -53.84
CA GLU H 54 33.45 -37.89 -53.74
C GLU H 54 34.25 -36.85 -54.49
N PHE H 55 35.15 -36.15 -53.83
CA PHE H 55 35.95 -35.07 -54.27
C PHE H 55 37.06 -34.92 -53.25
N ASP H 56 38.02 -34.04 -53.48
CA ASP H 56 39.11 -33.72 -52.60
C ASP H 56 38.63 -32.79 -51.52
N ARG H 57 38.29 -33.38 -50.44
CA ARG H 57 37.51 -32.72 -49.44
C ARG H 57 38.37 -31.63 -48.78
N ALA H 58 39.60 -31.95 -48.53
CA ALA H 58 40.62 -31.05 -48.02
C ALA H 58 40.74 -29.75 -48.79
N ALA H 59 40.52 -29.82 -50.09
CA ALA H 59 40.59 -28.67 -50.94
C ALA H 59 39.39 -27.70 -50.84
N ALA H 60 38.24 -28.16 -50.48
CA ALA H 60 36.98 -27.52 -50.19
C ALA H 60 36.81 -26.96 -48.80
N TYR H 61 37.74 -27.20 -47.92
CA TYR H 61 37.82 -26.62 -46.61
C TYR H 61 37.84 -25.11 -46.70
N GLY H 62 36.87 -24.54 -46.12
CA GLY H 62 36.55 -23.16 -46.17
C GLY H 62 36.03 -22.63 -47.37
N LYS H 63 35.48 -23.45 -48.19
CA LYS H 63 35.02 -23.11 -49.50
C LYS H 63 33.57 -23.34 -49.85
N ARG H 64 33.17 -22.52 -50.78
CA ARG H 64 31.97 -22.38 -51.50
C ARG H 64 32.18 -22.33 -53.00
N LEU H 65 31.15 -22.63 -53.66
CA LEU H 65 31.03 -22.56 -55.06
C LEU H 65 31.01 -21.12 -55.60
N ASN H 66 31.82 -20.89 -56.61
CA ASN H 66 32.08 -19.66 -57.30
C ASN H 66 31.09 -19.47 -58.43
N ILE H 67 29.87 -19.40 -58.02
CA ILE H 67 28.71 -19.18 -58.84
C ILE H 67 27.89 -18.00 -58.27
N SER H 68 26.89 -17.60 -59.05
CA SER H 68 25.96 -16.55 -58.67
C SER H 68 25.23 -16.89 -57.39
N SER H 69 25.30 -15.99 -56.46
CA SER H 69 24.40 -15.98 -55.33
C SER H 69 23.01 -16.37 -55.78
N THR H 70 22.54 -17.30 -55.06
CA THR H 70 21.26 -17.91 -55.04
C THR H 70 21.13 -19.09 -55.99
N THR H 71 22.08 -19.32 -56.82
CA THR H 71 22.03 -20.38 -57.78
C THR H 71 22.73 -21.63 -57.17
N ALA H 72 22.68 -22.69 -57.90
CA ALA H 72 23.07 -24.03 -57.52
C ALA H 72 23.66 -24.85 -58.67
N ILE H 73 24.32 -25.92 -58.28
CA ILE H 73 24.90 -26.91 -59.20
C ILE H 73 24.30 -28.29 -58.86
N ARG H 74 23.82 -28.98 -59.83
CA ARG H 74 23.22 -30.28 -59.82
C ARG H 74 24.18 -31.40 -60.24
N PHE H 75 24.33 -32.32 -59.40
CA PHE H 75 25.17 -33.50 -59.51
C PHE H 75 24.25 -34.71 -59.58
N GLU H 76 23.98 -35.15 -60.77
CA GLU H 76 23.21 -36.33 -61.09
C GLU H 76 23.99 -37.61 -60.78
N PRO H 77 23.30 -38.70 -60.52
CA PRO H 77 23.99 -39.96 -60.19
C PRO H 77 24.91 -40.46 -61.27
N GLY H 78 26.11 -40.72 -60.82
CA GLY H 78 27.22 -41.24 -61.53
C GLY H 78 27.80 -40.38 -62.58
N ASP H 79 27.91 -39.11 -62.33
CA ASP H 79 28.40 -38.14 -63.27
C ASP H 79 29.54 -37.40 -62.60
N GLU H 80 30.39 -36.86 -63.41
CA GLU H 80 31.53 -36.14 -62.96
C GLU H 80 31.58 -34.77 -63.56
N THR H 81 31.81 -33.80 -62.69
CA THR H 81 31.83 -32.37 -62.96
C THR H 81 32.93 -31.72 -62.20
N GLU H 82 33.55 -30.78 -62.84
CA GLU H 82 34.52 -29.93 -62.25
C GLU H 82 33.82 -28.68 -61.76
N VAL H 83 34.15 -28.27 -60.57
CA VAL H 83 33.59 -27.11 -60.00
C VAL H 83 34.58 -26.09 -59.47
N PRO H 84 34.30 -24.82 -59.70
CA PRO H 84 35.12 -23.76 -59.11
C PRO H 84 34.72 -23.47 -57.68
N LEU H 85 35.69 -23.39 -56.85
CA LEU H 85 35.62 -23.07 -55.46
C LEU H 85 36.40 -21.82 -55.12
N ILE H 86 35.89 -21.10 -54.16
CA ILE H 86 36.33 -19.85 -53.60
C ILE H 86 36.09 -19.82 -52.08
N PRO H 87 36.90 -19.10 -51.35
CA PRO H 87 36.69 -18.94 -49.93
C PRO H 87 35.56 -18.00 -49.59
N PHE H 88 35.00 -18.29 -48.49
CA PHE H 88 34.08 -17.47 -47.78
C PHE H 88 34.82 -16.21 -47.30
N GLY H 89 34.06 -15.21 -47.14
CA GLY H 89 34.47 -13.96 -46.62
C GLY H 89 34.15 -13.78 -45.18
N GLY H 90 34.10 -12.55 -44.84
CA GLY H 90 33.97 -12.08 -43.52
C GLY H 90 34.96 -12.61 -42.55
N LYS H 91 34.47 -13.09 -41.48
CA LYS H 91 35.28 -13.67 -40.45
C LYS H 91 35.67 -15.15 -40.72
N GLN H 92 35.19 -15.80 -41.74
CA GLN H 92 35.47 -17.20 -42.04
C GLN H 92 35.16 -18.14 -40.91
N THR H 93 34.06 -17.90 -40.29
CA THR H 93 33.45 -18.61 -39.20
C THR H 93 32.16 -19.29 -39.70
N LEU H 94 32.22 -20.56 -39.69
CA LEU H 94 31.27 -21.50 -40.18
C LEU H 94 30.74 -22.38 -39.05
N TYR H 95 29.49 -22.10 -38.64
CA TYR H 95 28.78 -22.86 -37.59
C TYR H 95 27.64 -23.67 -38.21
N GLY H 96 27.36 -24.85 -37.72
CA GLY H 96 26.27 -25.68 -38.24
C GLY H 96 26.64 -26.52 -39.45
N PHE H 97 25.82 -26.58 -40.50
CA PHE H 97 25.96 -27.49 -41.68
C PHE H 97 25.93 -28.94 -41.08
N ASN H 98 26.97 -29.76 -41.13
CA ASN H 98 27.03 -31.16 -40.67
C ASN H 98 27.85 -31.35 -39.40
N ASN H 99 28.18 -30.30 -38.80
CA ASN H 99 28.91 -30.13 -37.59
C ASN H 99 30.35 -30.67 -37.69
N LEU H 100 30.94 -30.50 -38.86
CA LEU H 100 32.31 -30.83 -39.21
C LEU H 100 33.38 -29.83 -38.75
N VAL H 101 33.11 -28.58 -38.78
CA VAL H 101 33.96 -27.46 -38.39
C VAL H 101 33.48 -26.76 -37.13
N ASP H 102 32.34 -26.10 -37.17
CA ASP H 102 31.88 -25.29 -36.06
C ASP H 102 32.96 -24.38 -35.49
N GLY H 103 33.56 -23.68 -36.40
CA GLY H 103 34.50 -22.67 -36.33
C GLY H 103 35.15 -21.95 -37.49
N TRP H 104 36.34 -21.55 -37.22
CA TRP H 104 37.18 -20.75 -38.06
C TRP H 104 37.81 -21.62 -39.11
N THR H 105 37.70 -21.19 -40.28
CA THR H 105 38.16 -21.82 -41.49
C THR H 105 39.22 -21.06 -42.25
N GLY H 106 39.78 -20.09 -41.67
CA GLY H 106 40.79 -19.30 -42.26
C GLY H 106 42.11 -20.06 -42.33
N GLU H 107 43.02 -19.51 -43.06
CA GLU H 107 44.43 -19.96 -43.20
C GLU H 107 45.28 -19.65 -42.03
N GLY H 108 45.10 -18.52 -41.43
CA GLY H 108 45.98 -18.18 -40.37
C GLY H 108 47.25 -17.64 -41.02
N VAL H 109 48.38 -17.73 -40.34
CA VAL H 109 49.50 -16.79 -40.55
C VAL H 109 50.80 -17.46 -41.02
N VAL H 110 50.84 -18.78 -41.10
CA VAL H 110 51.99 -19.63 -41.37
C VAL H 110 51.80 -20.24 -42.76
N PRO H 111 52.28 -19.63 -43.97
CA PRO H 111 52.27 -20.06 -45.62
C PRO H 111 53.12 -21.34 -45.54
N ASN H 112 52.67 -22.45 -46.13
CA ASN H 112 53.37 -23.77 -46.26
C ASN H 112 53.39 -24.57 -44.97
N SER H 113 52.31 -24.49 -44.18
CA SER H 113 51.84 -25.47 -43.16
C SER H 113 50.30 -25.38 -43.09
N GLU H 114 49.66 -26.34 -42.50
CA GLU H 114 48.21 -26.29 -42.22
C GLU H 114 48.03 -26.01 -40.73
N ARG H 115 47.05 -25.18 -40.37
CA ARG H 115 46.49 -25.05 -39.00
C ARG H 115 46.09 -26.43 -38.54
N PRO H 116 46.26 -27.03 -37.19
CA PRO H 116 45.76 -28.31 -36.69
C PRO H 116 44.29 -28.48 -36.59
N ASP H 117 43.52 -27.42 -36.40
CA ASP H 117 42.07 -27.55 -36.38
C ASP H 117 41.52 -27.95 -37.77
N LYS H 118 42.21 -27.56 -38.84
CA LYS H 118 41.91 -28.01 -40.21
C LYS H 118 42.10 -29.51 -40.43
N LEU H 119 43.24 -30.01 -40.07
CA LEU H 119 43.59 -31.43 -40.01
C LEU H 119 42.68 -32.21 -39.12
N GLU H 120 42.25 -31.69 -37.97
CA GLU H 120 41.23 -32.28 -37.19
C GLU H 120 39.95 -32.45 -37.99
N ALA H 121 39.39 -31.37 -38.49
CA ALA H 121 38.26 -31.35 -39.37
C ALA H 121 38.34 -32.39 -40.46
N ILE H 122 39.44 -32.42 -41.14
CA ILE H 122 39.62 -33.32 -42.27
C ILE H 122 39.57 -34.78 -41.80
N ARG H 123 40.16 -35.06 -40.66
N ARG H 123 40.16 -35.07 -40.65
CA ARG H 123 40.12 -36.39 -40.08
CA ARG H 123 40.09 -36.39 -40.06
C ARG H 123 38.70 -36.75 -39.65
C ARG H 123 38.68 -36.74 -39.68
N ARG H 124 38.07 -35.89 -39.23
CA ARG H 124 36.70 -36.12 -38.67
C ARG H 124 35.73 -36.40 -39.82
N ALA H 125 35.68 -35.64 -40.89
CA ALA H 125 35.08 -35.96 -42.16
C ALA H 125 35.26 -37.40 -42.60
N ALA H 126 36.46 -37.84 -42.50
CA ALA H 126 36.83 -39.17 -42.95
C ALA H 126 36.11 -40.25 -42.19
N GLU H 127 35.97 -40.14 -40.91
CA GLU H 127 35.41 -41.15 -40.08
C GLU H 127 33.93 -40.99 -39.72
N ARG H 128 33.27 -39.87 -40.00
CA ARG H 128 31.87 -39.59 -40.20
C ARG H 128 31.35 -40.03 -41.57
N GLY H 129 32.17 -40.49 -42.46
CA GLY H 129 31.84 -40.96 -43.77
C GLY H 129 31.77 -40.12 -44.98
N PHE H 130 32.38 -39.00 -44.94
CA PHE H 130 32.40 -37.98 -45.97
C PHE H 130 33.52 -38.29 -46.95
N LYS H 131 33.13 -38.79 -48.13
CA LYS H 131 33.96 -39.41 -49.13
C LYS H 131 34.96 -38.45 -49.74
N SER H 132 36.22 -38.79 -49.67
CA SER H 132 37.37 -38.24 -50.39
C SER H 132 38.13 -39.08 -51.35
N PRO I 1 33.66 -14.47 -61.45
CA PRO I 1 33.12 -14.61 -62.77
C PRO I 1 32.41 -13.36 -63.32
N GLN I 2 31.93 -13.45 -64.54
CA GLN I 2 31.28 -12.33 -65.25
C GLN I 2 29.86 -12.77 -65.62
N ILE I 3 28.86 -11.97 -65.41
CA ILE I 3 27.43 -12.25 -65.71
C ILE I 3 26.87 -11.05 -66.48
N SER I 4 26.01 -11.28 -67.43
CA SER I 4 25.24 -10.29 -68.16
C SER I 4 24.22 -9.63 -67.26
N ARG I 5 24.04 -8.32 -67.52
CA ARG I 5 23.04 -7.47 -66.86
C ARG I 5 21.69 -8.12 -66.88
N GLN I 6 21.30 -8.65 -68.01
CA GLN I 6 20.02 -9.19 -68.22
C GLN I 6 19.79 -10.40 -67.34
N GLU I 7 20.81 -11.15 -67.11
CA GLU I 7 20.77 -12.33 -66.28
C GLU I 7 20.80 -11.95 -64.80
N TYR I 8 21.64 -11.01 -64.50
CA TYR I 8 21.74 -10.40 -63.18
C TYR I 8 20.36 -9.87 -62.75
N ALA I 9 19.67 -9.10 -63.60
CA ALA I 9 18.41 -8.42 -63.34
C ALA I 9 17.32 -9.41 -63.00
N GLY I 10 17.23 -10.43 -63.80
CA GLY I 10 16.42 -11.54 -63.57
C GLY I 10 16.59 -12.25 -62.26
N LEU I 11 17.74 -12.23 -61.73
CA LEU I 11 18.00 -12.79 -60.41
C LEU I 11 17.77 -11.82 -59.25
N PHE I 12 18.12 -10.62 -59.44
CA PHE I 12 18.31 -9.65 -58.41
C PHE I 12 17.67 -8.28 -58.61
N GLY I 13 17.00 -8.12 -59.66
CA GLY I 13 16.57 -6.91 -60.18
C GLY I 13 17.55 -5.89 -60.68
N PRO I 14 17.06 -4.70 -60.97
CA PRO I 14 17.91 -3.67 -61.55
C PRO I 14 19.01 -3.10 -60.71
N THR I 15 20.17 -2.78 -61.29
CA THR I 15 21.26 -2.16 -60.52
C THR I 15 21.59 -0.74 -61.05
N THR I 16 22.61 -0.06 -60.54
CA THR I 16 23.02 1.33 -60.91
C THR I 16 23.09 1.51 -62.43
N GLY I 17 22.40 2.50 -63.01
CA GLY I 17 22.34 2.75 -64.45
C GLY I 17 21.13 2.16 -65.09
N ASP I 18 20.47 1.18 -64.51
CA ASP I 18 19.29 0.62 -65.01
C ASP I 18 18.14 1.56 -64.70
N LYS I 19 17.24 1.59 -65.64
N LYS I 19 17.25 1.58 -65.65
CA LYS I 19 16.04 2.39 -65.72
CA LYS I 19 16.04 2.39 -65.73
C LYS I 19 14.72 1.59 -65.65
C LYS I 19 14.71 1.59 -65.64
N ILE I 20 13.77 2.07 -64.86
CA ILE I 20 12.45 1.49 -64.64
C ILE I 20 11.33 2.47 -64.99
N ARG I 21 10.48 2.03 -65.84
CA ARG I 21 9.22 2.57 -66.22
C ARG I 21 8.22 2.40 -65.08
N LEU I 22 7.63 3.51 -64.71
CA LEU I 22 6.62 3.63 -63.65
C LEU I 22 5.29 3.49 -64.38
N GLY I 23 4.75 2.37 -64.49
CA GLY I 23 3.54 1.99 -65.06
C GLY I 23 3.46 2.08 -66.50
N ASP I 24 2.33 2.60 -66.91
CA ASP I 24 2.05 3.02 -68.22
C ASP I 24 2.32 4.46 -68.47
N THR I 25 2.98 5.11 -67.53
CA THR I 25 3.48 6.46 -67.72
C THR I 25 4.75 6.40 -68.60
N ASN I 26 5.17 7.55 -69.01
CA ASN I 26 6.41 7.97 -69.63
C ASN I 26 7.46 8.47 -68.68
N LEU I 27 7.34 8.18 -67.45
CA LEU I 27 8.30 8.38 -66.45
C LEU I 27 9.17 7.12 -66.21
N PHE I 28 10.39 7.36 -66.18
CA PHE I 28 11.54 6.46 -66.09
C PHE I 28 12.46 6.96 -65.02
N ILE I 29 12.52 6.32 -64.12
CA ILE I 29 13.43 6.35 -63.01
C ILE I 29 14.65 5.53 -63.35
N GLU I 30 15.72 5.92 -62.76
CA GLU I 30 17.07 5.42 -62.85
C GLU I 30 17.70 5.28 -61.47
N ILE I 31 18.31 4.14 -61.23
CA ILE I 31 19.04 3.81 -60.04
C ILE I 31 20.36 4.58 -60.03
N GLU I 32 20.50 5.41 -59.05
CA GLU I 32 21.58 6.31 -58.77
C GLU I 32 22.73 5.60 -58.09
N LYS I 33 22.41 4.76 -57.13
CA LYS I 33 23.35 4.07 -56.23
C LYS I 33 22.88 2.64 -55.90
N ASP I 34 23.82 1.72 -55.78
CA ASP I 34 23.64 0.35 -55.37
C ASP I 34 24.51 0.13 -54.17
N LEU I 35 23.86 0.02 -53.07
CA LEU I 35 24.46 -0.20 -51.80
C LEU I 35 24.72 -1.65 -51.41
N ARG I 36 24.35 -2.61 -52.21
CA ARG I 36 24.43 -3.99 -51.68
C ARG I 36 25.41 -4.86 -52.45
N GLY I 37 26.61 -4.31 -52.78
CA GLY I 37 27.81 -4.93 -53.43
C GLY I 37 27.49 -5.73 -54.67
N TYR I 38 28.21 -6.82 -54.94
CA TYR I 38 27.96 -7.87 -55.98
C TYR I 38 28.49 -9.24 -55.50
N GLY I 39 27.91 -10.37 -55.91
CA GLY I 39 28.35 -11.69 -55.46
C GLY I 39 27.90 -12.18 -54.10
N GLU I 40 27.34 -11.40 -53.17
CA GLU I 40 26.88 -11.93 -51.85
C GLU I 40 25.41 -11.60 -51.57
N GLU I 41 24.60 -11.62 -52.57
CA GLU I 41 23.25 -11.14 -52.67
C GLU I 41 22.30 -11.99 -51.82
N SER I 42 21.69 -11.39 -50.85
CA SER I 42 20.74 -11.96 -49.90
C SER I 42 19.35 -12.15 -50.45
N VAL I 43 18.96 -13.38 -50.65
CA VAL I 43 17.66 -13.84 -51.11
C VAL I 43 17.16 -15.04 -50.30
N TYR I 44 15.86 -15.02 -50.06
CA TYR I 44 15.12 -15.99 -49.30
C TYR I 44 14.74 -17.01 -50.36
N GLY I 45 14.96 -18.20 -50.01
CA GLY I 45 14.41 -19.37 -50.62
C GLY I 45 15.15 -20.66 -50.33
N GLY I 46 14.54 -21.76 -50.77
CA GLY I 46 15.12 -23.07 -50.94
C GLY I 46 16.26 -23.05 -51.90
N GLY I 47 17.36 -23.41 -51.34
CA GLY I 47 18.65 -23.43 -51.92
C GLY I 47 19.38 -22.12 -52.12
N LYS I 48 18.96 -21.08 -51.48
CA LYS I 48 19.40 -19.76 -51.61
C LYS I 48 20.25 -19.32 -50.43
N SER I 49 20.51 -18.06 -50.36
CA SER I 49 21.58 -17.47 -49.55
C SER I 49 21.23 -17.21 -48.08
N LEU I 50 20.00 -16.93 -47.74
CA LEU I 50 19.51 -16.61 -46.39
C LEU I 50 19.07 -17.90 -45.74
N ARG I 51 20.02 -18.80 -45.56
CA ARG I 51 19.87 -20.10 -44.94
C ARG I 51 20.80 -20.06 -43.74
N ASP I 52 20.61 -21.02 -42.89
CA ASP I 52 21.27 -21.11 -41.60
C ASP I 52 22.76 -21.38 -41.75
N GLY I 53 23.55 -20.54 -41.19
CA GLY I 53 24.99 -20.39 -41.10
C GLY I 53 25.72 -19.82 -42.29
N MET I 54 24.94 -19.57 -43.30
N MET I 54 24.94 -19.57 -43.30
CA MET I 54 25.40 -19.04 -44.58
CA MET I 54 25.41 -19.04 -44.58
C MET I 54 25.04 -17.50 -44.55
C MET I 54 25.04 -17.50 -44.55
N GLY I 55 24.16 -16.91 -45.37
CA GLY I 55 23.74 -15.55 -45.35
C GLY I 55 23.09 -15.12 -44.05
N ALA I 56 22.39 -16.02 -43.40
CA ALA I 56 21.92 -15.94 -42.06
C ALA I 56 22.80 -16.50 -40.96
N ASN I 57 23.06 -15.65 -40.04
CA ASN I 57 23.58 -15.86 -38.78
C ASN I 57 22.64 -16.73 -37.98
N ASN I 58 23.21 -17.68 -37.32
CA ASN I 58 22.59 -18.76 -36.60
C ASN I 58 23.05 -18.93 -35.15
N HIS I 59 23.80 -18.05 -34.65
CA HIS I 59 24.35 -18.07 -33.36
C HIS I 59 24.10 -16.87 -32.46
N LEU I 60 23.70 -15.76 -32.99
CA LEU I 60 23.39 -14.53 -32.33
C LEU I 60 21.92 -14.46 -31.91
N THR I 61 21.73 -14.13 -30.66
CA THR I 61 20.46 -13.75 -30.05
C THR I 61 20.12 -12.35 -30.53
N ARG I 62 18.91 -12.01 -30.30
CA ARG I 62 18.30 -10.84 -30.93
C ARG I 62 18.87 -9.53 -30.40
N ASP I 63 19.41 -9.52 -29.22
CA ASP I 63 19.92 -8.42 -28.43
C ASP I 63 21.28 -7.93 -28.88
N ASN I 64 22.00 -8.69 -29.65
CA ASN I 64 23.00 -8.35 -30.64
C ASN I 64 22.62 -7.55 -31.85
N GLY I 65 21.42 -7.15 -31.89
CA GLY I 65 20.92 -6.26 -32.91
C GLY I 65 20.49 -6.92 -34.20
N VAL I 66 20.27 -8.22 -34.16
CA VAL I 66 19.67 -8.93 -35.24
C VAL I 66 18.29 -8.35 -35.57
N LEU I 67 18.00 -8.30 -36.80
CA LEU I 67 16.82 -7.80 -37.39
C LEU I 67 15.61 -8.68 -37.08
N ASP I 68 14.49 -8.06 -37.04
CA ASP I 68 13.13 -8.63 -37.05
C ASP I 68 12.57 -8.85 -38.44
N LEU I 69 12.98 -8.10 -39.40
CA LEU I 69 12.59 -8.12 -40.78
C LEU I 69 13.66 -7.46 -41.69
N VAL I 70 13.75 -7.97 -42.86
CA VAL I 70 14.58 -7.58 -43.98
C VAL I 70 13.85 -7.62 -45.28
N ILE I 71 13.95 -6.55 -46.02
CA ILE I 71 13.45 -6.34 -47.34
C ILE I 71 14.69 -6.24 -48.23
N THR I 72 14.83 -7.15 -49.11
CA THR I 72 15.98 -7.45 -49.93
C THR I 72 15.90 -7.02 -51.36
N ASN I 73 16.98 -6.51 -51.79
CA ASN I 73 17.24 -6.16 -53.12
C ASN I 73 16.16 -5.21 -53.74
N VAL I 74 15.85 -4.19 -53.03
CA VAL I 74 14.75 -3.28 -53.29
C VAL I 74 15.23 -1.95 -53.73
N THR I 75 14.48 -1.46 -54.64
CA THR I 75 14.52 -0.10 -55.16
C THR I 75 13.68 0.89 -54.37
N ILE I 76 14.35 1.70 -53.66
CA ILE I 76 13.93 2.79 -52.80
C ILE I 76 13.80 4.10 -53.57
N VAL I 77 12.60 4.55 -53.64
CA VAL I 77 12.14 5.83 -54.16
C VAL I 77 11.64 6.65 -52.99
N ASP I 78 12.48 7.56 -52.58
CA ASP I 78 12.31 8.45 -51.41
C ASP I 78 12.83 9.89 -51.69
N ALA I 79 12.14 10.94 -51.22
CA ALA I 79 12.41 12.36 -51.49
C ALA I 79 13.66 12.86 -50.81
N ARG I 80 14.12 12.26 -49.75
CA ARG I 80 15.37 12.54 -49.14
C ARG I 80 16.55 11.61 -49.53
N LEU I 81 16.34 10.33 -49.76
CA LEU I 81 17.42 9.39 -50.16
C LEU I 81 17.60 9.32 -51.68
N GLY I 82 16.60 9.65 -52.43
CA GLY I 82 16.58 9.52 -53.86
C GLY I 82 16.12 8.13 -54.34
N VAL I 83 16.70 7.62 -55.38
CA VAL I 83 16.54 6.39 -56.15
C VAL I 83 17.76 5.46 -56.02
N ILE I 84 17.66 4.57 -55.06
CA ILE I 84 18.75 3.63 -54.70
C ILE I 84 18.25 2.18 -54.60
N LYS I 85 19.16 1.26 -54.73
CA LYS I 85 19.07 -0.17 -54.57
C LYS I 85 19.84 -0.61 -53.35
N ALA I 86 19.14 -1.19 -52.45
CA ALA I 86 19.49 -1.56 -51.11
C ALA I 86 18.62 -2.65 -50.49
N ASP I 87 19.18 -3.22 -49.46
CA ASP I 87 18.58 -3.99 -48.40
C ASP I 87 18.10 -3.03 -47.31
N VAL I 88 16.90 -3.26 -46.82
CA VAL I 88 16.23 -2.58 -45.79
C VAL I 88 15.74 -3.48 -44.69
N GLY I 89 16.17 -3.14 -43.58
CA GLY I 89 16.04 -3.61 -42.28
C GLY I 89 15.30 -2.94 -41.14
N ILE I 90 14.45 -3.70 -40.58
CA ILE I 90 13.54 -3.37 -39.56
C ILE I 90 13.70 -4.18 -38.31
N ARG I 91 13.72 -3.47 -37.24
CA ARG I 91 13.88 -3.73 -35.84
C ARG I 91 13.09 -2.78 -34.95
N ASP I 92 12.32 -3.38 -34.12
CA ASP I 92 11.43 -2.82 -33.10
C ASP I 92 10.43 -1.82 -33.70
N GLY I 93 9.90 -2.16 -34.80
CA GLY I 93 9.07 -1.44 -35.67
C GLY I 93 9.66 -0.19 -36.33
N LYS I 94 10.92 -0.04 -36.30
CA LYS I 94 11.79 0.98 -36.79
C LYS I 94 12.84 0.49 -37.81
N ILE I 95 13.15 1.34 -38.76
CA ILE I 95 14.19 1.28 -39.80
C ILE I 95 15.53 1.44 -39.11
N ALA I 96 16.29 0.37 -39.05
CA ALA I 96 17.60 0.22 -38.46
C ALA I 96 18.79 0.43 -39.40
N GLY I 97 18.59 0.26 -40.61
CA GLY I 97 19.52 0.30 -41.65
C GLY I 97 19.01 0.13 -43.05
N ILE I 98 19.77 0.68 -44.06
CA ILE I 98 19.60 0.69 -45.51
C ILE I 98 21.02 0.39 -46.03
N GLY I 99 21.24 -0.68 -46.77
CA GLY I 99 22.60 -1.08 -47.10
C GLY I 99 22.64 -2.52 -47.53
N LYS I 100 23.68 -3.23 -47.14
CA LYS I 100 23.90 -4.64 -47.44
C LYS I 100 23.57 -5.45 -46.18
N SER I 101 22.62 -6.29 -46.22
CA SER I 101 22.24 -7.29 -45.23
C SER I 101 23.02 -8.61 -45.43
N GLY I 102 23.20 -9.35 -44.40
CA GLY I 102 23.71 -10.73 -44.21
C GLY I 102 24.39 -11.01 -42.90
N ASN I 103 25.24 -11.96 -42.98
CA ASN I 103 26.01 -12.63 -41.98
C ASN I 103 27.50 -12.26 -42.05
N PRO I 104 27.97 -11.42 -41.16
CA PRO I 104 29.36 -11.00 -41.15
C PRO I 104 30.38 -12.16 -40.91
N GLY I 105 29.93 -13.30 -40.43
CA GLY I 105 30.80 -14.46 -40.31
C GLY I 105 31.40 -14.96 -41.61
N VAL I 106 30.64 -14.86 -42.66
CA VAL I 106 30.82 -15.49 -43.96
C VAL I 106 30.79 -14.54 -45.13
N MET I 107 30.63 -13.26 -44.89
CA MET I 107 30.37 -12.19 -45.81
C MET I 107 31.14 -10.95 -45.42
N ASP I 108 31.65 -10.35 -46.41
CA ASP I 108 32.21 -9.04 -46.36
C ASP I 108 31.10 -8.03 -46.69
N GLY I 109 31.25 -6.89 -46.10
CA GLY I 109 30.48 -5.72 -46.34
C GLY I 109 29.07 -5.64 -45.86
N VAL I 110 28.73 -6.30 -44.76
CA VAL I 110 27.43 -6.22 -44.15
C VAL I 110 27.31 -4.91 -43.39
N THR I 111 26.32 -4.18 -43.73
CA THR I 111 26.08 -2.91 -43.06
C THR I 111 25.82 -3.15 -41.59
N PRO I 112 26.45 -2.45 -40.71
CA PRO I 112 26.09 -2.56 -39.31
C PRO I 112 24.64 -2.33 -39.04
N GLY I 113 24.12 -3.13 -38.23
CA GLY I 113 22.72 -3.16 -37.99
C GLY I 113 21.85 -4.02 -38.88
N LEU I 114 22.36 -4.46 -40.00
CA LEU I 114 21.71 -5.31 -40.97
C LEU I 114 22.10 -6.83 -40.90
N VAL I 115 22.36 -7.29 -39.73
CA VAL I 115 22.56 -8.71 -39.47
C VAL I 115 21.27 -9.48 -39.44
N VAL I 116 21.13 -10.31 -40.35
CA VAL I 116 20.10 -11.30 -40.52
C VAL I 116 20.50 -12.53 -39.71
N GLY I 117 19.55 -13.05 -38.99
CA GLY I 117 19.53 -14.05 -38.05
C GLY I 117 18.29 -14.86 -37.82
N VAL I 118 18.33 -15.54 -36.72
CA VAL I 118 17.28 -16.44 -36.24
C VAL I 118 15.95 -15.68 -36.09
N SER I 119 15.98 -14.47 -35.57
CA SER I 119 14.89 -13.47 -35.47
C SER I 119 14.31 -12.93 -36.74
N THR I 120 14.97 -13.02 -37.81
CA THR I 120 14.61 -12.42 -39.04
C THR I 120 13.70 -13.18 -39.95
N ASP I 121 12.64 -12.55 -40.35
CA ASP I 121 11.84 -12.72 -41.53
C ASP I 121 12.23 -11.83 -42.69
N ALA I 122 11.73 -12.19 -43.79
CA ALA I 122 12.10 -11.74 -45.10
C ALA I 122 11.01 -11.53 -46.14
N ILE I 123 11.23 -10.44 -46.78
CA ILE I 123 10.60 -9.89 -47.95
C ILE I 123 11.60 -9.65 -49.08
N SER I 124 11.26 -10.18 -50.18
CA SER I 124 11.91 -10.18 -51.46
C SER I 124 11.47 -9.01 -52.28
N GLY I 125 12.29 -8.06 -52.31
CA GLY I 125 12.20 -6.78 -52.99
C GLY I 125 12.77 -6.62 -54.37
N GLU I 126 13.20 -7.73 -54.93
CA GLU I 126 13.98 -7.79 -56.16
C GLU I 126 13.33 -7.04 -57.29
N HIS I 127 12.11 -7.33 -57.54
CA HIS I 127 11.35 -6.73 -58.59
C HIS I 127 10.37 -5.61 -58.06
N LEU I 128 10.64 -5.05 -56.89
CA LEU I 128 9.82 -4.10 -56.19
C LEU I 128 10.45 -2.74 -55.86
N ILE I 129 9.55 -1.78 -55.77
CA ILE I 129 9.67 -0.43 -55.28
C ILE I 129 9.01 -0.27 -53.91
N LEU I 130 9.75 0.21 -53.07
CA LEU I 130 9.55 0.65 -51.75
C LEU I 130 9.52 2.17 -51.55
N THR I 131 8.48 2.59 -51.10
CA THR I 131 8.12 3.92 -50.69
C THR I 131 7.71 3.98 -49.22
N ALA I 132 7.95 5.11 -48.70
CA ALA I 132 7.21 5.64 -47.62
C ALA I 132 5.73 5.66 -47.97
N ALA I 133 4.96 5.40 -46.98
CA ALA I 133 3.54 5.56 -47.02
C ALA I 133 3.19 7.04 -47.02
N GLY I 134 2.29 7.35 -47.76
CA GLY I 134 1.64 8.60 -47.80
C GLY I 134 0.90 9.03 -46.60
N ILE I 135 0.82 10.34 -46.55
CA ILE I 135 0.20 11.11 -45.54
C ILE I 135 -0.76 12.13 -46.15
N ASP I 136 -2.06 11.98 -45.77
CA ASP I 136 -3.25 12.73 -46.19
C ASP I 136 -3.61 13.72 -45.03
N THR I 137 -3.29 14.96 -45.19
CA THR I 137 -3.48 16.11 -44.35
C THR I 137 -4.85 16.75 -44.36
N HIS I 138 -5.72 16.39 -45.22
CA HIS I 138 -7.03 16.95 -45.38
C HIS I 138 -8.14 15.87 -45.42
N ILE I 139 -8.38 15.28 -44.33
CA ILE I 139 -9.35 14.22 -44.12
C ILE I 139 -10.53 14.74 -43.35
N HIS I 140 -11.61 14.60 -43.95
CA HIS I 140 -12.89 14.66 -43.35
C HIS I 140 -13.32 13.25 -42.86
N LEU I 141 -13.54 13.18 -41.57
CA LEU I 141 -14.00 12.06 -40.77
C LEU I 141 -15.50 11.88 -40.83
N ILE I 142 -15.93 11.61 -42.02
CA ILE I 142 -17.26 11.41 -42.37
C ILE I 142 -17.65 9.94 -42.20
N SER I 143 -16.83 9.02 -42.70
CA SER I 143 -16.92 7.57 -42.80
C SER I 143 -15.66 6.84 -42.35
N PRO I 144 -15.76 5.91 -41.39
CA PRO I 144 -14.63 5.09 -41.02
C PRO I 144 -13.95 4.24 -42.10
N GLN I 145 -14.63 3.89 -43.11
CA GLN I 145 -14.31 3.08 -44.25
C GLN I 145 -13.31 3.72 -45.23
N GLN I 146 -13.18 5.02 -45.16
CA GLN I 146 -12.17 5.78 -45.87
C GLN I 146 -10.75 5.21 -45.68
N ALA I 147 -10.45 4.79 -44.52
CA ALA I 147 -9.21 4.17 -44.13
C ALA I 147 -8.81 3.02 -45.00
N TYR I 148 -9.76 2.23 -45.43
CA TYR I 148 -9.59 1.08 -46.26
C TYR I 148 -9.27 1.48 -47.68
N HIS I 149 -9.97 2.49 -48.16
CA HIS I 149 -9.77 3.10 -49.51
C HIS I 149 -8.37 3.71 -49.53
N ALA I 150 -7.90 4.28 -48.49
CA ALA I 150 -6.63 4.92 -48.34
C ALA I 150 -5.44 3.92 -48.37
N LEU I 151 -5.49 2.97 -47.48
CA LEU I 151 -4.53 1.83 -47.42
C LEU I 151 -4.38 1.12 -48.77
N SER I 152 -5.35 1.07 -49.51
CA SER I 152 -5.48 0.50 -50.81
C SER I 152 -4.88 1.33 -51.97
N ASN I 153 -4.51 2.55 -51.73
CA ASN I 153 -3.65 3.46 -52.50
C ASN I 153 -2.38 3.92 -51.83
N GLY I 154 -1.95 3.24 -50.87
CA GLY I 154 -0.78 3.53 -50.21
C GLY I 154 -0.62 4.66 -49.20
N VAL I 155 -1.69 5.07 -48.60
CA VAL I 155 -1.86 6.03 -47.54
C VAL I 155 -2.26 5.35 -46.25
N ALA I 156 -1.57 5.64 -45.31
CA ALA I 156 -1.52 5.21 -43.93
C ALA I 156 -1.48 6.20 -42.79
N THR I 157 -1.54 7.47 -43.04
CA THR I 157 -1.70 8.52 -42.08
C THR I 157 -2.78 9.57 -42.56
N PHE I 158 -3.66 9.89 -41.67
CA PHE I 158 -4.78 10.82 -41.76
C PHE I 158 -4.56 11.96 -40.72
N PHE I 159 -4.68 13.13 -41.15
CA PHE I 159 -4.80 14.37 -40.48
C PHE I 159 -6.10 15.02 -41.00
N GLY I 160 -6.86 15.41 -40.11
CA GLY I 160 -8.15 15.98 -40.12
C GLY I 160 -8.99 15.88 -38.88
N GLY I 161 -10.22 15.90 -39.18
CA GLY I 161 -11.32 16.05 -38.29
C GLY I 161 -12.70 15.72 -38.78
N GLY I 162 -13.52 15.66 -37.83
CA GLY I 162 -14.88 15.33 -37.85
C GLY I 162 -15.40 14.49 -36.66
N ILE I 163 -16.65 14.14 -36.79
CA ILE I 163 -17.44 13.35 -35.86
C ILE I 163 -18.49 12.46 -36.52
N GLY I 164 -18.23 11.95 -37.71
CA GLY I 164 -19.08 11.18 -38.60
C GLY I 164 -19.89 12.07 -39.50
N PRO I 165 -20.98 11.62 -40.13
CA PRO I 165 -21.64 12.44 -41.13
C PRO I 165 -22.54 13.60 -40.69
N THR I 166 -22.08 14.47 -39.83
CA THR I 166 -22.80 15.69 -39.42
C THR I 166 -22.53 16.72 -40.51
N ASP I 167 -23.37 17.70 -40.64
CA ASP I 167 -23.24 18.78 -41.62
C ASP I 167 -21.95 19.61 -41.42
N GLY I 168 -21.52 19.75 -40.24
CA GLY I 168 -20.27 20.36 -39.94
C GLY I 168 -19.03 19.60 -40.43
N THR I 169 -19.07 18.33 -40.37
CA THR I 169 -18.03 17.43 -40.85
C THR I 169 -18.08 17.32 -42.29
N ASN I 170 -19.26 17.28 -42.88
CA ASN I 170 -19.37 17.24 -44.31
C ASN I 170 -18.67 18.45 -44.95
N GLY I 171 -18.71 19.55 -44.31
CA GLY I 171 -17.96 20.72 -44.73
C GLY I 171 -16.66 21.08 -44.16
N THR I 172 -16.34 20.66 -42.97
CA THR I 172 -15.08 21.06 -42.40
C THR I 172 -14.42 19.86 -41.67
N THR I 173 -13.14 19.91 -41.48
CA THR I 173 -12.12 19.14 -40.78
C THR I 173 -11.89 19.57 -39.32
N VAL I 174 -12.99 19.52 -38.64
CA VAL I 174 -13.11 19.99 -37.26
C VAL I 174 -13.78 18.89 -36.40
N THR I 175 -13.30 18.71 -35.23
CA THR I 175 -13.72 17.87 -34.14
C THR I 175 -13.89 18.84 -33.01
N PRO I 176 -15.07 19.41 -32.83
CA PRO I 176 -15.22 20.49 -31.92
C PRO I 176 -15.43 20.13 -30.47
N GLY I 177 -14.58 20.64 -29.73
CA GLY I 177 -14.51 20.59 -28.32
C GLY I 177 -14.00 19.37 -27.62
N PRO I 178 -13.59 19.49 -26.39
CA PRO I 178 -12.99 18.41 -25.61
C PRO I 178 -13.77 17.07 -25.47
N TRP I 179 -15.07 17.10 -25.48
CA TRP I 179 -15.92 15.91 -25.46
C TRP I 179 -15.83 15.15 -26.75
N ASN I 180 -16.12 15.79 -27.81
CA ASN I 180 -16.03 15.30 -29.16
C ASN I 180 -14.62 14.78 -29.53
N ILE I 181 -13.59 15.48 -29.12
CA ILE I 181 -12.18 15.10 -29.31
C ILE I 181 -11.91 13.77 -28.64
N ARG I 182 -12.24 13.64 -27.38
CA ARG I 182 -12.08 12.45 -26.53
C ARG I 182 -12.73 11.23 -27.17
N GLN I 183 -13.89 11.43 -27.62
CA GLN I 183 -14.75 10.49 -28.34
C GLN I 183 -14.13 10.01 -29.59
N MET I 184 -13.57 10.90 -30.31
CA MET I 184 -12.97 10.65 -31.54
C MET I 184 -11.60 9.97 -31.40
N LEU I 185 -10.81 10.34 -30.43
CA LEU I 185 -9.60 9.66 -30.07
C LEU I 185 -9.87 8.17 -29.78
N ARG I 186 -10.86 7.89 -29.02
CA ARG I 186 -11.34 6.59 -28.62
C ARG I 186 -11.85 5.74 -29.77
N SER I 187 -12.50 6.30 -30.72
CA SER I 187 -13.02 5.71 -31.90
C SER I 187 -11.96 5.23 -32.83
N VAL I 188 -10.95 6.04 -33.05
CA VAL I 188 -9.92 5.83 -34.04
C VAL I 188 -9.01 4.69 -33.66
N GLU I 189 -9.02 4.32 -32.42
CA GLU I 189 -8.50 3.05 -31.93
C GLU I 189 -8.95 1.83 -32.74
N GLY I 190 -10.02 1.90 -33.39
CA GLY I 190 -10.53 0.97 -34.27
C GLY I 190 -10.16 1.09 -35.73
N LEU I 191 -9.24 1.90 -36.05
CA LEU I 191 -8.79 2.16 -37.37
C LEU I 191 -7.30 1.80 -37.64
N PRO I 192 -7.00 1.36 -38.72
CA PRO I 192 -5.69 0.83 -39.03
C PRO I 192 -4.68 1.77 -39.66
N VAL I 193 -4.92 3.02 -39.49
CA VAL I 193 -4.17 4.19 -39.86
C VAL I 193 -3.82 5.05 -38.68
N ASN I 194 -2.74 5.72 -38.80
CA ASN I 194 -2.31 6.76 -37.92
C ASN I 194 -3.29 7.92 -38.07
N VAL I 195 -3.45 8.67 -37.04
CA VAL I 195 -4.38 9.81 -36.90
C VAL I 195 -3.88 10.90 -35.98
N GLY I 196 -4.09 12.05 -36.46
CA GLY I 196 -4.14 13.26 -35.68
C GLY I 196 -5.37 14.12 -35.97
N ILE I 197 -5.89 14.66 -34.98
CA ILE I 197 -7.16 15.35 -35.01
C ILE I 197 -6.93 16.86 -34.89
N LEU I 198 -7.72 17.54 -35.65
CA LEU I 198 -7.96 18.96 -35.69
C LEU I 198 -9.22 19.51 -35.03
N GLY I 199 -9.04 20.42 -34.36
CA GLY I 199 -9.92 21.31 -33.65
C GLY I 199 -10.44 22.58 -34.35
N LYS I 200 -11.40 23.23 -33.77
CA LYS I 200 -12.08 24.42 -34.24
C LYS I 200 -11.35 25.65 -33.71
N GLY I 201 -10.85 26.33 -34.54
CA GLY I 201 -10.06 27.54 -34.38
C GLY I 201 -10.80 28.84 -34.18
N ASN I 202 -12.02 28.89 -34.61
CA ASN I 202 -12.78 30.18 -34.59
C ASN I 202 -13.19 30.48 -33.16
N SER I 203 -12.39 31.17 -32.42
CA SER I 203 -12.54 31.58 -31.02
C SER I 203 -12.04 33.00 -30.71
N TYR I 204 -12.66 33.69 -29.80
CA TYR I 204 -12.16 35.02 -29.40
C TYR I 204 -11.09 34.89 -28.29
N GLY I 205 -11.27 34.41 -27.08
CA GLY I 205 -10.09 34.32 -26.15
C GLY I 205 -9.27 33.02 -26.31
N ARG I 206 -8.27 32.81 -25.46
CA ARG I 206 -7.45 31.65 -25.32
C ARG I 206 -8.18 30.42 -24.78
N GLY I 207 -9.14 30.58 -23.96
CA GLY I 207 -9.85 29.53 -23.28
C GLY I 207 -10.29 28.38 -24.10
N PRO I 208 -11.10 28.67 -25.11
CA PRO I 208 -11.67 27.67 -25.97
C PRO I 208 -10.72 26.93 -26.85
N LEU I 209 -9.59 27.47 -27.15
CA LEU I 209 -8.50 26.91 -27.89
C LEU I 209 -7.62 25.99 -27.03
N LEU I 210 -7.35 26.42 -25.85
CA LEU I 210 -6.46 25.75 -24.92
C LEU I 210 -7.02 24.38 -24.50
N GLU I 211 -8.28 24.36 -24.17
CA GLU I 211 -9.29 23.32 -24.00
C GLU I 211 -9.08 22.17 -24.91
N GLN I 212 -9.08 22.47 -26.16
CA GLN I 212 -9.00 21.49 -27.19
C GLN I 212 -7.56 20.93 -27.34
N ALA I 213 -6.59 21.77 -27.21
CA ALA I 213 -5.15 21.54 -27.11
C ALA I 213 -4.82 20.47 -26.07
N ILE I 214 -5.22 20.66 -24.85
CA ILE I 214 -5.07 19.74 -23.76
C ILE I 214 -5.85 18.41 -24.01
N ALA I 215 -7.05 18.53 -24.54
CA ALA I 215 -7.93 17.39 -24.89
C ALA I 215 -7.18 16.50 -25.91
N GLY I 216 -6.20 16.99 -26.67
CA GLY I 216 -5.33 16.19 -27.54
C GLY I 216 -5.17 16.62 -29.01
N VAL I 217 -5.72 17.73 -29.54
CA VAL I 217 -5.61 18.05 -31.00
C VAL I 217 -4.15 18.39 -31.37
N VAL I 218 -3.80 18.25 -32.61
CA VAL I 218 -2.55 18.52 -33.26
C VAL I 218 -2.53 19.79 -34.09
N GLY I 219 -3.64 20.48 -34.06
CA GLY I 219 -3.94 21.51 -34.87
C GLY I 219 -5.32 22.13 -34.69
N TYR I 220 -5.46 23.25 -35.24
CA TYR I 220 -6.70 24.04 -35.38
C TYR I 220 -7.00 24.33 -36.84
N VAL I 222 -9.32 26.54 -39.15
CA VAL I 222 -10.02 27.76 -39.55
C VAL I 222 -10.69 27.70 -40.96
N HIS I 223 -11.97 27.64 -40.87
CA HIS I 223 -12.96 27.43 -41.91
C HIS I 223 -14.01 28.54 -41.99
N GLU I 224 -14.38 28.95 -43.22
CA GLU I 224 -15.43 29.95 -43.53
C GLU I 224 -16.76 29.61 -42.93
N ASP I 225 -17.14 28.39 -43.05
CA ASP I 225 -18.32 27.77 -42.52
C ASP I 225 -18.59 27.98 -41.06
N TRP I 226 -17.55 28.14 -40.31
CA TRP I 226 -17.67 28.49 -38.91
C TRP I 226 -17.17 29.92 -38.65
N GLY I 227 -16.83 30.69 -39.69
CA GLY I 227 -16.12 32.00 -39.70
C GLY I 227 -14.63 32.05 -39.95
N ALA I 228 -14.13 32.38 -41.14
CA ALA I 228 -12.69 32.54 -41.48
C ALA I 228 -12.23 34.02 -41.35
N THR I 229 -12.47 34.60 -40.23
CA THR I 229 -12.24 35.97 -39.77
C THR I 229 -10.79 36.22 -39.44
N ALA I 230 -10.42 37.50 -39.41
CA ALA I 230 -9.12 37.92 -38.99
C ALA I 230 -8.90 37.54 -37.53
N ASN I 231 -9.92 37.67 -36.79
CA ASN I 231 -9.96 37.34 -35.38
C ASN I 231 -9.57 35.88 -35.15
N ALA I 232 -10.25 34.99 -35.82
CA ALA I 232 -10.03 33.57 -35.82
C ALA I 232 -8.58 33.20 -36.04
N LEU I 233 -8.06 33.67 -37.14
CA LEU I 233 -6.69 33.54 -37.56
C LEU I 233 -5.73 33.95 -36.52
N ARG I 234 -5.84 35.16 -36.10
CA ARG I 234 -4.99 35.77 -35.15
C ARG I 234 -4.93 34.98 -33.85
N HIS I 235 -6.07 34.59 -33.30
CA HIS I 235 -6.04 33.96 -32.02
C HIS I 235 -5.52 32.48 -32.12
N SER I 236 -5.93 31.78 -33.13
CA SER I 236 -5.50 30.45 -33.57
C SER I 236 -4.00 30.31 -33.75
N LEU I 237 -3.40 31.24 -34.43
CA LEU I 237 -2.00 31.30 -34.62
C LEU I 237 -1.20 31.65 -33.39
N ARG I 238 -1.68 32.57 -32.62
CA ARG I 238 -1.06 32.89 -31.33
C ARG I 238 -1.06 31.70 -30.34
N MET I 239 -2.13 31.02 -30.27
CA MET I 239 -2.24 29.80 -29.50
C MET I 239 -1.34 28.72 -30.00
N ALA I 240 -1.26 28.55 -31.28
CA ALA I 240 -0.46 27.58 -31.98
C ALA I 240 0.99 27.65 -31.67
N ASP I 241 1.48 28.82 -31.67
CA ASP I 241 2.81 29.14 -31.35
C ASP I 241 3.07 28.82 -29.89
N GLU I 242 2.09 29.00 -29.07
CA GLU I 242 2.16 28.61 -27.69
C GLU I 242 2.22 27.08 -27.50
N MET I 243 1.40 26.35 -28.17
CA MET I 243 1.16 24.95 -28.03
C MET I 243 2.01 24.03 -28.89
N ASP I 244 2.84 24.53 -29.77
CA ASP I 244 3.50 23.85 -30.85
C ASP I 244 2.61 22.87 -31.62
N ILE I 245 1.63 23.43 -32.17
CA ILE I 245 0.74 22.85 -33.08
C ILE I 245 0.49 23.72 -34.31
N GLN I 246 -0.06 23.12 -35.30
CA GLN I 246 -0.35 23.64 -36.61
C GLN I 246 -1.74 24.28 -36.75
N VAL I 247 -1.86 25.12 -37.71
CA VAL I 247 -3.06 25.78 -38.17
C VAL I 247 -3.16 25.64 -39.66
N SER I 248 -4.27 25.15 -40.08
CA SER I 248 -4.79 24.93 -41.36
C SER I 248 -6.00 25.89 -41.57
N VAL I 249 -6.18 26.32 -42.81
CA VAL I 249 -7.14 27.30 -43.28
C VAL I 249 -7.73 27.04 -44.63
N HIS I 250 -9.01 27.28 -44.62
CA HIS I 250 -10.02 27.39 -45.65
C HIS I 250 -10.62 28.82 -45.56
N THR I 251 -10.19 29.64 -46.47
CA THR I 251 -10.43 31.11 -46.39
C THR I 251 -11.84 31.47 -46.88
N ASP I 252 -12.21 32.68 -46.61
CA ASP I 252 -13.49 33.34 -46.94
C ASP I 252 -13.65 33.45 -48.48
N SER I 253 -14.48 32.67 -49.11
CA SER I 253 -14.71 32.67 -50.57
C SER I 253 -15.52 33.91 -51.07
N LEU I 254 -16.36 34.44 -50.26
CA LEU I 254 -17.29 35.56 -50.45
C LEU I 254 -16.71 36.98 -50.38
N ASN I 255 -15.54 37.10 -49.94
CA ASN I 255 -14.75 38.24 -49.59
C ASN I 255 -15.38 39.22 -48.50
N GLU I 256 -16.26 38.61 -47.69
CA GLU I 256 -17.06 39.28 -46.65
C GLU I 256 -16.20 40.17 -45.77
N CYS I 257 -15.25 39.67 -44.99
CA CYS I 257 -14.49 40.49 -44.06
C CYS I 257 -13.22 41.01 -44.71
N GLY I 258 -12.95 40.75 -45.99
CA GLY I 258 -11.69 40.97 -46.66
C GLY I 258 -11.40 40.21 -47.93
N TYR I 259 -10.38 40.68 -48.57
CA TYR I 259 -9.69 40.12 -49.69
C TYR I 259 -8.49 39.35 -49.16
N VAL I 260 -7.93 38.56 -50.01
CA VAL I 260 -6.74 37.75 -49.79
C VAL I 260 -5.58 38.47 -49.10
N GLU I 261 -5.28 39.65 -49.53
CA GLU I 261 -4.32 40.52 -48.92
C GLU I 261 -4.56 40.79 -47.42
N ASP I 262 -5.80 40.98 -47.02
CA ASP I 262 -6.20 41.12 -45.64
C ASP I 262 -6.05 39.81 -44.85
N THR I 263 -6.43 38.71 -45.43
CA THR I 263 -6.13 37.38 -44.90
C THR I 263 -4.66 37.21 -44.63
N ILE I 264 -3.86 37.58 -45.59
CA ILE I 264 -2.43 37.47 -45.51
C ILE I 264 -1.88 38.21 -44.32
N ASP I 265 -2.42 39.37 -44.07
CA ASP I 265 -2.07 40.22 -42.98
C ASP I 265 -2.54 39.66 -41.64
N ALA I 266 -3.66 38.96 -41.61
CA ALA I 266 -4.16 38.20 -40.48
C ALA I 266 -3.22 37.08 -40.08
N PHE I 267 -2.51 36.48 -41.03
CA PHE I 267 -1.47 35.46 -40.75
C PHE I 267 -0.32 36.02 -39.92
N GLU I 268 0.04 37.25 -40.10
CA GLU I 268 0.95 38.00 -39.31
C GLU I 268 2.36 37.30 -39.21
N GLY I 269 2.82 36.90 -40.32
CA GLY I 269 3.96 36.14 -40.76
C GLY I 269 4.23 34.76 -40.15
N ARG I 270 3.26 34.28 -39.45
CA ARG I 270 3.16 33.08 -38.67
C ARG I 270 2.93 31.87 -39.58
N THR I 271 3.53 30.76 -39.23
CA THR I 271 3.39 29.53 -39.98
C THR I 271 1.93 29.05 -40.09
N ILE I 272 1.54 28.72 -41.26
CA ILE I 272 0.24 28.28 -41.68
C ILE I 272 0.20 27.39 -42.91
N HIS I 273 -0.69 26.42 -42.81
CA HIS I 273 -1.07 25.47 -43.79
C HIS I 273 -2.40 25.89 -44.45
N THR I 274 -2.33 26.07 -45.64
CA THR I 274 -3.33 26.51 -46.59
C THR I 274 -3.80 25.38 -47.46
N PHE I 275 -5.03 24.85 -47.23
CA PHE I 275 -5.76 23.82 -47.98
C PHE I 275 -6.21 24.34 -49.35
N HIS I 276 -6.48 23.50 -50.30
CA HIS I 276 -6.98 23.84 -51.64
C HIS I 276 -6.57 25.28 -52.03
N THR I 277 -5.26 25.52 -52.20
CA THR I 277 -4.61 26.83 -52.39
C THR I 277 -5.10 27.54 -53.68
N GLU I 278 -5.48 26.80 -54.67
CA GLU I 278 -6.10 27.21 -55.94
C GLU I 278 -7.46 27.89 -55.81
N GLY I 279 -8.29 27.42 -54.93
CA GLY I 279 -9.62 27.89 -54.64
C GLY I 279 -10.86 27.13 -55.10
N ALA I 280 -10.78 26.16 -56.01
CA ALA I 280 -11.98 25.39 -56.40
C ALA I 280 -12.71 24.78 -55.19
N GLY I 281 -11.96 24.34 -54.19
CA GLY I 281 -12.39 23.76 -52.93
C GLY I 281 -12.74 24.68 -51.81
N GLY I 282 -12.72 25.96 -52.06
CA GLY I 282 -12.83 27.05 -51.19
C GLY I 282 -11.68 28.04 -51.17
N GLY I 283 -12.01 29.30 -50.99
CA GLY I 283 -11.06 30.36 -50.76
C GLY I 283 -11.41 31.58 -51.58
N HIS I 284 -10.91 32.71 -51.08
CA HIS I 284 -10.97 34.04 -51.63
C HIS I 284 -10.93 33.99 -53.14
N ALA I 285 -11.95 34.43 -53.71
CA ALA I 285 -12.14 34.33 -55.14
C ALA I 285 -11.70 35.60 -55.85
N PRO I 286 -10.98 35.53 -56.95
CA PRO I 286 -10.46 34.46 -57.75
C PRO I 286 -9.09 33.99 -57.35
N ASP I 287 -8.50 34.62 -56.35
CA ASP I 287 -7.07 34.82 -56.20
C ASP I 287 -6.39 34.34 -54.89
N ILE I 288 -6.95 33.41 -54.20
CA ILE I 288 -6.32 32.75 -53.05
C ILE I 288 -4.93 32.14 -53.33
N ILE I 289 -4.65 31.75 -54.54
CA ILE I 289 -3.40 31.22 -55.15
C ILE I 289 -2.13 32.03 -54.89
N ARG I 290 -2.31 33.29 -54.57
CA ARG I 290 -1.25 34.24 -54.26
C ARG I 290 -0.58 34.05 -52.91
N VAL I 291 -1.19 33.32 -52.02
CA VAL I 291 -0.65 32.89 -50.75
C VAL I 291 0.59 31.96 -50.95
N ALA I 292 0.73 31.28 -52.07
CA ALA I 292 1.85 30.44 -52.50
C ALA I 292 3.17 31.19 -52.73
N SER I 293 3.18 32.53 -52.67
CA SER I 293 4.30 33.47 -52.70
C SER I 293 4.94 33.83 -51.33
N GLN I 294 4.35 33.54 -50.38
CA GLN I 294 4.69 33.87 -49.06
C GLN I 294 5.50 32.75 -48.34
N PRO I 295 6.53 33.13 -47.62
CA PRO I 295 7.45 32.17 -46.94
C PRO I 295 6.91 31.42 -45.73
N ASN I 296 5.87 31.88 -45.16
CA ASN I 296 5.18 31.38 -44.00
C ASN I 296 4.02 30.44 -44.30
N VAL I 297 3.67 30.35 -45.52
CA VAL I 297 2.62 29.54 -46.05
C VAL I 297 3.22 28.24 -46.60
N LEU I 298 2.62 27.18 -46.17
CA LEU I 298 2.86 25.79 -46.51
C LEU I 298 1.67 25.33 -47.30
N PRO I 299 1.77 25.40 -48.61
CA PRO I 299 0.62 25.21 -49.44
C PRO I 299 0.36 23.81 -49.92
N SER I 300 -0.84 23.52 -49.91
CA SER I 300 -1.55 22.38 -50.41
C SER I 300 -2.65 22.67 -51.35
N SER I 301 -2.88 21.68 -52.29
CA SER I 301 -4.01 21.47 -53.17
C SER I 301 -4.79 20.20 -52.83
N THR I 302 -6.06 20.20 -53.04
CA THR I 302 -6.88 18.97 -52.93
C THR I 302 -6.79 18.26 -54.26
N ASN I 303 -7.00 16.98 -54.24
CA ASN I 303 -6.70 16.17 -55.41
C ASN I 303 -7.77 16.25 -56.48
N PRO I 304 -9.15 16.79 -56.62
CA PRO I 304 -10.02 16.67 -57.81
C PRO I 304 -9.62 17.50 -59.05
N THR I 305 -8.79 18.52 -58.95
CA THR I 305 -8.26 19.35 -60.02
C THR I 305 -6.94 18.87 -60.67
N LEU I 306 -6.30 17.89 -60.14
CA LEU I 306 -5.04 17.32 -60.52
C LEU I 306 -5.21 15.89 -61.02
N PRO I 307 -4.98 15.56 -62.26
CA PRO I 307 -4.54 16.44 -63.27
C PRO I 307 -5.72 17.18 -63.86
N TYR I 308 -5.44 18.21 -64.61
CA TYR I 308 -6.42 18.99 -65.33
C TYR I 308 -6.83 18.33 -66.60
N GLY I 309 -8.08 18.02 -66.62
CA GLY I 309 -8.68 17.36 -67.73
C GLY I 309 -9.91 18.04 -68.31
N VAL I 310 -10.31 17.49 -69.41
CA VAL I 310 -11.37 17.92 -70.29
C VAL I 310 -12.76 17.89 -69.66
N ASN I 311 -12.98 17.01 -68.76
CA ASN I 311 -14.16 16.91 -67.96
C ASN I 311 -14.10 17.68 -66.65
N SER I 312 -13.01 18.36 -66.36
CA SER I 312 -12.78 18.99 -65.07
C SER I 312 -13.71 20.17 -64.78
N GLN I 313 -14.02 20.94 -65.77
CA GLN I 313 -14.85 22.10 -65.56
C GLN I 313 -16.31 21.73 -65.35
N ALA I 314 -16.84 20.92 -66.23
CA ALA I 314 -18.15 20.27 -66.07
C ALA I 314 -18.41 19.64 -64.72
N GLU I 315 -17.44 18.96 -64.18
CA GLU I 315 -17.57 18.23 -62.96
C GLU I 315 -17.73 19.17 -61.79
N LEU I 316 -16.84 20.10 -61.72
CA LEU I 316 -16.66 20.99 -60.60
C LEU I 316 -17.80 21.94 -60.46
N PHE I 317 -18.26 22.49 -61.57
CA PHE I 317 -19.42 23.30 -61.67
C PHE I 317 -20.57 22.63 -60.99
N ASP I 318 -20.87 21.48 -61.49
CA ASP I 318 -22.03 20.77 -61.06
C ASP I 318 -21.92 20.36 -59.61
N MET I 319 -20.74 20.01 -59.17
CA MET I 319 -20.40 19.63 -57.79
C MET I 319 -20.67 20.68 -56.76
N ILE I 320 -20.26 21.91 -57.02
CA ILE I 320 -20.53 22.99 -56.08
C ILE I 320 -21.96 23.26 -56.03
N MET I 321 -22.58 23.30 -57.17
CA MET I 321 -23.96 23.57 -57.24
C MET I 321 -24.78 22.56 -56.55
N VAL I 322 -24.22 21.41 -56.21
CA VAL I 322 -24.85 20.54 -55.27
C VAL I 322 -24.23 20.57 -53.92
N CYS I 323 -22.91 20.74 -53.84
CA CYS I 323 -22.25 20.84 -52.56
C CYS I 323 -22.94 21.89 -51.70
N HIS I 324 -23.26 23.05 -52.30
CA HIS I 324 -23.89 24.17 -51.64
C HIS I 324 -25.37 24.29 -51.97
N ASN I 325 -26.02 23.18 -52.30
CA ASN I 325 -27.40 23.16 -52.73
C ASN I 325 -27.91 24.41 -53.47
N LEU I 326 -27.24 24.79 -54.53
CA LEU I 326 -27.65 25.95 -55.20
C LEU I 326 -28.77 25.61 -56.17
N VAL I 334 -25.28 31.48 -59.47
CA VAL I 334 -24.46 31.10 -60.59
C VAL I 334 -23.29 31.98 -60.81
N SER I 335 -23.22 33.00 -60.01
CA SER I 335 -22.17 33.96 -60.10
C SER I 335 -21.23 33.74 -58.95
N PHE I 336 -21.68 33.00 -57.94
CA PHE I 336 -20.80 32.34 -57.03
C PHE I 336 -20.14 31.16 -57.72
N ALA I 337 -20.85 30.51 -58.66
CA ALA I 337 -20.37 29.26 -59.27
C ALA I 337 -19.22 29.49 -60.23
N GLU I 338 -19.41 30.31 -61.24
CA GLU I 338 -18.45 30.59 -62.31
C GLU I 338 -17.31 31.48 -61.86
N SER I 339 -17.35 31.92 -60.63
CA SER I 339 -16.29 32.63 -59.97
C SER I 339 -15.45 31.74 -59.07
N ARG I 340 -16.03 30.63 -58.69
CA ARG I 340 -15.49 29.59 -57.88
C ARG I 340 -14.73 28.61 -58.74
N VAL I 341 -15.14 28.42 -59.97
CA VAL I 341 -14.71 27.39 -60.82
C VAL I 341 -14.15 28.06 -62.08
N ARG I 342 -12.85 28.14 -62.09
CA ARG I 342 -12.01 28.91 -62.99
C ARG I 342 -11.00 28.07 -63.74
N PRO I 343 -11.21 27.81 -65.03
CA PRO I 343 -10.25 27.02 -65.80
C PRO I 343 -8.82 27.51 -65.72
N GLU I 344 -8.68 28.83 -65.67
CA GLU I 344 -7.40 29.51 -65.63
C GLU I 344 -6.60 29.26 -64.38
N THR I 345 -7.23 29.22 -63.25
CA THR I 345 -6.50 29.00 -62.05
C THR I 345 -6.21 27.49 -61.80
N ILE I 346 -7.05 26.63 -62.36
CA ILE I 346 -6.93 25.20 -62.25
C ILE I 346 -5.69 24.72 -63.01
N ALA I 347 -5.54 25.16 -64.25
CA ALA I 347 -4.34 25.02 -65.02
C ALA I 347 -3.13 25.56 -64.32
N ALA I 348 -3.30 26.68 -63.71
CA ALA I 348 -2.24 27.31 -63.01
C ALA I 348 -1.75 26.46 -61.85
N GLU I 349 -2.67 25.82 -61.15
CA GLU I 349 -2.37 24.95 -60.00
C GLU I 349 -1.41 23.81 -60.44
N ASN I 350 -1.66 23.19 -61.54
CA ASN I 350 -0.95 22.15 -62.24
C ASN I 350 0.48 22.56 -62.53
N VAL I 351 0.66 23.74 -63.04
CA VAL I 351 1.95 24.29 -63.34
C VAL I 351 2.74 24.59 -62.12
N LEU I 352 2.12 25.15 -61.15
CA LEU I 352 2.77 25.52 -59.95
C LEU I 352 3.30 24.32 -59.14
N HIS I 353 2.57 23.25 -59.20
CA HIS I 353 2.94 21.94 -58.72
C HIS I 353 4.24 21.50 -59.32
N ASP I 354 4.30 21.45 -60.63
CA ASP I 354 5.46 21.13 -61.40
C ASP I 354 6.66 22.01 -61.17
N MET I 355 6.45 23.21 -60.76
CA MET I 355 7.49 24.17 -60.40
C MET I 355 8.04 24.01 -59.00
N GLY I 356 7.38 23.33 -58.14
CA GLY I 356 7.65 23.32 -56.75
C GLY I 356 7.14 24.47 -55.92
N VAL I 357 6.10 25.12 -56.36
CA VAL I 357 5.46 26.23 -55.70
C VAL I 357 4.26 25.82 -54.81
N ILE I 358 3.49 24.82 -55.14
CA ILE I 358 2.52 24.15 -54.27
C ILE I 358 3.14 22.82 -53.76
N SER I 359 3.22 22.67 -52.49
CA SER I 359 4.11 21.76 -51.87
C SER I 359 3.54 20.37 -51.46
N MET I 360 2.26 20.19 -51.45
CA MET I 360 1.44 19.06 -51.04
C MET I 360 0.11 18.83 -51.73
N PHE I 361 -0.16 17.57 -51.94
CA PHE I 361 -1.35 16.97 -52.34
C PHE I 361 -2.11 16.52 -51.07
N SER I 362 -3.41 16.44 -51.19
CA SER I 362 -4.44 16.13 -50.20
C SER I 362 -5.74 15.79 -50.85
N SER I 363 -6.64 15.22 -49.93
CA SER I 363 -7.86 14.68 -50.49
C SER I 363 -9.04 15.57 -50.18
N ASP I 364 -9.29 16.00 -49.19
CA ASP I 364 -10.56 16.65 -48.92
C ASP I 364 -11.72 15.62 -48.87
N SER I 365 -11.45 14.44 -48.31
CA SER I 365 -12.22 13.21 -48.40
C SER I 365 -13.70 13.42 -48.22
N GLN I 366 -14.47 13.07 -49.21
CA GLN I 366 -15.94 13.14 -49.28
C GLN I 366 -16.52 14.50 -48.97
N ALA I 367 -15.70 15.49 -49.21
CA ALA I 367 -15.88 16.92 -49.28
C ALA I 367 -15.04 17.56 -50.42
N MET I 368 -15.29 17.09 -51.57
CA MET I 368 -14.86 17.30 -52.93
C MET I 368 -13.66 16.51 -53.49
N GLY I 369 -12.91 15.84 -52.65
CA GLY I 369 -11.82 14.98 -53.16
C GLY I 369 -11.93 13.51 -52.82
N ARG I 370 -10.88 12.70 -53.11
CA ARG I 370 -10.84 11.23 -53.30
C ARG I 370 -9.61 10.64 -52.57
N VAL I 371 -9.87 10.20 -51.36
CA VAL I 371 -9.09 9.57 -50.36
C VAL I 371 -8.28 8.42 -50.85
N GLY I 372 -8.72 7.76 -51.85
CA GLY I 372 -8.03 6.63 -52.46
C GLY I 372 -7.34 6.82 -53.79
N GLU I 373 -7.00 8.03 -54.07
CA GLU I 373 -6.46 8.51 -55.32
C GLU I 373 -5.27 9.51 -55.25
N ASN I 374 -4.74 9.81 -54.12
CA ASN I 374 -3.59 10.72 -53.87
C ASN I 374 -2.28 10.23 -54.51
N TRP I 375 -1.95 8.96 -54.35
CA TRP I 375 -0.77 8.37 -55.00
C TRP I 375 -1.03 8.25 -56.48
N LEU I 376 -2.23 7.87 -56.90
CA LEU I 376 -2.65 7.79 -58.30
C LEU I 376 -2.56 9.14 -58.99
N ARG I 377 -2.94 10.21 -58.32
CA ARG I 377 -3.18 11.43 -59.04
C ARG I 377 -1.87 12.22 -59.26
N VAL I 378 -1.03 12.17 -58.28
CA VAL I 378 0.36 12.58 -58.18
C VAL I 378 1.17 12.10 -59.38
N MET I 379 1.15 10.84 -59.62
CA MET I 379 1.73 10.17 -60.77
C MET I 379 1.06 10.57 -62.07
N GLN I 380 -0.19 10.65 -62.05
CA GLN I 380 -0.98 11.12 -63.20
C GLN I 380 -0.61 12.57 -63.64
N THR I 381 -0.39 13.43 -62.69
CA THR I 381 -0.01 14.82 -62.82
C THR I 381 1.42 14.98 -63.36
N ALA I 382 2.42 14.33 -62.75
CA ALA I 382 3.79 14.25 -63.18
C ALA I 382 3.92 13.90 -64.63
N ASN I 383 3.17 12.95 -65.08
CA ASN I 383 3.12 12.43 -66.42
C ASN I 383 2.40 13.32 -67.38
N ALA I 384 1.32 13.95 -67.01
CA ALA I 384 0.67 14.91 -67.88
C ALA I 384 1.57 16.13 -68.11
N MET I 385 2.23 16.55 -67.11
CA MET I 385 3.13 17.68 -67.08
C MET I 385 4.43 17.46 -67.85
N LYS I 386 5.01 16.27 -67.83
CA LYS I 386 6.15 15.92 -68.66
C LYS I 386 5.80 16.08 -70.11
N ALA I 387 4.68 15.57 -70.47
CA ALA I 387 4.14 15.68 -71.79
C ALA I 387 4.04 17.14 -72.26
N SER I 388 3.42 17.99 -71.46
CA SER I 388 3.16 19.39 -71.83
C SER I 388 4.34 20.33 -71.75
N ARG I 389 5.21 20.14 -70.84
CA ARG I 389 6.30 21.03 -70.48
C ARG I 389 7.66 20.51 -70.82
N GLY I 390 7.82 19.22 -71.00
CA GLY I 390 9.03 18.50 -71.01
C GLY I 390 9.77 18.37 -69.72
N LYS I 391 11.07 18.22 -69.84
CA LYS I 391 11.93 18.00 -68.72
C LYS I 391 12.09 19.25 -67.95
N LEU I 392 11.83 19.13 -66.73
CA LEU I 392 12.29 20.09 -65.80
C LEU I 392 13.75 20.41 -66.03
N PRO I 393 14.13 21.63 -65.74
CA PRO I 393 15.49 22.07 -66.05
C PRO I 393 16.55 21.34 -65.29
N GLU I 394 16.27 21.06 -64.03
CA GLU I 394 17.05 20.24 -63.15
C GLU I 394 17.00 18.73 -63.42
N ASP I 395 16.13 18.24 -64.26
CA ASP I 395 16.22 16.87 -64.66
C ASP I 395 17.56 16.61 -65.34
N ALA I 396 17.97 15.52 -65.19
CA ALA I 396 19.01 14.80 -65.91
C ALA I 396 18.48 14.27 -67.22
N PRO I 397 19.28 14.30 -68.25
CA PRO I 397 18.76 13.97 -69.57
C PRO I 397 18.22 12.59 -69.75
N GLY I 398 18.81 11.60 -69.15
CA GLY I 398 18.29 10.31 -69.41
C GLY I 398 17.11 9.88 -68.57
N ASN I 399 16.84 10.56 -67.47
CA ASN I 399 15.83 10.20 -66.50
C ASN I 399 14.99 11.33 -65.88
N ASP I 400 13.88 10.89 -65.31
CA ASP I 400 12.84 11.60 -64.67
C ASP I 400 12.85 11.61 -63.15
N ASN I 401 13.97 11.32 -62.56
CA ASN I 401 14.17 11.29 -61.12
C ASN I 401 13.82 12.61 -60.42
N PHE I 402 14.38 13.72 -60.85
CA PHE I 402 14.12 15.02 -60.28
C PHE I 402 12.63 15.26 -60.16
N ARG I 403 11.91 15.05 -61.23
CA ARG I 403 10.51 15.21 -61.31
C ARG I 403 9.74 14.32 -60.34
N VAL I 404 9.90 13.03 -60.50
CA VAL I 404 9.25 12.02 -59.71
C VAL I 404 9.39 12.32 -58.28
N LEU I 405 10.58 12.61 -57.89
N LEU I 405 10.57 12.60 -57.87
CA LEU I 405 10.94 12.87 -56.54
CA LEU I 405 10.87 12.86 -56.51
C LEU I 405 10.27 14.17 -55.99
C LEU I 405 10.27 14.17 -55.99
N ARG I 406 10.10 15.14 -56.79
CA ARG I 406 9.34 16.35 -56.41
C ARG I 406 7.92 15.98 -55.95
N TYR I 407 7.29 15.23 -56.82
CA TYR I 407 5.91 14.70 -56.68
C TYR I 407 5.74 13.82 -55.43
N VAL I 408 6.62 12.90 -55.18
CA VAL I 408 6.71 12.03 -54.03
C VAL I 408 6.83 12.76 -52.73
N ALA I 409 7.56 13.82 -52.71
CA ALA I 409 7.67 14.67 -51.57
C ALA I 409 6.31 15.26 -51.11
N LYS I 410 5.46 15.45 -52.04
CA LYS I 410 4.15 16.01 -51.96
C LYS I 410 3.20 15.19 -51.08
N ILE I 411 3.26 13.87 -51.16
CA ILE I 411 2.46 12.89 -50.41
C ILE I 411 3.16 12.18 -49.27
N THR I 412 4.42 12.42 -49.05
CA THR I 412 5.31 11.85 -48.08
C THR I 412 5.97 12.80 -47.10
N ILE I 413 7.08 13.35 -47.41
CA ILE I 413 7.82 14.04 -46.45
C ILE I 413 7.27 15.46 -46.13
N ASN I 414 6.72 16.08 -47.11
CA ASN I 414 6.17 17.42 -46.97
C ASN I 414 4.95 17.51 -46.06
N PRO I 415 3.92 16.78 -46.26
CA PRO I 415 2.91 16.64 -45.23
C PRO I 415 3.38 16.39 -43.78
N ALA I 416 4.32 15.55 -43.63
CA ALA I 416 4.90 15.26 -42.34
C ALA I 416 5.54 16.44 -41.73
N ILE I 417 6.26 17.14 -42.48
CA ILE I 417 6.96 18.31 -41.99
C ILE I 417 5.94 19.35 -41.54
N ALA I 418 4.95 19.54 -42.32
CA ALA I 418 3.85 20.50 -42.09
C ALA I 418 3.10 20.30 -40.76
N GLN I 419 2.95 19.10 -40.32
CA GLN I 419 2.16 18.68 -39.16
C GLN I 419 3.03 18.23 -37.96
N GLY I 420 4.25 18.36 -38.07
CA GLY I 420 5.32 18.12 -37.20
C GLY I 420 5.59 16.73 -36.73
N VAL I 421 5.56 15.85 -37.62
CA VAL I 421 5.79 14.42 -37.56
C VAL I 421 6.84 13.72 -38.42
N SER I 422 7.71 14.48 -38.99
CA SER I 422 8.83 14.06 -39.80
C SER I 422 9.92 13.44 -39.00
N HIS I 423 9.90 13.59 -37.76
CA HIS I 423 10.74 12.88 -36.87
C HIS I 423 10.44 11.37 -36.71
N VAL I 424 9.26 10.97 -36.96
CA VAL I 424 8.75 9.63 -36.87
C VAL I 424 8.26 8.98 -38.11
N ILE I 425 7.78 9.69 -39.02
CA ILE I 425 7.25 9.26 -40.28
C ILE I 425 7.58 10.17 -41.46
N GLY I 426 7.26 9.73 -42.64
CA GLY I 426 7.38 10.33 -43.95
C GLY I 426 8.48 10.10 -44.98
N SER I 427 9.53 9.41 -44.66
CA SER I 427 10.69 9.08 -45.43
C SER I 427 11.22 7.71 -44.95
N VAL I 428 11.86 7.05 -45.84
CA VAL I 428 12.66 5.85 -45.67
C VAL I 428 14.04 6.23 -45.26
N GLU I 429 14.25 6.35 -44.00
CA GLU I 429 15.42 6.83 -43.38
C GLU I 429 15.59 6.15 -42.03
N VAL I 430 16.81 6.03 -41.67
CA VAL I 430 17.17 5.41 -40.44
C VAL I 430 16.66 6.23 -39.27
N GLY I 431 16.10 5.53 -38.41
CA GLY I 431 15.42 5.81 -37.20
C GLY I 431 13.92 6.04 -37.17
N LYS I 432 13.31 6.02 -38.30
CA LYS I 432 11.95 6.18 -38.53
C LYS I 432 11.10 4.92 -38.49
N MET I 433 9.84 5.19 -38.10
N MET I 433 9.85 5.19 -38.10
CA MET I 433 8.76 4.19 -37.97
CA MET I 433 8.77 4.19 -37.97
C MET I 433 8.65 3.47 -39.31
C MET I 433 8.65 3.48 -39.31
N ALA I 434 8.63 2.08 -39.24
CA ALA I 434 8.51 1.51 -40.64
C ALA I 434 7.07 1.55 -41.15
N ASP I 435 6.60 2.71 -41.70
CA ASP I 435 5.31 3.04 -42.41
C ASP I 435 5.73 3.09 -43.91
N LEU I 436 5.60 2.01 -44.60
CA LEU I 436 6.11 1.60 -45.87
C LEU I 436 5.07 0.89 -46.71
N VAL I 437 5.25 1.11 -47.93
CA VAL I 437 4.58 0.63 -49.07
C VAL I 437 5.52 0.04 -50.11
N LEU I 438 5.15 -1.12 -50.53
CA LEU I 438 5.63 -1.97 -51.62
C LEU I 438 4.74 -2.04 -52.83
N TRP I 439 5.32 -1.72 -53.91
CA TRP I 439 4.76 -1.67 -55.19
C TRP I 439 5.43 -2.47 -56.30
N ASP I 440 4.69 -3.02 -57.09
CA ASP I 440 5.08 -3.51 -58.38
C ASP I 440 5.20 -2.36 -59.36
N PRO I 441 6.34 -2.21 -60.06
CA PRO I 441 6.44 -1.15 -61.06
C PRO I 441 5.43 -1.07 -62.06
N ARG I 442 4.93 -2.15 -62.47
CA ARG I 442 3.88 -2.23 -63.37
C ARG I 442 2.58 -1.47 -62.94
N PHE I 443 2.36 -1.36 -61.65
CA PHE I 443 1.22 -0.85 -60.89
C PHE I 443 1.53 0.39 -60.02
N PHE I 444 2.70 0.98 -60.13
CA PHE I 444 3.21 2.05 -59.34
C PHE I 444 2.23 3.22 -59.22
N GLY I 445 1.93 3.64 -58.02
CA GLY I 445 0.93 4.65 -57.71
C GLY I 445 -0.52 4.31 -57.53
N ALA I 446 -0.94 3.30 -58.19
CA ALA I 446 -2.26 2.78 -58.37
C ALA I 446 -2.63 1.70 -57.40
N LYS I 447 -1.96 0.58 -57.48
CA LYS I 447 -2.26 -0.67 -56.81
C LYS I 447 -1.06 -1.28 -56.09
N PRO I 448 -0.88 -1.03 -54.83
CA PRO I 448 0.19 -1.60 -54.12
C PRO I 448 0.08 -3.07 -53.83
N LYS I 449 1.18 -3.62 -53.49
CA LYS I 449 1.32 -5.00 -53.04
C LYS I 449 0.94 -5.15 -51.57
N MET I 450 1.49 -4.34 -50.75
CA MET I 450 1.41 -4.23 -49.32
C MET I 450 1.85 -2.96 -48.64
N VAL I 451 1.25 -2.81 -47.50
CA VAL I 451 1.46 -1.88 -46.51
C VAL I 451 1.90 -2.46 -45.22
N ILE I 452 3.01 -1.98 -44.86
CA ILE I 452 3.76 -2.17 -43.67
C ILE I 452 3.64 -0.97 -42.79
N LYS I 453 3.04 -1.27 -41.62
CA LYS I 453 2.45 -0.43 -40.66
C LYS I 453 3.03 -0.96 -39.34
N GLY I 454 3.90 -0.21 -38.82
CA GLY I 454 4.65 -0.25 -37.67
C GLY I 454 5.58 -1.46 -37.61
N GLY I 455 6.01 -1.94 -38.72
CA GLY I 455 6.82 -3.09 -38.84
C GLY I 455 6.16 -4.42 -39.16
N MET I 456 4.84 -4.51 -39.15
CA MET I 456 3.93 -5.52 -39.57
C MET I 456 3.12 -5.10 -40.76
N ILE I 457 2.82 -6.06 -41.59
CA ILE I 457 1.98 -6.04 -42.71
C ILE I 457 0.54 -5.98 -42.17
N ASN I 458 -0.09 -4.88 -42.45
CA ASN I 458 -1.44 -4.57 -42.04
C ASN I 458 -2.49 -4.70 -43.09
N TRP I 459 -2.15 -4.60 -44.31
CA TRP I 459 -2.93 -4.50 -45.49
C TRP I 459 -2.17 -4.97 -46.70
N ALA I 460 -2.83 -5.70 -47.48
CA ALA I 460 -2.44 -6.48 -48.64
C ALA I 460 -3.48 -7.01 -49.60
N ALA I 461 -3.06 -7.08 -50.82
CA ALA I 461 -3.70 -7.75 -51.92
C ALA I 461 -3.45 -9.25 -51.80
N MET I 462 -4.48 -9.91 -51.53
CA MET I 462 -4.67 -11.29 -51.15
C MET I 462 -5.79 -11.91 -51.93
N GLY I 463 -5.52 -13.11 -52.53
CA GLY I 463 -6.53 -13.96 -53.11
C GLY I 463 -7.01 -15.04 -52.18
N ASP I 464 -7.56 -16.11 -52.73
CA ASP I 464 -8.51 -17.06 -52.11
C ASP I 464 -7.79 -17.53 -50.86
N PRO I 465 -8.26 -17.27 -49.63
CA PRO I 465 -7.66 -17.82 -48.43
C PRO I 465 -7.70 -19.37 -48.36
N ASN I 466 -8.59 -20.04 -49.08
CA ASN I 466 -8.68 -21.48 -49.21
C ASN I 466 -7.74 -22.06 -50.24
N ALA I 467 -7.06 -21.25 -50.96
CA ALA I 467 -6.35 -21.77 -52.07
C ALA I 467 -5.01 -22.31 -51.57
N SER I 468 -4.39 -23.00 -52.42
CA SER I 468 -3.04 -23.58 -52.28
C SER I 468 -1.93 -22.59 -52.47
N LEU I 469 -2.20 -21.44 -52.98
CA LEU I 469 -1.34 -20.27 -52.94
C LEU I 469 -2.03 -19.00 -52.51
N PRO I 470 -1.27 -17.94 -52.29
CA PRO I 470 -1.81 -16.61 -52.00
C PRO I 470 -2.24 -15.79 -53.16
N THR I 471 -2.02 -16.24 -54.30
CA THR I 471 -2.23 -15.56 -55.53
C THR I 471 -3.44 -15.94 -56.28
N PRO I 472 -4.12 -17.03 -55.98
CA PRO I 472 -5.25 -17.34 -56.76
C PRO I 472 -6.47 -16.44 -56.50
N GLN I 473 -7.21 -16.28 -57.53
CA GLN I 473 -8.32 -15.34 -57.72
C GLN I 473 -9.53 -15.74 -56.85
N PRO I 474 -10.28 -14.77 -56.30
CA PRO I 474 -10.16 -13.34 -56.49
C PRO I 474 -9.17 -12.67 -55.58
N VAL I 475 -8.36 -11.86 -56.16
CA VAL I 475 -7.42 -11.02 -55.47
C VAL I 475 -8.06 -9.64 -55.24
N PHE I 476 -8.13 -9.27 -54.00
CA PHE I 476 -8.67 -8.06 -53.43
C PHE I 476 -8.03 -7.77 -52.06
N TYR I 477 -8.02 -6.51 -51.71
CA TYR I 477 -7.46 -5.95 -50.56
C TYR I 477 -8.25 -6.27 -49.33
N ARG I 478 -7.55 -6.70 -48.41
CA ARG I 478 -7.79 -7.38 -47.17
C ARG I 478 -6.90 -7.01 -46.02
N PRO I 479 -7.45 -6.84 -44.85
CA PRO I 479 -6.64 -6.78 -43.71
C PRO I 479 -5.81 -8.01 -43.40
N MET I 480 -4.76 -7.73 -42.84
CA MET I 480 -3.74 -8.63 -42.38
C MET I 480 -3.55 -8.55 -40.83
N PHE I 481 -2.65 -9.34 -40.26
CA PHE I 481 -2.41 -9.51 -38.83
C PHE I 481 -2.03 -8.23 -38.09
N GLY I 482 -1.31 -7.32 -38.69
CA GLY I 482 -1.06 -6.05 -38.13
C GLY I 482 -2.33 -5.19 -37.90
N ALA I 483 -3.34 -5.46 -38.63
CA ALA I 483 -4.72 -5.00 -38.62
C ALA I 483 -5.67 -5.78 -37.71
N MET I 484 -5.16 -6.59 -36.86
CA MET I 484 -5.82 -7.61 -36.07
C MET I 484 -5.41 -7.51 -34.64
N GLY I 485 -6.34 -7.85 -33.83
CA GLY I 485 -6.22 -7.83 -32.50
C GLY I 485 -5.73 -6.60 -31.81
N LYS I 486 -4.93 -6.83 -30.77
CA LYS I 486 -4.25 -5.75 -30.06
C LYS I 486 -3.04 -5.17 -30.86
N THR I 487 -2.52 -5.80 -31.85
CA THR I 487 -1.42 -5.35 -32.67
C THR I 487 -1.74 -4.08 -33.49
N MET I 488 -2.99 -4.04 -34.01
N MET I 488 -2.97 -4.09 -34.01
CA MET I 488 -3.55 -2.88 -34.81
CA MET I 488 -3.61 -2.97 -34.75
C MET I 488 -3.28 -1.58 -33.95
C MET I 488 -3.31 -1.63 -33.95
N GLN I 489 -3.59 -1.47 -32.63
CA GLN I 489 -3.31 -0.39 -31.80
C GLN I 489 -1.83 -0.23 -31.55
N ASP I 490 -1.11 -1.33 -31.33
CA ASP I 490 0.30 -1.33 -31.10
C ASP I 490 1.13 -0.75 -32.23
N THR I 491 0.72 -0.88 -33.39
CA THR I 491 1.34 -0.56 -34.61
C THR I 491 0.86 0.76 -35.22
N CYS I 492 -0.12 1.39 -34.58
CA CYS I 492 -0.76 2.65 -35.01
C CYS I 492 -0.52 3.74 -33.94
N VAL I 493 -0.32 4.94 -34.38
CA VAL I 493 -0.05 6.17 -33.68
C VAL I 493 -1.29 7.09 -33.75
N THR I 494 -1.59 7.60 -32.71
CA THR I 494 -2.42 8.74 -32.42
C THR I 494 -1.51 9.91 -31.98
N PHE I 495 -1.36 10.74 -32.88
CA PHE I 495 -0.76 12.04 -32.74
C PHE I 495 -1.64 13.03 -31.94
N VAL I 496 -0.97 13.64 -31.07
CA VAL I 496 -1.37 14.65 -30.14
C VAL I 496 -0.38 15.81 -29.87
N SER I 497 -0.89 16.80 -29.21
CA SER I 497 -0.19 17.97 -28.69
C SER I 497 0.68 17.52 -27.51
N GLN I 498 1.78 18.10 -27.35
CA GLN I 498 2.65 17.97 -26.19
C GLN I 498 1.96 18.33 -24.91
N ALA I 499 1.07 19.30 -24.96
CA ALA I 499 0.23 19.75 -23.88
C ALA I 499 -0.61 18.60 -23.33
N ALA I 500 -1.22 17.93 -24.22
CA ALA I 500 -2.03 16.77 -23.99
C ALA I 500 -1.25 15.58 -23.45
N LEU I 501 -0.14 15.32 -24.05
CA LEU I 501 0.77 14.28 -23.69
C LEU I 501 1.22 14.46 -22.25
N ASP I 502 1.59 15.64 -21.91
CA ASP I 502 2.08 16.03 -20.65
C ASP I 502 0.97 15.97 -19.56
N ASP I 503 -0.26 16.24 -19.89
CA ASP I 503 -1.47 16.17 -19.10
C ASP I 503 -2.02 14.76 -18.96
N GLY I 504 -1.38 13.77 -19.50
CA GLY I 504 -1.78 12.41 -19.50
C GLY I 504 -2.89 11.89 -20.32
N VAL I 505 -3.06 12.41 -21.51
CA VAL I 505 -4.10 12.08 -22.44
C VAL I 505 -4.25 10.57 -22.64
N LYS I 506 -3.16 9.88 -22.64
CA LYS I 506 -3.12 8.46 -22.86
C LYS I 506 -3.90 7.69 -21.79
N GLU I 507 -3.66 7.99 -20.54
CA GLU I 507 -4.39 7.51 -19.36
C GLU I 507 -5.82 8.00 -19.32
N LYS I 508 -6.00 9.31 -19.32
CA LYS I 508 -7.28 10.03 -19.24
C LYS I 508 -8.31 9.56 -20.22
N ALA I 509 -7.95 9.43 -21.45
CA ALA I 509 -8.71 8.93 -22.58
C ALA I 509 -8.68 7.44 -22.77
N GLY I 510 -7.78 6.79 -22.09
CA GLY I 510 -7.70 5.40 -22.10
C GLY I 510 -7.30 4.77 -23.40
N LEU I 511 -6.32 5.33 -24.08
CA LEU I 511 -5.88 4.96 -25.36
C LEU I 511 -4.81 3.87 -25.25
N ASP I 512 -4.93 2.88 -26.07
CA ASP I 512 -4.00 1.81 -26.27
C ASP I 512 -3.06 2.03 -27.46
N ARG I 513 -3.38 2.94 -28.36
CA ARG I 513 -2.55 3.37 -29.49
C ARG I 513 -1.23 3.86 -28.97
N GLN I 514 -0.23 3.90 -29.81
CA GLN I 514 0.92 4.70 -29.53
C GLN I 514 0.47 6.18 -29.59
N VAL I 515 0.83 6.92 -28.62
CA VAL I 515 0.56 8.36 -28.46
C VAL I 515 1.86 9.15 -28.48
N ILE I 516 2.04 9.87 -29.52
CA ILE I 516 3.21 10.65 -29.91
C ILE I 516 2.90 12.15 -30.09
N ALA I 517 3.69 12.97 -29.46
CA ALA I 517 3.58 14.43 -29.47
C ALA I 517 4.08 14.94 -30.79
N VAL I 518 3.27 15.67 -31.51
CA VAL I 518 3.73 16.55 -32.58
C VAL I 518 4.76 17.61 -32.13
N LYS I 519 5.70 17.94 -33.02
CA LYS I 519 6.80 18.85 -32.67
C LYS I 519 7.35 19.48 -33.96
N ASN I 520 7.84 20.66 -33.94
CA ASN I 520 8.51 21.44 -34.99
C ASN I 520 7.57 22.02 -36.07
N CYS I 521 6.44 22.50 -35.70
CA CYS I 521 5.34 22.99 -36.58
C CYS I 521 5.49 24.52 -36.87
N ARG I 522 6.01 25.28 -35.98
CA ARG I 522 5.98 26.76 -35.92
C ARG I 522 7.23 27.49 -36.41
N THR I 523 8.34 26.85 -36.47
CA THR I 523 9.65 27.36 -36.93
C THR I 523 9.94 27.09 -38.42
N ILE I 524 9.18 26.38 -39.02
CA ILE I 524 9.19 25.98 -40.41
C ILE I 524 8.53 27.02 -41.28
N SER I 525 9.01 27.03 -42.48
CA SER I 525 8.66 27.80 -43.60
C SER I 525 8.70 27.01 -44.87
N LYS I 526 8.29 27.65 -45.91
CA LYS I 526 8.22 27.11 -47.22
C LYS I 526 9.50 26.51 -47.68
N HIS I 527 10.60 27.14 -47.35
CA HIS I 527 11.95 26.73 -47.70
C HIS I 527 12.45 25.47 -47.02
N ASP I 528 11.82 25.06 -45.93
CA ASP I 528 12.06 23.80 -45.28
C ASP I 528 11.36 22.64 -45.95
N LEU I 529 10.65 22.90 -46.92
CA LEU I 529 9.92 21.90 -47.59
C LEU I 529 10.92 21.30 -48.58
N VAL I 530 10.70 20.06 -48.93
CA VAL I 530 11.59 19.24 -49.74
C VAL I 530 11.09 19.17 -51.16
N ARG I 531 11.93 19.64 -52.04
CA ARG I 531 11.83 19.78 -53.46
C ARG I 531 10.69 20.71 -53.93
N ASN I 532 10.05 21.41 -53.03
CA ASN I 532 8.92 22.23 -53.30
C ASN I 532 9.00 23.51 -52.45
N ASP I 533 10.07 24.23 -52.62
CA ASP I 533 10.51 25.32 -51.77
C ASP I 533 10.53 26.73 -52.41
N GLN I 534 9.96 26.88 -53.55
CA GLN I 534 9.81 28.05 -54.39
C GLN I 534 8.69 29.03 -53.98
N THR I 535 9.07 30.30 -53.86
CA THR I 535 8.27 31.47 -53.51
C THR I 535 8.29 32.56 -54.61
N PRO I 536 7.71 32.32 -55.76
CA PRO I 536 7.67 33.38 -56.77
C PRO I 536 6.55 34.40 -56.59
N ASN I 537 6.61 35.43 -57.41
CA ASN I 537 5.54 36.40 -57.53
C ASN I 537 4.38 35.82 -58.30
N ILE I 538 3.23 35.82 -57.69
CA ILE I 538 2.00 35.35 -58.32
C ILE I 538 0.96 36.45 -58.41
N GLU I 539 0.49 36.65 -59.61
CA GLU I 539 -0.49 37.62 -60.01
C GLU I 539 -1.65 36.94 -60.72
N VAL I 540 -2.82 37.33 -60.34
CA VAL I 540 -4.08 36.91 -60.90
C VAL I 540 -4.90 38.11 -61.36
N ASP I 541 -5.35 38.03 -62.54
CA ASP I 541 -6.18 39.02 -63.22
C ASP I 541 -7.63 38.96 -62.76
N PRO I 542 -8.11 40.01 -62.06
CA PRO I 542 -9.47 39.99 -61.50
C PRO I 542 -10.57 39.95 -62.53
N GLU I 543 -10.29 40.18 -63.80
CA GLU I 543 -11.28 39.98 -64.85
C GLU I 543 -11.29 38.58 -65.43
N THR I 544 -10.21 38.21 -66.06
CA THR I 544 -10.04 36.99 -66.78
C THR I 544 -9.41 35.85 -65.97
N PHE I 545 -8.98 36.08 -64.74
CA PHE I 545 -8.50 35.08 -63.80
C PHE I 545 -7.19 34.46 -64.21
N ALA I 546 -6.56 35.04 -65.23
CA ALA I 546 -5.26 34.62 -65.78
C ALA I 546 -4.19 34.76 -64.69
N VAL I 547 -3.29 33.81 -64.56
CA VAL I 547 -2.20 33.73 -63.63
C VAL I 547 -0.85 33.86 -64.29
N LYS I 548 -0.11 34.77 -63.74
CA LYS I 548 1.24 35.12 -64.03
C LYS I 548 2.10 34.80 -62.84
N VAL I 549 3.22 34.10 -63.07
CA VAL I 549 4.16 33.60 -62.05
C VAL I 549 5.48 34.19 -62.48
N ASP I 550 6.08 35.09 -61.71
CA ASP I 550 7.24 35.91 -62.10
C ASP I 550 7.00 36.51 -63.51
N GLY I 551 5.83 37.07 -63.80
CA GLY I 551 5.45 37.61 -65.12
C GLY I 551 5.14 36.61 -66.23
N VAL I 552 5.08 35.29 -66.05
CA VAL I 552 4.90 34.33 -67.09
C VAL I 552 3.56 33.67 -66.86
N HIS I 553 2.79 33.70 -67.88
CA HIS I 553 1.53 33.10 -67.93
C HIS I 553 1.67 31.64 -67.60
N ALA I 554 0.90 31.19 -66.64
CA ALA I 554 0.92 29.85 -66.07
C ALA I 554 -0.32 29.13 -66.51
N THR I 555 -0.18 28.38 -67.60
CA THR I 555 -1.22 27.54 -68.12
C THR I 555 -0.66 26.30 -68.82
N CYS I 556 -1.53 25.36 -69.06
CA CYS I 556 -1.36 24.12 -69.78
C CYS I 556 -2.77 23.74 -70.16
N GLU I 557 -2.89 22.84 -71.11
CA GLU I 557 -4.02 22.34 -71.80
C GLU I 557 -4.55 21.08 -71.17
N PRO I 558 -5.83 20.87 -71.12
CA PRO I 558 -6.31 19.64 -70.54
C PRO I 558 -6.07 18.40 -71.33
N ILE I 559 -5.81 17.39 -70.55
CA ILE I 559 -5.65 16.02 -70.97
C ILE I 559 -7.00 15.42 -71.28
N ASP I 560 -7.03 14.66 -72.33
CA ASP I 560 -8.03 13.69 -72.68
C ASP I 560 -7.87 12.38 -71.94
N THR I 561 -6.67 11.82 -71.92
CA THR I 561 -6.35 10.51 -71.39
C THR I 561 -5.33 10.54 -70.27
N ALA I 562 -5.77 10.08 -69.14
CA ALA I 562 -4.97 9.80 -67.99
C ALA I 562 -4.33 8.40 -68.03
N ALA I 563 -3.08 8.33 -67.56
CA ALA I 563 -2.26 7.12 -67.31
C ALA I 563 -2.68 6.51 -65.94
N MET I 564 -2.48 5.22 -65.73
CA MET I 564 -2.74 4.51 -64.46
C MET I 564 -4.25 4.67 -64.22
N ASN I 565 -5.07 4.52 -65.21
CA ASN I 565 -6.46 4.99 -65.08
C ASN I 565 -7.43 3.88 -65.51
N GLN I 566 -8.02 3.87 -66.69
CA GLN I 566 -9.06 2.89 -67.13
C GLN I 566 -8.43 1.50 -67.42
N ARG I 567 -7.15 1.39 -67.68
CA ARG I 567 -6.40 0.14 -67.86
C ARG I 567 -6.40 -0.77 -66.64
N TYR I 568 -6.26 -0.22 -65.53
CA TYR I 568 -6.02 -0.72 -64.18
C TYR I 568 -7.25 -0.84 -63.27
N PHE I 569 -8.31 -0.12 -63.50
CA PHE I 569 -9.41 0.04 -62.59
C PHE I 569 -10.75 -0.32 -63.25
N PHE I 570 -11.53 -1.12 -62.53
CA PHE I 570 -12.95 -1.39 -62.74
C PHE I 570 -13.86 -0.30 -62.16
N GLY I 571 -13.41 0.39 -61.09
CA GLY I 571 -14.06 1.28 -60.04
C GLY I 571 -15.25 1.94 -60.68
N MET J 1 -10.37 -48.37 35.51
CA MET J 1 -9.40 -48.22 36.59
C MET J 1 -8.75 -46.85 36.80
N GLN J 2 -9.02 -45.97 35.90
CA GLN J 2 -8.69 -44.63 35.81
C GLN J 2 -7.23 -44.35 36.18
N LEU J 3 -6.39 -44.95 35.40
CA LEU J 3 -4.95 -44.84 35.52
C LEU J 3 -4.39 -43.53 35.05
N THR J 4 -3.74 -42.92 35.96
CA THR J 4 -2.99 -41.73 35.90
C THR J 4 -1.58 -41.98 35.35
N PRO J 5 -0.98 -40.98 34.79
CA PRO J 5 0.40 -41.12 34.29
C PRO J 5 1.43 -41.81 35.23
N ARG J 6 1.36 -41.52 36.51
CA ARG J 6 2.19 -42.11 37.57
C ARG J 6 2.00 -43.60 37.75
N GLU J 7 0.81 -44.04 37.64
CA GLU J 7 0.34 -45.43 37.67
C GLU J 7 0.78 -46.20 36.45
N VAL J 8 0.62 -45.66 35.29
CA VAL J 8 1.00 -46.29 34.08
C VAL J 8 2.53 -46.48 34.06
N GLU J 9 3.29 -45.44 34.39
CA GLU J 9 4.77 -45.43 34.41
C GLU J 9 5.34 -46.56 35.24
N LYS J 10 4.73 -46.86 36.33
CA LYS J 10 5.14 -47.89 37.18
C LYS J 10 4.99 -49.28 36.62
N LEU J 11 4.20 -49.51 35.59
CA LEU J 11 4.14 -50.78 34.93
C LEU J 11 5.50 -51.19 34.30
N MET J 12 6.28 -50.21 33.81
CA MET J 12 7.63 -50.46 33.24
C MET J 12 8.46 -51.20 34.31
N ILE J 13 8.41 -50.77 35.56
CA ILE J 13 9.21 -51.30 36.65
C ILE J 13 8.90 -52.75 36.91
N TYR J 14 7.66 -53.06 36.98
CA TYR J 14 7.10 -54.37 37.17
C TYR J 14 7.48 -55.38 36.12
N THR J 15 7.50 -54.94 34.88
CA THR J 15 7.86 -55.75 33.70
C THR J 15 9.37 -56.04 33.68
N LEU J 16 10.20 -55.01 33.88
N LEU J 16 10.20 -55.01 33.88
CA LEU J 16 11.68 -55.19 33.83
CA LEU J 16 11.68 -55.19 33.83
C LEU J 16 12.05 -56.14 35.04
C LEU J 16 12.05 -56.14 35.04
N SER J 17 11.64 -55.97 36.34
CA SER J 17 11.83 -56.82 37.50
C SER J 17 11.33 -58.19 37.39
N ASP J 18 10.27 -58.43 36.70
CA ASP J 18 9.94 -59.80 36.44
C ASP J 18 10.97 -60.52 35.59
N VAL J 19 11.41 -59.90 34.52
CA VAL J 19 12.47 -60.40 33.70
C VAL J 19 13.74 -60.59 34.55
N ALA J 20 14.10 -59.59 35.32
CA ALA J 20 15.25 -59.61 36.19
C ALA J 20 15.24 -60.70 37.23
N PHE J 21 14.15 -60.92 37.89
CA PHE J 21 14.03 -62.00 38.84
C PHE J 21 14.14 -63.35 38.19
N LYS J 22 13.66 -63.54 36.97
CA LYS J 22 13.81 -64.79 36.23
C LYS J 22 15.26 -65.08 35.91
N ARG J 23 15.98 -64.06 35.50
CA ARG J 23 17.38 -64.13 35.16
C ARG J 23 18.27 -64.47 36.35
N LYS J 24 18.06 -63.82 37.49
CA LYS J 24 18.78 -64.08 38.70
C LYS J 24 18.58 -65.52 39.17
N ALA J 25 17.42 -66.07 38.99
CA ALA J 25 17.09 -67.41 39.34
C ALA J 25 17.69 -68.51 38.45
N ARG J 26 18.03 -68.22 37.21
CA ARG J 26 18.92 -68.94 36.29
C ARG J 26 20.41 -68.83 36.58
N GLY J 27 20.80 -68.16 37.62
CA GLY J 27 22.12 -67.78 37.85
C GLY J 27 22.78 -66.74 37.02
N LEU J 28 22.07 -65.91 36.34
CA LEU J 28 22.69 -64.84 35.62
C LEU J 28 23.00 -63.70 36.56
N LYS J 29 24.18 -63.17 36.41
N LYS J 29 24.19 -63.17 36.41
CA LYS J 29 24.63 -61.94 37.00
CA LYS J 29 24.62 -61.95 37.02
C LYS J 29 24.02 -60.75 36.28
C LYS J 29 24.03 -60.75 36.29
N LEU J 30 23.43 -59.87 37.03
CA LEU J 30 22.62 -58.80 36.57
C LEU J 30 23.40 -57.59 36.22
N ASN J 31 22.90 -56.90 35.29
CA ASN J 31 23.27 -55.65 34.82
C ASN J 31 22.59 -54.52 35.54
N TYR J 32 22.87 -53.41 35.15
CA TYR J 32 22.49 -52.11 35.70
C TYR J 32 20.97 -51.94 35.72
N PRO J 33 20.31 -51.78 34.62
CA PRO J 33 18.84 -51.77 34.57
C PRO J 33 18.10 -52.84 35.35
N GLU J 34 18.49 -54.04 35.23
CA GLU J 34 17.93 -55.16 35.90
C GLU J 34 18.03 -55.03 37.43
N ALA J 35 19.18 -54.66 37.91
CA ALA J 35 19.49 -54.53 39.32
C ALA J 35 18.72 -53.39 39.95
N VAL J 36 18.72 -52.25 39.32
CA VAL J 36 17.92 -51.12 39.69
C VAL J 36 16.43 -51.49 39.78
N SER J 37 15.93 -52.30 38.86
CA SER J 37 14.57 -52.82 38.83
C SER J 37 14.20 -53.58 40.09
N ILE J 38 15.03 -54.50 40.52
CA ILE J 38 14.80 -55.38 41.62
C ILE J 38 14.79 -54.61 42.95
N ILE J 39 15.66 -53.67 43.12
CA ILE J 39 15.72 -52.83 44.31
C ILE J 39 14.48 -51.95 44.36
N THR J 40 14.11 -51.38 43.25
CA THR J 40 12.97 -50.49 43.11
C THR J 40 11.66 -51.16 43.48
N VAL J 41 11.42 -52.34 42.98
CA VAL J 41 10.21 -53.10 43.18
C VAL J 41 10.11 -53.64 44.58
N THR J 42 11.23 -53.92 45.19
CA THR J 42 11.32 -54.38 46.57
C THR J 42 10.74 -53.33 47.51
N ALA J 43 11.15 -52.12 47.34
CA ALA J 43 10.63 -50.95 48.00
C ALA J 43 9.14 -50.76 47.79
N MET J 44 8.78 -50.60 46.56
CA MET J 44 7.41 -50.51 46.09
C MET J 44 6.51 -51.57 46.69
N GLU J 45 6.94 -52.77 46.72
CA GLU J 45 6.12 -53.83 47.23
C GLU J 45 6.00 -53.81 48.75
N GLY J 46 7.03 -53.38 49.42
CA GLY J 46 7.01 -53.12 50.82
C GLY J 46 6.02 -52.10 51.27
N ALA J 47 6.05 -50.95 50.64
CA ALA J 47 5.09 -49.89 50.72
C ALA J 47 3.67 -50.44 50.69
N ARG J 48 3.39 -51.29 49.75
CA ARG J 48 2.07 -51.84 49.48
C ARG J 48 1.63 -52.79 50.56
N ASP J 49 2.62 -53.54 51.01
CA ASP J 49 2.57 -54.49 52.13
C ASP J 49 2.38 -53.74 53.47
N GLY J 50 2.52 -52.41 53.57
CA GLY J 50 2.25 -51.68 54.79
C GLY J 50 3.39 -51.30 55.68
N LYS J 51 4.61 -51.55 55.31
CA LYS J 51 5.80 -51.17 56.00
C LYS J 51 6.07 -49.69 55.99
N SER J 52 6.95 -49.34 56.85
CA SER J 52 7.50 -48.02 56.98
C SER J 52 8.58 -47.78 55.92
N VAL J 53 8.85 -46.54 55.64
CA VAL J 53 9.93 -46.09 54.79
C VAL J 53 11.25 -46.63 55.31
N GLU J 54 11.45 -46.52 56.59
CA GLU J 54 12.62 -47.02 57.29
C GLU J 54 12.82 -48.50 57.07
N ASP J 55 11.80 -49.27 57.28
CA ASP J 55 11.83 -50.68 57.11
C ASP J 55 12.00 -51.14 55.66
N VAL J 56 11.40 -50.46 54.70
CA VAL J 56 11.51 -50.88 53.32
C VAL J 56 12.92 -50.66 52.84
N MET J 57 13.47 -49.50 53.14
N MET J 57 13.49 -49.50 53.15
CA MET J 57 14.86 -49.10 52.99
CA MET J 57 14.88 -49.12 52.99
C MET J 57 15.87 -50.14 53.34
C MET J 57 15.86 -50.18 53.33
N LYS J 58 15.80 -50.68 54.53
CA LYS J 58 16.61 -51.78 54.95
C LYS J 58 16.48 -52.97 54.01
N GLU J 59 15.25 -53.37 53.83
CA GLU J 59 14.84 -54.51 52.97
C GLU J 59 15.50 -54.36 51.59
N ALA J 60 15.39 -53.27 50.94
CA ALA J 60 15.87 -53.00 49.61
C ALA J 60 17.36 -52.89 49.51
N SER J 61 17.99 -52.38 50.55
CA SER J 61 19.47 -52.32 50.65
C SER J 61 20.05 -53.73 50.86
N LYS J 62 19.26 -54.77 51.03
CA LYS J 62 19.73 -56.12 51.25
C LYS J 62 19.37 -57.18 50.22
N VAL J 63 18.64 -56.86 49.20
CA VAL J 63 18.13 -57.82 48.22
C VAL J 63 19.23 -58.29 47.27
N LEU J 64 20.11 -57.41 46.87
CA LEU J 64 21.22 -57.71 45.98
C LEU J 64 22.59 -57.52 46.62
N THR J 65 23.45 -58.45 46.33
CA THR J 65 24.88 -58.49 46.62
C THR J 65 25.80 -58.27 45.43
N LYS J 66 27.05 -58.03 45.77
N LYS J 66 27.06 -58.02 45.76
CA LYS J 66 28.14 -57.99 44.82
CA LYS J 66 28.14 -57.97 44.80
C LYS J 66 28.19 -59.22 43.95
C LYS J 66 28.21 -59.21 43.94
N ASP J 67 28.01 -60.39 44.51
CA ASP J 67 28.01 -61.61 43.76
C ASP J 67 26.91 -61.69 42.72
N ASP J 68 25.78 -61.11 42.97
CA ASP J 68 24.57 -61.20 42.18
C ASP J 68 24.57 -60.26 41.00
N VAL J 69 25.52 -59.41 40.93
CA VAL J 69 25.69 -58.45 39.90
C VAL J 69 27.00 -58.61 39.17
N MET J 70 26.95 -58.18 37.97
CA MET J 70 28.07 -58.03 37.10
C MET J 70 29.07 -57.00 37.64
N ASP J 71 30.33 -57.34 37.55
CA ASP J 71 31.43 -56.54 38.03
C ASP J 71 31.36 -55.09 37.55
N GLY J 72 31.39 -54.22 38.47
CA GLY J 72 31.26 -52.84 38.26
C GLY J 72 29.91 -52.20 38.49
N VAL J 73 28.84 -52.96 38.54
CA VAL J 73 27.49 -52.43 38.53
C VAL J 73 27.25 -51.61 39.75
N ALA J 74 27.77 -52.04 40.87
CA ALA J 74 27.83 -51.26 42.08
C ALA J 74 28.19 -49.80 41.91
N ASP J 75 29.25 -49.58 41.12
CA ASP J 75 29.78 -48.23 40.79
C ASP J 75 28.74 -47.42 40.02
N LEU J 76 27.80 -48.05 39.35
CA LEU J 76 26.75 -47.51 38.56
C LEU J 76 25.50 -47.20 39.35
N ILE J 77 25.34 -47.75 40.52
CA ILE J 77 24.24 -47.69 41.43
C ILE J 77 24.76 -47.28 42.79
N PRO J 78 25.15 -46.09 42.97
CA PRO J 78 25.43 -45.62 44.29
C PRO J 78 24.24 -45.52 45.23
N ASN J 79 23.16 -44.91 44.77
CA ASN J 79 21.84 -44.94 45.35
C ASN J 79 20.76 -45.22 44.31
N VAL J 80 19.67 -45.80 44.77
CA VAL J 80 18.37 -45.87 44.10
C VAL J 80 17.26 -45.13 44.83
N GLN J 81 16.57 -44.29 44.10
CA GLN J 81 15.36 -43.63 44.47
C GLN J 81 14.08 -43.97 43.69
N VAL J 82 13.02 -44.18 44.44
CA VAL J 82 11.63 -44.37 44.06
C VAL J 82 10.61 -43.85 45.05
N GLU J 83 9.57 -43.32 44.51
CA GLU J 83 8.32 -42.97 45.12
C GLU J 83 7.38 -44.12 45.06
N ALA J 84 6.98 -44.48 46.21
CA ALA J 84 6.04 -45.46 46.54
C ALA J 84 4.88 -44.92 47.36
N ILE J 85 3.86 -45.69 47.40
CA ILE J 85 2.58 -45.34 47.97
C ILE J 85 2.49 -46.20 49.23
N PHE J 86 2.73 -45.54 50.28
CA PHE J 86 2.67 -45.98 51.64
C PHE J 86 1.26 -45.73 52.16
N THR J 87 0.95 -46.35 53.25
CA THR J 87 -0.31 -46.13 53.96
C THR J 87 -0.66 -44.66 54.22
N ASP J 88 0.30 -43.87 54.54
CA ASP J 88 0.19 -42.44 54.72
C ASP J 88 0.43 -41.61 53.50
N GLY J 89 0.67 -42.16 52.41
CA GLY J 89 0.78 -41.52 51.16
C GLY J 89 1.98 -41.88 50.39
N SER J 90 2.15 -41.17 49.31
CA SER J 90 3.31 -41.19 48.52
C SER J 90 4.48 -40.59 49.30
N ARG J 91 5.54 -41.27 49.25
CA ARG J 91 6.83 -41.02 49.86
C ARG J 91 8.04 -41.48 49.05
N LEU J 92 9.05 -40.64 49.01
CA LEU J 92 10.36 -40.95 48.55
C LEU J 92 11.16 -41.79 49.47
N VAL J 93 11.61 -42.86 48.91
CA VAL J 93 12.53 -43.84 49.40
C VAL J 93 13.85 -43.70 48.63
N THR J 94 14.89 -43.35 49.33
CA THR J 94 16.26 -43.52 48.97
C THR J 94 16.82 -44.71 49.69
N VAL J 95 17.49 -45.48 48.93
CA VAL J 95 18.18 -46.67 49.28
C VAL J 95 19.64 -46.38 49.02
N HIS J 96 20.46 -46.36 50.07
CA HIS J 96 21.88 -45.92 50.05
C HIS J 96 22.78 -47.12 49.81
N ASP J 97 23.69 -47.07 48.83
CA ASP J 97 24.67 -48.15 48.52
C ASP J 97 23.98 -49.51 48.52
N PRO J 98 22.93 -49.77 47.73
CA PRO J 98 22.25 -51.05 47.82
C PRO J 98 23.04 -52.32 47.50
N ILE J 99 24.11 -52.30 46.71
CA ILE J 99 24.88 -53.47 46.35
C ILE J 99 26.11 -53.43 47.24
N LYS J 100 26.07 -54.24 48.24
CA LYS J 100 27.13 -54.35 49.23
C LYS J 100 27.88 -55.63 48.97
N SER K 1 45.82 -47.06 40.22
CA SER K 1 46.82 -47.51 39.20
C SER K 1 46.29 -47.32 37.78
N GLU K 2 45.11 -47.92 37.53
CA GLU K 2 44.33 -48.07 36.26
C GLU K 2 43.54 -49.37 36.32
N GLN K 3 44.19 -50.44 36.80
CA GLN K 3 43.66 -51.80 37.00
C GLN K 3 42.62 -51.85 38.12
N ASN K 4 42.62 -50.84 39.00
CA ASN K 4 41.81 -50.72 40.21
C ASN K 4 40.73 -49.63 40.22
N THR K 5 40.74 -48.69 39.32
CA THR K 5 39.77 -47.63 39.24
C THR K 5 38.38 -48.15 38.96
N PRO K 6 37.37 -47.75 39.71
CA PRO K 6 35.98 -48.09 39.33
C PRO K 6 35.57 -47.50 38.00
N LEU K 7 34.42 -47.99 37.48
CA LEU K 7 33.78 -47.47 36.26
C LEU K 7 33.64 -45.95 36.49
N GLY K 8 34.06 -45.11 35.60
CA GLY K 8 34.09 -43.71 35.52
C GLY K 8 34.99 -43.01 36.47
N GLY K 9 35.83 -43.78 37.15
CA GLY K 9 36.65 -43.28 38.17
C GLY K 9 37.79 -42.48 37.66
N CYS K 10 38.27 -41.77 38.60
CA CYS K 10 39.37 -40.86 38.52
C CYS K 10 40.64 -41.42 39.18
N ILE K 11 41.73 -41.19 38.54
CA ILE K 11 43.09 -41.36 39.06
C ILE K 11 43.64 -39.99 39.28
N LEU K 12 43.72 -39.63 40.52
CA LEU K 12 44.20 -38.33 40.94
C LEU K 12 45.67 -38.34 41.20
N ALA K 13 46.31 -37.32 40.71
CA ALA K 13 47.66 -36.99 41.10
C ALA K 13 47.82 -36.72 42.60
N ASP K 14 49.03 -36.41 43.05
CA ASP K 14 49.38 -36.25 44.47
C ASP K 14 49.46 -34.81 44.93
N THR K 15 49.97 -33.94 44.12
CA THR K 15 50.28 -32.61 44.49
C THR K 15 49.07 -31.87 45.00
N PRO K 16 49.10 -31.35 46.24
CA PRO K 16 48.05 -30.48 46.75
C PRO K 16 47.80 -29.23 45.94
N ILE K 17 46.62 -28.74 46.08
CA ILE K 17 46.18 -27.53 45.44
C ILE K 17 46.37 -26.37 46.42
N THR K 18 46.94 -25.34 45.94
CA THR K 18 47.16 -24.11 46.65
C THR K 18 46.34 -22.99 46.06
N PHE K 19 45.50 -22.43 46.90
CA PHE K 19 44.62 -21.35 46.58
C PHE K 19 44.74 -20.16 47.55
N ASN K 20 44.41 -19.00 47.02
CA ASN K 20 44.31 -17.70 47.63
C ASN K 20 45.68 -17.19 48.16
N GLU K 21 46.81 -17.81 47.77
CA GLU K 21 48.22 -17.63 48.21
C GLU K 21 48.70 -16.20 48.29
N ASN K 22 48.25 -15.35 47.44
CA ASN K 22 48.75 -14.01 47.35
C ASN K 22 48.04 -13.01 48.23
N LYS K 23 47.05 -13.33 48.71
CA LYS K 23 46.08 -12.47 49.26
C LYS K 23 46.33 -12.27 50.79
N PRO K 24 46.33 -11.04 51.31
CA PRO K 24 46.58 -10.80 52.74
C PRO K 24 45.44 -11.14 53.68
N VAL K 25 45.81 -11.82 54.75
CA VAL K 25 44.91 -12.49 55.68
C VAL K 25 44.77 -11.74 57.01
N THR K 26 43.56 -11.42 57.34
CA THR K 26 43.05 -10.81 58.56
C THR K 26 42.25 -11.84 59.36
N LYS K 27 42.73 -12.15 60.52
CA LYS K 27 42.01 -12.93 61.50
C LYS K 27 41.10 -12.09 62.40
N VAL K 28 39.86 -12.46 62.46
CA VAL K 28 38.87 -11.87 63.33
C VAL K 28 38.23 -12.93 64.19
N LYS K 29 37.78 -12.50 65.36
CA LYS K 29 37.08 -13.27 66.38
C LYS K 29 35.58 -13.02 66.34
N VAL K 30 34.82 -14.07 66.22
CA VAL K 30 33.41 -14.03 65.93
C VAL K 30 32.63 -14.75 67.02
N ARG K 31 31.74 -14.05 67.64
CA ARG K 31 30.78 -14.59 68.59
C ARG K 31 29.33 -14.42 68.09
N ASN K 32 28.61 -15.49 68.08
CA ASN K 32 27.17 -15.55 67.85
C ASN K 32 26.40 -15.33 69.14
N THR K 33 25.86 -14.18 69.23
CA THR K 33 25.00 -13.59 70.20
C THR K 33 23.52 -13.79 70.01
N GLY K 34 23.09 -14.50 69.00
CA GLY K 34 21.74 -14.93 68.89
C GLY K 34 21.50 -16.30 69.37
N ASP K 35 20.24 -16.64 69.35
CA ASP K 35 19.75 -17.95 69.72
C ASP K 35 19.65 -18.95 68.59
N ARG K 36 19.90 -18.54 67.41
CA ARG K 36 19.82 -19.37 66.27
C ARG K 36 21.13 -19.51 65.49
N PRO K 37 21.39 -20.67 64.94
CA PRO K 37 22.55 -20.88 64.11
C PRO K 37 22.65 -19.97 62.90
N ILE K 38 23.84 -19.54 62.67
CA ILE K 38 24.28 -18.69 61.58
C ILE K 38 25.40 -19.40 60.84
N GLN K 39 25.29 -19.47 59.55
CA GLN K 39 26.20 -20.05 58.58
C GLN K 39 26.42 -19.12 57.39
N VAL K 40 27.68 -18.91 57.13
CA VAL K 40 28.21 -17.96 56.18
C VAL K 40 29.15 -18.66 55.20
N GLY K 41 28.96 -18.39 53.99
CA GLY K 41 29.74 -18.84 52.87
C GLY K 41 30.91 -18.04 52.44
N SER K 42 31.65 -18.63 51.53
CA SER K 42 32.98 -18.24 51.15
C SER K 42 33.08 -16.86 50.53
N HIS K 43 32.08 -16.52 49.71
CA HIS K 43 31.98 -15.27 48.92
C HIS K 43 31.06 -14.22 49.49
N PHE K 44 30.42 -14.46 50.55
CA PHE K 44 29.68 -13.40 51.25
C PHE K 44 30.61 -12.33 51.79
N HIS K 45 30.20 -11.12 51.73
CA HIS K 45 30.84 -9.89 52.27
C HIS K 45 30.68 -9.90 53.78
N PHE K 46 31.70 -10.45 54.44
CA PHE K 46 31.71 -10.72 55.90
C PHE K 46 31.18 -9.53 56.73
N PHE K 47 31.54 -8.30 56.44
CA PHE K 47 30.99 -7.07 56.94
C PHE K 47 29.53 -6.95 57.12
N GLU K 48 28.78 -7.63 56.31
CA GLU K 48 27.38 -7.53 56.15
C GLU K 48 26.65 -8.75 56.63
N VAL K 49 27.33 -9.66 57.33
CA VAL K 49 26.73 -10.91 57.89
C VAL K 49 25.74 -10.52 59.00
N ASN K 50 24.82 -11.43 59.30
CA ASN K 50 23.75 -11.40 60.31
C ASN K 50 24.15 -10.42 61.47
N ARG K 51 23.46 -9.31 61.64
CA ARG K 51 23.49 -8.39 62.82
C ARG K 51 23.90 -9.10 64.13
N ALA K 52 23.36 -10.25 64.50
CA ALA K 52 23.65 -11.03 65.73
C ALA K 52 25.12 -11.47 65.93
N LEU K 53 25.95 -11.57 64.89
CA LEU K 53 27.35 -11.82 64.93
C LEU K 53 28.08 -10.57 65.39
N GLU K 54 28.93 -10.78 66.37
CA GLU K 54 29.71 -9.73 67.02
C GLU K 54 31.16 -10.04 66.74
N PHE K 55 31.86 -9.14 66.08
CA PHE K 55 33.21 -9.22 65.61
C PHE K 55 33.61 -7.79 65.28
N ASP K 56 34.87 -7.57 64.93
CA ASP K 56 35.43 -6.30 64.51
C ASP K 56 35.07 -6.02 63.09
N ARG K 57 34.01 -5.30 62.96
CA ARG K 57 33.32 -5.20 61.72
C ARG K 57 34.19 -4.42 60.72
N ALA K 58 34.82 -3.39 61.19
CA ALA K 58 35.79 -2.58 60.47
C ALA K 58 36.89 -3.39 59.80
N ALA K 59 37.28 -4.47 60.44
CA ALA K 59 38.31 -5.34 59.92
C ALA K 59 37.87 -6.23 58.75
N ALA K 60 36.65 -6.57 58.64
CA ALA K 60 35.92 -7.31 57.63
C ALA K 60 35.44 -6.51 56.44
N TYR K 61 35.60 -5.22 56.46
CA TYR K 61 35.34 -4.33 55.34
C TYR K 61 36.16 -4.74 54.16
N GLY K 62 35.47 -5.05 53.13
CA GLY K 62 35.97 -5.62 51.92
C GLY K 62 36.41 -6.95 51.94
N LYS K 63 35.96 -7.72 52.87
CA LYS K 63 36.41 -9.05 53.10
C LYS K 63 35.39 -10.18 53.07
N ARG K 64 35.94 -11.30 52.74
CA ARG K 64 35.46 -12.63 52.65
C ARG K 64 36.33 -13.62 53.42
N LEU K 65 35.71 -14.68 53.70
CA LEU K 65 36.33 -15.82 54.29
C LEU K 65 37.29 -16.56 53.36
N ASN K 66 38.45 -16.87 53.89
CA ASN K 66 39.58 -17.50 53.26
C ASN K 66 39.48 -18.99 53.40
N ILE K 67 38.43 -19.49 52.81
CA ILE K 67 38.06 -20.87 52.71
C ILE K 67 37.81 -21.25 51.24
N SER K 68 37.64 -22.54 51.02
CA SER K 68 37.32 -23.09 49.72
C SER K 68 36.03 -22.53 49.18
N SER K 69 36.11 -22.00 47.99
CA SER K 69 34.95 -21.72 47.18
C SER K 69 33.93 -22.84 47.35
N THR K 70 32.80 -22.39 47.64
CA THR K 70 31.53 -23.04 47.80
C THR K 70 31.27 -23.55 49.20
N THR K 71 32.24 -23.50 50.06
CA THR K 71 32.10 -24.00 51.39
C THR K 71 31.70 -22.82 52.33
N ALA K 72 31.46 -23.14 53.55
CA ALA K 72 30.89 -22.31 54.57
C ALA K 72 31.43 -22.59 55.97
N ILE K 73 31.19 -21.65 56.86
CA ILE K 73 31.54 -21.73 58.28
C ILE K 73 30.25 -21.53 59.10
N ARG K 74 29.99 -22.39 60.03
CA ARG K 74 28.88 -22.44 60.93
C ARG K 74 29.22 -21.90 62.31
N PHE K 75 28.47 -20.97 62.72
CA PHE K 75 28.54 -20.24 63.98
C PHE K 75 27.28 -20.59 64.76
N GLU K 76 27.41 -21.54 65.62
CA GLU K 76 26.40 -21.98 66.56
C GLU K 76 26.18 -20.97 67.70
N PRO K 77 25.00 -20.95 68.28
CA PRO K 77 24.72 -19.98 69.34
C PRO K 77 25.62 -20.09 70.55
N GLY K 78 26.16 -18.93 70.86
CA GLY K 78 27.03 -18.65 71.93
C GLY K 78 28.38 -19.26 71.89
N ASP K 79 28.99 -19.30 70.74
CA ASP K 79 30.26 -19.91 70.54
C ASP K 79 31.16 -18.88 69.89
N GLU K 80 32.43 -19.07 70.07
CA GLU K 80 33.42 -18.18 69.56
C GLU K 80 34.43 -18.93 68.73
N THR K 81 34.69 -18.37 67.57
CA THR K 81 35.55 -18.89 66.52
C THR K 81 36.34 -17.78 65.90
N GLU K 82 37.56 -18.09 65.60
CA GLU K 82 38.42 -17.23 64.87
C GLU K 82 38.33 -17.60 63.41
N VAL K 83 38.23 -16.61 62.58
CA VAL K 83 38.14 -16.81 61.17
C VAL K 83 39.13 -16.04 60.34
N PRO K 84 39.68 -16.67 59.31
CA PRO K 84 40.55 -15.98 58.38
C PRO K 84 39.75 -15.22 57.32
N LEU K 85 40.12 -14.04 57.11
CA LEU K 85 39.59 -13.11 56.15
C LEU K 85 40.63 -12.65 55.15
N ILE K 86 40.18 -12.44 53.95
CA ILE K 86 40.88 -12.03 52.76
C ILE K 86 40.04 -11.06 51.92
N PRO K 87 40.66 -10.18 51.18
CA PRO K 87 39.92 -9.30 50.30
C PRO K 87 39.44 -9.97 49.05
N PHE K 88 38.37 -9.45 48.61
CA PHE K 88 37.79 -9.67 47.33
C PHE K 88 38.74 -9.15 46.24
N GLY K 89 38.63 -9.75 45.13
CA GLY K 89 39.32 -9.41 43.96
C GLY K 89 38.51 -8.58 43.01
N GLY K 90 38.95 -8.64 41.81
CA GLY K 90 38.49 -7.86 40.75
C GLY K 90 38.49 -6.39 40.97
N LYS K 91 37.40 -5.80 40.71
CA LYS K 91 37.24 -4.39 40.91
C LYS K 91 36.89 -3.99 42.38
N GLN K 92 36.68 -4.90 43.29
CA GLN K 92 36.31 -4.63 44.67
C GLN K 92 35.09 -3.75 44.81
N THR K 93 34.12 -4.05 44.02
CA THR K 93 32.81 -3.46 43.90
C THR K 93 31.75 -4.47 44.37
N LEU K 94 31.15 -4.14 45.43
CA LEU K 94 30.21 -4.88 46.20
C LEU K 94 28.86 -4.17 46.23
N TYR K 95 27.90 -4.71 45.47
CA TYR K 95 26.52 -4.20 45.39
C TYR K 95 25.56 -5.18 46.06
N GLY K 96 24.52 -4.72 46.72
CA GLY K 96 23.56 -5.60 47.38
C GLY K 96 23.95 -6.07 48.76
N PHE K 97 23.80 -7.35 49.11
CA PHE K 97 23.98 -7.92 50.47
C PHE K 97 22.95 -7.16 51.36
N ASN K 98 23.32 -6.35 52.35
CA ASN K 98 22.44 -5.65 53.32
C ASN K 98 22.36 -4.14 53.07
N ASN K 99 22.86 -3.73 51.99
CA ASN K 99 22.91 -2.42 51.46
C ASN K 99 23.75 -1.46 52.35
N LEU K 100 24.80 -2.01 52.94
CA LEU K 100 25.80 -1.32 53.75
C LEU K 100 26.88 -0.54 52.99
N VAL K 101 27.33 -1.03 51.88
CA VAL K 101 28.33 -0.46 51.00
C VAL K 101 27.76 0.01 49.66
N ASP K 102 27.28 -0.89 48.83
CA ASP K 102 26.84 -0.55 47.50
C ASP K 102 27.84 0.34 46.75
N GLY K 103 29.04 -0.12 46.77
CA GLY K 103 30.21 0.29 46.16
C GLY K 103 31.57 -0.33 46.30
N TRP K 104 32.52 0.52 46.16
CA TRP K 104 33.93 0.23 46.12
C TRP K 104 34.43 0.06 47.53
N THR K 105 35.11 -0.98 47.73
CA THR K 105 35.68 -1.44 48.96
C THR K 105 37.19 -1.52 48.99
N GLY K 106 37.82 -0.96 48.05
CA GLY K 106 39.23 -0.94 47.95
C GLY K 106 39.84 0.01 48.97
N GLU K 107 41.12 -0.08 49.11
CA GLU K 107 41.98 0.80 49.95
C GLU K 107 42.21 2.13 49.33
N GLY K 108 42.39 2.20 48.06
CA GLY K 108 42.72 3.46 47.49
C GLY K 108 44.22 3.65 47.71
N VAL K 109 44.68 4.89 47.75
CA VAL K 109 46.07 5.20 47.38
C VAL K 109 46.90 5.83 48.51
N VAL K 110 46.30 6.10 49.65
CA VAL K 110 46.83 6.83 50.80
C VAL K 110 47.01 5.83 51.94
N PRO K 111 48.23 5.08 52.16
CA PRO K 111 48.77 3.96 53.31
C PRO K 111 48.69 4.84 54.56
N ASN K 112 48.07 4.39 55.66
CA ASN K 112 47.97 5.04 57.01
C ASN K 112 46.99 6.20 57.04
N SER K 113 45.89 6.08 56.30
CA SER K 113 44.57 6.76 56.48
C SER K 113 43.47 5.83 55.95
N GLU K 114 42.23 6.10 56.29
CA GLU K 114 41.08 5.38 55.73
C GLU K 114 40.41 6.30 54.72
N ARG K 115 39.95 5.77 53.59
CA ARG K 115 38.98 6.41 52.65
C ARG K 115 37.77 6.81 53.47
N PRO K 116 36.97 8.06 53.35
CA PRO K 116 35.73 8.41 54.04
C PRO K 116 34.53 7.60 53.73
N ASP K 117 34.41 7.02 52.56
CA ASP K 117 33.28 6.15 52.26
C ASP K 117 33.32 4.88 53.13
N LYS K 118 34.50 4.41 53.52
CA LYS K 118 34.69 3.30 54.46
C LYS K 118 34.17 3.63 55.88
N LEU K 119 34.58 4.73 56.42
CA LEU K 119 34.08 5.31 57.66
C LEU K 119 32.61 5.59 57.65
N GLU K 120 32.05 6.05 56.54
CA GLU K 120 30.63 6.12 56.36
C GLU K 120 29.99 4.76 56.55
N ALA K 121 30.36 3.80 55.74
CA ALA K 121 29.95 2.41 55.86
C ALA K 121 29.97 1.90 57.27
N ILE K 122 31.07 2.10 57.92
CA ILE K 122 31.27 1.59 59.27
C ILE K 122 30.28 2.24 60.25
N ARG K 123 30.05 3.54 60.08
N ARG K 123 30.04 3.54 60.08
CA ARG K 123 29.07 4.25 60.87
CA ARG K 123 29.05 4.25 60.86
C ARG K 123 27.65 3.76 60.60
C ARG K 123 27.65 3.72 60.58
N ARG K 124 27.44 3.46 59.50
CA ARG K 124 26.07 3.08 59.05
C ARG K 124 25.75 1.68 59.59
N ALA K 125 26.59 0.67 59.46
CA ALA K 125 26.57 -0.56 60.19
C ALA K 125 26.17 -0.45 61.64
N ALA K 126 26.78 0.49 62.28
CA ALA K 126 26.58 0.70 63.71
C ALA K 126 25.15 1.06 64.04
N GLU K 127 24.53 1.90 63.29
CA GLU K 127 23.22 2.38 63.57
C GLU K 127 22.05 1.68 62.85
N ARG K 128 22.28 0.81 61.89
CA ARG K 128 21.48 -0.29 61.38
C ARG K 128 21.51 -1.53 62.27
N GLY K 129 22.29 -1.56 63.32
CA GLY K 129 22.40 -2.63 64.25
C GLY K 129 23.34 -3.76 64.12
N PHE K 130 24.34 -3.62 63.34
CA PHE K 130 25.32 -4.61 63.01
C PHE K 130 26.44 -4.56 64.05
N LYS K 131 26.45 -5.56 64.94
CA LYS K 131 27.20 -5.65 66.17
C LYS K 131 28.69 -5.69 65.93
N SER K 132 29.40 -4.77 66.52
CA SER K 132 30.85 -4.72 66.72
C SER K 132 31.43 -4.74 68.10
N PRO L 1 45.26 -20.79 51.42
CA PRO L 1 45.39 -22.08 52.03
C PRO L 1 45.77 -23.23 51.08
N GLN L 2 45.94 -24.41 51.62
CA GLN L 2 46.35 -25.61 50.85
C GLN L 2 45.27 -26.68 51.03
N ILE L 3 44.85 -27.35 49.98
CA ILE L 3 43.79 -28.39 49.98
C ILE L 3 44.35 -29.59 49.22
N SER L 4 44.05 -30.79 49.63
CA SER L 4 44.31 -32.05 48.97
C SER L 4 43.49 -32.17 47.70
N ARG L 5 44.15 -32.78 46.70
CA ARG L 5 43.55 -33.13 45.40
C ARG L 5 42.24 -33.83 45.59
N GLN L 6 42.21 -34.79 46.47
CA GLN L 6 41.10 -35.63 46.68
C GLN L 6 39.91 -34.83 47.19
N GLU L 7 40.17 -33.84 47.97
CA GLU L 7 39.17 -32.97 48.53
C GLU L 7 38.70 -31.95 47.50
N TYR L 8 39.65 -31.41 46.81
CA TYR L 8 39.42 -30.52 45.67
C TYR L 8 38.48 -31.20 44.66
N ALA L 9 38.76 -32.45 44.25
CA ALA L 9 38.08 -33.18 43.22
C ALA L 9 36.62 -33.40 43.58
N GLY L 10 36.40 -33.81 44.80
CA GLY L 10 35.14 -33.89 45.39
C GLY L 10 34.32 -32.64 45.38
N LEU L 11 34.92 -31.53 45.41
CA LEU L 11 34.21 -30.26 45.30
C LEU L 11 34.01 -29.78 43.86
N PHE L 12 34.95 -29.98 43.06
CA PHE L 12 35.12 -29.31 41.80
C PHE L 12 35.44 -30.19 40.60
N GLY L 13 35.50 -31.43 40.79
CA GLY L 13 36.05 -32.36 39.92
C GLY L 13 37.51 -32.35 39.59
N PRO L 14 37.89 -33.16 38.62
CA PRO L 14 39.30 -33.30 38.26
C PRO L 14 40.00 -32.12 37.69
N THR L 15 41.27 -31.88 38.01
CA THR L 15 42.05 -30.78 37.41
C THR L 15 43.24 -31.29 36.57
N THR L 16 44.10 -30.43 36.04
CA THR L 16 45.26 -30.78 35.18
C THR L 16 46.10 -31.91 35.80
N GLY L 17 46.37 -32.99 35.07
CA GLY L 17 47.11 -34.16 35.55
C GLY L 17 46.22 -35.27 36.02
N ASP L 18 44.97 -35.02 36.38
CA ASP L 18 44.06 -36.00 36.78
C ASP L 18 43.56 -36.71 35.53
N LYS L 19 43.35 -37.99 35.73
N LYS L 19 43.36 -37.98 35.73
CA LYS L 19 42.92 -38.98 34.78
CA LYS L 19 42.91 -38.99 34.79
C LYS L 19 41.50 -39.57 35.05
C LYS L 19 41.50 -39.57 35.05
N ILE L 20 40.71 -39.70 34.01
CA ILE L 20 39.34 -40.22 34.03
C ILE L 20 39.19 -41.42 33.08
N ARG L 21 38.73 -42.47 33.63
CA ARG L 21 38.26 -43.68 33.03
C ARG L 21 36.92 -43.43 32.36
N LEU L 22 36.88 -43.78 31.08
CA LEU L 22 35.72 -43.66 30.21
C LEU L 22 35.01 -45.00 30.32
N GLY L 23 34.10 -45.16 31.16
CA GLY L 23 33.29 -46.27 31.42
C GLY L 23 33.93 -47.40 32.03
N ASP L 24 33.56 -48.53 31.50
CA ASP L 24 34.16 -49.78 31.72
C ASP L 24 35.22 -50.12 30.71
N THR L 25 35.59 -49.16 29.90
CA THR L 25 36.73 -49.30 29.00
C THR L 25 38.03 -49.15 29.83
N ASN L 26 39.11 -49.46 29.19
CA ASN L 26 40.51 -49.24 29.48
C ASN L 26 41.09 -48.00 28.86
N LEU L 27 40.29 -47.08 28.48
CA LEU L 27 40.64 -45.78 28.09
C LEU L 27 40.52 -44.77 29.25
N PHE L 28 41.53 -44.04 29.36
CA PHE L 28 41.87 -43.04 30.37
C PHE L 28 42.30 -41.78 29.68
N ILE L 29 41.60 -40.93 29.78
CA ILE L 29 41.77 -39.54 29.46
C ILE L 29 42.40 -38.83 30.64
N GLU L 30 43.11 -37.81 30.31
CA GLU L 30 43.88 -36.92 31.13
C GLU L 30 43.64 -35.45 30.75
N ILE L 31 43.41 -34.64 31.74
CA ILE L 31 43.22 -33.21 31.62
C ILE L 31 44.56 -32.57 31.33
N GLU L 32 44.65 -31.93 30.20
CA GLU L 32 45.75 -31.26 29.61
C GLU L 32 45.93 -29.87 30.18
N LYS L 33 44.84 -29.16 30.32
CA LYS L 33 44.75 -27.74 30.70
C LYS L 33 43.54 -27.45 31.61
N ASP L 34 43.69 -26.56 32.56
CA ASP L 34 42.68 -26.05 33.45
C ASP L 34 42.66 -24.56 33.28
N LEU L 35 41.62 -24.12 32.65
CA LEU L 35 41.36 -22.75 32.38
C LEU L 35 40.64 -21.96 33.47
N ARG L 36 40.25 -22.57 34.56
CA ARG L 36 39.37 -21.80 35.46
C ARG L 36 39.99 -21.55 36.82
N GLY L 37 41.30 -21.17 36.84
CA GLY L 37 42.17 -20.75 38.00
C GLY L 37 42.10 -21.69 39.19
N TYR L 38 42.18 -21.18 40.41
CA TYR L 38 41.95 -21.86 41.73
C TYR L 38 41.42 -20.86 42.78
N GLY L 39 40.61 -21.26 43.75
CA GLY L 39 40.06 -20.35 44.75
C GLY L 39 38.85 -19.50 44.37
N GLU L 40 38.41 -19.35 43.12
CA GLU L 40 37.21 -18.52 42.79
C GLU L 40 36.18 -19.33 41.98
N GLU L 41 36.04 -20.57 42.27
CA GLU L 41 35.34 -21.60 41.55
C GLU L 41 33.82 -21.37 41.60
N SER L 42 33.23 -21.18 40.45
CA SER L 42 31.81 -20.94 40.21
C SER L 42 30.96 -22.18 40.26
N VAL L 43 30.14 -22.28 41.28
CA VAL L 43 29.17 -23.33 41.53
C VAL L 43 27.82 -22.77 42.01
N TYR L 44 26.78 -23.40 41.52
CA TYR L 44 25.41 -23.08 41.75
C TYR L 44 25.08 -23.86 43.01
N GLY L 45 24.48 -23.19 43.88
CA GLY L 45 23.77 -23.71 45.00
C GLY L 45 23.53 -22.73 46.14
N GLY L 46 22.72 -23.19 47.09
CA GLY L 46 22.56 -22.64 48.42
C GLY L 46 23.84 -22.64 49.19
N GLY L 47 24.21 -21.46 49.50
CA GLY L 47 25.40 -21.07 50.15
C GLY L 47 26.68 -21.06 49.36
N LYS L 48 26.62 -21.10 48.06
CA LYS L 48 27.67 -21.21 47.15
C LYS L 48 27.97 -19.91 46.44
N SER L 49 28.76 -19.99 45.43
CA SER L 49 29.47 -18.86 44.84
C SER L 49 28.68 -18.05 43.80
N LEU L 50 27.76 -18.64 43.07
CA LEU L 50 26.96 -18.01 42.02
C LEU L 50 25.68 -17.52 42.65
N ARG L 51 25.83 -16.57 43.57
CA ARG L 51 24.77 -15.90 44.30
C ARG L 51 24.93 -14.43 43.93
N ASP L 52 23.91 -13.69 44.25
CA ASP L 52 23.75 -12.31 43.88
C ASP L 52 24.78 -11.42 44.59
N GLY L 53 25.54 -10.70 43.82
CA GLY L 53 26.61 -9.77 44.04
C GLY L 53 27.97 -10.32 44.34
N MET L 54 27.99 -11.62 44.43
N MET L 54 27.99 -11.62 44.43
CA MET L 54 29.19 -12.40 44.74
CA MET L 54 29.20 -12.40 44.73
C MET L 54 29.70 -12.97 43.34
C MET L 54 29.70 -12.97 43.34
N GLY L 55 29.72 -14.27 43.01
CA GLY L 55 30.09 -14.85 41.77
C GLY L 55 29.25 -14.39 40.59
N ALA L 56 27.99 -14.12 40.83
CA ALA L 56 27.06 -13.44 39.99
C ALA L 56 26.93 -11.94 40.15
N ASN L 57 27.12 -11.30 39.07
CA ASN L 57 26.81 -9.98 38.77
C ASN L 57 25.32 -9.78 38.84
N ASN L 58 24.95 -8.72 39.47
CA ASN L 58 23.62 -8.32 39.84
C ASN L 58 23.21 -6.91 39.39
N HIS L 59 23.97 -6.28 38.62
CA HIS L 59 23.77 -4.97 38.15
C HIS L 59 23.79 -4.73 36.64
N LEU L 60 24.30 -5.63 35.89
CA LEU L 60 24.39 -5.63 34.46
C LEU L 60 23.16 -6.27 33.80
N THR L 61 22.61 -5.53 32.86
CA THR L 61 21.61 -5.97 31.90
C THR L 61 22.29 -6.86 30.88
N ARG L 62 21.48 -7.53 30.17
CA ARG L 62 21.91 -8.65 29.34
C ARG L 62 22.75 -8.21 28.14
N ASP L 63 22.60 -6.99 27.71
CA ASP L 63 23.17 -6.35 26.55
C ASP L 63 24.62 -5.94 26.73
N ASN L 64 25.11 -5.89 27.93
CA ASN L 64 26.47 -6.07 28.40
C ASN L 64 27.15 -7.40 28.22
N GLY L 65 26.49 -8.27 27.58
CA GLY L 65 27.05 -9.55 27.22
C GLY L 65 26.99 -10.62 28.28
N VAL L 66 26.15 -10.42 29.28
CA VAL L 66 25.85 -11.44 30.24
C VAL L 66 25.29 -12.68 29.54
N LEU L 67 25.68 -13.79 30.03
CA LEU L 67 25.33 -15.09 29.58
C LEU L 67 23.85 -15.41 29.83
N ASP L 68 23.34 -16.23 29.00
CA ASP L 68 22.07 -16.96 29.11
C ASP L 68 22.18 -18.30 29.83
N LEU L 69 23.30 -18.93 29.78
CA LEU L 69 23.63 -20.18 30.37
C LEU L 69 25.16 -20.35 30.55
N VAL L 70 25.51 -21.03 31.57
CA VAL L 70 26.83 -21.44 32.01
C VAL L 70 26.87 -22.85 32.50
N ILE L 71 27.82 -23.59 32.00
CA ILE L 71 28.17 -24.93 32.34
C ILE L 71 29.54 -24.84 33.02
N THR L 72 29.57 -25.19 34.24
CA THR L 72 30.64 -25.00 35.21
C THR L 72 31.46 -26.21 35.53
N ASN L 73 32.71 -25.99 35.60
CA ASN L 73 33.68 -26.89 36.03
C ASN L 73 33.67 -28.24 35.26
N VAL L 74 33.62 -28.14 33.98
CA VAL L 74 33.40 -29.25 33.06
C VAL L 74 34.63 -29.58 32.29
N THR L 75 34.76 -30.84 32.13
CA THR L 75 35.71 -31.53 31.27
C THR L 75 35.23 -31.68 29.83
N ILE L 76 35.81 -30.94 28.99
CA ILE L 76 35.66 -30.82 27.55
C ILE L 76 36.58 -31.77 26.81
N VAL L 77 35.97 -32.68 26.15
CA VAL L 77 36.52 -33.67 25.22
C VAL L 77 36.03 -33.30 23.82
N ASP L 78 36.92 -32.68 23.10
CA ASP L 78 36.70 -32.12 21.74
C ASP L 78 37.95 -32.34 20.83
N ALA L 79 37.75 -32.67 19.55
CA ALA L 79 38.80 -33.03 18.57
C ALA L 79 39.65 -31.86 18.16
N ARG L 80 39.20 -30.65 18.25
CA ARG L 80 39.97 -29.47 18.07
C ARG L 80 40.54 -28.81 19.34
N LEU L 81 39.84 -28.80 20.46
CA LEU L 81 40.34 -28.21 21.73
C LEU L 81 41.13 -29.20 22.59
N GLY L 82 40.92 -30.46 22.40
CA GLY L 82 41.49 -31.51 23.20
C GLY L 82 40.66 -31.83 24.48
N VAL L 83 41.31 -32.12 25.56
CA VAL L 83 40.92 -32.50 26.91
C VAL L 83 41.27 -31.42 27.95
N ILE L 84 40.30 -30.56 28.19
CA ILE L 84 40.47 -29.39 29.09
C ILE L 84 39.33 -29.30 30.10
N LYS L 85 39.58 -28.60 31.17
CA LYS L 85 38.71 -28.20 32.27
C LYS L 85 38.50 -26.71 32.24
N ALA L 86 37.29 -26.35 32.09
CA ALA L 86 36.74 -25.05 31.84
C ALA L 86 35.26 -24.88 32.20
N ASP L 87 34.91 -23.63 32.32
CA ASP L 87 33.59 -23.05 32.28
C ASP L 87 33.24 -22.76 30.82
N VAL L 88 32.02 -23.10 30.45
CA VAL L 88 31.39 -22.91 29.20
C VAL L 88 30.07 -22.19 29.29
N GLY L 89 30.05 -21.18 28.57
CA GLY L 89 29.13 -20.18 28.28
C GLY L 89 28.41 -19.96 26.97
N ILE L 90 27.15 -19.91 27.11
CA ILE L 90 26.19 -19.79 26.07
C ILE L 90 25.31 -18.57 26.19
N ARG L 91 25.19 -17.93 25.08
CA ARG L 91 24.53 -16.75 24.66
C ARG L 91 24.03 -16.80 23.22
N ASP L 92 22.79 -16.52 23.10
CA ASP L 92 21.96 -16.45 21.91
C ASP L 92 22.00 -17.76 21.09
N GLY L 93 21.95 -18.84 21.78
CA GLY L 93 22.11 -20.16 21.39
C GLY L 93 23.47 -20.58 20.83
N LYS L 94 24.46 -19.79 21.03
CA LYS L 94 25.84 -19.85 20.65
C LYS L 94 26.83 -19.84 21.84
N ILE L 95 27.92 -20.55 21.69
CA ILE L 95 29.12 -20.65 22.52
C ILE L 95 29.86 -19.34 22.40
N ALA L 96 29.84 -18.56 23.48
CA ALA L 96 30.45 -17.26 23.66
C ALA L 96 31.85 -17.28 24.26
N GLY L 97 32.19 -18.26 24.95
CA GLY L 97 33.36 -18.44 25.66
C GLY L 97 33.55 -19.76 26.36
N ILE L 98 34.84 -20.16 26.60
CA ILE L 98 35.39 -21.35 27.26
C ILE L 98 36.51 -20.78 28.14
N GLY L 99 36.45 -20.93 29.44
CA GLY L 99 37.40 -20.23 30.31
C GLY L 99 36.90 -20.19 31.73
N LYS L 100 37.13 -19.08 32.40
CA LYS L 100 36.73 -18.83 33.78
C LYS L 100 35.48 -17.91 33.74
N SER L 101 34.37 -18.36 34.22
CA SER L 101 33.15 -17.62 34.46
C SER L 101 33.12 -16.96 35.86
N GLY L 102 32.42 -15.92 36.01
CA GLY L 102 32.01 -15.12 37.20
C GLY L 102 31.76 -13.67 36.97
N ASN L 103 31.93 -12.97 38.04
CA ASN L 103 31.70 -11.60 38.31
C ASN L 103 32.99 -10.79 38.44
N PRO L 104 33.36 -10.03 37.43
CA PRO L 104 34.57 -9.25 37.45
C PRO L 104 34.62 -8.15 38.56
N GLY L 105 33.51 -7.83 39.15
CA GLY L 105 33.50 -6.91 40.29
C GLY L 105 34.27 -7.37 41.51
N VAL L 106 34.25 -8.66 41.74
CA VAL L 106 34.66 -9.37 42.94
C VAL L 106 35.66 -10.47 42.72
N MET L 107 36.09 -10.69 41.49
CA MET L 107 36.86 -11.80 40.98
C MET L 107 37.86 -11.31 39.96
N ASP L 108 39.00 -11.87 40.10
CA ASP L 108 40.04 -11.79 39.14
C ASP L 108 39.90 -12.96 38.17
N GLY L 109 40.31 -12.70 36.97
CA GLY L 109 40.47 -13.63 35.91
C GLY L 109 39.24 -14.17 35.24
N VAL L 110 38.16 -13.42 35.15
CA VAL L 110 36.98 -13.80 34.43
C VAL L 110 37.19 -13.62 32.94
N THR L 111 37.01 -14.68 32.22
CA THR L 111 37.17 -14.62 30.79
C THR L 111 36.17 -13.63 30.21
N PRO L 112 36.59 -12.75 29.35
CA PRO L 112 35.63 -11.92 28.67
C PRO L 112 34.57 -12.69 27.95
N GLY L 113 33.41 -12.22 28.08
CA GLY L 113 32.26 -12.90 27.61
C GLY L 113 31.61 -13.91 28.53
N LEU L 114 32.26 -14.33 29.58
CA LEU L 114 31.80 -15.25 30.58
C LEU L 114 31.28 -14.61 31.92
N VAL L 115 30.70 -13.47 31.80
CA VAL L 115 30.01 -12.81 32.89
C VAL L 115 28.67 -13.43 33.17
N VAL L 116 28.55 -13.98 34.27
CA VAL L 116 27.38 -14.52 34.90
C VAL L 116 26.67 -13.39 35.64
N GLY L 117 25.39 -13.34 35.46
CA GLY L 117 24.44 -12.42 35.81
C GLY L 117 23.02 -12.83 36.04
N VAL L 118 22.20 -11.83 36.07
CA VAL L 118 20.76 -11.93 36.30
C VAL L 118 20.10 -12.82 35.26
N SER L 119 20.50 -12.72 34.00
CA SER L 119 20.17 -13.55 32.83
C SER L 119 20.60 -14.98 32.84
N THR L 120 21.52 -15.35 33.62
CA THR L 120 22.13 -16.62 33.62
C THR L 120 21.50 -17.69 34.47
N ASP L 121 21.23 -18.80 33.85
CA ASP L 121 21.10 -20.15 34.34
C ASP L 121 22.37 -20.97 34.29
N ALA L 122 22.33 -22.02 34.99
CA ALA L 122 23.41 -22.86 35.34
C ALA L 122 23.21 -24.37 35.39
N ILE L 123 24.21 -24.96 34.86
CA ILE L 123 24.57 -26.35 34.80
C ILE L 123 25.94 -26.62 35.44
N SER L 124 25.93 -27.52 36.32
CA SER L 124 26.99 -28.06 37.12
C SER L 124 27.64 -29.22 36.43
N GLY L 125 28.73 -28.94 35.87
CA GLY L 125 29.62 -29.81 35.12
C GLY L 125 30.75 -30.51 35.81
N GLU L 126 30.76 -30.40 37.13
CA GLU L 126 31.87 -30.80 37.99
C GLU L 126 32.29 -32.22 37.76
N HIS L 127 31.37 -33.11 37.78
CA HIS L 127 31.59 -34.52 37.59
C HIS L 127 31.21 -34.99 36.15
N LEU L 128 31.16 -34.09 35.18
CA LEU L 128 30.71 -34.30 33.82
C LEU L 128 31.72 -33.98 32.71
N ILE L 129 31.51 -34.70 31.63
CA ILE L 129 32.04 -34.57 30.29
C ILE L 129 31.02 -34.02 29.31
N LEU L 130 31.43 -33.04 28.71
CA LEU L 130 30.89 -32.29 27.63
C LEU L 130 31.55 -32.51 26.28
N THR L 131 30.79 -32.93 25.42
CA THR L 131 31.02 -33.17 24.02
C THR L 131 30.08 -32.35 23.14
N ALA L 132 30.58 -32.07 22.01
CA ALA L 132 29.82 -31.85 20.84
C ALA L 132 28.91 -33.05 20.60
N ALA L 133 27.76 -32.75 20.13
CA ALA L 133 26.82 -33.71 19.63
C ALA L 133 27.32 -34.27 18.31
N GLY L 134 27.15 -35.47 18.18
CA GLY L 134 27.34 -36.19 16.98
C GLY L 134 26.47 -35.87 15.84
N ILE L 135 27.04 -36.18 14.71
CA ILE L 135 26.52 -36.00 13.41
C ILE L 135 26.61 -37.30 12.60
N ASP L 136 25.41 -37.80 12.18
CA ASP L 136 25.13 -39.04 11.46
C ASP L 136 24.84 -38.63 9.97
N THR L 137 25.77 -38.84 9.11
CA THR L 137 25.84 -38.61 7.69
C THR L 137 25.16 -39.62 6.80
N HIS L 138 24.74 -40.72 7.29
CA HIS L 138 24.13 -41.80 6.55
C HIS L 138 22.80 -42.28 7.16
N ILE L 139 21.83 -41.47 7.05
CA ILE L 139 20.49 -41.69 7.57
C ILE L 139 19.53 -41.97 6.44
N HIS L 140 18.96 -43.06 6.56
CA HIS L 140 17.76 -43.44 5.87
C HIS L 140 16.51 -43.02 6.68
N LEU L 141 15.73 -42.19 6.05
CA LEU L 141 14.46 -41.62 6.47
C LEU L 141 13.30 -42.55 6.24
N ILE L 142 13.40 -43.64 6.93
CA ILE L 142 12.48 -44.69 6.91
C ILE L 142 11.37 -44.47 7.95
N SER L 143 11.74 -44.12 9.17
CA SER L 143 10.97 -43.91 10.41
C SER L 143 11.32 -42.61 11.13
N PRO L 144 10.34 -41.75 11.40
CA PRO L 144 10.58 -40.56 12.20
C PRO L 144 11.12 -40.74 13.62
N GLN L 145 10.93 -41.83 14.22
CA GLN L 145 11.28 -42.30 15.55
C GLN L 145 12.78 -42.53 15.75
N GLN L 146 13.49 -42.70 14.68
CA GLN L 146 14.94 -42.78 14.67
C GLN L 146 15.60 -41.61 15.43
N ALA L 147 15.08 -40.46 15.29
CA ALA L 147 15.48 -39.25 15.94
C ALA L 147 15.60 -39.38 17.43
N TYR L 148 14.71 -40.11 18.05
CA TYR L 148 14.63 -40.34 19.46
C TYR L 148 15.71 -41.30 19.91
N HIS L 149 15.93 -42.33 19.10
CA HIS L 149 17.01 -43.35 19.32
C HIS L 149 18.35 -42.62 19.19
N ALA L 150 18.50 -41.69 18.34
CA ALA L 150 19.68 -40.93 18.08
C ALA L 150 20.05 -39.98 19.25
N LEU L 151 19.14 -39.12 19.58
CA LEU L 151 19.23 -38.20 20.75
C LEU L 151 19.60 -38.94 22.04
N SER L 152 19.20 -40.09 22.19
CA SER L 152 19.42 -41.01 23.27
C SER L 152 20.81 -41.68 23.31
N ASN L 153 21.58 -41.56 22.27
CA ASN L 153 23.03 -41.80 22.12
C ASN L 153 23.88 -40.62 21.77
N GLY L 154 23.41 -39.47 21.96
CA GLY L 154 24.11 -38.32 21.71
C GLY L 154 24.33 -37.73 20.34
N VAL L 155 23.48 -38.06 19.40
CA VAL L 155 23.36 -37.60 18.05
C VAL L 155 22.13 -36.74 17.86
N ALA L 156 22.36 -35.67 17.36
CA ALA L 156 21.55 -34.51 17.06
C ALA L 156 21.54 -33.87 15.69
N THR L 157 22.27 -34.39 14.74
CA THR L 157 22.24 -34.02 13.35
C THR L 157 22.20 -35.30 12.44
N PHE L 158 21.31 -35.27 11.49
CA PHE L 158 21.00 -36.26 10.45
C PHE L 158 21.27 -35.62 9.06
N PHE L 159 21.98 -36.29 8.28
CA PHE L 159 22.20 -36.15 6.88
C PHE L 159 21.83 -37.51 6.26
N GLY L 160 21.07 -37.43 5.29
CA GLY L 160 20.40 -38.38 4.47
C GLY L 160 19.18 -37.96 3.72
N GLY L 161 18.44 -38.96 3.52
CA GLY L 161 17.30 -39.03 2.66
C GLY L 161 16.35 -40.17 2.81
N GLY L 162 15.28 -39.98 2.18
CA GLY L 162 14.13 -40.77 2.09
C GLY L 162 12.78 -40.02 2.06
N ILE L 163 11.75 -40.82 2.09
CA ILE L 163 10.35 -40.44 2.07
C ILE L 163 9.43 -41.39 2.85
N GLY L 164 9.91 -41.98 3.93
CA GLY L 164 9.31 -42.99 4.77
C GLY L 164 9.57 -44.38 4.27
N PRO L 165 8.85 -45.43 4.65
CA PRO L 165 9.23 -46.77 4.28
C PRO L 165 8.96 -47.28 2.85
N THR L 166 9.34 -46.56 1.84
CA THR L 166 9.27 -46.99 0.43
C THR L 166 10.48 -47.88 0.18
N ASP L 167 10.41 -48.72 -0.79
CA ASP L 167 11.50 -49.63 -1.18
C ASP L 167 12.78 -48.86 -1.62
N GLY L 168 12.62 -47.75 -2.20
CA GLY L 168 13.70 -46.88 -2.52
C GLY L 168 14.46 -46.29 -1.30
N THR L 169 13.74 -45.97 -0.30
CA THR L 169 14.27 -45.46 0.97
C THR L 169 14.85 -46.54 1.75
N ASN L 170 14.23 -47.71 1.76
CA ASN L 170 14.78 -48.82 2.46
C ASN L 170 16.21 -49.14 1.96
N GLY L 171 16.44 -48.95 0.72
CA GLY L 171 17.77 -49.06 0.14
C GLY L 171 18.64 -47.91 -0.07
N THR L 172 18.11 -46.72 -0.22
CA THR L 172 18.97 -45.60 -0.49
C THR L 172 18.52 -44.37 0.32
N THR L 173 19.40 -43.44 0.53
CA THR L 173 19.42 -42.09 1.11
C THR L 173 19.14 -40.97 0.09
N VAL L 174 18.00 -41.15 -0.49
CA VAL L 174 17.51 -40.30 -1.59
C VAL L 174 16.08 -39.83 -1.28
N THR L 175 15.80 -38.61 -1.58
CA THR L 175 14.56 -37.88 -1.52
C THR L 175 14.42 -37.37 -2.93
N PRO L 176 13.77 -38.12 -3.79
CA PRO L 176 13.79 -37.78 -5.18
C PRO L 176 12.79 -36.75 -5.66
N GLY L 177 13.32 -35.79 -6.21
CA GLY L 177 12.70 -34.70 -6.85
C GLY L 177 12.13 -33.57 -6.02
N PRO L 178 11.93 -32.42 -6.62
CA PRO L 178 11.46 -31.22 -5.96
C PRO L 178 10.14 -31.29 -5.11
N TRP L 179 9.22 -32.12 -5.49
CA TRP L 179 7.98 -32.36 -4.73
C TRP L 179 8.25 -33.08 -3.45
N ASN L 180 8.86 -34.19 -3.55
CA ASN L 180 9.29 -35.03 -2.45
C ASN L 180 10.23 -34.30 -1.46
N ILE L 181 11.16 -33.51 -1.96
CA ILE L 181 12.08 -32.68 -1.18
C ILE L 181 11.29 -31.69 -0.32
N ARG L 182 10.40 -30.94 -0.93
CA ARG L 182 9.52 -29.93 -0.31
C ARG L 182 8.73 -30.54 0.85
N GLN L 183 8.19 -31.64 0.59
CA GLN L 183 7.42 -32.49 1.49
C GLN L 183 8.20 -32.92 2.67
N MET L 184 9.39 -33.31 2.42
CA MET L 184 10.26 -33.79 3.40
C MET L 184 10.85 -32.67 4.26
N LEU L 185 11.16 -31.54 3.69
CA LEU L 185 11.54 -30.35 4.41
C LEU L 185 10.46 -29.95 5.43
N ARG L 186 9.25 -29.95 5.02
CA ARG L 186 8.05 -29.64 5.78
C ARG L 186 7.78 -30.62 6.90
N SER L 187 8.02 -31.88 6.73
CA SER L 187 7.88 -32.92 7.66
C SER L 187 8.84 -32.85 8.80
N VAL L 188 10.09 -32.56 8.50
CA VAL L 188 11.19 -32.59 9.44
C VAL L 188 11.10 -31.48 10.44
N GLU L 189 10.34 -30.47 10.15
CA GLU L 189 9.84 -29.49 11.10
C GLU L 189 9.28 -30.09 12.38
N GLY L 190 8.82 -31.26 12.35
CA GLY L 190 8.39 -32.02 13.41
C GLY L 190 9.38 -32.90 14.14
N LEU L 191 10.62 -32.74 13.86
CA LEU L 191 11.68 -33.50 14.42
C LEU L 191 12.71 -32.67 15.25
N PRO L 192 13.20 -33.19 16.23
CA PRO L 192 14.02 -32.47 17.17
C PRO L 192 15.53 -32.53 16.97
N VAL L 193 15.91 -32.84 15.77
CA VAL L 193 17.22 -32.91 15.19
C VAL L 193 17.38 -32.02 14.01
N ASN L 194 18.56 -31.59 13.80
CA ASN L 194 19.00 -30.91 12.62
C ASN L 194 18.93 -31.90 11.47
N VAL L 195 18.72 -31.43 10.28
CA VAL L 195 18.55 -32.17 9.03
C VAL L 195 19.06 -31.43 7.80
N GLY L 196 19.71 -32.18 7.03
CA GLY L 196 19.92 -31.92 5.63
C GLY L 196 19.61 -33.10 4.73
N ILE L 197 19.05 -32.83 3.67
CA ILE L 197 18.47 -33.81 2.76
C ILE L 197 19.35 -33.93 1.52
N LEU L 198 19.48 -35.15 1.10
CA LEU L 198 20.04 -35.67 -0.12
C LEU L 198 19.09 -36.09 -1.24
N GLY L 199 19.38 -35.70 -2.28
CA GLY L 199 18.85 -35.94 -3.59
C GLY L 199 19.44 -37.08 -4.44
N LYS L 200 18.81 -37.39 -5.53
CA LYS L 200 19.13 -38.45 -6.47
C LYS L 200 20.03 -37.89 -7.55
N GLY L 201 21.14 -38.34 -7.57
CA GLY L 201 22.24 -38.01 -8.44
C GLY L 201 22.28 -38.64 -9.82
N ASN L 202 21.60 -39.74 -9.98
CA ASN L 202 21.69 -40.50 -11.25
C ASN L 202 20.90 -39.77 -12.31
N SER L 203 21.49 -38.88 -13.04
CA SER L 203 20.94 -38.03 -14.10
C SER L 203 21.89 -37.82 -15.30
N TYR L 204 21.37 -37.69 -16.49
CA TYR L 204 22.22 -37.40 -17.65
C TYR L 204 22.43 -35.87 -17.79
N GLY L 205 21.50 -34.97 -18.04
CA GLY L 205 21.89 -33.51 -18.10
C GLY L 205 21.91 -32.81 -16.73
N ARG L 206 22.14 -31.51 -16.70
CA ARG L 206 22.09 -30.61 -15.58
C ARG L 206 20.68 -30.37 -15.02
N GLY L 207 19.68 -30.42 -15.81
CA GLY L 207 18.33 -30.11 -15.46
C GLY L 207 17.80 -30.73 -14.22
N PRO L 208 17.82 -32.05 -14.20
CA PRO L 208 17.29 -32.82 -13.10
C PRO L 208 18.01 -32.71 -11.78
N LEU L 209 19.25 -32.34 -11.80
CA LEU L 209 20.10 -32.06 -10.67
C LEU L 209 19.88 -30.67 -10.10
N LEU L 210 19.75 -29.71 -10.95
CA LEU L 210 19.63 -28.31 -10.62
C LEU L 210 18.34 -28.03 -9.83
N GLU L 211 17.26 -28.58 -10.32
CA GLU L 211 15.91 -28.84 -9.81
C GLU L 211 15.90 -29.12 -8.35
N GLN L 212 16.62 -30.11 -7.99
CA GLN L 212 16.65 -30.61 -6.65
C GLN L 212 17.49 -29.68 -5.72
N ALA L 213 18.57 -29.17 -6.23
CA ALA L 213 19.46 -28.14 -5.69
C ALA L 213 18.68 -26.90 -5.23
N ILE L 214 17.92 -26.30 -6.10
CA ILE L 214 17.07 -25.18 -5.82
C ILE L 214 15.94 -25.53 -4.81
N ALA L 215 15.37 -26.71 -4.98
CA ALA L 215 14.31 -27.26 -4.09
C ALA L 215 14.87 -27.34 -2.65
N GLY L 216 16.19 -27.40 -2.43
CA GLY L 216 16.82 -27.32 -1.10
C GLY L 216 17.82 -28.40 -0.69
N VAL L 217 18.21 -29.40 -1.51
CA VAL L 217 19.14 -30.48 -1.03
C VAL L 217 20.54 -29.92 -0.73
N VAL L 218 21.30 -30.59 0.08
CA VAL L 218 22.65 -30.35 0.52
C VAL L 218 23.68 -31.25 -0.12
N GLY L 219 23.21 -32.09 -1.01
CA GLY L 219 23.89 -33.12 -1.55
C GLY L 219 23.12 -34.01 -2.52
N TYR L 220 23.83 -34.76 -3.23
CA TYR L 220 23.39 -35.81 -4.14
C TYR L 220 23.98 -37.16 -3.74
N VAL L 222 24.47 -40.85 -5.08
CA VAL L 222 24.77 -41.88 -6.08
C VAL L 222 24.88 -43.33 -5.53
N HIS L 223 23.88 -44.05 -5.87
CA HIS L 223 23.53 -45.40 -5.44
C HIS L 223 23.35 -46.37 -6.61
N GLU L 224 23.86 -47.61 -6.45
CA GLU L 224 23.75 -48.74 -7.41
C GLU L 224 22.32 -49.06 -7.79
N ASP L 225 21.49 -49.10 -6.81
CA ASP L 225 20.07 -49.30 -6.88
C ASP L 225 19.31 -48.43 -7.83
N TRP L 226 19.80 -47.26 -8.05
CA TRP L 226 19.25 -46.37 -9.06
C TRP L 226 20.23 -46.20 -10.24
N GLY L 227 21.34 -46.95 -10.27
CA GLY L 227 22.52 -46.81 -11.17
C GLY L 227 23.75 -46.08 -10.69
N ALA L 228 24.83 -46.72 -10.24
CA ALA L 228 26.12 -46.10 -9.82
C ALA L 228 27.15 -46.07 -10.99
N THR L 229 26.75 -45.52 -12.09
CA THR L 229 27.40 -45.36 -13.38
C THR L 229 28.44 -44.25 -13.36
N ALA L 230 29.34 -44.30 -14.34
CA ALA L 230 30.31 -43.27 -14.55
C ALA L 230 29.61 -41.96 -14.89
N ASN L 231 28.59 -42.07 -15.64
CA ASN L 231 27.75 -40.99 -16.06
C ASN L 231 27.19 -40.22 -14.85
N ALA L 232 26.56 -40.94 -13.97
CA ALA L 232 25.98 -40.48 -12.73
C ALA L 232 26.97 -39.63 -11.94
N LEU L 233 28.09 -40.24 -11.63
CA LEU L 233 29.21 -39.66 -10.96
C LEU L 233 29.65 -38.37 -11.55
N ARG L 234 29.98 -38.41 -12.79
CA ARG L 234 30.48 -37.32 -13.52
C ARG L 234 29.52 -36.15 -13.50
N HIS L 235 28.24 -36.35 -13.76
CA HIS L 235 27.35 -35.24 -13.84
C HIS L 235 27.04 -34.65 -12.43
N SER L 236 26.84 -35.48 -11.46
CA SER L 236 26.68 -35.23 -10.03
C SER L 236 27.79 -34.39 -9.42
N LEU L 237 29.02 -34.73 -9.69
CA LEU L 237 30.15 -34.01 -9.27
C LEU L 237 30.34 -32.67 -9.95
N ARG L 238 30.12 -32.62 -11.22
CA ARG L 238 30.13 -31.35 -11.95
C ARG L 238 29.08 -30.33 -11.46
N MET L 239 27.92 -30.79 -11.21
CA MET L 239 26.87 -30.01 -10.61
C MET L 239 27.21 -29.57 -9.21
N ALA L 240 27.77 -30.42 -8.44
CA ALA L 240 28.17 -30.20 -7.07
C ALA L 240 29.13 -29.08 -6.89
N ASP L 241 30.07 -29.05 -7.73
CA ASP L 241 31.07 -28.05 -7.79
C ASP L 241 30.43 -26.73 -8.16
N GLU L 242 29.43 -26.79 -8.98
CA GLU L 242 28.65 -25.62 -9.32
C GLU L 242 27.83 -25.08 -8.12
N MET L 243 27.16 -25.92 -7.41
CA MET L 243 26.21 -25.65 -6.40
C MET L 243 26.76 -25.53 -4.97
N ASP L 244 28.03 -25.79 -4.73
CA ASP L 244 28.66 -26.01 -3.46
C ASP L 244 27.87 -26.91 -2.51
N ILE L 245 27.68 -28.07 -2.97
CA ILE L 245 27.15 -29.16 -2.28
C ILE L 245 27.98 -30.44 -2.46
N GLN L 246 27.73 -31.38 -1.64
CA GLN L 246 28.38 -32.65 -1.51
C GLN L 246 27.75 -33.79 -2.34
N VAL L 247 28.54 -34.77 -2.59
CA VAL L 247 28.21 -36.01 -3.24
C VAL L 247 28.74 -37.15 -2.43
N SER L 248 27.88 -38.04 -2.12
CA SER L 248 27.98 -39.28 -1.45
C SER L 248 27.67 -40.41 -2.45
N VAL L 249 28.32 -41.55 -2.26
CA VAL L 249 28.34 -42.72 -3.11
C VAL L 249 28.39 -44.04 -2.39
N HIS L 250 27.58 -44.88 -2.93
CA HIS L 250 27.37 -46.31 -2.79
C HIS L 250 27.61 -46.96 -4.18
N THR L 251 28.77 -47.56 -4.30
CA THR L 251 29.29 -47.99 -5.63
C THR L 251 28.68 -49.33 -6.07
N ASP L 252 28.89 -49.65 -7.31
CA ASP L 252 28.45 -50.84 -8.04
C ASP L 252 29.09 -52.12 -7.41
N SER L 253 28.38 -52.92 -6.68
CA SER L 253 28.87 -54.15 -6.03
C SER L 253 29.14 -55.31 -7.02
N LEU L 254 28.43 -55.37 -8.09
CA LEU L 254 28.41 -56.36 -9.18
C LEU L 254 29.52 -56.27 -10.24
N ASN L 255 30.23 -55.23 -10.23
CA ASN L 255 31.23 -54.74 -11.14
C ASN L 255 30.77 -54.57 -12.65
N GLU L 256 29.44 -54.39 -12.79
CA GLU L 256 28.72 -54.27 -14.06
C GLU L 256 29.40 -53.27 -15.00
N CYS L 257 29.47 -51.98 -14.72
CA CYS L 257 30.02 -51.01 -15.65
C CYS L 257 31.50 -50.82 -15.42
N GLY L 258 32.15 -51.54 -14.49
CA GLY L 258 33.49 -51.29 -14.02
C GLY L 258 33.91 -51.88 -12.69
N TYR L 259 35.18 -51.81 -12.49
CA TYR L 259 35.92 -52.08 -11.30
C TYR L 259 36.17 -50.75 -10.59
N VAL L 260 36.55 -50.84 -9.37
CA VAL L 260 36.92 -49.75 -8.49
C VAL L 260 37.80 -48.67 -9.10
N GLU L 261 38.82 -49.07 -9.79
CA GLU L 261 39.68 -48.23 -10.55
C GLU L 261 38.95 -47.33 -11.58
N ASP L 262 37.96 -47.86 -12.26
CA ASP L 262 37.12 -47.12 -13.17
C ASP L 262 36.19 -46.13 -12.42
N THR L 263 35.63 -46.54 -11.32
CA THR L 263 34.93 -45.65 -10.39
C THR L 263 35.79 -44.48 -9.99
N ILE L 264 37.00 -44.78 -9.62
CA ILE L 264 37.96 -43.78 -9.18
C ILE L 264 38.18 -42.74 -10.24
N ASP L 265 38.26 -43.16 -11.46
CA ASP L 265 38.45 -42.35 -12.60
C ASP L 265 37.21 -41.50 -12.93
N ALA L 266 36.01 -42.03 -12.66
CA ALA L 266 34.76 -41.33 -12.72
C ALA L 266 34.70 -40.17 -11.72
N PHE L 267 35.34 -40.30 -10.57
CA PHE L 267 35.45 -39.20 -9.60
C PHE L 267 36.19 -37.99 -10.14
N GLU L 268 37.17 -38.19 -10.98
CA GLU L 268 37.85 -37.18 -11.75
C GLU L 268 38.48 -36.07 -10.83
N GLY L 269 39.12 -36.51 -9.84
CA GLY L 269 39.77 -35.95 -8.68
C GLY L 269 39.00 -35.01 -7.77
N ARG L 270 37.71 -34.97 -7.96
CA ARG L 270 36.67 -34.18 -7.38
C ARG L 270 36.31 -34.71 -6.00
N THR L 271 36.03 -33.82 -5.08
CA THR L 271 35.64 -34.18 -3.74
C THR L 271 34.39 -35.07 -3.69
N ILE L 272 34.48 -36.10 -2.94
CA ILE L 272 33.48 -37.13 -2.71
C ILE L 272 33.57 -37.86 -1.39
N HIS L 273 32.39 -38.12 -0.87
CA HIS L 273 32.07 -38.87 0.29
C HIS L 273 31.62 -40.29 -0.08
N THR L 274 32.31 -41.16 0.36
CA THR L 274 32.23 -42.61 0.19
C THR L 274 31.73 -43.28 1.43
N PHE L 275 30.45 -43.76 1.43
CA PHE L 275 29.75 -44.53 2.46
C PHE L 275 30.30 -45.95 2.58
N HIS L 276 30.10 -46.64 3.66
CA HIS L 276 30.53 -48.02 3.90
C HIS L 276 31.74 -48.38 3.00
N THR L 277 32.90 -47.75 3.25
CA THR L 277 34.13 -47.79 2.42
C THR L 277 34.72 -49.22 2.34
N GLU L 278 34.52 -50.01 3.34
CA GLU L 278 34.85 -51.45 3.44
C GLU L 278 34.16 -52.36 2.45
N GLY L 279 32.90 -52.12 2.18
CA GLY L 279 32.04 -52.86 1.30
C GLY L 279 30.95 -53.79 1.83
N ALA L 280 30.94 -54.19 3.09
CA ALA L 280 29.85 -55.06 3.60
C ALA L 280 28.46 -54.47 3.32
N GLY L 281 28.32 -53.16 3.39
CA GLY L 281 27.14 -52.35 3.15
C GLY L 281 26.83 -51.96 1.73
N GLY L 282 27.60 -52.44 0.80
CA GLY L 282 27.67 -52.12 -0.55
C GLY L 282 29.03 -51.61 -1.07
N GLY L 283 29.33 -51.97 -2.30
CA GLY L 283 30.46 -51.45 -3.03
C GLY L 283 31.20 -52.55 -3.74
N HIS L 284 31.89 -52.15 -4.78
CA HIS L 284 32.79 -52.90 -5.65
C HIS L 284 33.49 -53.99 -4.84
N ALA L 285 33.22 -55.15 -5.20
CA ALA L 285 33.69 -56.31 -4.47
C ALA L 285 34.98 -56.86 -5.07
N PRO L 286 35.98 -57.20 -4.28
CA PRO L 286 36.17 -57.22 -2.85
C PRO L 286 36.76 -55.96 -2.30
N ASP L 287 37.04 -55.00 -3.14
CA ASP L 287 38.13 -54.02 -3.00
C ASP L 287 37.78 -52.51 -3.06
N ILE L 288 36.59 -52.14 -2.78
CA ILE L 288 36.18 -50.74 -2.62
C ILE L 288 37.02 -49.92 -1.61
N ILE L 289 37.58 -50.56 -0.62
CA ILE L 289 38.50 -50.10 0.45
C ILE L 289 39.71 -49.30 0.00
N ARG L 290 40.07 -49.47 -1.24
CA ARG L 290 41.19 -48.80 -1.91
C ARG L 290 40.97 -47.32 -2.23
N VAL L 291 39.74 -46.88 -2.23
CA VAL L 291 39.33 -45.50 -2.33
C VAL L 291 39.86 -44.65 -1.14
N ALA L 292 40.13 -45.24 0.01
CA ALA L 292 40.72 -44.65 1.22
C ALA L 292 42.17 -44.15 1.07
N SER L 293 42.83 -44.43 -0.06
CA SER L 293 44.14 -43.96 -0.54
C SER L 293 44.15 -42.64 -1.34
N GLN L 294 43.13 -42.23 -1.71
CA GLN L 294 42.94 -41.11 -2.54
C GLN L 294 42.64 -39.81 -1.74
N PRO L 295 43.25 -38.72 -2.14
CA PRO L 295 43.14 -37.41 -1.44
C PRO L 295 41.81 -36.69 -1.54
N ASN L 296 41.02 -37.01 -2.48
CA ASN L 296 39.72 -36.48 -2.82
C ASN L 296 38.55 -37.20 -2.20
N VAL L 297 38.80 -38.30 -1.62
CA VAL L 297 37.87 -39.17 -0.98
C VAL L 297 37.90 -38.90 0.53
N LEU L 298 36.74 -38.71 1.04
CA LEU L 298 36.35 -38.49 2.42
C LEU L 298 35.62 -39.71 2.87
N PRO L 299 36.31 -40.63 3.48
CA PRO L 299 35.76 -41.93 3.73
C PRO L 299 35.09 -42.13 5.06
N SER L 300 34.05 -42.79 4.97
CA SER L 300 33.20 -43.34 5.97
C SER L 300 32.97 -44.81 5.89
N SER L 301 32.73 -45.41 7.12
CA SER L 301 32.20 -46.74 7.41
C SER L 301 30.83 -46.67 8.09
N THR L 302 29.99 -47.64 7.86
CA THR L 302 28.73 -47.77 8.59
C THR L 302 29.04 -48.53 9.87
N ASN L 303 28.23 -48.35 10.87
CA ASN L 303 28.58 -48.84 12.19
C ASN L 303 28.33 -50.33 12.36
N PRO L 304 27.66 -51.43 11.60
CA PRO L 304 27.51 -52.83 12.04
C PRO L 304 28.80 -53.69 12.07
N THR L 305 29.85 -53.34 11.40
CA THR L 305 31.17 -53.98 11.39
C THR L 305 32.19 -53.54 12.46
N LEU L 306 31.90 -52.50 13.18
CA LEU L 306 32.71 -51.86 14.18
C LEU L 306 32.09 -52.01 15.57
N PRO L 307 32.66 -52.71 16.50
CA PRO L 307 33.90 -53.39 16.38
C PRO L 307 33.67 -54.74 15.73
N TYR L 308 34.76 -55.36 15.34
CA TYR L 308 34.76 -56.69 14.76
C TYR L 308 34.71 -57.73 15.84
N GLY L 309 33.65 -58.46 15.77
CA GLY L 309 33.38 -59.50 16.69
C GLY L 309 33.10 -60.87 16.08
N VAL L 310 33.03 -61.81 16.97
CA VAL L 310 32.87 -63.23 16.75
C VAL L 310 31.56 -63.62 16.11
N ASN L 311 30.54 -62.90 16.34
CA ASN L 311 29.26 -63.02 15.70
C ASN L 311 29.10 -62.19 14.44
N SER L 312 30.11 -61.45 14.02
CA SER L 312 30.00 -60.50 12.93
C SER L 312 29.79 -61.14 11.57
N GLN L 313 30.40 -62.25 11.33
CA GLN L 313 30.28 -62.89 10.04
C GLN L 313 28.94 -63.56 9.85
N ALA L 314 28.55 -64.36 10.80
CA ALA L 314 27.19 -64.91 10.91
C ALA L 314 26.06 -63.92 10.70
N GLU L 315 26.17 -62.76 11.27
CA GLU L 315 25.15 -61.77 11.24
C GLU L 315 24.98 -61.21 9.85
N LEU L 316 26.06 -60.82 9.28
CA LEU L 316 26.14 -60.08 8.05
C LEU L 316 25.72 -60.92 6.88
N PHE L 317 26.17 -62.15 6.85
CA PHE L 317 25.78 -63.16 5.91
C PHE L 317 24.29 -63.22 5.82
N ASP L 318 23.72 -63.51 6.94
CA ASP L 318 22.31 -63.75 7.01
C ASP L 318 21.52 -62.51 6.67
N MET L 319 22.00 -61.36 7.06
CA MET L 319 21.42 -60.04 6.80
C MET L 319 21.30 -59.68 5.35
N ILE L 320 22.33 -59.91 4.57
CA ILE L 320 22.26 -59.64 3.14
C ILE L 320 21.31 -60.56 2.49
N MET L 321 21.42 -61.80 2.86
CA MET L 321 20.57 -62.80 2.30
C MET L 321 19.14 -62.55 2.58
N VAL L 322 18.81 -61.67 3.52
CA VAL L 322 17.48 -61.18 3.61
C VAL L 322 17.33 -59.79 3.09
N CYS L 323 18.34 -58.95 3.26
CA CYS L 323 18.29 -57.60 2.73
C CYS L 323 17.92 -57.64 1.25
N HIS L 324 18.56 -58.56 0.51
CA HIS L 324 18.36 -58.73 -0.93
C HIS L 324 17.48 -59.94 -1.26
N ASN L 325 16.61 -60.32 -0.34
CA ASN L 325 15.78 -61.51 -0.50
C ASN L 325 16.38 -62.66 -1.30
N LEU L 326 17.55 -63.12 -0.91
CA LEU L 326 18.15 -64.15 -1.67
C LEU L 326 17.61 -65.49 -1.22
N VAL L 334 24.64 -67.11 -3.53
CA VAL L 334 25.57 -67.34 -2.44
C VAL L 334 26.96 -66.97 -2.75
N SER L 335 27.17 -66.58 -3.97
CA SER L 335 28.45 -66.21 -4.44
C SER L 335 28.50 -64.71 -4.57
N PHE L 336 27.34 -64.08 -4.57
CA PHE L 336 27.22 -62.69 -4.23
C PHE L 336 27.43 -62.51 -2.74
N ALA L 337 27.01 -63.50 -1.93
CA ALA L 337 27.01 -63.37 -0.47
C ALA L 337 28.41 -63.41 0.13
N GLU L 338 29.14 -64.46 -0.12
CA GLU L 338 30.48 -64.73 0.43
C GLU L 338 31.56 -63.88 -0.21
N SER L 339 31.18 -63.10 -1.19
CA SER L 339 32.02 -62.10 -1.81
C SER L 339 31.76 -60.71 -1.30
N ARG L 340 30.61 -60.53 -0.71
CA ARG L 340 30.10 -59.34 -0.09
C ARG L 340 30.55 -59.27 1.34
N VAL L 341 30.72 -60.40 1.98
CA VAL L 341 30.91 -60.52 3.37
C VAL L 341 32.23 -61.26 3.58
N ARG L 342 33.23 -60.47 3.86
CA ARG L 342 34.64 -60.80 3.90
C ARG L 342 35.30 -60.51 5.23
N PRO L 343 35.59 -61.54 6.02
CA PRO L 343 36.25 -61.32 7.32
C PRO L 343 37.50 -60.48 7.25
N GLU L 344 38.24 -60.66 6.17
CA GLU L 344 39.52 -59.99 5.92
C GLU L 344 39.39 -58.50 5.75
N THR L 345 38.40 -58.05 5.05
CA THR L 345 38.28 -56.64 4.84
C THR L 345 37.60 -55.93 6.05
N ILE L 346 36.81 -56.67 6.82
CA ILE L 346 36.12 -56.18 7.98
C ILE L 346 37.14 -55.86 9.07
N ALA L 347 38.03 -56.78 9.36
CA ALA L 347 39.20 -56.56 10.18
C ALA L 347 40.03 -55.42 9.70
N ALA L 348 40.20 -55.33 8.43
CA ALA L 348 40.97 -54.28 7.85
C ALA L 348 40.36 -52.92 8.13
N GLU L 349 39.04 -52.83 8.07
CA GLU L 349 38.29 -51.59 8.31
C GLU L 349 38.62 -51.03 9.73
N ASN L 350 38.63 -51.87 10.71
CA ASN L 350 38.94 -51.70 12.12
C ASN L 350 40.32 -51.11 12.30
N VAL L 351 41.28 -51.65 11.61
CA VAL L 351 42.64 -51.20 11.65
C VAL L 351 42.80 -49.85 11.02
N LEU L 352 42.20 -49.65 9.92
CA LEU L 352 42.32 -48.44 9.20
C LEU L 352 41.73 -47.23 9.93
N HIS L 353 40.68 -47.50 10.66
CA HIS L 353 40.06 -46.59 11.61
C HIS L 353 41.06 -46.11 12.61
N ASP L 354 41.68 -47.04 13.31
CA ASP L 354 42.72 -46.81 14.27
C ASP L 354 43.93 -46.10 13.74
N MET L 355 44.20 -46.19 12.49
CA MET L 355 45.27 -45.50 11.80
C MET L 355 44.96 -44.08 11.39
N GLY L 356 43.74 -43.69 11.36
CA GLY L 356 43.30 -42.49 10.77
C GLY L 356 43.12 -42.46 9.26
N VAL L 357 42.89 -43.59 8.67
CA VAL L 357 42.69 -43.77 7.24
C VAL L 357 41.20 -43.76 6.83
N ILE L 358 40.28 -44.26 7.62
CA ILE L 358 38.82 -44.07 7.48
C ILE L 358 38.37 -43.00 8.50
N SER L 359 37.77 -41.97 8.03
CA SER L 359 37.68 -40.73 8.73
C SER L 359 36.36 -40.47 9.53
N MET L 360 35.34 -41.22 9.32
CA MET L 360 33.98 -41.16 9.83
C MET L 360 33.21 -42.46 10.00
N PHE L 361 32.48 -42.48 11.08
CA PHE L 361 31.48 -43.39 11.45
C PHE L 361 30.12 -42.83 11.01
N SER L 362 29.18 -43.71 10.78
CA SER L 362 27.82 -43.54 10.27
C SER L 362 27.00 -44.78 10.53
N SER L 363 25.63 -44.51 10.31
CA SER L 363 24.73 -45.58 10.70
C SER L 363 24.17 -46.29 9.50
N ASP L 364 23.75 -45.82 8.58
CA ASP L 364 23.03 -46.57 7.57
C ASP L 364 21.64 -47.02 8.09
N SER L 365 20.99 -46.16 8.87
CA SER L 365 19.83 -46.43 9.73
C SER L 365 18.77 -47.26 9.06
N GLN L 366 18.50 -48.41 9.64
CA GLN L 366 17.49 -49.39 9.22
C GLN L 366 17.61 -49.86 7.78
N ALA L 367 18.82 -49.74 7.29
CA ALA L 367 19.45 -50.25 6.08
C ALA L 367 20.91 -50.71 6.35
N MET L 368 21.02 -51.62 7.23
CA MET L 368 22.06 -52.40 7.84
C MET L 368 22.80 -51.87 9.09
N GLY L 369 22.62 -50.63 9.44
CA GLY L 369 23.21 -50.12 10.69
C GLY L 369 22.22 -49.59 11.72
N ARG L 370 22.72 -48.96 12.81
CA ARG L 370 22.08 -48.73 14.14
C ARG L 370 22.35 -47.27 14.59
N VAL L 371 21.38 -46.44 14.30
CA VAL L 371 21.18 -45.06 14.56
C VAL L 371 21.39 -44.64 15.96
N GLY L 372 21.21 -45.50 16.87
CA GLY L 372 21.42 -45.27 18.29
C GLY L 372 22.63 -45.87 18.98
N GLU L 373 23.63 -46.14 18.20
CA GLU L 373 24.83 -46.85 18.56
C GLU L 373 26.18 -46.27 18.01
N ASN L 374 26.20 -45.16 17.36
CA ASN L 374 27.37 -44.47 16.79
C ASN L 374 28.38 -44.02 17.86
N TRP L 375 27.91 -43.40 18.93
CA TRP L 375 28.77 -42.98 20.04
C TRP L 375 29.19 -44.23 20.80
N LEU L 376 28.30 -45.20 21.00
CA LEU L 376 28.61 -46.49 21.64
C LEU L 376 29.68 -47.26 20.88
N ARG L 377 29.64 -47.25 19.56
CA ARG L 377 30.41 -48.22 18.84
C ARG L 377 31.86 -47.75 18.65
N VAL L 378 32.01 -46.48 18.43
CA VAL L 378 33.18 -45.63 18.41
C VAL L 378 34.08 -45.90 19.61
N MET L 379 33.54 -45.80 20.77
CA MET L 379 34.15 -46.13 22.05
C MET L 379 34.45 -47.60 22.18
N GLN L 380 33.58 -48.40 21.76
CA GLN L 380 33.76 -49.85 21.74
C GLN L 380 34.97 -50.29 20.83
N THR L 381 35.13 -49.64 19.72
CA THR L 381 36.18 -49.83 18.73
C THR L 381 37.54 -49.36 19.25
N ALA L 382 37.67 -48.13 19.75
CA ALA L 382 38.83 -47.58 20.40
C ALA L 382 39.40 -48.49 21.44
N ASN L 383 38.58 -49.06 22.24
CA ASN L 383 38.90 -49.97 23.32
C ASN L 383 39.27 -51.34 22.86
N ALA L 384 38.62 -51.90 21.85
CA ALA L 384 39.03 -53.17 21.31
C ALA L 384 40.42 -53.07 20.66
N MET L 385 40.65 -52.00 19.99
CA MET L 385 41.87 -51.68 19.29
C MET L 385 43.07 -51.38 20.18
N LYS L 386 42.87 -50.73 21.33
CA LYS L 386 43.90 -50.54 22.33
C LYS L 386 44.40 -51.88 22.81
N ALA L 387 43.49 -52.73 23.11
CA ALA L 387 43.75 -54.07 23.51
C ALA L 387 44.63 -54.82 22.51
N SER L 388 44.26 -54.82 21.25
CA SER L 388 44.94 -55.59 20.20
C SER L 388 46.23 -55.01 19.70
N ARG L 389 46.36 -53.74 19.64
CA ARG L 389 47.43 -53.00 19.02
C ARG L 389 48.33 -52.27 19.99
N GLY L 390 47.87 -52.00 21.18
CA GLY L 390 48.39 -51.07 22.11
C GLY L 390 48.28 -49.63 21.78
N LYS L 391 49.20 -48.86 22.32
CA LYS L 391 49.21 -47.45 22.19
C LYS L 391 49.60 -47.06 20.82
N LEU L 392 48.79 -46.29 20.25
CA LEU L 392 49.19 -45.53 19.12
C LEU L 392 50.51 -44.86 19.36
N PRO L 393 51.29 -44.69 18.31
CA PRO L 393 52.64 -44.16 18.47
C PRO L 393 52.70 -42.77 18.98
N GLU L 394 51.77 -41.95 18.52
CA GLU L 394 51.53 -40.60 18.99
C GLU L 394 50.85 -40.49 20.35
N ASP L 395 50.34 -41.55 20.93
CA ASP L 395 49.90 -41.46 22.29
C ASP L 395 51.06 -41.08 23.20
N ALA L 396 50.73 -40.45 24.15
CA ALA L 396 51.46 -40.16 25.37
C ALA L 396 51.40 -41.34 26.31
N PRO L 397 52.48 -41.61 27.00
CA PRO L 397 52.53 -42.83 27.79
C PRO L 397 51.52 -42.98 28.87
N GLY L 398 51.18 -41.93 29.55
CA GLY L 398 50.26 -42.14 30.62
C GLY L 398 48.79 -42.18 30.24
N ASN L 399 48.45 -41.68 29.07
CA ASN L 399 47.08 -41.52 28.62
C ASN L 399 46.75 -41.85 27.16
N ASP L 400 45.46 -42.02 26.95
CA ASP L 400 44.77 -42.37 25.75
C ASP L 400 44.09 -41.23 25.01
N ASN L 401 44.48 -40.02 25.26
CA ASN L 401 43.96 -38.83 24.64
C ASN L 401 44.05 -38.84 23.11
N PHE L 402 45.21 -39.06 22.54
CA PHE L 402 45.42 -39.11 21.12
C PHE L 402 44.40 -40.01 20.46
N ARG L 403 44.26 -41.20 20.97
CA ARG L 403 43.35 -42.18 20.50
C ARG L 403 41.90 -41.74 20.55
N VAL L 404 41.43 -41.46 21.75
CA VAL L 404 40.08 -41.05 22.02
C VAL L 404 39.68 -39.96 21.11
N LEU L 405 40.52 -38.99 20.99
N LEU L 405 40.50 -38.98 20.99
CA LEU L 405 40.30 -37.83 20.21
CA LEU L 405 40.23 -37.84 20.20
C LEU L 405 40.21 -38.14 18.70
C LEU L 405 40.21 -38.14 18.69
N ARG L 406 40.95 -39.08 18.23
CA ARG L 406 40.83 -39.56 16.84
C ARG L 406 39.40 -40.01 16.53
N TYR L 407 38.96 -40.88 17.41
CA TYR L 407 37.62 -41.52 17.41
C TYR L 407 36.47 -40.50 17.49
N VAL L 408 36.54 -39.54 18.37
CA VAL L 408 35.63 -38.42 18.55
C VAL L 408 35.50 -37.57 17.34
N ALA L 409 36.56 -37.34 16.65
CA ALA L 409 36.55 -36.62 15.42
C ALA L 409 35.64 -37.27 14.33
N LYS L 410 35.55 -38.54 14.40
CA LYS L 410 34.83 -39.42 13.54
C LYS L 410 33.32 -39.18 13.54
N ILE L 411 32.72 -38.90 14.70
CA ILE L 411 31.31 -38.62 14.92
C ILE L 411 30.94 -37.16 15.14
N THR L 412 31.88 -36.26 15.18
CA THR L 412 31.79 -34.85 15.41
C THR L 412 32.30 -33.92 14.33
N ILE L 413 33.54 -33.60 14.30
CA ILE L 413 33.99 -32.58 13.47
C ILE L 413 34.15 -33.02 12.00
N ASN L 414 34.51 -34.23 11.81
CA ASN L 414 34.74 -34.78 10.48
C ASN L 414 33.47 -34.90 9.62
N PRO L 415 32.44 -35.53 10.06
CA PRO L 415 31.15 -35.37 9.40
C PRO L 415 30.72 -33.94 9.02
N ALA L 416 30.90 -33.03 9.90
CA ALA L 416 30.60 -31.64 9.66
C ALA L 416 31.37 -31.06 8.55
N ILE L 417 32.60 -31.33 8.54
CA ILE L 417 33.47 -30.80 7.52
C ILE L 417 33.07 -31.35 6.15
N ALA L 418 32.78 -32.60 6.11
CA ALA L 418 32.37 -33.35 4.91
C ALA L 418 31.11 -32.78 4.23
N GLN L 419 30.19 -32.27 4.97
CA GLN L 419 28.87 -31.82 4.53
C GLN L 419 28.72 -30.26 4.55
N GLY L 420 29.73 -29.61 4.82
CA GLY L 420 29.99 -28.23 4.88
C GLY L 420 29.27 -27.39 5.88
N VAL L 421 29.22 -27.86 7.05
CA VAL L 421 28.62 -27.33 8.25
C VAL L 421 29.43 -27.16 9.55
N SER L 422 30.71 -27.21 9.43
CA SER L 422 31.69 -27.01 10.47
C SER L 422 31.80 -25.60 10.89
N HIS L 423 31.29 -24.71 10.15
CA HIS L 423 31.14 -23.35 10.53
C HIS L 423 30.08 -23.07 11.63
N VAL L 424 29.13 -23.91 11.77
CA VAL L 424 28.04 -23.84 12.70
C VAL L 424 27.92 -24.93 13.71
N ILE L 425 28.35 -26.07 13.44
CA ILE L 425 28.32 -27.24 14.27
C ILE L 425 29.57 -28.11 14.17
N GLY L 426 29.66 -29.09 15.03
CA GLY L 426 30.65 -30.14 15.21
C GLY L 426 31.80 -30.16 16.19
N SER L 427 32.07 -29.08 16.89
CA SER L 427 33.11 -28.85 17.87
C SER L 427 32.57 -27.84 18.90
N VAL L 428 33.11 -27.95 20.06
CA VAL L 428 33.01 -27.04 21.18
C VAL L 428 34.03 -25.95 21.05
N GLU L 429 33.66 -24.91 20.37
CA GLU L 429 34.47 -23.83 19.99
C GLU L 429 33.63 -22.56 19.95
N VAL L 430 34.30 -21.49 20.20
CA VAL L 430 33.68 -20.22 20.21
C VAL L 430 33.18 -19.88 18.82
N GLY L 431 32.02 -19.41 18.83
CA GLY L 431 31.12 -19.01 17.82
C GLY L 431 30.14 -19.98 17.21
N LYS L 432 30.19 -21.21 17.61
CA LYS L 432 29.39 -22.27 17.23
C LYS L 432 28.11 -22.47 18.03
N MET L 433 27.14 -23.04 17.28
N MET L 433 27.15 -23.04 17.28
CA MET L 433 25.78 -23.39 17.75
CA MET L 433 25.81 -23.38 17.75
C MET L 433 25.96 -24.29 18.97
C MET L 433 25.96 -24.29 18.97
N ALA L 434 25.20 -23.91 20.09
CA ALA L 434 25.47 -24.90 21.22
C ALA L 434 24.69 -26.21 21.04
N ASP L 435 25.17 -27.17 20.22
CA ASP L 435 24.72 -28.58 19.96
C ASP L 435 25.75 -29.44 20.75
N LEU L 436 25.42 -29.78 21.95
CA LEU L 436 26.16 -30.31 23.05
C LEU L 436 25.43 -31.41 23.77
N VAL L 437 26.23 -32.26 24.24
CA VAL L 437 26.03 -33.42 25.01
C VAL L 437 26.90 -33.46 26.25
N LEU L 438 26.22 -33.72 27.33
CA LEU L 438 26.65 -34.04 28.69
C LEU L 438 26.51 -35.48 29.11
N TRP L 439 27.58 -35.99 29.53
CA TRP L 439 27.80 -37.32 29.96
C TRP L 439 28.38 -37.52 31.35
N ASP L 440 27.93 -38.46 31.99
CA ASP L 440 28.56 -39.04 33.13
C ASP L 440 29.67 -39.97 32.70
N PRO L 441 30.90 -39.80 33.21
CA PRO L 441 31.98 -40.72 32.85
C PRO L 441 31.74 -42.12 32.99
N ARG L 442 31.01 -42.48 33.97
CA ARG L 442 30.61 -43.80 34.19
C ARG L 442 29.85 -44.48 33.01
N PHE L 443 29.16 -43.68 32.21
CA PHE L 443 28.24 -43.95 31.12
C PHE L 443 28.70 -43.40 29.75
N PHE L 444 29.90 -42.89 29.63
CA PHE L 444 30.45 -42.22 28.48
C PHE L 444 30.27 -43.03 27.20
N GLY L 445 29.72 -42.43 26.18
CA GLY L 445 29.36 -43.06 24.93
C GLY L 445 28.05 -43.76 24.73
N ALA L 446 27.54 -44.28 25.76
CA ALA L 446 26.39 -45.12 25.93
C ALA L 446 25.12 -44.38 26.26
N LYS L 447 25.09 -43.76 27.40
CA LYS L 447 23.92 -43.16 28.03
C LYS L 447 24.16 -41.73 28.51
N PRO L 448 23.83 -40.74 27.73
CA PRO L 448 24.01 -39.40 28.16
C PRO L 448 23.04 -38.91 29.20
N LYS L 449 23.42 -37.83 29.78
CA LYS L 449 22.62 -37.10 30.76
C LYS L 449 21.59 -36.21 30.05
N MET L 450 22.02 -35.44 29.13
CA MET L 450 21.36 -34.46 28.31
C MET L 450 22.01 -33.98 27.05
N VAL L 451 21.13 -33.55 26.20
CA VAL L 451 21.30 -32.90 25.00
C VAL L 451 20.74 -31.52 24.97
N ILE L 452 21.63 -30.67 24.69
CA ILE L 452 21.53 -29.28 24.47
C ILE L 452 21.65 -28.97 23.01
N LYS L 453 20.53 -28.42 22.53
CA LYS L 453 20.08 -28.27 21.19
C LYS L 453 19.62 -26.80 21.14
N GLY L 454 20.41 -26.04 20.51
CA GLY L 454 20.40 -24.72 20.18
C GLY L 454 20.43 -23.80 21.40
N GLY L 455 21.02 -24.24 22.47
CA GLY L 455 21.08 -23.54 23.70
C GLY L 455 20.08 -23.90 24.78
N MET L 456 19.07 -24.69 24.48
CA MET L 456 18.08 -25.34 25.29
C MET L 456 18.24 -26.83 25.30
N ILE L 457 17.92 -27.42 26.42
CA ILE L 457 17.84 -28.78 26.73
C ILE L 457 16.57 -29.30 26.02
N ASN L 458 16.79 -30.16 25.08
CA ASN L 458 15.77 -30.77 24.26
C ASN L 458 15.42 -32.18 24.60
N TRP L 459 16.28 -32.90 25.21
CA TRP L 459 16.30 -34.29 25.49
C TRP L 459 17.19 -34.60 26.67
N ALA L 460 16.68 -35.42 27.48
CA ALA L 460 17.10 -35.85 28.81
C ALA L 460 16.51 -37.10 29.45
N ALA L 461 17.34 -37.73 30.21
CA ALA L 461 17.04 -38.77 31.12
C ALA L 461 16.41 -38.19 32.38
N MET L 462 15.19 -38.48 32.52
CA MET L 462 14.19 -37.99 33.43
C MET L 462 13.41 -39.13 34.02
N GLY L 463 13.27 -39.14 35.37
CA GLY L 463 12.37 -39.99 36.10
C GLY L 463 11.05 -39.34 36.42
N ASP L 464 10.36 -39.85 37.42
CA ASP L 464 8.90 -39.78 37.66
C ASP L 464 8.61 -38.27 37.62
N PRO L 465 7.84 -37.73 36.68
CA PRO L 465 7.44 -36.33 36.72
C PRO L 465 6.59 -35.93 37.95
N ASN L 466 5.94 -36.88 38.62
CA ASN L 466 5.20 -36.68 39.86
C ASN L 466 6.07 -36.73 41.09
N ALA L 467 7.31 -37.02 40.96
CA ALA L 467 8.07 -37.28 42.13
C ALA L 467 8.54 -35.94 42.69
N SER L 468 9.04 -36.01 43.85
CA SER L 468 9.66 -34.94 44.62
C SER L 468 11.07 -34.61 44.19
N LEU L 469 11.69 -35.43 43.41
CA LEU L 469 12.89 -35.13 42.66
C LEU L 469 12.83 -35.54 41.20
N PRO L 470 13.82 -35.15 40.41
CA PRO L 470 13.96 -35.58 39.02
C PRO L 470 14.59 -36.90 38.80
N THR L 471 15.06 -37.51 39.79
CA THR L 471 15.81 -38.71 39.77
C THR L 471 15.08 -39.94 40.13
N PRO L 472 13.89 -39.88 40.71
CA PRO L 472 13.26 -41.09 41.04
C PRO L 472 12.71 -41.89 39.83
N GLN L 473 12.73 -43.16 40.00
CA GLN L 473 12.48 -44.21 39.03
C GLN L 473 10.99 -44.23 38.60
N PRO L 474 10.69 -44.54 37.33
CA PRO L 474 11.59 -44.93 36.27
C PRO L 474 12.22 -43.79 35.52
N VAL L 475 13.50 -43.90 35.36
CA VAL L 475 14.30 -42.98 34.58
C VAL L 475 14.42 -43.54 33.15
N PHE L 476 14.00 -42.76 32.22
CA PHE L 476 13.95 -42.96 30.79
C PHE L 476 13.94 -41.61 30.05
N TYR L 477 14.42 -41.63 28.84
CA TYR L 477 14.60 -40.56 27.96
C TYR L 477 13.28 -40.06 27.42
N ARG L 478 13.15 -38.84 27.51
CA ARG L 478 12.07 -37.92 27.40
C ARG L 478 12.37 -36.59 26.77
N PRO L 479 11.52 -36.11 25.91
CA PRO L 479 11.62 -34.76 25.52
C PRO L 479 11.46 -33.73 26.61
N MET L 480 12.11 -32.71 26.38
CA MET L 480 12.19 -31.52 27.18
C MET L 480 11.66 -30.27 26.41
N PHE L 481 11.66 -29.11 27.03
CA PHE L 481 11.09 -27.84 26.53
C PHE L 481 11.68 -27.35 25.20
N GLY L 482 12.95 -27.56 24.95
CA GLY L 482 13.51 -27.28 23.68
C GLY L 482 12.90 -28.12 22.52
N ALA L 483 12.37 -29.22 22.82
CA ALA L 483 11.59 -30.20 22.07
C ALA L 483 10.09 -29.93 22.02
N MET L 484 9.66 -28.79 22.40
CA MET L 484 8.30 -28.39 22.68
C MET L 484 8.00 -27.09 22.02
N GLY L 485 6.77 -27.00 21.64
CA GLY L 485 6.26 -25.94 21.02
C GLY L 485 6.92 -25.40 19.79
N LYS L 486 6.92 -24.08 19.69
CA LYS L 486 7.63 -23.36 18.62
C LYS L 486 9.17 -23.34 18.86
N THR L 487 9.69 -23.61 20.01
CA THR L 487 11.10 -23.63 20.33
C THR L 487 11.87 -24.74 19.60
N MET L 488 11.23 -25.92 19.47
N MET L 488 11.21 -25.88 19.52
CA MET L 488 11.79 -27.13 18.76
CA MET L 488 11.64 -27.11 18.79
C MET L 488 12.24 -26.63 17.33
C MET L 488 12.18 -26.64 17.37
N GLN L 489 11.47 -25.87 16.51
CA GLN L 489 11.83 -25.33 15.29
C GLN L 489 12.87 -24.25 15.43
N ASP L 490 12.75 -23.38 16.42
CA ASP L 490 13.66 -22.31 16.69
C ASP L 490 15.08 -22.77 16.99
N THR L 491 15.25 -23.86 17.56
CA THR L 491 16.44 -24.45 18.05
C THR L 491 17.03 -25.51 17.13
N CYS L 492 16.33 -25.80 16.02
CA CYS L 492 16.71 -26.82 15.02
C CYS L 492 16.95 -26.13 13.66
N VAL L 493 17.90 -26.61 12.92
CA VAL L 493 18.39 -26.22 11.64
C VAL L 493 18.00 -27.26 10.58
N THR L 494 17.55 -26.78 9.56
CA THR L 494 17.39 -27.36 8.25
C THR L 494 18.44 -26.74 7.31
N PHE L 495 19.40 -27.50 7.10
CA PHE L 495 20.42 -27.33 6.12
C PHE L 495 19.92 -27.52 4.67
N VAL L 496 20.32 -26.60 3.91
CA VAL L 496 20.12 -26.39 2.51
C VAL L 496 21.30 -25.84 1.68
N SER L 497 21.13 -25.91 0.41
CA SER L 497 21.99 -25.36 -0.64
C SER L 497 21.86 -23.82 -0.61
N GLN L 498 22.88 -23.15 -0.86
CA GLN L 498 22.93 -21.72 -1.09
C GLN L 498 22.01 -21.29 -2.20
N ALA L 499 21.87 -22.10 -3.22
CA ALA L 499 20.99 -21.93 -4.35
C ALA L 499 19.56 -21.79 -3.90
N ALA L 500 19.17 -22.67 -3.07
CA ALA L 500 17.88 -22.74 -2.43
C ALA L 500 17.61 -21.58 -1.50
N LEU L 501 18.56 -21.26 -0.69
CA LEU L 501 18.53 -20.17 0.25
C LEU L 501 18.28 -18.86 -0.49
N ASP L 502 19.00 -18.67 -1.54
CA ASP L 502 18.98 -17.51 -2.35
C ASP L 502 17.63 -17.38 -3.13
N ASP L 503 17.03 -18.46 -3.52
CA ASP L 503 15.75 -18.62 -4.17
C ASP L 503 14.57 -18.54 -3.23
N GLY L 504 14.78 -18.29 -1.96
CA GLY L 504 13.80 -18.24 -0.94
C GLY L 504 13.10 -19.42 -0.41
N VAL L 505 13.78 -20.53 -0.30
CA VAL L 505 13.29 -21.80 0.14
C VAL L 505 12.51 -21.68 1.45
N LYS L 506 12.95 -20.84 2.33
CA LYS L 506 12.36 -20.65 3.62
C LYS L 506 10.91 -20.16 3.51
N GLU L 507 10.66 -19.16 2.72
CA GLU L 507 9.35 -18.62 2.35
C GLU L 507 8.54 -19.61 1.53
N LYS L 508 9.06 -20.03 0.40
CA LYS L 508 8.46 -20.94 -0.57
C LYS L 508 7.91 -22.20 0.03
N ALA L 509 8.67 -22.86 0.83
CA ALA L 509 8.38 -24.07 1.59
C ALA L 509 7.74 -23.83 2.93
N GLY L 510 7.76 -22.61 3.37
CA GLY L 510 7.12 -22.25 4.56
C GLY L 510 7.69 -22.80 5.81
N LEU L 511 8.99 -22.83 5.95
CA LEU L 511 9.73 -23.41 7.00
C LEU L 511 9.90 -22.40 8.14
N ASP L 512 9.67 -22.85 9.34
CA ASP L 512 9.90 -22.18 10.57
C ASP L 512 11.25 -22.52 11.22
N ARG L 513 11.90 -23.61 10.81
CA ARG L 513 13.24 -24.01 11.24
C ARG L 513 14.20 -22.92 10.93
N GLN L 514 15.35 -22.92 11.57
CA GLN L 514 16.47 -22.18 11.09
C GLN L 514 16.90 -22.85 9.76
N VAL L 515 17.10 -22.07 8.78
CA VAL L 515 17.55 -22.46 7.43
C VAL L 515 18.93 -21.85 7.14
N ILE L 516 19.90 -22.67 7.08
CA ILE L 516 21.33 -22.41 6.95
C ILE L 516 21.94 -23.09 5.72
N ALA L 517 22.63 -22.32 4.93
CA ALA L 517 23.30 -22.73 3.70
C ALA L 517 24.54 -23.52 4.06
N VAL L 518 24.64 -24.73 3.58
CA VAL L 518 25.93 -25.44 3.50
C VAL L 518 27.01 -24.70 2.68
N LYS L 519 28.26 -24.86 3.10
CA LYS L 519 29.36 -24.11 2.46
C LYS L 519 30.68 -24.87 2.72
N ASN L 520 31.63 -24.83 1.87
CA ASN L 520 32.98 -25.38 1.91
C ASN L 520 33.10 -26.91 1.71
N CYS L 521 32.34 -27.45 0.82
CA CYS L 521 32.19 -28.91 0.56
C CYS L 521 33.21 -29.38 -0.53
N ARG L 522 33.57 -28.57 -1.46
CA ARG L 522 34.26 -28.90 -2.73
C ARG L 522 35.77 -28.63 -2.76
N THR L 523 36.29 -27.84 -1.90
CA THR L 523 37.72 -27.47 -1.74
C THR L 523 38.47 -28.34 -0.72
N ILE L 524 37.83 -29.09 -0.03
CA ILE L 524 38.27 -30.02 0.97
C ILE L 524 38.73 -31.33 0.37
N SER L 525 39.62 -31.91 1.07
CA SER L 525 40.26 -33.15 0.89
C SER L 525 40.48 -33.88 2.18
N LYS L 526 40.99 -35.06 2.04
CA LYS L 526 41.25 -35.95 3.11
C LYS L 526 42.12 -35.34 4.18
N HIS L 527 43.07 -34.57 3.79
CA HIS L 527 44.02 -33.88 4.67
C HIS L 527 43.42 -32.76 5.51
N ASP L 528 42.26 -32.25 5.15
CA ASP L 528 41.49 -31.32 5.95
C ASP L 528 40.70 -31.99 7.04
N LEU L 529 40.76 -33.21 7.11
CA LEU L 529 40.03 -33.93 8.07
C LEU L 529 40.90 -33.90 9.33
N VAL L 530 40.28 -34.00 10.47
CA VAL L 530 40.88 -33.86 11.78
C VAL L 530 41.14 -35.22 12.41
N ARG L 531 42.39 -35.44 12.67
CA ARG L 531 43.04 -36.60 13.21
C ARG L 531 42.89 -37.88 12.36
N ASN L 532 42.37 -37.77 11.18
CA ASN L 532 42.08 -38.88 10.33
C ASN L 532 42.40 -38.50 8.87
N ASP L 533 43.63 -38.12 8.64
CA ASP L 533 44.11 -37.47 7.43
C ASP L 533 45.12 -38.26 6.60
N GLN L 534 45.32 -39.50 6.87
CA GLN L 534 46.19 -40.49 6.27
C GLN L 534 45.68 -41.12 4.96
N THR L 535 46.54 -41.09 3.94
CA THR L 535 46.39 -41.61 2.59
C THR L 535 47.46 -42.66 2.23
N PRO L 536 47.45 -43.83 2.83
CA PRO L 536 48.42 -44.84 2.43
C PRO L 536 48.04 -45.66 1.21
N ASN L 537 48.98 -46.47 0.77
CA ASN L 537 48.74 -47.46 -0.27
C ASN L 537 47.95 -48.62 0.28
N ILE L 538 46.83 -48.89 -0.33
CA ILE L 538 45.99 -50.02 0.04
C ILE L 538 45.83 -51.00 -1.11
N GLU L 539 46.14 -52.23 -0.82
CA GLU L 539 46.09 -53.38 -1.69
C GLU L 539 45.22 -54.47 -1.09
N VAL L 540 44.40 -55.02 -1.92
CA VAL L 540 43.52 -56.12 -1.63
C VAL L 540 43.74 -57.26 -2.63
N ASP L 541 43.92 -58.39 -2.10
CA ASP L 541 44.11 -59.65 -2.81
C ASP L 541 42.82 -60.21 -3.39
N PRO L 542 42.68 -60.23 -4.71
CA PRO L 542 41.43 -60.69 -5.35
C PRO L 542 41.07 -62.12 -5.10
N GLU L 543 41.97 -62.93 -4.60
CA GLU L 543 41.63 -64.29 -4.19
C GLU L 543 41.19 -64.40 -2.75
N THR L 544 42.07 -64.10 -1.84
CA THR L 544 41.91 -64.25 -0.42
C THR L 544 41.43 -62.99 0.29
N PHE L 545 41.28 -61.86 -0.39
CA PHE L 545 40.70 -60.62 0.10
C PHE L 545 41.53 -59.96 1.17
N ALA L 546 42.75 -60.46 1.37
CA ALA L 546 43.73 -59.95 2.33
C ALA L 546 44.09 -58.50 1.97
N VAL L 547 44.20 -57.61 2.94
CA VAL L 547 44.54 -56.22 2.85
C VAL L 547 45.88 -55.89 3.42
N LYS L 548 46.64 -55.22 2.59
CA LYS L 548 47.93 -54.67 2.82
C LYS L 548 47.85 -53.18 2.73
N VAL L 549 48.42 -52.49 3.71
CA VAL L 549 48.39 -51.03 3.90
C VAL L 549 49.84 -50.65 3.97
N ASP L 550 50.38 -49.92 3.01
CA ASP L 550 51.83 -49.67 2.82
C ASP L 550 52.60 -50.99 2.96
N GLY L 551 52.17 -52.08 2.32
CA GLY L 551 52.77 -53.42 2.41
C GLY L 551 52.54 -54.21 3.70
N VAL L 552 51.75 -53.80 4.69
CA VAL L 552 51.61 -54.46 5.94
C VAL L 552 50.19 -54.98 6.03
N HIS L 553 50.11 -56.23 6.30
CA HIS L 553 48.90 -56.93 6.47
C HIS L 553 48.12 -56.24 7.56
N ALA L 554 46.88 -55.91 7.25
CA ALA L 554 45.96 -55.16 8.10
C ALA L 554 44.90 -56.10 8.59
N THR L 555 45.11 -56.65 9.77
CA THR L 555 44.17 -57.49 10.45
C THR L 555 44.27 -57.36 11.97
N CYS L 556 43.27 -57.87 12.63
CA CYS L 556 43.09 -58.01 14.05
C CYS L 556 42.05 -59.10 14.18
N GLU L 557 41.94 -59.65 15.36
CA GLU L 557 41.17 -60.77 15.81
C GLU L 557 39.86 -60.33 16.40
N PRO L 558 38.80 -61.06 16.20
CA PRO L 558 37.55 -60.64 16.81
C PRO L 558 37.47 -60.79 18.29
N ILE L 559 36.80 -59.81 18.82
CA ILE L 559 36.40 -59.70 20.21
C ILE L 559 35.25 -60.64 20.49
N ASP L 560 35.35 -61.25 21.63
CA ASP L 560 34.27 -61.93 22.33
C ASP L 560 33.37 -60.97 23.11
N THR L 561 33.96 -60.06 23.88
CA THR L 561 33.29 -59.16 24.80
C THR L 561 33.54 -57.69 24.50
N ALA L 562 32.47 -57.02 24.21
CA ALA L 562 32.39 -55.61 24.10
C ALA L 562 32.15 -54.91 25.44
N ALA L 563 32.82 -53.75 25.61
CA ALA L 563 32.69 -52.77 26.72
C ALA L 563 31.45 -51.88 26.44
N MET L 564 30.84 -51.29 27.46
CA MET L 564 29.71 -50.35 27.36
C MET L 564 28.57 -51.15 26.70
N ASN L 565 28.36 -52.37 27.09
CA ASN L 565 27.52 -53.27 26.26
C ASN L 565 26.44 -53.92 27.14
N GLN L 566 26.55 -55.17 27.55
CA GLN L 566 25.50 -55.92 28.30
C GLN L 566 25.37 -55.41 29.76
N ARG L 567 26.37 -54.77 30.33
CA ARG L 567 26.37 -54.15 31.66
C ARG L 567 25.36 -53.03 31.81
N TYR L 568 25.23 -52.24 30.85
CA TYR L 568 24.53 -50.98 30.67
C TYR L 568 23.15 -51.05 30.00
N PHE L 569 22.86 -52.05 29.23
CA PHE L 569 21.72 -52.10 28.34
C PHE L 569 20.86 -53.35 28.61
N PHE L 570 19.55 -53.13 28.72
CA PHE L 570 18.47 -54.11 28.65
C PHE L 570 18.09 -54.51 27.23
N GLY L 571 18.28 -53.59 26.25
CA GLY L 571 17.78 -53.42 24.82
C GLY L 571 17.54 -54.81 24.28
N MET M 1 60.18 9.71 -2.60
CA MET M 1 60.47 10.40 -1.34
C MET M 1 59.43 10.30 -0.22
N GLN M 2 58.31 9.76 -0.55
CA GLN M 2 57.20 9.44 0.21
C GLN M 2 56.79 10.57 1.19
N LEU M 3 56.47 11.66 0.57
CA LEU M 3 56.05 12.87 1.24
C LEU M 3 54.64 12.81 1.77
N THR M 4 54.59 13.01 3.03
CA THR M 4 53.48 13.14 3.89
C THR M 4 52.89 14.54 3.84
N PRO M 5 51.64 14.67 4.16
CA PRO M 5 51.01 16.01 4.21
C PRO M 5 51.80 17.13 4.94
N ARG M 6 52.41 16.81 6.05
CA ARG M 6 53.26 17.72 6.85
C ARG M 6 54.50 18.21 6.13
N GLU M 7 55.09 17.37 5.37
CA GLU M 7 56.24 17.60 4.49
C GLU M 7 55.89 18.46 3.31
N VAL M 8 54.81 18.18 2.65
CA VAL M 8 54.38 18.93 1.52
C VAL M 8 54.04 20.37 1.95
N GLU M 9 53.29 20.52 3.04
CA GLU M 9 52.86 21.83 3.60
C GLU M 9 54.01 22.76 3.85
N LYS M 10 55.09 22.26 4.29
CA LYS M 10 56.25 23.02 4.55
C LYS M 10 56.92 23.59 3.33
N LEU M 11 56.68 23.08 2.14
CA LEU M 11 57.17 23.69 0.93
C LEU M 11 56.66 25.13 0.73
N MET M 12 55.42 25.41 1.16
CA MET M 12 54.83 26.79 1.07
C MET M 12 55.80 27.74 1.80
N ILE M 13 56.29 27.38 2.97
CA ILE M 13 57.12 28.23 3.81
C ILE M 13 58.41 28.59 3.12
N TYR M 14 59.04 27.62 2.57
CA TYR M 14 60.28 27.73 1.82
C TYR M 14 60.21 28.62 0.62
N THR M 15 59.10 28.56 -0.09
CA THR M 15 58.83 29.38 -1.29
C THR M 15 58.56 30.84 -0.92
N LEU M 16 57.70 31.08 0.08
N LEU M 16 57.70 31.08 0.08
CA LEU M 16 57.37 32.47 0.48
CA LEU M 16 57.37 32.47 0.48
C LEU M 16 58.70 33.12 1.04
C LEU M 16 58.70 33.12 1.04
N SER M 17 59.52 32.55 1.97
CA SER M 17 60.81 32.99 2.49
C SER M 17 61.86 33.18 1.50
N ASP M 18 61.90 32.43 0.46
CA ASP M 18 62.82 32.78 -0.59
C ASP M 18 62.48 34.12 -1.25
N VAL M 19 61.23 34.33 -1.58
CA VAL M 19 60.75 35.58 -2.10
C VAL M 19 61.05 36.69 -1.09
N ALA M 20 60.71 36.47 0.16
CA ALA M 20 60.94 37.43 1.25
C ALA M 20 62.37 37.80 1.45
N PHE M 21 63.28 36.88 1.44
CA PHE M 21 64.68 37.18 1.57
C PHE M 21 65.20 37.97 0.38
N LYS M 22 64.70 37.75 -0.81
CA LYS M 22 65.09 38.52 -2.00
C LYS M 22 64.66 39.97 -1.86
N ARG M 23 63.46 40.18 -1.38
CA ARG M 23 62.87 41.49 -1.17
C ARG M 23 63.60 42.30 -0.12
N LYS M 24 63.91 41.71 1.02
CA LYS M 24 64.66 42.34 2.06
C LYS M 24 66.04 42.78 1.61
N ALA M 25 66.66 42.02 0.76
CA ALA M 25 67.94 42.31 0.19
C ALA M 25 67.98 43.44 -0.85
N ARG M 26 66.88 43.73 -1.54
CA ARG M 26 66.54 44.94 -2.30
C ARG M 26 66.20 46.17 -1.48
N GLY M 27 66.28 46.10 -0.18
CA GLY M 27 65.75 47.08 0.68
C GLY M 27 64.28 47.27 0.83
N LEU M 28 63.48 46.32 0.48
CA LEU M 28 62.07 46.45 0.73
C LEU M 28 61.77 46.10 2.18
N LYS M 29 60.93 46.92 2.75
N LYS M 29 60.94 46.92 2.76
CA LYS M 29 60.31 46.69 4.02
CA LYS M 29 60.32 46.68 4.04
C LYS M 29 59.18 45.67 3.88
C LYS M 29 59.18 45.68 3.89
N LEU M 30 59.21 44.67 4.71
CA LEU M 30 58.40 43.52 4.63
C LEU M 30 57.07 43.69 5.29
N ASN M 31 56.14 43.01 4.76
CA ASN M 31 54.84 42.82 5.19
C ASN M 31 54.69 41.62 6.10
N TYR M 32 53.58 41.41 6.49
CA TYR M 32 53.11 40.41 7.46
C TYR M 32 53.46 38.98 7.02
N PRO M 33 52.84 38.44 6.02
CA PRO M 33 53.25 37.14 5.46
C PRO M 33 54.72 36.91 5.22
N GLU M 34 55.38 37.82 4.63
CA GLU M 34 56.78 37.77 4.34
C GLU M 34 57.63 37.64 5.62
N ALA M 35 57.33 38.44 6.61
CA ALA M 35 58.04 38.51 7.87
C ALA M 35 57.86 37.26 8.69
N VAL M 36 56.64 36.79 8.80
CA VAL M 36 56.30 35.53 9.39
C VAL M 36 57.08 34.37 8.73
N SER M 37 57.22 34.39 7.41
CA SER M 37 57.99 33.44 6.62
C SER M 37 59.43 33.33 7.05
N ILE M 38 60.11 34.44 7.20
CA ILE M 38 61.50 34.54 7.49
C ILE M 38 61.81 34.04 8.90
N ILE M 39 60.98 34.36 9.85
CA ILE M 39 61.12 33.91 11.23
C ILE M 39 60.89 32.41 11.29
N THR M 40 59.89 31.93 10.61
CA THR M 40 59.52 30.53 10.56
C THR M 40 60.63 29.65 10.02
N VAL M 41 61.22 30.03 8.92
CA VAL M 41 62.24 29.28 8.24
C VAL M 41 63.54 29.31 8.99
N THR M 42 63.80 30.37 9.72
CA THR M 42 64.98 30.52 10.55
C THR M 42 65.00 29.43 11.62
N ALA M 43 63.90 29.25 12.28
CA ALA M 43 63.65 28.18 13.22
C ALA M 43 63.82 26.81 12.62
N MET M 44 63.03 26.54 11.63
CA MET M 44 63.09 25.35 10.82
C MET M 44 64.49 24.97 10.39
N GLU M 45 65.24 25.90 9.93
CA GLU M 45 66.56 25.62 9.46
C GLU M 45 67.54 25.33 10.60
N GLY M 46 67.36 25.99 11.71
CA GLY M 46 68.07 25.72 12.92
C GLY M 46 67.91 24.33 13.44
N ALA M 47 66.69 23.88 13.57
CA ALA M 47 66.28 22.54 13.85
C ALA M 47 67.08 21.55 13.03
N ARG M 48 67.18 21.79 11.75
CA ARG M 48 67.80 20.89 10.78
C ARG M 48 69.27 20.84 10.94
N ASP M 49 69.80 22.01 11.24
CA ASP M 49 71.21 22.30 11.58
C ASP M 49 71.57 21.65 12.93
N GLY M 50 70.65 21.15 13.77
CA GLY M 50 70.98 20.45 15.00
C GLY M 50 70.93 21.20 16.29
N LYS M 51 70.52 22.43 16.31
CA LYS M 51 70.32 23.24 17.47
C LYS M 51 69.18 22.79 18.36
N SER M 52 69.22 23.32 19.52
CA SER M 52 68.20 23.19 20.51
C SER M 52 67.03 24.13 20.22
N VAL M 53 65.89 23.83 20.77
CA VAL M 53 64.70 24.67 20.74
C VAL M 53 65.01 26.03 21.33
N GLU M 54 65.70 26.03 22.45
CA GLU M 54 66.14 27.22 23.15
C GLU M 54 66.99 28.10 22.27
N ASP M 55 67.98 27.53 21.64
CA ASP M 55 68.88 28.22 20.77
C ASP M 55 68.23 28.73 19.48
N VAL M 56 67.31 27.99 18.89
CA VAL M 56 66.71 28.41 17.65
C VAL M 56 65.82 29.61 17.91
N MET M 57 65.03 29.53 18.96
N MET M 57 65.03 29.54 18.96
CA MET M 57 64.22 30.57 19.55
CA MET M 57 64.23 30.60 19.55
C MET M 57 64.89 31.91 19.63
C MET M 57 64.91 31.92 19.60
N LYS M 58 66.04 31.98 20.23
CA LYS M 58 66.86 33.16 20.26
C LYS M 58 67.14 33.69 18.87
N GLU M 59 67.68 32.80 18.06
CA GLU M 59 68.07 33.05 16.67
C GLU M 59 66.90 33.70 15.92
N ALA M 60 65.73 33.17 15.97
CA ALA M 60 64.55 33.59 15.26
C ALA M 60 63.96 34.87 15.78
N SER M 61 64.08 35.09 17.08
CA SER M 61 63.65 36.36 17.72
C SER M 61 64.62 37.49 17.34
N LYS M 62 65.70 37.26 16.65
CA LYS M 62 66.67 38.27 16.26
C LYS M 62 66.87 38.55 14.78
N VAL M 63 66.21 37.85 13.90
CA VAL M 63 66.43 37.95 12.46
C VAL M 63 65.83 39.22 11.88
N LEU M 64 64.68 39.64 12.35
CA LEU M 64 64.01 40.84 11.91
C LEU M 64 63.87 41.91 13.00
N THR M 65 64.08 43.12 12.60
CA THR M 65 63.87 44.37 13.32
C THR M 65 62.69 45.20 12.85
N LYS M 66 62.35 46.15 13.70
N LYS M 66 62.34 46.16 13.70
CA LYS M 66 61.39 47.19 13.39
CA LYS M 66 61.37 47.19 13.39
C LYS M 66 61.70 47.89 12.09
C LYS M 66 61.69 47.90 12.09
N ASP M 67 62.95 48.21 11.84
CA ASP M 67 63.34 48.84 10.61
C ASP M 67 63.07 48.02 9.37
N ASP M 68 63.15 46.73 9.45
CA ASP M 68 63.08 45.79 8.37
C ASP M 68 61.66 45.47 7.96
N VAL M 69 60.72 45.92 8.70
CA VAL M 69 59.33 45.73 8.48
C VAL M 69 58.60 47.04 8.31
N MET M 70 57.54 46.91 7.61
CA MET M 70 56.55 47.92 7.42
C MET M 70 55.86 48.27 8.75
N ASP M 71 55.66 49.55 8.95
CA ASP M 71 55.07 50.11 10.15
C ASP M 71 53.75 49.42 10.52
N GLY M 72 53.71 48.95 11.70
CA GLY M 72 52.64 48.23 12.22
C GLY M 72 52.72 46.72 12.25
N VAL M 73 53.62 46.12 11.49
CA VAL M 73 53.65 44.68 11.28
C VAL M 73 53.90 43.97 12.56
N ALA M 74 54.77 44.52 13.38
CA ALA M 74 54.95 44.10 14.75
C ALA M 74 53.70 43.76 15.52
N ASP M 75 52.72 44.66 15.41
CA ASP M 75 51.39 44.55 16.07
C ASP M 75 50.64 43.34 15.53
N LEU M 76 50.94 42.88 14.34
CA LEU M 76 50.37 41.77 13.64
C LEU M 76 51.02 40.44 13.96
N ILE M 77 52.21 40.44 14.51
CA ILE M 77 53.08 39.35 14.84
C ILE M 77 53.48 39.49 16.29
N PRO M 78 52.64 39.28 17.20
CA PRO M 78 53.06 39.17 18.57
C PRO M 78 53.94 37.97 18.90
N ASN M 79 53.54 36.79 18.48
CA ASN M 79 54.32 35.58 18.43
C ASN M 79 54.19 34.87 17.10
N VAL M 80 55.22 34.12 16.74
CA VAL M 80 55.24 33.08 15.72
C VAL M 80 55.50 31.68 16.27
N GLN M 81 54.64 30.76 15.91
CA GLN M 81 54.77 29.35 16.10
C GLN M 81 54.90 28.45 14.86
N VAL M 82 55.84 27.54 14.95
CA VAL M 82 56.16 26.43 14.04
C VAL M 82 56.73 25.21 14.71
N GLU M 83 56.32 24.09 14.20
CA GLU M 83 56.82 22.77 14.40
C GLU M 83 57.88 22.48 13.40
N ALA M 84 58.99 22.17 13.95
CA ALA M 84 60.19 21.76 13.35
C ALA M 84 60.67 20.40 13.84
N ILE M 85 61.54 19.86 13.09
CA ILE M 85 62.05 18.51 13.25
C ILE M 85 63.49 18.69 13.73
N PHE M 86 63.60 18.50 14.97
CA PHE M 86 64.80 18.51 15.76
C PHE M 86 65.37 17.11 15.77
N THR M 87 66.61 17.01 16.16
CA THR M 87 67.28 15.72 16.37
C THR M 87 66.50 14.72 17.23
N ASP M 88 65.85 15.17 18.24
CA ASP M 88 64.98 14.40 19.09
C ASP M 88 63.53 14.35 18.68
N GLY M 89 63.17 14.93 17.64
CA GLY M 89 61.88 14.85 17.08
C GLY M 89 61.29 16.16 16.72
N SER M 90 60.06 16.08 16.34
CA SER M 90 59.22 17.20 16.13
C SER M 90 58.93 17.87 17.47
N ARG M 91 59.07 19.12 17.47
CA ARG M 91 58.89 20.09 18.53
C ARG M 91 58.34 21.45 18.11
N LEU M 92 57.41 21.94 18.87
CA LEU M 92 56.94 23.31 18.85
C LEU M 92 57.90 24.30 19.39
N VAL M 93 58.16 25.25 18.56
CA VAL M 93 58.90 26.47 18.74
C VAL M 93 57.92 27.64 18.71
N THR M 94 57.81 28.32 19.81
CA THR M 94 57.27 29.65 19.94
C THR M 94 58.41 30.61 20.06
N VAL M 95 58.28 31.64 19.31
CA VAL M 95 59.14 32.75 19.20
C VAL M 95 58.34 33.94 19.68
N HIS M 96 58.73 34.54 20.79
CA HIS M 96 58.00 35.61 21.53
C HIS M 96 58.42 36.97 21.03
N ASP M 97 57.49 37.85 20.64
CA ASP M 97 57.77 39.24 20.18
C ASP M 97 58.94 39.26 19.21
N PRO M 98 58.93 38.53 18.09
CA PRO M 98 60.12 38.51 17.23
C PRO M 98 60.59 39.82 16.60
N ILE M 99 59.75 40.83 16.39
CA ILE M 99 60.13 42.09 15.78
C ILE M 99 60.28 43.07 16.92
N LYS M 100 61.52 43.31 17.25
CA LYS M 100 61.90 44.20 18.33
C LYS M 100 62.41 45.47 17.73
N SER N 1 45.38 58.24 22.06
CA SER N 1 44.75 59.42 21.41
C SER N 1 43.88 59.00 20.23
N GLU N 2 44.51 58.27 19.29
CA GLU N 2 44.04 57.77 17.95
C GLU N 2 45.25 57.66 17.03
N GLN N 3 46.12 58.68 17.07
CA GLN N 3 47.37 58.83 16.29
C GLN N 3 48.42 57.81 16.75
N ASN N 4 48.27 57.26 17.97
CA ASN N 4 49.19 56.37 18.66
C ASN N 4 48.75 54.91 18.85
N THR N 5 47.50 54.59 18.66
CA THR N 5 46.98 53.25 18.81
C THR N 5 47.60 52.29 17.82
N PRO N 6 48.09 51.13 18.23
CA PRO N 6 48.52 50.10 17.27
C PRO N 6 47.36 49.60 16.40
N LEU N 7 47.73 48.88 15.33
CA LEU N 7 46.77 48.18 14.45
C LEU N 7 45.89 47.34 15.37
N GLY N 8 44.60 47.41 15.28
CA GLY N 8 43.54 46.80 15.98
C GLY N 8 43.38 47.19 17.41
N GLY N 9 44.10 48.21 17.83
CA GLY N 9 44.14 48.60 19.17
C GLY N 9 42.91 49.29 19.63
N CYS N 10 42.85 49.29 20.89
CA CYS N 10 41.82 49.86 21.71
C CYS N 10 42.26 51.16 22.37
N ILE N 11 41.36 52.09 22.40
CA ILE N 11 41.42 53.32 23.20
C ILE N 11 40.41 53.15 24.30
N LEU N 12 40.92 52.93 25.47
CA LEU N 12 40.12 52.71 26.65
C LEU N 12 39.84 53.99 27.38
N ALA N 13 38.61 54.13 27.78
CA ALA N 13 38.22 55.13 28.74
C ALA N 13 38.94 55.01 30.09
N ASP N 14 38.64 55.88 31.05
CA ASP N 14 39.32 55.98 32.34
C ASP N 14 38.56 55.34 33.49
N THR N 15 37.28 55.48 33.51
CA THR N 15 36.46 55.09 34.60
C THR N 15 36.62 53.63 34.95
N PRO N 16 37.04 53.31 36.18
CA PRO N 16 37.04 51.92 36.66
C PRO N 16 35.71 51.21 36.62
N ILE N 17 35.81 49.93 36.56
CA ILE N 17 34.67 49.05 36.54
C ILE N 17 34.42 48.59 37.98
N THR N 18 33.21 48.67 38.36
CA THR N 18 32.72 48.22 39.64
C THR N 18 31.79 47.04 39.50
N PHE N 19 32.17 45.96 40.12
CA PHE N 19 31.47 44.71 40.14
C PHE N 19 31.20 44.18 41.54
N ASN N 20 30.14 43.42 41.63
CA ASN N 20 29.62 42.67 42.75
C ASN N 20 29.18 43.59 43.94
N GLU N 21 29.05 44.91 43.71
CA GLU N 21 28.78 46.03 44.66
C GLU N 21 27.66 45.79 45.65
N ASN N 22 26.65 45.08 45.29
CA ASN N 22 25.48 44.92 46.11
C ASN N 22 25.54 43.74 47.07
N LYS N 23 26.37 42.97 46.90
CA LYS N 23 26.40 41.66 47.43
C LYS N 23 27.15 41.64 48.80
N PRO N 24 26.61 41.02 49.85
CA PRO N 24 27.27 40.99 51.16
C PRO N 24 28.45 40.05 51.28
N VAL N 25 29.51 40.58 51.88
CA VAL N 25 30.84 40.00 51.91
C VAL N 25 31.19 39.40 53.27
N THR N 26 31.53 38.15 53.26
CA THR N 26 32.03 37.30 54.33
C THR N 26 33.51 36.98 54.12
N LYS N 27 34.31 37.44 55.01
CA LYS N 27 35.71 37.06 55.09
C LYS N 27 35.95 35.79 55.90
N VAL N 28 36.63 34.86 55.29
CA VAL N 28 37.06 33.62 55.92
C VAL N 28 38.56 33.46 55.78
N LYS N 29 39.12 32.75 56.74
CA LYS N 29 40.53 32.39 56.86
C LYS N 29 40.78 30.95 56.42
N VAL N 30 41.69 30.78 55.49
CA VAL N 30 41.89 29.53 54.79
C VAL N 30 43.33 29.08 54.95
N ARG N 31 43.50 27.91 55.48
CA ARG N 31 44.75 27.20 55.57
C ARG N 31 44.75 25.90 54.76
N ASN N 32 45.74 25.77 53.92
CA ASN N 32 46.05 24.53 53.19
C ASN N 32 46.94 23.64 54.02
N THR N 33 46.35 22.63 54.50
CA THR N 33 46.80 21.49 55.24
C THR N 33 47.27 20.30 54.46
N GLY N 34 47.26 20.35 53.15
CA GLY N 34 47.90 19.36 52.35
C GLY N 34 49.25 19.73 51.90
N ASP N 35 49.87 18.78 51.26
CA ASP N 35 51.18 18.91 50.66
C ASP N 35 51.21 19.40 49.23
N ARG N 36 50.09 19.55 48.63
CA ARG N 36 49.99 19.97 47.29
C ARG N 36 49.19 21.26 47.10
N PRO N 37 49.60 22.09 46.15
CA PRO N 37 48.88 23.30 45.83
C PRO N 37 47.43 23.07 45.42
N ILE N 38 46.61 23.95 45.90
CA ILE N 38 45.18 24.05 45.68
C ILE N 38 44.89 25.45 45.13
N GLN N 39 44.14 25.51 44.07
CA GLN N 39 43.67 26.68 43.35
C GLN N 39 42.19 26.56 43.01
N VAL N 40 41.50 27.60 43.38
CA VAL N 40 40.06 27.73 43.34
C VAL N 40 39.66 28.98 42.56
N GLY N 41 38.74 28.80 41.71
CA GLY N 41 38.13 29.81 40.90
C GLY N 41 36.94 30.52 41.42
N SER N 42 36.56 31.53 40.68
CA SER N 42 35.64 32.56 41.06
C SER N 42 34.23 32.08 41.36
N HIS N 43 33.77 31.13 40.55
CA HIS N 43 32.40 30.53 40.57
C HIS N 43 32.30 29.18 41.23
N PHE N 44 33.34 28.63 41.69
CA PHE N 44 33.25 27.42 42.51
C PHE N 44 32.54 27.69 43.84
N HIS N 45 31.77 26.79 44.29
CA HIS N 45 31.05 26.72 45.58
C HIS N 45 32.05 26.44 46.67
N PHE N 46 32.56 27.52 47.26
CA PHE N 46 33.68 27.53 48.24
C PHE N 46 33.51 26.42 49.31
N PHE N 47 32.35 26.21 49.87
CA PHE N 47 31.94 25.11 50.71
C PHE N 47 32.41 23.74 50.38
N GLU N 48 32.61 23.47 49.13
CA GLU N 48 32.86 22.20 48.56
C GLU N 48 34.25 22.07 48.00
N VAL N 49 35.15 23.02 48.31
CA VAL N 49 36.57 23.01 47.86
C VAL N 49 37.28 21.84 48.55
N ASN N 50 38.39 21.43 47.97
CA ASN N 50 39.34 20.36 48.38
C ASN N 50 39.27 20.15 49.92
N ARG N 51 38.78 19.02 50.39
CA ARG N 51 38.87 18.50 51.79
C ARG N 51 40.08 19.06 52.57
N ALA N 52 41.30 19.08 52.06
CA ALA N 52 42.55 19.57 52.68
C ALA N 52 42.54 21.05 53.14
N LEU N 53 41.71 21.94 52.60
CA LEU N 53 41.50 23.28 53.00
C LEU N 53 40.67 23.30 54.28
N GLU N 54 41.19 24.05 55.23
CA GLU N 54 40.62 24.19 56.56
C GLU N 54 40.23 25.64 56.70
N PHE N 55 38.96 25.92 56.94
CA PHE N 55 38.32 27.18 57.02
C PHE N 55 36.97 26.92 57.67
N ASP N 56 36.21 27.96 57.97
CA ASP N 56 34.88 27.91 58.53
C ASP N 56 33.89 27.59 57.46
N ARG N 57 33.60 26.34 57.36
CA ARG N 57 32.95 25.83 56.21
C ARG N 57 31.51 26.33 56.17
N ALA N 58 30.88 26.36 57.30
CA ALA N 58 29.56 26.93 57.52
C ALA N 58 29.37 28.32 56.99
N ALA N 59 30.42 29.10 57.04
CA ALA N 59 30.41 30.46 56.56
C ALA N 59 30.43 30.61 55.02
N ALA N 60 30.98 29.70 54.32
CA ALA N 60 31.09 29.48 52.90
C ALA N 60 29.90 28.81 52.23
N TYR N 61 28.94 28.35 52.99
CA TYR N 61 27.68 27.84 52.51
C TYR N 61 26.97 28.87 51.68
N GLY N 62 26.76 28.50 50.49
CA GLY N 62 26.23 29.32 49.43
C GLY N 62 27.06 30.32 48.90
N LYS N 63 28.34 30.19 49.05
CA LYS N 63 29.29 31.17 48.68
C LYS N 63 30.39 30.79 47.68
N ARG N 64 30.82 31.83 47.04
CA ARG N 64 31.85 32.03 46.09
C ARG N 64 32.77 33.17 46.47
N LEU N 65 33.89 33.09 45.90
CA LEU N 65 34.91 34.09 45.98
C LEU N 65 34.56 35.37 45.21
N ASN N 66 34.75 36.50 45.88
CA ASN N 66 34.47 37.84 45.48
C ASN N 66 35.66 38.42 44.74
N ILE N 67 35.94 37.78 43.65
CA ILE N 67 36.98 38.11 42.71
C ILE N 67 36.39 38.20 41.30
N SER N 68 37.22 38.67 40.37
CA SER N 68 36.88 38.77 38.98
C SER N 68 36.52 37.42 38.39
N SER N 69 35.37 37.37 37.78
CA SER N 69 35.01 36.29 36.89
C SER N 69 36.22 35.90 36.06
N THR N 70 36.43 34.66 36.11
CA THR N 70 37.36 33.82 35.44
C THR N 70 38.69 33.69 36.15
N THR N 71 38.92 34.44 37.17
CA THR N 71 40.17 34.42 37.88
C THR N 71 40.02 33.43 39.08
N ALA N 72 41.12 33.24 39.75
CA ALA N 72 41.33 32.24 40.77
C ALA N 72 42.27 32.73 41.90
N ILE N 73 42.22 31.99 42.98
CA ILE N 73 43.08 32.19 44.16
C ILE N 73 43.84 30.88 44.42
N ARG N 74 45.12 30.96 44.59
CA ARG N 74 46.08 29.91 44.85
C ARG N 74 46.46 29.81 46.33
N PHE N 75 46.28 28.68 46.86
CA PHE N 75 46.54 28.29 48.23
C PHE N 75 47.66 27.27 48.19
N GLU N 76 48.84 27.73 48.40
CA GLU N 76 50.06 26.94 48.51
C GLU N 76 50.12 26.17 49.84
N PRO N 77 50.83 25.07 49.87
CA PRO N 77 50.90 24.26 51.09
C PRO N 77 51.46 25.00 52.29
N GLY N 78 50.69 24.92 53.34
CA GLY N 78 50.89 25.44 54.62
C GLY N 78 50.90 26.92 54.76
N ASP N 79 50.02 27.59 54.08
CA ASP N 79 49.95 29.01 54.06
C ASP N 79 48.52 29.39 54.44
N GLU N 80 48.40 30.58 54.93
CA GLU N 80 47.15 31.10 55.37
C GLU N 80 46.85 32.42 54.70
N THR N 81 45.64 32.50 54.20
CA THR N 81 45.08 33.60 53.44
C THR N 81 43.66 33.84 53.84
N GLU N 82 43.31 35.10 53.88
CA GLU N 82 41.99 35.54 54.09
C GLU N 82 41.36 35.78 52.74
N VAL N 83 40.15 35.31 52.59
CA VAL N 83 39.43 35.47 51.38
C VAL N 83 38.05 36.07 51.51
N PRO N 84 37.69 36.95 50.58
CA PRO N 84 36.35 37.48 50.56
C PRO N 84 35.37 36.54 49.85
N LEU N 85 34.29 36.34 50.45
CA LEU N 85 33.17 35.54 50.02
C LEU N 85 31.90 36.36 49.87
N ILE N 86 31.12 35.97 48.90
CA ILE N 86 29.87 36.53 48.45
C ILE N 86 28.90 35.42 48.02
N PRO N 87 27.62 35.62 48.14
CA PRO N 87 26.65 34.67 47.67
C PRO N 87 26.48 34.67 46.18
N PHE N 88 26.15 33.53 45.73
CA PHE N 88 25.67 33.25 44.42
C PHE N 88 24.33 33.96 44.21
N GLY N 89 24.08 34.25 43.00
CA GLY N 89 22.88 34.81 42.53
C GLY N 89 21.93 33.82 41.96
N GLY N 90 21.08 34.34 41.15
CA GLY N 90 19.98 33.68 40.59
C GLY N 90 19.08 32.99 41.55
N LYS N 91 18.82 31.78 41.26
CA LYS N 91 17.99 30.96 42.11
C LYS N 91 18.75 30.33 43.31
N GLN N 92 20.04 30.48 43.45
CA GLN N 92 20.83 29.88 44.52
C GLN N 92 20.66 28.39 44.65
N THR N 93 20.66 27.75 43.54
CA THR N 93 20.56 26.35 43.29
C THR N 93 21.89 25.82 42.73
N LEU N 94 22.51 25.03 43.50
CA LEU N 94 23.80 24.47 43.35
C LEU N 94 23.72 22.95 43.27
N TYR N 95 23.92 22.43 42.04
CA TYR N 95 23.92 20.98 41.75
C TYR N 95 25.33 20.52 41.39
N GLY N 96 25.74 19.33 41.77
CA GLY N 96 27.06 18.81 41.46
C GLY N 96 28.16 19.24 42.42
N PHE N 97 29.34 19.66 41.95
CA PHE N 97 30.55 19.95 42.75
C PHE N 97 30.89 18.60 43.47
N ASN N 98 30.83 18.46 44.80
CA ASN N 98 31.20 17.26 45.58
C ASN N 98 30.00 16.52 46.17
N ASN N 99 28.86 16.88 45.73
CA ASN N 99 27.57 16.38 46.05
C ASN N 99 27.21 16.58 47.54
N LEU N 100 27.66 17.70 48.08
CA LEU N 100 27.39 18.19 49.42
C LEU N 100 26.03 18.86 49.64
N VAL N 101 25.53 19.59 48.71
CA VAL N 101 24.26 20.29 48.70
C VAL N 101 23.26 19.71 47.71
N ASP N 102 23.51 19.79 46.42
CA ASP N 102 22.56 19.38 45.42
C ASP N 102 21.14 19.92 45.69
N GLY N 103 21.13 21.19 45.89
CA GLY N 103 20.10 22.09 46.06
C GLY N 103 20.23 23.57 46.33
N TRP N 104 19.24 24.04 47.03
CA TRP N 104 19.01 25.41 47.35
C TRP N 104 19.87 25.80 48.52
N THR N 105 20.53 26.85 48.36
CA THR N 105 21.47 27.45 49.28
C THR N 105 21.10 28.81 49.79
N GLY N 106 19.91 29.20 49.60
CA GLY N 106 19.42 30.44 50.05
C GLY N 106 19.20 30.44 51.56
N GLU N 107 18.97 31.60 52.08
CA GLU N 107 18.61 31.88 53.50
C GLU N 107 17.21 31.52 53.81
N GLY N 108 16.30 31.78 52.94
CA GLY N 108 14.94 31.55 53.30
C GLY N 108 14.49 32.76 54.11
N VAL N 109 13.49 32.60 54.96
CA VAL N 109 12.62 33.72 55.35
C VAL N 109 12.65 34.04 56.85
N VAL N 110 13.35 33.28 57.66
CA VAL N 110 13.40 33.30 59.11
C VAL N 110 14.79 33.80 59.51
N PRO N 111 15.09 35.19 59.73
CA PRO N 111 16.46 36.07 60.21
C PRO N 111 16.64 35.48 61.61
N ASN N 112 17.86 35.03 61.99
CA ASN N 112 18.28 34.52 63.33
C ASN N 112 17.75 33.12 63.61
N SER N 113 17.71 32.26 62.58
CA SER N 113 17.73 30.77 62.61
C SER N 113 18.39 30.28 61.32
N GLU N 114 18.78 29.02 61.27
CA GLU N 114 19.29 28.40 60.04
C GLU N 114 18.18 27.48 59.50
N ARG N 115 17.99 27.44 58.18
CA ARG N 115 17.24 26.38 57.46
C ARG N 115 17.82 25.05 57.87
N PRO N 116 17.11 23.78 58.15
CA PRO N 116 17.66 22.46 58.41
C PRO N 116 18.40 21.79 57.31
N ASP N 117 18.11 22.09 56.06
CA ASP N 117 18.87 21.51 54.96
C ASP N 117 20.32 22.05 54.96
N LYS N 118 20.54 23.26 55.45
CA LYS N 118 21.88 23.83 55.66
C LYS N 118 22.70 23.09 56.72
N LEU N 119 22.14 22.90 57.87
CA LEU N 119 22.65 22.06 58.95
C LEU N 119 22.89 20.64 58.54
N GLU N 120 22.03 20.04 57.73
CA GLU N 120 22.30 18.77 57.14
C GLU N 120 23.57 18.82 56.31
N ALA N 121 23.64 19.66 55.32
CA ALA N 121 24.81 19.93 54.52
C ALA N 121 26.07 20.04 55.36
N ILE N 122 26.01 20.86 56.36
CA ILE N 122 27.18 21.14 57.19
C ILE N 122 27.62 19.87 57.92
N ARG N 123 26.66 19.07 58.39
N ARG N 123 26.66 19.07 58.39
CA ARG N 123 26.96 17.81 59.04
CA ARG N 123 26.95 17.79 59.01
C ARG N 123 27.56 16.82 58.04
C ARG N 123 27.58 16.84 58.01
N ARG N 124 27.13 16.87 56.97
CA ARG N 124 27.54 15.89 55.92
C ARG N 124 28.97 16.19 55.48
N ALA N 125 29.35 17.40 55.16
CA ALA N 125 30.70 17.88 55.04
C ALA N 125 31.66 17.33 56.08
N ALA N 126 31.21 17.38 57.28
CA ALA N 126 32.04 16.97 58.42
C ALA N 126 32.42 15.51 58.35
N GLU N 127 31.52 14.64 57.99
CA GLU N 127 31.74 13.24 57.98
C GLU N 127 32.15 12.60 56.65
N ARG N 128 32.08 13.30 55.52
CA ARG N 128 32.78 13.15 54.26
C ARG N 128 34.23 13.66 54.29
N GLY N 129 34.67 14.25 55.36
CA GLY N 129 35.99 14.75 55.55
C GLY N 129 36.45 16.12 55.20
N PHE N 130 35.54 17.01 55.04
CA PHE N 130 35.74 18.37 54.61
C PHE N 130 36.04 19.23 55.84
N LYS N 131 37.31 19.60 55.99
CA LYS N 131 37.93 20.18 57.16
C LYS N 131 37.36 21.54 57.50
N SER N 132 36.87 21.69 58.70
CA SER N 132 36.51 22.92 59.41
C SER N 132 37.24 23.30 60.65
N PRO O 1 33.93 44.55 44.37
CA PRO O 1 35.21 45.20 44.21
C PRO O 1 35.31 46.15 43.00
N GLN O 2 36.45 46.80 42.85
CA GLN O 2 36.70 47.79 41.77
C GLN O 2 37.88 47.30 40.96
N ILE O 3 37.83 47.34 39.64
CA ILE O 3 38.89 46.89 38.71
C ILE O 3 39.10 48.01 37.68
N SER O 4 40.30 48.25 37.27
CA SER O 4 40.69 49.13 36.19
C SER O 4 40.22 48.59 34.84
N ARG O 5 39.83 49.55 34.00
CA ARG O 5 39.42 49.30 32.60
C ARG O 5 40.44 48.45 31.89
N GLN O 6 41.70 48.78 32.05
CA GLN O 6 42.75 48.16 31.37
C GLN O 6 42.87 46.71 31.74
N GLU O 7 42.58 46.39 32.97
CA GLU O 7 42.63 45.06 33.49
C GLU O 7 41.38 44.28 33.08
N TYR O 8 40.27 44.93 33.16
CA TYR O 8 38.98 44.44 32.69
C TYR O 8 39.11 44.02 31.22
N ALA O 9 39.64 44.89 30.33
CA ALA O 9 39.73 44.72 28.91
C ALA O 9 40.54 43.50 28.54
N GLY O 10 41.68 43.37 29.18
CA GLY O 10 42.49 42.24 29.14
C GLY O 10 41.84 40.94 29.49
N LEU O 11 40.89 40.95 30.33
CA LEU O 11 40.13 39.76 30.65
C LEU O 11 38.93 39.50 29.73
N PHE O 12 38.27 40.50 29.36
CA PHE O 12 36.95 40.46 28.80
C PHE O 12 36.72 41.26 27.53
N GLY O 13 37.71 41.88 27.05
CA GLY O 13 37.66 42.87 26.09
C GLY O 13 37.00 44.19 26.36
N PRO O 14 36.85 45.00 25.32
CA PRO O 14 36.30 46.35 25.50
C PRO O 14 34.88 46.47 25.93
N THR O 15 34.54 47.45 26.76
CA THR O 15 33.14 47.69 27.17
C THR O 15 32.62 49.06 26.70
N THR O 16 31.41 49.47 27.04
CA THR O 16 30.76 50.76 26.62
C THR O 16 31.71 51.94 26.81
N GLY O 17 31.93 52.76 25.77
CA GLY O 17 32.84 53.90 25.79
C GLY O 17 34.20 53.58 25.24
N ASP O 18 34.63 52.33 25.20
CA ASP O 18 35.84 51.93 24.65
C ASP O 18 35.72 51.95 23.14
N LYS O 19 36.81 52.32 22.53
N LYS O 19 36.82 52.32 22.54
CA LYS O 19 37.06 52.49 21.12
CA LYS O 19 37.06 52.49 21.13
C LYS O 19 38.07 51.49 20.50
C LYS O 19 38.07 51.49 20.50
N ILE O 20 37.74 50.94 19.36
CA ILE O 20 38.53 49.98 18.59
C ILE O 20 38.83 50.48 17.18
N ARG O 21 40.08 50.52 16.87
CA ARG O 21 40.68 50.71 15.60
C ARG O 21 40.48 49.48 14.73
N LEU O 22 39.93 49.74 13.56
CA LEU O 22 39.64 48.75 12.53
C LEU O 22 40.87 48.72 11.65
N GLY O 23 41.81 47.90 11.87
CA GLY O 23 42.99 47.67 11.19
C GLY O 23 44.00 48.70 11.30
N ASP O 24 44.57 48.95 10.15
CA ASP O 24 45.42 50.04 9.87
C ASP O 24 44.72 51.22 9.30
N THR O 25 43.40 51.19 9.32
CA THR O 25 42.59 52.36 8.97
C THR O 25 42.62 53.34 10.16
N ASN O 26 42.11 54.50 9.90
CA ASN O 26 41.72 55.61 10.74
C ASN O 26 40.26 55.62 11.15
N LEU O 27 39.61 54.52 11.05
CA LEU O 27 38.34 54.28 11.55
C LEU O 27 38.39 53.59 12.94
N PHE O 28 37.63 54.12 13.78
CA PHE O 28 37.46 53.87 15.21
C PHE O 28 36.00 53.74 15.50
N ILE O 29 35.65 52.72 15.78
CA ILE O 29 34.42 52.27 16.33
C ILE O 29 34.47 52.38 17.84
N GLU O 30 33.33 52.57 18.38
CA GLU O 30 32.97 52.76 19.78
C GLU O 30 31.76 51.90 20.16
N ILE O 31 31.87 51.22 21.27
CA ILE O 31 30.84 50.42 21.86
C ILE O 31 29.80 51.34 22.48
N GLU O 32 28.61 51.23 21.98
CA GLU O 32 27.42 51.95 22.28
C GLU O 32 26.74 51.41 23.53
N LYS O 33 26.65 50.11 23.60
CA LYS O 33 25.91 49.35 24.63
C LYS O 33 26.64 48.05 25.03
N ASP O 34 26.56 47.68 26.29
CA ASP O 34 27.07 46.48 26.87
C ASP O 34 25.90 45.78 27.52
N LEU O 35 25.50 44.73 26.90
CA LEU O 35 24.43 43.89 27.32
C LEU O 35 24.77 42.79 28.31
N ARG O 36 26.01 42.62 28.69
CA ARG O 36 26.30 41.40 29.47
C ARG O 36 26.80 41.69 30.87
N GLY O 37 26.16 42.68 31.56
CA GLY O 37 26.33 43.13 32.99
C GLY O 37 27.78 43.37 33.37
N TYR O 38 28.16 43.10 34.62
CA TYR O 38 29.55 43.08 35.18
C TYR O 38 29.66 42.04 36.31
N GLY O 39 30.80 41.42 36.56
CA GLY O 39 30.96 40.41 37.61
C GLY O 39 30.47 39.00 37.33
N GLU O 40 29.71 38.67 36.30
CA GLU O 40 29.27 37.26 36.05
C GLU O 40 29.64 36.79 34.62
N GLU O 41 30.75 37.22 34.13
CA GLU O 41 31.25 37.15 32.78
C GLU O 41 31.55 35.68 32.39
N SER O 42 30.87 35.19 31.40
CA SER O 42 30.98 33.86 30.83
C SER O 42 32.14 33.67 29.89
N VAL O 43 33.11 32.89 30.33
CA VAL O 43 34.30 32.49 29.61
C VAL O 43 34.61 31.00 29.79
N TYR O 44 35.06 30.42 28.70
CA TYR O 44 35.40 29.03 28.54
C TYR O 44 36.85 28.99 28.99
N GLY O 45 37.10 28.06 29.79
CA GLY O 45 38.40 27.57 30.11
C GLY O 45 38.49 26.78 31.42
N GLY O 46 39.67 26.19 31.62
CA GLY O 46 40.17 25.66 32.86
C GLY O 46 40.27 26.71 33.92
N GLY O 47 39.52 26.47 34.92
CA GLY O 47 39.29 27.27 36.05
C GLY O 47 38.40 28.48 35.92
N LYS O 48 37.63 28.57 34.88
CA LYS O 48 36.81 29.64 34.50
C LYS O 48 35.34 29.38 34.76
N SER O 49 34.52 30.22 34.23
CA SER O 49 33.12 30.38 34.63
C SER O 49 32.13 29.41 33.98
N LEU O 50 32.36 28.94 32.78
CA LEU O 50 31.50 28.05 32.01
C LEU O 50 31.92 26.63 32.29
N ARG O 51 31.78 26.25 33.55
CA ARG O 51 32.09 24.93 34.09
C ARG O 51 30.76 24.43 34.64
N ASP O 52 30.74 23.16 34.91
CA ASP O 52 29.57 22.42 35.30
C ASP O 52 29.08 22.84 36.67
N GLY O 53 27.85 23.25 36.75
CA GLY O 53 27.00 23.76 37.80
C GLY O 53 27.17 25.17 38.23
N MET O 54 28.15 25.79 37.62
N MET O 54 28.15 25.79 37.62
CA MET O 54 28.54 27.17 37.88
CA MET O 54 28.54 27.17 37.88
C MET O 54 27.91 28.02 36.69
C MET O 54 27.91 28.02 36.69
N GLY O 55 28.62 28.67 35.76
CA GLY O 55 28.13 29.39 34.63
C GLY O 55 27.30 28.55 33.67
N ALA O 56 27.66 27.30 33.53
CA ALA O 56 26.91 26.24 32.91
C ALA O 56 26.00 25.41 33.79
N ASN O 57 24.78 25.39 33.36
CA ASN O 57 23.75 24.55 33.72
C ASN O 57 24.10 23.14 33.35
N ASN O 58 23.85 22.27 34.26
CA ASN O 58 24.20 20.87 34.26
C ASN O 58 23.04 19.90 34.52
N HIS O 59 21.87 20.35 34.54
CA HIS O 59 20.70 19.62 34.80
C HIS O 59 19.57 19.68 33.79
N LEU O 60 19.58 20.62 32.90
CA LEU O 60 18.65 20.85 31.85
C LEU O 60 19.05 20.11 30.56
N THR O 61 18.09 19.39 30.02
CA THR O 61 18.10 18.79 28.70
C THR O 61 17.89 19.90 27.69
N ARG O 62 18.14 19.57 26.49
CA ARG O 62 18.29 20.55 25.41
C ARG O 62 16.96 21.20 25.04
N ASP O 63 15.87 20.56 25.30
CA ASP O 63 14.50 20.88 24.96
C ASP O 63 13.88 21.96 25.84
N ASN O 64 14.46 22.24 26.97
CA ASN O 64 14.49 23.47 27.71
C ASN O 64 15.12 24.71 27.13
N GLY O 65 15.53 24.60 25.94
CA GLY O 65 16.04 25.71 25.18
C GLY O 65 17.49 26.04 25.41
N VAL O 66 18.25 25.12 25.97
CA VAL O 66 19.66 25.22 26.06
C VAL O 66 20.28 25.37 24.66
N LEU O 67 21.26 26.17 24.59
CA LEU O 67 22.00 26.50 23.43
C LEU O 67 22.83 25.33 22.92
N ASP O 68 23.04 25.33 21.66
CA ASP O 68 24.01 24.53 20.90
C ASP O 68 25.40 25.17 20.78
N LEU O 69 25.47 26.46 20.81
CA LEU O 69 26.64 27.27 20.71
C LEU O 69 26.41 28.67 21.33
N VAL O 70 27.45 29.20 21.87
CA VAL O 70 27.62 30.51 22.47
C VAL O 70 28.93 31.14 22.11
N ILE O 71 28.84 32.37 21.68
CA ILE O 71 29.90 33.26 21.36
C ILE O 71 29.87 34.36 22.42
N THR O 72 30.89 34.43 23.19
CA THR O 72 31.05 35.18 24.41
C THR O 72 31.87 36.44 24.32
N ASN O 73 31.37 37.42 24.94
CA ASN O 73 32.00 38.65 25.15
C ASN O 73 32.47 39.35 23.83
N VAL O 74 31.61 39.39 22.89
CA VAL O 74 31.87 39.79 21.52
C VAL O 74 31.26 41.11 21.19
N THR O 75 32.02 41.80 20.45
CA THR O 75 31.67 43.05 19.77
C THR O 75 31.02 42.84 18.41
N ILE O 76 29.78 43.10 18.38
CA ILE O 76 28.82 43.05 17.29
C ILE O 76 28.76 44.38 16.54
N VAL O 77 29.18 44.32 15.32
CA VAL O 77 29.12 45.36 14.29
C VAL O 77 28.13 44.89 13.23
N ASP O 78 26.95 45.45 13.33
CA ASP O 78 25.76 45.14 12.51
C ASP O 78 24.97 46.44 12.15
N ALA O 79 24.45 46.54 10.91
CA ALA O 79 23.76 47.73 10.36
C ALA O 79 22.41 47.98 10.97
N ARG O 80 21.75 47.02 11.52
CA ARG O 80 20.56 47.17 12.29
C ARG O 80 20.72 47.25 13.82
N LEU O 81 21.64 46.52 14.43
CA LEU O 81 21.86 46.56 15.89
C LEU O 81 22.87 47.63 16.31
N GLY O 82 23.73 48.03 15.42
CA GLY O 82 24.81 48.94 15.69
C GLY O 82 26.09 48.24 16.20
N VAL O 83 26.80 48.83 17.10
CA VAL O 83 28.04 48.53 17.81
C VAL O 83 27.81 48.24 19.30
N ILE O 84 27.65 46.98 19.59
CA ILE O 84 27.34 46.49 20.96
C ILE O 84 28.27 45.34 21.38
N LYS O 85 28.38 45.14 22.65
CA LYS O 85 29.03 44.07 23.39
C LYS O 85 28.02 43.20 24.08
N ALA O 86 28.04 41.97 23.71
CA ALA O 86 27.11 40.93 24.01
C ALA O 86 27.66 39.51 23.85
N ASP O 87 26.95 38.60 24.48
CA ASP O 87 26.91 37.19 24.28
C ASP O 87 25.89 36.88 23.18
N VAL O 88 26.27 36.00 22.27
CA VAL O 88 25.52 35.49 21.18
C VAL O 88 25.46 33.99 21.15
N GLY O 89 24.28 33.57 21.14
CA GLY O 89 23.67 32.33 21.11
C GLY O 89 22.90 31.72 19.96
N ILE O 90 23.32 30.57 19.64
CA ILE O 90 22.88 29.77 18.56
C ILE O 90 22.34 28.43 18.98
N ARG O 91 21.22 28.13 18.42
CA ARG O 91 20.30 27.05 18.50
C ARG O 91 19.57 26.78 17.17
N ASP O 92 19.67 25.57 16.79
CA ASP O 92 19.12 24.92 15.61
C ASP O 92 19.52 25.64 14.31
N GLY O 93 20.73 26.02 14.24
CA GLY O 93 21.38 26.81 13.29
C GLY O 93 20.92 28.26 13.14
N LYS O 94 20.19 28.75 14.06
CA LYS O 94 19.58 30.03 14.24
C LYS O 94 20.03 30.78 15.52
N ILE O 95 20.10 32.08 15.42
CA ILE O 95 20.35 33.11 16.44
C ILE O 95 19.11 33.17 17.32
N ALA O 96 19.25 32.68 18.55
CA ALA O 96 18.26 32.61 19.60
C ALA O 96 18.23 33.79 20.56
N GLY O 97 19.26 34.47 20.69
CA GLY O 97 19.50 35.52 21.56
C GLY O 97 20.83 36.23 21.46
N ILE O 98 20.88 37.52 21.90
CA ILE O 98 21.98 38.49 21.98
C ILE O 98 21.80 39.13 23.36
N GLY O 99 22.75 39.03 24.26
CA GLY O 99 22.50 39.45 25.64
C GLY O 99 23.53 38.84 26.58
N LYS O 100 23.09 38.47 27.75
CA LYS O 100 23.92 37.86 28.79
C LYS O 100 23.62 36.35 28.80
N SER O 101 24.56 35.53 28.53
CA SER O 101 24.56 34.08 28.66
C SER O 101 24.98 33.63 30.08
N GLY O 102 24.55 32.50 30.50
CA GLY O 102 24.86 31.65 31.67
C GLY O 102 23.75 30.79 32.18
N ASN O 103 23.88 30.52 33.43
CA ASN O 103 23.14 29.64 34.28
C ASN O 103 22.26 30.41 35.28
N PRO O 104 20.98 30.49 35.04
CA PRO O 104 20.06 31.20 35.90
C PRO O 104 19.98 30.63 37.37
N GLY O 105 20.45 29.44 37.59
CA GLY O 105 20.52 28.89 38.93
C GLY O 105 21.39 29.66 39.90
N VAL O 106 22.46 30.22 39.39
CA VAL O 106 23.60 30.77 40.09
C VAL O 106 23.95 32.19 39.70
N MET O 107 23.21 32.79 38.79
CA MET O 107 23.44 34.03 38.09
C MET O 107 22.14 34.79 37.93
N ASP O 108 22.29 36.04 38.15
CA ASP O 108 21.30 37.03 37.84
C ASP O 108 21.56 37.52 36.42
N GLY O 109 20.49 37.90 35.79
CA GLY O 109 20.45 38.56 34.54
C GLY O 109 20.76 37.81 33.29
N VAL O 110 20.49 36.50 33.24
CA VAL O 110 20.67 35.71 32.05
C VAL O 110 19.53 35.97 31.09
N THR O 111 19.89 36.36 29.91
CA THR O 111 18.89 36.61 28.90
C THR O 111 18.11 35.34 28.61
N PRO O 112 16.81 35.40 28.57
CA PRO O 112 16.07 34.23 28.15
C PRO O 112 16.48 33.72 26.80
N GLY O 113 16.58 32.46 26.73
CA GLY O 113 17.12 31.82 25.59
C GLY O 113 18.62 31.61 25.52
N LEU O 114 19.39 32.27 26.35
CA LEU O 114 20.81 32.20 26.45
C LEU O 114 21.35 31.30 27.63
N VAL O 115 20.64 30.27 27.94
CA VAL O 115 21.08 29.26 28.87
C VAL O 115 22.09 28.33 28.27
N VAL O 116 23.22 28.37 28.78
CA VAL O 116 24.36 27.53 28.55
C VAL O 116 24.23 26.31 29.46
N GLY O 117 24.46 25.17 28.88
CA GLY O 117 24.32 23.87 29.30
C GLY O 117 25.19 22.79 28.74
N VAL O 118 24.74 21.61 29.00
CA VAL O 118 25.38 20.34 28.60
C VAL O 118 25.55 20.28 27.08
N SER O 119 24.56 20.71 26.33
CA SER O 119 24.51 20.92 24.86
C SER O 119 25.41 21.95 24.28
N THR O 120 25.88 22.87 25.01
CA THR O 120 26.62 23.98 24.56
C THR O 120 28.10 23.84 24.41
N ASP O 121 28.58 24.16 23.24
CA ASP O 121 29.90 24.63 22.87
C ASP O 121 30.06 26.13 22.85
N ALA O 122 31.27 26.51 22.81
CA ALA O 122 31.77 27.82 23.03
C ALA O 122 32.93 28.32 22.20
N ILE O 123 32.72 29.53 21.84
CA ILE O 123 33.57 30.49 21.20
C ILE O 123 33.75 31.76 22.03
N SER O 124 34.95 32.07 22.22
CA SER O 124 35.52 33.19 22.94
C SER O 124 35.72 34.36 22.02
N GLY O 125 34.85 35.26 22.14
CA GLY O 125 34.72 36.51 21.43
C GLY O 125 35.33 37.76 22.00
N GLU O 126 36.07 37.59 23.07
CA GLU O 126 36.57 38.66 23.92
C GLU O 126 37.31 39.70 23.14
N HIS O 127 38.23 39.30 22.35
CA HIS O 127 39.05 40.17 21.55
C HIS O 127 38.59 40.19 20.05
N LEU O 128 37.35 39.82 19.77
CA LEU O 128 36.77 39.66 18.45
C LEU O 128 35.53 40.51 18.12
N ILE O 129 35.42 40.77 16.84
CA ILE O 129 34.33 41.32 16.08
C ILE O 129 33.62 40.25 15.25
N LEU O 130 32.42 40.22 15.45
CA LEU O 130 31.35 39.51 14.84
C LEU O 130 30.46 40.33 13.91
N THR O 131 30.44 39.94 12.76
CA THR O 131 29.65 40.39 11.65
C THR O 131 28.79 39.27 11.07
N ALA O 132 27.73 39.70 10.53
CA ALA O 132 27.06 39.05 9.47
C ALA O 132 28.03 38.82 8.32
N ALA O 133 27.85 37.70 7.71
CA ALA O 133 28.51 37.36 6.47
C ALA O 133 27.92 38.20 5.34
N GLY O 134 28.74 38.61 4.55
CA GLY O 134 28.45 39.23 3.32
C GLY O 134 27.75 38.42 2.30
N ILE O 135 27.08 39.19 1.47
CA ILE O 135 26.29 38.78 0.37
C ILE O 135 26.67 39.53 -0.89
N ASP O 136 27.12 38.75 -1.92
CA ASP O 136 27.63 39.13 -3.24
C ASP O 136 26.49 38.84 -4.26
N THR O 137 25.80 39.84 -4.69
CA THR O 137 24.72 39.93 -5.63
C THR O 137 25.07 39.89 -7.11
N HIS O 138 26.29 39.97 -7.47
CA HIS O 138 26.77 40.01 -8.82
C HIS O 138 27.90 38.99 -9.09
N ILE O 139 27.57 37.77 -9.09
CA ILE O 139 28.44 36.64 -9.30
C ILE O 139 28.20 36.04 -10.66
N HIS O 140 29.25 36.03 -11.35
CA HIS O 140 29.43 35.21 -12.51
C HIS O 140 30.01 33.83 -12.13
N LEU O 141 29.26 32.82 -12.44
CA LEU O 141 29.50 31.39 -12.29
C LEU O 141 30.37 30.82 -13.39
N ILE O 142 31.55 31.35 -13.39
CA ILE O 142 32.57 31.02 -14.30
C ILE O 142 33.40 29.84 -13.79
N SER O 143 33.81 29.88 -12.53
CA SER O 143 34.68 28.98 -11.75
C SER O 143 34.11 28.62 -10.38
N PRO O 144 33.96 27.32 -10.06
CA PRO O 144 33.55 26.93 -8.74
C PRO O 144 34.41 27.34 -7.55
N GLN O 145 35.63 27.60 -7.74
CA GLN O 145 36.69 28.00 -6.85
C GLN O 145 36.55 29.42 -6.27
N GLN O 146 35.77 30.24 -6.92
CA GLN O 146 35.39 31.53 -6.44
C GLN O 146 34.83 31.52 -5.01
N ALA O 147 34.08 30.54 -4.69
CA ALA O 147 33.52 30.28 -3.40
C ALA O 147 34.52 30.29 -2.28
N TYR O 148 35.69 29.78 -2.52
CA TYR O 148 36.79 29.67 -1.60
C TYR O 148 37.41 31.03 -1.36
N HIS O 149 37.59 31.77 -2.45
CA HIS O 149 38.13 33.17 -2.43
C HIS O 149 37.12 34.02 -1.65
N ALA O 150 35.87 33.81 -1.76
CA ALA O 150 34.81 34.54 -1.14
C ALA O 150 34.76 34.32 0.41
N LEU O 151 34.64 33.08 0.79
CA LEU O 151 34.70 32.61 2.20
C LEU O 151 35.93 33.16 2.93
N SER O 152 36.96 33.32 2.29
CA SER O 152 38.23 33.84 2.71
C SER O 152 38.33 35.36 2.88
N ASN O 153 37.35 36.08 2.44
CA ASN O 153 36.99 37.49 2.72
C ASN O 153 35.66 37.73 3.38
N GLY O 154 35.12 36.78 3.97
CA GLY O 154 33.93 36.88 4.65
C GLY O 154 32.57 36.96 3.98
N VAL O 155 32.46 36.45 2.78
CA VAL O 155 31.30 36.25 1.94
C VAL O 155 30.95 34.79 1.81
N ALA O 156 29.80 34.56 2.07
CA ALA O 156 29.02 33.33 2.16
C ALA O 156 27.71 33.18 1.46
N THR O 157 27.26 34.15 0.70
CA THR O 157 26.12 34.10 -0.17
C THR O 157 26.47 34.73 -1.56
N PHE O 158 26.11 34.03 -2.59
CA PHE O 158 26.25 34.31 -4.02
C PHE O 158 24.83 34.40 -4.65
N PHE O 159 24.61 35.41 -5.35
CA PHE O 159 23.55 35.67 -6.27
C PHE O 159 24.23 36.04 -7.60
N GLY O 160 23.78 35.42 -8.58
CA GLY O 160 24.14 35.35 -9.94
C GLY O 160 23.74 34.15 -10.74
N GLY O 161 24.54 33.98 -11.70
CA GLY O 161 24.38 33.08 -12.80
C GLY O 161 25.59 32.76 -13.64
N GLY O 162 25.36 31.79 -14.41
CA GLY O 162 26.21 31.15 -15.32
C GLY O 162 26.07 29.62 -15.43
N ILE O 163 26.96 29.07 -16.21
CA ILE O 163 27.09 27.67 -16.53
C ILE O 163 28.54 27.20 -16.77
N GLY O 164 29.51 27.80 -16.07
CA GLY O 164 30.95 27.65 -16.18
C GLY O 164 31.54 28.57 -17.22
N PRO O 165 32.74 28.38 -17.74
CA PRO O 165 33.35 29.37 -18.59
C PRO O 165 32.89 29.50 -20.06
N THR O 166 31.62 29.62 -20.31
CA THR O 166 31.06 29.88 -21.65
C THR O 166 31.16 31.39 -21.87
N ASP O 167 31.17 31.81 -23.09
CA ASP O 167 31.24 33.23 -23.47
C ASP O 167 30.02 34.04 -22.94
N GLY O 168 28.92 33.45 -22.86
CA GLY O 168 27.78 34.04 -22.24
C GLY O 168 27.89 34.32 -20.72
N THR O 169 28.52 33.44 -20.04
CA THR O 169 28.80 33.55 -18.62
C THR O 169 29.90 34.47 -18.37
N ASN O 170 30.92 34.46 -19.22
CA ASN O 170 31.99 35.40 -19.06
C ASN O 170 31.47 36.84 -19.10
N GLY O 171 30.49 37.09 -19.88
CA GLY O 171 29.80 38.36 -19.89
C GLY O 171 28.58 38.64 -19.12
N THR O 172 27.80 37.63 -18.80
CA THR O 172 26.57 37.90 -18.10
C THR O 172 26.35 36.86 -17.00
N THR O 173 25.55 37.18 -16.01
CA THR O 173 24.95 36.53 -14.85
C THR O 173 23.59 35.87 -15.14
N VAL O 174 23.69 35.00 -16.09
CA VAL O 174 22.53 34.28 -16.67
C VAL O 174 22.82 32.77 -16.70
N THR O 175 21.85 32.00 -16.37
CA THR O 175 21.74 30.56 -16.40
C THR O 175 20.52 30.34 -17.26
N PRO O 176 20.70 30.19 -18.56
CA PRO O 176 19.57 30.19 -19.43
C PRO O 176 18.84 28.88 -19.61
N GLY O 177 17.64 28.97 -19.33
CA GLY O 177 16.65 27.98 -19.46
C GLY O 177 16.54 26.88 -18.44
N PRO O 178 15.40 26.24 -18.37
CA PRO O 178 15.11 25.20 -17.39
C PRO O 178 16.09 24.00 -17.25
N TRP O 179 16.72 23.60 -18.32
CA TRP O 179 17.74 22.54 -18.32
C TRP O 179 18.99 22.98 -17.61
N ASN O 180 19.54 24.04 -18.06
CA ASN O 180 20.70 24.69 -17.51
C ASN O 180 20.53 25.09 -16.03
N ILE O 181 19.37 25.59 -15.65
CA ILE O 181 18.99 25.94 -14.28
C ILE O 181 19.07 24.71 -13.38
N ARG O 182 18.42 23.63 -13.77
CA ARG O 182 18.36 22.34 -13.08
C ARG O 182 19.75 21.80 -12.80
N GLN O 183 20.55 21.86 -13.78
CA GLN O 183 21.95 21.49 -13.82
C GLN O 183 22.76 22.25 -12.86
N MET O 184 22.54 23.50 -12.82
CA MET O 184 23.24 24.40 -12.01
C MET O 184 22.81 24.32 -10.55
N LEU O 185 21.54 24.14 -10.26
CA LEU O 185 21.04 23.84 -8.95
C LEU O 185 21.72 22.61 -8.35
N ARG O 186 21.83 21.58 -9.10
CA ARG O 186 22.45 20.30 -8.80
C ARG O 186 23.95 20.41 -8.54
N SER O 187 24.65 21.21 -9.25
CA SER O 187 26.03 21.48 -9.16
C SER O 187 26.41 22.17 -7.89
N VAL O 188 25.65 23.17 -7.51
CA VAL O 188 25.94 24.07 -6.41
C VAL O 188 25.80 23.38 -5.08
N GLU O 189 25.14 22.27 -5.05
CA GLU O 189 25.17 21.29 -3.98
C GLU O 189 26.59 20.94 -3.52
N GLY O 190 27.55 21.08 -4.34
CA GLY O 190 28.89 20.94 -4.08
C GLY O 190 29.67 22.14 -3.63
N LEU O 191 29.02 23.20 -3.31
CA LEU O 191 29.60 24.42 -2.90
C LEU O 191 29.22 24.87 -1.45
N PRO O 192 30.07 25.45 -0.80
CA PRO O 192 29.90 25.75 0.61
C PRO O 192 29.37 27.13 0.97
N VAL O 193 28.71 27.72 0.02
CA VAL O 193 28.01 28.96 0.02
C VAL O 193 26.57 28.82 -0.37
N ASN O 194 25.78 29.68 0.13
CA ASN O 194 24.41 29.87 -0.26
C ASN O 194 24.40 30.38 -1.68
N VAL O 195 23.38 30.10 -2.42
CA VAL O 195 23.17 30.41 -3.83
C VAL O 195 21.71 30.64 -4.20
N GLY O 196 21.57 31.64 -4.96
CA GLY O 196 20.43 31.85 -5.82
C GLY O 196 20.79 32.19 -7.24
N ILE O 197 20.08 31.68 -8.12
CA ILE O 197 20.38 31.72 -9.54
C ILE O 197 19.42 32.68 -10.24
N LEU O 198 19.98 33.39 -11.15
CA LEU O 198 19.41 34.24 -12.16
C LEU O 198 19.28 33.71 -13.60
N GLY O 199 18.27 33.88 -14.07
CA GLY O 199 17.75 33.67 -15.40
C GLY O 199 17.85 34.79 -16.44
N LYS O 200 17.57 34.48 -17.66
CA LYS O 200 17.64 35.35 -18.83
C LYS O 200 16.28 35.99 -19.04
N GLY O 201 16.26 37.17 -18.90
CA GLY O 201 15.13 38.09 -18.98
C GLY O 201 14.70 38.55 -20.37
N ASN O 202 15.59 38.47 -21.32
CA ASN O 202 15.29 39.02 -22.66
C ASN O 202 14.33 38.09 -23.38
N SER O 203 13.06 38.28 -23.24
CA SER O 203 11.95 37.51 -23.81
C SER O 203 10.75 38.37 -24.27
N TYR O 204 10.06 37.96 -25.29
CA TYR O 204 8.86 38.70 -25.73
C TYR O 204 7.62 38.19 -24.95
N GLY O 205 7.10 36.99 -25.00
CA GLY O 205 5.90 36.67 -24.13
C GLY O 205 6.28 36.23 -22.70
N ARG O 206 5.30 35.83 -21.91
CA ARG O 206 5.38 35.26 -20.60
C ARG O 206 6.00 33.85 -20.56
N GLY O 207 5.82 33.07 -21.55
CA GLY O 207 6.23 31.70 -21.61
C GLY O 207 7.61 31.39 -21.17
N PRO O 208 8.57 32.02 -21.85
CA PRO O 208 9.97 31.79 -21.60
C PRO O 208 10.51 32.24 -20.28
N LEU O 209 9.87 33.17 -19.64
CA LEU O 209 10.13 33.69 -18.32
C LEU O 209 9.57 32.79 -17.23
N LEU O 210 8.38 32.32 -17.43
CA LEU O 210 7.63 31.54 -16.47
C LEU O 210 8.31 30.20 -16.18
N GLU O 211 8.72 29.54 -17.24
CA GLU O 211 9.63 28.42 -17.48
C GLU O 211 10.76 28.40 -16.50
N GLN O 212 11.48 29.46 -16.49
CA GLN O 212 12.67 29.58 -15.71
C GLN O 212 12.35 29.80 -14.21
N ALA O 213 11.34 30.57 -13.93
CA ALA O 213 10.68 30.81 -12.66
C ALA O 213 10.33 29.51 -11.93
N ILE O 214 9.58 28.66 -12.54
CA ILE O 214 9.20 27.36 -12.05
C ILE O 214 10.44 26.43 -11.87
N ALA O 215 11.35 26.49 -12.83
CA ALA O 215 12.63 25.71 -12.83
C ALA O 215 13.42 26.10 -11.57
N GLY O 216 13.20 27.27 -10.95
CA GLY O 216 13.80 27.65 -9.66
C GLY O 216 14.53 29.01 -9.55
N VAL O 217 14.61 29.89 -10.57
CA VAL O 217 15.41 31.15 -10.44
C VAL O 217 14.78 32.10 -9.41
N VAL O 218 15.55 33.00 -8.87
CA VAL O 218 15.25 34.04 -7.91
C VAL O 218 15.16 35.43 -8.51
N GLY O 219 15.34 35.48 -9.80
CA GLY O 219 15.53 36.61 -10.52
C GLY O 219 15.77 36.43 -12.01
N TYR O 220 15.65 37.48 -12.70
CA TYR O 220 15.96 37.67 -14.12
C TYR O 220 16.99 38.77 -14.31
N VAL O 222 18.62 41.03 -17.10
CA VAL O 222 18.63 41.86 -18.32
C VAL O 222 19.97 42.58 -18.62
N HIS O 223 20.59 42.05 -19.62
CA HIS O 223 21.92 42.32 -20.14
C HIS O 223 21.92 42.73 -21.61
N GLU O 224 22.76 43.74 -21.97
CA GLU O 224 22.99 44.24 -23.33
C GLU O 224 23.40 43.17 -24.31
N ASP O 225 24.29 42.35 -23.89
CA ASP O 225 24.83 41.21 -24.55
C ASP O 225 23.83 40.23 -25.11
N TRP O 226 22.71 40.14 -24.48
CA TRP O 226 21.61 39.35 -24.98
C TRP O 226 20.44 40.26 -25.44
N GLY O 227 20.61 41.58 -25.46
CA GLY O 227 19.59 42.65 -25.64
C GLY O 227 19.00 43.35 -24.44
N ALA O 228 19.43 44.55 -24.05
CA ALA O 228 18.87 45.36 -22.93
C ALA O 228 17.79 46.37 -23.44
N THR O 229 16.83 45.88 -24.13
CA THR O 229 15.69 46.51 -24.80
C THR O 229 14.60 46.91 -23.83
N ALA O 230 13.74 47.84 -24.27
CA ALA O 230 12.59 48.22 -23.53
C ALA O 230 11.65 47.04 -23.36
N ASN O 231 11.57 46.27 -24.36
CA ASN O 231 10.77 45.07 -24.41
C ASN O 231 11.17 44.10 -23.28
N ALA O 232 12.43 43.79 -23.22
CA ALA O 232 13.05 42.94 -22.22
C ALA O 232 12.67 43.34 -20.82
N LEU O 233 12.96 44.58 -20.50
CA LEU O 233 12.63 45.24 -19.27
C LEU O 233 11.21 45.10 -18.89
N ARG O 234 10.34 45.53 -19.73
CA ARG O 234 8.95 45.54 -19.53
C ARG O 234 8.42 44.15 -19.24
N HIS O 235 8.79 43.14 -20.02
CA HIS O 235 8.21 41.86 -19.80
C HIS O 235 8.78 41.17 -18.53
N SER O 236 10.04 41.28 -18.30
CA SER O 236 10.82 40.89 -17.12
C SER O 236 10.27 41.41 -15.81
N LEU O 237 9.98 42.68 -15.76
CA LEU O 237 9.38 43.30 -14.63
C LEU O 237 7.95 42.92 -14.39
N ARG O 238 7.17 42.84 -15.40
CA ARG O 238 5.79 42.34 -15.29
C ARG O 238 5.70 40.90 -14.76
N MET O 239 6.54 40.05 -15.23
CA MET O 239 6.68 38.70 -14.73
C MET O 239 7.14 38.67 -13.30
N ALA O 240 8.08 39.47 -12.96
CA ALA O 240 8.68 39.59 -11.64
C ALA O 240 7.70 39.90 -10.56
N ASP O 241 6.86 40.81 -10.85
CA ASP O 241 5.81 41.23 -10.01
C ASP O 241 4.82 40.10 -9.83
N GLU O 242 4.65 39.32 -10.85
CA GLU O 242 3.83 38.13 -10.77
C GLU O 242 4.45 37.04 -9.86
N MET O 243 5.70 36.77 -10.01
CA MET O 243 6.45 35.70 -9.42
C MET O 243 7.09 35.99 -8.07
N ASP O 244 7.05 37.20 -7.57
CA ASP O 244 7.83 37.74 -6.48
C ASP O 244 9.30 37.36 -6.51
N ILE O 245 9.89 37.78 -7.55
CA ILE O 245 11.26 37.74 -7.80
C ILE O 245 11.81 39.07 -8.31
N GLN O 246 13.09 39.20 -8.27
CA GLN O 246 13.88 40.35 -8.60
C GLN O 246 14.36 40.40 -10.07
N VAL O 247 14.65 41.58 -10.51
CA VAL O 247 15.23 41.91 -11.78
C VAL O 247 16.39 42.83 -11.57
N SER O 248 17.49 42.45 -12.12
CA SER O 248 18.76 43.04 -12.22
C SER O 248 19.02 43.40 -13.70
N VAL O 249 19.76 44.47 -13.92
CA VAL O 249 20.05 45.11 -15.19
C VAL O 249 21.42 45.69 -15.32
N HIS O 250 21.94 45.41 -16.48
CA HIS O 250 23.11 45.87 -17.21
C HIS O 250 22.61 46.52 -18.52
N THR O 251 22.61 47.83 -18.51
CA THR O 251 21.92 48.62 -19.56
C THR O 251 22.78 48.73 -20.84
N ASP O 252 22.15 49.18 -21.88
CA ASP O 252 22.67 49.43 -23.23
C ASP O 252 23.79 50.52 -23.20
N SER O 253 25.04 50.18 -23.32
CA SER O 253 26.18 51.12 -23.30
C SER O 253 26.30 52.00 -24.57
N LEU O 254 25.88 51.49 -25.68
CA LEU O 254 25.90 52.04 -27.05
C LEU O 254 24.82 53.08 -27.41
N ASN O 255 23.88 53.23 -26.59
CA ASN O 255 22.65 53.98 -26.67
C ASN O 255 21.71 53.63 -27.91
N GLU O 256 21.89 52.40 -28.39
CA GLU O 256 21.21 51.83 -29.57
C GLU O 256 19.71 52.07 -29.52
N CYS O 257 18.95 51.51 -28.59
CA CYS O 257 17.50 51.64 -28.59
C CYS O 257 17.05 52.84 -27.77
N GLY O 258 17.96 53.65 -27.21
CA GLY O 258 17.69 54.67 -26.23
C GLY O 258 18.83 55.18 -25.36
N TYR O 259 18.52 56.26 -24.72
CA TYR O 259 19.25 56.91 -23.68
C TYR O 259 18.68 56.44 -22.35
N VAL O 260 19.41 56.71 -21.31
CA VAL O 260 19.07 56.43 -19.93
C VAL O 260 17.65 56.79 -19.51
N GLU O 261 17.20 57.94 -19.89
CA GLU O 261 15.85 58.39 -19.70
C GLU O 261 14.77 57.43 -20.28
N ASP O 262 15.02 56.87 -21.44
CA ASP O 262 14.18 55.88 -22.05
C ASP O 262 14.21 54.53 -21.29
N THR O 263 15.37 54.12 -20.87
CA THR O 263 15.54 52.98 -19.94
C THR O 263 14.70 53.17 -18.69
N ILE O 264 14.79 54.34 -18.13
CA ILE O 264 14.07 54.69 -16.93
C ILE O 264 12.59 54.50 -17.10
N ASP O 265 12.09 54.90 -18.23
CA ASP O 265 10.73 54.80 -18.61
C ASP O 265 10.30 53.34 -18.86
N ALA O 266 11.19 52.51 -19.36
CA ALA O 266 11.03 51.08 -19.49
C ALA O 266 10.86 50.40 -18.13
N PHE O 267 11.48 50.91 -17.09
CA PHE O 267 11.29 50.40 -15.72
C PHE O 267 9.85 50.56 -15.23
N GLU O 268 9.16 51.60 -15.62
CA GLU O 268 7.78 51.81 -15.43
C GLU O 268 7.37 51.77 -13.91
N GLY O 269 8.13 52.42 -13.16
CA GLY O 269 8.27 52.63 -11.73
C GLY O 269 8.41 51.42 -10.81
N ARG O 270 8.63 50.29 -11.41
CA ARG O 270 8.75 48.96 -10.92
C ARG O 270 10.12 48.74 -10.27
N THR O 271 10.16 47.99 -9.19
CA THR O 271 11.37 47.68 -8.49
C THR O 271 12.42 46.98 -9.38
N ILE O 272 13.60 47.46 -9.32
CA ILE O 272 14.78 47.03 -10.06
C ILE O 272 16.11 47.31 -9.40
N HIS O 273 16.97 46.34 -9.57
CA HIS O 273 18.33 46.29 -9.18
C HIS O 273 19.25 46.58 -10.39
N THR O 274 19.95 47.55 -10.26
CA THR O 274 20.90 48.16 -11.18
C THR O 274 22.32 47.91 -10.78
N PHE O 275 23.03 46.99 -11.50
CA PHE O 275 24.45 46.63 -11.37
C PHE O 275 25.37 47.76 -11.84
N HIS O 276 26.60 47.79 -11.43
CA HIS O 276 27.61 48.78 -11.83
C HIS O 276 26.94 50.11 -12.27
N THR O 277 26.30 50.81 -11.33
CA THR O 277 25.43 51.99 -11.55
C THR O 277 26.22 53.19 -12.15
N GLU O 278 27.48 53.27 -11.87
CA GLU O 278 28.47 54.21 -12.43
C GLU O 278 28.69 54.12 -13.93
N GLY O 279 28.73 52.92 -14.46
CA GLY O 279 28.95 52.59 -15.84
C GLY O 279 30.28 52.01 -16.32
N ALA O 280 31.37 52.05 -15.57
CA ALA O 280 32.64 51.44 -16.04
C ALA O 280 32.46 49.97 -16.45
N GLY O 281 31.61 49.24 -15.75
CA GLY O 281 31.24 47.84 -15.94
C GLY O 281 30.17 47.54 -16.92
N GLY O 282 29.67 48.54 -17.62
CA GLY O 282 28.56 48.58 -18.45
C GLY O 282 27.47 49.59 -18.09
N GLY O 283 26.85 50.15 -19.11
CA GLY O 283 25.68 50.98 -19.00
C GLY O 283 25.80 52.21 -19.85
N HIS O 284 24.64 52.75 -20.18
CA HIS O 284 24.36 53.96 -20.92
C HIS O 284 25.44 54.99 -20.63
N ALA O 285 26.11 55.33 -21.62
CA ALA O 285 27.25 56.20 -21.49
C ALA O 285 26.89 57.66 -21.77
N PRO O 286 27.33 58.62 -21.00
CA PRO O 286 28.19 58.65 -19.84
C PRO O 286 27.47 58.54 -18.53
N ASP O 287 26.16 58.43 -18.57
CA ASP O 287 25.23 58.92 -17.55
C ASP O 287 24.22 57.94 -16.92
N ILE O 288 24.50 56.68 -16.94
CA ILE O 288 23.73 55.66 -16.22
C ILE O 288 23.53 55.92 -14.71
N ILE O 289 24.44 56.61 -14.09
CA ILE O 289 24.52 57.11 -12.69
C ILE O 289 23.30 57.86 -12.18
N ARG O 290 22.52 58.37 -13.08
CA ARG O 290 21.29 59.11 -12.83
C ARG O 290 20.10 58.28 -12.38
N VAL O 291 20.15 56.99 -12.58
CA VAL O 291 19.22 56.00 -12.09
C VAL O 291 19.22 55.96 -10.53
N ALA O 292 20.29 56.36 -9.86
CA ALA O 292 20.46 56.48 -8.40
C ALA O 292 19.57 57.55 -7.74
N SER O 293 18.85 58.37 -8.51
CA SER O 293 17.83 59.36 -8.15
C SER O 293 16.39 58.84 -8.05
N GLN O 294 16.14 57.79 -8.50
CA GLN O 294 14.88 57.20 -8.61
C GLN O 294 14.55 56.25 -7.42
N PRO O 295 13.34 56.33 -6.92
CA PRO O 295 12.90 55.55 -5.72
C PRO O 295 12.71 54.05 -5.91
N ASN O 296 12.57 53.60 -7.09
CA ASN O 296 12.36 52.26 -7.54
C ASN O 296 13.63 51.49 -7.87
N VAL O 297 14.71 52.15 -7.91
CA VAL O 297 16.01 51.68 -8.22
C VAL O 297 16.77 51.42 -6.91
N LEU O 298 17.30 50.26 -6.84
CA LEU O 298 18.13 49.68 -5.80
C LEU O 298 19.52 49.56 -6.38
N PRO O 299 20.35 50.53 -6.14
CA PRO O 299 21.59 50.61 -6.84
C PRO O 299 22.78 49.98 -6.16
N SER O 300 23.52 49.38 -6.96
CA SER O 300 24.80 48.78 -6.80
C SER O 300 25.86 49.26 -7.71
N SER O 301 27.14 49.20 -7.19
CA SER O 301 28.43 49.32 -7.86
C SER O 301 29.23 48.02 -7.80
N THR O 302 30.01 47.74 -8.79
CA THR O 302 30.95 46.61 -8.76
C THR O 302 32.22 47.11 -8.07
N ASN O 303 32.96 46.21 -7.50
CA ASN O 303 34.04 46.61 -6.62
C ASN O 303 35.28 47.06 -7.37
N PRO O 304 35.79 47.05 -8.78
CA PRO O 304 37.12 47.52 -9.23
C PRO O 304 37.36 49.04 -9.20
N THR O 305 36.36 49.89 -9.14
CA THR O 305 36.42 51.34 -9.02
C THR O 305 36.47 51.92 -7.60
N LEU O 306 36.29 51.13 -6.60
CA LEU O 306 36.22 51.45 -5.20
C LEU O 306 37.39 50.84 -4.43
N PRO O 307 38.31 51.57 -3.88
CA PRO O 307 38.35 52.98 -3.89
C PRO O 307 38.96 53.47 -5.17
N TYR O 308 38.84 54.74 -5.42
CA TYR O 308 39.42 55.43 -6.57
C TYR O 308 40.85 55.74 -6.32
N GLY O 309 41.65 55.16 -7.14
CA GLY O 309 43.06 55.31 -7.08
C GLY O 309 43.73 55.74 -8.37
N VAL O 310 44.97 56.03 -8.22
CA VAL O 310 45.90 56.57 -9.20
C VAL O 310 46.16 55.65 -10.38
N ASN O 311 46.10 54.39 -10.18
CA ASN O 311 46.18 53.38 -11.19
C ASN O 311 44.82 52.98 -11.78
N SER O 312 43.73 53.58 -11.35
CA SER O 312 42.39 53.15 -11.71
C SER O 312 42.05 53.39 -13.17
N GLN O 313 42.50 54.47 -13.73
CA GLN O 313 42.17 54.79 -15.10
C GLN O 313 42.95 53.93 -16.08
N ALA O 314 44.23 53.85 -15.92
CA ALA O 314 45.10 52.90 -16.62
C ALA O 314 44.61 51.47 -16.67
N GLU O 315 44.09 50.98 -15.57
CA GLU O 315 43.68 49.62 -15.45
C GLU O 315 42.46 49.35 -16.28
N LEU O 316 41.48 50.19 -16.12
CA LEU O 316 40.15 50.03 -16.64
C LEU O 316 40.15 50.16 -18.13
N PHE O 317 40.86 51.14 -18.65
CA PHE O 317 41.10 51.34 -20.04
C PHE O 317 41.53 50.07 -20.67
N ASP O 318 42.62 49.58 -20.18
CA ASP O 318 43.26 48.45 -20.76
C ASP O 318 42.39 47.22 -20.66
N MET O 319 41.68 47.08 -19.56
CA MET O 319 40.75 45.98 -19.28
C MET O 319 39.61 45.84 -20.25
N ILE O 320 38.96 46.94 -20.59
CA ILE O 320 37.89 46.88 -21.57
C ILE O 320 38.42 46.55 -22.89
N MET O 321 39.51 47.17 -23.24
CA MET O 321 40.11 46.93 -24.49
C MET O 321 40.55 45.53 -24.67
N VAL O 322 40.61 44.76 -23.60
CA VAL O 322 40.72 43.34 -23.76
C VAL O 322 39.43 42.62 -23.47
N CYS O 323 38.65 43.11 -22.52
CA CYS O 323 37.37 42.49 -22.24
C CYS O 323 36.57 42.35 -23.53
N HIS O 324 36.56 43.39 -24.35
CA HIS O 324 35.83 43.45 -25.61
C HIS O 324 36.74 43.26 -26.83
N ASN O 325 37.85 42.56 -26.65
CA ASN O 325 38.85 42.40 -27.70
C ASN O 325 38.99 43.54 -28.71
N LEU O 326 39.21 44.74 -28.23
CA LEU O 326 39.29 45.82 -29.13
C LEU O 326 40.69 45.91 -29.70
N VAL O 334 38.26 53.09 -29.79
CA VAL O 334 38.85 53.91 -28.73
C VAL O 334 37.97 55.00 -28.26
N SER O 335 36.85 55.12 -28.92
CA SER O 335 35.90 56.13 -28.62
C SER O 335 34.74 55.50 -27.91
N PHE O 336 34.64 54.19 -27.99
CA PHE O 336 33.90 53.41 -27.03
C PHE O 336 34.66 53.36 -25.73
N ALA O 337 36.00 53.37 -25.78
CA ALA O 337 36.84 53.17 -24.59
C ALA O 337 36.83 54.36 -23.65
N GLU O 338 37.20 55.52 -24.13
CA GLU O 338 37.33 56.76 -23.36
C GLU O 338 35.99 57.38 -23.02
N SER O 339 34.94 56.80 -23.49
CA SER O 339 33.58 57.13 -23.14
C SER O 339 32.99 56.21 -22.09
N ARG O 340 33.58 55.05 -21.97
CA ARG O 340 33.27 54.00 -21.05
C ARG O 340 33.99 54.21 -19.75
N VAL O 341 35.15 54.83 -19.80
CA VAL O 341 36.07 54.92 -18.73
C VAL O 341 36.33 56.39 -18.48
N ARG O 342 35.65 56.89 -17.48
CA ARG O 342 35.48 58.27 -17.12
C ARG O 342 35.93 58.60 -15.71
N PRO O 343 37.08 59.24 -15.54
CA PRO O 343 37.54 59.61 -14.19
C PRO O 343 36.52 60.33 -13.34
N GLU O 344 35.75 61.18 -14.00
CA GLU O 344 34.73 62.01 -13.37
C GLU O 344 33.60 61.24 -12.76
N THR O 345 33.13 60.22 -13.42
CA THR O 345 32.03 59.48 -12.88
C THR O 345 32.49 58.45 -11.81
N ILE O 346 33.74 58.01 -11.91
CA ILE O 346 34.35 57.06 -11.00
C ILE O 346 34.50 57.70 -9.63
N ALA O 347 35.08 58.88 -9.57
CA ALA O 347 35.08 59.73 -8.41
C ALA O 347 33.72 59.98 -7.85
N ALA O 348 32.79 60.22 -8.72
CA ALA O 348 31.45 60.49 -8.33
C ALA O 348 30.84 59.29 -7.62
N GLU O 349 31.13 58.08 -8.10
CA GLU O 349 30.63 56.83 -7.53
C GLU O 349 31.03 56.72 -6.02
N ASN O 350 32.25 57.01 -5.72
CA ASN O 350 32.93 57.07 -4.44
C ASN O 350 32.20 58.01 -3.48
N VAL O 351 31.87 59.16 -3.95
CA VAL O 351 31.16 60.16 -3.19
C VAL O 351 29.75 59.75 -2.90
N LEU O 352 29.10 59.23 -3.86
CA LEU O 352 27.74 58.85 -3.73
C LEU O 352 27.52 57.70 -2.73
N HIS O 353 28.49 56.82 -2.70
CA HIS O 353 28.63 55.77 -1.72
C HIS O 353 28.63 56.33 -0.33
N ASP O 354 29.54 57.23 -0.06
CA ASP O 354 29.67 57.95 1.18
C ASP O 354 28.47 58.74 1.59
N MET O 355 27.68 59.15 0.68
CA MET O 355 26.42 59.85 0.90
C MET O 355 25.23 58.96 1.23
N GLY O 356 25.31 57.71 0.97
CA GLY O 356 24.20 56.81 1.00
C GLY O 356 23.28 56.80 -0.21
N VAL O 357 23.78 57.18 -1.35
CA VAL O 357 23.07 57.23 -2.61
C VAL O 357 23.24 55.95 -3.47
N ILE O 358 24.37 55.29 -3.45
CA ILE O 358 24.59 53.93 -3.98
C ILE O 358 24.61 52.93 -2.80
N SER O 359 23.75 51.98 -2.82
CA SER O 359 23.34 51.26 -1.68
C SER O 359 24.05 49.90 -1.40
N MET O 360 24.78 49.36 -2.32
CA MET O 360 25.46 48.08 -2.40
C MET O 360 26.72 47.98 -3.23
N PHE O 361 27.65 47.23 -2.68
CA PHE O 361 28.82 46.74 -3.24
C PHE O 361 28.55 45.32 -3.78
N SER O 362 29.31 44.92 -4.76
CA SER O 362 29.29 43.70 -5.55
C SER O 362 30.57 43.51 -6.30
N SER O 363 30.65 42.20 -6.83
CA SER O 363 31.93 41.86 -7.43
C SER O 363 31.84 41.81 -8.93
N ASP O 364 31.05 41.31 -9.53
CA ASP O 364 31.16 41.13 -10.97
C ASP O 364 32.23 40.05 -11.31
N SER O 365 32.30 39.00 -10.49
CA SER O 365 33.38 38.02 -10.40
C SER O 365 33.87 37.55 -11.73
N GLN O 366 35.14 37.77 -12.00
CA GLN O 366 35.88 37.38 -13.20
C GLN O 366 35.25 37.84 -14.52
N ALA O 367 34.50 38.90 -14.39
CA ALA O 367 33.91 39.81 -15.34
C ALA O 367 33.97 41.28 -14.87
N MET O 368 35.15 41.71 -14.63
CA MET O 368 35.77 42.92 -14.20
C MET O 368 35.98 43.21 -12.70
N GLY O 369 35.37 42.44 -11.83
CA GLY O 369 35.61 42.61 -10.39
C GLY O 369 36.18 41.39 -9.67
N ARG O 370 36.28 41.42 -8.32
CA ARG O 370 37.14 40.64 -7.42
C ARG O 370 36.32 40.15 -6.20
N VAL O 371 35.83 38.95 -6.33
CA VAL O 371 35.06 38.10 -5.48
C VAL O 371 35.59 37.96 -4.11
N GLY O 372 36.85 38.11 -3.94
CA GLY O 372 37.52 38.04 -2.64
C GLY O 372 38.01 39.31 -1.99
N GLU O 373 37.43 40.40 -2.37
CA GLU O 373 37.78 41.75 -2.02
C GLU O 373 36.62 42.73 -1.66
N ASN O 374 35.41 42.30 -1.57
CA ASN O 374 34.22 43.08 -1.21
C ASN O 374 34.26 43.66 0.21
N TRP O 375 34.64 42.85 1.19
CA TRP O 375 34.80 43.30 2.58
C TRP O 375 36.03 44.18 2.65
N LEU O 376 37.13 43.82 1.97
CA LEU O 376 38.36 44.62 1.89
C LEU O 376 38.10 45.99 1.27
N ARG O 377 37.27 46.08 0.25
CA ARG O 377 37.27 47.29 -0.54
C ARG O 377 36.38 48.37 0.10
N VAL O 378 35.29 47.94 0.66
CA VAL O 378 34.32 48.58 1.52
C VAL O 378 35.01 49.38 2.63
N MET O 379 35.84 48.74 3.37
CA MET O 379 36.70 49.31 4.39
C MET O 379 37.73 50.24 3.82
N GLN O 380 38.30 49.87 2.76
CA GLN O 380 39.26 50.70 2.04
C GLN O 380 38.64 52.06 1.56
N THR O 381 37.42 52.02 1.10
CA THR O 381 36.61 53.13 0.62
C THR O 381 36.20 54.07 1.77
N ALA O 382 35.61 53.55 2.85
CA ALA O 382 35.28 54.26 4.06
C ALA O 382 36.42 55.08 4.58
N ASN O 383 37.58 54.54 4.59
CA ASN O 383 38.81 55.13 5.05
C ASN O 383 39.39 56.13 4.11
N ALA O 384 39.33 55.92 2.82
CA ALA O 384 39.78 56.93 1.86
C ALA O 384 38.88 58.16 1.92
N MET O 385 37.63 57.94 2.06
CA MET O 385 36.58 58.94 2.13
C MET O 385 36.59 59.77 3.42
N LYS O 386 36.91 59.18 4.57
CA LYS O 386 37.10 59.91 5.80
C LYS O 386 38.21 60.91 5.65
N ALA O 387 39.27 60.47 5.09
CA ALA O 387 40.40 61.28 4.79
C ALA O 387 40.04 62.50 3.93
N SER O 388 39.35 62.30 2.84
CA SER O 388 39.02 63.35 1.87
C SER O 388 37.91 64.28 2.26
N ARG O 389 36.92 63.81 2.95
CA ARG O 389 35.69 64.48 3.25
C ARG O 389 35.51 64.83 4.70
N GLY O 390 36.22 64.20 5.59
CA GLY O 390 35.99 64.14 6.99
C GLY O 390 34.79 63.41 7.46
N LYS O 391 34.31 63.82 8.61
CA LYS O 391 33.21 63.19 9.26
C LYS O 391 31.95 63.49 8.55
N LEU O 392 31.27 62.47 8.25
CA LEU O 392 29.91 62.60 7.92
C LEU O 392 29.18 63.42 8.94
N PRO O 393 28.17 64.13 8.50
CA PRO O 393 27.47 65.07 9.39
C PRO O 393 26.79 64.44 10.54
N GLU O 394 26.20 63.29 10.30
CA GLU O 394 25.60 62.39 11.27
C GLU O 394 26.59 61.62 12.14
N ASP O 395 27.87 61.59 11.84
CA ASP O 395 28.81 61.03 12.77
C ASP O 395 28.76 61.80 14.09
N ALA O 396 29.01 61.12 15.02
CA ALA O 396 29.36 61.50 16.37
C ALA O 396 30.81 61.90 16.46
N PRO O 397 31.12 62.90 17.24
CA PRO O 397 32.48 63.44 17.21
C PRO O 397 33.57 62.51 17.58
N GLY O 398 33.37 61.66 18.54
CA GLY O 398 34.47 60.84 18.92
C GLY O 398 34.69 59.60 18.08
N ASN O 399 33.70 59.18 17.31
CA ASN O 399 33.70 57.94 16.56
C ASN O 399 33.10 57.95 15.15
N ASP O 400 33.49 56.91 14.43
CA ASP O 400 33.18 56.58 13.08
C ASP O 400 32.12 55.53 12.86
N ASN O 401 31.29 55.29 13.83
CA ASN O 401 30.21 54.34 13.80
C ASN O 401 29.21 54.58 12.66
N PHE O 402 28.66 55.77 12.53
CA PHE O 402 27.72 56.11 11.49
C PHE O 402 28.25 55.70 10.13
N ARG O 403 29.47 56.07 9.85
CA ARG O 403 30.13 55.77 8.63
C ARG O 403 30.29 54.27 8.39
N VAL O 404 30.99 53.61 9.28
CA VAL O 404 31.27 52.21 9.22
C VAL O 404 30.05 51.44 8.95
N LEU O 405 29.03 51.74 9.68
N LEU O 405 29.03 51.73 9.67
CA LEU O 405 27.77 51.09 9.62
CA LEU O 405 27.79 51.04 9.57
C LEU O 405 27.06 51.31 8.26
C LEU O 405 27.05 51.31 8.25
N ARG O 406 27.21 52.44 7.68
CA ARG O 406 26.70 52.70 6.31
C ARG O 406 27.27 51.67 5.31
N TYR O 407 28.57 51.59 5.36
CA TYR O 407 29.43 50.70 4.55
C TYR O 407 29.09 49.21 4.73
N VAL O 408 28.95 48.75 5.93
CA VAL O 408 28.55 47.41 6.34
C VAL O 408 27.20 47.03 5.82
N ALA O 409 26.28 47.92 5.79
CA ALA O 409 25.00 47.70 5.22
C ALA O 409 25.05 47.31 3.72
N LYS O 410 26.02 47.80 3.06
CA LYS O 410 26.32 47.67 1.68
C LYS O 410 26.60 46.22 1.26
N ILE O 411 27.31 45.45 2.08
CA ILE O 411 27.67 44.05 1.89
C ILE O 411 26.89 43.04 2.68
N THR O 412 25.99 43.45 3.54
CA THR O 412 25.15 42.70 4.44
C THR O 412 23.65 42.83 4.28
N ILE O 413 23.04 43.77 4.88
CA ILE O 413 21.64 43.79 4.94
C ILE O 413 20.97 44.28 3.63
N ASN O 414 21.61 45.17 2.99
CA ASN O 414 21.10 45.76 1.76
C ASN O 414 21.01 44.78 0.59
N PRO O 415 22.05 44.12 0.21
CA PRO O 415 21.89 42.97 -0.68
C PRO O 415 20.77 41.96 -0.37
N ALA O 416 20.63 41.63 0.85
CA ALA O 416 19.59 40.74 1.31
C ALA O 416 18.23 41.26 1.04
N ILE O 417 18.05 42.47 1.33
CA ILE O 417 16.76 43.10 1.14
C ILE O 417 16.41 43.13 -0.35
N ALA O 418 17.36 43.45 -1.14
CA ALA O 418 17.25 43.55 -2.61
C ALA O 418 16.80 42.25 -3.29
N GLN O 419 17.17 41.13 -2.78
CA GLN O 419 16.97 39.81 -3.36
C GLN O 419 15.92 38.95 -2.57
N GLY O 420 15.33 39.52 -1.65
CA GLY O 420 14.30 39.10 -0.77
C GLY O 420 14.55 37.98 0.17
N VAL O 421 15.64 38.04 0.79
CA VAL O 421 16.21 37.15 1.79
C VAL O 421 16.66 37.66 3.17
N SER O 422 16.24 38.83 3.50
CA SER O 422 16.47 39.49 4.76
C SER O 422 15.69 38.90 5.87
N HIS O 423 14.75 38.12 5.60
CA HIS O 423 14.07 37.32 6.55
C HIS O 423 14.88 36.14 7.16
N VAL O 424 15.85 35.68 6.48
CA VAL O 424 16.72 34.60 6.82
C VAL O 424 18.17 34.89 6.99
N ILE O 425 18.68 35.82 6.32
CA ILE O 425 20.04 36.24 6.33
C ILE O 425 20.24 37.76 6.25
N GLY O 426 21.44 38.20 6.42
CA GLY O 426 22.01 39.54 6.36
C GLY O 426 22.31 40.46 7.53
N SER O 427 21.90 40.14 8.73
CA SER O 427 22.05 40.86 9.97
C SER O 427 22.15 39.81 11.11
N VAL O 428 22.79 40.22 12.13
CA VAL O 428 22.88 39.61 13.44
C VAL O 428 21.73 40.02 14.28
N GLU O 429 20.67 39.28 14.19
CA GLU O 429 19.40 39.55 14.76
C GLU O 429 18.73 38.21 15.09
N VAL O 430 17.93 38.30 16.10
CA VAL O 430 17.21 37.16 16.56
C VAL O 430 16.23 36.70 15.49
N GLY O 431 16.26 35.47 15.32
CA GLY O 431 15.59 34.58 14.44
C GLY O 431 16.21 34.23 13.10
N LYS O 432 17.30 34.79 12.77
CA LYS O 432 18.07 34.61 11.62
C LYS O 432 19.10 33.50 11.66
N MET O 433 19.32 32.98 10.44
N MET O 433 19.31 32.99 10.45
CA MET O 433 20.27 31.90 10.12
CA MET O 433 20.27 31.90 10.14
C MET O 433 21.63 32.34 10.65
C MET O 433 21.63 32.34 10.65
N ALA O 434 22.31 31.39 11.43
CA ALA O 434 23.64 31.97 11.87
C ALA O 434 24.69 31.89 10.76
N ASP O 435 24.72 32.84 9.80
CA ASP O 435 25.69 33.12 8.68
C ASP O 435 26.50 34.34 9.21
N LEU O 436 27.60 34.10 9.82
CA LEU O 436 28.45 34.89 10.66
C LEU O 436 29.92 34.67 10.36
N VAL O 437 30.58 35.72 10.56
CA VAL O 437 31.96 36.00 10.46
C VAL O 437 32.51 36.66 11.71
N LEU O 438 33.60 36.08 12.15
CA LEU O 438 34.55 36.47 13.17
C LEU O 438 35.88 36.98 12.69
N TRP O 439 36.18 38.11 13.13
CA TRP O 439 37.34 38.87 12.84
C TRP O 439 38.19 39.34 14.01
N ASP O 440 39.40 39.30 13.84
CA ASP O 440 40.35 40.02 14.63
C ASP O 440 40.41 41.46 14.21
N PRO O 441 40.24 42.42 15.13
CA PRO O 441 40.35 43.83 14.76
C PRO O 441 41.51 44.25 14.04
N ARG O 442 42.60 43.68 14.33
CA ARG O 442 43.80 43.91 13.66
C ARG O 442 43.76 43.67 12.12
N PHE O 443 42.90 42.77 11.68
CA PHE O 443 42.67 42.20 10.36
C PHE O 443 41.27 42.47 9.77
N PHE O 444 40.47 43.31 10.38
CA PHE O 444 39.11 43.61 10.06
C PHE O 444 38.91 43.95 8.58
N GLY O 445 38.01 43.29 7.92
CA GLY O 445 37.78 43.38 6.49
C GLY O 445 38.53 42.56 5.50
N ALA O 446 39.72 42.25 5.83
CA ALA O 446 40.77 41.60 5.10
C ALA O 446 40.83 40.12 5.27
N LYS O 447 41.12 39.68 6.47
CA LYS O 447 41.44 38.31 6.86
C LYS O 447 40.65 37.82 8.06
N PRO O 448 39.56 37.16 7.87
CA PRO O 448 38.81 36.66 8.96
C PRO O 448 39.41 35.47 9.69
N LYS O 449 38.91 35.26 10.83
CA LYS O 449 39.25 34.11 11.68
C LYS O 449 38.47 32.87 11.23
N MET O 450 37.20 32.99 11.10
CA MET O 450 36.18 32.03 10.75
C MET O 450 34.86 32.51 10.27
N VAL O 451 34.27 31.62 9.54
CA VAL O 451 32.99 31.58 9.02
C VAL O 451 32.16 30.46 9.52
N ILE O 452 31.12 30.88 10.09
CA ILE O 452 30.01 30.18 10.61
C ILE O 452 28.83 30.29 9.69
N LYS O 453 28.47 29.09 9.21
CA LYS O 453 27.65 28.76 8.12
C LYS O 453 26.71 27.69 8.69
N GLY O 454 25.53 28.10 8.89
CA GLY O 454 24.38 27.51 9.34
C GLY O 454 24.49 27.00 10.77
N GLY O 455 25.31 27.61 11.56
CA GLY O 455 25.57 27.22 12.90
C GLY O 455 26.80 26.40 13.18
N MET O 456 27.49 25.89 12.16
CA MET O 456 28.77 25.24 12.08
C MET O 456 29.78 26.07 11.36
N ILE O 457 31.00 25.94 11.79
CA ILE O 457 32.20 26.47 11.27
C ILE O 457 32.50 25.66 10.00
N ASN O 458 32.44 26.33 8.90
CA ASN O 458 32.67 25.80 7.57
C ASN O 458 33.99 26.11 6.96
N TRP O 459 34.63 27.14 7.36
CA TRP O 459 35.79 27.77 6.85
C TRP O 459 36.50 28.57 7.92
N ALA O 460 37.75 28.43 7.91
CA ALA O 460 38.77 28.87 8.85
C ALA O 460 40.24 28.86 8.46
N ALA O 461 40.93 29.80 9.03
CA ALA O 461 42.34 29.93 9.05
C ALA O 461 42.91 28.97 10.10
N MET O 462 43.57 28.02 9.62
CA MET O 462 44.10 26.81 10.20
C MET O 462 45.52 26.59 9.77
N GLY O 463 46.43 26.34 10.76
CA GLY O 463 47.76 25.87 10.54
C GLY O 463 47.90 24.37 10.64
N ASP O 464 49.11 23.91 10.89
CA ASP O 464 49.64 22.55 10.59
C ASP O 464 48.64 21.61 11.25
N PRO O 465 47.88 20.77 10.53
CA PRO O 465 47.02 19.77 11.16
C PRO O 465 47.78 18.73 12.01
N ASN O 466 49.07 18.52 11.79
CA ASN O 466 49.95 17.65 12.57
C ASN O 466 50.51 18.31 13.80
N ALA O 467 50.25 19.56 14.00
CA ALA O 467 50.95 20.23 15.03
C ALA O 467 50.21 19.97 16.34
N SER O 468 50.84 20.33 17.37
CA SER O 468 50.38 20.31 18.76
C SER O 468 49.45 21.44 19.12
N LEU O 469 49.36 22.44 18.31
CA LEU O 469 48.30 23.44 18.33
C LEU O 469 47.69 23.71 16.97
N PRO O 470 46.62 24.49 16.93
CA PRO O 470 46.00 24.96 15.69
C PRO O 470 46.61 26.14 15.05
N THR O 471 47.53 26.73 15.65
CA THR O 471 48.15 27.94 15.27
C THR O 471 49.48 27.83 14.63
N PRO O 472 50.16 26.70 14.67
CA PRO O 472 51.42 26.67 14.05
C PRO O 472 51.39 26.67 12.51
N GLN O 473 52.39 27.25 11.98
CA GLN O 473 52.60 27.61 10.57
C GLN O 473 52.79 26.36 9.70
N PRO O 474 52.28 26.35 8.45
CA PRO O 474 51.62 27.43 7.76
C PRO O 474 50.15 27.55 8.03
N VAL O 475 49.74 28.73 8.30
CA VAL O 475 48.36 29.10 8.48
C VAL O 475 47.80 29.60 7.13
N PHE O 476 46.79 28.95 6.68
CA PHE O 476 46.04 29.16 5.46
C PHE O 476 44.61 28.59 5.60
N TYR O 477 43.71 29.15 4.83
CA TYR O 477 42.34 28.90 4.80
C TYR O 477 42.04 27.57 4.17
N ARG O 478 41.27 26.88 4.84
CA ARG O 478 40.86 25.50 4.85
C ARG O 478 39.41 25.24 5.18
N PRO O 479 38.79 24.34 4.47
CA PRO O 479 37.55 23.85 4.92
C PRO O 479 37.56 23.13 6.25
N MET O 480 36.49 23.27 6.85
CA MET O 480 36.12 22.70 8.12
C MET O 480 34.92 21.73 8.00
N PHE O 481 34.47 21.14 9.09
CA PHE O 481 33.42 20.10 9.16
C PHE O 481 32.05 20.53 8.63
N GLY O 482 31.66 21.77 8.78
CA GLY O 482 30.48 22.26 8.16
C GLY O 482 30.53 22.22 6.61
N ALA O 483 31.68 22.23 6.06
CA ALA O 483 32.12 22.07 4.69
C ALA O 483 32.35 20.62 4.24
N MET O 484 31.91 19.68 4.99
CA MET O 484 32.20 18.27 4.93
C MET O 484 30.95 17.47 4.99
N GLY O 485 31.01 16.38 4.31
CA GLY O 485 30.02 15.51 4.20
C GLY O 485 28.66 15.96 3.78
N LYS O 486 27.66 15.36 4.41
CA LYS O 486 26.26 15.78 4.23
C LYS O 486 25.92 17.11 4.97
N THR O 487 26.70 17.57 5.92
CA THR O 487 26.49 18.78 6.65
C THR O 487 26.58 20.06 5.79
N MET O 488 27.53 20.04 4.83
N MET O 488 27.55 20.01 4.89
CA MET O 488 27.78 21.16 3.84
CA MET O 488 27.82 21.02 3.83
C MET O 488 26.37 21.47 3.18
C MET O 488 26.43 21.43 3.19
N GLN O 489 25.54 20.52 2.67
CA GLN O 489 24.27 20.72 2.16
C GLN O 489 23.28 21.13 3.22
N ASP O 490 23.33 20.52 4.39
CA ASP O 490 22.47 20.81 5.49
C ASP O 490 22.55 22.24 6.00
N THR O 491 23.65 22.84 5.91
CA THR O 491 24.03 24.10 6.41
C THR O 491 24.02 25.21 5.36
N CYS O 492 23.73 24.83 4.10
CA CYS O 492 23.71 25.73 2.93
C CYS O 492 22.28 25.76 2.34
N VAL O 493 21.88 26.89 1.87
CA VAL O 493 20.62 27.28 1.26
C VAL O 493 20.81 27.51 -0.24
N THR O 494 19.96 27.00 -0.93
CA THR O 494 19.60 27.26 -2.30
C THR O 494 18.24 27.99 -2.31
N PHE O 495 18.37 29.21 -2.53
CA PHE O 495 17.31 30.13 -2.83
C PHE O 495 16.67 29.91 -4.21
N VAL O 496 15.41 29.92 -4.17
CA VAL O 496 14.45 29.78 -5.19
C VAL O 496 13.17 30.66 -5.11
N SER O 497 12.46 30.67 -6.19
CA SER O 497 11.15 31.28 -6.38
C SER O 497 10.12 30.44 -5.60
N GLN O 498 9.17 31.07 -5.06
CA GLN O 498 7.98 30.47 -4.47
C GLN O 498 7.25 29.57 -5.41
N ALA O 499 7.22 29.93 -6.69
CA ALA O 499 6.66 29.19 -7.78
C ALA O 499 7.27 27.80 -7.88
N ALA O 500 8.53 27.79 -7.84
CA ALA O 500 9.38 26.62 -7.87
C ALA O 500 9.22 25.75 -6.63
N LEU O 501 9.22 26.37 -5.49
CA LEU O 501 9.05 25.75 -4.21
C LEU O 501 7.73 25.00 -4.18
N ASP O 502 6.70 25.65 -4.62
CA ASP O 502 5.38 25.18 -4.63
C ASP O 502 5.19 24.01 -5.64
N ASP O 503 5.89 24.01 -6.74
CA ASP O 503 5.98 23.02 -7.79
C ASP O 503 6.87 21.84 -7.44
N GLY O 504 7.44 21.80 -6.27
CA GLY O 504 8.34 20.80 -5.81
C GLY O 504 9.73 20.68 -6.28
N VAL O 505 10.37 21.78 -6.55
CA VAL O 505 11.71 21.89 -7.05
C VAL O 505 12.70 21.01 -6.28
N LYS O 506 12.52 20.93 -5.00
CA LYS O 506 13.39 20.19 -4.11
C LYS O 506 13.40 18.70 -4.45
N GLU O 507 12.26 18.10 -4.63
CA GLU O 507 12.03 16.72 -5.10
C GLU O 507 12.46 16.54 -6.55
N LYS O 508 11.89 17.31 -7.45
CA LYS O 508 12.09 17.30 -8.90
C LYS O 508 13.54 17.34 -9.31
N ALA O 509 14.29 18.23 -8.76
CA ALA O 509 15.72 18.46 -8.92
C ALA O 509 16.59 17.64 -8.01
N GLY O 510 16.00 17.05 -7.02
CA GLY O 510 16.69 16.21 -6.15
C GLY O 510 17.72 16.85 -5.27
N LEU O 511 17.43 17.99 -4.71
CA LEU O 511 18.29 18.80 -3.95
C LEU O 511 18.24 18.37 -2.47
N ASP O 512 19.39 18.26 -1.88
CA ASP O 512 19.61 18.03 -0.49
C ASP O 512 19.87 19.32 0.32
N ARG O 513 20.19 20.42 -0.34
CA ARG O 513 20.35 21.75 0.25
C ARG O 513 19.08 22.13 0.95
N GLN O 514 19.16 23.07 1.86
CA GLN O 514 17.98 23.78 2.29
C GLN O 514 17.49 24.60 1.08
N VAL O 515 16.25 24.51 0.80
CA VAL O 515 15.53 25.23 -0.28
C VAL O 515 14.51 26.18 0.32
N ILE O 516 14.76 27.43 0.20
CA ILE O 516 14.07 28.59 0.76
C ILE O 516 13.58 29.55 -0.34
N ALA O 517 12.32 29.90 -0.28
CA ALA O 517 11.64 30.80 -1.19
C ALA O 517 12.05 32.21 -0.89
N VAL O 518 12.58 32.90 -1.86
CA VAL O 518 12.65 34.37 -1.83
C VAL O 518 11.29 35.07 -1.68
N LYS O 519 11.28 36.21 -0.99
CA LYS O 519 10.02 36.90 -0.68
C LYS O 519 10.33 38.38 -0.41
N ASN O 520 9.46 39.28 -0.69
CA ASN O 520 9.48 40.73 -0.46
C ASN O 520 10.40 41.56 -1.39
N CYS O 521 10.46 41.23 -2.63
CA CYS O 521 11.38 41.79 -3.65
C CYS O 521 10.72 43.02 -4.38
N ARG O 522 9.45 43.05 -4.53
CA ARG O 522 8.66 43.93 -5.41
C ARG O 522 8.00 45.15 -4.76
N THR O 523 7.83 45.15 -3.49
CA THR O 523 7.24 46.23 -2.67
C THR O 523 8.29 47.20 -2.06
N ILE O 524 9.44 46.91 -2.16
CA ILE O 524 10.62 47.62 -1.73
C ILE O 524 11.03 48.68 -2.72
N SER O 525 11.63 49.68 -2.17
CA SER O 525 12.19 50.83 -2.73
C SER O 525 13.47 51.23 -2.05
N LYS O 526 14.06 52.23 -2.60
CA LYS O 526 15.30 52.77 -2.16
C LYS O 526 15.29 53.14 -0.70
N HIS O 527 14.20 53.67 -0.23
CA HIS O 527 13.99 54.10 1.15
C HIS O 527 13.90 52.97 2.16
N ASP O 528 13.65 51.76 1.74
CA ASP O 528 13.73 50.57 2.56
C ASP O 528 15.13 50.07 2.77
N LEU O 529 16.03 50.68 2.18
CA LEU O 529 17.37 50.28 2.28
C LEU O 529 17.88 50.91 3.57
N VAL O 530 18.87 50.30 4.17
CA VAL O 530 19.42 50.62 5.48
C VAL O 530 20.70 51.41 5.33
N ARG O 531 20.66 52.60 5.85
CA ARG O 531 21.64 53.64 5.90
C ARG O 531 22.06 54.18 4.52
N ASN O 532 21.38 53.80 3.47
CA ASN O 532 21.72 54.13 2.12
C ASN O 532 20.43 54.39 1.33
N ASP O 533 19.64 55.32 1.80
CA ASP O 533 18.27 55.57 1.40
C ASP O 533 18.00 56.90 0.70
N GLN O 534 19.00 57.62 0.33
CA GLN O 534 19.05 58.90 -0.35
C GLN O 534 18.83 58.87 -1.88
N THR O 535 17.90 59.71 -2.32
CA THR O 535 17.45 59.96 -3.69
C THR O 535 17.66 61.42 -4.13
N PRO O 536 18.87 61.88 -4.30
CA PRO O 536 19.05 63.25 -4.79
C PRO O 536 18.97 63.40 -6.29
N ASN O 537 18.99 64.65 -6.72
CA ASN O 537 19.11 65.01 -8.13
C ASN O 537 20.52 64.78 -8.61
N ILE O 538 20.66 63.98 -9.63
CA ILE O 538 21.94 63.72 -10.25
C ILE O 538 21.97 64.15 -11.72
N GLU O 539 22.93 64.96 -12.02
CA GLU O 539 23.22 65.53 -13.32
C GLU O 539 24.63 65.21 -13.76
N VAL O 540 24.75 64.81 -14.98
CA VAL O 540 25.98 64.51 -15.66
C VAL O 540 26.10 65.33 -16.94
N ASP O 541 27.18 65.96 -17.08
CA ASP O 541 27.57 66.77 -18.22
C ASP O 541 27.99 65.96 -19.43
N PRO O 542 27.21 65.97 -20.51
CA PRO O 542 27.50 65.13 -21.69
C PRO O 542 28.79 65.46 -22.38
N GLU O 543 29.41 66.58 -22.11
CA GLU O 543 30.75 66.86 -22.64
C GLU O 543 31.88 66.37 -21.75
N THR O 544 31.98 66.92 -20.58
CA THR O 544 33.02 66.71 -19.62
C THR O 544 32.73 65.64 -18.58
N PHE O 545 31.53 65.06 -18.56
CA PHE O 545 31.13 63.92 -17.74
C PHE O 545 31.10 64.25 -16.26
N ALA O 546 31.20 65.53 -15.93
CA ALA O 546 31.17 66.07 -14.58
C ALA O 546 29.80 65.75 -13.95
N VAL O 547 29.74 65.35 -12.70
CA VAL O 547 28.58 65.01 -11.91
C VAL O 547 28.31 66.00 -10.80
N LYS O 548 27.10 66.44 -10.81
CA LYS O 548 26.45 67.30 -9.88
C LYS O 548 25.35 66.55 -9.19
N VAL O 549 25.32 66.63 -7.85
CA VAL O 549 24.40 65.91 -6.96
C VAL O 549 23.75 67.02 -6.17
N ASP O 550 22.45 67.25 -6.33
CA ASP O 550 21.71 68.44 -5.81
C ASP O 550 22.52 69.72 -6.13
N GLY O 551 23.02 69.89 -7.35
CA GLY O 551 23.86 71.03 -7.78
C GLY O 551 25.30 71.07 -7.29
N VAL O 552 25.88 70.08 -6.60
CA VAL O 552 27.19 70.14 -6.05
C VAL O 552 28.02 69.12 -6.77
N HIS O 553 29.12 69.59 -7.25
CA HIS O 553 30.08 68.84 -7.92
C HIS O 553 30.53 67.72 -7.00
N ALA O 554 30.46 66.51 -7.52
CA ALA O 554 30.75 65.27 -6.81
C ALA O 554 32.04 64.71 -7.32
N THR O 555 33.12 65.04 -6.62
CA THR O 555 34.43 64.51 -6.90
C THR O 555 35.27 64.40 -5.62
N CYS O 556 36.36 63.68 -5.75
CA CYS O 556 37.40 63.45 -4.79
C CYS O 556 38.58 63.01 -5.65
N GLU O 557 39.75 63.06 -5.09
CA GLU O 557 41.06 62.85 -5.60
C GLU O 557 41.52 61.43 -5.39
N PRO O 558 42.22 60.84 -6.32
CA PRO O 558 42.69 59.50 -6.07
C PRO O 558 43.76 59.35 -5.05
N ILE O 559 43.60 58.25 -4.37
CA ILE O 559 44.52 57.71 -3.40
C ILE O 559 45.71 57.11 -4.10
N ASP O 560 46.85 57.35 -3.52
CA ASP O 560 48.09 56.64 -3.71
C ASP O 560 48.17 55.33 -2.94
N THR O 561 47.84 55.37 -1.65
CA THR O 561 47.98 54.25 -0.72
C THR O 561 46.67 53.83 -0.08
N ALA O 562 46.32 52.61 -0.33
CA ALA O 562 45.27 51.89 0.30
C ALA O 562 45.71 51.24 1.62
N ALA O 563 44.78 51.28 2.61
CA ALA O 563 44.83 50.60 3.92
C ALA O 563 44.38 49.13 3.73
N MET O 564 44.80 48.21 4.61
CA MET O 564 44.41 46.80 4.63
C MET O 564 44.89 46.24 3.27
N ASN O 565 46.07 46.57 2.84
CA ASN O 565 46.44 46.32 1.43
C ASN O 565 47.78 45.58 1.37
N GLN O 566 48.91 46.20 1.07
CA GLN O 566 50.24 45.55 0.87
C GLN O 566 50.83 45.06 2.22
N ARG O 567 50.45 45.60 3.35
CA ARG O 567 50.84 45.17 4.69
C ARG O 567 50.44 43.75 5.04
N TYR O 568 49.31 43.36 4.68
CA TYR O 568 48.50 42.19 4.95
C TYR O 568 48.54 41.07 3.89
N PHE O 569 48.85 41.35 2.66
CA PHE O 569 48.68 40.45 1.55
C PHE O 569 49.99 40.23 0.78
N PHE O 570 50.29 38.98 0.50
CA PHE O 570 51.27 38.49 -0.45
C PHE O 570 50.75 38.47 -1.90
N GLY O 571 49.44 38.31 -2.09
CA GLY O 571 48.56 37.94 -3.27
C GLY O 571 49.27 38.42 -4.51
N MET P 1 4.78 -59.22 14.40
CA MET P 1 3.46 -59.54 14.94
C MET P 1 2.30 -58.58 14.64
N GLN P 2 2.64 -57.47 14.06
CA GLN P 2 1.87 -56.45 13.56
C GLN P 2 0.74 -56.02 14.54
N LEU P 3 1.19 -55.60 15.66
CA LEU P 3 0.35 -55.13 16.74
C LEU P 3 -0.25 -53.78 16.51
N THR P 4 -1.52 -53.78 16.54
CA THR P 4 -2.45 -52.72 16.49
C THR P 4 -2.62 -52.04 17.83
N PRO P 5 -3.02 -50.80 17.84
CA PRO P 5 -3.27 -50.10 19.10
C PRO P 5 -4.10 -50.85 20.17
N ARG P 6 -5.12 -51.56 19.76
CA ARG P 6 -5.99 -52.39 20.62
C ARG P 6 -5.28 -53.55 21.29
N GLU P 7 -4.39 -54.15 20.60
CA GLU P 7 -3.49 -55.22 21.02
C GLU P 7 -2.44 -54.74 22.00
N VAL P 8 -1.81 -53.65 21.73
CA VAL P 8 -0.82 -53.09 22.58
C VAL P 8 -1.46 -52.69 23.93
N GLU P 9 -2.59 -52.00 23.89
CA GLU P 9 -3.33 -51.51 25.07
C GLU P 9 -3.64 -52.62 26.05
N LYS P 10 -3.96 -53.76 25.57
CA LYS P 10 -4.26 -54.88 26.37
C LYS P 10 -3.09 -55.44 27.13
N LEU P 11 -1.84 -55.15 26.77
CA LEU P 11 -0.70 -55.53 27.56
C LEU P 11 -0.72 -54.91 28.98
N MET P 12 -1.25 -53.68 29.12
CA MET P 12 -1.37 -53.01 30.44
C MET P 12 -2.17 -53.94 31.36
N ILE P 13 -3.25 -54.53 30.89
CA ILE P 13 -4.16 -55.36 31.69
C ILE P 13 -3.45 -56.58 32.23
N TYR P 14 -2.74 -57.23 31.39
CA TYR P 14 -1.95 -58.41 31.67
C TYR P 14 -0.88 -58.21 32.70
N THR P 15 -0.23 -57.06 32.65
CA THR P 15 0.83 -56.66 33.59
C THR P 15 0.26 -56.33 34.98
N LEU P 16 -0.79 -55.52 35.02
N LEU P 16 -0.79 -55.52 35.02
CA LEU P 16 -1.40 -55.12 36.33
CA LEU P 16 -1.40 -55.12 36.33
C LEU P 16 -1.97 -56.44 36.99
C LEU P 16 -1.97 -56.44 36.99
N SER P 17 -2.77 -57.36 36.36
CA SER P 17 -3.26 -58.63 36.83
C SER P 17 -2.26 -59.61 37.22
N ASP P 18 -1.13 -59.64 36.62
CA ASP P 18 -0.09 -60.47 37.17
C ASP P 18 0.37 -60.00 38.54
N VAL P 19 0.61 -58.72 38.71
CA VAL P 19 0.92 -58.12 39.97
C VAL P 19 -0.21 -58.41 40.97
N ALA P 20 -1.43 -58.17 40.57
CA ALA P 20 -2.61 -58.40 41.39
C ALA P 20 -2.79 -59.82 41.84
N PHE P 21 -2.61 -60.78 40.99
CA PHE P 21 -2.69 -62.16 41.38
C PHE P 21 -1.61 -62.56 42.34
N LYS P 22 -0.42 -62.00 42.24
CA LYS P 22 0.67 -62.26 43.18
C LYS P 22 0.33 -61.74 44.57
N ARG P 23 -0.24 -60.56 44.63
CA ARG P 23 -0.65 -59.90 45.86
C ARG P 23 -1.76 -60.64 46.58
N LYS P 24 -2.79 -61.07 45.86
CA LYS P 24 -3.88 -61.84 46.42
C LYS P 24 -3.40 -63.16 47.01
N ALA P 25 -2.42 -63.77 46.41
CA ALA P 25 -1.83 -64.99 46.86
C ALA P 25 -0.95 -64.89 48.12
N ARG P 26 -0.37 -63.72 48.42
CA ARG P 26 0.21 -63.27 49.68
C ARG P 26 -0.78 -62.91 50.77
N GLY P 27 -2.05 -63.06 50.54
CA GLY P 27 -3.06 -62.52 51.36
C GLY P 27 -3.31 -61.07 51.43
N LEU P 28 -2.90 -60.29 50.47
CA LEU P 28 -3.22 -58.90 50.46
C LEU P 28 -4.62 -58.72 49.91
N LYS P 29 -5.35 -57.87 50.59
N LYS P 29 -5.35 -57.88 50.59
CA LYS P 29 -6.62 -57.34 50.15
CA LYS P 29 -6.62 -57.36 50.15
C LYS P 29 -6.40 -56.26 49.08
C LYS P 29 -6.41 -56.28 49.08
N LEU P 30 -7.09 -56.43 47.99
CA LEU P 30 -6.90 -55.67 46.79
C LEU P 30 -7.66 -54.39 46.79
N ASN P 31 -7.08 -53.48 46.12
CA ASN P 31 -7.56 -52.22 45.77
C ASN P 31 -8.30 -52.21 44.46
N TYR P 32 -8.72 -51.14 44.11
CA TYR P 32 -9.58 -50.80 42.98
C TYR P 32 -8.94 -51.21 41.65
N PRO P 33 -7.91 -50.57 41.19
CA PRO P 33 -7.16 -51.02 40.01
C PRO P 33 -6.82 -52.50 39.91
N GLU P 34 -6.32 -53.05 40.95
CA GLU P 34 -5.96 -54.43 41.03
C GLU P 34 -7.15 -55.36 40.80
N ALA P 35 -8.25 -55.07 41.45
CA ALA P 35 -9.48 -55.85 41.41
C ALA P 35 -10.13 -55.81 40.05
N VAL P 36 -10.23 -54.64 39.49
CA VAL P 36 -10.69 -54.42 38.14
C VAL P 36 -9.83 -55.22 37.13
N SER P 37 -8.52 -55.28 37.33
CA SER P 37 -7.57 -56.05 36.54
C SER P 37 -7.90 -57.53 36.49
N ILE P 38 -8.15 -58.14 37.62
CA ILE P 38 -8.39 -59.55 37.78
C ILE P 38 -9.70 -59.96 37.13
N ILE P 39 -10.74 -59.17 37.27
CA ILE P 39 -12.02 -59.43 36.66
C ILE P 39 -11.90 -59.31 35.14
N THR P 40 -11.21 -58.31 34.69
CA THR P 40 -11.00 -58.01 33.28
C THR P 40 -10.29 -59.14 32.55
N VAL P 41 -9.22 -59.65 33.12
CA VAL P 41 -8.40 -60.67 32.54
C VAL P 41 -9.07 -62.01 32.57
N THR P 42 -9.92 -62.23 33.54
CA THR P 42 -10.71 -63.46 33.67
C THR P 42 -11.62 -63.62 32.46
N ALA P 43 -12.30 -62.58 32.11
CA ALA P 43 -13.11 -62.45 30.92
C ALA P 43 -12.33 -62.67 29.65
N MET P 44 -11.36 -61.84 29.45
CA MET P 44 -10.40 -61.93 28.38
C MET P 44 -9.85 -63.32 28.16
N GLU P 45 -9.47 -63.97 29.19
CA GLU P 45 -8.91 -65.29 29.08
C GLU P 45 -9.94 -66.36 28.72
N GLY P 46 -11.13 -66.19 29.22
CA GLY P 46 -12.26 -66.99 28.84
C GLY P 46 -12.59 -66.97 27.39
N ALA P 47 -12.75 -65.78 26.85
CA ALA P 47 -12.86 -65.48 25.45
C ALA P 47 -11.87 -66.29 24.63
N ARG P 48 -10.63 -66.29 25.04
CA ARG P 48 -9.51 -66.90 24.33
C ARG P 48 -9.59 -68.39 24.35
N ASP P 49 -10.02 -68.86 25.51
CA ASP P 49 -10.32 -70.25 25.86
C ASP P 49 -11.55 -70.74 25.07
N GLY P 50 -12.36 -69.92 24.40
CA GLY P 50 -13.47 -70.36 23.58
C GLY P 50 -14.86 -70.36 24.16
N LYS P 51 -15.05 -69.86 25.34
CA LYS P 51 -16.32 -69.69 25.98
C LYS P 51 -17.19 -68.64 25.34
N SER P 52 -18.41 -68.71 25.72
CA SER P 52 -19.44 -67.76 25.39
C SER P 52 -19.34 -66.52 26.28
N VAL P 53 -19.89 -65.43 25.82
CA VAL P 53 -20.04 -64.20 26.56
C VAL P 53 -20.78 -64.46 27.87
N GLU P 54 -21.85 -65.22 27.77
CA GLU P 54 -22.68 -65.63 28.89
C GLU P 54 -21.87 -66.35 29.93
N ASP P 55 -21.13 -67.33 29.52
CA ASP P 55 -20.31 -68.13 30.38
C ASP P 55 -19.13 -67.37 31.00
N VAL P 56 -18.50 -66.46 30.27
CA VAL P 56 -17.36 -65.75 30.81
C VAL P 56 -17.83 -64.81 31.89
N MET P 57 -18.89 -64.09 31.62
N MET P 57 -18.91 -64.09 31.63
CA MET P 57 -19.66 -63.26 32.53
CA MET P 57 -19.67 -63.26 32.56
C MET P 57 -19.88 -63.84 33.89
C MET P 57 -19.85 -63.86 33.90
N LYS P 58 -20.43 -65.02 33.97
CA LYS P 58 -20.57 -65.76 35.19
C LYS P 58 -19.24 -65.91 35.91
N GLU P 59 -18.30 -66.47 35.17
CA GLU P 59 -16.93 -66.76 35.63
C GLU P 59 -16.34 -65.49 36.27
N ALA P 60 -16.37 -64.38 35.66
CA ALA P 60 -15.79 -63.12 36.09
C ALA P 60 -16.51 -62.50 37.24
N SER P 61 -17.81 -62.67 37.30
CA SER P 61 -18.64 -62.20 38.44
C SER P 61 -18.36 -63.07 39.68
N LYS P 62 -17.58 -64.12 39.62
CA LYS P 62 -17.28 -64.99 40.73
C LYS P 62 -15.84 -65.09 41.21
N VAL P 63 -14.91 -64.42 40.59
CA VAL P 63 -13.48 -64.53 40.88
C VAL P 63 -13.12 -63.82 42.17
N LEU P 64 -13.69 -62.68 42.44
CA LEU P 64 -13.46 -61.90 43.64
C LEU P 64 -14.68 -61.77 44.54
N THR P 65 -14.44 -61.87 45.81
CA THR P 65 -15.32 -61.62 46.93
C THR P 65 -15.03 -60.36 47.73
N LYS P 66 -16.02 -60.02 48.54
N LYS P 66 -16.02 -60.00 48.55
CA LYS P 66 -15.89 -58.97 49.54
CA LYS P 66 -15.89 -58.95 49.53
C LYS P 66 -14.67 -59.16 50.42
C LYS P 66 -14.68 -59.15 50.43
N ASP P 67 -14.41 -60.36 50.86
CA ASP P 67 -13.25 -60.64 51.68
C ASP P 67 -11.93 -60.34 50.99
N ASP P 68 -11.84 -60.51 49.71
CA ASP P 68 -10.65 -60.43 48.90
C ASP P 68 -10.28 -59.02 48.55
N VAL P 69 -11.12 -58.10 48.83
CA VAL P 69 -10.95 -56.71 48.57
C VAL P 69 -11.00 -55.89 49.83
N MET P 70 -10.34 -54.80 49.71
CA MET P 70 -10.34 -53.73 50.66
C MET P 70 -11.74 -53.10 50.79
N ASP P 71 -12.11 -52.84 52.02
CA ASP P 71 -13.40 -52.28 52.37
C ASP P 71 -13.75 -51.05 51.55
N GLY P 72 -14.86 -51.10 50.93
CA GLY P 72 -15.33 -50.12 50.08
C GLY P 72 -15.16 -50.31 48.58
N VAL P 73 -14.28 -51.18 48.15
CA VAL P 73 -13.89 -51.29 46.76
C VAL P 73 -15.06 -51.67 45.92
N ALA P 74 -15.88 -52.55 46.42
CA ALA P 74 -17.17 -52.85 45.83
C ALA P 74 -17.97 -51.67 45.33
N ASP P 75 -18.04 -50.62 46.15
CA ASP P 75 -18.74 -49.35 45.87
C ASP P 75 -18.08 -48.66 44.68
N LEU P 76 -16.83 -48.92 44.38
CA LEU P 76 -16.03 -48.37 43.34
C LEU P 76 -16.12 -49.13 42.04
N ILE P 77 -16.61 -50.34 42.06
CA ILE P 77 -16.75 -51.29 41.00
C ILE P 77 -18.18 -51.78 40.98
N PRO P 78 -19.09 -51.01 40.59
CA PRO P 78 -20.41 -51.53 40.34
C PRO P 78 -20.54 -52.50 39.18
N ASN P 79 -19.99 -52.15 38.04
CA ASN P 79 -19.74 -53.01 36.90
C ASN P 79 -18.34 -52.84 36.35
N VAL P 80 -17.83 -53.89 35.74
CA VAL P 80 -16.68 -53.91 34.84
C VAL P 80 -17.03 -54.30 33.41
N GLN P 81 -16.60 -53.49 32.46
CA GLN P 81 -16.59 -53.72 31.06
C GLN P 81 -15.24 -53.83 30.34
N VAL P 82 -15.15 -54.83 29.50
CA VAL P 82 -14.09 -55.16 28.55
C VAL P 82 -14.58 -55.85 27.29
N GLU P 83 -13.94 -55.47 26.21
CA GLU P 83 -13.94 -56.08 24.92
C GLU P 83 -12.86 -57.10 24.84
N ALA P 84 -13.29 -58.25 24.54
CA ALA P 84 -12.59 -59.43 24.31
C ALA P 84 -12.86 -60.03 22.93
N ILE P 85 -12.01 -60.90 22.55
CA ILE P 85 -11.96 -61.49 21.23
C ILE P 85 -12.38 -62.93 21.45
N PHE P 86 -13.58 -63.14 21.12
CA PHE P 86 -14.30 -64.39 21.12
C PHE P 86 -14.10 -65.05 19.78
N THR P 87 -14.41 -66.31 19.70
CA THR P 87 -14.41 -67.08 18.46
C THR P 87 -15.16 -66.42 17.30
N ASP P 88 -16.26 -65.80 17.57
CA ASP P 88 -17.05 -65.04 16.64
C ASP P 88 -16.71 -63.58 16.54
N GLY P 89 -15.78 -63.11 17.20
CA GLY P 89 -15.27 -61.80 17.12
C GLY P 89 -15.13 -61.11 18.41
N SER P 90 -14.81 -59.86 18.30
CA SER P 90 -14.79 -58.94 19.37
C SER P 90 -16.23 -58.69 19.84
N ARG P 91 -16.38 -58.75 21.09
CA ARG P 91 -17.56 -58.57 21.89
C ARG P 91 -17.35 -57.90 23.25
N LEU P 92 -18.23 -57.00 23.58
CA LEU P 92 -18.40 -56.45 24.89
C LEU P 92 -19.03 -57.36 25.88
N VAL P 93 -18.31 -57.51 26.95
CA VAL P 93 -18.61 -58.18 28.18
C VAL P 93 -18.78 -57.13 29.27
N THR P 94 -19.97 -57.04 29.80
CA THR P 94 -20.30 -56.42 31.05
C THR P 94 -20.48 -57.51 32.08
N VAL P 95 -19.88 -57.26 33.18
CA VAL P 95 -19.87 -58.04 34.36
C VAL P 95 -20.54 -57.18 35.42
N HIS P 96 -21.71 -57.61 35.89
CA HIS P 96 -22.61 -56.85 36.80
C HIS P 96 -22.27 -57.16 38.25
N ASP P 97 -22.05 -56.15 39.09
CA ASP P 97 -21.77 -56.31 40.54
C ASP P 97 -20.75 -57.41 40.78
N PRO P 98 -19.53 -57.39 40.19
CA PRO P 98 -18.62 -58.51 40.37
C PRO P 98 -18.15 -58.86 41.79
N ILE P 99 -18.11 -57.94 42.75
CA ILE P 99 -17.65 -58.20 44.10
C ILE P 99 -18.91 -58.36 44.93
N LYS P 100 -19.20 -59.59 45.21
CA LYS P 100 -20.36 -59.98 45.99
C LYS P 100 -19.90 -60.37 47.36
N SER Q 1 -26.78 -42.85 58.20
CA SER Q 1 -26.32 -42.11 59.40
C SER Q 1 -25.14 -41.20 59.08
N GLU Q 2 -24.08 -41.81 58.51
CA GLU Q 2 -22.72 -41.28 58.16
C GLU Q 2 -21.73 -42.43 58.26
N GLN Q 3 -21.86 -43.23 59.33
CA GLN Q 3 -21.04 -44.44 59.66
C GLN Q 3 -21.30 -45.58 58.67
N ASN Q 4 -22.44 -45.54 57.96
CA ASN Q 4 -22.96 -46.55 57.06
C ASN Q 4 -22.98 -46.22 55.57
N THR Q 5 -22.82 -44.98 55.18
CA THR Q 5 -22.83 -44.57 53.80
C THR Q 5 -21.68 -45.18 53.01
N PRO Q 6 -21.92 -45.78 51.85
CA PRO Q 6 -20.80 -46.20 50.99
C PRO Q 6 -19.94 -45.04 50.52
N LEU Q 7 -18.77 -45.38 49.96
CA LEU Q 7 -17.85 -44.42 49.32
C LEU Q 7 -18.71 -43.65 48.30
N GLY Q 8 -18.70 -42.35 48.29
CA GLY Q 8 -19.36 -41.39 47.53
C GLY Q 8 -20.84 -41.28 47.72
N GLY Q 9 -21.34 -41.97 48.72
CA GLY Q 9 -22.72 -42.06 48.94
C GLY Q 9 -23.32 -40.82 49.48
N CYS Q 10 -24.59 -40.84 49.32
CA CYS Q 10 -25.53 -39.82 49.70
C CYS Q 10 -26.33 -40.23 50.93
N ILE Q 11 -26.53 -39.27 51.79
CA ILE Q 11 -27.48 -39.30 52.89
C ILE Q 11 -28.60 -38.37 52.52
N LEU Q 12 -29.69 -38.95 52.19
CA LEU Q 12 -30.88 -38.25 51.76
C LEU Q 12 -31.79 -37.94 52.92
N ALA Q 13 -32.27 -36.74 52.92
CA ALA Q 13 -33.37 -36.34 53.76
C ALA Q 13 -34.65 -37.15 53.51
N ASP Q 14 -35.72 -36.85 54.24
CA ASP Q 14 -36.99 -37.60 54.22
C ASP Q 14 -38.08 -36.96 53.39
N THR Q 15 -38.18 -35.67 53.43
CA THR Q 15 -39.27 -34.97 52.84
C THR Q 15 -39.42 -35.24 51.37
N PRO Q 16 -40.56 -35.75 50.92
CA PRO Q 16 -40.85 -35.88 49.50
C PRO Q 16 -40.79 -34.60 48.70
N ILE Q 17 -40.55 -34.77 47.44
CA ILE Q 17 -40.49 -33.69 46.49
C ILE Q 17 -41.86 -33.55 45.84
N THR Q 18 -42.31 -32.37 45.77
CA THR Q 18 -43.55 -32.00 45.14
C THR Q 18 -43.30 -31.14 43.93
N PHE Q 19 -43.76 -31.63 42.80
CA PHE Q 19 -43.65 -31.00 41.52
C PHE Q 19 -44.99 -30.86 40.78
N ASN Q 20 -45.03 -29.87 39.94
CA ASN Q 20 -46.06 -29.47 39.02
C ASN Q 20 -47.38 -29.05 39.75
N GLU Q 21 -47.34 -28.81 41.08
CA GLU Q 21 -48.44 -28.52 42.04
C GLU Q 21 -49.45 -27.49 41.59
N ASN Q 22 -49.06 -26.51 40.88
CA ASN Q 22 -49.91 -25.41 40.53
C ASN Q 22 -50.70 -25.60 39.25
N LYS Q 23 -50.39 -26.47 38.55
CA LYS Q 23 -50.74 -26.63 37.20
C LYS Q 23 -52.04 -27.46 37.06
N PRO Q 24 -53.04 -27.02 36.27
CA PRO Q 24 -54.29 -27.76 36.12
C PRO Q 24 -54.23 -29.01 35.27
N VAL Q 25 -54.83 -30.06 35.79
CA VAL Q 25 -54.72 -31.43 35.31
C VAL Q 25 -55.97 -31.89 34.57
N THR Q 26 -55.77 -32.32 33.36
CA THR Q 26 -56.69 -32.95 32.43
C THR Q 26 -56.36 -34.42 32.24
N LYS Q 27 -57.27 -35.25 32.64
CA LYS Q 27 -57.22 -36.67 32.36
C LYS Q 27 -57.83 -37.05 31.01
N VAL Q 28 -57.08 -37.74 30.22
CA VAL Q 28 -57.51 -38.29 28.95
C VAL Q 28 -57.28 -39.78 28.92
N LYS Q 29 -58.11 -40.45 28.13
CA LYS Q 29 -58.10 -41.88 27.86
C LYS Q 29 -57.47 -42.20 26.52
N VAL Q 30 -56.47 -43.05 26.52
CA VAL Q 30 -55.60 -43.29 25.40
C VAL Q 30 -55.62 -44.77 25.03
N ARG Q 31 -55.99 -45.04 23.82
CA ARG Q 31 -55.92 -46.35 23.21
C ARG Q 31 -54.95 -46.38 22.02
N ASN Q 32 -54.05 -47.32 22.06
CA ASN Q 32 -53.15 -47.66 20.97
C ASN Q 32 -53.80 -48.67 20.04
N THR Q 33 -54.17 -48.17 18.93
CA THR Q 33 -54.74 -48.74 17.74
C THR Q 33 -53.78 -49.23 16.70
N GLY Q 34 -52.50 -49.14 16.91
CA GLY Q 34 -51.53 -49.80 16.08
C GLY Q 34 -51.07 -51.09 16.60
N ASP Q 35 -50.27 -51.72 15.79
CA ASP Q 35 -49.64 -52.99 16.08
C ASP Q 35 -48.28 -52.89 16.76
N ARG Q 36 -47.76 -51.73 16.90
CA ARG Q 36 -46.50 -51.52 17.48
C ARG Q 36 -46.51 -50.63 18.73
N PRO Q 37 -45.67 -50.92 19.68
CA PRO Q 37 -45.55 -50.10 20.88
C PRO Q 37 -45.18 -48.64 20.60
N ILE Q 38 -45.83 -47.81 21.35
CA ILE Q 38 -45.70 -46.36 21.38
C ILE Q 38 -45.35 -45.95 22.80
N GLN Q 39 -44.34 -45.13 22.95
CA GLN Q 39 -43.81 -44.54 24.15
C GLN Q 39 -43.54 -43.05 23.98
N VAL Q 40 -44.07 -42.32 24.91
CA VAL Q 40 -44.14 -40.88 24.93
C VAL Q 40 -43.55 -40.34 26.24
N GLY Q 41 -42.74 -39.39 26.11
CA GLY Q 41 -42.10 -38.67 27.17
C GLY Q 41 -42.77 -37.46 27.71
N SER Q 42 -42.18 -36.97 28.77
CA SER Q 42 -42.75 -36.01 29.68
C SER Q 42 -43.05 -34.66 29.06
N HIS Q 43 -42.16 -34.21 28.19
CA HIS Q 43 -42.17 -32.89 27.50
C HIS Q 43 -42.65 -32.91 26.07
N PHE Q 44 -42.97 -34.02 25.54
CA PHE Q 44 -43.63 -34.06 24.24
C PHE Q 44 -45.03 -33.42 24.28
N HIS Q 45 -45.39 -32.73 23.27
CA HIS Q 45 -46.70 -32.10 23.00
C HIS Q 45 -47.69 -33.20 22.65
N PHE Q 46 -48.39 -33.66 23.68
CA PHE Q 46 -49.30 -34.84 23.65
C PHE Q 46 -50.23 -34.82 22.40
N PHE Q 47 -50.81 -33.70 22.03
CA PHE Q 47 -51.52 -33.42 20.81
C PHE Q 47 -50.99 -33.96 19.53
N GLU Q 48 -49.71 -34.10 19.44
CA GLU Q 48 -48.95 -34.39 18.27
C GLU Q 48 -48.32 -35.76 18.32
N VAL Q 49 -48.70 -36.60 19.29
CA VAL Q 49 -48.17 -37.98 19.44
C VAL Q 49 -48.67 -38.82 18.25
N ASN Q 50 -47.98 -39.92 17.99
CA ASN Q 50 -48.19 -40.96 16.95
C ASN Q 50 -49.70 -40.99 16.55
N ARG Q 51 -50.04 -40.61 15.33
CA ARG Q 51 -51.36 -40.82 14.65
C ARG Q 51 -52.13 -42.04 15.19
N ALA Q 52 -51.56 -43.23 15.36
CA ALA Q 52 -52.18 -44.47 15.86
C ALA Q 52 -52.82 -44.39 17.26
N LEU Q 53 -52.45 -43.48 18.15
CA LEU Q 53 -53.03 -43.20 19.41
C LEU Q 53 -54.34 -42.46 19.21
N GLU Q 54 -55.36 -42.98 19.87
CA GLU Q 54 -56.72 -42.49 19.79
C GLU Q 54 -57.08 -42.01 21.18
N PHE Q 55 -57.41 -40.75 21.34
CA PHE Q 55 -57.70 -40.03 22.53
C PHE Q 55 -58.38 -38.75 22.09
N ASP Q 56 -58.85 -37.95 23.03
CA ASP Q 56 -59.47 -36.65 22.81
C ASP Q 56 -58.42 -35.62 22.56
N ARG Q 57 -58.18 -35.41 21.32
CA ARG Q 57 -57.00 -34.72 20.90
C ARG Q 57 -57.10 -33.24 21.30
N ALA Q 58 -58.27 -32.69 21.14
CA ALA Q 58 -58.64 -31.36 21.57
C ALA Q 58 -58.29 -31.04 23.01
N ALA Q 59 -58.40 -32.05 23.86
CA ALA Q 59 -58.10 -31.91 25.25
C ALA Q 59 -56.60 -31.83 25.60
N ALA Q 60 -55.75 -32.39 24.82
CA ALA Q 60 -54.30 -32.42 24.80
C ALA Q 60 -53.62 -31.24 24.13
N TYR Q 61 -54.36 -30.37 23.52
CA TYR Q 61 -53.90 -29.11 22.97
C TYR Q 61 -53.24 -28.29 24.04
N GLY Q 62 -52.02 -28.02 23.82
CA GLY Q 62 -51.11 -27.38 24.73
C GLY Q 62 -50.67 -28.12 25.84
N LYS Q 63 -50.74 -29.40 25.78
CA LYS Q 63 -50.44 -30.26 26.87
C LYS Q 63 -49.36 -31.31 26.71
N ARG Q 64 -48.83 -31.63 27.85
CA ARG Q 64 -47.86 -32.58 28.24
C ARG Q 64 -48.33 -33.46 29.38
N LEU Q 65 -47.70 -34.55 29.47
CA LEU Q 65 -47.85 -35.49 30.52
C LEU Q 65 -47.28 -35.02 31.86
N ASN Q 66 -48.07 -35.17 32.89
CA ASN Q 66 -47.87 -34.78 34.25
C ASN Q 66 -47.16 -35.88 35.01
N ILE Q 67 -45.98 -36.14 34.54
CA ILE Q 67 -45.03 -37.09 35.06
C ILE Q 67 -43.68 -36.41 35.28
N SER Q 68 -42.79 -37.15 35.93
CA SER Q 68 -41.42 -36.72 36.18
C SER Q 68 -40.70 -36.41 34.89
N SER Q 69 -40.15 -35.23 34.84
CA SER Q 69 -39.14 -34.88 33.85
C SER Q 69 -38.21 -36.06 33.66
N THR Q 70 -38.08 -36.35 32.44
CA THR Q 70 -37.25 -37.30 31.77
C THR Q 70 -37.87 -38.67 31.65
N THR Q 71 -38.97 -38.91 32.27
CA THR Q 71 -39.60 -40.21 32.24
C THR Q 71 -40.66 -40.20 31.10
N ALA Q 72 -41.24 -41.33 30.91
CA ALA Q 72 -42.11 -41.69 29.82
C ALA Q 72 -43.24 -42.66 30.22
N ILE Q 73 -44.22 -42.72 29.34
CA ILE Q 73 -45.37 -43.64 29.46
C ILE Q 73 -45.41 -44.51 28.18
N ARG Q 74 -45.52 -45.78 28.33
CA ARG Q 74 -45.59 -46.81 27.33
C ARG Q 74 -47.02 -47.30 27.08
N PHE Q 75 -47.41 -47.22 25.88
CA PHE Q 75 -48.70 -47.60 25.34
C PHE Q 75 -48.46 -48.77 24.41
N GLU Q 76 -48.67 -49.94 24.93
CA GLU Q 76 -48.62 -51.21 24.23
C GLU Q 76 -49.82 -51.40 23.30
N PRO Q 77 -49.68 -52.19 22.26
CA PRO Q 77 -50.77 -52.38 21.32
C PRO Q 77 -52.03 -52.97 21.92
N GLY Q 78 -53.09 -52.27 21.65
CA GLY Q 78 -54.42 -52.52 22.03
C GLY Q 78 -54.75 -52.44 23.47
N ASP Q 79 -54.21 -51.47 24.16
CA ASP Q 79 -54.38 -51.31 25.56
C ASP Q 79 -54.89 -49.90 25.78
N GLU Q 80 -55.55 -49.71 26.89
CA GLU Q 80 -56.11 -48.46 27.27
C GLU Q 80 -55.64 -48.04 28.62
N THR Q 81 -55.21 -46.80 28.68
CA THR Q 81 -54.63 -46.13 29.82
C THR Q 81 -55.13 -44.72 29.91
N GLU Q 82 -55.36 -44.30 31.13
CA GLU Q 82 -55.70 -42.96 31.45
C GLU Q 82 -54.42 -42.23 31.79
N VAL Q 83 -54.28 -41.04 31.26
CA VAL Q 83 -53.14 -40.24 31.52
C VAL Q 83 -53.42 -38.84 32.00
N PRO Q 84 -52.64 -38.36 32.97
CA PRO Q 84 -52.75 -36.99 33.39
C PRO Q 84 -51.99 -36.04 32.48
N LEU Q 85 -52.62 -35.00 32.13
CA LEU Q 85 -52.14 -33.93 31.32
C LEU Q 85 -52.16 -32.60 32.04
N ILE Q 86 -51.20 -31.78 31.73
CA ILE Q 86 -50.90 -30.46 32.25
C ILE Q 86 -50.37 -29.55 31.13
N PRO Q 87 -50.60 -28.27 31.23
CA PRO Q 87 -50.05 -27.34 30.27
C PRO Q 87 -48.59 -27.07 30.45
N PHE Q 88 -48.02 -26.79 29.35
CA PHE Q 88 -46.71 -26.26 29.21
C PHE Q 88 -46.66 -24.85 29.84
N GLY Q 89 -45.51 -24.51 30.26
CA GLY Q 89 -45.18 -23.26 30.79
C GLY Q 89 -44.53 -22.34 29.81
N GLY Q 90 -43.85 -21.41 30.37
CA GLY Q 90 -43.26 -20.33 29.70
C GLY Q 90 -44.17 -19.53 28.84
N LYS Q 91 -43.74 -19.33 27.66
CA LYS Q 91 -44.52 -18.61 26.68
C LYS Q 91 -45.59 -19.48 25.96
N GLN Q 92 -45.68 -20.76 26.17
CA GLN Q 92 -46.62 -21.66 25.52
C GLN Q 92 -46.56 -21.60 24.01
N THR Q 93 -45.37 -21.57 23.52
CA THR Q 93 -44.95 -21.55 22.14
C THR Q 93 -44.25 -22.87 21.80
N LEU Q 94 -44.88 -23.59 20.97
CA LEU Q 94 -44.59 -24.90 20.52
C LEU Q 94 -44.31 -24.92 19.02
N TYR Q 95 -43.02 -25.06 18.67
CA TYR Q 95 -42.55 -25.14 17.28
C TYR Q 95 -42.05 -26.55 16.97
N GLY Q 96 -42.26 -27.06 15.78
CA GLY Q 96 -41.80 -28.40 15.40
C GLY Q 96 -42.75 -29.52 15.79
N PHE Q 97 -42.27 -30.64 16.35
CA PHE Q 97 -43.05 -31.88 16.62
C PHE Q 97 -43.56 -32.34 15.21
N ASN Q 98 -44.86 -32.38 14.91
CA ASN Q 98 -45.46 -32.88 13.64
C ASN Q 98 -46.00 -31.76 12.75
N ASN Q 99 -45.68 -30.59 13.09
CA ASN Q 99 -46.00 -29.36 12.46
C ASN Q 99 -47.51 -29.07 12.43
N LEU Q 100 -48.18 -29.47 13.51
CA LEU Q 100 -49.59 -29.26 13.80
C LEU Q 100 -49.97 -27.88 14.33
N VAL Q 101 -49.16 -27.27 15.14
CA VAL Q 101 -49.31 -25.97 15.75
C VAL Q 101 -48.31 -24.93 15.23
N ASP Q 102 -47.03 -25.11 15.48
CA ASP Q 102 -46.04 -24.12 15.14
C ASP Q 102 -46.45 -22.70 15.53
N GLY Q 103 -46.81 -22.62 16.76
CA GLY Q 103 -47.16 -21.54 17.56
C GLY Q 103 -47.62 -21.58 19.00
N TRP Q 104 -48.42 -20.61 19.29
CA TRP Q 104 -48.94 -20.31 20.59
C TRP Q 104 -50.09 -21.22 20.89
N THR Q 105 -50.04 -21.80 22.01
CA THR Q 105 -50.97 -22.75 22.54
C THR Q 105 -51.68 -22.32 23.80
N GLY Q 106 -51.61 -21.11 24.13
CA GLY Q 106 -52.24 -20.55 25.26
C GLY Q 106 -53.74 -20.44 25.05
N GLU Q 107 -54.43 -20.16 26.12
CA GLU Q 107 -55.88 -19.88 26.18
C GLU Q 107 -56.22 -18.53 25.70
N GLY Q 108 -55.44 -17.54 25.99
CA GLY Q 108 -55.84 -16.23 25.61
C GLY Q 108 -56.83 -15.76 26.68
N VAL Q 109 -57.70 -14.83 26.33
CA VAL Q 109 -58.28 -13.91 27.33
C VAL Q 109 -59.81 -14.00 27.46
N VAL Q 110 -60.46 -14.81 26.66
CA VAL Q 110 -61.89 -14.95 26.50
C VAL Q 110 -62.30 -16.32 27.05
N PRO Q 111 -62.67 -16.55 28.42
CA PRO Q 111 -63.20 -17.88 29.32
C PRO Q 111 -64.50 -18.19 28.58
N ASN Q 112 -64.75 -19.45 28.17
CA ASN Q 112 -65.98 -19.99 27.53
C ASN Q 112 -66.11 -19.58 26.06
N SER Q 113 -64.98 -19.52 25.34
CA SER Q 113 -64.81 -19.64 23.87
C SER Q 113 -63.43 -20.25 23.60
N GLU Q 114 -63.19 -20.72 22.40
CA GLU Q 114 -61.87 -21.19 21.96
C GLU Q 114 -61.27 -20.12 21.05
N ARG Q 115 -59.98 -19.84 21.16
CA ARG Q 115 -59.16 -19.12 20.14
C ARG Q 115 -59.35 -19.82 18.81
N PRO Q 116 -59.51 -19.20 17.47
CA PRO Q 116 -59.56 -19.85 16.17
C PRO Q 116 -58.35 -20.57 15.71
N ASP Q 117 -57.15 -20.18 16.13
CA ASP Q 117 -55.95 -20.91 15.75
C ASP Q 117 -55.95 -22.32 16.40
N LYS Q 118 -56.58 -22.49 17.55
CA LYS Q 118 -56.79 -23.79 18.20
C LYS Q 118 -57.70 -24.73 17.38
N LEU Q 119 -58.84 -24.25 17.00
CA LEU Q 119 -59.77 -24.89 16.08
C LEU Q 119 -59.18 -25.19 14.75
N GLU Q 120 -58.34 -24.32 14.19
CA GLU Q 120 -57.57 -24.63 13.03
C GLU Q 120 -56.70 -25.85 13.27
N ALA Q 121 -55.82 -25.80 14.24
CA ALA Q 121 -55.00 -26.90 14.68
C ALA Q 121 -55.76 -28.20 14.78
N ILE Q 122 -56.87 -28.15 15.47
CA ILE Q 122 -57.67 -29.35 15.71
C ILE Q 122 -58.20 -29.92 14.39
N ARG Q 123 -58.62 -29.05 13.48
N ARG Q 123 -58.61 -29.04 13.48
CA ARG Q 123 -59.07 -29.46 12.18
CA ARG Q 123 -59.04 -29.46 12.16
C ARG Q 123 -57.92 -30.05 11.36
C ARG Q 123 -57.90 -30.08 11.39
N ARG Q 124 -56.89 -29.56 11.52
CA ARG Q 124 -55.71 -29.96 10.70
C ARG Q 124 -55.23 -31.34 11.16
N ALA Q 125 -55.05 -31.62 12.44
CA ALA Q 125 -54.94 -32.93 13.02
C ALA Q 125 -55.83 -33.98 12.42
N ALA Q 126 -57.06 -33.62 12.28
CA ALA Q 126 -58.08 -34.52 11.79
C ALA Q 126 -57.81 -35.00 10.38
N GLU Q 127 -57.38 -34.14 9.50
CA GLU Q 127 -57.17 -34.46 8.14
C GLU Q 127 -55.75 -34.81 7.70
N ARG Q 128 -54.73 -34.65 8.53
CA ARG Q 128 -53.43 -35.26 8.59
C ARG Q 128 -53.45 -36.67 9.20
N GLY Q 129 -54.56 -37.14 9.68
CA GLY Q 129 -54.74 -38.44 10.26
C GLY Q 129 -54.54 -38.78 11.68
N PHE Q 130 -54.56 -37.81 12.51
CA PHE Q 130 -54.29 -37.89 13.92
C PHE Q 130 -55.61 -38.20 14.64
N LYS Q 131 -55.74 -39.46 15.08
CA LYS Q 131 -56.94 -40.11 15.56
C LYS Q 131 -57.49 -39.47 16.82
N SER Q 132 -58.72 -39.05 16.78
CA SER Q 132 -59.60 -38.67 17.88
C SER Q 132 -60.84 -39.43 18.15
N PRO R 1 -47.68 -33.75 41.00
CA PRO R 1 -47.55 -34.96 41.75
C PRO R 1 -46.46 -34.91 42.85
N GLN R 2 -46.34 -36.01 43.59
CA GLN R 2 -45.40 -36.12 44.73
C GLN R 2 -44.46 -37.29 44.43
N ILE R 3 -43.17 -37.14 44.64
CA ILE R 3 -42.13 -38.17 44.39
C ILE R 3 -41.25 -38.23 45.65
N SER R 4 -40.80 -39.39 46.03
CA SER R 4 -39.81 -39.66 47.06
C SER R 4 -38.45 -39.15 46.66
N ARG R 5 -37.75 -38.64 47.68
CA ARG R 5 -36.36 -38.16 47.59
C ARG R 5 -35.49 -39.18 46.92
N GLN R 6 -35.63 -40.42 47.31
CA GLN R 6 -34.82 -41.48 46.86
C GLN R 6 -34.98 -41.71 45.38
N GLU R 7 -36.17 -41.52 44.90
CA GLU R 7 -36.51 -41.68 43.51
C GLU R 7 -36.07 -40.46 42.70
N TYR R 8 -36.31 -39.32 43.25
CA TYR R 8 -35.84 -38.04 42.74
C TYR R 8 -34.32 -38.10 42.52
N ALA R 9 -33.53 -38.53 43.52
CA ALA R 9 -32.09 -38.54 43.55
C ALA R 9 -31.53 -39.40 42.45
N GLY R 10 -32.08 -40.57 42.32
CA GLY R 10 -31.86 -41.45 41.26
C GLY R 10 -32.06 -40.92 39.88
N LEU R 11 -32.94 -40.02 39.73
CA LEU R 11 -33.15 -39.37 38.44
C LEU R 11 -32.27 -38.12 38.22
N PHE R 12 -32.07 -37.38 39.21
CA PHE R 12 -31.58 -36.04 39.15
C PHE R 12 -30.44 -35.67 40.09
N GLY R 13 -29.99 -36.59 40.83
CA GLY R 13 -29.16 -36.41 41.93
C GLY R 13 -29.65 -35.69 43.15
N PRO R 14 -28.73 -35.41 44.07
CA PRO R 14 -29.11 -34.79 45.34
C PRO R 14 -29.64 -33.40 45.31
N THR R 15 -30.59 -33.05 46.15
CA THR R 15 -31.12 -31.67 46.22
C THR R 15 -30.85 -31.03 47.61
N THR R 16 -31.32 -29.82 47.88
CA THR R 16 -31.10 -29.06 49.15
C THR R 16 -31.39 -29.93 50.37
N GLY R 17 -30.46 -30.05 51.33
CA GLY R 17 -30.58 -30.88 52.52
C GLY R 17 -29.92 -32.22 52.37
N ASP R 18 -29.69 -32.72 51.17
CA ASP R 18 -29.03 -33.92 50.94
C ASP R 18 -27.54 -33.71 51.13
N LYS R 19 -26.94 -34.73 51.67
N LYS R 19 -26.94 -34.73 51.67
CA LYS R 19 -25.54 -34.88 52.03
CA LYS R 19 -25.55 -34.89 52.02
C LYS R 19 -24.74 -35.91 51.19
C LYS R 19 -24.74 -35.91 51.19
N ILE R 20 -23.56 -35.54 50.77
CA ILE R 20 -22.63 -36.35 49.97
C ILE R 20 -21.28 -36.52 50.67
N ARG R 21 -20.92 -37.74 50.84
CA ARG R 21 -19.65 -38.26 51.24
C ARG R 21 -18.64 -38.08 50.11
N LEU R 22 -17.55 -37.45 50.48
CA LEU R 22 -16.41 -37.16 49.60
C LEU R 22 -15.47 -38.33 49.79
N GLY R 23 -15.54 -39.32 49.00
CA GLY R 23 -14.77 -40.48 48.95
C GLY R 23 -14.95 -41.42 50.03
N ASP R 24 -13.82 -41.91 50.47
CA ASP R 24 -13.64 -42.67 51.63
C ASP R 24 -13.27 -41.85 52.83
N THR R 25 -13.36 -40.54 52.70
CA THR R 25 -13.21 -39.64 53.83
C THR R 25 -14.50 -39.68 54.67
N ASN R 26 -14.43 -39.07 55.81
CA ASN R 26 -15.43 -38.66 56.76
C ASN R 26 -15.91 -37.25 56.61
N LEU R 27 -15.70 -36.66 55.50
CA LEU R 27 -16.24 -35.44 55.09
C LEU R 27 -17.52 -35.61 54.25
N PHE R 28 -18.46 -34.88 54.62
CA PHE R 28 -19.85 -34.82 54.17
C PHE R 28 -20.20 -33.38 53.90
N ILE R 29 -20.36 -33.13 52.83
CA ILE R 29 -20.92 -31.97 52.22
C ILE R 29 -22.42 -32.10 52.15
N GLU R 30 -23.04 -30.98 52.18
CA GLU R 30 -24.47 -30.71 52.16
C GLU R 30 -24.81 -29.59 51.18
N ILE R 31 -25.81 -29.81 50.38
CA ILE R 31 -26.35 -28.87 49.44
C ILE R 31 -27.14 -27.81 50.18
N GLU R 32 -26.68 -26.60 50.06
CA GLU R 32 -27.14 -25.38 50.65
C GLU R 32 -28.34 -24.82 49.91
N LYS R 33 -28.25 -24.82 48.60
CA LYS R 33 -29.20 -24.21 47.66
C LYS R 33 -29.39 -25.04 46.39
N ASP R 34 -30.59 -25.06 45.85
CA ASP R 34 -30.99 -25.68 44.62
C ASP R 34 -31.60 -24.60 43.77
N LEU R 35 -30.87 -24.24 42.77
CA LEU R 35 -31.22 -23.25 41.82
C LEU R 35 -32.05 -23.73 40.63
N ARG R 36 -32.34 -24.99 40.49
CA ARG R 36 -32.93 -25.41 39.21
C ARG R 36 -34.33 -25.98 39.36
N GLY R 37 -35.17 -25.31 40.20
CA GLY R 37 -36.63 -25.55 40.47
C GLY R 37 -36.97 -27.00 40.79
N TYR R 38 -38.15 -27.47 40.38
CA TYR R 38 -38.62 -28.90 40.38
C TYR R 38 -39.62 -29.14 39.23
N GLY R 39 -39.71 -30.34 38.66
CA GLY R 39 -40.61 -30.62 37.54
C GLY R 39 -40.18 -30.21 36.15
N GLU R 40 -39.15 -29.40 35.90
CA GLU R 40 -38.74 -29.05 34.50
C GLU R 40 -37.25 -29.36 34.25
N GLU R 41 -36.76 -30.41 34.81
CA GLU R 41 -35.39 -30.82 34.95
C GLU R 41 -34.79 -31.20 33.57
N SER R 42 -33.79 -30.50 33.16
CA SER R 42 -33.04 -30.65 31.93
C SER R 42 -32.03 -31.75 31.94
N VAL R 43 -32.30 -32.80 31.19
CA VAL R 43 -31.47 -33.97 30.97
C VAL R 43 -31.44 -34.39 29.49
N TYR R 44 -30.26 -34.81 29.09
CA TYR R 44 -29.90 -35.22 27.76
C TYR R 44 -30.27 -36.69 27.77
N GLY R 45 -30.93 -37.05 26.77
CA GLY R 45 -31.10 -38.41 26.33
C GLY R 45 -32.29 -38.63 25.39
N GLY R 46 -32.35 -39.85 24.87
CA GLY R 46 -33.49 -40.46 24.23
C GLY R 46 -34.66 -40.56 25.14
N GLY R 47 -35.66 -39.88 24.71
CA GLY R 47 -36.90 -39.68 25.35
C GLY R 47 -36.97 -38.70 26.50
N LYS R 48 -36.01 -37.86 26.66
CA LYS R 48 -35.81 -36.96 27.71
C LYS R 48 -36.11 -35.53 27.31
N SER R 49 -35.73 -34.62 28.15
CA SER R 49 -36.23 -33.26 28.15
C SER R 49 -35.52 -32.29 27.20
N LEU R 50 -34.25 -32.46 26.91
CA LEU R 50 -33.41 -31.61 26.06
C LEU R 50 -33.49 -32.14 24.66
N ARG R 51 -34.69 -32.11 24.11
CA ARG R 51 -35.03 -32.53 22.76
C ARG R 51 -35.59 -31.29 22.10
N ASP R 52 -35.69 -31.36 20.80
CA ASP R 52 -36.04 -30.26 19.93
C ASP R 52 -37.48 -29.83 20.14
N GLY R 53 -37.68 -28.59 20.45
CA GLY R 53 -38.83 -27.79 20.75
C GLY R 53 -39.44 -27.90 22.12
N MET R 54 -38.85 -28.79 22.87
N MET R 54 -38.85 -28.78 22.87
CA MET R 54 -39.27 -29.10 24.24
CA MET R 54 -39.27 -29.10 24.24
C MET R 54 -38.25 -28.35 25.18
C MET R 54 -38.24 -28.34 25.18
N GLY R 55 -37.36 -28.94 25.99
CA GLY R 55 -36.37 -28.34 26.81
C GLY R 55 -35.35 -27.51 26.04
N ALA R 56 -35.04 -27.94 24.84
CA ALA R 56 -34.32 -27.23 23.83
C ALA R 56 -35.13 -26.42 22.83
N ASN R 57 -34.77 -25.18 22.77
CA ASN R 57 -35.08 -24.24 21.83
C ASN R 57 -34.49 -24.66 20.50
N ASN R 58 -35.29 -24.52 19.50
CA ASN R 58 -35.09 -24.96 18.14
C ASN R 58 -35.29 -23.88 17.07
N HIS R 59 -35.43 -22.69 17.43
CA HIS R 59 -35.66 -21.59 16.59
C HIS R 59 -34.72 -20.40 16.68
N LEU R 60 -33.97 -20.29 17.73
CA LEU R 60 -33.00 -19.28 18.02
C LEU R 60 -31.61 -19.65 17.49
N THR R 61 -31.03 -18.71 16.77
CA THR R 61 -29.66 -18.67 16.35
C THR R 61 -28.81 -18.32 17.57
N ARG R 62 -27.55 -18.53 17.41
CA ARG R 62 -26.62 -18.53 18.52
C ARG R 62 -26.40 -17.16 19.12
N ASP R 63 -26.64 -16.12 18.37
CA ASP R 63 -26.41 -14.72 18.63
C ASP R 63 -27.46 -14.09 19.54
N ASN R 64 -28.58 -14.72 19.71
CA ASN R 64 -29.49 -14.71 20.85
C ASN R 64 -29.03 -15.22 22.18
N GLY R 65 -27.81 -15.56 22.25
CA GLY R 65 -27.18 -15.95 23.49
C GLY R 65 -27.37 -17.40 23.90
N VAL R 66 -27.77 -18.23 22.96
CA VAL R 66 -27.79 -19.65 23.16
C VAL R 66 -26.39 -20.16 23.53
N LEU R 67 -26.38 -21.08 24.40
CA LEU R 67 -25.23 -21.73 24.94
C LEU R 67 -24.53 -22.60 23.89
N ASP R 68 -23.27 -22.72 24.06
CA ASP R 68 -22.35 -23.70 23.45
C ASP R 68 -22.25 -25.02 24.20
N LEU R 69 -22.45 -25.02 25.47
CA LEU R 69 -22.40 -26.12 26.37
C LEU R 69 -23.20 -25.84 27.67
N VAL R 70 -23.76 -26.88 28.19
CA VAL R 70 -24.51 -27.00 29.42
C VAL R 70 -24.16 -28.24 30.18
N ILE R 71 -23.91 -28.05 31.46
CA ILE R 71 -23.64 -29.03 32.46
C ILE R 71 -24.84 -28.99 33.41
N THR R 72 -25.56 -30.04 33.45
CA THR R 72 -26.86 -30.23 34.06
C THR R 72 -26.88 -30.95 35.37
N ASN R 73 -27.66 -30.44 36.22
CA ASN R 73 -27.99 -30.99 37.46
C ASN R 73 -26.75 -31.34 38.34
N VAL R 74 -25.87 -30.42 38.44
CA VAL R 74 -24.55 -30.57 39.04
C VAL R 74 -24.43 -29.85 40.33
N THR R 75 -23.75 -30.51 41.17
CA THR R 75 -23.25 -30.05 42.47
C THR R 75 -21.92 -29.32 42.38
N ILE R 76 -21.98 -28.07 42.54
CA ILE R 76 -20.95 -27.05 42.57
C ILE R 76 -20.39 -26.86 43.98
N VAL R 77 -19.16 -27.20 44.10
CA VAL R 77 -18.27 -27.01 45.25
C VAL R 77 -17.23 -25.98 44.85
N ASP R 78 -17.46 -24.78 45.32
CA ASP R 78 -16.66 -23.57 45.03
C ASP R 78 -16.52 -22.67 46.29
N ALA R 79 -15.34 -22.07 46.53
CA ALA R 79 -14.97 -21.28 47.71
C ALA R 79 -15.69 -19.94 47.80
N ARG R 80 -16.14 -19.38 46.72
CA ARG R 80 -16.98 -18.24 46.69
C ARG R 80 -18.51 -18.49 46.58
N LEU R 81 -18.96 -19.50 45.84
CA LEU R 81 -20.41 -19.81 45.71
C LEU R 81 -20.91 -20.77 46.79
N GLY R 82 -20.03 -21.54 47.37
CA GLY R 82 -20.35 -22.57 48.32
C GLY R 82 -20.70 -23.93 47.65
N VAL R 83 -21.63 -24.65 48.16
CA VAL R 83 -22.22 -25.95 47.87
C VAL R 83 -23.68 -25.84 47.39
N ILE R 84 -23.81 -25.78 46.08
CA ILE R 84 -25.12 -25.58 45.41
C ILE R 84 -25.33 -26.60 44.28
N LYS R 85 -26.56 -26.81 43.93
CA LYS R 85 -27.11 -27.58 42.83
C LYS R 85 -27.74 -26.67 41.81
N ALA R 86 -27.23 -26.74 40.64
CA ALA R 86 -27.42 -25.91 39.49
C ALA R 86 -27.05 -26.54 38.14
N ASP R 87 -27.59 -25.93 37.13
CA ASP R 87 -27.21 -25.96 35.75
C ASP R 87 -26.14 -24.90 35.51
N VAL R 88 -25.10 -25.28 34.78
CA VAL R 88 -24.00 -24.50 34.36
C VAL R 88 -23.78 -24.53 32.87
N GLY R 89 -23.77 -23.40 32.38
CA GLY R 89 -23.60 -22.86 31.11
C GLY R 89 -22.44 -22.07 30.59
N ILE R 90 -21.94 -22.54 29.52
CA ILE R 90 -20.79 -22.08 28.84
C ILE R 90 -21.06 -21.66 27.42
N ARG R 91 -20.53 -20.53 27.13
CA ARG R 91 -20.51 -19.69 25.98
C ARG R 91 -19.20 -18.90 25.81
N ASP R 92 -18.66 -19.05 24.67
CA ASP R 92 -17.43 -18.47 24.15
C ASP R 92 -16.22 -18.73 25.05
N GLY R 93 -16.14 -19.92 25.53
CA GLY R 93 -15.27 -20.46 26.47
C GLY R 93 -15.33 -19.88 27.89
N LYS R 94 -16.35 -19.19 28.20
CA LYS R 94 -16.73 -18.51 29.42
C LYS R 94 -18.06 -18.98 30.02
N ILE R 95 -18.13 -18.97 31.33
CA ILE R 95 -19.27 -19.21 32.24
C ILE R 95 -20.21 -18.04 32.09
N ALA R 96 -21.36 -18.27 31.46
CA ALA R 96 -22.44 -17.36 31.19
C ALA R 96 -23.55 -17.32 32.23
N GLY R 97 -23.71 -18.32 32.96
CA GLY R 97 -24.70 -18.53 33.91
C GLY R 97 -24.62 -19.80 34.71
N ILE R 98 -25.23 -19.79 35.94
CA ILE R 98 -25.37 -20.83 36.97
C ILE R 98 -26.83 -20.69 37.41
N GLY R 99 -27.66 -21.70 37.27
CA GLY R 99 -29.09 -21.52 37.50
C GLY R 99 -29.87 -22.63 36.86
N LYS R 100 -31.01 -22.31 36.30
CA LYS R 100 -31.93 -23.23 35.62
C LYS R 100 -31.76 -23.03 34.10
N SER R 101 -31.33 -24.00 33.40
CA SER R 101 -31.26 -24.11 31.95
C SER R 101 -32.58 -24.64 31.35
N GLY R 102 -32.88 -24.31 30.16
CA GLY R 102 -33.91 -24.75 29.19
C GLY R 102 -34.36 -23.74 28.19
N ASN R 103 -35.56 -23.95 27.77
CA ASN R 103 -36.31 -23.34 26.75
C ASN R 103 -37.47 -22.47 27.32
N PRO R 104 -37.31 -21.17 27.33
CA PRO R 104 -38.30 -20.27 27.85
C PRO R 104 -39.68 -20.31 27.09
N GLY R 105 -39.71 -20.87 25.91
CA GLY R 105 -40.97 -21.07 25.22
C GLY R 105 -41.98 -21.94 25.92
N VAL R 106 -41.50 -22.94 26.61
CA VAL R 106 -42.20 -24.08 27.16
C VAL R 106 -41.97 -24.32 28.64
N MET R 107 -41.19 -23.48 29.29
CA MET R 107 -40.66 -23.58 30.63
C MET R 107 -40.68 -22.23 31.31
N ASP R 108 -41.04 -22.31 32.52
CA ASP R 108 -40.92 -21.25 33.46
C ASP R 108 -39.56 -21.39 34.15
N GLY R 109 -39.03 -20.25 34.52
CA GLY R 109 -37.89 -20.09 35.33
C GLY R 109 -36.54 -20.38 34.77
N VAL R 110 -36.33 -20.18 33.47
CA VAL R 110 -35.04 -20.34 32.84
C VAL R 110 -34.18 -19.14 33.14
N THR R 111 -33.06 -19.38 33.71
CA THR R 111 -32.13 -18.30 34.01
C THR R 111 -31.73 -17.59 32.74
N PRO R 112 -31.77 -16.30 32.70
CA PRO R 112 -31.23 -15.61 31.55
C PRO R 112 -29.81 -15.97 31.24
N GLY R 113 -29.57 -16.15 30.02
CA GLY R 113 -28.33 -16.66 29.55
C GLY R 113 -28.15 -18.15 29.46
N LEU R 114 -29.01 -18.92 30.07
CA LEU R 114 -29.03 -20.36 30.09
C LEU R 114 -30.05 -21.03 29.10
N VAL R 115 -30.26 -20.41 27.99
CA VAL R 115 -31.03 -20.96 26.90
C VAL R 115 -30.26 -22.01 26.13
N VAL R 116 -30.70 -23.15 26.20
CA VAL R 116 -30.31 -24.33 25.47
C VAL R 116 -31.06 -24.34 24.13
N GLY R 117 -30.33 -24.61 23.10
CA GLY R 117 -30.58 -24.57 21.75
C GLY R 117 -29.84 -25.47 20.81
N VAL R 118 -29.96 -25.11 19.58
CA VAL R 118 -29.37 -25.82 18.42
C VAL R 118 -27.85 -25.91 18.57
N SER R 119 -27.20 -24.83 19.01
CA SER R 119 -25.78 -24.68 19.41
C SER R 119 -25.29 -25.48 20.57
N THR R 120 -26.12 -25.93 21.42
CA THR R 120 -25.78 -26.55 22.63
C THR R 120 -25.52 -28.04 22.61
N ASP R 121 -24.39 -28.43 23.12
CA ASP R 121 -24.00 -29.68 23.72
C ASP R 121 -24.18 -29.74 25.22
N ALA R 122 -24.13 -30.92 25.68
CA ALA R 122 -24.50 -31.34 26.99
C ALA R 122 -23.67 -32.41 27.67
N ILE R 123 -23.48 -32.10 28.91
CA ILE R 123 -22.92 -32.85 30.00
C ILE R 123 -23.91 -32.99 31.16
N SER R 124 -24.07 -34.17 31.54
CA SER R 124 -24.90 -34.73 32.59
C SER R 124 -24.13 -34.79 33.88
N GLY R 125 -24.41 -33.86 34.69
CA GLY R 125 -23.89 -33.61 36.00
C GLY R 125 -24.57 -34.16 37.22
N GLU R 126 -25.57 -34.99 36.97
CA GLU R 126 -26.52 -35.48 37.96
C GLU R 126 -25.85 -36.09 39.14
N HIS R 127 -24.98 -36.99 38.92
CA HIS R 127 -24.24 -37.69 39.93
C HIS R 127 -22.79 -37.14 40.11
N LEU R 128 -22.53 -35.91 39.69
CA LEU R 128 -21.23 -35.26 39.65
C LEU R 128 -21.09 -33.95 40.45
N ILE R 129 -19.86 -33.74 40.86
CA ILE R 129 -19.24 -32.57 41.42
C ILE R 129 -18.32 -31.88 40.42
N LEU R 130 -18.58 -30.70 40.28
CA LEU R 130 -17.93 -29.65 39.57
C LEU R 130 -17.18 -28.66 40.43
N THR R 131 -15.98 -28.59 40.19
CA THR R 131 -14.98 -27.70 40.72
C THR R 131 -14.30 -26.88 39.62
N ALA R 132 -13.88 -25.77 40.04
CA ALA R 132 -12.79 -25.07 39.47
C ALA R 132 -11.57 -25.99 39.46
N ALA R 133 -10.82 -25.84 38.44
CA ALA R 133 -9.52 -26.44 38.30
C ALA R 133 -8.54 -25.72 39.23
N GLY R 134 -7.76 -26.47 39.80
CA GLY R 134 -6.64 -26.05 40.53
C GLY R 134 -5.56 -25.34 39.82
N ILE R 135 -4.88 -24.58 40.63
CA ILE R 135 -3.79 -23.75 40.30
C ILE R 135 -2.61 -24.00 41.24
N ASP R 136 -1.48 -24.44 40.62
CA ASP R 136 -0.19 -24.83 41.22
C ASP R 136 0.80 -23.66 40.97
N THR R 137 1.07 -22.88 41.97
CA THR R 137 1.92 -21.74 42.11
C THR R 137 3.41 -22.00 42.28
N HIS R 138 3.82 -23.19 42.48
CA HIS R 138 5.18 -23.58 42.73
C HIS R 138 5.64 -24.76 41.84
N ILE R 139 5.78 -24.49 40.61
CA ILE R 139 6.18 -25.43 39.58
C ILE R 139 7.60 -25.15 39.14
N HIS R 140 8.34 -26.14 39.29
CA HIS R 140 9.61 -26.31 38.64
C HIS R 140 9.43 -27.00 37.27
N LEU R 141 9.84 -26.30 36.26
CA LEU R 141 9.89 -26.64 34.85
C LEU R 141 11.10 -27.47 34.49
N ILE R 142 11.10 -28.61 35.09
CA ILE R 142 12.09 -29.59 34.96
C ILE R 142 11.78 -30.53 33.78
N SER R 143 10.56 -31.01 33.69
CA SER R 143 9.95 -31.99 32.77
C SER R 143 8.61 -31.53 32.20
N PRO R 144 8.46 -31.48 30.87
CA PRO R 144 7.17 -31.18 30.27
C PRO R 144 5.99 -32.09 30.59
N GLN R 145 6.21 -33.27 30.97
CA GLN R 145 5.33 -34.36 31.32
C GLN R 145 4.57 -34.17 32.64
N GLN R 146 5.06 -33.30 33.47
CA GLN R 146 4.40 -32.85 34.68
C GLN R 146 2.95 -32.40 34.43
N ALA R 147 2.73 -31.73 33.37
CA ALA R 147 1.45 -31.27 32.91
C ALA R 147 0.40 -32.33 32.85
N TYR R 148 0.77 -33.52 32.46
CA TYR R 148 -0.08 -34.67 32.32
C TYR R 148 -0.45 -35.23 33.67
N HIS R 149 0.53 -35.28 34.56
CA HIS R 149 0.36 -35.73 35.98
C HIS R 149 -0.57 -34.71 36.65
N ALA R 150 -0.51 -33.49 36.36
CA ALA R 150 -1.28 -32.42 36.93
C ALA R 150 -2.78 -32.48 36.51
N LEU R 151 -3.00 -32.46 35.23
CA LEU R 151 -4.33 -32.65 34.60
C LEU R 151 -5.07 -33.88 35.13
N SER R 152 -4.39 -34.86 35.44
CA SER R 152 -4.81 -36.11 35.99
C SER R 152 -5.17 -36.12 37.49
N ASN R 153 -4.89 -35.06 38.19
CA ASN R 153 -5.37 -34.64 39.52
C ASN R 153 -6.12 -33.34 39.58
N GLY R 154 -6.61 -32.90 38.51
CA GLY R 154 -7.36 -31.76 38.45
C GLY R 154 -6.78 -30.35 38.50
N VAL R 155 -5.54 -30.20 38.14
CA VAL R 155 -4.74 -29.02 37.98
C VAL R 155 -4.44 -28.75 36.53
N ALA R 156 -4.73 -27.63 36.17
CA ALA R 156 -4.70 -26.94 34.89
C ALA R 156 -4.04 -25.59 34.74
N THR R 157 -3.46 -25.05 35.76
CA THR R 157 -2.64 -23.85 35.73
C THR R 157 -1.33 -24.07 36.56
N PHE R 158 -0.24 -23.70 35.98
CA PHE R 158 1.15 -23.73 36.44
C PHE R 158 1.69 -22.27 36.50
N PHE R 159 2.23 -21.93 37.58
CA PHE R 159 3.05 -20.81 37.89
C PHE R 159 4.36 -21.38 38.47
N GLY R 160 5.38 -20.91 37.94
CA GLY R 160 6.77 -21.19 38.08
C GLY R 160 7.68 -20.82 36.97
N GLY R 161 8.70 -21.57 36.97
CA GLY R 161 9.90 -21.40 36.21
C GLY R 161 10.84 -22.57 36.08
N GLY R 162 11.71 -22.36 35.21
CA GLY R 162 12.74 -23.19 34.75
C GLY R 162 13.04 -23.14 33.24
N ILE R 163 13.93 -24.01 32.86
CA ILE R 163 14.45 -24.22 31.52
C ILE R 163 14.81 -25.68 31.20
N GLY R 164 14.11 -26.65 31.77
CA GLY R 164 14.31 -28.09 31.75
C GLY R 164 15.24 -28.54 32.83
N PRO R 165 15.85 -29.72 32.79
CA PRO R 165 16.59 -30.20 33.93
C PRO R 165 18.00 -29.66 34.21
N THR R 166 18.17 -28.36 34.26
CA THR R 166 19.44 -27.71 34.65
C THR R 166 19.47 -27.69 36.18
N ASP R 167 20.61 -27.59 36.75
CA ASP R 167 20.81 -27.54 38.21
C ASP R 167 20.11 -26.33 38.86
N GLY R 168 20.05 -25.27 38.18
CA GLY R 168 19.30 -24.13 38.61
C GLY R 168 17.77 -24.32 38.70
N THR R 169 17.24 -25.05 37.78
CA THR R 169 15.83 -25.41 37.73
C THR R 169 15.54 -26.46 38.69
N ASN R 170 16.42 -27.42 38.87
CA ASN R 170 16.20 -28.43 39.85
C ASN R 170 16.03 -27.82 41.25
N GLY R 171 16.70 -26.78 41.52
CA GLY R 171 16.51 -26.01 42.73
C GLY R 171 15.66 -24.82 42.81
N THR R 172 15.43 -24.14 41.72
CA THR R 172 14.63 -22.93 41.82
C THR R 172 13.65 -22.85 40.61
N THR R 173 12.61 -22.09 40.76
CA THR R 173 11.50 -21.61 39.92
C THR R 173 11.80 -20.28 39.20
N VAL R 174 12.87 -20.38 38.47
CA VAL R 174 13.47 -19.23 37.75
C VAL R 174 13.71 -19.63 36.28
N THR R 175 13.44 -18.73 35.41
CA THR R 175 13.65 -18.71 33.98
C THR R 175 14.46 -17.46 33.78
N PRO R 176 15.77 -17.56 33.82
CA PRO R 176 16.58 -16.38 33.85
C PRO R 176 16.89 -15.74 32.52
N GLY R 177 16.54 -14.56 32.47
CA GLY R 177 16.75 -13.61 31.44
C GLY R 177 15.87 -13.64 30.23
N PRO R 178 15.82 -12.56 29.49
CA PRO R 178 14.97 -12.38 28.32
C PRO R 178 15.05 -13.46 27.18
N TRP R 179 16.19 -14.04 26.96
CA TRP R 179 16.38 -15.13 26.00
C TRP R 179 15.70 -16.39 26.44
N ASN R 180 16.03 -16.84 27.57
CA ASN R 180 15.46 -17.98 28.23
C ASN R 180 13.93 -17.88 28.43
N ILE R 181 13.44 -16.71 28.79
CA ILE R 181 12.01 -16.42 28.94
C ILE R 181 11.29 -16.62 27.61
N ARG R 182 11.77 -16.01 26.56
CA ARG R 182 11.26 -16.08 25.18
C ARG R 182 11.12 -17.52 24.71
N GLN R 183 12.13 -18.25 24.96
CA GLN R 183 12.30 -19.67 24.69
C GLN R 183 11.29 -20.49 25.38
N MET R 184 11.07 -20.19 26.61
CA MET R 184 10.19 -20.88 27.44
C MET R 184 8.73 -20.55 27.15
N LEU R 185 8.41 -19.32 26.83
CA LEU R 185 7.12 -18.91 26.34
C LEU R 185 6.72 -19.71 25.09
N ARG R 186 7.61 -19.84 24.18
CA ARG R 186 7.51 -20.56 22.93
C ARG R 186 7.32 -22.05 23.09
N SER R 187 7.96 -22.66 24.03
CA SER R 187 7.89 -24.03 24.39
C SER R 187 6.57 -24.44 24.95
N VAL R 188 6.02 -23.64 25.84
CA VAL R 188 4.84 -23.94 26.59
C VAL R 188 3.61 -23.93 25.73
N GLU R 189 3.69 -23.33 24.59
CA GLU R 189 2.75 -23.52 23.48
C GLU R 189 2.43 -24.97 23.18
N GLY R 190 3.26 -25.86 23.49
CA GLY R 190 3.10 -27.22 23.42
C GLY R 190 2.53 -27.95 24.61
N LEU R 191 2.05 -27.26 25.57
CA LEU R 191 1.51 -27.78 26.77
C LEU R 191 0.00 -27.47 27.00
N PRO R 192 -0.68 -28.31 27.55
CA PRO R 192 -2.12 -28.21 27.66
C PRO R 192 -2.69 -27.61 28.93
N VAL R 193 -1.86 -26.86 29.59
CA VAL R 193 -2.06 -26.08 30.78
C VAL R 193 -1.73 -24.63 30.57
N ASN R 194 -2.38 -23.82 31.30
CA ASN R 194 -2.10 -22.42 31.44
C ASN R 194 -0.75 -22.30 32.14
N VAL R 195 -0.05 -21.25 31.86
CA VAL R 195 1.31 -20.92 32.34
C VAL R 195 1.55 -19.44 32.50
N GLY R 196 2.18 -19.18 33.58
CA GLY R 196 2.93 -17.99 33.81
C GLY R 196 4.32 -18.23 34.36
N ILE R 197 5.22 -17.50 33.91
CA ILE R 197 6.63 -17.71 34.16
C ILE R 197 7.14 -16.63 35.12
N LEU R 198 7.99 -17.10 35.98
CA LEU R 198 8.84 -16.41 36.91
C LEU R 198 10.33 -16.24 36.56
N GLY R 199 10.72 -15.18 36.71
CA GLY R 199 12.04 -14.60 36.63
C GLY R 199 12.93 -14.56 37.88
N LYS R 200 14.17 -14.22 37.71
CA LYS R 200 15.21 -14.16 38.73
C LYS R 200 15.26 -12.75 39.29
N GLY R 201 14.97 -12.67 40.44
CA GLY R 201 14.87 -11.48 41.27
C GLY R 201 16.15 -10.92 41.87
N ASN R 202 17.15 -11.76 41.98
CA ASN R 202 18.39 -11.34 42.67
C ASN R 202 19.17 -10.40 41.77
N SER R 203 18.94 -9.14 41.85
CA SER R 203 19.55 -8.05 41.08
C SER R 203 19.83 -6.76 41.90
N TYR R 204 20.86 -6.04 41.58
CA TYR R 204 21.13 -4.77 42.28
C TYR R 204 20.36 -3.61 41.58
N GLY R 205 20.54 -3.17 40.36
CA GLY R 205 19.66 -2.06 39.85
C GLY R 205 18.31 -2.55 39.25
N ARG R 206 17.53 -1.65 38.69
CA ARG R 206 16.31 -1.84 37.97
C ARG R 206 16.48 -2.55 36.61
N GLY R 207 17.56 -2.37 35.96
CA GLY R 207 17.82 -2.86 34.63
C GLY R 207 17.51 -4.28 34.38
N PRO R 208 18.14 -5.16 35.16
CA PRO R 208 18.01 -6.58 34.99
C PRO R 208 16.66 -7.16 35.31
N LEU R 209 15.88 -6.51 36.11
CA LEU R 209 14.52 -6.82 36.46
C LEU R 209 13.53 -6.39 35.40
N LEU R 210 13.71 -5.23 34.88
CA LEU R 210 12.82 -4.59 33.92
C LEU R 210 12.76 -5.37 32.61
N GLU R 211 13.91 -5.76 32.13
CA GLU R 211 14.35 -6.72 31.12
C GLU R 211 13.44 -7.91 31.05
N GLN R 212 13.34 -8.56 32.14
CA GLN R 212 12.62 -9.79 32.25
C GLN R 212 11.08 -9.54 32.26
N ALA R 213 10.65 -8.51 32.91
CA ALA R 213 9.32 -7.92 32.95
C ALA R 213 8.75 -7.69 31.53
N ILE R 214 9.43 -6.96 30.72
CA ILE R 214 9.09 -6.71 29.35
C ILE R 214 9.10 -8.01 28.50
N ALA R 215 10.10 -8.85 28.73
CA ALA R 215 10.26 -10.17 28.07
C ALA R 215 8.99 -11.02 28.35
N GLY R 216 8.22 -10.77 29.41
CA GLY R 216 6.93 -11.41 29.67
C GLY R 216 6.70 -12.06 31.04
N VAL R 217 7.58 -12.02 32.06
CA VAL R 217 7.34 -12.74 33.35
C VAL R 217 6.15 -12.11 34.11
N VAL R 218 5.54 -12.85 34.98
CA VAL R 218 4.45 -12.55 35.87
C VAL R 218 4.84 -12.33 37.32
N GLY R 219 6.14 -12.43 37.55
CA GLY R 219 6.70 -12.50 38.76
C GLY R 219 8.22 -12.66 38.79
N TYR R 220 8.75 -12.43 39.91
CA TYR R 220 10.15 -12.64 40.30
C TYR R 220 10.25 -13.58 41.48
N VAL R 222 12.81 -14.88 44.20
CA VAL R 222 13.90 -14.76 45.17
C VAL R 222 14.18 -16.03 46.02
N HIS R 223 15.28 -16.61 45.67
CA HIS R 223 15.82 -17.88 46.10
C HIS R 223 17.23 -17.77 46.70
N GLU R 224 17.49 -18.52 47.79
CA GLU R 224 18.79 -18.62 48.49
C GLU R 224 19.91 -19.05 47.58
N ASP R 225 19.66 -20.01 46.79
CA ASP R 225 20.50 -20.58 45.76
C ASP R 225 21.12 -19.61 44.80
N TRP R 226 20.45 -18.54 44.56
CA TRP R 226 20.98 -17.46 43.76
C TRP R 226 21.26 -16.21 44.62
N GLY R 227 21.11 -16.30 45.95
CA GLY R 227 21.10 -15.21 46.95
C GLY R 227 19.78 -14.64 47.45
N ALA R 228 19.27 -15.01 48.63
CA ALA R 228 18.02 -14.47 49.24
C ALA R 228 18.32 -13.30 50.22
N THR R 229 19.04 -12.33 49.76
CA THR R 229 19.55 -11.12 50.37
C THR R 229 18.48 -10.07 50.58
N ALA R 230 18.75 -9.12 51.48
CA ALA R 230 17.91 -8.00 51.69
C ALA R 230 17.84 -7.16 50.44
N ASN R 231 18.93 -7.06 49.79
CA ASN R 231 19.08 -6.33 48.55
C ASN R 231 18.12 -6.87 47.49
N ALA R 232 18.16 -8.15 47.25
CA ALA R 232 17.33 -8.88 46.34
C ALA R 232 15.86 -8.56 46.52
N LEU R 233 15.40 -8.78 47.73
CA LEU R 233 14.08 -8.49 48.20
C LEU R 233 13.64 -7.11 47.91
N ARG R 234 14.37 -6.17 48.38
CA ARG R 234 14.10 -4.80 48.27
C ARG R 234 13.96 -4.37 46.81
N HIS R 235 14.88 -4.76 45.94
CA HIS R 235 14.82 -4.28 44.60
C HIS R 235 13.67 -4.97 43.79
N SER R 236 13.49 -6.25 43.97
CA SER R 236 12.43 -7.12 43.49
C SER R 236 11.03 -6.62 43.80
N LEU R 237 10.79 -6.25 45.03
CA LEU R 237 9.57 -5.69 45.46
C LEU R 237 9.30 -4.28 44.95
N ARG R 238 10.27 -3.46 44.93
CA ARG R 238 10.15 -2.13 44.33
C ARG R 238 9.81 -2.17 42.82
N MET R 239 10.43 -3.02 42.11
CA MET R 239 10.12 -3.28 40.72
C MET R 239 8.73 -3.83 40.54
N ALA R 240 8.35 -4.74 41.36
CA ALA R 240 7.06 -5.41 41.36
C ALA R 240 5.89 -4.48 41.46
N ASP R 241 6.02 -3.56 42.33
CA ASP R 241 5.07 -2.54 42.55
C ASP R 241 4.98 -1.65 41.35
N GLU R 242 6.09 -1.46 40.69
CA GLU R 242 6.12 -0.72 39.44
C GLU R 242 5.41 -1.48 38.30
N MET R 243 5.65 -2.73 38.14
CA MET R 243 5.25 -3.57 37.07
C MET R 243 3.91 -4.29 37.23
N ASP R 244 3.25 -4.20 38.35
CA ASP R 244 2.15 -5.00 38.80
C ASP R 244 2.31 -6.50 38.55
N ILE R 245 3.31 -6.99 39.13
CA ILE R 245 3.63 -8.35 39.23
C ILE R 245 4.00 -8.77 40.65
N GLN R 246 4.00 -10.04 40.87
CA GLN R 246 4.23 -10.73 42.11
C GLN R 246 5.70 -11.10 42.37
N VAL R 247 6.00 -11.29 43.61
CA VAL R 247 7.24 -11.77 44.15
C VAL R 247 6.97 -12.88 45.11
N SER R 248 7.63 -13.96 44.88
CA SER R 248 7.72 -15.18 45.58
C SER R 248 9.15 -15.33 46.13
N VAL R 249 9.27 -15.98 47.27
CA VAL R 249 10.45 -16.16 48.09
C VAL R 249 10.58 -17.48 48.78
N HIS R 250 11.79 -17.93 48.69
CA HIS R 250 12.52 -19.01 49.32
C HIS R 250 13.70 -18.39 50.10
N THR R 251 13.53 -18.31 51.38
CA THR R 251 14.43 -17.51 52.26
C THR R 251 15.71 -18.28 52.59
N ASP R 252 16.66 -17.56 53.13
CA ASP R 252 17.99 -17.98 53.57
C ASP R 252 17.88 -19.02 54.73
N SER R 253 18.11 -20.27 54.51
CA SER R 253 18.02 -21.36 55.51
C SER R 253 19.18 -21.33 56.55
N LEU R 254 20.31 -20.88 56.16
CA LEU R 254 21.60 -20.78 56.88
C LEU R 254 21.76 -19.62 57.87
N ASN R 255 20.89 -18.72 57.85
CA ASN R 255 20.80 -17.44 58.52
C ASN R 255 22.02 -16.45 58.26
N GLU R 256 22.66 -16.68 57.11
CA GLU R 256 23.87 -15.98 56.66
C GLU R 256 23.71 -14.46 56.78
N CYS R 257 22.81 -13.80 56.05
CA CYS R 257 22.73 -12.34 56.06
C CYS R 257 21.74 -11.88 57.12
N GLY R 258 21.12 -12.76 57.91
CA GLY R 258 19.99 -12.48 58.78
C GLY R 258 19.14 -13.64 59.26
N TYR R 259 18.34 -13.30 60.21
CA TYR R 259 17.27 -14.06 60.78
C TYR R 259 15.98 -13.60 60.12
N VAL R 260 14.96 -14.36 60.30
CA VAL R 260 13.61 -14.15 59.83
C VAL R 260 13.07 -12.73 60.02
N GLU R 261 13.27 -12.18 61.16
CA GLU R 261 12.96 -10.82 61.49
C GLU R 261 13.60 -9.78 60.54
N ASP R 262 14.83 -9.99 60.15
CA ASP R 262 15.52 -9.17 59.18
C ASP R 262 14.95 -9.33 57.76
N THR R 263 14.64 -10.56 57.38
CA THR R 263 13.88 -10.85 56.15
C THR R 263 12.58 -10.08 56.13
N ILE R 264 11.88 -10.12 57.21
CA ILE R 264 10.60 -9.47 57.35
C ILE R 264 10.71 -7.99 57.08
N ASP R 265 11.76 -7.40 57.58
CA ASP R 265 12.07 -6.02 57.42
C ASP R 265 12.48 -5.67 56.00
N ALA R 266 13.13 -6.59 55.30
CA ALA R 266 13.45 -6.51 53.89
C ALA R 266 12.19 -6.47 53.03
N PHE R 267 11.11 -7.12 53.45
CA PHE R 267 9.81 -7.04 52.76
C PHE R 267 9.24 -5.64 52.74
N GLU R 268 9.45 -4.86 53.78
CA GLU R 268 9.16 -3.47 53.85
C GLU R 268 7.64 -3.17 53.59
N GLY R 269 6.84 -3.93 54.21
CA GLY R 269 5.42 -4.15 54.24
C GLY R 269 4.67 -4.42 52.93
N ARG R 270 5.43 -4.69 51.91
CA ARG R 270 5.12 -4.91 50.53
C ARG R 270 4.57 -6.33 50.34
N THR R 271 3.62 -6.48 49.46
CA THR R 271 3.03 -7.76 49.16
C THR R 271 4.05 -8.79 48.65
N ILE R 272 3.99 -9.95 49.20
CA ILE R 272 4.84 -11.10 48.96
C ILE R 272 4.22 -12.44 49.25
N HIS R 273 4.57 -13.36 48.37
CA HIS R 273 4.27 -14.75 48.37
C HIS R 273 5.46 -15.56 48.88
N THR R 274 5.25 -16.20 49.87
CA THR R 274 6.13 -17.04 50.66
C THR R 274 5.84 -18.50 50.46
N PHE R 275 6.71 -19.23 49.71
CA PHE R 275 6.71 -20.66 49.43
C PHE R 275 7.07 -21.48 50.67
N HIS R 276 6.74 -22.74 50.75
CA HIS R 276 7.05 -23.65 51.85
C HIS R 276 7.28 -22.87 53.17
N THR R 277 6.22 -22.24 53.69
CA THR R 277 6.23 -21.29 54.83
C THR R 277 6.71 -21.96 56.14
N GLU R 278 6.50 -23.23 56.29
CA GLU R 278 6.98 -24.12 57.36
C GLU R 278 8.49 -24.25 57.47
N GLY R 279 9.17 -24.34 56.36
CA GLY R 279 10.60 -24.49 56.22
C GLY R 279 11.22 -25.82 55.81
N ALA R 280 10.54 -26.95 55.84
CA ALA R 280 11.14 -28.22 55.38
C ALA R 280 11.73 -28.12 53.96
N GLY R 281 11.09 -27.36 53.10
CA GLY R 281 11.44 -27.07 51.72
C GLY R 281 12.39 -25.95 51.45
N GLY R 282 12.92 -25.35 52.49
CA GLY R 282 13.68 -24.19 52.56
C GLY R 282 13.14 -23.07 53.44
N GLY R 283 14.05 -22.36 54.08
CA GLY R 283 13.75 -21.14 54.79
C GLY R 283 14.45 -21.12 56.13
N HIS R 284 14.64 -19.91 56.61
CA HIS R 284 15.20 -19.51 57.89
C HIS R 284 14.83 -20.52 58.95
N ALA R 285 15.80 -21.12 59.47
CA ALA R 285 15.63 -22.21 60.40
C ALA R 285 15.70 -21.73 61.85
N PRO R 286 14.83 -22.16 62.73
CA PRO R 286 13.73 -23.09 62.68
C PRO R 286 12.40 -22.46 62.34
N ASP R 287 12.38 -21.16 62.15
CA ASP R 287 11.26 -20.26 62.44
C ASP R 287 10.72 -19.36 61.31
N ILE R 288 10.92 -19.72 60.08
CA ILE R 288 10.29 -19.06 58.93
C ILE R 288 8.76 -18.94 58.98
N ILE R 289 8.09 -19.84 59.65
CA ILE R 289 6.65 -19.97 59.97
C ILE R 289 5.98 -18.75 60.56
N ARG R 290 6.76 -17.88 61.13
CA ARG R 290 6.35 -16.61 61.74
C ARG R 290 5.95 -15.52 60.76
N VAL R 291 6.33 -15.64 59.51
CA VAL R 291 5.91 -14.81 58.43
C VAL R 291 4.37 -14.90 58.17
N ALA R 292 3.73 -15.98 58.56
CA ALA R 292 2.27 -16.23 58.52
C ALA R 292 1.43 -15.33 59.42
N SER R 293 2.04 -14.51 60.27
CA SER R 293 1.50 -13.45 61.14
C SER R 293 1.39 -12.04 60.51
N GLN R 294 1.95 -11.86 59.51
CA GLN R 294 2.08 -10.63 58.84
C GLN R 294 1.00 -10.44 57.73
N PRO R 295 0.44 -9.25 57.65
CA PRO R 295 -0.67 -8.94 56.71
C PRO R 295 -0.30 -8.83 55.23
N ASN R 296 0.92 -8.66 54.92
CA ASN R 296 1.53 -8.51 53.63
C ASN R 296 2.03 -9.80 53.01
N VAL R 297 2.05 -10.83 53.75
CA VAL R 297 2.48 -12.13 53.41
C VAL R 297 1.26 -12.99 53.05
N LEU R 298 1.37 -13.60 51.92
CA LEU R 298 0.47 -14.53 51.28
C LEU R 298 1.12 -15.88 51.33
N PRO R 299 0.81 -16.66 52.33
CA PRO R 299 1.54 -17.85 52.59
C PRO R 299 1.02 -19.12 51.96
N SER R 300 1.94 -19.84 51.53
CA SER R 300 1.92 -21.17 51.00
C SER R 300 2.83 -22.14 51.67
N SER R 301 2.39 -23.45 51.64
CA SER R 301 3.09 -24.69 51.94
C SER R 301 3.24 -25.56 50.70
N THR R 302 4.31 -26.29 50.61
CA THR R 302 4.47 -27.31 49.56
C THR R 302 3.80 -28.58 50.06
N ASN R 303 3.39 -29.41 49.15
CA ASN R 303 2.53 -30.53 49.51
C ASN R 303 3.29 -31.68 50.14
N PRO R 304 4.69 -32.10 50.34
CA PRO R 304 5.15 -33.37 50.96
C PRO R 304 4.94 -33.51 52.49
N THR R 305 4.72 -32.46 53.24
CA THR R 305 4.41 -32.44 54.67
C THR R 305 2.93 -32.53 55.06
N LEU R 306 2.03 -32.46 54.14
CA LEU R 306 0.61 -32.47 54.28
C LEU R 306 -0.01 -33.71 53.66
N PRO R 307 -0.60 -34.62 54.38
CA PRO R 307 -0.78 -34.57 55.78
C PRO R 307 0.46 -35.07 56.47
N TYR R 308 0.53 -34.84 57.75
CA TYR R 308 1.60 -35.30 58.61
C TYR R 308 1.39 -36.72 59.00
N GLY R 309 2.32 -37.51 58.58
CA GLY R 309 2.33 -38.90 58.83
C GLY R 309 3.59 -39.46 59.47
N VAL R 310 3.46 -40.70 59.83
CA VAL R 310 4.41 -41.52 60.55
C VAL R 310 5.71 -41.77 59.82
N ASN R 311 5.67 -41.79 58.54
CA ASN R 311 6.82 -41.87 57.68
C ASN R 311 7.38 -40.52 57.26
N SER R 312 6.81 -39.42 57.71
CA SER R 312 7.16 -38.09 57.23
C SER R 312 8.55 -37.65 57.63
N GLN R 313 8.98 -37.99 58.80
CA GLN R 313 10.28 -37.55 59.27
C GLN R 313 11.41 -38.32 58.60
N ALA R 314 11.33 -39.61 58.60
CA ALA R 314 12.19 -40.50 57.81
C ALA R 314 12.40 -40.09 56.36
N GLU R 315 11.36 -39.69 55.71
CA GLU R 315 11.38 -39.36 54.31
C GLU R 315 12.18 -38.11 54.06
N LEU R 316 11.85 -37.10 54.79
CA LEU R 316 12.32 -35.76 54.62
C LEU R 316 13.79 -35.65 54.93
N PHE R 317 14.21 -36.27 56.01
CA PHE R 317 15.57 -36.40 56.42
C PHE R 317 16.39 -36.87 55.25
N ASP R 318 16.02 -38.02 54.80
CA ASP R 318 16.78 -38.70 53.80
C ASP R 318 16.79 -37.92 52.49
N MET R 319 15.69 -37.30 52.17
CA MET R 319 15.50 -36.45 50.99
C MET R 319 16.42 -35.27 50.89
N ILE R 320 16.58 -34.52 51.97
CA ILE R 320 17.50 -33.41 51.97
C ILE R 320 18.88 -33.87 51.83
N MET R 321 19.20 -34.88 52.58
CA MET R 321 20.51 -35.42 52.54
C MET R 321 20.88 -35.94 51.22
N VAL R 322 19.93 -36.12 50.31
CA VAL R 322 20.28 -36.31 48.94
C VAL R 322 20.02 -35.10 48.09
N CYS R 323 18.98 -34.34 48.40
CA CYS R 323 18.70 -33.13 47.67
C CYS R 323 19.96 -32.26 47.62
N HIS R 324 20.65 -32.12 48.76
CA HIS R 324 21.84 -31.32 48.92
C HIS R 324 23.11 -32.17 48.95
N ASN R 325 23.09 -33.33 48.33
CA ASN R 325 24.20 -34.26 48.37
C ASN R 325 25.06 -34.27 49.63
N LEU R 326 24.44 -34.44 50.78
CA LEU R 326 25.20 -34.39 51.96
C LEU R 326 25.81 -35.74 52.23
N VAL R 334 24.84 -32.86 59.17
CA VAL R 334 23.72 -33.44 59.88
C VAL R 334 23.07 -32.53 60.84
N SER R 335 23.64 -31.37 60.97
CA SER R 335 23.16 -30.38 61.85
C SER R 335 22.47 -29.30 61.07
N PHE R 336 22.72 -29.28 59.76
CA PHE R 336 21.83 -28.66 58.81
C PHE R 336 20.58 -29.50 58.66
N ALA R 337 20.71 -30.84 58.76
CA ALA R 337 19.61 -31.76 58.47
C ALA R 337 18.52 -31.72 59.54
N GLU R 338 18.86 -31.99 60.78
CA GLU R 338 17.95 -32.08 61.91
C GLU R 338 17.45 -30.74 62.39
N SER R 339 17.94 -29.69 61.80
CA SER R 339 17.48 -28.34 61.98
C SER R 339 16.53 -27.88 60.90
N ARG R 340 16.59 -28.56 59.77
CA ARG R 340 15.81 -28.36 58.59
C ARG R 340 14.52 -29.15 58.70
N VAL R 341 14.55 -30.28 59.39
CA VAL R 341 13.53 -31.24 59.41
C VAL R 341 13.10 -31.42 60.86
N ARG R 342 12.02 -30.78 61.16
CA ARG R 342 11.47 -30.54 62.49
C ARG R 342 10.05 -31.05 62.65
N PRO R 343 9.86 -32.15 63.36
CA PRO R 343 8.51 -32.69 63.58
C PRO R 343 7.52 -31.68 64.12
N GLU R 344 8.01 -30.81 64.98
CA GLU R 344 7.23 -29.78 65.65
C GLU R 344 6.66 -28.74 64.73
N THR R 345 7.42 -28.30 63.76
CA THR R 345 6.92 -27.29 62.89
C THR R 345 6.03 -27.89 61.77
N ILE R 346 6.25 -29.15 61.44
CA ILE R 346 5.51 -29.87 60.42
C ILE R 346 4.08 -30.06 60.90
N ALA R 347 3.90 -30.57 62.10
CA ALA R 347 2.64 -30.59 62.80
C ALA R 347 1.97 -29.25 62.87
N ALA R 348 2.75 -28.26 63.14
CA ALA R 348 2.27 -26.93 63.26
C ALA R 348 1.68 -26.44 61.94
N GLU R 349 2.33 -26.78 60.84
CA GLU R 349 1.90 -26.39 59.48
C GLU R 349 0.45 -26.90 59.22
N ASN R 350 0.17 -28.11 59.56
CA ASN R 350 -1.07 -28.86 59.51
C ASN R 350 -2.17 -28.14 60.25
N VAL R 351 -1.88 -27.71 61.43
CA VAL R 351 -2.80 -26.99 62.27
C VAL R 351 -3.10 -25.63 61.73
N LEU R 352 -2.12 -24.95 61.28
CA LEU R 352 -2.27 -23.63 60.79
C LEU R 352 -3.12 -23.55 59.51
N HIS R 353 -2.99 -24.56 58.71
CA HIS R 353 -3.83 -24.84 57.55
C HIS R 353 -5.27 -24.89 57.94
N ASP R 354 -5.60 -25.76 58.86
CA ASP R 354 -6.91 -25.92 59.42
C ASP R 354 -7.49 -24.70 60.06
N MET R 355 -6.69 -23.81 60.52
CA MET R 355 -7.07 -22.53 61.10
C MET R 355 -7.34 -21.43 60.09
N GLY R 356 -6.92 -21.58 58.89
CA GLY R 356 -6.88 -20.54 57.92
C GLY R 356 -5.72 -19.54 58.00
N VAL R 357 -4.62 -19.94 58.55
CA VAL R 357 -3.42 -19.15 58.70
C VAL R 357 -2.40 -19.36 57.56
N ILE R 358 -2.26 -20.52 56.99
CA ILE R 358 -1.55 -20.79 55.73
C ILE R 358 -2.60 -20.95 54.59
N SER R 359 -2.48 -20.16 53.59
CA SER R 359 -3.54 -19.87 52.70
C SER R 359 -3.61 -20.69 51.37
N MET R 360 -2.59 -21.38 51.01
CA MET R 360 -2.30 -22.15 49.81
C MET R 360 -1.41 -23.35 49.90
N PHE R 361 -1.80 -24.36 49.16
CA PHE R 361 -1.12 -25.53 48.83
C PHE R 361 -0.40 -25.31 47.48
N SER R 362 0.64 -26.04 47.26
CA SER R 362 1.60 -26.04 46.15
C SER R 362 2.44 -27.28 46.16
N SER R 363 3.13 -27.42 44.93
CA SER R 363 3.84 -28.68 44.76
C SER R 363 5.32 -28.51 44.90
N ASP R 364 5.94 -27.71 44.42
CA ASP R 364 7.40 -27.74 44.43
C ASP R 364 7.93 -28.85 43.48
N SER R 365 7.26 -29.04 42.35
CA SER R 365 7.36 -30.19 41.44
C SER R 365 8.76 -30.62 41.19
N GLN R 366 9.07 -31.86 41.53
CA GLN R 366 10.35 -32.54 41.35
C GLN R 366 11.55 -31.81 41.92
N ALA R 367 11.25 -31.00 42.90
CA ALA R 367 12.05 -30.28 43.87
C ALA R 367 11.39 -30.29 45.28
N MET R 368 11.16 -31.44 45.76
CA MET R 368 10.60 -32.01 46.95
C MET R 368 9.09 -32.29 47.05
N GLY R 369 8.30 -31.78 46.15
CA GLY R 369 6.86 -32.11 46.15
C GLY R 369 6.35 -32.80 44.89
N ARG R 370 5.01 -32.98 44.77
CA ARG R 370 4.27 -33.95 43.93
C ARG R 370 3.08 -33.23 43.24
N VAL R 371 3.34 -32.82 42.01
CA VAL R 371 2.57 -32.17 41.02
C VAL R 371 1.25 -32.79 40.75
N GLY R 372 1.12 -34.04 40.96
CA GLY R 372 -0.11 -34.79 40.79
C GLY R 372 -0.89 -35.24 41.99
N GLU R 373 -0.69 -34.57 43.08
CA GLU R 373 -1.19 -34.86 44.39
C GLU R 373 -1.73 -33.66 45.23
N ASN R 374 -1.83 -32.48 44.71
CA ASN R 374 -2.37 -31.26 45.35
C ASN R 374 -3.84 -31.36 45.73
N TRP R 375 -4.68 -31.86 44.84
CA TRP R 375 -6.11 -32.07 45.13
C TRP R 375 -6.23 -33.25 46.07
N LEU R 376 -5.44 -34.31 45.89
CA LEU R 376 -5.40 -35.49 46.77
C LEU R 376 -4.99 -35.10 48.20
N ARG R 377 -4.04 -34.19 48.35
CA ARG R 377 -3.42 -34.08 49.64
C ARG R 377 -4.24 -33.16 50.57
N VAL R 378 -4.79 -32.14 49.99
CA VAL R 378 -5.78 -31.18 50.45
C VAL R 378 -6.94 -31.88 51.15
N MET R 379 -7.55 -32.79 50.48
CA MET R 379 -8.59 -33.68 50.97
C MET R 379 -8.09 -34.61 52.04
N GLN R 380 -6.97 -35.13 51.85
CA GLN R 380 -6.30 -35.99 52.85
C GLN R 380 -6.04 -35.26 54.19
N THR R 381 -5.65 -34.02 54.12
CA THR R 381 -5.36 -33.11 55.22
C THR R 381 -6.63 -32.71 55.98
N ALA R 382 -7.67 -32.22 55.29
CA ALA R 382 -8.98 -31.92 55.81
C ALA R 382 -9.54 -33.04 56.64
N ASN R 383 -9.42 -34.22 56.19
CA ASN R 383 -9.88 -35.44 56.81
C ASN R 383 -9.05 -35.90 57.96
N ALA R 384 -7.75 -35.78 57.91
CA ALA R 384 -6.91 -36.10 59.06
C ALA R 384 -7.19 -35.12 60.20
N MET R 385 -7.36 -33.89 59.88
CA MET R 385 -7.62 -32.79 60.78
C MET R 385 -9.00 -32.83 61.45
N LYS R 386 -10.04 -33.25 60.74
CA LYS R 386 -11.36 -33.48 61.31
C LYS R 386 -11.27 -34.50 62.40
N ALA R 387 -10.60 -35.56 62.11
CA ALA R 387 -10.35 -36.62 63.04
C ALA R 387 -9.68 -36.12 64.33
N SER R 388 -8.60 -35.38 64.21
CA SER R 388 -7.80 -34.92 65.35
C SER R 388 -8.37 -33.78 66.15
N ARG R 389 -9.04 -32.87 65.53
CA ARG R 389 -9.50 -31.61 66.06
C ARG R 389 -10.99 -31.50 66.21
N GLY R 390 -11.75 -32.31 65.52
CA GLY R 390 -13.14 -32.17 65.27
C GLY R 390 -13.57 -31.05 64.39
N LYS R 391 -14.79 -30.61 64.62
CA LYS R 391 -15.41 -29.60 63.82
C LYS R 391 -14.82 -28.29 64.14
N LEU R 392 -14.42 -27.66 63.12
CA LEU R 392 -14.18 -26.28 63.18
C LEU R 392 -15.34 -25.55 63.82
N PRO R 393 -15.05 -24.47 64.50
CA PRO R 393 -16.10 -23.78 65.27
C PRO R 393 -17.19 -23.22 64.44
N GLU R 394 -16.83 -22.68 63.29
CA GLU R 394 -17.71 -22.21 62.24
C GLU R 394 -18.40 -23.29 61.44
N ASP R 395 -18.04 -24.56 61.54
CA ASP R 395 -18.84 -25.57 60.93
C ASP R 395 -20.24 -25.56 61.52
N ALA R 396 -21.07 -25.91 60.75
CA ALA R 396 -22.44 -26.33 60.99
C ALA R 396 -22.48 -27.75 61.48
N PRO R 397 -23.38 -28.04 62.39
CA PRO R 397 -23.34 -29.35 63.02
C PRO R 397 -23.54 -30.53 62.14
N GLY R 398 -24.39 -30.44 61.15
CA GLY R 398 -24.59 -31.61 60.38
C GLY R 398 -23.60 -31.86 59.27
N ASN R 399 -22.83 -30.85 58.89
CA ASN R 399 -21.93 -30.90 57.75
C ASN R 399 -20.56 -30.21 57.91
N ASP R 400 -19.70 -30.61 56.99
CA ASP R 400 -18.32 -30.25 56.81
C ASP R 400 -18.03 -29.24 55.71
N ASN R 401 -19.02 -28.50 55.30
CA ASN R 401 -18.91 -27.47 54.29
C ASN R 401 -17.87 -26.40 54.59
N PHE R 402 -17.92 -25.76 55.75
CA PHE R 402 -16.98 -24.75 56.16
C PHE R 402 -15.55 -25.22 55.95
N ARG R 403 -15.26 -26.38 56.44
CA ARG R 403 -13.99 -26.99 56.35
C ARG R 403 -13.53 -27.22 54.91
N VAL R 404 -14.30 -28.02 54.20
CA VAL R 404 -14.04 -28.40 52.84
C VAL R 404 -13.73 -27.20 52.02
N LEU R 405 -14.55 -26.21 52.16
N LEU R 405 -14.53 -26.22 52.14
CA LEU R 405 -14.48 -25.00 51.43
CA LEU R 405 -14.42 -25.03 51.38
C LEU R 405 -13.20 -24.19 51.77
C LEU R 405 -13.19 -24.18 51.77
N ARG R 406 -12.75 -24.23 52.96
CA ARG R 406 -11.46 -23.62 53.36
C ARG R 406 -10.32 -24.19 52.51
N TYR R 407 -10.29 -25.50 52.52
CA TYR R 407 -9.31 -26.36 51.81
C TYR R 407 -9.31 -26.13 50.28
N VAL R 408 -10.45 -26.09 49.66
CA VAL R 408 -10.70 -25.81 48.26
C VAL R 408 -10.20 -24.46 47.84
N ALA R 409 -10.35 -23.49 48.67
CA ALA R 409 -9.83 -22.18 48.43
C ALA R 409 -8.29 -22.17 48.23
N LYS R 410 -7.64 -23.07 48.88
CA LYS R 410 -6.24 -23.28 48.95
C LYS R 410 -5.62 -23.62 47.58
N ILE R 411 -6.30 -24.44 46.77
CA ILE R 411 -5.90 -24.88 45.43
C ILE R 411 -6.60 -24.21 44.28
N THR R 412 -7.55 -23.34 44.51
CA THR R 412 -8.38 -22.61 43.59
C THR R 412 -8.32 -21.11 43.63
N ILE R 413 -9.08 -20.46 44.44
CA ILE R 413 -9.22 -19.08 44.34
C ILE R 413 -8.02 -18.31 44.95
N ASN R 414 -7.46 -18.84 45.96
CA ASN R 414 -6.35 -18.22 46.67
C ASN R 414 -5.06 -18.12 45.83
N PRO R 415 -4.55 -19.16 45.31
CA PRO R 415 -3.53 -19.03 44.27
C PRO R 415 -3.77 -18.00 43.15
N ALA R 416 -4.93 -17.96 42.66
CA ALA R 416 -5.32 -17.01 41.64
C ALA R 416 -5.20 -15.61 42.10
N ILE R 417 -5.66 -15.36 43.24
CA ILE R 417 -5.63 -14.02 43.80
C ILE R 417 -4.17 -13.58 43.99
N ALA R 418 -3.38 -14.46 44.48
CA ALA R 418 -1.95 -14.25 44.76
C ALA R 418 -1.12 -13.84 43.52
N GLN R 419 -1.46 -14.32 42.38
CA GLN R 419 -0.73 -14.17 41.12
C GLN R 419 -1.45 -13.23 40.10
N GLY R 420 -2.47 -12.66 40.50
CA GLY R 420 -3.33 -11.73 39.91
C GLY R 420 -4.11 -12.11 38.69
N VAL R 421 -4.67 -13.22 38.75
CA VAL R 421 -5.51 -13.91 37.79
C VAL R 421 -6.92 -14.41 38.15
N SER R 422 -7.43 -13.93 39.23
CA SER R 422 -8.75 -14.20 39.75
C SER R 422 -9.82 -13.54 38.96
N HIS R 423 -9.48 -12.63 38.15
CA HIS R 423 -10.37 -12.06 37.20
C HIS R 423 -10.76 -12.99 36.02
N VAL R 424 -9.98 -13.94 35.72
CA VAL R 424 -10.13 -14.90 34.66
C VAL R 424 -10.26 -16.33 35.03
N ILE R 425 -9.69 -16.75 36.07
CA ILE R 425 -9.69 -18.07 36.59
C ILE R 425 -9.79 -18.16 38.12
N GLY R 426 -9.96 -19.34 38.61
CA GLY R 426 -10.04 -19.81 39.99
C GLY R 426 -11.30 -20.12 40.78
N SER R 427 -12.47 -19.82 40.28
CA SER R 427 -13.78 -20.00 40.84
C SER R 427 -14.77 -20.23 39.67
N VAL R 428 -15.80 -20.91 39.99
CA VAL R 428 -17.02 -21.13 39.23
C VAL R 428 -17.96 -19.99 39.44
N GLU R 429 -17.82 -18.98 38.65
CA GLU R 429 -18.49 -17.74 38.74
C GLU R 429 -18.69 -17.18 37.34
N VAL R 430 -19.74 -16.44 37.23
CA VAL R 430 -20.07 -15.83 35.99
C VAL R 430 -19.02 -14.82 35.60
N GLY R 431 -18.68 -14.91 34.41
CA GLY R 431 -17.73 -14.25 33.60
C GLY R 431 -16.32 -14.80 33.46
N LYS R 432 -16.02 -15.84 34.14
CA LYS R 432 -14.82 -16.54 34.16
C LYS R 432 -14.66 -17.64 33.13
N MET R 433 -13.37 -17.83 32.79
N MET R 433 -13.37 -17.82 32.80
CA MET R 433 -12.86 -18.83 31.83
CA MET R 433 -12.87 -18.81 31.83
C MET R 433 -13.36 -20.18 32.29
C MET R 433 -13.37 -20.18 32.31
N ALA R 434 -13.98 -20.96 31.31
CA ALA R 434 -14.42 -22.27 31.92
C ALA R 434 -13.25 -23.27 32.06
N ASP R 435 -12.42 -23.17 33.13
CA ASP R 435 -11.30 -24.04 33.62
C ASP R 435 -11.94 -24.81 34.82
N LEU R 436 -12.46 -25.95 34.58
CA LEU R 436 -13.34 -26.80 35.31
C LEU R 436 -12.94 -28.26 35.25
N VAL R 437 -13.24 -28.86 36.31
CA VAL R 437 -13.10 -30.20 36.70
C VAL R 437 -14.40 -30.80 37.23
N LEU R 438 -14.70 -31.93 36.68
CA LEU R 438 -15.71 -32.93 37.01
C LEU R 438 -15.23 -34.19 37.66
N TRP R 439 -15.80 -34.45 38.75
CA TRP R 439 -15.53 -35.53 39.62
C TRP R 439 -16.71 -36.42 40.00
N ASP R 440 -16.48 -37.61 40.08
CA ASP R 440 -17.31 -38.56 40.75
C ASP R 440 -17.07 -38.50 42.25
N PRO R 441 -18.12 -38.34 43.06
CA PRO R 441 -17.93 -38.32 44.50
C PRO R 441 -17.22 -39.41 45.10
N ARG R 442 -17.37 -40.55 44.58
CA ARG R 442 -16.68 -41.69 44.98
C ARG R 442 -15.12 -41.55 44.93
N PHE R 443 -14.61 -40.74 44.03
CA PHE R 443 -13.24 -40.46 43.62
C PHE R 443 -12.76 -39.02 43.86
N PHE R 444 -13.53 -38.21 44.55
CA PHE R 444 -13.32 -36.81 44.80
C PHE R 444 -11.91 -36.50 45.30
N GLY R 445 -11.22 -35.60 44.66
CA GLY R 445 -9.83 -35.27 44.93
C GLY R 445 -8.69 -36.03 44.30
N ALA R 446 -8.93 -37.24 44.03
CA ALA R 446 -8.06 -38.28 43.56
C ALA R 446 -8.04 -38.45 42.08
N LYS R 447 -9.14 -38.84 41.52
CA LYS R 447 -9.34 -39.27 40.13
C LYS R 447 -10.50 -38.60 39.44
N PRO R 448 -10.28 -37.53 38.73
CA PRO R 448 -11.35 -36.90 38.04
C PRO R 448 -11.86 -37.62 36.82
N LYS R 449 -13.01 -37.20 36.42
CA LYS R 449 -13.67 -37.66 35.20
C LYS R 449 -13.11 -36.95 33.97
N MET R 450 -13.05 -35.67 34.02
CA MET R 450 -12.64 -34.70 33.04
C MET R 450 -12.30 -33.31 33.47
N VAL R 451 -11.49 -32.74 32.65
CA VAL R 451 -11.04 -31.44 32.58
C VAL R 451 -11.44 -30.72 31.35
N ILE R 452 -12.11 -29.68 31.62
CA ILE R 452 -12.59 -28.67 30.77
C ILE R 452 -11.77 -27.42 30.92
N LYS R 453 -11.15 -27.11 29.77
CA LYS R 453 -10.07 -26.24 29.52
C LYS R 453 -10.55 -25.41 28.32
N GLY R 454 -10.85 -24.23 28.61
CA GLY R 454 -11.29 -23.15 27.89
C GLY R 454 -12.64 -23.38 27.21
N GLY R 455 -13.45 -24.20 27.78
CA GLY R 455 -14.71 -24.58 27.24
C GLY R 455 -14.81 -25.88 26.48
N MET R 456 -13.70 -26.52 26.16
CA MET R 456 -13.47 -27.83 25.60
C MET R 456 -12.81 -28.74 26.60
N ILE R 457 -13.15 -30.01 26.51
CA ILE R 457 -12.64 -31.12 27.18
C ILE R 457 -11.25 -31.39 26.56
N ASN R 458 -10.27 -31.22 27.36
CA ASN R 458 -8.87 -31.40 27.03
C ASN R 458 -8.24 -32.66 27.51
N TRP R 459 -8.73 -33.26 28.52
CA TRP R 459 -8.25 -34.34 29.29
C TRP R 459 -9.37 -35.06 30.00
N ALA R 460 -9.29 -36.31 29.95
CA ALA R 460 -10.21 -37.36 30.34
C ALA R 460 -9.75 -38.80 30.49
N ALA R 461 -10.38 -39.46 31.40
CA ALA R 461 -10.36 -40.86 31.62
C ALA R 461 -11.23 -41.55 30.58
N MET R 462 -10.59 -42.23 29.76
CA MET R 462 -10.99 -42.88 28.53
C MET R 462 -10.46 -44.29 28.47
N GLY R 463 -11.36 -45.27 28.16
CA GLY R 463 -11.00 -46.61 27.82
C GLY R 463 -10.91 -46.86 26.34
N ASP R 464 -11.03 -48.11 25.93
CA ASP R 464 -10.52 -48.71 24.67
C ASP R 464 -11.11 -47.80 23.58
N PRO R 465 -10.32 -47.06 22.78
CA PRO R 465 -10.87 -46.32 21.65
C PRO R 465 -11.53 -47.19 20.57
N ASN R 466 -11.21 -48.48 20.48
CA ASN R 466 -11.83 -49.45 19.59
C ASN R 466 -13.10 -50.04 20.13
N ALA R 467 -13.46 -49.72 21.32
CA ALA R 467 -14.54 -50.43 21.89
C ALA R 467 -15.84 -49.80 21.42
N SER R 468 -16.87 -50.47 21.70
CA SER R 468 -18.27 -50.10 21.46
C SER R 468 -18.83 -49.12 22.47
N LEU R 469 -18.16 -48.91 23.55
CA LEU R 469 -18.36 -47.80 24.46
C LEU R 469 -17.09 -47.09 24.87
N PRO R 470 -17.22 -45.97 25.56
CA PRO R 470 -16.08 -45.24 26.13
C PRO R 470 -15.57 -45.73 27.43
N THR R 471 -16.19 -46.64 28.01
CA THR R 471 -15.95 -47.17 29.30
C THR R 471 -15.22 -48.45 29.37
N PRO R 472 -15.08 -49.20 28.29
CA PRO R 472 -14.40 -50.42 28.43
C PRO R 472 -12.86 -50.29 28.62
N GLN R 473 -12.36 -51.22 29.35
CA GLN R 473 -11.02 -51.32 29.88
C GLN R 473 -9.97 -51.53 28.77
N PRO R 474 -8.77 -50.96 28.89
CA PRO R 474 -8.25 -50.18 29.99
C PRO R 474 -8.61 -48.73 29.97
N VAL R 475 -9.06 -48.26 31.08
CA VAL R 475 -9.36 -46.87 31.32
C VAL R 475 -8.12 -46.20 31.95
N PHE R 476 -7.64 -45.20 31.29
CA PHE R 476 -6.50 -44.36 31.59
C PHE R 476 -6.65 -42.99 30.91
N TYR R 477 -6.00 -42.01 31.49
CA TYR R 477 -6.01 -40.65 31.14
C TYR R 477 -5.22 -40.40 29.88
N ARG R 478 -5.85 -39.72 29.07
CA ARG R 478 -5.70 -39.41 27.67
C ARG R 478 -6.07 -38.01 27.26
N PRO R 479 -5.28 -37.40 26.42
CA PRO R 479 -5.73 -36.22 25.79
C PRO R 479 -6.95 -36.36 24.90
N MET R 480 -7.61 -35.33 24.88
CA MET R 480 -8.82 -35.08 24.14
C MET R 480 -8.64 -33.93 23.11
N PHE R 481 -9.67 -33.59 22.35
CA PHE R 481 -9.67 -32.62 21.24
C PHE R 481 -9.26 -31.21 21.63
N GLY R 482 -9.59 -30.74 22.80
CA GLY R 482 -9.10 -29.50 23.30
C GLY R 482 -7.56 -29.44 23.46
N ALA R 483 -6.96 -30.55 23.62
CA ALA R 483 -5.55 -30.93 23.66
C ALA R 483 -4.92 -31.22 22.30
N MET R 484 -5.56 -30.88 21.25
CA MET R 484 -5.29 -31.26 19.88
C MET R 484 -5.31 -30.07 18.99
N GLY R 485 -4.50 -30.17 18.01
CA GLY R 485 -4.33 -29.22 17.08
C GLY R 485 -4.05 -27.81 17.49
N LYS R 486 -4.64 -26.89 16.74
CA LYS R 486 -4.60 -25.46 17.07
C LYS R 486 -5.53 -25.09 18.26
N THR R 487 -6.47 -25.88 18.66
CA THR R 487 -7.38 -25.65 19.76
C THR R 487 -6.67 -25.61 21.12
N MET R 488 -5.68 -26.49 21.30
N MET R 488 -5.72 -26.51 21.26
CA MET R 488 -4.83 -26.60 22.54
CA MET R 488 -4.80 -26.65 22.42
C MET R 488 -4.30 -25.14 22.84
C MET R 488 -4.29 -25.20 22.79
N GLN R 489 -3.71 -24.35 21.90
CA GLN R 489 -3.30 -23.03 22.07
C GLN R 489 -4.46 -22.09 22.27
N ASP R 490 -5.53 -22.25 21.52
CA ASP R 490 -6.70 -21.44 21.61
C ASP R 490 -7.38 -21.46 22.96
N THR R 491 -7.32 -22.51 23.64
CA THR R 491 -7.96 -22.83 24.86
C THR R 491 -7.06 -22.69 26.09
N CYS R 492 -5.78 -22.35 25.86
CA CYS R 492 -4.74 -22.19 26.90
C CYS R 492 -4.24 -20.73 26.89
N VAL R 493 -3.94 -20.22 28.04
CA VAL R 493 -3.46 -18.92 28.41
C VAL R 493 -2.00 -19.00 28.85
N THR R 494 -1.29 -18.13 28.36
CA THR R 494 0.02 -17.67 28.77
C THR R 494 -0.15 -16.27 29.40
N PHE R 495 -0.09 -16.30 30.63
CA PHE R 495 0.03 -15.17 31.50
C PHE R 495 1.40 -14.47 31.42
N VAL R 496 1.28 -13.22 31.34
CA VAL R 496 2.27 -12.20 31.25
C VAL R 496 2.00 -10.88 32.02
N SER R 497 3.03 -10.10 32.12
CA SER R 497 3.07 -8.75 32.64
C SER R 497 2.34 -7.82 31.65
N GLN R 498 1.69 -6.86 32.13
CA GLN R 498 1.11 -5.77 31.38
C GLN R 498 2.13 -5.02 30.56
N ALA R 499 3.33 -4.90 31.07
CA ALA R 499 4.49 -4.31 30.43
C ALA R 499 4.80 -5.02 29.12
N ALA R 500 4.83 -6.27 29.19
CA ALA R 500 5.06 -7.18 28.10
C ALA R 500 3.94 -7.17 27.07
N LEU R 501 2.73 -7.20 27.54
CA LEU R 501 1.54 -7.15 26.76
C LEU R 501 1.52 -5.88 25.91
N ASP R 502 1.82 -4.79 26.53
CA ASP R 502 1.83 -3.50 25.97
C ASP R 502 2.97 -3.33 24.93
N ASP R 503 4.10 -3.96 25.12
CA ASP R 503 5.27 -4.04 24.28
C ASP R 503 5.13 -5.03 23.13
N GLY R 504 4.01 -5.67 22.98
CA GLY R 504 3.73 -6.66 22.00
C GLY R 504 4.29 -8.03 22.04
N VAL R 505 4.44 -8.58 23.21
CA VAL R 505 4.99 -9.88 23.48
C VAL R 505 4.39 -10.96 22.59
N LYS R 506 3.13 -10.87 22.33
CA LYS R 506 2.41 -11.83 21.55
C LYS R 506 2.94 -11.93 20.13
N GLU R 507 3.12 -10.83 19.46
CA GLU R 507 3.76 -10.66 18.15
C GLU R 507 5.24 -11.01 18.19
N LYS R 508 6.00 -10.33 19.02
CA LYS R 508 7.44 -10.44 19.20
C LYS R 508 7.92 -11.85 19.40
N ALA R 509 7.31 -12.57 20.27
CA ALA R 509 7.51 -13.96 20.61
C ALA R 509 6.76 -14.95 19.76
N GLY R 510 5.82 -14.47 19.01
CA GLY R 510 5.11 -15.26 18.11
C GLY R 510 4.21 -16.29 18.70
N LEU R 511 3.50 -15.96 19.75
CA LEU R 511 2.68 -16.82 20.51
C LEU R 511 1.27 -16.89 19.90
N ASP R 512 0.77 -18.08 19.80
CA ASP R 512 -0.57 -18.41 19.41
C ASP R 512 -1.53 -18.63 20.60
N ARG R 513 -1.01 -18.84 21.81
CA ARG R 513 -1.76 -18.94 23.05
C ARG R 513 -2.56 -17.69 23.25
N GLN R 514 -3.59 -17.77 24.07
CA GLN R 514 -4.16 -16.58 24.62
C GLN R 514 -3.10 -15.95 25.55
N VAL R 515 -2.88 -14.71 25.41
CA VAL R 515 -1.95 -13.89 26.21
C VAL R 515 -2.72 -12.83 27.00
N ILE R 516 -2.75 -13.00 28.26
CA ILE R 516 -3.48 -12.27 29.28
C ILE R 516 -2.56 -11.65 30.35
N ALA R 517 -2.74 -10.38 30.59
CA ALA R 517 -1.97 -9.59 31.55
C ALA R 517 -2.44 -9.93 32.94
N VAL R 518 -1.54 -10.35 33.79
CA VAL R 518 -1.76 -10.33 35.24
C VAL R 518 -2.08 -8.92 35.81
N LYS R 519 -2.91 -8.89 36.84
CA LYS R 519 -3.37 -7.61 37.41
C LYS R 519 -3.81 -7.83 38.86
N ASN R 520 -3.70 -6.90 39.72
CA ASN R 520 -4.12 -6.84 41.13
C ASN R 520 -3.26 -7.65 42.12
N CYS R 521 -1.99 -7.64 41.96
CA CYS R 521 -0.99 -8.45 42.72
C CYS R 521 -0.48 -7.67 43.97
N ARG R 522 -0.40 -6.39 43.93
CA ARG R 522 0.33 -5.50 44.86
C ARG R 522 -0.52 -4.81 45.94
N THR R 523 -1.79 -4.71 45.76
CA THR R 523 -2.78 -4.10 46.68
C THR R 523 -3.45 -5.11 47.64
N ILE R 524 -3.24 -6.29 47.45
CA ILE R 524 -3.71 -7.43 48.18
C ILE R 524 -2.84 -7.71 49.39
N SER R 525 -3.48 -8.27 50.33
CA SER R 525 -3.05 -8.73 51.59
C SER R 525 -3.71 -10.02 52.00
N LYS R 526 -3.27 -10.51 53.11
CA LYS R 526 -3.71 -11.74 53.67
C LYS R 526 -5.19 -11.79 53.86
N HIS R 527 -5.79 -10.70 54.24
CA HIS R 527 -7.22 -10.55 54.47
C HIS R 527 -8.08 -10.60 53.23
N ASP R 528 -7.51 -10.40 52.06
CA ASP R 528 -8.16 -10.61 50.78
C ASP R 528 -8.23 -12.05 50.36
N LEU R 529 -7.70 -12.87 51.11
CA LEU R 529 -7.66 -14.24 50.79
C LEU R 529 -8.99 -14.79 51.29
N VAL R 530 -9.45 -15.85 50.67
CA VAL R 530 -10.76 -16.46 50.88
C VAL R 530 -10.64 -17.67 51.77
N ARG R 531 -11.32 -17.59 52.87
CA ARG R 531 -11.46 -18.50 53.98
C ARG R 531 -10.13 -18.79 54.71
N ASN R 532 -9.08 -18.08 54.42
CA ASN R 532 -7.77 -18.31 54.94
C ASN R 532 -7.09 -16.95 55.20
N ASP R 533 -7.72 -16.14 56.01
CA ASP R 533 -7.42 -14.73 56.20
C ASP R 533 -6.92 -14.33 57.60
N GLN R 534 -6.60 -15.26 58.42
CA GLN R 534 -6.10 -15.19 59.79
C GLN R 534 -4.59 -14.87 59.92
N THR R 535 -4.31 -13.87 60.75
CA THR R 535 -3.01 -13.32 61.13
C THR R 535 -2.76 -13.40 62.65
N PRO R 536 -2.58 -14.56 63.21
CA PRO R 536 -2.26 -14.62 64.64
C PRO R 536 -0.80 -14.44 64.98
N ASN R 537 -0.54 -14.34 66.28
CA ASN R 537 0.81 -14.36 66.81
C ASN R 537 1.39 -15.74 66.76
N ILE R 538 2.51 -15.88 66.11
CA ILE R 538 3.23 -17.13 66.02
C ILE R 538 4.62 -17.04 66.62
N GLU R 539 4.88 -17.93 67.53
CA GLU R 539 6.10 -18.09 68.29
C GLU R 539 6.66 -19.50 68.13
N VAL R 540 7.91 -19.56 67.90
CA VAL R 540 8.70 -20.76 67.78
C VAL R 540 9.87 -20.74 68.76
N ASP R 541 9.98 -21.77 69.48
CA ASP R 541 11.02 -22.04 70.46
C ASP R 541 12.34 -22.44 69.83
N PRO R 542 13.38 -21.59 69.93
CA PRO R 542 14.66 -21.85 69.27
C PRO R 542 15.38 -23.07 69.77
N GLU R 543 15.00 -23.65 70.89
CA GLU R 543 15.55 -24.92 71.33
C GLU R 543 14.79 -26.13 70.82
N THR R 544 13.57 -26.26 71.22
CA THR R 544 12.71 -27.38 70.97
C THR R 544 11.81 -27.22 69.75
N PHE R 545 11.80 -26.07 69.09
CA PHE R 545 11.11 -25.80 67.82
C PHE R 545 9.60 -25.83 67.96
N ALA R 546 9.12 -25.88 69.20
CA ALA R 546 7.70 -25.89 69.56
C ALA R 546 7.05 -24.59 69.06
N VAL R 547 5.86 -24.64 68.51
CA VAL R 547 5.06 -23.56 67.99
C VAL R 547 3.82 -23.28 68.80
N LYS R 548 3.71 -22.05 69.14
CA LYS R 548 2.63 -21.41 69.83
C LYS R 548 1.99 -20.41 68.94
N VAL R 549 0.67 -20.45 68.84
CA VAL R 549 -0.18 -19.64 67.95
C VAL R 549 -1.14 -18.97 68.90
N ASP R 550 -1.09 -17.65 69.05
CA ASP R 550 -1.79 -16.87 70.10
C ASP R 550 -1.60 -17.57 71.46
N GLY R 551 -0.39 -17.98 71.83
CA GLY R 551 -0.07 -18.71 73.08
C GLY R 551 -0.48 -20.18 73.15
N VAL R 552 -1.01 -20.86 72.13
CA VAL R 552 -1.49 -22.19 72.21
C VAL R 552 -0.60 -23.05 71.35
N HIS R 553 -0.13 -24.08 71.97
CA HIS R 553 0.69 -25.05 71.37
C HIS R 553 -0.05 -25.61 70.19
N ALA R 554 0.62 -25.60 69.04
CA ALA R 554 0.10 -26.01 67.75
C ALA R 554 0.74 -27.30 67.36
N THR R 555 0.06 -28.39 67.68
CA THR R 555 0.47 -29.71 67.28
C THR R 555 -0.73 -30.65 67.07
N CYS R 556 -0.45 -31.77 66.46
CA CYS R 556 -1.31 -32.89 66.18
C CYS R 556 -0.34 -34.03 65.95
N GLU R 557 -0.84 -35.23 66.01
CA GLU R 557 -0.23 -36.51 65.96
C GLU R 557 -0.23 -37.08 64.56
N PRO R 558 0.80 -37.77 64.15
CA PRO R 558 0.77 -38.33 62.82
C PRO R 558 -0.17 -39.47 62.62
N ILE R 559 -0.71 -39.42 61.43
CA ILE R 559 -1.56 -40.44 60.84
C ILE R 559 -0.72 -41.62 60.41
N ASP R 560 -1.27 -42.77 60.67
CA ASP R 560 -0.91 -44.03 60.09
C ASP R 560 -1.50 -44.25 58.70
N THR R 561 -2.79 -44.00 58.55
CA THR R 561 -3.57 -44.27 57.34
C THR R 561 -4.22 -43.04 56.76
N ALA R 562 -3.82 -42.75 55.55
CA ALA R 562 -4.42 -41.80 54.68
C ALA R 562 -5.62 -42.35 53.89
N ALA R 563 -6.64 -41.49 53.75
CA ALA R 563 -7.85 -41.66 52.91
C ALA R 563 -7.50 -41.31 51.43
N MET R 564 -8.22 -41.84 50.45
CA MET R 564 -8.07 -41.53 49.02
C MET R 564 -6.64 -41.97 48.68
N ASN R 565 -6.19 -43.10 49.14
CA ASN R 565 -4.75 -43.40 49.10
C ASN R 565 -4.51 -44.78 48.48
N GLN R 566 -4.23 -45.84 49.22
CA GLN R 566 -3.87 -47.19 48.70
C GLN R 566 -5.11 -47.90 48.08
N ARG R 567 -6.33 -47.55 48.44
CA ARG R 567 -7.58 -48.05 47.87
C ARG R 567 -7.76 -47.77 46.39
N TYR R 568 -7.41 -46.64 45.98
CA TYR R 568 -7.57 -45.94 44.72
C TYR R 568 -6.38 -45.99 43.76
N PHE R 569 -5.18 -46.20 44.21
CA PHE R 569 -3.98 -46.01 43.45
C PHE R 569 -3.11 -47.29 43.42
N PHE R 570 -2.66 -47.65 42.24
CA PHE R 570 -1.59 -48.60 41.94
C PHE R 570 -0.19 -47.99 42.07
N GLY R 571 -0.05 -46.68 41.85
CA GLY R 571 1.13 -45.76 41.57
C GLY R 571 2.33 -46.36 42.25
N MET S 1 17.71 -46.12 35.72
CA MET S 1 18.15 -47.14 34.77
C MET S 1 18.45 -46.72 33.33
N GLN S 2 18.13 -45.50 33.03
CA GLN S 2 18.34 -44.76 31.90
C GLN S 2 18.00 -45.55 30.61
N LEU S 3 16.76 -45.92 30.56
CA LEU S 3 16.18 -46.66 29.46
C LEU S 3 15.95 -45.82 28.23
N THR S 4 16.56 -46.30 27.21
CA THR S 4 16.53 -45.89 25.86
C THR S 4 15.31 -46.45 25.13
N PRO S 5 14.88 -45.81 24.09
CA PRO S 5 13.75 -46.32 23.30
C PRO S 5 13.78 -47.82 22.92
N ARG S 6 14.93 -48.33 22.56
CA ARG S 6 15.19 -49.75 22.24
C ARG S 6 14.95 -50.72 23.39
N GLU S 7 15.30 -50.31 24.55
CA GLU S 7 15.10 -50.97 25.84
C GLU S 7 13.65 -51.00 26.26
N VAL S 8 12.98 -49.91 26.17
CA VAL S 8 11.60 -49.81 26.51
C VAL S 8 10.77 -50.70 25.58
N GLU S 9 11.00 -50.62 24.28
CA GLU S 9 10.29 -51.39 23.22
C GLU S 9 10.31 -52.87 23.49
N LYS S 10 11.39 -53.38 23.96
CA LYS S 10 11.54 -54.74 24.27
C LYS S 10 10.69 -55.23 25.42
N LEU S 11 10.20 -54.37 26.30
CA LEU S 11 9.27 -54.77 27.32
C LEU S 11 7.96 -55.37 26.75
N MET S 12 7.50 -54.86 25.59
CA MET S 12 6.28 -55.39 24.91
C MET S 12 6.51 -56.90 24.69
N ILE S 13 7.68 -57.32 24.23
CA ILE S 13 7.98 -58.71 23.88
C ILE S 13 7.87 -59.62 25.08
N TYR S 14 8.45 -59.20 26.14
CA TYR S 14 8.45 -59.88 27.41
C TYR S 14 7.09 -60.11 28.01
N THR S 15 6.22 -59.13 27.86
CA THR S 15 4.83 -59.16 28.35
C THR S 15 3.96 -60.10 27.50
N LEU S 16 4.05 -59.98 26.19
N LEU S 16 4.05 -59.98 26.19
CA LEU S 16 3.22 -60.84 25.28
CA LEU S 16 3.22 -60.84 25.28
C LEU S 16 3.70 -62.33 25.51
C LEU S 16 3.70 -62.33 25.51
N SER S 17 5.01 -62.75 25.48
CA SER S 17 5.58 -64.06 25.76
C SER S 17 5.30 -64.61 27.08
N ASP S 18 5.18 -63.82 28.09
CA ASP S 18 4.70 -64.37 29.33
C ASP S 18 3.26 -64.87 29.23
N VAL S 19 2.38 -64.09 28.65
CA VAL S 19 1.03 -64.48 28.37
C VAL S 19 1.02 -65.75 27.50
N ALA S 20 1.79 -65.73 26.44
CA ALA S 20 1.91 -66.85 25.50
C ALA S 20 2.41 -68.13 26.13
N PHE S 21 3.41 -68.09 26.95
CA PHE S 21 3.87 -69.25 27.63
C PHE S 21 2.86 -69.80 28.60
N LYS S 22 2.06 -68.98 29.25
CA LYS S 22 0.99 -69.43 30.13
C LYS S 22 -0.08 -70.18 29.36
N ARG S 23 -0.44 -69.67 28.20
CA ARG S 23 -1.44 -70.24 27.32
C ARG S 23 -1.02 -71.59 26.76
N LYS S 24 0.20 -71.72 26.28
CA LYS S 24 0.74 -72.94 25.79
C LYS S 24 0.75 -74.04 26.85
N ALA S 25 1.01 -73.68 28.07
CA ALA S 25 1.01 -74.57 29.20
C ALA S 25 -0.35 -75.07 29.67
N ARG S 26 -1.44 -74.35 29.41
CA ARG S 26 -2.85 -74.74 29.43
C ARG S 26 -3.33 -75.60 28.27
N GLY S 27 -2.46 -75.97 27.38
CA GLY S 27 -2.81 -76.54 26.14
C GLY S 27 -3.46 -75.74 25.08
N LEU S 28 -3.39 -74.46 25.10
CA LEU S 28 -3.92 -73.67 24.02
C LEU S 28 -2.94 -73.64 22.87
N LYS S 29 -3.48 -73.82 21.70
N LYS S 29 -3.48 -73.83 21.71
CA LYS S 29 -2.83 -73.61 20.44
CA LYS S 29 -2.80 -73.62 20.45
C LYS S 29 -2.72 -72.13 20.14
C LYS S 29 -2.72 -72.12 20.15
N LEU S 30 -1.53 -71.70 19.84
CA LEU S 30 -1.17 -70.32 19.72
C LEU S 30 -1.43 -69.76 18.38
N ASN S 31 -1.71 -68.52 18.40
CA ASN S 31 -1.87 -67.65 17.33
C ASN S 31 -0.58 -66.98 16.91
N TYR S 32 -0.68 -66.21 15.99
CA TYR S 32 0.38 -65.49 15.27
C TYR S 32 1.21 -64.61 16.22
N PRO S 33 0.70 -63.54 16.73
CA PRO S 33 1.39 -62.75 17.77
C PRO S 33 2.03 -63.50 18.92
N GLU S 34 1.35 -64.39 19.49
CA GLU S 34 1.81 -65.21 20.58
C GLU S 34 3.03 -66.05 20.18
N ALA S 35 2.97 -66.68 19.05
CA ALA S 35 4.00 -67.57 18.53
C ALA S 35 5.26 -66.82 18.18
N VAL S 36 5.11 -65.72 17.48
CA VAL S 36 6.18 -64.79 17.19
C VAL S 36 6.86 -64.32 18.48
N SER S 37 6.11 -64.05 19.53
CA SER S 37 6.59 -63.68 20.86
C SER S 37 7.55 -64.69 21.45
N ILE S 38 7.19 -65.94 21.45
CA ILE S 38 7.89 -67.02 22.06
C ILE S 38 9.22 -67.29 21.34
N ILE S 39 9.23 -67.23 20.04
CA ILE S 39 10.42 -67.40 19.24
C ILE S 39 11.37 -66.24 19.49
N THR S 40 10.85 -65.04 19.51
CA THR S 40 11.59 -63.81 19.71
C THR S 40 12.32 -63.79 21.04
N VAL S 41 11.65 -64.13 22.11
CA VAL S 41 12.17 -64.11 23.45
C VAL S 41 13.17 -65.20 23.69
N THR S 42 13.02 -66.31 23.01
CA THR S 42 13.92 -67.43 23.07
C THR S 42 15.32 -67.01 22.60
N ALA S 43 15.37 -66.34 21.49
CA ALA S 43 16.54 -65.71 20.95
C ALA S 43 17.17 -64.70 21.88
N MET S 44 16.41 -63.71 22.21
CA MET S 44 16.74 -62.69 23.17
C MET S 44 17.32 -63.23 24.45
N GLU S 45 16.74 -64.25 24.99
CA GLU S 45 17.22 -64.80 26.23
C GLU S 45 18.52 -65.58 26.07
N GLY S 46 18.68 -66.22 24.95
CA GLY S 46 19.90 -66.85 24.57
C GLY S 46 21.08 -65.94 24.49
N ALA S 47 20.93 -64.86 23.76
CA ALA S 47 21.82 -63.74 23.68
C ALA S 47 22.33 -63.35 25.06
N ARG S 48 21.42 -63.22 26.00
CA ARG S 48 21.68 -62.73 27.35
C ARG S 48 22.46 -63.72 28.15
N ASP S 49 22.09 -64.97 27.92
CA ASP S 49 22.70 -66.20 28.45
C ASP S 49 24.12 -66.38 27.85
N GLY S 50 24.57 -65.66 26.82
CA GLY S 50 25.92 -65.76 26.31
C GLY S 50 26.20 -66.62 25.10
N LYS S 51 25.21 -67.19 24.49
CA LYS S 51 25.29 -67.96 23.29
C LYS S 51 25.64 -67.14 22.07
N SER S 52 26.01 -67.86 21.08
CA SER S 52 26.28 -67.37 19.76
C SER S 52 24.96 -67.18 19.00
N VAL S 53 25.01 -66.35 17.97
CA VAL S 53 23.94 -66.14 17.03
C VAL S 53 23.52 -67.46 16.40
N GLU S 54 24.50 -68.23 16.00
CA GLU S 54 24.32 -69.55 15.42
C GLU S 54 23.56 -70.47 16.34
N ASP S 55 23.98 -70.54 17.57
CA ASP S 55 23.37 -71.37 18.56
C ASP S 55 21.97 -70.92 18.97
N VAL S 56 21.71 -69.63 19.06
CA VAL S 56 20.41 -69.17 19.49
C VAL S 56 19.39 -69.48 18.41
N MET S 57 19.74 -69.20 17.17
N MET S 57 19.74 -69.21 17.15
CA MET S 57 19.06 -69.55 15.95
CA MET S 57 19.05 -69.58 15.94
C MET S 57 18.51 -70.94 15.92
C MET S 57 18.49 -70.96 15.95
N LYS S 58 19.33 -71.93 16.15
CA LYS S 58 18.90 -73.30 16.31
C LYS S 58 17.83 -73.45 17.35
N GLU S 59 18.15 -72.97 18.53
CA GLU S 59 17.30 -73.00 19.73
C GLU S 59 15.92 -72.45 19.37
N ALA S 60 15.79 -71.32 18.78
CA ALA S 60 14.57 -70.63 18.46
C ALA S 60 13.79 -71.27 17.36
N SER S 61 14.49 -71.87 16.41
CA SER S 61 13.86 -72.64 15.31
C SER S 61 13.28 -73.96 15.86
N LYS S 62 13.46 -74.32 17.11
CA LYS S 62 12.98 -75.55 17.70
C LYS S 62 11.97 -75.45 18.83
N VAL S 63 11.62 -74.28 19.28
CA VAL S 63 10.76 -74.07 20.44
C VAL S 63 9.31 -74.39 20.15
N LEU S 64 8.83 -74.06 18.97
CA LEU S 64 7.47 -74.31 18.55
C LEU S 64 7.36 -75.26 17.36
N THR S 65 6.40 -76.12 17.44
CA THR S 65 5.92 -77.05 16.42
C THR S 65 4.58 -76.70 15.81
N LYS S 66 4.31 -77.39 14.70
N LYS S 66 4.30 -77.38 14.70
CA LYS S 66 3.02 -77.37 14.06
CA LYS S 66 3.01 -77.36 14.05
C LYS S 66 1.89 -77.68 15.01
C LYS S 66 1.88 -77.69 15.00
N ASP S 67 2.06 -78.67 15.86
CA ASP S 67 1.05 -79.01 16.84
C ASP S 67 0.74 -77.90 17.82
N ASP S 68 1.68 -77.09 18.18
CA ASP S 68 1.61 -76.08 19.20
C ASP S 68 0.98 -74.80 18.72
N VAL S 69 0.72 -74.70 17.47
CA VAL S 69 0.11 -73.58 16.84
C VAL S 69 -1.18 -73.96 16.13
N MET S 70 -1.97 -72.96 16.04
CA MET S 70 -3.18 -72.94 15.29
C MET S 70 -2.90 -73.10 13.79
N ASP S 71 -3.71 -73.92 13.16
CA ASP S 71 -3.61 -74.25 11.75
C ASP S 71 -3.49 -73.01 10.87
N GLY S 72 -2.47 -72.99 10.10
CA GLY S 72 -2.14 -71.93 9.26
C GLY S 72 -1.07 -70.96 9.73
N VAL S 73 -0.75 -70.92 11.00
CA VAL S 73 0.09 -69.88 11.58
C VAL S 73 1.46 -69.94 10.98
N ALA S 74 1.96 -71.12 10.76
CA ALA S 74 3.16 -71.35 9.99
C ALA S 74 3.31 -70.52 8.74
N ASP S 75 2.23 -70.45 7.96
CA ASP S 75 2.13 -69.68 6.70
C ASP S 75 2.29 -68.19 6.98
N LEU S 76 2.00 -67.72 8.18
CA LEU S 76 2.07 -66.39 8.65
C LEU S 76 3.43 -65.99 9.20
N ILE S 77 4.27 -66.93 9.52
CA ILE S 77 5.57 -66.85 10.11
C ILE S 77 6.54 -67.64 9.25
N PRO S 78 6.87 -67.19 8.13
CA PRO S 78 7.96 -67.79 7.41
C PRO S 78 9.34 -67.64 8.03
N ASN S 79 9.70 -66.44 8.43
CA ASN S 79 10.80 -66.11 9.29
C ASN S 79 10.41 -65.15 10.39
N VAL S 80 11.14 -65.22 11.50
CA VAL S 80 11.22 -64.21 12.56
C VAL S 80 12.59 -63.59 12.71
N GLN S 81 12.63 -62.27 12.72
CA GLN S 81 13.74 -61.45 13.05
C GLN S 81 13.62 -60.55 14.30
N VAL S 82 14.69 -60.58 15.06
CA VAL S 82 15.01 -59.77 16.24
C VAL S 82 16.48 -59.48 16.44
N GLU S 83 16.73 -58.29 16.88
CA GLU S 83 17.95 -57.77 17.42
C GLU S 83 18.00 -57.99 18.89
N ALA S 84 19.01 -58.67 19.26
CA ALA S 84 19.42 -59.02 20.55
C ALA S 84 20.84 -58.54 20.87
N ILE S 85 21.12 -58.53 22.11
CA ILE S 85 22.32 -57.98 22.68
C ILE S 85 23.11 -59.20 23.15
N PHE S 86 24.04 -59.50 22.36
CA PHE S 86 25.03 -60.53 22.50
C PHE S 86 26.22 -59.95 23.25
N THR S 87 27.06 -60.80 23.75
CA THR S 87 28.33 -60.42 24.36
C THR S 87 29.19 -59.46 23.54
N ASP S 88 29.23 -59.62 22.26
CA ASP S 88 29.89 -58.77 21.33
C ASP S 88 29.05 -57.66 20.75
N GLY S 89 27.88 -57.51 21.13
CA GLY S 89 27.02 -56.44 20.79
C GLY S 89 25.69 -56.85 20.32
N SER S 90 24.98 -55.87 19.87
CA SER S 90 23.75 -56.02 19.18
C SER S 90 23.99 -56.68 17.83
N ARG S 91 23.22 -57.64 17.57
CA ARG S 91 23.14 -58.48 16.40
C ARG S 91 21.74 -58.93 15.99
N LEU S 92 21.49 -58.89 14.71
CA LEU S 92 20.37 -59.50 14.07
C LEU S 92 20.45 -60.98 13.97
N VAL S 93 19.42 -61.57 14.48
CA VAL S 93 19.03 -62.96 14.45
C VAL S 93 17.81 -63.10 13.54
N THR S 94 17.98 -63.82 12.46
CA THR S 94 16.94 -64.41 11.67
C THR S 94 16.86 -65.87 11.99
N VAL S 95 15.66 -66.27 12.17
CA VAL S 95 15.22 -67.59 12.48
C VAL S 95 14.38 -68.01 11.29
N HIS S 96 14.83 -69.00 10.54
CA HIS S 96 14.26 -69.45 9.25
C HIS S 96 13.22 -70.54 9.49
N ASP S 97 12.00 -70.41 8.96
CA ASP S 97 10.92 -71.44 9.06
C ASP S 97 10.81 -71.95 10.51
N PRO S 98 10.61 -71.12 11.54
CA PRO S 98 10.61 -71.64 12.90
C PRO S 98 9.55 -72.68 13.27
N ILE S 99 8.39 -72.76 12.64
CA ILE S 99 7.34 -73.69 12.96
C ILE S 99 7.46 -74.81 11.93
N LYS S 100 8.01 -75.89 12.39
CA LYS S 100 8.25 -77.06 11.57
C LYS S 100 7.25 -78.11 11.97
N SER T 1 -5.90 -76.84 -5.27
CA SER T 1 -7.34 -77.06 -5.51
C SER T 1 -8.17 -75.85 -5.05
N GLU T 2 -7.98 -75.48 -3.77
CA GLU T 2 -8.66 -74.45 -2.93
C GLU T 2 -8.65 -74.91 -1.49
N GLN T 3 -8.93 -76.20 -1.26
CA GLN T 3 -8.96 -76.92 0.04
C GLN T 3 -7.54 -77.04 0.63
N ASN T 4 -6.51 -76.92 -0.21
CA ASN T 4 -5.10 -77.11 0.10
C ASN T 4 -4.20 -75.86 0.11
N THR T 5 -4.64 -74.76 -0.44
CA THR T 5 -3.87 -73.53 -0.49
C THR T 5 -3.57 -72.99 0.90
N PRO T 6 -2.34 -72.65 1.22
CA PRO T 6 -2.07 -71.94 2.49
C PRO T 6 -2.75 -70.58 2.56
N LEU T 7 -2.76 -70.02 3.77
CA LEU T 7 -3.25 -68.64 4.04
C LEU T 7 -2.50 -67.74 3.06
N GLY T 8 -3.15 -66.90 2.30
CA GLY T 8 -2.78 -65.99 1.32
C GLY T 8 -2.24 -66.56 0.06
N GLY T 9 -2.35 -67.86 -0.10
CA GLY T 9 -1.77 -68.54 -1.17
C GLY T 9 -2.48 -68.33 -2.45
N CYS T 10 -1.73 -68.66 -3.44
CA CYS T 10 -2.04 -68.60 -4.83
C CYS T 10 -2.32 -69.98 -5.42
N ILE T 11 -3.32 -70.03 -6.25
CA ILE T 11 -3.61 -71.14 -7.16
C ILE T 11 -3.26 -70.67 -8.54
N LEU T 12 -2.19 -71.19 -9.02
CA LEU T 12 -1.66 -70.85 -10.33
C LEU T 12 -2.19 -71.77 -11.40
N ALA T 13 -2.56 -71.15 -12.48
CA ALA T 13 -2.81 -71.86 -13.72
C ALA T 13 -1.59 -72.64 -14.23
N ASP T 14 -1.73 -73.32 -15.37
CA ASP T 14 -0.71 -74.20 -15.93
C ASP T 14 0.09 -73.60 -17.06
N THR T 15 -0.53 -72.84 -17.92
CA THR T 15 0.04 -72.35 -19.10
C THR T 15 1.31 -71.55 -18.85
N PRO T 16 2.44 -71.95 -19.42
CA PRO T 16 3.66 -71.14 -19.37
C PRO T 16 3.53 -69.75 -19.95
N ILE T 17 4.41 -68.91 -19.48
CA ILE T 17 4.49 -67.55 -19.93
C ILE T 17 5.56 -67.47 -21.01
N THR T 18 5.23 -66.83 -22.06
CA THR T 18 6.10 -66.57 -23.17
C THR T 18 6.39 -65.09 -23.30
N PHE T 19 7.67 -64.79 -23.23
CA PHE T 19 8.20 -63.46 -23.32
C PHE T 19 9.30 -63.31 -24.37
N ASN T 20 9.42 -62.11 -24.87
CA ASN T 20 10.37 -61.57 -25.80
C ASN T 20 10.30 -62.26 -27.19
N GLU T 21 9.22 -63.00 -27.49
CA GLU T 21 8.94 -63.86 -28.67
C GLU T 21 9.22 -63.25 -30.01
N ASN T 22 9.04 -61.99 -30.18
CA ASN T 22 9.15 -61.34 -31.45
C ASN T 22 10.54 -60.84 -31.78
N LYS T 23 11.32 -60.81 -30.93
CA LYS T 23 12.52 -60.08 -30.93
C LYS T 23 13.69 -60.96 -31.47
N PRO T 24 14.51 -60.47 -32.41
CA PRO T 24 15.62 -61.26 -32.96
C PRO T 24 16.83 -61.43 -32.06
N VAL T 25 17.28 -62.67 -32.00
CA VAL T 25 18.27 -63.16 -31.05
C VAL T 25 19.64 -63.37 -31.68
N THR T 26 20.62 -62.73 -31.10
CA THR T 26 22.04 -62.79 -31.34
C THR T 26 22.76 -63.50 -30.20
N LYS T 27 23.34 -64.60 -30.49
CA LYS T 27 24.24 -65.29 -29.59
C LYS T 27 25.69 -64.81 -29.67
N VAL T 28 26.23 -64.44 -28.55
CA VAL T 28 27.61 -64.05 -28.39
C VAL T 28 28.28 -64.90 -27.33
N LYS T 29 29.58 -65.05 -27.50
CA LYS T 29 30.51 -65.78 -26.62
C LYS T 29 31.29 -64.83 -25.73
N VAL T 30 31.23 -65.04 -24.45
CA VAL T 30 31.72 -64.12 -23.45
C VAL T 30 32.73 -64.80 -22.55
N ARG T 31 33.92 -64.26 -22.52
CA ARG T 31 34.97 -64.64 -21.61
C ARG T 31 35.34 -63.51 -20.65
N ASN T 32 35.35 -63.82 -19.39
CA ASN T 32 35.85 -62.98 -18.31
C ASN T 32 37.34 -63.19 -18.11
N THR T 33 38.05 -62.23 -18.55
CA THR T 33 39.46 -61.97 -18.49
C THR T 33 39.97 -61.23 -17.30
N GLY T 34 39.15 -60.88 -16.35
CA GLY T 34 39.58 -60.39 -15.08
C GLY T 34 39.64 -61.42 -14.04
N ASP T 35 40.14 -60.98 -12.92
CA ASP T 35 40.26 -61.78 -11.70
C ASP T 35 39.07 -61.72 -10.78
N ARG T 36 38.12 -60.90 -11.05
CA ARG T 36 36.98 -60.75 -10.24
C ARG T 36 35.66 -61.05 -10.96
N PRO T 37 34.71 -61.62 -10.24
CA PRO T 37 33.39 -61.88 -10.78
C PRO T 37 32.67 -60.65 -11.31
N ILE T 38 32.03 -60.85 -12.41
CA ILE T 38 31.21 -59.91 -13.17
C ILE T 38 29.83 -60.52 -13.33
N GLN T 39 28.82 -59.76 -13.01
CA GLN T 39 27.40 -60.04 -13.10
C GLN T 39 26.63 -58.88 -13.73
N VAL T 40 25.87 -59.25 -14.71
CA VAL T 40 25.16 -58.37 -15.61
C VAL T 40 23.67 -58.74 -15.63
N GLY T 41 22.88 -57.77 -15.52
CA GLY T 41 21.44 -57.82 -15.58
C GLY T 41 20.78 -57.67 -16.89
N SER T 42 19.49 -57.90 -16.86
CA SER T 42 18.65 -58.12 -18.00
C SER T 42 18.54 -56.93 -18.94
N HIS T 43 18.49 -55.74 -18.37
CA HIS T 43 18.31 -54.41 -19.04
C HIS T 43 19.57 -53.61 -19.23
N PHE T 44 20.66 -54.05 -18.76
CA PHE T 44 21.93 -53.39 -19.09
C PHE T 44 22.26 -53.50 -20.57
N HIS T 45 22.80 -52.48 -21.13
CA HIS T 45 23.32 -52.33 -22.50
C HIS T 45 24.61 -53.11 -22.60
N PHE T 46 24.47 -54.36 -23.04
CA PHE T 46 25.55 -55.40 -23.07
C PHE T 46 26.87 -54.83 -23.65
N PHE T 47 26.86 -54.07 -24.72
CA PHE T 47 27.92 -53.28 -25.28
C PHE T 47 28.84 -52.55 -24.36
N GLU T 48 28.34 -52.15 -23.24
CA GLU T 48 28.94 -51.27 -22.30
C GLU T 48 29.29 -51.94 -21.01
N VAL T 49 29.21 -53.29 -20.95
CA VAL T 49 29.55 -54.09 -19.75
C VAL T 49 31.06 -53.97 -19.49
N ASN T 50 31.47 -54.24 -18.26
CA ASN T 50 32.83 -54.26 -17.68
C ASN T 50 33.88 -54.50 -18.81
N ARG T 51 34.71 -53.54 -19.12
CA ARG T 51 35.95 -53.64 -19.96
C ARG T 51 36.57 -55.06 -19.95
N ALA T 52 36.76 -55.72 -18.83
CA ALA T 52 37.35 -57.09 -18.68
C ALA T 52 36.64 -58.22 -19.43
N LEU T 53 35.37 -58.13 -19.79
CA LEU T 53 34.62 -59.03 -20.60
C LEU T 53 35.04 -58.86 -22.05
N GLU T 54 35.34 -59.99 -22.64
CA GLU T 54 35.82 -60.10 -24.02
C GLU T 54 34.77 -60.87 -24.78
N PHE T 55 34.19 -60.30 -25.80
CA PHE T 55 33.12 -60.76 -26.62
C PHE T 55 33.11 -59.87 -27.84
N ASP T 56 32.28 -60.17 -28.83
CA ASP T 56 32.09 -59.41 -30.05
C ASP T 56 31.21 -58.22 -29.77
N ARG T 57 31.86 -57.15 -29.52
CA ARG T 57 31.23 -56.02 -28.92
C ARG T 57 30.25 -55.40 -29.92
N ALA T 58 30.66 -55.33 -31.15
CA ALA T 58 29.86 -54.91 -32.28
C ALA T 58 28.52 -55.59 -32.39
N ALA T 59 28.48 -56.85 -32.02
CA ALA T 59 27.27 -57.64 -32.05
C ALA T 59 26.25 -57.31 -30.95
N ALA T 60 26.66 -56.84 -29.83
CA ALA T 60 25.98 -56.36 -28.65
C ALA T 60 25.51 -54.91 -28.71
N TYR T 61 25.87 -54.18 -29.71
CA TYR T 61 25.38 -52.85 -30.00
C TYR T 61 23.89 -52.86 -30.10
N GLY T 62 23.30 -52.12 -29.25
CA GLY T 62 21.90 -52.03 -29.02
C GLY T 62 21.26 -53.12 -28.40
N LYS T 63 21.98 -53.92 -27.70
CA LYS T 63 21.51 -55.12 -27.11
C LYS T 63 21.62 -55.31 -25.61
N ARG T 64 20.71 -56.12 -25.16
CA ARG T 64 20.45 -56.67 -23.88
C ARG T 64 20.32 -58.18 -23.91
N LEU T 65 20.49 -58.71 -22.79
CA LEU T 65 20.31 -60.09 -22.51
C LEU T 65 18.85 -60.53 -22.52
N ASN T 66 18.59 -61.62 -23.20
CA ASN T 66 17.32 -62.24 -23.46
C ASN T 66 16.99 -63.22 -22.37
N ILE T 67 16.89 -62.66 -21.20
CA ILE T 67 16.53 -63.30 -19.97
C ILE T 67 15.35 -62.56 -19.31
N SER T 68 14.84 -63.18 -18.25
CA SER T 68 13.77 -62.62 -17.45
C SER T 68 14.15 -61.28 -16.86
N SER T 69 13.33 -60.31 -17.11
CA SER T 69 13.34 -59.07 -16.36
C SER T 69 13.63 -59.36 -14.91
N THR T 70 14.57 -58.65 -14.47
CA THR T 70 15.11 -58.51 -13.15
C THR T 70 16.20 -59.50 -12.82
N THR T 71 16.42 -60.47 -13.65
CA THR T 71 17.41 -61.48 -13.40
C THR T 71 18.74 -61.06 -14.09
N ALA T 72 19.74 -61.84 -13.88
CA ALA T 72 21.12 -61.59 -14.21
C ALA T 72 21.88 -62.87 -14.61
N ILE T 73 23.02 -62.64 -15.23
CA ILE T 73 23.97 -63.69 -15.63
C ILE T 73 25.34 -63.36 -14.98
N ARG T 74 25.93 -64.31 -14.34
CA ARG T 74 27.19 -64.30 -13.66
C ARG T 74 28.32 -64.92 -14.49
N PHE T 75 29.31 -64.17 -14.66
CA PHE T 75 30.53 -64.46 -15.40
C PHE T 75 31.67 -64.49 -14.41
N GLU T 76 31.99 -65.66 -13.96
CA GLU T 76 33.11 -65.95 -13.08
C GLU T 76 34.45 -65.85 -13.80
N PRO T 77 35.52 -65.57 -13.07
CA PRO T 77 36.82 -65.41 -13.71
C PRO T 77 37.31 -66.63 -14.46
N GLY T 78 37.68 -66.36 -15.69
CA GLY T 78 38.21 -67.23 -16.66
C GLY T 78 37.30 -68.29 -17.17
N ASP T 79 36.06 -67.97 -17.39
CA ASP T 79 35.07 -68.90 -17.83
C ASP T 79 34.44 -68.34 -19.08
N GLU T 80 33.90 -69.21 -19.87
CA GLU T 80 33.28 -68.87 -21.10
C GLU T 80 31.87 -69.37 -21.17
N THR T 81 30.99 -68.49 -21.56
CA THR T 81 29.55 -68.65 -21.64
C THR T 81 29.03 -68.00 -22.88
N GLU T 82 28.07 -68.65 -23.48
CA GLU T 82 27.34 -68.13 -24.57
C GLU T 82 26.07 -67.48 -24.02
N VAL T 83 25.78 -66.32 -24.53
CA VAL T 83 24.63 -65.60 -24.12
C VAL T 83 23.72 -65.14 -25.23
N PRO T 84 22.41 -65.23 -25.01
CA PRO T 84 21.47 -64.70 -25.96
C PRO T 84 21.24 -63.20 -25.78
N LEU T 85 21.28 -62.52 -26.83
CA LEU T 85 21.07 -61.10 -26.97
C LEU T 85 19.90 -60.77 -27.87
N ILE T 86 19.23 -59.71 -27.53
CA ILE T 86 18.05 -59.13 -28.12
C ILE T 86 18.11 -57.60 -28.08
N PRO T 87 17.50 -56.93 -29.01
CA PRO T 87 17.43 -55.50 -28.99
C PRO T 87 16.45 -54.95 -27.99
N PHE T 88 16.79 -53.81 -27.54
CA PHE T 88 15.97 -52.92 -26.79
C PHE T 88 14.79 -52.47 -27.65
N GLY T 89 13.76 -52.16 -26.99
CA GLY T 89 12.60 -51.61 -27.54
C GLY T 89 12.49 -50.13 -27.41
N GLY T 90 11.28 -49.69 -27.50
CA GLY T 90 10.92 -48.34 -27.56
C GLY T 90 11.58 -47.54 -28.62
N LYS T 91 12.09 -46.46 -28.23
CA LYS T 91 12.79 -45.58 -29.13
C LYS T 91 14.28 -46.00 -29.37
N GLN T 92 14.83 -46.99 -28.73
CA GLN T 92 16.21 -47.42 -28.87
C GLN T 92 17.21 -46.32 -28.64
N THR T 93 16.95 -45.55 -27.65
CA THR T 93 17.70 -44.44 -27.12
C THR T 93 18.26 -44.80 -25.75
N LEU T 94 19.53 -44.89 -25.72
CA LEU T 94 20.37 -45.33 -24.66
C LEU T 94 21.29 -44.20 -24.21
N TYR T 95 20.98 -43.61 -23.03
CA TYR T 95 21.78 -42.53 -22.42
C TYR T 95 22.46 -43.05 -21.16
N GLY T 96 23.66 -42.60 -20.86
CA GLY T 96 24.37 -43.04 -19.66
C GLY T 96 25.15 -44.34 -19.82
N PHE T 97 25.09 -45.28 -18.87
CA PHE T 97 25.91 -46.52 -18.80
C PHE T 97 27.39 -46.01 -18.75
N ASN T 98 28.26 -46.26 -19.72
CA ASN T 98 29.70 -45.90 -19.73
C ASN T 98 30.03 -44.76 -20.69
N ASN T 99 29.05 -44.13 -21.16
CA ASN T 99 29.02 -43.02 -22.04
C ASN T 99 29.64 -43.35 -23.42
N LEU T 100 29.41 -44.56 -23.87
CA LEU T 100 29.80 -45.11 -25.17
C LEU T 100 28.90 -44.73 -26.35
N VAL T 101 27.63 -44.64 -26.17
CA VAL T 101 26.62 -44.28 -27.13
C VAL T 101 25.97 -42.92 -26.86
N ASP T 102 25.24 -42.79 -25.77
CA ASP T 102 24.50 -41.58 -25.51
C ASP T 102 23.70 -41.09 -26.71
N GLY T 103 22.96 -42.01 -27.23
CA GLY T 103 22.03 -42.00 -28.25
C GLY T 103 21.26 -43.18 -28.79
N TRP T 104 20.95 -43.04 -30.04
CA TRP T 104 20.14 -43.93 -30.82
C TRP T 104 20.96 -45.11 -31.26
N THR T 105 20.44 -46.23 -31.03
CA THR T 105 21.01 -47.53 -31.30
C THR T 105 20.25 -48.36 -32.30
N GLY T 106 19.37 -47.79 -32.99
CA GLY T 106 18.60 -48.45 -33.98
C GLY T 106 19.43 -48.74 -35.22
N GLU T 107 18.88 -49.54 -36.07
CA GLU T 107 19.41 -49.89 -37.41
C GLU T 107 19.24 -48.81 -38.41
N GLY T 108 18.14 -48.13 -38.40
CA GLY T 108 17.93 -47.17 -39.42
C GLY T 108 17.43 -47.94 -40.64
N VAL T 109 17.64 -47.41 -41.84
CA VAL T 109 16.75 -47.71 -42.98
C VAL T 109 17.46 -48.39 -44.16
N VAL T 110 18.77 -48.56 -44.10
CA VAL T 110 19.65 -49.03 -45.15
C VAL T 110 20.16 -50.41 -44.75
N PRO T 111 19.49 -51.63 -45.11
CA PRO T 111 19.79 -53.29 -44.88
C PRO T 111 21.13 -53.40 -45.63
N ASN T 112 22.18 -54.01 -45.04
CA ASN T 112 23.51 -54.32 -45.63
C ASN T 112 24.39 -53.08 -45.76
N SER T 113 24.31 -52.17 -44.78
CA SER T 113 25.33 -51.17 -44.37
C SER T 113 25.16 -50.89 -42.87
N GLU T 114 26.12 -50.28 -42.24
CA GLU T 114 26.01 -49.82 -40.85
C GLU T 114 25.82 -48.31 -40.87
N ARG T 115 24.96 -47.76 -40.01
CA ARG T 115 24.91 -46.33 -39.63
C ARG T 115 26.29 -45.91 -39.19
N PRO T 116 27.00 -44.64 -39.48
CA PRO T 116 28.28 -44.17 -38.96
C PRO T 116 28.36 -43.89 -37.50
N ASP T 117 27.28 -43.54 -36.84
CA ASP T 117 27.32 -43.33 -35.40
C ASP T 117 27.59 -44.67 -34.67
N LYS T 118 27.17 -45.79 -35.24
CA LYS T 118 27.48 -47.14 -34.73
C LYS T 118 28.98 -47.47 -34.80
N LEU T 119 29.57 -47.30 -35.94
CA LEU T 119 31.00 -47.38 -36.18
C LEU T 119 31.81 -46.44 -35.35
N GLU T 120 31.34 -45.21 -35.10
CA GLU T 120 31.93 -44.35 -34.14
C GLU T 120 31.96 -44.99 -32.77
N ALA T 121 30.81 -45.34 -32.22
CA ALA T 121 30.66 -46.07 -30.99
C ALA T 121 31.62 -47.22 -30.86
N ILE T 122 31.67 -48.03 -31.88
CA ILE T 122 32.49 -49.23 -31.86
C ILE T 122 33.97 -48.87 -31.76
N ARG T 123 34.38 -47.82 -32.47
N ARG T 123 34.38 -47.82 -32.47
CA ARG T 123 35.73 -47.33 -32.41
CA ARG T 123 35.74 -47.31 -32.38
C ARG T 123 36.05 -46.75 -31.03
C ARG T 123 36.03 -46.77 -31.00
N ARG T 124 35.18 -46.20 -30.52
CA ARG T 124 35.37 -45.48 -29.21
C ARG T 124 35.51 -46.51 -28.10
N ALA T 125 34.66 -47.52 -27.97
CA ALA T 125 34.85 -48.72 -27.20
C ALA T 125 36.25 -49.27 -27.21
N ALA T 126 36.78 -49.36 -28.39
CA ALA T 126 38.09 -49.94 -28.61
C ALA T 126 39.19 -49.16 -27.91
N GLU T 127 39.15 -47.87 -27.95
CA GLU T 127 40.19 -47.05 -27.41
C GLU T 127 39.97 -46.50 -26.00
N ARG T 128 38.79 -46.61 -25.40
CA ARG T 128 38.42 -46.61 -24.01
C ARG T 128 38.72 -47.93 -23.28
N GLY T 129 39.17 -48.94 -23.96
CA GLY T 129 39.51 -50.23 -23.44
C GLY T 129 38.58 -51.36 -23.29
N PHE T 130 37.51 -51.32 -23.97
CA PHE T 130 36.42 -52.27 -23.92
C PHE T 130 36.73 -53.41 -24.90
N LYS T 131 37.12 -54.56 -24.33
CA LYS T 131 37.70 -55.71 -24.98
C LYS T 131 36.76 -56.37 -25.97
N SER T 132 37.19 -56.50 -27.20
CA SER T 132 36.65 -57.31 -28.28
C SER T 132 37.46 -58.40 -28.86
N PRO U 1 11.95 -66.20 -24.88
CA PRO U 1 11.97 -67.45 -24.17
C PRO U 1 10.62 -67.83 -23.48
N GLN U 2 10.60 -68.98 -22.85
CA GLN U 2 9.40 -69.53 -22.19
C GLN U 2 9.73 -69.74 -20.72
N ILE U 3 8.88 -69.36 -19.80
CA ILE U 3 9.05 -69.47 -18.33
C ILE U 3 7.76 -70.09 -17.77
N SER U 4 7.86 -70.94 -16.79
CA SER U 4 6.79 -71.49 -15.99
C SER U 4 6.13 -70.43 -15.14
N ARG U 5 4.81 -70.59 -15.03
CA ARG U 5 3.94 -69.74 -14.17
C ARG U 5 4.51 -69.63 -12.78
N GLN U 6 4.93 -70.74 -12.22
CA GLN U 6 5.38 -70.82 -10.90
C GLN U 6 6.63 -69.99 -10.70
N GLU U 7 7.45 -69.94 -11.69
CA GLU U 7 8.69 -69.20 -11.67
C GLU U 7 8.42 -67.71 -11.91
N TYR U 8 7.56 -67.45 -12.84
CA TYR U 8 7.06 -66.12 -13.14
C TYR U 8 6.48 -65.50 -11.85
N ALA U 9 5.60 -66.19 -11.12
CA ALA U 9 4.87 -65.73 -9.97
C ALA U 9 5.81 -65.33 -8.85
N GLY U 10 6.77 -66.17 -8.60
CA GLY U 10 7.85 -65.91 -7.75
C GLY U 10 8.66 -64.68 -8.03
N LEU U 11 8.74 -64.30 -9.24
CA LEU U 11 9.41 -63.07 -9.61
C LEU U 11 8.51 -61.83 -9.59
N PHE U 12 7.34 -61.98 -9.99
CA PHE U 12 6.45 -60.91 -10.39
C PHE U 12 5.04 -60.95 -9.82
N GLY U 13 4.76 -61.89 -9.04
CA GLY U 13 3.50 -62.26 -8.63
C GLY U 13 2.50 -62.83 -9.61
N PRO U 14 1.26 -62.97 -9.16
CA PRO U 14 0.24 -63.59 -10.01
C PRO U 14 -0.19 -62.86 -11.24
N THR U 15 -0.49 -63.54 -12.34
CA THR U 15 -0.98 -62.90 -13.56
C THR U 15 -2.42 -63.36 -13.91
N THR U 16 -2.99 -62.95 -15.03
CA THR U 16 -4.38 -63.27 -15.49
C THR U 16 -4.65 -64.77 -15.38
N GLY U 17 -5.73 -65.19 -14.70
CA GLY U 17 -6.09 -66.59 -14.48
C GLY U 17 -5.63 -67.11 -13.16
N ASP U 18 -4.64 -66.52 -12.51
CA ASP U 18 -4.19 -66.91 -11.25
C ASP U 18 -5.18 -66.39 -10.20
N LYS U 19 -5.33 -67.21 -9.20
N LYS U 19 -5.33 -67.21 -9.20
CA LYS U 19 -6.20 -67.08 -8.06
CA LYS U 19 -6.20 -67.07 -8.05
C LYS U 19 -5.48 -66.88 -6.69
C LYS U 19 -5.48 -66.88 -6.69
N ILE U 20 -5.96 -65.96 -5.90
CA ILE U 20 -5.44 -65.61 -4.57
C ILE U 20 -6.52 -65.74 -3.49
N ARG U 21 -6.19 -66.50 -2.52
CA ARG U 21 -6.83 -66.68 -1.26
C ARG U 21 -6.63 -65.44 -0.40
N LEU U 22 -7.76 -64.92 0.06
CA LEU U 22 -7.85 -63.74 0.93
C LEU U 22 -7.84 -64.29 2.34
N GLY U 23 -6.75 -64.41 2.98
CA GLY U 23 -6.51 -64.85 4.27
C GLY U 23 -6.70 -66.25 4.51
N ASP U 24 -7.32 -66.48 5.64
CA ASP U 24 -7.86 -67.71 6.07
C ASP U 24 -9.29 -67.90 5.72
N THR U 25 -9.82 -67.01 4.91
CA THR U 25 -11.15 -67.18 4.34
C THR U 25 -11.08 -68.22 3.20
N ASN U 26 -12.23 -68.60 2.75
CA ASN U 26 -12.62 -69.34 1.58
C ASN U 26 -13.00 -68.51 0.38
N LEU U 27 -12.62 -67.29 0.37
CA LEU U 27 -12.68 -66.41 -0.72
C LEU U 27 -11.36 -66.36 -1.51
N PHE U 28 -11.53 -66.48 -2.76
CA PHE U 28 -10.55 -66.60 -3.83
C PHE U 28 -10.93 -65.62 -4.91
N ILE U 29 -10.22 -64.77 -5.03
CA ILE U 29 -10.11 -63.80 -6.07
C ILE U 29 -9.24 -64.34 -7.19
N GLU U 30 -9.52 -63.87 -8.34
CA GLU U 30 -8.95 -64.16 -9.64
C GLU U 30 -8.67 -62.89 -10.42
N ILE U 31 -7.48 -62.81 -10.98
CA ILE U 31 -7.03 -61.74 -11.82
C ILE U 31 -7.71 -61.85 -13.18
N GLU U 32 -8.46 -60.84 -13.51
CA GLU U 32 -9.26 -60.64 -14.66
C GLU U 32 -8.44 -60.17 -15.85
N LYS U 33 -7.55 -59.24 -15.59
CA LYS U 33 -6.74 -58.51 -16.58
C LYS U 33 -5.32 -58.21 -16.07
N ASP U 34 -4.33 -58.27 -16.94
CA ASP U 34 -2.95 -57.94 -16.72
C ASP U 34 -2.60 -56.88 -17.72
N LEU U 35 -2.44 -55.71 -17.21
CA LEU U 35 -2.10 -54.54 -17.93
C LEU U 35 -0.61 -54.30 -18.14
N ARG U 36 0.27 -55.10 -17.61
CA ARG U 36 1.68 -54.67 -17.66
C ARG U 36 2.56 -55.61 -18.48
N GLY U 37 2.05 -56.06 -19.66
CA GLY U 37 2.70 -56.90 -20.74
C GLY U 37 3.37 -58.14 -20.19
N TYR U 38 4.49 -58.56 -20.81
CA TYR U 38 5.44 -59.63 -20.36
C TYR U 38 6.87 -59.32 -20.85
N GLY U 39 7.93 -59.72 -20.15
CA GLY U 39 9.31 -59.43 -20.54
C GLY U 39 9.87 -58.05 -20.24
N GLU U 40 9.12 -57.01 -19.85
CA GLU U 40 9.73 -55.67 -19.53
C GLU U 40 9.32 -55.20 -18.12
N GLU U 41 9.23 -56.08 -17.20
CA GLU U 41 8.66 -55.98 -15.88
C GLU U 41 9.52 -55.06 -14.99
N SER U 42 8.95 -53.99 -14.54
CA SER U 42 9.53 -52.97 -13.67
C SER U 42 9.59 -53.35 -12.22
N VAL U 43 10.78 -53.57 -11.72
CA VAL U 43 11.13 -53.89 -10.36
C VAL U 43 12.36 -53.11 -9.87
N TYR U 44 12.27 -52.70 -8.62
CA TYR U 44 13.25 -51.92 -7.91
C TYR U 44 14.16 -52.98 -7.34
N GLY U 45 15.38 -52.74 -7.52
CA GLY U 45 16.47 -53.35 -6.81
C GLY U 45 17.83 -53.25 -7.49
N GLY U 46 18.84 -53.68 -6.77
CA GLY U 46 20.17 -54.00 -7.23
C GLY U 46 20.17 -55.11 -8.24
N GLY U 47 20.61 -54.72 -9.38
CA GLY U 47 20.67 -55.45 -10.57
C GLY U 47 19.40 -55.65 -11.36
N LYS U 48 18.39 -54.90 -11.10
CA LYS U 48 17.08 -54.99 -11.62
C LYS U 48 16.79 -53.91 -12.63
N SER U 49 15.56 -53.78 -12.98
CA SER U 49 15.10 -53.09 -14.17
C SER U 49 14.92 -51.57 -14.04
N LEU U 50 14.59 -51.06 -12.87
CA LEU U 50 14.35 -49.64 -12.58
C LEU U 50 15.65 -49.02 -12.13
N ARG U 51 16.61 -49.03 -13.03
CA ARG U 51 17.95 -48.48 -12.88
C ARG U 51 18.05 -47.42 -13.95
N ASP U 52 19.05 -46.60 -13.79
CA ASP U 52 19.28 -45.42 -14.60
C ASP U 52 19.63 -45.78 -16.04
N GLY U 53 18.89 -45.28 -16.95
CA GLY U 53 18.83 -45.36 -18.40
C GLY U 53 18.22 -46.58 -19.01
N MET U 54 17.84 -47.47 -18.13
N MET U 54 17.84 -47.47 -18.13
CA MET U 54 17.25 -48.77 -18.47
CA MET U 54 17.26 -48.76 -18.47
C MET U 54 15.70 -48.59 -18.22
C MET U 54 15.70 -48.59 -18.22
N GLY U 55 15.00 -49.24 -17.28
CA GLY U 55 13.63 -49.08 -16.96
C GLY U 55 13.24 -47.69 -16.52
N ALA U 56 14.15 -47.01 -15.84
CA ALA U 56 14.14 -45.61 -15.55
C ALA U 56 14.84 -44.68 -16.52
N ASN U 57 14.08 -43.75 -16.94
CA ASN U 57 14.41 -42.57 -17.60
C ASN U 57 15.27 -41.73 -16.71
N ASN U 58 16.31 -41.22 -17.28
CA ASN U 58 17.39 -40.49 -16.69
C ASN U 58 17.69 -39.12 -17.31
N HIS U 59 16.91 -38.67 -18.17
CA HIS U 59 17.05 -37.46 -18.88
C HIS U 59 15.91 -36.45 -18.83
N LEU U 60 14.75 -36.86 -18.44
CA LEU U 60 13.55 -36.09 -18.30
C LEU U 60 13.43 -35.48 -16.89
N THR U 61 13.17 -34.19 -16.88
CA THR U 61 12.77 -33.41 -15.73
C THR U 61 11.32 -33.74 -15.43
N ARG U 62 10.91 -33.34 -14.29
CA ARG U 62 9.68 -33.80 -13.69
C ARG U 62 8.44 -33.27 -14.41
N ASP U 63 8.56 -32.17 -15.08
CA ASP U 63 7.55 -31.38 -15.76
C ASP U 63 7.11 -31.96 -17.10
N ASN U 64 7.86 -32.87 -17.65
CA ASN U 64 7.50 -33.96 -18.54
C ASN U 64 6.59 -35.06 -18.07
N GLY U 65 6.11 -34.91 -16.90
CA GLY U 65 5.12 -35.81 -16.35
C GLY U 65 5.66 -37.07 -15.72
N VAL U 66 6.94 -37.08 -15.41
CA VAL U 66 7.54 -38.12 -14.63
C VAL U 66 6.85 -38.23 -13.27
N LEU U 67 6.70 -39.41 -12.84
CA LEU U 67 6.08 -39.81 -11.62
C LEU U 67 6.91 -39.41 -10.41
N ASP U 68 6.23 -39.18 -9.35
CA ASP U 68 6.71 -39.06 -7.97
C ASP U 68 6.80 -40.38 -7.22
N LEU U 69 5.99 -41.33 -7.55
CA LEU U 69 5.90 -42.64 -7.00
C LEU U 69 5.24 -43.63 -7.99
N VAL U 70 5.67 -44.84 -7.90
CA VAL U 70 5.23 -46.03 -8.61
C VAL U 70 5.15 -47.23 -7.73
N ILE U 71 4.03 -47.90 -7.81
CA ILE U 71 3.70 -49.13 -7.17
C ILE U 71 3.59 -50.16 -8.28
N THR U 72 4.45 -51.11 -8.26
CA THR U 72 4.77 -52.09 -9.27
C THR U 72 4.22 -53.46 -9.05
N ASN U 73 3.75 -54.00 -10.09
CA ASN U 73 3.31 -55.33 -10.22
C ASN U 73 2.25 -55.74 -9.15
N VAL U 74 1.28 -54.92 -8.99
CA VAL U 74 0.28 -54.98 -7.93
C VAL U 74 -1.05 -55.39 -8.43
N THR U 75 -1.65 -56.17 -7.62
CA THR U 75 -3.04 -56.60 -7.69
C THR U 75 -4.02 -55.64 -7.02
N ILE U 76 -4.74 -54.97 -7.83
CA ILE U 76 -5.78 -53.99 -7.59
C ILE U 76 -7.14 -54.65 -7.46
N VAL U 77 -7.67 -54.54 -6.29
CA VAL U 77 -9.01 -54.91 -5.86
C VAL U 77 -9.77 -53.63 -5.56
N ASP U 78 -10.60 -53.28 -6.51
CA ASP U 78 -11.40 -52.03 -6.54
C ASP U 78 -12.82 -52.28 -7.13
N ALA U 79 -13.87 -51.66 -6.57
CA ALA U 79 -15.29 -51.87 -6.90
C ALA U 79 -15.67 -51.33 -8.26
N ARG U 80 -14.97 -50.37 -8.79
CA ARG U 80 -15.12 -49.91 -10.14
C ARG U 80 -14.16 -50.50 -11.19
N LEU U 81 -12.91 -50.79 -10.88
CA LEU U 81 -11.94 -51.39 -11.83
C LEU U 81 -11.96 -52.92 -11.82
N GLY U 82 -12.41 -53.51 -10.75
CA GLY U 82 -12.40 -54.94 -10.54
C GLY U 82 -11.06 -55.44 -9.93
N VAL U 83 -10.61 -56.57 -10.33
CA VAL U 83 -9.44 -57.40 -10.01
C VAL U 83 -8.44 -57.48 -11.17
N ILE U 84 -7.49 -56.58 -11.12
CA ILE U 84 -6.46 -56.43 -12.19
C ILE U 84 -5.05 -56.37 -11.60
N LYS U 85 -4.08 -56.67 -12.42
CA LYS U 85 -2.65 -56.59 -12.27
C LYS U 85 -2.08 -55.52 -13.14
N ALA U 86 -1.47 -54.58 -12.52
CA ALA U 86 -0.98 -53.32 -13.01
C ALA U 86 0.10 -52.66 -12.15
N ASP U 87 0.77 -51.74 -12.80
CA ASP U 87 1.57 -50.68 -12.27
C ASP U 87 0.67 -49.48 -12.00
N VAL U 88 0.87 -48.86 -10.85
CA VAL U 88 0.22 -47.70 -10.36
C VAL U 88 1.18 -46.61 -9.96
N GLY U 89 0.95 -45.54 -10.54
CA GLY U 89 1.50 -44.27 -10.54
C GLY U 89 0.87 -43.01 -10.00
N ILE U 90 1.63 -42.40 -9.17
CA ILE U 90 1.31 -41.24 -8.42
C ILE U 90 2.23 -40.09 -8.68
N ARG U 91 1.60 -38.98 -8.88
CA ARG U 91 1.97 -37.64 -9.19
C ARG U 91 1.04 -36.58 -8.57
N ASP U 92 1.66 -35.70 -7.88
CA ASP U 92 1.12 -34.55 -7.18
C ASP U 92 0.02 -34.94 -6.18
N GLY U 93 0.24 -36.00 -5.49
CA GLY U 93 -0.58 -36.70 -4.61
C GLY U 93 -1.84 -37.33 -5.19
N LYS U 94 -1.91 -37.46 -6.46
CA LYS U 94 -2.92 -38.00 -7.33
C LYS U 94 -2.44 -39.17 -8.21
N ILE U 95 -3.34 -40.10 -8.46
CA ILE U 95 -3.30 -41.26 -9.35
C ILE U 95 -3.33 -40.74 -10.77
N ALA U 96 -2.20 -40.84 -11.46
CA ALA U 96 -1.93 -40.44 -12.82
C ALA U 96 -2.14 -41.51 -13.88
N GLY U 97 -2.07 -42.70 -13.53
CA GLY U 97 -2.14 -43.83 -14.33
C GLY U 97 -2.10 -45.16 -13.64
N ILE U 98 -2.68 -46.22 -14.31
CA ILE U 98 -2.80 -47.64 -13.97
C ILE U 98 -2.46 -48.37 -15.28
N GLY U 99 -1.44 -49.18 -15.33
CA GLY U 99 -0.99 -49.71 -16.62
C GLY U 99 0.43 -50.24 -16.50
N LYS U 100 1.22 -50.03 -17.53
CA LYS U 100 2.61 -50.46 -17.63
C LYS U 100 3.50 -49.21 -17.39
N SER U 101 4.28 -49.19 -16.39
CA SER U 101 5.32 -48.23 -16.06
C SER U 101 6.67 -48.61 -16.72
N GLY U 102 7.49 -47.67 -16.98
CA GLY U 102 8.90 -47.62 -17.41
C GLY U 102 9.32 -46.44 -18.22
N ASN U 103 10.31 -46.70 -19.00
CA ASN U 103 11.10 -45.85 -19.83
C ASN U 103 10.82 -46.08 -21.32
N PRO U 104 10.07 -45.20 -21.95
CA PRO U 104 9.74 -45.34 -23.36
C PRO U 104 10.98 -45.31 -24.32
N GLY U 105 12.11 -44.86 -23.85
CA GLY U 105 13.33 -44.92 -24.65
C GLY U 105 13.78 -46.31 -25.05
N VAL U 106 13.55 -47.25 -24.18
CA VAL U 106 14.09 -48.61 -24.15
C VAL U 106 13.06 -49.70 -24.05
N MET U 107 11.78 -49.36 -24.00
CA MET U 107 10.64 -50.16 -23.70
C MET U 107 9.47 -49.79 -24.60
N ASP U 108 8.84 -50.80 -25.02
CA ASP U 108 7.57 -50.74 -25.67
C ASP U 108 6.48 -50.85 -24.60
N GLY U 109 5.39 -50.22 -24.90
CA GLY U 109 4.16 -50.28 -24.19
C GLY U 109 4.04 -49.61 -22.86
N VAL U 110 4.76 -48.52 -22.62
CA VAL U 110 4.64 -47.75 -21.41
C VAL U 110 3.39 -46.90 -21.47
N THR U 111 2.57 -47.06 -20.50
CA THR U 111 1.34 -46.29 -20.43
C THR U 111 1.69 -44.81 -20.34
N PRO U 112 1.08 -43.97 -21.11
CA PRO U 112 1.27 -42.55 -20.93
C PRO U 112 0.97 -42.09 -19.54
N GLY U 113 1.80 -41.27 -19.07
CA GLY U 113 1.77 -40.85 -17.72
C GLY U 113 2.51 -41.68 -16.69
N LEU U 114 2.89 -42.88 -17.02
CA LEU U 114 3.63 -43.81 -16.19
C LEU U 114 5.17 -43.89 -16.49
N VAL U 115 5.73 -42.80 -16.86
CA VAL U 115 7.17 -42.66 -17.00
C VAL U 115 7.86 -42.52 -15.66
N VAL U 116 8.62 -43.45 -15.36
CA VAL U 116 9.53 -43.56 -14.25
C VAL U 116 10.85 -42.89 -14.66
N GLY U 117 11.35 -42.09 -13.77
CA GLY U 117 12.41 -41.22 -13.80
C GLY U 117 13.16 -40.89 -12.55
N VAL U 118 13.92 -39.85 -12.67
CA VAL U 118 14.79 -39.29 -11.64
C VAL U 118 13.98 -38.94 -10.39
N SER U 119 12.80 -38.34 -10.56
CA SER U 119 11.75 -38.03 -9.57
C SER U 119 11.09 -39.18 -8.88
N THR U 120 11.13 -40.33 -9.39
CA THR U 120 10.43 -41.46 -8.92
C THR U 120 11.07 -42.30 -7.85
N ASP U 121 10.34 -42.51 -6.80
CA ASP U 121 10.37 -43.60 -5.85
C ASP U 121 9.42 -44.74 -6.16
N ALA U 122 9.67 -45.79 -5.50
CA ALA U 122 9.14 -47.09 -5.73
C ALA U 122 8.80 -47.97 -4.54
N ILE U 123 7.68 -48.57 -4.75
CA ILE U 123 7.01 -49.61 -4.03
C ILE U 123 6.75 -50.84 -4.89
N SER U 124 7.17 -51.91 -4.38
CA SER U 124 7.12 -53.27 -4.87
C SER U 124 5.86 -53.93 -4.41
N GLY U 125 4.96 -54.01 -5.29
CA GLY U 125 3.64 -54.58 -5.20
C GLY U 125 3.41 -56.01 -5.60
N GLU U 126 4.49 -56.70 -5.87
CA GLU U 126 4.51 -58.02 -6.50
C GLU U 126 3.65 -59.01 -5.77
N HIS U 127 3.84 -59.11 -4.51
CA HIS U 127 3.12 -60.02 -3.66
C HIS U 127 2.00 -59.30 -2.85
N LEU U 128 1.54 -58.15 -3.29
CA LEU U 128 0.59 -57.26 -2.63
C LEU U 128 -0.70 -56.93 -3.39
N ILE U 129 -1.70 -56.67 -2.58
CA ILE U 129 -3.00 -56.11 -2.85
C ILE U 129 -3.10 -54.66 -2.37
N LEU U 130 -3.47 -53.91 -3.25
CA LEU U 130 -3.83 -52.53 -3.23
C LEU U 130 -5.32 -52.23 -3.34
N THR U 131 -5.77 -51.61 -2.38
CA THR U 131 -7.09 -51.09 -2.18
C THR U 131 -7.07 -49.58 -1.95
N ALA U 132 -8.13 -49.02 -2.34
CA ALA U 132 -8.63 -47.81 -1.78
C ALA U 132 -8.76 -47.97 -0.27
N ALA U 133 -8.47 -46.92 0.39
CA ALA U 133 -8.72 -46.76 1.80
C ALA U 133 -10.22 -46.61 2.04
N GLY U 134 -10.63 -47.21 3.01
CA GLY U 134 -11.92 -47.09 3.56
C GLY U 134 -12.31 -45.77 4.12
N ILE U 135 -13.61 -45.63 4.10
CA ILE U 135 -14.34 -44.51 4.54
C ILE U 135 -15.46 -44.92 5.49
N ASP U 136 -15.35 -44.38 6.75
CA ASP U 136 -16.21 -44.60 7.93
C ASP U 136 -17.13 -43.35 8.07
N THR U 137 -18.35 -43.46 7.68
CA THR U 137 -19.46 -42.53 7.69
C THR U 137 -20.17 -42.32 9.01
N HIS U 138 -19.91 -43.08 9.99
CA HIS U 138 -20.58 -43.04 11.28
C HIS U 138 -19.57 -43.01 12.45
N ILE U 139 -18.90 -41.94 12.59
CA ILE U 139 -17.90 -41.68 13.60
C ILE U 139 -18.43 -40.73 14.64
N HIS U 140 -18.40 -41.21 15.78
CA HIS U 140 -18.49 -40.43 16.98
C HIS U 140 -17.09 -39.98 17.45
N LEU U 141 -16.93 -38.69 17.50
CA LEU U 141 -15.78 -37.92 17.94
C LEU U 141 -15.70 -37.78 19.45
N ILE U 142 -15.55 -38.92 20.03
CA ILE U 142 -15.45 -39.11 21.41
C ILE U 142 -13.99 -39.00 21.88
N SER U 143 -13.07 -39.65 21.19
CA SER U 143 -11.63 -39.84 21.39
C SER U 143 -10.80 -39.60 20.14
N PRO U 144 -9.80 -38.70 20.18
CA PRO U 144 -8.90 -38.54 19.07
C PRO U 144 -8.09 -39.74 18.59
N GLN U 145 -7.86 -40.68 19.41
CA GLN U 145 -7.12 -41.91 19.29
C GLN U 145 -7.77 -42.96 18.37
N GLN U 146 -9.05 -42.82 18.15
CA GLN U 146 -9.79 -43.59 17.18
C GLN U 146 -9.13 -43.63 15.80
N ALA U 147 -8.61 -42.55 15.39
CA ALA U 147 -7.88 -42.36 14.16
C ALA U 147 -6.78 -43.36 13.95
N TYR U 148 -6.09 -43.70 14.98
CA TYR U 148 -4.99 -44.63 15.00
C TYR U 148 -5.48 -46.05 14.83
N HIS U 149 -6.56 -46.37 15.52
CA HIS U 149 -7.26 -47.69 15.45
C HIS U 149 -7.78 -47.84 14.02
N ALA U 150 -8.24 -46.84 13.39
CA ALA U 150 -8.79 -46.81 12.07
C ALA U 150 -7.73 -47.06 10.97
N LEU U 151 -6.72 -46.24 10.96
CA LEU U 151 -5.53 -46.37 10.09
C LEU U 151 -4.91 -47.77 10.15
N SER U 152 -4.97 -48.39 11.21
CA SER U 152 -4.51 -49.70 11.53
C SER U 152 -5.38 -50.86 11.03
N ASN U 153 -6.56 -50.59 10.55
CA ASN U 153 -7.47 -51.40 9.74
C ASN U 153 -7.79 -50.88 8.36
N GLY U 154 -7.03 -50.03 7.86
CA GLY U 154 -7.20 -49.50 6.60
C GLY U 154 -8.24 -48.45 6.25
N VAL U 155 -8.68 -47.69 7.20
CA VAL U 155 -9.55 -46.55 7.17
C VAL U 155 -8.81 -45.27 7.46
N ALA U 156 -8.98 -44.41 6.63
CA ALA U 156 -8.45 -43.08 6.43
C ALA U 156 -9.34 -41.89 6.20
N THR U 157 -10.64 -42.05 6.20
CA THR U 157 -11.62 -41.01 6.16
C THR U 157 -12.76 -41.27 7.22
N PHE U 158 -13.07 -40.26 7.96
CA PHE U 158 -14.07 -40.13 9.02
C PHE U 158 -15.11 -39.07 8.60
N PHE U 159 -16.31 -39.41 8.69
CA PHE U 159 -17.51 -38.64 8.64
C PHE U 159 -18.27 -38.95 9.95
N GLY U 160 -18.64 -37.95 10.57
CA GLY U 160 -19.29 -37.75 11.81
C GLY U 160 -19.15 -36.43 12.48
N GLY U 161 -19.27 -36.56 13.74
CA GLY U 161 -19.41 -35.53 14.71
C GLY U 161 -19.19 -35.86 16.15
N GLY U 162 -19.11 -34.83 16.86
CA GLY U 162 -18.87 -34.69 18.22
C GLY U 162 -17.98 -33.50 18.66
N ILE U 163 -17.71 -33.49 19.93
CA ILE U 163 -16.92 -32.52 20.66
C ILE U 163 -16.13 -33.10 21.84
N GLY U 164 -15.69 -34.35 21.76
CA GLY U 164 -15.05 -35.17 22.76
C GLY U 164 -16.03 -35.90 23.62
N PRO U 165 -15.72 -36.42 24.81
CA PRO U 165 -16.63 -37.26 25.52
C PRO U 165 -17.81 -36.63 26.29
N THR U 166 -18.59 -35.79 25.66
CA THR U 166 -19.82 -35.21 26.24
C THR U 166 -20.92 -36.26 26.04
N ASP U 167 -21.94 -36.20 26.82
CA ASP U 167 -23.10 -37.12 26.74
C ASP U 167 -23.83 -37.03 25.38
N GLY U 168 -23.85 -35.91 24.80
CA GLY U 168 -24.36 -35.74 23.47
C GLY U 168 -23.56 -36.44 22.36
N THR U 169 -22.30 -36.45 22.49
CA THR U 169 -21.37 -37.12 21.58
C THR U 169 -21.38 -38.54 21.81
N ASN U 170 -21.45 -38.98 23.05
CA ASN U 170 -21.52 -40.38 23.33
C ASN U 170 -22.73 -41.02 22.64
N GLY U 171 -23.78 -40.32 22.54
CA GLY U 171 -24.93 -40.73 21.76
C GLY U 171 -25.17 -40.33 20.38
N THR U 172 -24.65 -39.21 19.94
CA THR U 172 -24.92 -38.78 18.59
C THR U 172 -23.64 -38.24 17.93
N THR U 173 -23.60 -38.20 16.64
CA THR U 173 -22.71 -37.69 15.59
C THR U 173 -23.02 -36.25 15.15
N VAL U 174 -23.00 -35.44 16.17
CA VAL U 174 -23.36 -34.02 16.08
C VAL U 174 -22.25 -33.16 16.71
N THR U 175 -21.95 -32.07 16.10
CA THR U 175 -21.06 -30.99 16.45
C THR U 175 -21.95 -29.78 16.40
N PRO U 176 -22.57 -29.44 17.51
CA PRO U 176 -23.59 -28.43 17.47
C PRO U 176 -23.14 -26.99 17.52
N GLY U 177 -23.53 -26.33 16.57
CA GLY U 177 -23.39 -24.96 16.33
C GLY U 177 -22.08 -24.42 15.82
N PRO U 178 -22.08 -23.24 15.25
CA PRO U 178 -20.93 -22.61 14.63
C PRO U 178 -19.62 -22.47 15.48
N TRP U 179 -19.73 -22.30 16.76
CA TRP U 179 -18.60 -22.26 17.69
C TRP U 179 -17.93 -23.58 17.81
N ASN U 180 -18.66 -24.56 18.18
CA ASN U 180 -18.27 -25.94 18.30
C ASN U 180 -17.71 -26.52 16.98
N ILE U 181 -18.30 -26.20 15.86
CA ILE U 181 -17.86 -26.60 14.52
C ILE U 181 -16.45 -26.05 14.26
N ARG U 182 -16.26 -24.77 14.44
CA ARG U 182 -15.00 -24.03 14.26
C ARG U 182 -13.87 -24.67 15.06
N GLN U 183 -14.16 -24.96 16.25
CA GLN U 183 -13.35 -25.62 17.25
C GLN U 183 -12.92 -26.96 16.83
N MET U 184 -13.83 -27.69 16.30
CA MET U 184 -13.63 -29.00 15.88
C MET U 184 -12.86 -29.09 14.55
N LEU U 185 -13.12 -28.20 13.63
CA LEU U 185 -12.34 -28.03 12.43
C LEU U 185 -10.85 -27.81 12.76
N ARG U 186 -10.57 -26.95 13.67
CA ARG U 186 -9.28 -26.58 14.18
C ARG U 186 -8.55 -27.71 14.89
N SER U 187 -9.22 -28.53 15.61
CA SER U 187 -8.75 -29.67 16.30
C SER U 187 -8.28 -30.76 15.41
N VAL U 188 -9.04 -31.06 14.38
CA VAL U 188 -8.83 -32.17 13.50
C VAL U 188 -7.62 -31.99 12.63
N GLU U 189 -7.15 -30.78 12.51
CA GLU U 189 -5.82 -30.45 12.02
C GLU U 189 -4.70 -31.28 12.64
N GLY U 190 -4.89 -31.78 13.80
CA GLY U 190 -4.06 -32.65 14.47
C GLY U 190 -4.25 -34.13 14.26
N LEU U 191 -5.04 -34.52 13.34
CA LEU U 191 -5.37 -35.87 13.04
C LEU U 191 -4.94 -36.34 11.62
N PRO U 192 -4.56 -37.48 11.48
CA PRO U 192 -3.97 -37.98 10.27
C PRO U 192 -4.90 -38.68 9.28
N VAL U 193 -6.16 -38.39 9.41
CA VAL U 193 -7.29 -38.77 8.63
C VAL U 193 -8.04 -37.61 8.08
N ASN U 194 -8.65 -37.82 6.98
CA ASN U 194 -9.59 -36.93 6.37
C ASN U 194 -10.81 -36.88 7.28
N VAL U 195 -11.50 -35.79 7.28
CA VAL U 195 -12.67 -35.45 8.09
C VAL U 195 -13.67 -34.54 7.41
N GLY U 196 -14.86 -34.91 7.60
CA GLY U 196 -16.01 -34.05 7.48
C GLY U 196 -16.96 -34.12 8.65
N ILE U 197 -17.46 -33.04 9.01
CA ILE U 197 -18.22 -32.87 10.23
C ILE U 197 -19.70 -32.68 9.89
N LEU U 198 -20.48 -33.28 10.72
CA LEU U 198 -21.92 -33.20 10.85
C LEU U 198 -22.49 -32.35 11.99
N GLY U 199 -23.33 -31.65 11.67
CA GLY U 199 -24.22 -30.78 12.39
C GLY U 199 -25.56 -31.31 12.91
N LYS U 200 -26.22 -30.57 13.73
CA LYS U 200 -27.49 -30.88 14.39
C LYS U 200 -28.62 -30.36 13.52
N GLY U 201 -29.33 -31.20 13.08
CA GLY U 201 -30.47 -31.07 12.19
C GLY U 201 -31.81 -30.69 12.81
N ASN U 202 -31.96 -30.96 14.07
CA ASN U 202 -33.28 -30.76 14.73
C ASN U 202 -33.50 -29.27 14.93
N SER U 203 -34.09 -28.60 14.01
CA SER U 203 -34.40 -27.16 13.96
C SER U 203 -35.77 -26.83 13.32
N TYR U 204 -36.42 -25.79 13.78
CA TYR U 204 -37.69 -25.38 13.16
C TYR U 204 -37.40 -24.43 11.96
N GLY U 205 -36.85 -23.23 12.02
CA GLY U 205 -36.63 -22.47 10.74
C GLY U 205 -35.29 -22.82 10.03
N ARG U 206 -34.97 -22.12 8.96
CA ARG U 206 -33.75 -22.16 8.21
C ARG U 206 -32.52 -21.62 8.95
N GLY U 207 -32.68 -20.68 9.79
CA GLY U 207 -31.63 -19.98 10.47
C GLY U 207 -30.57 -20.81 11.09
N PRO U 208 -30.99 -21.69 11.99
CA PRO U 208 -30.09 -22.53 12.74
C PRO U 208 -29.35 -23.57 11.96
N LEU U 209 -29.86 -23.98 10.83
CA LEU U 209 -29.28 -24.89 9.88
C LEU U 209 -28.25 -24.21 8.98
N LEU U 210 -28.57 -23.04 8.53
CA LEU U 210 -27.79 -22.28 7.59
C LEU U 210 -26.42 -21.88 8.18
N GLU U 211 -26.46 -21.40 9.38
CA GLU U 211 -25.47 -21.17 10.44
C GLU U 211 -24.37 -22.19 10.42
N GLN U 212 -24.76 -23.39 10.56
CA GLN U 212 -23.86 -24.49 10.68
C GLN U 212 -23.23 -24.86 9.30
N ALA U 213 -24.00 -24.80 8.27
CA ALA U 213 -23.68 -24.91 6.85
C ALA U 213 -22.51 -23.98 6.46
N ILE U 214 -22.64 -22.71 6.70
CA ILE U 214 -21.64 -21.71 6.47
C ILE U 214 -20.38 -21.94 7.36
N ALA U 215 -20.60 -22.31 8.62
CA ALA U 215 -19.55 -22.62 9.61
C ALA U 215 -18.69 -23.78 9.06
N GLY U 216 -19.18 -24.62 8.13
CA GLY U 216 -18.40 -25.65 7.44
C GLY U 216 -18.93 -27.10 7.43
N VAL U 217 -20.10 -27.47 7.97
CA VAL U 217 -20.52 -28.91 8.02
C VAL U 217 -20.79 -29.44 6.59
N VAL U 218 -20.73 -30.72 6.41
CA VAL U 218 -20.97 -31.52 5.23
C VAL U 218 -22.30 -32.25 5.22
N GLY U 219 -23.05 -32.04 6.27
CA GLY U 219 -24.15 -32.73 6.60
C GLY U 219 -24.84 -32.34 7.91
N TYR U 220 -26.01 -32.78 8.04
CA TYR U 220 -26.86 -32.72 9.22
C TYR U 220 -27.28 -34.10 9.68
N VAL U 222 -29.79 -35.95 12.11
CA VAL U 222 -31.09 -36.18 12.77
C VAL U 222 -31.17 -37.48 13.61
N HIS U 223 -31.18 -37.23 14.88
CA HIS U 223 -31.10 -38.15 16.00
C HIS U 223 -32.27 -38.02 16.97
N GLU U 224 -32.80 -39.17 17.46
CA GLU U 224 -33.87 -39.27 18.47
C GLU U 224 -33.58 -38.53 19.74
N ASP U 225 -32.40 -38.68 20.21
CA ASP U 225 -31.81 -38.06 21.35
C ASP U 225 -31.92 -36.55 21.43
N TRP U 226 -31.96 -35.94 20.29
CA TRP U 226 -32.22 -34.51 20.22
C TRP U 226 -33.60 -34.23 19.58
N GLY U 227 -34.41 -35.25 19.33
CA GLY U 227 -35.68 -35.26 18.55
C GLY U 227 -35.66 -35.70 17.10
N ALA U 228 -36.04 -36.92 16.73
CA ALA U 228 -36.14 -37.43 15.33
C ALA U 228 -37.57 -37.26 14.76
N THR U 229 -38.10 -36.08 14.82
CA THR U 229 -39.40 -35.56 14.44
C THR U 229 -39.54 -35.41 12.94
N ALA U 230 -40.79 -35.34 12.48
CA ALA U 230 -41.10 -35.06 11.12
C ALA U 230 -40.60 -33.67 10.75
N ASN U 231 -40.73 -32.79 11.65
CA ASN U 231 -40.30 -31.42 11.54
C ASN U 231 -38.80 -31.35 11.23
N ALA U 232 -38.01 -31.98 12.04
CA ALA U 232 -36.59 -32.10 11.93
C ALA U 232 -36.15 -32.52 10.54
N LEU U 233 -36.67 -33.66 10.14
CA LEU U 233 -36.50 -34.25 8.84
C LEU U 233 -36.77 -33.32 7.72
N ARG U 234 -37.94 -32.80 7.69
CA ARG U 234 -38.42 -31.94 6.70
C ARG U 234 -37.54 -30.71 6.54
N HIS U 235 -37.19 -30.04 7.63
CA HIS U 235 -36.45 -28.82 7.49
C HIS U 235 -34.97 -29.09 7.08
N SER U 236 -34.37 -30.08 7.66
CA SER U 236 -33.04 -30.66 7.38
C SER U 236 -32.83 -31.03 5.93
N LEU U 237 -33.77 -31.73 5.35
CA LEU U 237 -33.76 -32.09 3.98
C LEU U 237 -33.97 -30.95 3.02
N ARG U 238 -34.86 -30.07 3.32
CA ARG U 238 -35.05 -28.84 2.53
C ARG U 238 -33.80 -27.94 2.50
N MET U 239 -33.17 -27.78 3.60
CA MET U 239 -31.91 -27.09 3.69
C MET U 239 -30.81 -27.77 2.94
N ALA U 240 -30.74 -29.06 3.03
CA ALA U 240 -29.76 -29.91 2.38
C ALA U 240 -29.73 -29.79 0.90
N ASP U 241 -30.87 -29.77 0.35
CA ASP U 241 -31.08 -29.61 -1.04
C ASP U 241 -30.64 -28.22 -1.45
N GLU U 242 -30.82 -27.28 -0.59
CA GLU U 242 -30.32 -25.93 -0.81
C GLU U 242 -28.78 -25.86 -0.79
N MET U 243 -28.15 -26.47 0.16
CA MET U 243 -26.77 -26.38 0.48
C MET U 243 -25.85 -27.41 -0.20
N ASP U 244 -26.38 -28.35 -0.94
CA ASP U 244 -25.73 -29.55 -1.41
C ASP U 244 -24.87 -30.27 -0.38
N ILE U 245 -25.53 -30.65 0.62
CA ILE U 245 -25.07 -31.47 1.66
C ILE U 245 -26.04 -32.59 2.00
N GLN U 246 -25.55 -33.54 2.71
CA GLN U 246 -26.19 -34.76 3.12
C GLN U 246 -26.91 -34.70 4.48
N VAL U 247 -27.83 -35.57 4.65
CA VAL U 247 -28.58 -35.83 5.84
C VAL U 247 -28.57 -37.30 6.14
N SER U 248 -28.18 -37.60 7.33
CA SER U 248 -28.09 -38.82 8.01
C SER U 248 -29.12 -38.82 9.17
N VAL U 249 -29.66 -39.98 9.48
CA VAL U 249 -30.73 -40.26 10.41
C VAL U 249 -30.61 -41.54 11.19
N HIS U 250 -30.91 -41.35 12.43
CA HIS U 250 -31.17 -42.23 13.56
C HIS U 250 -32.61 -41.98 14.03
N THR U 251 -33.48 -42.88 13.66
CA THR U 251 -34.94 -42.67 13.80
C THR U 251 -35.42 -42.95 15.23
N ASP U 252 -36.63 -42.55 15.49
CA ASP U 252 -37.39 -42.67 16.74
C ASP U 252 -37.63 -44.17 17.08
N SER U 253 -36.94 -44.74 18.03
CA SER U 253 -37.06 -46.15 18.45
C SER U 253 -38.38 -46.47 19.21
N LEU U 254 -38.89 -45.52 19.92
CA LEU U 254 -40.08 -45.53 20.78
C LEU U 254 -41.46 -45.42 20.10
N ASN U 255 -41.47 -45.13 18.88
CA ASN U 255 -42.54 -44.81 17.97
C ASN U 255 -43.48 -43.60 18.40
N GLU U 256 -42.86 -42.72 19.22
CA GLU U 256 -43.49 -41.55 19.83
C GLU U 256 -44.27 -40.72 18.81
N CYS U 257 -43.65 -40.11 17.82
CA CYS U 257 -44.36 -39.22 16.89
C CYS U 257 -44.85 -40.00 15.68
N GLY U 258 -44.66 -41.32 15.58
CA GLY U 258 -44.86 -42.12 14.41
C GLY U 258 -44.18 -43.47 14.32
N TYR U 259 -44.63 -44.20 13.36
CA TYR U 259 -44.13 -45.43 12.86
C TYR U 259 -43.24 -45.12 11.65
N VAL U 260 -42.48 -46.08 11.25
CA VAL U 260 -41.59 -46.07 10.11
C VAL U 260 -42.18 -45.48 8.83
N GLU U 261 -43.37 -45.86 8.50
CA GLU U 261 -44.13 -45.33 7.41
C GLU U 261 -44.31 -43.80 7.45
N ASP U 262 -44.53 -43.24 8.62
CA ASP U 262 -44.61 -41.82 8.83
C ASP U 262 -43.24 -41.13 8.67
N THR U 263 -42.20 -41.74 9.20
CA THR U 263 -40.81 -41.33 8.92
C THR U 263 -40.54 -41.27 7.45
N ILE U 264 -40.93 -42.29 6.76
CA ILE U 264 -40.73 -42.40 5.32
C ILE U 264 -41.35 -41.24 4.59
N ASP U 265 -42.52 -40.84 5.01
CA ASP U 265 -43.26 -39.76 4.48
C ASP U 265 -42.63 -38.41 4.82
N ALA U 266 -42.00 -38.29 5.97
CA ALA U 266 -41.19 -37.16 6.37
C ALA U 266 -39.98 -36.96 5.46
N PHE U 267 -39.42 -38.03 4.92
CA PHE U 267 -38.33 -37.94 3.94
C PHE U 267 -38.75 -37.24 2.65
N GLU U 268 -39.97 -37.38 2.23
CA GLU U 268 -40.60 -36.65 1.18
C GLU U 268 -39.81 -36.79 -0.19
N GLY U 269 -39.47 -37.97 -0.47
CA GLY U 269 -38.68 -38.61 -1.48
C GLY U 269 -37.24 -38.13 -1.74
N ARG U 270 -36.77 -37.34 -0.83
CA ARG U 270 -35.52 -36.64 -0.75
C ARG U 270 -34.40 -37.58 -0.33
N THR U 271 -33.23 -37.39 -0.89
CA THR U 271 -32.07 -38.19 -0.57
C THR U 271 -31.70 -38.14 0.92
N ILE U 272 -31.47 -39.28 1.47
CA ILE U 272 -31.13 -39.56 2.85
C ILE U 272 -30.35 -40.82 3.10
N HIS U 273 -29.44 -40.68 4.03
CA HIS U 273 -28.58 -41.66 4.60
C HIS U 273 -29.12 -42.12 5.96
N THR U 274 -29.39 -43.29 6.03
CA THR U 274 -29.96 -44.08 7.11
C THR U 274 -28.92 -44.96 7.75
N PHE U 275 -28.46 -44.60 8.98
CA PHE U 275 -27.53 -45.32 9.86
C PHE U 275 -28.17 -46.58 10.45
N HIS U 276 -27.42 -47.55 10.89
CA HIS U 276 -27.89 -48.78 11.53
C HIS U 276 -29.33 -49.13 11.06
N THR U 277 -29.51 -49.45 9.78
CA THR U 277 -30.79 -49.63 9.07
C THR U 277 -31.62 -50.80 9.66
N GLU U 278 -30.96 -51.78 10.21
CA GLU U 278 -31.51 -52.93 10.95
C GLU U 278 -32.27 -52.58 12.23
N GLY U 279 -31.78 -51.63 12.99
CA GLY U 279 -32.31 -51.15 14.24
C GLY U 279 -31.64 -51.50 15.57
N ALA U 280 -30.76 -52.46 15.66
CA ALA U 280 -30.09 -52.75 16.96
C ALA U 280 -29.42 -51.51 17.57
N GLY U 281 -28.88 -50.64 16.74
CA GLY U 281 -28.23 -49.38 17.05
C GLY U 281 -29.08 -48.16 17.20
N GLY U 282 -30.38 -48.32 17.12
CA GLY U 282 -31.40 -47.38 17.05
C GLY U 282 -32.32 -47.45 15.83
N GLY U 283 -33.58 -47.13 16.06
CA GLY U 283 -34.56 -46.96 15.01
C GLY U 283 -35.85 -47.64 15.36
N HIS U 284 -36.91 -47.14 14.74
CA HIS U 284 -38.29 -47.58 14.78
C HIS U 284 -38.34 -49.09 14.93
N ALA U 285 -38.87 -49.50 15.97
CA ALA U 285 -38.89 -50.90 16.34
C ALA U 285 -40.19 -51.57 15.91
N PRO U 286 -40.17 -52.76 15.34
CA PRO U 286 -39.12 -53.68 15.01
C PRO U 286 -38.55 -53.50 13.63
N ASP U 287 -39.06 -52.55 12.89
CA ASP U 287 -39.16 -52.55 11.43
C ASP U 287 -38.56 -51.39 10.62
N ILE U 288 -37.60 -50.69 11.16
CA ILE U 288 -36.82 -49.69 10.43
C ILE U 288 -36.16 -50.17 9.13
N ILE U 289 -35.85 -51.43 9.04
CA ILE U 289 -35.29 -52.22 7.91
C ILE U 289 -36.00 -52.08 6.57
N ARG U 290 -37.23 -51.66 6.62
CA ARG U 290 -38.10 -51.42 5.46
C ARG U 290 -37.77 -50.18 4.65
N VAL U 291 -37.01 -49.27 5.19
CA VAL U 291 -36.45 -48.12 4.53
C VAL U 291 -35.47 -48.53 3.39
N ALA U 292 -34.88 -49.70 3.44
CA ALA U 292 -34.00 -50.33 2.44
C ALA U 292 -34.67 -50.67 1.11
N SER U 293 -36.00 -50.53 0.99
CA SER U 293 -36.88 -50.64 -0.17
C SER U 293 -37.10 -49.35 -0.99
N GLN U 294 -36.77 -48.34 -0.51
CA GLN U 294 -36.98 -47.06 -1.02
C GLN U 294 -35.76 -46.53 -1.84
N PRO U 295 -36.03 -45.91 -2.97
CA PRO U 295 -34.97 -45.43 -3.91
C PRO U 295 -34.17 -44.22 -3.47
N ASN U 296 -34.65 -43.48 -2.55
CA ASN U 296 -34.11 -42.28 -1.97
C ASN U 296 -33.26 -42.50 -0.73
N VAL U 297 -33.27 -43.66 -0.22
CA VAL U 297 -32.58 -44.11 0.93
C VAL U 297 -31.29 -44.81 0.51
N LEU U 298 -30.23 -44.38 1.11
CA LEU U 298 -28.87 -44.84 1.02
C LEU U 298 -28.54 -45.51 2.32
N PRO U 299 -28.70 -46.79 2.39
CA PRO U 299 -28.64 -47.48 3.63
C PRO U 299 -27.30 -48.02 4.04
N SER U 300 -27.07 -47.87 5.26
CA SER U 300 -26.03 -48.36 6.09
C SER U 300 -26.45 -49.13 7.29
N SER U 301 -25.54 -50.09 7.70
CA SER U 301 -25.47 -50.84 8.94
C SER U 301 -24.23 -50.49 9.75
N THR U 302 -24.32 -50.53 11.05
CA THR U 302 -23.14 -50.39 11.92
C THR U 302 -22.51 -51.76 12.04
N ASN U 303 -21.25 -51.80 12.33
CA ASN U 303 -20.52 -53.05 12.24
C ASN U 303 -20.74 -53.98 13.42
N PRO U 304 -21.37 -53.90 14.78
CA PRO U 304 -21.39 -54.98 15.79
C PRO U 304 -22.29 -56.19 15.49
N THR U 305 -23.24 -56.13 14.59
CA THR U 305 -24.12 -57.21 14.12
C THR U 305 -23.61 -58.05 12.94
N LEU U 306 -22.56 -57.67 12.31
CA LEU U 306 -21.94 -58.25 11.15
C LEU U 306 -20.56 -58.82 11.47
N PRO U 307 -20.33 -60.10 11.43
CA PRO U 307 -21.25 -61.10 11.06
C PRO U 307 -22.09 -61.47 12.25
N TYR U 308 -23.15 -62.19 11.99
CA TYR U 308 -24.05 -62.72 12.99
C TYR U 308 -23.50 -63.97 13.60
N GLY U 309 -23.26 -63.86 14.86
CA GLY U 309 -22.73 -64.92 15.64
C GLY U 309 -23.53 -65.29 16.88
N VAL U 310 -23.08 -66.36 17.44
CA VAL U 310 -23.64 -67.07 18.58
C VAL U 310 -23.64 -66.27 19.87
N ASN U 311 -22.71 -65.41 20.04
CA ASN U 311 -22.62 -64.48 21.12
C ASN U 311 -23.29 -63.13 20.84
N SER U 312 -23.89 -62.94 19.69
CA SER U 312 -24.41 -61.65 19.25
C SER U 312 -25.61 -61.18 20.06
N GLN U 313 -26.46 -62.05 20.44
CA GLN U 313 -27.66 -61.66 21.16
C GLN U 313 -27.36 -61.30 22.60
N ALA U 314 -26.66 -62.15 23.30
CA ALA U 314 -26.08 -61.86 24.60
C ALA U 314 -25.36 -60.54 24.75
N GLU U 315 -24.60 -60.17 23.77
CA GLU U 315 -23.79 -59.00 23.80
C GLU U 315 -24.64 -57.76 23.74
N LEU U 316 -25.51 -57.74 22.78
CA LEU U 316 -26.29 -56.60 22.40
C LEU U 316 -27.30 -56.25 23.46
N PHE U 317 -27.95 -57.26 24.01
CA PHE U 317 -28.84 -57.15 25.13
C PHE U 317 -28.19 -56.38 26.22
N ASP U 318 -27.11 -56.91 26.65
CA ASP U 318 -26.42 -56.39 27.80
C ASP U 318 -25.91 -54.99 27.54
N MET U 319 -25.46 -54.73 26.34
CA MET U 319 -24.95 -53.44 25.86
C MET U 319 -25.94 -52.31 25.93
N ILE U 320 -27.16 -52.54 25.46
CA ILE U 320 -28.18 -51.51 25.55
C ILE U 320 -28.54 -51.25 26.94
N MET U 321 -28.71 -52.30 27.68
CA MET U 321 -29.05 -52.17 29.05
C MET U 321 -28.04 -51.45 29.84
N VAL U 322 -26.84 -51.26 29.32
CA VAL U 322 -25.95 -50.31 29.89
C VAL U 322 -25.83 -49.05 29.11
N CYS U 323 -25.93 -49.13 27.79
CA CYS U 323 -25.89 -47.94 26.96
C CYS U 323 -26.92 -46.93 27.47
N HIS U 324 -28.13 -47.41 27.78
CA HIS U 324 -29.24 -46.60 28.25
C HIS U 324 -29.46 -46.73 29.75
N ASN U 325 -28.42 -47.05 30.50
CA ASN U 325 -28.52 -47.29 31.93
C ASN U 325 -29.84 -47.88 32.44
N LEU U 326 -30.26 -49.00 31.88
CA LEU U 326 -31.49 -49.53 32.29
C LEU U 326 -31.30 -50.36 33.53
N VAL U 334 -37.18 -53.68 30.08
CA VAL U 334 -36.82 -54.93 29.44
C VAL U 334 -37.65 -55.24 28.25
N SER U 335 -38.60 -54.39 28.00
CA SER U 335 -39.49 -54.54 26.91
C SER U 335 -39.14 -53.54 25.86
N PHE U 336 -38.36 -52.54 26.22
CA PHE U 336 -37.57 -51.79 25.29
C PHE U 336 -36.41 -52.63 24.80
N ALA U 337 -35.87 -53.52 25.66
CA ALA U 337 -34.65 -54.27 25.36
C ALA U 337 -34.88 -55.35 24.32
N GLU U 338 -35.79 -56.27 24.57
CA GLU U 338 -36.09 -57.43 23.74
C GLU U 338 -36.87 -57.07 22.49
N SER U 339 -37.22 -55.83 22.35
CA SER U 339 -37.81 -55.27 21.17
C SER U 339 -36.81 -54.53 20.29
N ARG U 340 -35.71 -54.16 20.89
CA ARG U 340 -34.58 -53.50 20.32
C ARG U 340 -33.62 -54.50 19.74
N VAL U 341 -33.55 -55.68 20.31
CA VAL U 341 -32.57 -56.66 20.06
C VAL U 341 -33.29 -57.92 19.62
N ARG U 342 -33.30 -58.10 18.33
CA ARG U 342 -34.08 -59.04 17.56
C ARG U 342 -33.23 -59.97 16.71
N PRO U 343 -33.08 -61.22 17.10
CA PRO U 343 -32.30 -62.17 16.29
C PRO U 343 -32.70 -62.24 14.84
N GLU U 344 -33.99 -62.12 14.60
CA GLU U 344 -34.60 -62.20 13.28
C GLU U 344 -34.19 -61.08 12.36
N THR U 345 -34.12 -59.88 12.84
CA THR U 345 -33.77 -58.80 11.98
C THR U 345 -32.23 -58.70 11.78
N ILE U 346 -31.46 -59.20 12.73
CA ILE U 346 -30.02 -59.20 12.69
C ILE U 346 -29.54 -60.15 11.60
N ALA U 347 -30.05 -61.37 11.58
CA ALA U 347 -29.90 -62.29 10.48
C ALA U 347 -30.32 -61.71 9.16
N ALA U 348 -31.40 -61.01 9.17
CA ALA U 348 -31.91 -60.41 7.99
C ALA U 348 -30.94 -59.38 7.43
N GLU U 349 -30.31 -58.61 8.29
CA GLU U 349 -29.34 -57.57 7.92
C GLU U 349 -28.18 -58.20 7.09
N ASN U 350 -27.67 -59.30 7.53
CA ASN U 350 -26.63 -60.16 6.99
C ASN U 350 -26.98 -60.59 5.56
N VAL U 351 -28.18 -61.04 5.38
CA VAL U 351 -28.67 -61.47 4.10
C VAL U 351 -28.83 -60.34 3.15
N LEU U 352 -29.35 -59.27 3.60
CA LEU U 352 -29.61 -58.14 2.78
C LEU U 352 -28.31 -57.49 2.24
N HIS U 353 -27.30 -57.53 3.05
CA HIS U 353 -25.93 -57.18 2.71
C HIS U 353 -25.46 -57.97 1.52
N ASP U 354 -25.51 -59.27 1.63
CA ASP U 354 -25.17 -60.22 0.60
C ASP U 354 -25.96 -60.08 -0.67
N MET U 355 -27.13 -59.57 -0.60
CA MET U 355 -28.00 -59.27 -1.73
C MET U 355 -27.72 -57.97 -2.45
N GLY U 356 -27.01 -57.09 -1.85
CA GLY U 356 -26.87 -55.75 -2.30
C GLY U 356 -27.99 -54.77 -1.97
N VAL U 357 -28.73 -55.03 -0.93
CA VAL U 357 -29.83 -54.24 -0.45
C VAL U 357 -29.43 -53.22 0.65
N ILE U 358 -28.50 -53.52 1.52
CA ILE U 358 -27.83 -52.57 2.43
C ILE U 358 -26.44 -52.25 1.84
N SER U 359 -26.18 -51.01 1.61
CA SER U 359 -25.17 -50.56 0.72
C SER U 359 -23.80 -50.18 1.34
N MET U 360 -23.69 -50.03 2.61
CA MET U 360 -22.59 -49.58 3.45
C MET U 360 -22.49 -50.10 4.86
N PHE U 361 -21.26 -50.36 5.23
CA PHE U 361 -20.76 -50.64 6.51
C PHE U 361 -20.27 -49.33 7.14
N SER U 362 -20.28 -49.29 8.44
CA SER U 362 -19.96 -48.19 9.36
C SER U 362 -19.74 -48.70 10.75
N SER U 363 -19.16 -47.70 11.57
CA SER U 363 -18.74 -48.14 12.88
C SER U 363 -19.68 -47.63 13.95
N ASP U 364 -20.04 -46.57 14.05
CA ASP U 364 -20.75 -46.11 15.23
C ASP U 364 -19.78 -45.98 16.44
N SER U 365 -18.56 -45.54 16.18
CA SER U 365 -17.38 -45.60 17.05
C SER U 365 -17.67 -45.22 18.46
N GLN U 366 -17.44 -46.13 19.38
CA GLN U 366 -17.60 -46.01 20.83
C GLN U 366 -18.97 -45.54 21.28
N ALA U 367 -19.92 -45.81 20.43
CA ALA U 367 -21.36 -45.76 20.52
C ALA U 367 -22.04 -46.96 19.78
N MET U 368 -21.66 -48.10 20.20
CA MET U 368 -21.95 -49.48 19.93
C MET U 368 -21.13 -50.24 18.86
N GLY U 369 -20.35 -49.56 18.07
CA GLY U 369 -19.48 -50.26 17.11
C GLY U 369 -17.99 -49.99 17.28
N ARG U 370 -17.15 -50.47 16.33
CA ARG U 370 -15.69 -50.77 16.42
C ARG U 370 -14.98 -50.23 15.15
N VAL U 371 -14.47 -49.03 15.29
CA VAL U 371 -13.71 -48.20 14.43
C VAL U 371 -12.56 -48.85 13.78
N GLY U 372 -12.01 -49.82 14.38
CA GLY U 372 -10.89 -50.60 13.85
C GLY U 372 -11.13 -51.98 13.32
N GLU U 373 -12.33 -52.24 12.93
CA GLU U 373 -12.87 -53.50 12.51
C GLU U 373 -13.80 -53.52 11.26
N ASN U 374 -13.97 -52.45 10.56
CA ASN U 374 -14.79 -52.29 9.35
C ASN U 374 -14.28 -53.12 8.16
N TRP U 375 -12.98 -53.09 7.90
CA TRP U 375 -12.37 -53.92 6.85
C TRP U 375 -12.38 -55.36 7.30
N LEU U 376 -12.10 -55.64 8.58
CA LEU U 376 -12.15 -56.99 9.17
C LEU U 376 -13.54 -57.60 9.07
N ARG U 377 -14.58 -56.81 9.29
CA ARG U 377 -15.86 -57.41 9.53
C ARG U 377 -16.58 -57.75 8.21
N VAL U 378 -16.42 -56.88 7.25
CA VAL U 378 -16.73 -56.93 5.84
C VAL U 378 -16.29 -58.26 5.21
N MET U 379 -15.06 -58.58 5.36
CA MET U 379 -14.44 -59.84 4.97
C MET U 379 -14.98 -61.00 5.76
N GLN U 380 -15.13 -60.83 6.99
CA GLN U 380 -15.72 -61.83 7.89
C GLN U 380 -17.18 -62.22 7.47
N THR U 381 -17.95 -61.25 7.08
CA THR U 381 -19.33 -61.34 6.62
C THR U 381 -19.44 -62.04 5.27
N ALA U 382 -18.69 -61.60 4.24
CA ALA U 382 -18.56 -62.22 2.94
C ALA U 382 -18.31 -63.69 3.03
N ASN U 383 -17.44 -64.09 3.88
CA ASN U 383 -17.03 -65.45 4.13
C ASN U 383 -18.02 -66.25 4.90
N ALA U 384 -18.69 -65.70 5.88
CA ALA U 384 -19.75 -66.42 6.57
C ALA U 384 -20.92 -66.69 5.62
N MET U 385 -21.22 -65.74 4.82
CA MET U 385 -22.29 -65.76 3.84
C MET U 385 -22.06 -66.71 2.67
N LYS U 386 -20.84 -66.84 2.18
CA LYS U 386 -20.48 -67.82 1.17
C LYS U 386 -20.76 -69.21 1.69
N ALA U 387 -20.35 -69.44 2.87
CA ALA U 387 -20.60 -70.68 3.56
C ALA U 387 -22.09 -71.03 3.62
N SER U 388 -22.92 -70.12 4.08
CA SER U 388 -24.34 -70.35 4.28
C SER U 388 -25.22 -70.37 3.04
N ARG U 389 -24.90 -69.58 2.07
CA ARG U 389 -25.69 -69.32 0.90
C ARG U 389 -25.12 -69.85 -0.38
N GLY U 390 -23.84 -70.14 -0.41
CA GLY U 390 -23.05 -70.35 -1.58
C GLY U 390 -22.79 -69.18 -2.45
N LYS U 391 -22.57 -69.48 -3.71
CA LYS U 391 -22.21 -68.49 -4.69
C LYS U 391 -23.39 -67.67 -5.02
N LEU U 392 -23.19 -66.43 -4.92
CA LEU U 392 -24.05 -65.51 -5.54
C LEU U 392 -24.30 -65.89 -6.98
N PRO U 393 -25.47 -65.58 -7.48
CA PRO U 393 -25.85 -66.02 -8.83
C PRO U 393 -25.01 -65.46 -9.91
N GLU U 394 -24.65 -64.20 -9.78
CA GLU U 394 -23.72 -63.48 -10.60
C GLU U 394 -22.25 -63.83 -10.41
N ASP U 395 -21.86 -64.59 -9.41
CA ASP U 395 -20.53 -65.08 -9.36
C ASP U 395 -20.24 -65.96 -10.58
N ALA U 396 -19.11 -65.93 -10.93
CA ALA U 396 -18.40 -66.82 -11.82
C ALA U 396 -18.00 -68.08 -11.10
N PRO U 397 -18.06 -69.20 -11.76
CA PRO U 397 -17.85 -70.46 -11.07
C PRO U 397 -16.54 -70.66 -10.42
N GLY U 398 -15.46 -70.21 -11.01
CA GLY U 398 -14.22 -70.48 -10.38
C GLY U 398 -13.81 -69.54 -9.28
N ASN U 399 -14.42 -68.37 -9.20
CA ASN U 399 -14.05 -67.30 -8.28
C ASN U 399 -15.17 -66.51 -7.61
N ASP U 400 -14.76 -65.84 -6.56
CA ASP U 400 -15.49 -65.02 -5.64
C ASP U 400 -15.39 -63.52 -5.86
N ASN U 401 -14.98 -63.09 -7.01
CA ASN U 401 -14.84 -61.70 -7.38
C ASN U 401 -16.11 -60.88 -7.21
N PHE U 402 -17.22 -61.29 -7.78
CA PHE U 402 -18.49 -60.61 -7.69
C PHE U 402 -18.82 -60.28 -6.24
N ARG U 403 -18.72 -61.26 -5.39
CA ARG U 403 -18.97 -61.16 -4.00
C ARG U 403 -18.06 -60.16 -3.31
N VAL U 404 -16.77 -60.42 -3.35
CA VAL U 404 -15.76 -59.63 -2.73
C VAL U 404 -15.94 -58.20 -3.07
N LEU U 405 -16.13 -57.94 -4.32
N LEU U 405 -16.11 -57.93 -4.30
CA LEU U 405 -16.27 -56.65 -4.85
CA LEU U 405 -16.25 -56.61 -4.79
C LEU U 405 -17.55 -55.93 -4.36
C LEU U 405 -17.55 -55.93 -4.36
N ARG U 406 -18.60 -56.64 -4.15
CA ARG U 406 -19.81 -56.09 -3.52
C ARG U 406 -19.50 -55.47 -2.15
N TYR U 407 -18.86 -56.30 -1.37
CA TYR U 407 -18.40 -56.03 0.01
C TYR U 407 -17.44 -54.82 0.09
N VAL U 408 -16.45 -54.74 -0.75
CA VAL U 408 -15.49 -53.68 -0.92
C VAL U 408 -16.12 -52.37 -1.25
N ALA U 409 -17.13 -52.36 -2.05
CA ALA U 409 -17.88 -51.19 -2.35
C ALA U 409 -18.51 -50.53 -1.11
N LYS U 410 -18.83 -51.32 -0.17
CA LYS U 410 -19.46 -51.03 1.08
C LYS U 410 -18.63 -50.09 1.97
N ILE U 411 -17.31 -50.27 2.01
CA ILE U 411 -16.34 -49.50 2.78
C ILE U 411 -15.51 -48.51 2.00
N THR U 412 -15.65 -48.43 0.71
CA THR U 412 -14.96 -47.62 -0.26
C THR U 412 -15.79 -46.67 -1.10
N ILE U 413 -16.31 -47.09 -2.20
CA ILE U 413 -16.87 -46.18 -3.10
C ILE U 413 -18.29 -45.71 -2.68
N ASN U 414 -19.00 -46.55 -2.06
CA ASN U 414 -20.37 -46.27 -1.63
C ASN U 414 -20.47 -45.20 -0.54
N PRO U 415 -19.82 -45.32 0.55
CA PRO U 415 -19.65 -44.17 1.44
C PRO U 415 -19.28 -42.82 0.81
N ALA U 416 -18.38 -42.85 -0.08
CA ALA U 416 -17.95 -41.67 -0.80
C ALA U 416 -19.04 -41.06 -1.58
N ILE U 417 -19.75 -41.85 -2.26
CA ILE U 417 -20.84 -41.38 -3.09
C ILE U 417 -21.91 -40.73 -2.21
N ALA U 418 -22.21 -41.36 -1.13
CA ALA U 418 -23.22 -40.94 -0.14
C ALA U 418 -22.96 -39.54 0.45
N GLN U 419 -21.74 -39.16 0.62
CA GLN U 419 -21.29 -37.95 1.29
C GLN U 419 -20.70 -36.89 0.31
N GLY U 420 -20.76 -37.15 -0.89
CA GLY U 420 -20.39 -36.44 -2.04
C GLY U 420 -18.96 -36.10 -2.27
N VAL U 421 -18.15 -37.05 -2.09
CA VAL U 421 -16.71 -37.10 -2.21
C VAL U 421 -16.01 -38.14 -3.10
N SER U 422 -16.77 -38.76 -3.95
CA SER U 422 -16.34 -39.73 -4.92
C SER U 422 -15.60 -39.12 -6.05
N HIS U 423 -15.65 -37.88 -6.20
CA HIS U 423 -14.82 -37.15 -7.09
C HIS U 423 -13.33 -37.06 -6.71
N VAL U 424 -13.02 -37.18 -5.48
CA VAL U 424 -11.71 -37.11 -4.91
C VAL U 424 -11.18 -38.32 -4.21
N ILE U 425 -12.00 -39.12 -3.67
CA ILE U 425 -11.69 -40.32 -2.97
C ILE U 425 -12.67 -41.47 -3.22
N GLY U 426 -12.33 -42.62 -2.72
CA GLY U 426 -13.02 -43.90 -2.71
C GLY U 426 -12.80 -45.08 -3.66
N SER U 427 -12.03 -44.94 -4.70
CA SER U 427 -11.68 -45.87 -5.72
C SER U 427 -10.25 -45.55 -6.21
N VAL U 428 -9.62 -46.56 -6.69
CA VAL U 428 -8.37 -46.58 -7.42
C VAL U 428 -8.63 -46.32 -8.87
N GLU U 429 -8.65 -45.08 -9.24
CA GLU U 429 -9.01 -44.59 -10.51
C GLU U 429 -8.21 -43.33 -10.79
N VAL U 430 -8.00 -43.13 -12.05
CA VAL U 430 -7.27 -42.00 -12.50
C VAL U 430 -8.04 -40.72 -12.20
N GLY U 431 -7.30 -39.84 -11.69
CA GLY U 431 -7.53 -38.55 -11.21
C GLY U 431 -7.85 -38.31 -9.74
N LYS U 432 -7.96 -39.35 -8.98
CA LYS U 432 -8.21 -39.39 -7.62
C LYS U 432 -7.00 -39.33 -6.70
N MET U 433 -7.31 -38.77 -5.52
N MET U 433 -7.32 -38.77 -5.53
CA MET U 433 -6.38 -38.56 -4.39
CA MET U 433 -6.37 -38.56 -4.41
C MET U 433 -5.77 -39.92 -4.07
C MET U 433 -5.78 -39.92 -4.08
N ALA U 434 -4.37 -39.94 -3.97
CA ALA U 434 -3.92 -41.35 -3.65
C ALA U 434 -4.09 -41.67 -2.16
N ASP U 435 -5.30 -42.07 -1.70
CA ASP U 435 -5.76 -42.59 -0.36
C ASP U 435 -5.91 -44.13 -0.60
N LEU U 436 -4.90 -44.87 -0.31
CA LEU U 436 -4.54 -46.21 -0.62
C LEU U 436 -3.96 -46.96 0.55
N VAL U 437 -4.26 -48.18 0.52
CA VAL U 437 -3.90 -49.25 1.35
C VAL U 437 -3.34 -50.44 0.59
N LEU U 438 -2.23 -50.88 1.08
CA LEU U 438 -1.46 -52.07 0.80
C LEU U 438 -1.51 -53.17 1.84
N TRP U 439 -1.87 -54.28 1.38
CA TRP U 439 -2.06 -55.49 2.10
C TRP U 439 -1.29 -56.71 1.62
N ASP U 440 -0.86 -57.44 2.49
CA ASP U 440 -0.44 -58.79 2.28
C ASP U 440 -1.64 -59.71 2.22
N PRO U 441 -1.78 -60.54 1.16
CA PRO U 441 -2.91 -61.46 1.11
C PRO U 441 -3.13 -62.32 2.23
N ARG U 442 -2.11 -62.73 2.85
CA ARG U 442 -2.15 -63.49 4.01
C ARG U 442 -2.95 -62.86 5.18
N PHE U 443 -2.99 -61.54 5.24
CA PHE U 443 -3.51 -60.61 6.24
C PHE U 443 -4.66 -59.71 5.74
N PHE U 444 -5.18 -59.93 4.56
CA PHE U 444 -6.16 -59.14 3.88
C PHE U 444 -7.38 -58.82 4.76
N GLY U 445 -7.72 -57.56 4.88
CA GLY U 445 -8.75 -57.07 5.76
C GLY U 445 -8.49 -56.72 7.19
N ALA U 446 -7.58 -57.39 7.76
CA ALA U 446 -7.14 -57.44 9.13
C ALA U 446 -6.02 -56.50 9.45
N LYS U 447 -4.87 -56.73 8.86
CA LYS U 447 -3.59 -56.11 9.17
C LYS U 447 -2.86 -55.60 7.93
N PRO U 448 -3.01 -54.36 7.59
CA PRO U 448 -2.32 -53.83 6.47
C PRO U 448 -0.84 -53.62 6.64
N LYS U 449 -0.21 -53.46 5.55
CA LYS U 449 1.21 -53.13 5.46
C LYS U 449 1.44 -51.63 5.66
N MET U 450 0.73 -50.84 4.95
CA MET U 450 0.73 -49.41 4.86
C MET U 450 -0.46 -48.72 4.25
N VAL U 451 -0.57 -47.50 4.70
CA VAL U 451 -1.40 -46.48 4.30
C VAL U 451 -0.70 -45.29 3.74
N ILE U 452 -1.09 -45.05 2.57
CA ILE U 452 -0.77 -43.99 1.70
C ILE U 452 -1.91 -43.01 1.62
N LYS U 453 -1.56 -41.82 2.09
CA LYS U 453 -2.37 -40.72 2.49
C LYS U 453 -1.70 -39.52 1.79
N GLY U 454 -2.35 -39.07 0.81
CA GLY U 454 -2.18 -38.04 -0.06
C GLY U 454 -0.92 -38.17 -0.91
N GLY U 455 -0.49 -39.36 -1.16
CA GLY U 455 0.70 -39.66 -1.88
C GLY U 455 1.95 -39.98 -1.09
N MET U 456 1.95 -39.80 0.21
CA MET U 456 2.89 -40.17 1.25
C MET U 456 2.32 -41.21 2.17
N ILE U 457 3.19 -42.06 2.63
CA ILE U 457 3.04 -43.07 3.60
C ILE U 457 2.93 -42.34 4.95
N ASN U 458 1.79 -42.46 5.53
CA ASN U 458 1.42 -41.85 6.80
C ASN U 458 1.42 -42.77 7.98
N TRP U 459 1.25 -44.02 7.79
CA TRP U 459 1.01 -45.09 8.70
C TRP U 459 1.43 -46.42 8.12
N ALA U 460 2.07 -47.14 8.92
CA ALA U 460 2.78 -48.40 8.74
C ALA U 460 3.18 -49.25 9.92
N ALA U 461 3.18 -50.52 9.66
CA ALA U 461 3.72 -51.56 10.47
C ALA U 461 5.25 -51.57 10.33
N MET U 462 5.86 -51.21 11.35
CA MET U 462 7.25 -50.91 11.58
C MET U 462 7.75 -51.58 12.83
N GLY U 463 8.90 -52.30 12.73
CA GLY U 463 9.65 -52.78 13.85
C GLY U 463 10.78 -51.87 14.28
N ASP U 464 11.76 -52.43 14.96
CA ASP U 464 12.70 -51.76 15.90
C ASP U 464 13.30 -50.64 15.06
N PRO U 465 13.09 -49.34 15.36
CA PRO U 465 13.78 -48.27 14.66
C PRO U 465 15.32 -48.29 14.79
N ASN U 466 15.88 -48.94 15.80
CA ASN U 466 17.30 -49.15 16.01
C ASN U 466 17.85 -50.33 15.25
N ALA U 467 17.04 -51.08 14.61
CA ALA U 467 17.52 -52.30 14.08
C ALA U 467 18.17 -52.01 12.73
N SER U 468 18.83 -52.97 12.26
CA SER U 468 19.50 -53.04 10.96
C SER U 468 18.56 -53.31 9.80
N LEU U 469 17.36 -53.70 10.06
CA LEU U 469 16.26 -53.70 9.12
C LEU U 469 14.99 -53.10 9.67
N PRO U 470 13.99 -52.91 8.81
CA PRO U 470 12.65 -52.47 9.22
C PRO U 470 11.74 -53.50 9.74
N THR U 471 12.11 -54.70 9.68
CA THR U 471 11.33 -55.84 10.00
C THR U 471 11.57 -56.46 11.32
N PRO U 472 12.65 -56.14 12.03
CA PRO U 472 12.83 -56.78 13.26
C PRO U 472 11.87 -56.31 14.38
N GLN U 473 11.59 -57.23 15.22
CA GLN U 473 10.58 -57.21 16.28
C GLN U 473 10.97 -56.22 17.40
N PRO U 474 9.99 -55.52 18.01
CA PRO U 474 8.56 -55.62 17.82
C PRO U 474 8.02 -54.81 16.69
N VAL U 475 7.23 -55.43 15.89
CA VAL U 475 6.50 -54.82 14.82
C VAL U 475 5.11 -54.41 15.33
N PHE U 476 4.82 -53.16 15.22
CA PHE U 476 3.63 -52.45 15.61
C PHE U 476 3.48 -51.15 14.79
N TYR U 477 2.25 -50.72 14.65
CA TYR U 477 1.81 -49.62 13.89
C TYR U 477 2.18 -48.32 14.56
N ARG U 478 2.72 -47.54 13.78
CA ARG U 478 3.47 -46.32 13.92
C ARG U 478 3.24 -45.26 12.87
N PRO U 479 3.13 -44.03 13.26
CA PRO U 479 3.20 -42.99 12.31
C PRO U 479 4.50 -42.87 11.53
N MET U 480 4.31 -42.44 10.41
CA MET U 480 5.31 -42.18 9.40
C MET U 480 5.36 -40.67 9.02
N PHE U 481 6.23 -40.27 8.10
CA PHE U 481 6.52 -38.88 7.70
C PHE U 481 5.33 -38.12 7.14
N GLY U 482 4.43 -38.75 6.43
CA GLY U 482 3.21 -38.14 6.04
C GLY U 482 2.31 -37.69 7.22
N ALA U 483 2.47 -38.30 8.32
CA ALA U 483 1.91 -38.09 9.66
C ALA U 483 2.71 -37.12 10.53
N MET U 484 3.60 -36.39 9.98
CA MET U 484 4.63 -35.59 10.61
C MET U 484 4.67 -34.22 10.02
N GLY U 485 5.00 -33.33 10.86
CA GLY U 485 5.10 -32.03 10.58
C GLY U 485 3.95 -31.33 9.92
N LYS U 486 4.30 -30.42 9.02
CA LYS U 486 3.32 -29.73 8.18
C LYS U 486 2.75 -30.63 7.05
N THR U 487 3.35 -31.73 6.69
CA THR U 487 2.90 -32.65 5.68
C THR U 487 1.56 -33.33 6.02
N MET U 488 1.39 -33.68 7.31
N MET U 488 1.45 -33.69 7.30
CA MET U 488 0.15 -34.33 7.88
CA MET U 488 0.26 -34.26 7.95
C MET U 488 -1.06 -33.43 7.42
C MET U 488 -1.00 -33.43 7.46
N GLN U 489 -1.09 -32.07 7.55
CA GLN U 489 -2.08 -31.22 7.09
C GLN U 489 -2.13 -31.14 5.59
N ASP U 490 -0.99 -31.10 4.94
CA ASP U 490 -0.88 -31.04 3.51
C ASP U 490 -1.49 -32.22 2.78
N THR U 491 -1.47 -33.34 3.34
CA THR U 491 -1.84 -34.60 2.85
C THR U 491 -3.23 -35.06 3.31
N CYS U 492 -3.87 -34.25 4.17
CA CYS U 492 -5.20 -34.52 4.77
C CYS U 492 -6.19 -33.42 4.32
N VAL U 493 -7.40 -33.81 4.10
CA VAL U 493 -8.56 -33.06 3.66
C VAL U 493 -9.56 -32.92 4.82
N THR U 494 -10.00 -31.80 4.96
CA THR U 494 -11.16 -31.34 5.67
C THR U 494 -12.24 -30.95 4.64
N PHE U 495 -13.13 -31.80 4.54
CA PHE U 495 -14.37 -31.65 3.84
C PHE U 495 -15.35 -30.69 4.54
N VAL U 496 -15.86 -29.86 3.74
CA VAL U 496 -16.82 -28.83 3.94
C VAL U 496 -17.89 -28.61 2.85
N SER U 497 -18.86 -27.84 3.20
CA SER U 497 -19.95 -27.32 2.37
C SER U 497 -19.36 -26.30 1.40
N GLN U 498 -19.85 -26.25 0.25
CA GLN U 498 -19.60 -25.22 -0.75
C GLN U 498 -19.90 -23.84 -0.24
N ALA U 499 -20.92 -23.71 0.57
CA ALA U 499 -21.34 -22.50 1.25
C ALA U 499 -20.21 -21.93 2.08
N ALA U 500 -19.63 -22.77 2.84
CA ALA U 500 -18.51 -22.52 3.70
C ALA U 500 -17.24 -22.16 2.94
N LEU U 501 -16.96 -22.91 1.92
CA LEU U 501 -15.84 -22.75 1.06
C LEU U 501 -15.89 -21.36 0.42
N ASP U 502 -17.02 -21.01 -0.07
CA ASP U 502 -17.28 -19.79 -0.73
C ASP U 502 -17.20 -18.57 0.24
N ASP U 503 -17.58 -18.72 1.47
CA ASP U 503 -17.52 -17.79 2.58
C ASP U 503 -16.14 -17.68 3.21
N GLY U 504 -15.15 -18.35 2.70
CA GLY U 504 -13.82 -18.39 3.20
C GLY U 504 -13.43 -19.10 4.43
N VAL U 505 -14.06 -20.22 4.71
CA VAL U 505 -13.86 -21.03 5.87
C VAL U 505 -12.38 -21.30 6.15
N LYS U 506 -11.62 -21.50 5.12
CA LYS U 506 -10.22 -21.82 5.20
C LYS U 506 -9.42 -20.70 5.89
N GLU U 507 -9.61 -19.48 5.49
CA GLU U 507 -9.09 -18.25 6.09
C GLU U 507 -9.67 -17.99 7.48
N LYS U 508 -10.98 -17.89 7.57
CA LYS U 508 -11.77 -17.59 8.76
C LYS U 508 -11.43 -18.46 9.94
N ALA U 509 -11.36 -19.73 9.75
CA ALA U 509 -11.01 -20.79 10.68
C ALA U 509 -9.52 -21.07 10.76
N GLY U 510 -8.78 -20.56 9.83
CA GLY U 510 -7.39 -20.68 9.86
C GLY U 510 -6.84 -22.05 9.66
N LEU U 511 -7.39 -22.81 8.74
CA LEU U 511 -7.09 -24.16 8.48
C LEU U 511 -5.93 -24.26 7.48
N ASP U 512 -5.00 -25.12 7.78
CA ASP U 512 -3.91 -25.51 6.95
C ASP U 512 -4.16 -26.80 6.16
N ARG U 513 -5.16 -27.59 6.52
CA ARG U 513 -5.62 -28.78 5.81
C ARG U 513 -5.98 -28.40 4.40
N GLN U 514 -6.03 -29.36 3.51
CA GLN U 514 -6.73 -29.19 2.29
C GLN U 514 -8.24 -29.07 2.64
N VAL U 515 -8.87 -28.12 2.11
CA VAL U 515 -10.31 -27.83 2.26
C VAL U 515 -11.03 -27.97 0.93
N ILE U 516 -11.82 -28.96 0.81
CA ILE U 516 -12.55 -29.46 -0.34
C ILE U 516 -14.07 -29.50 -0.12
N ALA U 517 -14.80 -28.91 -1.03
CA ALA U 517 -16.26 -28.82 -1.02
C ALA U 517 -16.83 -30.16 -1.40
N VAL U 518 -17.66 -30.71 -0.55
CA VAL U 518 -18.59 -31.77 -0.94
C VAL U 518 -19.54 -31.39 -2.09
N LYS U 519 -19.88 -32.37 -2.92
CA LYS U 519 -20.70 -32.10 -4.12
C LYS U 519 -21.39 -33.41 -4.55
N ASN U 520 -22.53 -33.37 -5.12
CA ASN U 520 -23.34 -34.45 -5.69
C ASN U 520 -24.07 -35.36 -4.68
N CYS U 521 -24.58 -34.82 -3.64
CA CYS U 521 -25.19 -35.52 -2.47
C CYS U 521 -26.73 -35.73 -2.69
N ARG U 522 -27.39 -34.86 -3.37
CA ARG U 522 -28.85 -34.69 -3.44
C ARG U 522 -29.55 -35.28 -4.67
N THR U 523 -28.85 -35.53 -5.73
CA THR U 523 -29.32 -36.12 -7.00
C THR U 523 -29.14 -37.66 -7.08
N ILE U 524 -28.52 -38.20 -6.21
CA ILE U 524 -28.22 -39.59 -6.01
C ILE U 524 -29.36 -40.31 -5.33
N SER U 525 -29.43 -41.54 -5.65
CA SER U 525 -30.30 -42.56 -5.21
C SER U 525 -29.60 -43.88 -5.05
N LYS U 526 -30.35 -44.81 -4.56
CA LYS U 526 -29.91 -46.13 -4.28
C LYS U 526 -29.27 -46.80 -5.47
N HIS U 527 -29.80 -46.57 -6.63
CA HIS U 527 -29.35 -47.12 -7.90
C HIS U 527 -28.01 -46.58 -8.38
N ASP U 528 -27.57 -45.46 -7.88
CA ASP U 528 -26.24 -44.92 -8.10
C ASP U 528 -25.18 -45.57 -7.25
N LEU U 529 -25.55 -46.43 -6.45
CA LEU U 529 -24.65 -47.06 -5.58
C LEU U 529 -24.06 -48.21 -6.40
N VAL U 530 -22.87 -48.61 -6.06
CA VAL U 530 -22.06 -49.58 -6.79
C VAL U 530 -22.13 -50.93 -6.11
N ARG U 531 -22.61 -51.87 -6.86
CA ARG U 531 -22.86 -53.26 -6.60
C ARG U 531 -23.89 -53.51 -5.47
N ASN U 532 -24.55 -52.50 -5.00
CA ASN U 532 -25.45 -52.56 -3.89
C ASN U 532 -26.67 -51.65 -4.18
N ASP U 533 -27.33 -51.91 -5.26
CA ASP U 533 -28.34 -51.05 -5.88
C ASP U 533 -29.77 -51.60 -5.91
N GLN U 534 -30.04 -52.65 -5.22
CA GLN U 534 -31.29 -53.37 -5.04
C GLN U 534 -32.29 -52.76 -4.05
N THR U 535 -33.52 -52.60 -4.52
CA THR U 535 -34.71 -52.08 -3.87
C THR U 535 -35.87 -53.10 -3.83
N PRO U 536 -35.77 -54.18 -3.10
CA PRO U 536 -36.89 -55.10 -3.00
C PRO U 536 -37.96 -54.72 -1.99
N ASN U 537 -39.05 -55.48 -2.01
CA ASN U 537 -40.09 -55.39 -1.00
C ASN U 537 -39.62 -56.04 0.28
N ILE U 538 -39.65 -55.29 1.35
CA ILE U 538 -39.30 -55.78 2.67
C ILE U 538 -40.47 -55.66 3.64
N GLU U 539 -40.79 -56.77 4.23
CA GLU U 539 -41.84 -56.99 5.20
C GLU U 539 -41.29 -57.58 6.48
N VAL U 540 -41.71 -57.04 7.57
CA VAL U 540 -41.41 -57.45 8.91
C VAL U 540 -42.69 -57.73 9.69
N ASP U 541 -42.73 -58.84 10.28
CA ASP U 541 -43.80 -59.34 11.13
C ASP U 541 -43.81 -58.71 12.51
N PRO U 542 -44.82 -57.88 12.82
CA PRO U 542 -44.85 -57.17 14.11
C PRO U 542 -44.95 -58.04 15.32
N GLU U 543 -45.26 -59.31 15.18
CA GLU U 543 -45.19 -60.24 16.31
C GLU U 543 -43.84 -60.90 16.48
N THR U 544 -43.45 -61.69 15.52
CA THR U 544 -42.29 -62.51 15.52
C THR U 544 -41.06 -61.87 14.87
N PHE U 545 -41.17 -60.68 14.29
CA PHE U 545 -40.07 -59.87 13.77
C PHE U 545 -39.41 -60.49 12.56
N ALA U 546 -40.02 -61.55 12.02
CA ALA U 546 -39.57 -62.29 10.84
C ALA U 546 -39.56 -61.33 9.63
N VAL U 547 -38.56 -61.38 8.79
CA VAL U 547 -38.34 -60.61 7.59
C VAL U 547 -38.44 -61.42 6.32
N LYS U 548 -39.26 -60.92 5.46
CA LYS U 548 -39.53 -61.35 4.13
C LYS U 548 -39.09 -60.31 3.16
N VAL U 549 -38.34 -60.71 2.14
CA VAL U 549 -37.71 -59.87 1.12
C VAL U 549 -38.26 -60.43 -0.18
N ASP U 550 -39.05 -59.67 -0.92
CA ASP U 550 -39.84 -60.16 -2.09
C ASP U 550 -40.55 -61.48 -1.72
N GLY U 551 -41.19 -61.59 -0.56
CA GLY U 551 -41.85 -62.81 -0.06
C GLY U 551 -40.96 -63.92 0.46
N VAL U 552 -39.64 -63.83 0.58
CA VAL U 552 -38.77 -64.89 0.96
C VAL U 552 -38.17 -64.54 2.29
N HIS U 553 -38.32 -65.46 3.18
CA HIS U 553 -37.81 -65.38 4.49
C HIS U 553 -36.32 -65.17 4.39
N ALA U 554 -35.84 -64.14 5.08
CA ALA U 554 -34.47 -63.68 5.08
C ALA U 554 -33.85 -64.00 6.40
N THR U 555 -33.19 -65.15 6.45
CA THR U 555 -32.45 -65.58 7.60
C THR U 555 -31.23 -66.43 7.22
N CYS U 556 -30.37 -66.62 8.18
CA CYS U 556 -29.18 -67.43 8.19
C CYS U 556 -28.91 -67.66 9.65
N GLU U 557 -28.10 -68.63 9.94
CA GLU U 557 -27.71 -69.21 11.19
C GLU U 557 -26.45 -68.60 11.72
N PRO U 558 -26.31 -68.40 13.00
CA PRO U 558 -25.06 -67.85 13.48
C PRO U 558 -23.88 -68.74 13.43
N ILE U 559 -22.80 -68.07 13.14
CA ILE U 559 -21.46 -68.60 13.13
C ILE U 559 -20.97 -68.77 14.55
N ASP U 560 -20.29 -69.86 14.75
CA ASP U 560 -19.42 -70.14 15.87
C ASP U 560 -18.03 -69.51 15.71
N THR U 561 -17.41 -69.69 14.55
CA THR U 561 -16.04 -69.29 14.26
C THR U 561 -15.94 -68.31 13.10
N ALA U 562 -15.42 -67.16 13.42
CA ALA U 562 -15.01 -66.15 12.51
C ALA U 562 -13.57 -66.36 11.99
N ALA U 563 -13.40 -66.06 10.69
CA ALA U 563 -12.13 -66.00 9.93
C ALA U 563 -11.44 -64.64 10.22
N MET U 564 -10.12 -64.53 10.09
CA MET U 564 -9.34 -63.30 10.23
C MET U 564 -9.58 -62.85 11.68
N ASN U 565 -9.55 -63.73 12.63
CA ASN U 565 -10.09 -63.40 13.97
C ASN U 565 -9.06 -63.77 15.05
N GLN U 566 -9.18 -64.86 15.79
CA GLN U 566 -8.31 -65.23 16.93
C GLN U 566 -6.90 -65.68 16.45
N ARG U 567 -6.73 -66.12 15.21
CA ARG U 567 -5.46 -66.47 14.59
C ARG U 567 -4.47 -65.32 14.49
N TYR U 568 -4.93 -64.20 14.17
CA TYR U 568 -4.32 -62.93 13.81
C TYR U 568 -4.20 -61.89 14.93
N PHE U 569 -5.00 -61.93 15.94
CA PHE U 569 -5.16 -60.88 16.91
C PHE U 569 -4.93 -61.37 18.34
N PHE U 570 -4.12 -60.63 19.09
CA PHE U 570 -3.95 -60.67 20.54
C PHE U 570 -5.05 -59.89 21.29
N GLY U 571 -5.63 -58.86 20.67
CA GLY U 571 -6.48 -57.68 21.12
C GLY U 571 -7.25 -58.13 22.33
N MET V 1 -26.45 48.71 25.26
CA MET V 1 -26.21 48.52 26.70
C MET V 1 -25.11 47.55 27.13
N GLN V 2 -24.60 46.84 26.18
CA GLN V 2 -23.56 45.94 26.18
C GLN V 2 -23.62 44.96 27.37
N LEU V 3 -24.68 44.23 27.38
CA LEU V 3 -24.99 43.23 28.38
C LEU V 3 -24.17 41.97 28.24
N THR V 4 -23.48 41.71 29.28
CA THR V 4 -22.70 40.59 29.60
C THR V 4 -23.54 39.43 30.10
N PRO V 5 -23.05 38.22 29.96
CA PRO V 5 -23.78 37.05 30.48
C PRO V 5 -24.33 37.15 31.92
N ARG V 6 -23.59 37.74 32.82
CA ARG V 6 -23.96 37.98 34.23
C ARG V 6 -25.16 38.92 34.40
N GLU V 7 -25.23 39.90 33.59
CA GLU V 7 -26.29 40.89 33.46
C GLU V 7 -27.56 40.30 32.89
N VAL V 8 -27.46 39.55 31.84
CA VAL V 8 -28.58 38.93 31.23
C VAL V 8 -29.21 37.92 32.20
N GLU V 9 -28.40 37.08 32.84
CA GLU V 9 -28.83 36.03 33.80
C GLU V 9 -29.69 36.60 34.91
N LYS V 10 -29.37 37.74 35.38
CA LYS V 10 -30.08 38.39 36.40
C LYS V 10 -31.47 38.84 36.02
N LEU V 11 -31.80 38.97 34.75
CA LEU V 11 -33.16 39.24 34.34
C LEU V 11 -34.15 38.15 34.77
N MET V 12 -33.70 36.88 34.80
CA MET V 12 -34.55 35.73 35.24
C MET V 12 -35.05 36.06 36.67
N ILE V 13 -34.19 36.56 37.54
CA ILE V 13 -34.51 36.82 38.94
C ILE V 13 -35.59 37.86 39.09
N TYR V 14 -35.45 38.90 38.37
CA TYR V 14 -36.38 40.01 38.31
C TYR V 14 -37.76 39.66 37.85
N THR V 15 -37.84 38.78 36.87
CA THR V 15 -39.09 38.27 36.29
C THR V 15 -39.81 37.32 37.26
N LEU V 16 -39.09 36.37 37.83
N LEU V 16 -39.09 36.37 37.83
CA LEU V 16 -39.71 35.39 38.77
CA LEU V 16 -39.71 35.39 38.77
C LEU V 16 -40.21 36.21 40.03
C LEU V 16 -40.21 36.21 40.03
N SER V 17 -39.45 37.10 40.73
CA SER V 17 -39.83 37.98 41.83
C SER V 17 -40.92 38.92 41.57
N ASP V 18 -41.06 39.41 40.38
CA ASP V 18 -42.26 40.15 40.11
C ASP V 18 -43.52 39.29 40.20
N VAL V 19 -43.51 38.13 39.60
CA VAL V 19 -44.57 37.18 39.70
C VAL V 19 -44.81 36.82 41.17
N ALA V 20 -43.75 36.51 41.89
CA ALA V 20 -43.79 36.16 43.30
C ALA V 20 -44.37 37.23 44.19
N PHE V 21 -43.99 38.46 44.02
CA PHE V 21 -44.54 39.54 44.77
C PHE V 21 -46.01 39.75 44.49
N LYS V 22 -46.48 39.53 43.28
CA LYS V 22 -47.89 39.63 42.93
C LYS V 22 -48.71 38.56 43.65
N ARG V 23 -48.18 37.36 43.70
CA ARG V 23 -48.80 36.21 44.34
C ARG V 23 -48.92 36.38 45.84
N LYS V 24 -47.86 36.82 46.51
CA LYS V 24 -47.86 37.08 47.92
C LYS V 24 -48.88 38.14 48.31
N ALA V 25 -49.08 39.12 47.48
CA ALA V 25 -50.03 40.17 47.66
C ALA V 25 -51.51 39.78 47.49
N ARG V 26 -51.82 38.74 46.73
CA ARG V 26 -53.06 37.96 46.67
C ARG V 26 -53.31 37.01 47.83
N GLY V 27 -52.45 36.97 48.81
CA GLY V 27 -52.43 35.98 49.79
C GLY V 27 -52.03 34.59 49.47
N LEU V 28 -51.33 34.35 48.41
CA LEU V 28 -50.84 33.03 48.15
C LEU V 28 -49.58 32.78 48.95
N LYS V 29 -49.54 31.62 49.52
N LYS V 29 -49.53 31.62 49.53
CA LYS V 29 -48.37 31.04 50.14
CA LYS V 29 -48.36 31.06 50.15
C LYS V 29 -47.40 30.53 49.08
C LYS V 29 -47.40 30.54 49.09
N LEU V 30 -46.17 30.95 49.19
CA LEU V 30 -45.17 30.77 48.21
C LEU V 30 -44.46 29.46 48.33
N ASN V 31 -44.05 29.01 47.22
CA ASN V 31 -43.23 27.91 46.97
C ASN V 31 -41.76 28.25 46.97
N TYR V 32 -41.03 27.32 46.73
CA TYR V 32 -39.57 27.28 46.78
C TYR V 32 -38.94 28.29 45.81
N PRO V 33 -39.02 28.10 44.53
CA PRO V 33 -38.58 29.11 43.55
C PRO V 33 -39.01 30.55 43.78
N GLU V 34 -40.23 30.76 44.07
CA GLU V 34 -40.80 32.04 44.33
C GLU V 34 -40.14 32.72 45.55
N ALA V 35 -39.99 31.99 46.61
CA ALA V 35 -39.45 32.46 47.88
C ALA V 35 -37.98 32.81 47.76
N VAL V 36 -37.21 31.94 47.14
CA VAL V 36 -35.84 32.17 46.80
C VAL V 36 -35.68 33.46 45.96
N SER V 37 -36.58 33.70 45.02
CA SER V 37 -36.64 34.89 44.18
C SER V 37 -36.74 36.17 44.98
N ILE V 38 -37.63 36.24 45.94
CA ILE V 38 -37.93 37.40 46.72
C ILE V 38 -36.77 37.76 47.64
N ILE V 39 -36.13 36.78 48.24
CA ILE V 39 -34.98 36.98 49.09
C ILE V 39 -33.80 37.48 48.25
N THR V 40 -33.60 36.88 47.11
CA THR V 40 -32.53 37.21 46.19
C THR V 40 -32.59 38.64 45.70
N VAL V 41 -33.74 39.10 45.29
CA VAL V 41 -33.96 40.41 44.75
C VAL V 41 -33.89 41.48 45.80
N THR V 42 -34.25 41.13 47.02
CA THR V 42 -34.17 42.02 48.17
C THR V 42 -32.73 42.44 48.41
N ALA V 43 -31.85 41.50 48.42
CA ALA V 43 -30.42 41.68 48.47
C ALA V 43 -29.88 42.52 47.33
N MET V 44 -30.09 42.05 46.16
CA MET V 44 -29.77 42.72 44.91
C MET V 44 -30.21 44.17 44.90
N GLU V 45 -31.39 44.44 45.32
CA GLU V 45 -31.89 45.79 45.31
C GLU V 45 -31.25 46.68 46.37
N GLY V 46 -30.95 46.10 47.51
CA GLY V 46 -30.19 46.73 48.54
C GLY V 46 -28.83 47.20 48.13
N ALA V 47 -28.07 46.31 47.55
CA ALA V 47 -26.82 46.54 46.89
C ALA V 47 -26.88 47.79 46.03
N ARG V 48 -27.90 47.89 45.21
CA ARG V 48 -28.08 48.94 44.22
C ARG V 48 -28.38 50.26 44.85
N ASP V 49 -29.17 50.14 45.90
CA ASP V 49 -29.58 51.21 46.84
C ASP V 49 -28.36 51.71 47.65
N GLY V 50 -27.20 51.05 47.68
CA GLY V 50 -26.02 51.54 48.37
C GLY V 50 -25.70 51.03 49.74
N LYS V 51 -26.43 50.09 50.25
CA LYS V 51 -26.21 49.44 51.51
C LYS V 51 -24.98 48.55 51.52
N SER V 52 -24.63 48.22 52.70
CA SER V 52 -23.58 47.28 53.02
C SER V 52 -24.10 45.85 52.87
N VAL V 53 -23.18 44.94 52.71
CA VAL V 53 -23.43 43.51 52.70
C VAL V 53 -24.11 43.09 54.00
N GLU V 54 -23.59 43.58 55.10
CA GLU V 54 -24.13 43.36 56.43
C GLU V 54 -25.58 43.78 56.54
N ASP V 55 -25.86 44.98 56.11
CA ASP V 55 -27.18 45.53 56.15
C ASP V 55 -28.17 44.85 55.21
N VAL V 56 -27.75 44.44 54.02
CA VAL V 56 -28.66 43.84 53.08
C VAL V 56 -29.07 42.48 53.60
N MET V 57 -28.11 41.71 54.06
N MET V 57 -28.10 41.70 54.08
CA MET V 57 -28.23 40.46 54.77
CA MET V 57 -28.25 40.45 54.81
C MET V 57 -29.31 40.41 55.80
C MET V 57 -29.35 40.44 55.79
N LYS V 58 -29.32 41.34 56.73
CA LYS V 58 -30.40 41.51 57.67
C LYS V 58 -31.73 41.65 57.00
N GLU V 59 -31.79 42.62 56.11
CA GLU V 59 -32.97 42.98 55.32
C GLU V 59 -33.56 41.71 54.67
N ALA V 60 -32.81 40.93 53.99
CA ALA V 60 -33.21 39.77 53.25
C ALA V 60 -33.60 38.61 54.12
N SER V 61 -32.95 38.48 55.27
CA SER V 61 -33.31 37.45 56.28
C SER V 61 -34.64 37.82 56.95
N LYS V 62 -35.26 38.94 56.68
CA LYS V 62 -36.50 39.36 57.29
C LYS V 62 -37.71 39.56 56.38
N VAL V 63 -37.59 39.38 55.10
CA VAL V 63 -38.64 39.67 54.13
C VAL V 63 -39.73 38.61 54.15
N LEU V 64 -39.38 37.37 54.32
CA LEU V 64 -40.29 36.25 54.38
C LEU V 64 -40.32 35.53 55.73
N THR V 65 -41.49 35.19 56.14
CA THR V 65 -41.85 34.35 57.28
C THR V 65 -42.37 32.98 56.94
N LYS V 66 -42.41 32.15 57.98
N LYS V 66 -42.41 32.14 57.98
CA LYS V 66 -43.06 30.86 57.95
CA LYS V 66 -43.05 30.85 57.93
C LYS V 66 -44.48 30.93 57.44
C LYS V 66 -44.48 30.93 57.45
N ASP V 67 -45.24 31.91 57.88
CA ASP V 67 -46.59 32.08 57.42
C ASP V 67 -46.72 32.35 55.94
N ASP V 68 -45.78 33.01 55.34
CA ASP V 68 -45.79 33.49 53.99
C ASP V 68 -45.39 32.42 52.99
N VAL V 69 -44.96 31.31 53.45
CA VAL V 69 -44.54 30.20 52.67
C VAL V 69 -45.35 28.96 52.98
N MET V 70 -45.40 28.16 51.99
CA MET V 70 -45.93 26.83 52.01
C MET V 70 -45.12 25.94 52.97
N ASP V 71 -45.84 25.15 53.73
CA ASP V 71 -45.29 24.26 54.72
C ASP V 71 -44.17 23.38 54.16
N GLY V 72 -43.07 23.44 54.79
CA GLY V 72 -41.90 22.78 54.41
C GLY V 72 -40.85 23.56 53.66
N VAL V 73 -41.18 24.69 53.09
CA VAL V 73 -40.30 25.40 52.16
C VAL V 73 -39.05 25.83 52.86
N ALA V 74 -39.18 26.26 54.08
CA ALA V 74 -38.06 26.50 54.97
C ALA V 74 -36.96 25.47 54.93
N ASP V 75 -37.36 24.19 54.98
CA ASP V 75 -36.47 23.02 54.92
C ASP V 75 -35.73 22.97 53.59
N LEU V 76 -36.25 23.56 52.55
CA LEU V 76 -35.75 23.64 51.22
C LEU V 76 -34.80 24.80 50.98
N ILE V 77 -34.81 25.79 51.83
CA ILE V 77 -34.08 27.03 51.82
C ILE V 77 -33.38 27.18 53.16
N PRO V 78 -32.40 26.45 53.41
CA PRO V 78 -31.56 26.75 54.56
C PRO V 78 -30.77 28.03 54.50
N ASN V 79 -30.08 28.27 53.40
CA ASN V 79 -29.50 29.53 52.99
C ASN V 79 -29.81 29.86 51.54
N VAL V 80 -29.81 31.16 51.26
CA VAL V 80 -29.73 31.75 49.92
C VAL V 80 -28.48 32.58 49.70
N GLN V 81 -27.79 32.29 48.61
CA GLN V 81 -26.71 33.04 48.05
C GLN V 81 -26.92 33.68 46.67
N VAL V 82 -26.50 34.93 46.60
CA VAL V 82 -26.39 35.81 45.43
C VAL V 82 -25.27 36.81 45.50
N GLU V 83 -24.69 37.01 44.35
CA GLU V 83 -23.78 38.05 43.98
C GLU V 83 -24.53 39.22 43.46
N ALA V 84 -24.29 40.29 44.10
CA ALA V 84 -24.76 41.58 43.87
C ALA V 84 -23.63 42.60 43.69
N ILE V 85 -23.99 43.69 43.16
CA ILE V 85 -23.08 44.74 42.73
C ILE V 85 -23.34 45.87 43.72
N PHE V 86 -22.44 45.95 44.61
CA PHE V 86 -22.30 46.92 45.66
C PHE V 86 -21.48 48.07 45.12
N THR V 87 -21.52 49.17 45.81
CA THR V 87 -20.68 50.33 45.53
C THR V 87 -19.19 50.03 45.37
N ASP V 88 -18.67 49.16 46.13
CA ASP V 88 -17.32 48.66 46.05
C ASP V 88 -17.11 47.45 45.19
N GLY V 89 -18.07 46.96 44.57
CA GLY V 89 -17.99 45.92 43.63
C GLY V 89 -18.96 44.83 43.84
N SER V 90 -18.79 43.82 43.06
CA SER V 90 -19.45 42.57 43.20
C SER V 90 -18.98 41.88 44.47
N ARG V 91 -19.91 41.43 45.19
CA ARG V 91 -19.87 40.71 46.44
C ARG V 91 -20.93 39.64 46.64
N LEU V 92 -20.51 38.52 47.17
CA LEU V 92 -21.35 37.49 47.69
C LEU V 92 -21.99 37.81 49.00
N VAL V 93 -23.27 37.69 48.96
CA VAL V 93 -24.23 37.75 50.03
C VAL V 93 -24.79 36.35 50.27
N THR V 94 -24.53 35.82 51.43
CA THR V 94 -25.23 34.72 52.04
C THR V 94 -26.17 35.27 53.07
N VAL V 95 -27.34 34.75 53.00
CA VAL V 95 -28.46 35.01 53.83
C VAL V 95 -28.75 33.70 54.53
N HIS V 96 -28.58 33.66 55.85
CA HIS V 96 -28.63 32.45 56.70
C HIS V 96 -30.05 32.24 57.22
N ASP V 97 -30.63 31.05 57.05
CA ASP V 97 -31.99 30.69 57.55
C ASP V 97 -32.98 31.81 57.24
N PRO V 98 -33.19 32.26 55.99
CA PRO V 98 -34.08 33.39 55.76
C PRO V 98 -35.55 33.26 56.15
N ILE V 99 -36.15 32.07 56.24
CA ILE V 99 -37.53 31.87 56.57
C ILE V 99 -37.55 31.45 58.02
N LYS V 100 -37.88 32.40 58.86
CA LYS V 100 -37.93 32.21 60.29
C LYS V 100 -39.37 32.14 60.71
N SER W 1 -40.48 10.80 64.62
CA SER W 1 -41.54 9.77 64.53
C SER W 1 -41.75 9.31 63.08
N GLU W 2 -42.02 10.29 62.19
CA GLU W 2 -42.38 10.23 60.75
C GLU W 2 -43.26 11.43 60.42
N GLN W 3 -44.22 11.72 61.31
CA GLN W 3 -45.19 12.84 61.26
C GLN W 3 -44.50 14.20 61.45
N ASN W 4 -43.29 14.20 62.03
CA ASN W 4 -42.49 15.35 62.42
C ASN W 4 -41.21 15.62 61.62
N THR W 5 -40.72 14.68 60.85
CA THR W 5 -39.52 14.84 60.06
C THR W 5 -39.66 15.92 59.01
N PRO W 6 -38.73 16.85 58.89
CA PRO W 6 -38.75 17.80 57.76
C PRO W 6 -38.60 17.09 56.41
N LEU W 7 -38.89 17.86 55.34
CA LEU W 7 -38.68 17.42 53.94
C LEU W 7 -37.22 16.95 53.88
N GLY W 8 -36.94 15.78 53.38
CA GLY W 8 -35.74 15.07 53.19
C GLY W 8 -35.05 14.60 54.43
N GLY W 9 -35.72 14.73 55.56
CA GLY W 9 -35.15 14.46 56.80
C GLY W 9 -34.98 13.00 57.06
N CYS W 10 -34.15 12.83 58.02
CA CYS W 10 -33.71 11.58 58.57
C CYS W 10 -34.35 11.30 59.93
N ILE W 11 -34.72 10.08 60.12
CA ILE W 11 -35.08 9.48 61.40
C ILE W 11 -33.96 8.56 61.78
N LEU W 12 -33.21 8.99 62.74
CA LEU W 12 -32.06 8.28 63.24
C LEU W 12 -32.41 7.38 64.37
N ALA W 13 -31.88 6.19 64.31
CA ALA W 13 -31.86 5.28 65.43
C ALA W 13 -31.12 5.84 66.65
N ASP W 14 -31.04 5.08 67.74
CA ASP W 14 -30.48 5.51 69.03
C ASP W 14 -29.07 5.03 69.29
N THR W 15 -28.76 3.83 68.90
CA THR W 15 -27.55 3.19 69.24
C THR W 15 -26.34 3.98 68.78
N PRO W 16 -25.44 4.37 69.70
CA PRO W 16 -24.17 4.97 69.33
C PRO W 16 -23.29 4.14 68.42
N ILE W 17 -22.44 4.82 67.73
CA ILE W 17 -21.49 4.22 66.83
C ILE W 17 -20.17 4.07 67.58
N THR W 18 -19.62 2.93 67.47
CA THR W 18 -18.34 2.59 68.03
C THR W 18 -17.32 2.33 66.95
N PHE W 19 -16.26 3.11 66.99
CA PHE W 19 -15.17 3.06 66.07
C PHE W 19 -13.80 2.93 66.77
N ASN W 20 -12.89 2.35 66.04
CA ASN W 20 -11.48 2.12 66.30
C ASN W 20 -11.25 1.21 67.53
N GLU W 21 -12.28 0.49 68.02
CA GLU W 21 -12.39 -0.35 69.23
C GLU W 21 -11.25 -1.33 69.46
N ASN W 22 -10.67 -1.85 68.45
CA ASN W 22 -9.68 -2.88 68.55
C ASN W 22 -8.26 -2.38 68.67
N LYS W 23 -8.06 -1.27 68.43
CA LYS W 23 -6.82 -0.69 68.15
C LYS W 23 -6.15 -0.15 69.46
N PRO W 24 -4.87 -0.45 69.73
CA PRO W 24 -4.21 0.03 70.94
C PRO W 24 -3.83 1.49 70.97
N VAL W 25 -4.13 2.12 72.09
CA VAL W 25 -4.11 3.56 72.29
C VAL W 25 -2.91 4.01 73.13
N THR W 26 -2.14 4.89 72.57
CA THR W 26 -1.01 5.62 73.13
C THR W 26 -1.36 7.09 73.34
N LYS W 27 -1.35 7.50 74.56
CA LYS W 27 -1.46 8.90 74.92
C LYS W 27 -0.12 9.62 74.94
N VAL W 28 -0.05 10.71 74.24
CA VAL W 28 1.09 11.60 74.21
C VAL W 28 0.67 13.01 74.56
N LYS W 29 1.62 13.75 75.12
CA LYS W 29 1.52 15.14 75.53
C LYS W 29 2.18 16.07 74.52
N VAL W 30 1.44 17.03 74.05
CA VAL W 30 1.81 17.85 72.92
C VAL W 30 1.79 19.32 73.33
N ARG W 31 2.91 19.95 73.17
CA ARG W 31 3.08 21.38 73.32
C ARG W 31 3.49 22.06 72.01
N ASN W 32 2.75 23.07 71.65
CA ASN W 32 3.06 23.99 70.55
C ASN W 32 3.96 25.12 71.03
N THR W 33 5.15 25.02 70.64
CA THR W 33 6.30 25.87 70.76
C THR W 33 6.49 26.90 69.69
N GLY W 34 5.63 27.01 68.73
CA GLY W 34 5.62 28.10 67.82
C GLY W 34 4.66 29.17 68.17
N ASP W 35 4.74 30.21 67.39
CA ASP W 35 3.87 31.37 67.49
C ASP W 35 2.60 31.30 66.67
N ARG W 36 2.44 30.31 65.88
CA ARG W 36 1.32 30.15 65.05
C ARG W 36 0.52 28.86 65.31
N PRO W 37 -0.79 28.94 65.17
CA PRO W 37 -1.63 27.77 65.31
C PRO W 37 -1.31 26.63 64.35
N ILE W 38 -1.37 25.46 64.89
CA ILE W 38 -1.15 24.18 64.26
C ILE W 38 -2.40 23.33 64.47
N GLN W 39 -2.89 22.75 63.42
CA GLN W 39 -4.04 21.86 63.32
C GLN W 39 -3.73 20.64 62.48
N VAL W 40 -4.02 19.51 63.05
CA VAL W 40 -3.70 18.20 62.57
C VAL W 40 -4.96 17.34 62.50
N GLY W 41 -5.11 16.69 61.43
CA GLY W 41 -6.16 15.77 61.12
C GLY W 41 -5.97 14.33 61.45
N SER W 42 -7.04 13.60 61.29
CA SER W 42 -7.24 12.28 61.80
C SER W 42 -6.29 11.23 61.25
N HIS W 43 -5.99 11.35 59.96
CA HIS W 43 -5.15 10.42 59.15
C HIS W 43 -3.75 10.88 58.90
N PHE W 44 -3.37 12.01 59.33
CA PHE W 44 -1.96 12.41 59.28
C PHE W 44 -1.09 11.53 60.18
N HIS W 45 0.07 11.23 59.76
CA HIS W 45 1.16 10.50 60.44
C HIS W 45 1.76 11.41 61.49
N PHE W 46 1.22 11.30 62.70
CA PHE W 46 1.50 12.19 63.85
C PHE W 46 3.02 12.46 64.03
N PHE W 47 3.88 11.48 63.91
CA PHE W 47 5.32 11.55 63.82
C PHE W 47 5.93 12.62 63.00
N GLU W 48 5.25 13.04 61.98
CA GLU W 48 5.71 13.91 60.95
C GLU W 48 5.03 15.25 60.97
N VAL W 49 4.29 15.56 62.04
CA VAL W 49 3.58 16.86 62.21
C VAL W 49 4.63 17.97 62.38
N ASN W 50 4.22 19.20 62.12
CA ASN W 50 4.94 20.48 62.20
C ASN W 50 6.10 20.37 63.24
N ARG W 51 7.35 20.42 62.81
CA ARG W 51 8.59 20.60 63.64
C ARG W 51 8.32 21.33 64.98
N ALA W 52 7.61 22.45 65.03
CA ALA W 52 7.29 23.26 66.24
C ALA W 52 6.54 22.52 67.36
N LEU W 53 5.82 21.44 67.13
CA LEU W 53 5.19 20.58 68.07
C LEU W 53 6.24 19.72 68.75
N GLU W 54 6.17 19.74 70.06
CA GLU W 54 7.09 19.05 70.95
C GLU W 54 6.28 18.01 71.69
N PHE W 55 6.61 16.75 71.55
CA PHE W 55 5.97 15.58 72.07
C PHE W 55 6.98 14.46 71.92
N ASP W 56 6.67 13.27 72.43
CA ASP W 56 7.46 12.07 72.35
C ASP W 56 7.29 11.44 71.00
N ARG W 57 8.20 11.78 70.15
CA ARG W 57 8.02 11.56 68.75
C ARG W 57 8.07 10.06 68.47
N ALA W 58 8.97 9.39 69.12
CA ALA W 58 9.12 7.93 69.11
C ALA W 58 7.84 7.18 69.38
N ALA W 59 7.00 7.74 70.23
CA ALA W 59 5.74 7.15 70.58
C ALA W 59 4.65 7.24 69.50
N ALA W 60 4.68 8.22 68.67
CA ALA W 60 3.88 8.55 67.51
C ALA W 60 4.29 7.88 66.21
N TYR W 61 5.38 7.17 66.20
CA TYR W 61 5.83 6.34 65.09
C TYR W 61 4.78 5.33 64.75
N GLY W 62 4.33 5.42 63.56
CA GLY W 62 3.24 4.68 63.01
C GLY W 62 1.94 5.00 63.44
N LYS W 63 1.75 6.17 63.95
CA LYS W 63 0.53 6.60 64.54
C LYS W 63 -0.17 7.83 63.98
N ARG W 64 -1.44 7.79 64.20
CA ARG W 64 -2.51 8.70 63.96
C ARG W 64 -3.35 8.95 65.20
N LEU W 65 -4.00 10.03 65.13
CA LEU W 65 -4.96 10.45 66.09
C LEU W 65 -6.24 9.63 66.07
N ASN W 66 -6.67 9.21 67.25
CA ASN W 66 -7.80 8.37 67.56
C ASN W 66 -9.03 9.22 67.74
N ILE W 67 -9.36 9.88 66.68
CA ILE W 67 -10.51 10.73 66.51
C ILE W 67 -11.31 10.31 65.27
N SER W 68 -12.48 10.90 65.12
CA SER W 68 -13.34 10.69 63.99
C SER W 68 -12.65 11.07 62.69
N SER W 69 -12.66 10.13 61.78
CA SER W 69 -12.36 10.40 60.38
C SER W 69 -12.97 11.72 59.99
N THR W 70 -12.13 12.48 59.43
CA THR W 70 -12.26 13.76 58.82
C THR W 70 -12.11 14.92 59.78
N THR W 71 -12.05 14.68 61.04
CA THR W 71 -11.95 15.72 62.02
C THR W 71 -10.44 15.93 62.35
N ALA W 72 -10.21 16.91 63.16
CA ALA W 72 -8.92 17.47 63.50
C ALA W 72 -8.81 17.96 64.94
N ILE W 73 -7.59 18.15 65.37
CA ILE W 73 -7.23 18.71 66.68
C ILE W 73 -6.37 19.96 66.46
N ARG W 74 -6.70 21.04 67.09
CA ARG W 74 -6.09 22.33 67.07
C ARG W 74 -5.19 22.56 68.30
N PHE W 75 -4.00 22.88 68.03
CA PHE W 75 -2.92 23.17 68.96
C PHE W 75 -2.56 24.63 68.79
N GLU W 76 -3.10 25.44 69.62
CA GLU W 76 -2.85 26.86 69.75
C GLU W 76 -1.47 27.14 70.36
N PRO W 77 -0.89 28.28 70.06
CA PRO W 77 0.44 28.59 70.57
C PRO W 77 0.52 28.63 72.09
N GLY W 78 1.49 27.88 72.56
CA GLY W 78 1.88 27.70 73.89
C GLY W 78 0.91 27.01 74.79
N ASP W 79 0.28 25.99 74.30
CA ASP W 79 -0.72 25.27 75.02
C ASP W 79 -0.32 23.81 75.01
N GLU W 80 -0.80 23.09 75.97
CA GLU W 80 -0.53 21.71 76.13
C GLU W 80 -1.78 20.90 76.21
N THR W 81 -1.80 19.84 75.44
CA THR W 81 -2.90 18.92 75.23
C THR W 81 -2.39 17.51 75.16
N GLU W 82 -3.15 16.62 75.74
CA GLU W 82 -2.93 15.23 75.65
C GLU W 82 -3.77 14.69 74.50
N VAL W 83 -3.16 13.86 73.71
CA VAL W 83 -3.83 13.27 72.60
C VAL W 83 -3.76 11.76 72.52
N PRO W 84 -4.87 11.13 72.15
CA PRO W 84 -4.85 9.70 71.92
C PRO W 84 -4.35 9.35 70.53
N LEU W 85 -3.49 8.42 70.49
CA LEU W 85 -2.88 7.86 69.32
C LEU W 85 -3.16 6.38 69.18
N ILE W 86 -3.27 5.96 67.96
CA ILE W 86 -3.57 4.64 67.45
C ILE W 86 -2.77 4.34 66.17
N PRO W 87 -2.46 3.11 65.92
CA PRO W 87 -1.79 2.74 64.69
C PRO W 87 -2.69 2.74 63.48
N PHE W 88 -2.08 3.01 62.41
CA PHE W 88 -2.58 2.86 61.09
C PHE W 88 -2.80 1.36 60.82
N GLY W 89 -3.71 1.13 59.97
CA GLY W 89 -4.05 -0.14 59.47
C GLY W 89 -3.42 -0.47 58.15
N GLY W 90 -4.05 -1.38 57.51
CA GLY W 90 -3.62 -1.98 56.33
C GLY W 90 -2.26 -2.55 56.35
N LYS W 91 -1.50 -2.20 55.40
CA LYS W 91 -0.13 -2.64 55.30
C LYS W 91 0.86 -1.78 56.15
N GLN W 92 0.46 -0.73 56.82
CA GLN W 92 1.32 0.14 57.60
C GLN W 92 2.51 0.67 56.84
N THR W 93 2.26 1.08 55.65
CA THR W 93 3.12 1.67 54.67
C THR W 93 2.72 3.13 54.45
N LEU W 94 3.59 3.97 54.84
CA LEU W 94 3.51 5.38 54.90
C LEU W 94 4.55 6.03 53.99
N TYR W 95 4.08 6.55 52.85
CA TYR W 95 4.91 7.25 51.85
C TYR W 95 4.59 8.74 51.84
N GLY W 96 5.55 9.61 51.65
CA GLY W 96 5.31 11.05 51.62
C GLY W 96 5.29 11.73 52.98
N PHE W 97 4.33 12.62 53.27
CA PHE W 97 4.29 13.48 54.49
C PHE W 97 5.60 14.33 54.44
N ASN W 98 6.56 14.21 55.35
CA ASN W 98 7.80 15.02 55.45
C ASN W 98 9.05 14.25 55.06
N ASN W 99 8.87 13.13 54.50
CA ASN W 99 9.81 12.19 54.01
C ASN W 99 10.73 11.63 55.11
N LEU W 100 10.15 11.45 56.29
CA LEU W 100 10.76 10.86 57.48
C LEU W 100 10.83 9.33 57.50
N VAL W 101 9.86 8.65 56.99
CA VAL W 101 9.73 7.20 56.90
C VAL W 101 9.83 6.68 55.47
N ASP W 102 8.87 7.00 54.63
CA ASP W 102 8.81 6.44 53.30
C ASP W 102 9.01 4.93 53.27
N GLY W 103 8.25 4.30 54.10
CA GLY W 103 8.03 2.95 54.34
C GLY W 103 7.13 2.36 55.38
N TRP W 104 7.55 1.21 55.79
CA TRP W 104 6.86 0.33 56.70
C TRP W 104 7.06 0.80 58.11
N THR W 105 6.02 0.91 58.79
CA THR W 105 5.90 1.37 60.15
C THR W 105 5.38 0.35 61.13
N GLY W 106 5.34 -0.85 60.77
CA GLY W 106 4.90 -1.90 61.59
C GLY W 106 5.93 -2.23 62.67
N GLU W 107 5.51 -3.03 63.60
CA GLU W 107 6.33 -3.61 64.70
C GLU W 107 7.20 -4.71 64.24
N GLY W 108 6.74 -5.55 63.37
CA GLY W 108 7.54 -6.67 63.02
C GLY W 108 7.33 -7.71 64.13
N VAL W 109 8.31 -8.59 64.33
CA VAL W 109 8.02 -9.92 64.90
C VAL W 109 8.75 -10.19 66.23
N VAL W 110 9.59 -9.29 66.69
CA VAL W 110 10.49 -9.40 67.82
C VAL W 110 9.98 -8.45 68.91
N PRO W 111 9.04 -8.85 69.93
CA PRO W 111 8.32 -8.09 71.27
C PRO W 111 9.58 -7.80 72.09
N ASN W 112 9.77 -6.56 72.58
CA ASN W 112 10.86 -6.08 73.47
C ASN W 112 12.19 -5.91 72.75
N SER W 113 12.15 -5.46 71.49
CA SER W 113 13.21 -4.76 70.73
C SER W 113 12.53 -3.82 69.71
N GLU W 114 13.27 -2.89 69.15
CA GLU W 114 12.78 -2.03 68.07
C GLU W 114 13.40 -2.52 66.77
N ARG W 115 12.66 -2.55 65.66
CA ARG W 115 13.17 -2.66 64.28
C ARG W 115 14.19 -1.55 64.08
N PRO W 116 15.49 -1.64 63.35
CA PRO W 116 16.42 -0.56 63.04
C PRO W 116 15.96 0.51 62.13
N ASP W 117 15.05 0.24 61.22
CA ASP W 117 14.52 1.28 60.36
C ASP W 117 13.70 2.32 61.17
N LYS W 118 13.08 1.90 62.27
CA LYS W 118 12.41 2.79 63.23
C LYS W 118 13.37 3.76 63.95
N LEU W 119 14.42 3.24 64.51
CA LEU W 119 15.54 3.97 65.08
C LEU W 119 16.21 4.88 64.09
N GLU W 120 16.38 4.48 62.84
CA GLU W 120 16.80 5.35 61.80
C GLU W 120 15.87 6.54 61.66
N ALA W 121 14.61 6.31 61.39
CA ALA W 121 13.57 7.30 61.35
C ALA W 121 13.63 8.27 62.50
N ILE W 122 13.72 7.75 63.69
CA ILE W 122 13.71 8.56 64.89
C ILE W 122 14.93 9.47 64.92
N ARG W 123 16.09 8.95 64.52
N ARG W 123 16.09 8.94 64.51
CA ARG W 123 17.30 9.73 64.43
CA ARG W 123 17.29 9.74 64.40
C ARG W 123 17.19 10.81 63.36
C ARG W 123 17.15 10.83 63.36
N ARG W 124 16.60 10.51 62.42
CA ARG W 124 16.50 11.43 61.25
C ARG W 124 15.57 12.60 61.59
N ALA W 125 14.38 12.40 62.13
CA ALA W 125 13.57 13.37 62.80
C ALA W 125 14.33 14.36 63.64
N ALA W 126 15.20 13.85 64.42
CA ALA W 126 15.98 14.65 65.36
C ALA W 126 16.85 15.67 64.68
N GLU W 127 17.49 15.32 63.61
CA GLU W 127 18.42 16.16 62.94
C GLU W 127 17.90 16.94 61.72
N ARG W 128 16.70 16.68 61.21
CA ARG W 128 15.79 17.48 60.44
C ARG W 128 15.01 18.52 61.25
N GLY W 129 15.14 18.54 62.55
CA GLY W 129 14.50 19.44 63.45
C GLY W 129 13.18 19.25 64.07
N PHE W 130 12.73 18.06 64.10
CA PHE W 130 11.43 17.63 64.57
C PHE W 130 11.52 17.37 66.07
N LYS W 131 10.97 18.31 66.85
CA LYS W 131 11.12 18.47 68.28
C LYS W 131 10.54 17.31 69.06
N SER W 132 11.36 16.69 69.88
CA SER W 132 11.05 15.74 70.95
C SER W 132 11.36 16.07 72.36
N PRO X 1 -13.09 4.90 70.12
CA PRO X 1 -14.03 5.74 70.81
C PRO X 1 -15.51 5.50 70.43
N GLN X 2 -16.41 6.22 71.07
CA GLN X 2 -17.86 6.09 70.88
C GLN X 2 -18.40 7.44 70.43
N ILE X 3 -19.24 7.50 69.43
CA ILE X 3 -19.85 8.73 68.87
C ILE X 3 -21.37 8.49 68.76
N SER X 4 -22.16 9.48 69.00
CA SER X 4 -23.59 9.52 68.79
C SER X 4 -23.93 9.49 67.31
N ARG X 5 -25.03 8.78 67.03
CA ARG X 5 -25.62 8.68 65.68
C ARG X 5 -25.79 10.03 65.07
N GLN X 6 -26.30 10.98 65.82
CA GLN X 6 -26.61 12.26 65.35
C GLN X 6 -25.38 13.00 64.91
N GLU X 7 -24.29 12.77 65.57
CA GLU X 7 -23.02 13.38 65.27
C GLU X 7 -22.36 12.67 64.08
N TYR X 8 -22.44 11.39 64.10
CA TYR X 8 -22.00 10.53 63.00
C TYR X 8 -22.69 10.98 61.69
N ALA X 9 -24.02 11.14 61.69
CA ALA X 9 -24.84 11.43 60.54
C ALA X 9 -24.47 12.74 59.91
N GLY X 10 -24.31 13.73 60.74
CA GLY X 10 -23.78 14.98 60.39
C GLY X 10 -22.44 14.98 59.73
N LEU X 11 -21.63 14.05 60.02
CA LEU X 11 -20.34 13.90 59.36
C LEU X 11 -20.39 13.05 58.09
N PHE X 12 -21.14 12.05 58.09
CA PHE X 12 -21.07 10.95 57.17
C PHE X 12 -22.39 10.51 56.55
N GLY X 13 -23.42 11.14 56.87
CA GLY X 13 -24.73 10.73 56.64
C GLY X 13 -25.29 9.52 57.32
N PRO X 14 -26.47 9.10 56.90
CA PRO X 14 -27.14 7.98 57.55
C PRO X 14 -26.53 6.63 57.44
N THR X 15 -26.59 5.78 58.47
CA THR X 15 -26.07 4.41 58.39
C THR X 15 -27.19 3.37 58.58
N THR X 16 -26.90 2.07 58.63
CA THR X 16 -27.87 0.94 58.75
C THR X 16 -28.88 1.20 59.87
N GLY X 17 -30.19 1.14 59.60
CA GLY X 17 -31.25 1.41 60.56
C GLY X 17 -31.78 2.80 60.46
N ASP X 18 -31.06 3.76 59.92
CA ASP X 18 -31.50 5.07 59.74
C ASP X 18 -32.44 5.10 58.54
N LYS X 19 -33.42 5.94 58.69
N LYS X 19 -33.42 5.94 58.69
CA LYS X 19 -34.52 6.22 57.78
CA LYS X 19 -34.51 6.22 57.79
C LYS X 19 -34.52 7.63 57.15
C LYS X 19 -34.50 7.64 57.15
N ILE X 20 -34.77 7.71 55.86
CA ILE X 20 -34.82 8.93 55.06
C ILE X 20 -36.16 9.10 54.36
N ARG X 21 -36.75 10.20 54.60
CA ARG X 21 -37.89 10.78 53.96
C ARG X 21 -37.51 11.24 52.56
N LEU X 22 -38.29 10.77 51.60
CA LEU X 22 -38.16 11.07 50.18
C LEU X 22 -39.07 12.24 49.94
N GLY X 23 -38.62 13.42 50.02
CA GLY X 23 -39.26 14.65 49.81
C GLY X 23 -40.22 15.04 50.81
N ASP X 24 -41.30 15.55 50.29
CA ASP X 24 -42.51 15.81 50.96
C ASP X 24 -43.50 14.70 50.90
N THR X 25 -43.06 13.55 50.42
CA THR X 25 -43.87 12.34 50.48
C THR X 25 -43.82 11.79 51.93
N ASN X 26 -44.65 10.83 52.16
CA ASN X 26 -44.77 9.89 53.24
C ASN X 26 -44.07 8.57 53.03
N LEU X 27 -43.17 8.51 52.13
CA LEU X 27 -42.29 7.45 51.92
C LEU X 27 -40.92 7.68 52.62
N PHE X 28 -40.55 6.68 53.29
CA PHE X 28 -39.40 6.51 54.16
C PHE X 28 -38.68 5.25 53.79
N ILE X 29 -37.68 5.39 53.33
CA ILE X 29 -36.64 4.47 53.05
C ILE X 29 -35.76 4.31 54.28
N GLU X 30 -35.20 3.17 54.38
CA GLU X 30 -34.34 2.64 55.41
C GLU X 30 -33.13 1.93 54.81
N ILE X 31 -31.97 2.23 55.33
CA ILE X 31 -30.70 1.64 54.98
C ILE X 31 -30.65 0.23 55.56
N GLU X 32 -30.53 -0.72 54.68
CA GLU X 32 -30.50 -2.14 54.87
C GLU X 32 -29.11 -2.61 55.28
N LYS X 33 -28.11 -2.08 54.60
CA LYS X 33 -26.69 -2.48 54.70
C LYS X 33 -25.74 -1.28 54.59
N ASP X 34 -24.64 -1.30 55.32
CA ASP X 34 -23.57 -0.34 55.30
C ASP X 34 -22.32 -1.12 55.00
N LEU X 35 -21.85 -0.92 53.82
CA LEU X 35 -20.68 -1.52 53.30
C LEU X 35 -19.36 -0.80 53.59
N ARG X 36 -19.37 0.33 54.24
CA ARG X 36 -18.10 1.08 54.28
C ARG X 36 -17.56 1.24 55.69
N GLY X 37 -17.61 0.16 56.51
CA GLY X 37 -17.07 -0.04 57.90
C GLY X 37 -17.44 1.08 58.85
N TYR X 38 -16.56 1.43 59.80
CA TYR X 38 -16.61 2.61 60.72
C TYR X 38 -15.18 3.07 61.08
N GLY X 39 -14.92 4.35 61.35
CA GLY X 39 -13.59 4.86 61.67
C GLY X 39 -12.63 5.10 60.52
N GLU X 40 -12.82 4.68 59.27
CA GLU X 40 -11.85 4.97 58.17
C GLU X 40 -12.55 5.65 56.97
N GLU X 41 -13.49 6.49 57.22
CA GLU X 41 -14.46 7.08 56.34
C GLU X 41 -13.78 8.07 55.37
N SER X 42 -13.85 7.79 54.11
CA SER X 42 -13.31 8.55 52.99
C SER X 42 -14.13 9.76 52.61
N VAL X 43 -13.58 10.94 52.88
CA VAL X 43 -14.12 12.24 52.55
C VAL X 43 -13.05 13.18 51.99
N TYR X 44 -13.48 13.96 51.03
CA TYR X 44 -12.69 14.91 50.29
C TYR X 44 -12.82 16.16 51.14
N GLY X 45 -11.71 16.74 51.34
CA GLY X 45 -11.55 18.08 51.80
C GLY X 45 -10.19 18.40 52.40
N GLY X 46 -10.00 19.69 52.67
CA GLY X 46 -8.98 20.25 53.52
C GLY X 46 -9.09 19.76 54.92
N GLY X 47 -8.03 19.11 55.27
CA GLY X 47 -7.82 18.43 56.49
C GLY X 47 -8.49 17.09 56.71
N LYS X 48 -8.97 16.48 55.69
CA LYS X 48 -9.74 15.30 55.67
C LYS X 48 -8.95 14.10 55.19
N SER X 49 -9.63 13.03 54.93
CA SER X 49 -9.06 11.70 54.81
C SER X 49 -8.50 11.33 53.44
N LEU X 50 -9.01 11.86 52.36
CA LEU X 50 -8.61 11.60 50.97
C LEU X 50 -7.55 12.59 50.58
N ARG X 51 -6.44 12.53 51.29
CA ARG X 51 -5.25 13.36 51.10
C ARG X 51 -4.14 12.38 50.78
N ASP X 52 -3.07 12.92 50.29
CA ASP X 52 -1.94 12.18 49.77
C ASP X 52 -1.21 11.43 50.86
N GLY X 53 -1.08 10.15 50.69
CA GLY X 53 -0.51 9.06 51.46
C GLY X 53 -1.28 8.51 52.61
N MET X 54 -2.41 9.15 52.82
N MET X 54 -2.41 9.15 52.82
CA MET X 54 -3.34 8.84 53.90
CA MET X 54 -3.33 8.83 53.90
C MET X 54 -4.51 8.01 53.22
C MET X 54 -4.51 8.00 53.23
N GLY X 55 -5.77 8.42 53.11
CA GLY X 55 -6.85 7.75 52.46
C GLY X 55 -6.63 7.51 50.98
N ALA X 56 -5.93 8.41 50.33
CA ALA X 56 -5.37 8.31 49.02
C ALA X 56 -3.95 7.80 48.91
N ASN X 57 -3.84 6.77 48.14
CA ASN X 57 -2.70 6.23 47.59
C ASN X 57 -2.06 7.22 46.67
N ASN X 58 -0.77 7.32 46.80
CA ASN X 58 0.11 8.27 46.19
C ASN X 58 1.31 7.68 45.44
N HIS X 59 1.35 6.44 45.28
CA HIS X 59 2.39 5.72 44.66
C HIS X 59 2.05 4.80 43.49
N LEU X 60 0.81 4.45 43.34
CA LEU X 60 0.25 3.62 42.31
C LEU X 60 -0.17 4.45 41.08
N THR X 61 0.28 3.99 39.94
CA THR X 61 -0.15 4.39 38.61
C THR X 61 -1.51 3.79 38.36
N ARG X 62 -2.13 4.29 37.36
CA ARG X 62 -3.55 4.07 37.12
C ARG X 62 -3.85 2.64 36.70
N ASP X 63 -2.90 1.95 36.15
CA ASP X 63 -2.93 0.63 35.57
C ASP X 63 -2.95 -0.50 36.58
N ASN X 64 -2.59 -0.23 37.81
CA ASN X 64 -3.00 -0.86 39.05
C ASN X 64 -4.43 -0.81 39.49
N GLY X 65 -5.25 -0.28 38.67
CA GLY X 65 -6.67 -0.28 38.88
C GLY X 65 -7.20 0.83 39.76
N VAL X 66 -6.40 1.87 39.96
CA VAL X 66 -6.85 3.06 40.60
C VAL X 66 -8.03 3.66 39.85
N LEU X 67 -8.94 4.17 40.58
CA LEU X 67 -10.15 4.78 40.14
C LEU X 67 -9.89 6.10 39.43
N ASP X 68 -10.75 6.41 38.55
CA ASP X 68 -10.97 7.71 37.90
C ASP X 68 -11.93 8.64 38.65
N LEU X 69 -12.84 8.11 39.40
CA LEU X 69 -13.82 8.77 40.18
C LEU X 69 -14.35 7.86 41.32
N VAL X 70 -14.68 8.48 42.39
CA VAL X 70 -15.28 7.96 43.61
C VAL X 70 -16.35 8.86 44.15
N ILE X 71 -17.47 8.26 44.45
CA ILE X 71 -18.63 8.81 45.07
C ILE X 71 -18.71 8.16 46.45
N THR X 72 -18.58 8.96 47.45
CA THR X 72 -18.37 8.62 48.84
C THR X 72 -19.56 8.77 49.74
N ASN X 73 -19.71 7.82 50.56
CA ASN X 73 -20.64 7.78 51.61
C ASN X 73 -22.11 8.02 51.15
N VAL X 74 -22.49 7.33 50.13
CA VAL X 74 -23.73 7.51 49.40
C VAL X 74 -24.68 6.38 49.63
N THR X 75 -25.88 6.79 49.72
CA THR X 75 -27.09 5.99 49.75
C THR X 75 -27.62 5.64 48.35
N ILE X 76 -27.45 4.43 48.01
CA ILE X 76 -27.82 3.72 46.80
C ILE X 76 -29.22 3.12 46.92
N VAL X 77 -30.08 3.62 46.12
CA VAL X 77 -31.45 3.20 45.87
C VAL X 77 -31.50 2.64 44.45
N ASP X 78 -31.48 1.33 44.40
CA ASP X 78 -31.43 0.50 43.17
C ASP X 78 -32.34 -0.76 43.29
N ALA X 79 -33.05 -1.15 42.23
CA ALA X 79 -34.04 -2.24 42.18
C ALA X 79 -33.42 -3.62 42.30
N ARG X 80 -32.18 -3.80 41.96
CA ARG X 80 -31.45 -4.99 42.18
C ARG X 80 -30.57 -5.03 43.45
N LEU X 81 -29.93 -3.95 43.86
CA LEU X 81 -29.09 -3.90 45.09
C LEU X 81 -29.89 -3.55 46.34
N GLY X 82 -31.01 -2.90 46.19
CA GLY X 82 -31.80 -2.40 47.27
C GLY X 82 -31.36 -0.99 47.76
N VAL X 83 -31.41 -0.73 49.01
CA VAL X 83 -31.13 0.44 49.84
C VAL X 83 -29.90 0.23 50.75
N ILE X 84 -28.77 0.65 50.23
CA ILE X 84 -27.45 0.46 50.90
C ILE X 84 -26.65 1.76 50.95
N LYS X 85 -25.72 1.84 51.84
CA LYS X 85 -24.71 2.84 52.08
C LYS X 85 -23.34 2.28 51.77
N ALA X 86 -22.71 2.90 50.85
CA ALA X 86 -21.50 2.54 50.17
C ALA X 86 -20.77 3.71 49.49
N ASP X 87 -19.51 3.43 49.23
CA ASP X 87 -18.62 4.07 48.29
C ASP X 87 -18.81 3.41 46.92
N VAL X 88 -18.88 4.25 45.90
CA VAL X 88 -18.99 3.93 44.53
C VAL X 88 -17.93 4.57 43.68
N GLY X 89 -17.30 3.74 43.01
CA GLY X 89 -16.25 3.78 42.11
C GLY X 89 -16.32 3.48 40.63
N ILE X 90 -15.84 4.42 39.91
CA ILE X 90 -15.83 4.51 38.50
C ILE X 90 -14.46 4.62 37.91
N ARG X 91 -14.27 3.81 36.93
CA ARG X 91 -13.18 3.50 36.06
C ARG X 91 -13.61 3.12 34.64
N ASP X 92 -13.03 3.81 33.73
CA ASP X 92 -13.17 3.73 32.28
C ASP X 92 -14.63 3.87 31.83
N GLY X 93 -15.31 4.78 32.42
CA GLY X 93 -16.67 5.08 32.36
C GLY X 93 -17.65 4.01 32.85
N LYS X 94 -17.18 3.04 33.55
CA LYS X 94 -17.79 1.90 34.15
C LYS X 94 -17.63 1.83 35.69
N ILE X 95 -18.65 1.31 36.34
CA ILE X 95 -18.79 0.94 37.76
C ILE X 95 -17.89 -0.26 38.00
N ALA X 96 -16.81 -0.04 38.73
CA ALA X 96 -15.78 -0.98 39.13
C ALA X 96 -16.00 -1.65 40.49
N GLY X 97 -16.70 -1.06 41.32
CA GLY X 97 -16.96 -1.42 42.63
C GLY X 97 -17.91 -0.57 43.42
N ILE X 98 -18.57 -1.17 44.46
CA ILE X 98 -19.53 -0.66 45.45
C ILE X 98 -19.04 -1.25 46.78
N GLY X 99 -18.68 -0.45 47.75
CA GLY X 99 -18.02 -0.99 48.95
C GLY X 99 -17.31 0.10 49.70
N LYS X 100 -16.17 -0.22 50.24
CA LYS X 100 -15.31 0.69 51.01
C LYS X 100 -14.14 1.12 50.10
N SER X 101 -14.02 2.36 49.79
CA SER X 101 -12.92 3.01 49.12
C SER X 101 -11.82 3.46 50.11
N GLY X 102 -10.62 3.55 49.67
CA GLY X 102 -9.37 4.11 50.22
C GLY X 102 -8.10 3.49 49.74
N ASN X 103 -7.15 3.60 50.60
CA ASN X 103 -5.76 3.28 50.51
C ASN X 103 -5.40 2.05 51.36
N PRO X 104 -5.22 0.91 50.75
CA PRO X 104 -4.88 -0.31 51.46
C PRO X 104 -3.53 -0.26 52.24
N GLY X 105 -2.68 0.69 51.93
CA GLY X 105 -1.46 0.88 52.70
C GLY X 105 -1.64 1.18 54.17
N VAL X 106 -2.69 1.92 54.46
CA VAL X 106 -2.98 2.60 55.71
C VAL X 106 -4.34 2.29 56.30
N MET X 107 -5.12 1.44 55.65
CA MET X 107 -6.51 1.13 55.87
C MET X 107 -6.76 -0.35 55.69
N ASP X 108 -7.54 -0.81 56.57
CA ASP X 108 -8.14 -2.11 56.50
C ASP X 108 -9.49 -1.97 55.78
N GLY X 109 -9.82 -3.03 55.11
CA GLY X 109 -11.08 -3.26 54.49
C GLY X 109 -11.44 -2.50 53.25
N VAL X 110 -10.47 -2.13 52.42
CA VAL X 110 -10.73 -1.49 51.16
C VAL X 110 -11.19 -2.52 50.14
N THR X 111 -12.32 -2.28 49.59
CA THR X 111 -12.85 -3.18 48.59
C THR X 111 -11.90 -3.25 47.40
N PRO X 112 -11.58 -4.41 46.93
CA PRO X 112 -10.79 -4.48 45.71
C PRO X 112 -11.42 -3.75 44.56
N GLY X 113 -10.61 -3.07 43.87
CA GLY X 113 -11.04 -2.19 42.85
C GLY X 113 -11.40 -0.77 43.23
N LEU X 114 -11.56 -0.48 44.50
CA LEU X 114 -11.87 0.80 45.06
C LEU X 114 -10.65 1.58 45.68
N VAL X 115 -9.52 1.40 45.11
CA VAL X 115 -8.33 2.16 45.43
C VAL X 115 -8.36 3.55 44.85
N VAL X 116 -8.41 4.47 45.67
CA VAL X 116 -8.30 5.88 45.45
C VAL X 116 -6.82 6.25 45.45
N GLY X 117 -6.45 7.04 44.49
CA GLY X 117 -5.22 7.47 44.06
C GLY X 117 -5.07 8.79 43.37
N VAL X 118 -3.94 8.92 42.76
CA VAL X 118 -3.50 10.11 42.04
C VAL X 118 -4.48 10.44 40.91
N SER X 119 -4.96 9.44 40.18
CA SER X 119 -6.04 9.43 39.16
C SER X 119 -7.41 9.81 39.60
N THR X 120 -7.74 9.73 40.83
CA THR X 120 -9.03 9.90 41.35
C THR X 120 -9.47 11.30 41.70
N ASP X 121 -10.60 11.68 41.17
CA ASP X 121 -11.56 12.66 41.60
C ASP X 121 -12.68 12.10 42.45
N ALA X 122 -13.33 13.00 43.07
CA ALA X 122 -14.27 12.80 44.12
C ALA X 122 -15.51 13.69 44.17
N ILE X 123 -16.53 12.97 44.47
CA ILE X 123 -17.88 13.33 44.80
C ILE X 123 -18.29 12.82 46.18
N SER X 124 -18.75 13.72 46.94
CA SER X 124 -19.26 13.64 48.29
C SER X 124 -20.73 13.36 48.29
N GLY X 125 -21.02 12.17 48.54
CA GLY X 125 -22.32 11.54 48.62
C GLY X 125 -23.03 11.43 49.94
N GLU X 126 -22.44 12.08 50.94
CA GLU X 126 -22.81 11.93 52.34
C GLU X 126 -24.27 12.17 52.58
N HIS X 127 -24.76 13.25 52.09
CA HIS X 127 -26.15 13.64 52.25
C HIS X 127 -26.97 13.37 50.95
N LEU X 128 -26.53 12.47 50.08
CA LEU X 128 -27.08 12.17 48.78
C LEU X 128 -27.51 10.72 48.53
N ILE X 129 -28.49 10.63 47.66
CA ILE X 129 -29.03 9.49 46.97
C ILE X 129 -28.59 9.42 45.51
N LEU X 130 -28.08 8.36 45.22
CA LEU X 130 -27.66 7.82 43.97
C LEU X 130 -28.55 6.74 43.38
N THR X 131 -29.01 7.02 42.28
CA THR X 131 -29.80 6.22 41.40
C THR X 131 -29.12 6.04 40.03
N ALA X 132 -29.45 4.96 39.47
CA ALA X 132 -29.46 4.78 38.06
C ALA X 132 -30.33 5.85 37.42
N ALA X 133 -29.89 6.26 36.30
CA ALA X 133 -30.63 7.12 35.41
C ALA X 133 -31.77 6.33 34.78
N GLY X 134 -32.82 6.93 34.69
CA GLY X 134 -33.95 6.51 33.98
C GLY X 134 -33.82 6.36 32.51
N ILE X 135 -34.70 5.50 32.06
CA ILE X 135 -34.86 5.10 30.71
C ILE X 135 -36.33 5.20 30.29
N ASP X 136 -36.56 6.07 29.26
CA ASP X 136 -37.84 6.46 28.63
C ASP X 136 -37.94 5.69 27.28
N THR X 137 -38.71 4.67 27.24
CA THR X 137 -39.06 3.76 26.17
C THR X 137 -40.08 4.25 25.17
N HIS X 138 -40.73 5.31 25.38
CA HIS X 138 -41.78 5.84 24.55
C HIS X 138 -41.57 7.34 24.21
N ILE X 139 -40.60 7.60 23.42
CA ILE X 139 -40.20 8.92 22.98
C ILE X 139 -40.58 9.13 21.54
N HIS X 140 -41.32 10.12 21.38
CA HIS X 140 -41.55 10.76 20.13
C HIS X 140 -40.50 11.88 19.90
N LEU X 141 -39.76 11.72 18.85
CA LEU X 141 -38.73 12.58 18.29
C LEU X 141 -39.29 13.71 17.47
N ILE X 142 -40.02 14.51 18.17
CA ILE X 142 -40.68 15.64 17.68
C ILE X 142 -39.77 16.87 17.74
N SER X 143 -39.11 17.09 18.86
CA SER X 143 -38.23 18.20 19.29
C SER X 143 -36.94 17.73 19.94
N PRO X 144 -35.77 18.16 19.43
CA PRO X 144 -34.52 17.86 20.07
C PRO X 144 -34.31 18.32 21.52
N GLN X 145 -34.98 19.29 21.96
CA GLN X 145 -35.02 19.95 23.25
C GLN X 145 -35.60 19.11 24.39
N GLN X 146 -36.37 18.12 24.05
CA GLN X 146 -36.86 17.12 24.96
C GLN X 146 -35.75 16.51 25.85
N ALA X 147 -34.64 16.27 25.29
CA ALA X 147 -33.46 15.77 25.93
C ALA X 147 -33.05 16.54 27.15
N TYR X 148 -33.20 17.84 27.11
CA TYR X 148 -32.86 18.75 28.17
C TYR X 148 -33.86 18.67 29.30
N HIS X 149 -35.13 18.56 28.94
CA HIS X 149 -36.26 18.39 29.89
C HIS X 149 -36.08 17.03 30.57
N ALA X 150 -35.62 16.05 29.93
CA ALA X 150 -35.41 14.72 30.40
C ALA X 150 -34.25 14.62 31.44
N LEU X 151 -33.10 15.06 31.02
CA LEU X 151 -31.88 15.18 31.88
C LEU X 151 -32.17 15.95 33.18
N SER X 152 -33.00 16.85 33.15
CA SER X 152 -33.48 17.68 34.21
C SER X 152 -34.48 17.04 35.19
N ASN X 153 -34.99 15.89 34.88
CA ASN X 153 -35.69 14.90 35.71
C ASN X 153 -35.03 13.55 35.86
N GLY X 154 -33.81 13.45 35.60
CA GLY X 154 -33.09 12.29 35.74
C GLY X 154 -33.16 11.12 34.78
N VAL X 155 -33.54 11.38 33.55
CA VAL X 155 -33.59 10.54 32.39
C VAL X 155 -32.54 10.91 31.38
N ALA X 156 -31.86 9.99 31.03
CA ALA X 156 -30.69 9.86 30.16
C ALA X 156 -30.65 8.84 29.05
N THR X 157 -31.68 8.07 28.84
CA THR X 157 -31.85 7.18 27.72
C THR X 157 -33.31 7.32 27.13
N PHE X 158 -33.36 7.43 25.85
CA PHE X 158 -34.52 7.55 24.96
C PHE X 158 -34.55 6.33 23.99
N PHE X 159 -35.64 5.73 23.92
CA PHE X 159 -36.10 4.76 22.99
C PHE X 159 -37.42 5.33 22.41
N GLY X 160 -37.48 5.32 21.17
CA GLY X 160 -38.41 5.79 20.23
C GLY X 160 -37.96 6.07 18.84
N GLY X 161 -38.68 6.95 18.31
CA GLY X 161 -38.71 7.34 16.94
C GLY X 161 -39.38 8.62 16.56
N GLY X 162 -39.12 8.95 15.37
CA GLY X 162 -39.50 10.08 14.65
C GLY X 162 -38.45 10.68 13.69
N ILE X 163 -38.83 11.79 13.13
CA ILE X 163 -38.09 12.60 12.19
C ILE X 163 -38.35 14.10 12.28
N GLY X 164 -38.62 14.61 13.48
CA GLY X 164 -39.02 15.96 13.84
C GLY X 164 -40.50 16.14 13.76
N PRO X 165 -41.06 17.35 13.70
CA PRO X 165 -42.49 17.51 13.81
C PRO X 165 -43.39 17.19 12.60
N THR X 166 -43.25 16.04 12.00
CA THR X 166 -44.12 15.56 10.91
C THR X 166 -45.36 14.97 11.59
N ASP X 167 -46.44 14.90 10.88
CA ASP X 167 -47.71 14.34 11.38
C ASP X 167 -47.58 12.84 11.78
N GLY X 168 -46.77 12.13 11.12
CA GLY X 168 -46.45 10.79 11.49
C GLY X 168 -45.72 10.62 12.83
N THR X 169 -44.84 11.52 13.11
CA THR X 169 -44.09 11.58 14.36
C THR X 169 -44.92 12.09 15.43
N ASN X 170 -45.75 13.07 15.17
CA ASN X 170 -46.65 13.57 16.17
C ASN X 170 -47.53 12.44 16.72
N GLY X 171 -47.90 11.54 15.92
CA GLY X 171 -48.61 10.35 16.34
C GLY X 171 -47.94 9.07 16.62
N THR X 172 -46.79 8.82 16.04
CA THR X 172 -46.17 7.54 16.27
C THR X 172 -44.65 7.72 16.47
N THR X 173 -44.01 6.77 17.10
CA THR X 173 -42.62 6.44 17.42
C THR X 173 -41.93 5.57 16.34
N VAL X 174 -41.96 6.15 15.19
CA VAL X 174 -41.47 5.52 13.96
C VAL X 174 -40.52 6.48 13.23
N THR X 175 -39.47 5.95 12.70
CA THR X 175 -38.44 6.52 11.87
C THR X 175 -38.45 5.64 10.66
N PRO X 176 -39.24 5.98 9.66
CA PRO X 176 -39.46 5.08 8.57
C PRO X 176 -38.43 5.06 7.48
N GLY X 177 -37.95 3.93 7.29
CA GLY X 177 -37.04 3.52 6.30
C GLY X 177 -35.58 3.84 6.45
N PRO X 178 -34.73 3.14 5.75
CA PRO X 178 -33.28 3.26 5.83
C PRO X 178 -32.64 4.66 5.65
N TRP X 179 -33.22 5.51 4.85
CA TRP X 179 -32.79 6.90 4.66
C TRP X 179 -33.03 7.72 5.89
N ASN X 180 -34.23 7.77 6.31
CA ASN X 180 -34.69 8.44 7.51
C ASN X 180 -33.96 7.95 8.79
N ILE X 181 -33.72 6.67 8.91
CA ILE X 181 -32.99 6.04 10.02
C ILE X 181 -31.56 6.59 10.07
N ARG X 182 -30.85 6.54 8.96
CA ARG X 182 -29.48 7.03 8.77
C ARG X 182 -29.34 8.48 9.21
N GLN X 183 -30.25 9.24 8.78
CA GLN X 183 -30.44 10.66 9.06
C GLN X 183 -30.60 10.94 10.49
N MET X 184 -31.39 10.15 11.12
CA MET X 184 -31.72 10.27 12.46
C MET X 184 -30.60 9.79 13.38
N LEU X 185 -29.91 8.73 13.04
CA LEU X 185 -28.71 8.30 13.69
C LEU X 185 -27.66 9.41 13.75
N ARG X 186 -27.44 10.06 12.67
CA ARG X 186 -26.54 11.16 12.44
C ARG X 186 -26.89 12.41 13.23
N SER X 187 -28.13 12.73 13.37
CA SER X 187 -28.68 13.81 14.11
C SER X 187 -28.47 13.70 15.58
N VAL X 188 -28.70 12.53 16.13
CA VAL X 188 -28.71 12.26 17.54
C VAL X 188 -27.34 12.34 18.13
N GLU X 189 -26.34 12.25 17.32
CA GLU X 189 -24.96 12.65 17.63
C GLU X 189 -24.85 14.01 18.31
N GLY X 190 -25.76 14.86 18.11
CA GLY X 190 -25.90 16.09 18.72
C GLY X 190 -26.70 16.17 20.00
N LEU X 191 -27.04 15.08 20.56
CA LEU X 191 -27.82 14.98 21.74
C LEU X 191 -27.10 14.30 22.95
N PRO X 192 -27.34 14.71 24.06
CA PRO X 192 -26.60 14.29 25.24
C PRO X 192 -27.18 13.15 26.05
N VAL X 193 -28.02 12.39 25.42
CA VAL X 193 -28.68 11.19 25.82
C VAL X 193 -28.40 10.03 24.92
N ASN X 194 -28.44 8.89 25.47
CA ASN X 194 -28.42 7.63 24.78
C ASN X 194 -29.70 7.52 23.97
N VAL X 195 -29.64 6.83 22.88
CA VAL X 195 -30.72 6.63 21.89
C VAL X 195 -30.67 5.27 21.20
N GLY X 196 -31.82 4.76 21.10
CA GLY X 196 -32.17 3.75 20.14
C GLY X 196 -33.44 4.04 19.38
N ILE X 197 -33.42 3.74 18.18
CA ILE X 197 -34.45 4.12 17.23
C ILE X 197 -35.28 2.89 16.85
N LEU X 198 -36.54 3.16 16.74
CA LEU X 198 -37.62 2.35 16.22
C LEU X 198 -38.13 2.63 14.80
N GLY X 199 -38.24 1.69 14.15
CA GLY X 199 -38.78 1.47 12.84
C GLY X 199 -40.28 1.14 12.68
N LYS X 200 -40.76 1.16 11.49
CA LYS X 200 -42.14 0.93 11.09
C LYS X 200 -42.32 -0.55 10.78
N GLY X 201 -43.06 -1.12 11.50
CA GLY X 201 -43.41 -2.53 11.53
C GLY X 201 -44.49 -3.00 10.55
N ASN X 202 -45.32 -2.09 10.12
CA ASN X 202 -46.48 -2.47 9.27
C ASN X 202 -45.99 -2.82 7.88
N SER X 203 -45.66 -4.03 7.62
CA SER X 203 -45.14 -4.60 6.38
C SER X 203 -45.68 -6.02 6.04
N TYR X 204 -45.85 -6.33 4.79
CA TYR X 204 -46.28 -7.69 4.42
C TYR X 204 -45.04 -8.62 4.29
N GLY X 205 -44.07 -8.52 3.41
CA GLY X 205 -42.93 -9.50 3.47
C GLY X 205 -41.81 -9.12 4.46
N ARG X 206 -40.73 -9.87 4.50
CA ARG X 206 -39.51 -9.66 5.22
C ARG X 206 -38.68 -8.47 4.72
N GLY X 207 -38.70 -8.16 3.48
CA GLY X 207 -37.90 -7.17 2.85
C GLY X 207 -37.81 -5.84 3.52
N PRO X 208 -38.98 -5.23 3.70
CA PRO X 208 -39.09 -3.91 4.27
C PRO X 208 -38.72 -3.77 5.72
N LEU X 209 -38.77 -4.83 6.47
CA LEU X 209 -38.37 -4.97 7.84
C LEU X 209 -36.86 -5.15 7.99
N LEU X 210 -36.31 -5.96 7.16
CA LEU X 210 -34.92 -6.36 7.20
C LEU X 210 -33.99 -5.16 6.95
N GLU X 211 -34.33 -4.39 5.94
CA GLU X 211 -33.97 -3.04 5.49
C GLU X 211 -33.66 -2.14 6.64
N GLN X 212 -34.62 -1.99 7.46
CA GLN X 212 -34.56 -1.08 8.56
C GLN X 212 -33.66 -1.61 9.71
N ALA X 213 -33.73 -2.88 9.96
CA ALA X 213 -32.89 -3.70 10.83
C ALA X 213 -31.39 -3.48 10.55
N ILE X 214 -30.96 -3.68 9.35
CA ILE X 214 -29.61 -3.46 8.90
C ILE X 214 -29.22 -1.95 9.00
N ALA X 215 -30.14 -1.09 8.61
CA ALA X 215 -29.98 0.39 8.68
C ALA X 215 -29.68 0.79 10.14
N GLY X 216 -30.05 0.00 11.15
CA GLY X 216 -29.68 0.22 12.56
C GLY X 216 -30.77 0.23 13.62
N VAL X 217 -32.08 -0.01 13.36
CA VAL X 217 -33.14 0.10 14.42
C VAL X 217 -32.95 -1.00 15.48
N VAL X 218 -33.46 -0.80 16.65
CA VAL X 218 -33.50 -1.63 17.83
C VAL X 218 -34.84 -2.29 18.09
N GLY X 219 -35.77 -2.03 17.20
CA GLY X 219 -37.07 -2.32 17.33
C GLY X 219 -37.98 -1.87 16.18
N TYR X 220 -39.12 -2.41 16.18
CA TYR X 220 -40.25 -2.08 15.31
C TYR X 220 -41.46 -1.66 16.13
N VAL X 222 -45.35 -1.00 15.80
CA VAL X 222 -46.70 -1.26 15.33
C VAL X 222 -47.82 -0.39 15.97
N HIS X 223 -48.27 0.49 15.15
CA HIS X 223 -49.19 1.59 15.38
C HIS X 223 -50.43 1.55 14.48
N GLU X 224 -51.62 1.85 15.05
CA GLU X 224 -52.92 1.96 14.36
C GLU X 224 -52.90 2.91 13.20
N ASP X 225 -52.33 4.03 13.41
CA ASP X 225 -52.11 5.10 12.48
C ASP X 225 -51.47 4.73 11.17
N TRP X 226 -50.68 3.72 11.20
CA TRP X 226 -50.10 3.16 9.99
C TRP X 226 -50.69 1.76 9.70
N GLY X 227 -51.68 1.30 10.46
CA GLY X 227 -52.25 -0.08 10.51
C GLY X 227 -51.80 -1.04 11.60
N ALA X 228 -52.52 -1.26 12.68
CA ALA X 228 -52.21 -2.23 13.77
C ALA X 228 -52.92 -3.60 13.53
N THR X 229 -52.73 -4.15 12.38
CA THR X 229 -53.25 -5.38 11.79
C THR X 229 -52.59 -6.62 12.36
N ALA X 230 -53.27 -7.76 12.19
CA ALA X 230 -52.73 -9.02 12.54
C ALA X 230 -51.49 -9.32 11.71
N ASN X 231 -51.56 -8.94 10.49
CA ASN X 231 -50.50 -9.09 9.53
C ASN X 231 -49.23 -8.40 10.02
N ALA X 232 -49.34 -7.15 10.36
CA ALA X 232 -48.29 -6.31 10.88
C ALA X 232 -47.56 -6.98 12.04
N LEU X 233 -48.32 -7.31 13.04
CA LEU X 233 -47.90 -8.03 14.22
C LEU X 233 -47.13 -9.25 13.91
N ARG X 234 -47.71 -10.13 13.18
CA ARG X 234 -47.17 -11.37 12.83
C ARG X 234 -45.84 -11.24 12.13
N HIS X 235 -45.74 -10.37 11.13
CA HIS X 235 -44.51 -10.31 10.38
C HIS X 235 -43.38 -9.61 11.19
N SER X 236 -43.70 -8.56 11.89
CA SER X 236 -42.90 -7.81 12.86
C SER X 236 -42.26 -8.66 13.94
N LEU X 237 -43.04 -9.51 14.56
CA LEU X 237 -42.59 -10.43 15.53
C LEU X 237 -41.73 -11.55 14.99
N ARG X 238 -42.08 -12.10 13.88
CA ARG X 238 -41.24 -13.09 13.20
C ARG X 238 -39.85 -12.55 12.81
N MET X 239 -39.82 -11.38 12.30
CA MET X 239 -38.58 -10.68 12.01
C MET X 239 -37.77 -10.39 13.24
N ALA X 240 -38.41 -9.97 14.27
CA ALA X 240 -37.84 -9.64 15.56
C ALA X 240 -37.07 -10.74 16.19
N ASP X 241 -37.64 -11.87 16.15
CA ASP X 241 -37.08 -13.07 16.63
C ASP X 241 -35.86 -13.43 15.80
N GLU X 242 -35.91 -13.13 14.55
CA GLU X 242 -34.78 -13.31 13.67
C GLU X 242 -33.62 -12.34 14.01
N MET X 243 -33.89 -11.10 14.21
CA MET X 243 -32.99 -10.02 14.36
C MET X 243 -32.53 -9.70 15.78
N ASP X 244 -33.04 -10.35 16.80
CA ASP X 244 -32.96 -10.02 18.19
C ASP X 244 -33.16 -8.53 18.50
N ILE X 245 -34.30 -8.12 18.16
CA ILE X 245 -34.85 -6.86 18.44
C ILE X 245 -36.28 -6.95 18.97
N GLN X 246 -36.72 -5.89 19.54
CA GLN X 246 -38.00 -5.70 20.18
C GLN X 246 -39.10 -5.16 19.26
N VAL X 247 -40.31 -5.39 19.66
CA VAL X 247 -41.53 -4.92 19.09
C VAL X 247 -42.40 -4.35 20.17
N SER X 248 -42.81 -3.15 19.94
CA SER X 248 -43.67 -2.29 20.65
C SER X 248 -44.95 -2.08 19.80
N VAL X 249 -46.08 -1.91 20.47
CA VAL X 249 -47.43 -1.82 19.96
C VAL X 249 -48.33 -0.87 20.67
N HIS X 250 -49.03 -0.17 19.84
CA HIS X 250 -50.18 0.71 19.95
C HIS X 250 -51.33 0.10 19.11
N THR X 251 -52.25 -0.50 19.82
CA THR X 251 -53.27 -1.38 19.19
C THR X 251 -54.43 -0.55 18.59
N ASP X 252 -55.22 -1.21 17.81
CA ASP X 252 -56.42 -0.73 17.11
C ASP X 252 -57.50 -0.27 18.11
N SER X 253 -57.72 1.00 18.30
CA SER X 253 -58.71 1.57 19.24
C SER X 253 -60.18 1.40 18.78
N LEU X 254 -60.41 1.37 17.51
CA LEU X 254 -61.68 1.27 16.77
C LEU X 254 -62.32 -0.13 16.65
N ASN X 255 -61.62 -1.11 17.01
CA ASN X 255 -61.83 -2.53 16.91
C ASN X 255 -62.10 -3.08 15.44
N GLU X 256 -61.58 -2.30 14.48
CA GLU X 256 -61.73 -2.52 13.03
C GLU X 256 -61.42 -3.96 12.65
N CYS X 257 -60.20 -4.47 12.78
CA CYS X 257 -59.85 -5.80 12.32
C CYS X 257 -60.05 -6.83 13.42
N GLY X 258 -60.53 -6.46 14.62
CA GLY X 258 -60.54 -7.27 15.81
C GLY X 258 -60.69 -6.58 17.15
N TYR X 259 -60.95 -7.41 18.11
CA TYR X 259 -60.96 -7.18 19.52
C TYR X 259 -59.60 -7.59 20.07
N VAL X 260 -59.35 -7.18 21.27
CA VAL X 260 -58.18 -7.47 22.05
C VAL X 260 -57.72 -8.93 22.05
N GLU X 261 -58.64 -9.82 22.21
CA GLU X 261 -58.43 -11.24 22.09
C GLU X 261 -57.80 -11.68 20.75
N ASP X 262 -58.22 -11.09 19.65
CA ASP X 262 -57.65 -11.32 18.35
C ASP X 262 -56.23 -10.74 18.22
N THR X 263 -56.02 -9.56 18.75
CA THR X 263 -54.67 -8.99 18.91
C THR X 263 -53.76 -9.93 19.65
N ILE X 264 -54.25 -10.45 20.74
CA ILE X 264 -53.50 -11.36 21.58
C ILE X 264 -53.04 -12.56 20.81
N ASP X 265 -53.89 -13.08 19.97
CA ASP X 265 -53.65 -14.19 19.13
C ASP X 265 -52.66 -13.88 18.01
N ALA X 266 -52.66 -12.65 17.51
CA ALA X 266 -51.68 -12.12 16.60
C ALA X 266 -50.29 -12.08 17.20
N PHE X 267 -50.16 -11.87 18.50
CA PHE X 267 -48.87 -11.94 19.19
C PHE X 267 -48.23 -13.32 19.13
N GLU X 268 -49.01 -14.37 19.13
CA GLU X 268 -48.62 -15.72 18.88
C GLU X 268 -47.50 -16.20 19.87
N GLY X 269 -47.71 -15.92 21.08
CA GLY X 269 -46.98 -16.02 22.32
C GLY X 269 -45.58 -15.43 22.42
N ARG X 270 -45.24 -14.64 21.44
CA ARG X 270 -44.00 -13.97 21.15
C ARG X 270 -43.85 -12.74 22.03
N THR X 271 -42.65 -12.46 22.46
CA THR X 271 -42.35 -11.30 23.27
C THR X 271 -42.73 -9.97 22.60
N ILE X 272 -43.39 -9.16 23.34
CA ILE X 272 -43.92 -7.86 22.98
C ILE X 272 -44.08 -6.88 24.12
N HIS X 273 -43.77 -5.65 23.78
CA HIS X 273 -43.90 -4.46 24.55
C HIS X 273 -45.15 -3.68 24.12
N THR X 274 -45.96 -3.51 24.99
CA THR X 274 -47.28 -2.88 24.96
C THR X 274 -47.25 -1.55 25.65
N PHE X 275 -47.29 -0.42 24.87
CA PHE X 275 -47.38 0.98 25.29
C PHE X 275 -48.75 1.31 25.87
N HIS X 276 -48.89 2.35 26.66
CA HIS X 276 -50.15 2.82 27.25
C HIS X 276 -51.17 1.65 27.38
N THR X 277 -50.87 0.66 28.24
CA THR X 277 -51.57 -0.63 28.39
C THR X 277 -53.05 -0.43 28.86
N GLU X 278 -53.31 0.62 29.57
CA GLU X 278 -54.62 1.11 30.01
C GLU X 278 -55.59 1.50 28.90
N GLY X 279 -55.11 2.14 27.87
CA GLY X 279 -55.82 2.62 26.71
C GLY X 279 -56.11 4.10 26.52
N ALA X 280 -56.00 4.96 27.52
CA ALA X 280 -56.24 6.41 27.30
C ALA X 280 -55.41 6.98 26.14
N GLY X 281 -54.19 6.49 25.97
CA GLY X 281 -53.22 6.84 24.94
C GLY X 281 -53.30 6.12 23.63
N GLY X 282 -54.30 5.29 23.47
CA GLY X 282 -54.54 4.38 22.44
C GLY X 282 -54.69 2.92 22.85
N GLY X 283 -55.55 2.22 22.15
CA GLY X 283 -55.71 0.78 22.27
C GLY X 283 -57.16 0.40 22.31
N HIS X 284 -57.40 -0.84 21.92
CA HIS X 284 -58.65 -1.57 21.90
C HIS X 284 -59.52 -1.14 23.07
N ALA X 285 -60.59 -0.60 22.75
CA ALA X 285 -61.48 -0.01 23.72
C ALA X 285 -62.57 -0.98 24.15
N PRO X 286 -62.89 -1.11 25.43
CA PRO X 286 -62.43 -0.48 26.64
C PRO X 286 -61.29 -1.18 27.31
N ASP X 287 -60.85 -2.29 26.74
CA ASP X 287 -60.26 -3.43 27.45
C ASP X 287 -58.86 -3.93 27.03
N ILE X 288 -58.07 -3.09 26.43
CA ILE X 288 -56.65 -3.38 26.17
C ILE X 288 -55.82 -3.82 27.38
N ILE X 289 -56.17 -3.39 28.56
CA ILE X 289 -55.65 -3.69 29.91
C ILE X 289 -55.49 -5.16 30.26
N ARG X 290 -56.20 -6.00 29.57
CA ARG X 290 -56.18 -7.45 29.70
C ARG X 290 -54.94 -8.15 29.16
N VAL X 291 -54.18 -7.49 28.34
CA VAL X 291 -52.90 -7.90 27.86
C VAL X 291 -51.86 -8.04 29.01
N ALA X 292 -52.04 -7.35 30.12
CA ALA X 292 -51.25 -7.39 31.37
C ALA X 292 -51.31 -8.73 32.12
N SER X 293 -52.16 -9.67 31.71
CA SER X 293 -52.32 -11.07 32.14
C SER X 293 -51.45 -12.11 31.41
N GLN X 294 -50.93 -11.79 30.42
CA GLN X 294 -50.20 -12.61 29.56
C GLN X 294 -48.67 -12.58 29.84
N PRO X 295 -48.04 -13.73 29.81
CA PRO X 295 -46.59 -13.88 30.15
C PRO X 295 -45.60 -13.34 29.14
N ASN X 296 -45.99 -13.13 27.95
CA ASN X 296 -45.26 -12.64 26.81
C ASN X 296 -45.31 -11.14 26.61
N VAL X 297 -46.14 -10.50 27.32
CA VAL X 297 -46.39 -9.10 27.31
C VAL X 297 -45.60 -8.44 28.45
N LEU X 298 -44.89 -7.43 28.07
CA LEU X 298 -44.07 -6.53 28.86
C LEU X 298 -44.77 -5.21 28.86
N PRO X 299 -45.56 -4.94 29.86
CA PRO X 299 -46.43 -3.82 29.83
C PRO X 299 -45.91 -2.55 30.45
N SER X 300 -46.22 -1.55 29.78
CA SER X 300 -46.08 -0.16 30.05
C SER X 300 -47.32 0.65 30.00
N SER X 301 -47.33 1.75 30.83
CA SER X 301 -48.23 2.90 30.87
C SER X 301 -47.51 4.20 30.50
N THR X 302 -48.19 5.11 29.88
CA THR X 302 -47.66 6.46 29.65
C THR X 302 -47.95 7.27 30.90
N ASN X 303 -47.17 8.29 31.12
CA ASN X 303 -47.22 8.97 32.40
C ASN X 303 -48.40 9.93 32.53
N PRO X 304 -49.43 10.53 31.64
CA PRO X 304 -50.45 11.51 32.03
C PRO X 304 -51.58 11.02 32.95
N THR X 305 -51.85 9.74 33.08
CA THR X 305 -52.82 9.11 33.97
C THR X 305 -52.32 8.75 35.39
N LEU X 306 -51.08 8.86 35.66
CA LEU X 306 -50.38 8.52 36.87
C LEU X 306 -49.82 9.75 37.55
N PRO X 307 -50.26 10.17 38.70
CA PRO X 307 -51.27 9.56 39.46
C PRO X 307 -52.62 9.99 38.97
N TYR X 308 -53.64 9.31 39.41
CA TYR X 308 -55.03 9.62 39.12
C TYR X 308 -55.53 10.72 40.01
N GLY X 309 -55.87 11.77 39.36
CA GLY X 309 -56.37 12.93 40.00
C GLY X 309 -57.72 13.45 39.48
N VAL X 310 -58.19 14.40 40.22
CA VAL X 310 -59.47 15.06 40.09
C VAL X 310 -59.66 15.83 38.80
N ASN X 311 -58.62 16.34 38.26
CA ASN X 311 -58.59 16.96 36.97
C ASN X 311 -58.28 16.02 35.82
N SER X 312 -58.07 14.74 36.07
CA SER X 312 -57.61 13.79 35.06
C SER X 312 -58.62 13.53 33.96
N GLN X 313 -59.87 13.48 34.28
CA GLN X 313 -60.87 13.17 33.29
C GLN X 313 -61.13 14.34 32.36
N ALA X 314 -61.36 15.49 32.91
CA ALA X 314 -61.39 16.78 32.19
C ALA X 314 -60.26 17.00 31.21
N GLU X 315 -59.07 16.67 31.59
CA GLU X 315 -57.90 16.93 30.81
C GLU X 315 -57.88 16.05 29.58
N LEU X 316 -58.06 14.79 29.80
CA LEU X 316 -57.89 13.74 28.84
C LEU X 316 -58.93 13.82 27.76
N PHE X 317 -60.17 14.05 28.16
CA PHE X 317 -61.28 14.29 27.28
C PHE X 317 -60.91 15.33 26.27
N ASP X 318 -60.58 16.47 26.79
CA ASP X 318 -60.35 17.61 25.98
C ASP X 318 -59.15 17.41 25.08
N MET X 319 -58.14 16.74 25.58
CA MET X 319 -56.90 16.40 24.87
C MET X 319 -57.08 15.55 23.63
N ILE X 320 -57.88 14.51 23.73
CA ILE X 320 -58.15 13.68 22.57
C ILE X 320 -58.92 14.44 21.57
N MET X 321 -59.91 15.13 22.04
CA MET X 321 -60.72 15.90 21.17
C MET X 321 -59.97 16.95 20.45
N VAL X 322 -58.76 17.27 20.87
CA VAL X 322 -57.89 18.03 20.03
C VAL X 322 -56.82 17.21 19.40
N CYS X 323 -56.32 16.19 20.09
CA CYS X 323 -55.31 15.32 19.52
C CYS X 323 -55.78 14.82 18.16
N HIS X 324 -57.06 14.40 18.09
CA HIS X 324 -57.68 13.87 16.89
C HIS X 324 -58.59 14.86 16.20
N ASN X 325 -58.33 16.15 16.37
CA ASN X 325 -59.19 17.20 15.85
C ASN X 325 -60.69 16.90 15.74
N LEU X 326 -61.29 16.48 16.82
CA LEU X 326 -62.66 16.14 16.74
C LEU X 326 -63.50 17.39 16.87
N VAL X 334 -67.91 11.93 19.76
CA VAL X 334 -67.98 11.97 21.21
C VAL X 334 -68.19 10.65 21.83
N SER X 335 -68.35 9.67 20.99
CA SER X 335 -68.59 8.33 21.41
C SER X 335 -67.35 7.53 21.20
N PHE X 336 -66.44 8.06 20.39
CA PHE X 336 -65.05 7.67 20.44
C PHE X 336 -64.40 8.25 21.68
N ALA X 337 -64.84 9.43 22.14
CA ALA X 337 -64.20 10.14 23.23
C ALA X 337 -64.43 9.48 24.58
N GLU X 338 -65.67 9.33 24.97
CA GLU X 338 -66.10 8.79 26.27
C GLU X 338 -65.92 7.29 26.38
N SER X 339 -65.48 6.68 25.32
CA SER X 339 -65.09 5.29 25.27
C SER X 339 -63.59 5.10 25.36
N ARG X 340 -62.87 6.14 25.05
CA ARG X 340 -61.44 6.27 25.07
C ARG X 340 -60.98 6.68 26.45
N VAL X 341 -61.79 7.43 27.16
CA VAL X 341 -61.45 8.09 28.36
C VAL X 341 -62.41 7.61 29.44
N ARG X 342 -61.91 6.68 30.22
CA ARG X 342 -62.62 5.86 31.16
C ARG X 342 -62.07 5.97 32.58
N PRO X 343 -62.77 6.65 33.47
CA PRO X 343 -62.30 6.77 34.86
C PRO X 343 -61.96 5.46 35.53
N GLU X 344 -62.75 4.44 35.20
CA GLU X 344 -62.63 3.10 35.75
C GLU X 344 -61.34 2.40 35.38
N THR X 345 -60.91 2.52 34.17
CA THR X 345 -59.71 1.84 33.79
C THR X 345 -58.44 2.63 34.21
N ILE X 346 -58.56 3.94 34.37
CA ILE X 346 -57.50 4.82 34.77
C ILE X 346 -57.11 4.54 36.21
N ALA X 347 -58.09 4.49 37.10
CA ALA X 347 -57.95 3.99 38.44
C ALA X 347 -57.36 2.61 38.50
N ALA X 348 -57.80 1.77 37.63
CA ALA X 348 -57.33 0.43 37.57
C ALA X 348 -55.85 0.38 37.25
N GLU X 349 -55.39 1.24 36.35
CA GLU X 349 -53.98 1.32 35.93
C GLU X 349 -53.08 1.58 37.16
N ASN X 350 -53.45 2.49 38.00
CA ASN X 350 -52.87 2.94 39.26
C ASN X 350 -52.71 1.77 40.22
N VAL X 351 -53.73 0.99 40.36
CA VAL X 351 -53.72 -0.17 41.22
C VAL X 351 -52.83 -1.24 40.70
N LEU X 352 -52.88 -1.49 39.45
CA LEU X 352 -52.12 -2.52 38.86
C LEU X 352 -50.60 -2.28 38.92
N HIS X 353 -50.25 -1.03 38.82
CA HIS X 353 -48.92 -0.51 39.07
C HIS X 353 -48.42 -0.91 40.42
N ASP X 354 -49.18 -0.55 41.44
CA ASP X 354 -48.92 -0.88 42.82
C ASP X 354 -48.85 -2.35 43.11
N MET X 355 -49.48 -3.15 42.35
CA MET X 355 -49.46 -4.60 42.44
C MET X 355 -48.26 -5.26 41.78
N GLY X 356 -47.57 -4.59 40.94
CA GLY X 356 -46.58 -5.16 40.08
C GLY X 356 -47.07 -5.84 38.81
N VAL X 357 -48.22 -5.47 38.32
CA VAL X 357 -48.84 -6.00 37.13
C VAL X 357 -48.55 -5.17 35.86
N ILE X 358 -48.41 -3.87 35.92
CA ILE X 358 -47.86 -3.00 34.87
C ILE X 358 -46.39 -2.64 35.26
N SER X 359 -45.49 -2.94 34.41
CA SER X 359 -44.11 -3.08 34.74
C SER X 359 -43.19 -1.85 34.49
N MET X 360 -43.62 -0.88 33.76
CA MET X 360 -42.97 0.33 33.28
C MET X 360 -43.81 1.56 33.05
N PHE X 361 -43.21 2.67 33.40
CA PHE X 361 -43.56 3.99 33.14
C PHE X 361 -42.84 4.46 31.87
N SER X 362 -43.41 5.41 31.19
CA SER X 362 -43.04 6.03 29.91
C SER X 362 -43.78 7.31 29.72
N SER X 363 -43.23 8.05 28.65
CA SER X 363 -43.73 9.40 28.48
C SER X 363 -44.64 9.49 27.28
N ASP X 364 -44.44 9.08 26.26
CA ASP X 364 -45.26 9.39 25.10
C ASP X 364 -45.04 10.87 24.66
N SER X 365 -43.80 11.33 24.75
CA SER X 365 -43.37 12.74 24.69
C SER X 365 -44.04 13.51 23.59
N GLN X 366 -44.74 14.56 23.97
CA GLN X 366 -45.47 15.51 23.11
C GLN X 366 -46.44 14.87 22.14
N ALA X 367 -46.88 13.72 22.53
CA ALA X 367 -47.95 12.85 22.07
C ALA X 367 -48.71 12.18 23.24
N MET X 368 -49.21 13.00 24.08
CA MET X 368 -49.99 12.94 25.28
C MET X 368 -49.29 12.84 26.66
N GLY X 369 -48.00 12.57 26.68
CA GLY X 369 -47.28 12.58 27.96
C GLY X 369 -46.13 13.57 28.06
N ARG X 370 -45.32 13.51 29.15
CA ARG X 370 -44.45 14.56 29.73
C ARG X 370 -43.07 13.93 30.09
N VAL X 371 -42.15 14.07 29.17
CA VAL X 371 -40.79 13.71 29.09
C VAL X 371 -39.97 14.10 30.27
N GLY X 372 -40.33 15.12 30.93
CA GLY X 372 -39.66 15.62 32.12
C GLY X 372 -40.30 15.40 33.48
N GLU X 373 -41.13 14.42 33.55
CA GLU X 373 -41.98 14.08 34.67
C GLU X 373 -42.08 12.57 35.05
N ASN X 374 -41.36 11.69 34.45
CA ASN X 374 -41.31 10.23 34.70
C ASN X 374 -40.82 9.88 36.11
N TRP X 375 -39.74 10.49 36.56
CA TRP X 375 -39.22 10.29 37.92
C TRP X 375 -40.16 10.96 38.90
N LEU X 376 -40.67 12.15 38.58
CA LEU X 376 -41.66 12.88 39.39
C LEU X 376 -42.95 12.07 39.58
N ARG X 377 -43.42 11.39 38.54
CA ARG X 377 -44.77 10.92 38.58
C ARG X 377 -44.86 9.57 39.32
N VAL X 378 -43.87 8.76 39.11
CA VAL X 378 -43.48 7.52 39.77
C VAL X 378 -43.54 7.65 41.28
N MET X 379 -42.86 8.60 41.81
CA MET X 379 -42.86 9.00 43.21
C MET X 379 -44.21 9.53 43.65
N GLN X 380 -44.79 10.31 42.85
CA GLN X 380 -46.13 10.84 43.10
C GLN X 380 -47.21 9.71 43.23
N THR X 381 -47.11 8.70 42.41
CA THR X 381 -47.96 7.52 42.35
C THR X 381 -47.77 6.62 43.57
N ALA X 382 -46.54 6.22 43.90
CA ALA X 382 -46.15 5.48 45.09
C ALA X 382 -46.74 6.06 46.34
N ASN X 383 -46.70 7.33 46.48
CA ASN X 383 -47.20 8.10 47.60
C ASN X 383 -48.69 8.24 47.62
N ALA X 384 -49.35 8.42 46.50
CA ALA X 384 -50.80 8.43 46.48
C ALA X 384 -51.37 7.06 46.87
N MET X 385 -50.75 6.04 46.39
CA MET X 385 -51.09 4.65 46.59
C MET X 385 -50.86 4.15 48.02
N LYS X 386 -49.80 4.59 48.69
CA LYS X 386 -49.58 4.31 50.10
C LYS X 386 -50.72 4.83 50.93
N ALA X 387 -51.08 6.02 50.65
CA ALA X 387 -52.20 6.68 51.27
C ALA X 387 -53.50 5.87 51.14
N SER X 388 -53.85 5.47 49.94
CA SER X 388 -55.11 4.78 49.65
C SER X 388 -55.17 3.33 50.04
N ARG X 389 -54.12 2.62 49.95
CA ARG X 389 -54.02 1.19 50.08
C ARG X 389 -53.29 0.73 51.32
N GLY X 390 -52.48 1.56 51.92
CA GLY X 390 -51.48 1.25 52.86
C GLY X 390 -50.29 0.49 52.38
N LYS X 391 -49.71 -0.24 53.31
CA LYS X 391 -48.51 -0.97 53.07
C LYS X 391 -48.80 -2.16 52.23
N LEU X 392 -48.07 -2.25 51.21
CA LEU X 392 -47.96 -3.47 50.52
C LEU X 392 -47.67 -4.60 51.48
N PRO X 393 -48.15 -5.79 51.16
CA PRO X 393 -48.03 -6.91 52.09
C PRO X 393 -46.64 -7.33 52.37
N GLU X 394 -45.81 -7.31 51.35
CA GLU X 394 -44.37 -7.50 51.41
C GLU X 394 -43.56 -6.35 52.00
N ASP X 395 -44.13 -5.19 52.23
CA ASP X 395 -43.42 -4.20 52.98
C ASP X 395 -43.09 -4.71 54.37
N ALA X 396 -42.10 -4.28 54.82
CA ALA X 396 -41.60 -4.28 56.18
C ALA X 396 -42.27 -3.18 56.99
N PRO X 397 -42.58 -3.46 58.23
CA PRO X 397 -43.38 -2.50 58.98
C PRO X 397 -42.82 -1.15 59.18
N GLY X 398 -41.53 -1.03 59.37
CA GLY X 398 -41.05 0.29 59.62
C GLY X 398 -40.77 1.13 58.41
N ASN X 399 -40.67 0.53 57.24
CA ASN X 399 -40.28 1.19 56.01
C ASN X 399 -41.00 0.79 54.72
N ASP X 400 -40.85 1.69 53.75
CA ASP X 400 -41.39 1.69 52.43
C ASP X 400 -40.46 1.26 51.32
N ASN X 401 -39.42 0.55 51.63
CA ASN X 401 -38.45 0.03 50.70
C ASN X 401 -39.05 -0.84 49.60
N PHE X 402 -39.80 -1.87 49.93
CA PHE X 402 -40.43 -2.74 48.97
C PHE X 402 -41.17 -1.96 47.91
N ARG X 403 -41.98 -1.02 48.33
CA ARG X 403 -42.74 -0.19 47.50
C ARG X 403 -41.89 0.67 46.57
N VAL X 404 -41.07 1.50 47.15
CA VAL X 404 -40.20 2.41 46.45
C VAL X 404 -39.46 1.71 45.39
N LEU X 405 -38.90 0.60 45.75
N LEU X 405 -38.89 0.62 45.73
CA LEU X 405 -38.10 -0.19 44.89
CA LEU X 405 -38.09 -0.14 44.83
C LEU X 405 -38.91 -0.80 43.71
C LEU X 405 -38.91 -0.80 43.70
N ARG X 406 -40.13 -1.13 43.92
CA ARG X 406 -41.03 -1.57 42.84
C ARG X 406 -41.11 -0.49 41.73
N TYR X 407 -41.42 0.69 42.20
CA TYR X 407 -41.57 1.94 41.41
C TYR X 407 -40.30 2.31 40.63
N VAL X 408 -39.16 2.29 41.25
CA VAL X 408 -37.84 2.51 40.70
C VAL X 408 -37.48 1.55 39.60
N ALA X 409 -37.86 0.33 39.73
CA ALA X 409 -37.68 -0.64 38.71
C ALA X 409 -38.37 -0.27 37.38
N LYS X 410 -39.44 0.42 37.49
CA LYS X 410 -40.33 0.88 36.48
C LYS X 410 -39.66 1.84 35.48
N ILE X 411 -38.80 2.74 35.95
CA ILE X 411 -38.04 3.73 35.19
C ILE X 411 -36.58 3.43 34.97
N THR X 412 -36.05 2.37 35.50
CA THR X 412 -34.70 1.88 35.48
C THR X 412 -34.44 0.53 34.90
N ILE X 413 -34.53 -0.51 35.63
CA ILE X 413 -34.08 -1.76 35.18
C ILE X 413 -35.06 -2.44 34.19
N ASN X 414 -36.30 -2.24 34.41
CA ASN X 414 -37.36 -2.84 33.61
C ASN X 414 -37.39 -2.34 32.16
N PRO X 415 -37.47 -1.10 31.89
CA PRO X 415 -37.18 -0.61 30.55
C PRO X 415 -35.93 -1.16 29.84
N ALA X 416 -34.87 -1.25 30.53
CA ALA X 416 -33.64 -1.80 30.01
C ALA X 416 -33.78 -3.21 29.60
N ILE X 417 -34.39 -3.97 30.40
CA ILE X 417 -34.56 -5.38 30.13
C ILE X 417 -35.43 -5.55 28.89
N ALA X 418 -36.46 -4.78 28.80
CA ALA X 418 -37.43 -4.79 27.69
C ALA X 418 -36.82 -4.52 26.31
N GLN X 419 -35.81 -3.71 26.23
CA GLN X 419 -35.17 -3.23 25.02
C GLN X 419 -33.76 -3.84 24.77
N GLY X 420 -33.39 -4.70 25.56
CA GLY X 420 -32.23 -5.50 25.64
C GLY X 420 -30.91 -4.85 25.85
N VAL X 421 -30.87 -3.97 26.75
CA VAL X 421 -29.79 -3.16 27.24
C VAL X 421 -29.39 -3.13 28.72
N SER X 422 -29.87 -4.08 29.46
CA SER X 422 -29.61 -4.31 30.85
C SER X 422 -28.24 -4.82 31.10
N HIS X 423 -27.59 -5.26 30.12
CA HIS X 423 -26.20 -5.59 30.18
C HIS X 423 -25.23 -4.39 30.30
N VAL X 424 -25.63 -3.25 29.90
CA VAL X 424 -24.91 -2.02 29.89
C VAL X 424 -25.44 -0.89 30.70
N ILE X 425 -26.68 -0.80 30.88
CA ILE X 425 -27.38 0.20 31.62
C ILE X 425 -28.57 -0.33 32.43
N GLY X 426 -29.13 0.53 33.24
CA GLY X 426 -30.28 0.40 34.12
C GLY X 426 -30.28 0.12 35.62
N SER X 427 -29.16 -0.20 36.21
CA SER X 427 -28.91 -0.52 37.58
C SER X 427 -27.48 -0.07 37.93
N VAL X 428 -27.31 0.21 39.17
CA VAL X 428 -26.07 0.46 39.87
C VAL X 428 -25.47 -0.85 40.30
N GLU X 429 -24.69 -1.43 39.45
CA GLU X 429 -24.13 -2.71 39.57
C GLU X 429 -22.77 -2.73 38.87
N VAL X 430 -21.95 -3.56 39.37
CA VAL X 430 -20.64 -3.72 38.86
C VAL X 430 -20.70 -4.26 37.45
N GLY X 431 -19.94 -3.65 36.66
CA GLY X 431 -19.68 -3.74 35.28
C GLY X 431 -20.47 -2.90 34.29
N LYS X 432 -21.41 -2.17 34.75
CA LYS X 432 -22.25 -1.30 34.06
C LYS X 432 -21.75 0.12 33.86
N MET X 433 -22.23 0.68 32.74
N MET X 433 -22.23 0.66 32.74
CA MET X 433 -21.95 2.04 32.26
CA MET X 433 -21.95 2.03 32.27
C MET X 433 -22.34 2.99 33.39
C MET X 433 -22.34 2.99 33.39
N ALA X 434 -21.37 3.95 33.73
CA ALA X 434 -21.90 4.80 34.86
C ALA X 434 -22.87 5.88 34.36
N ASP X 435 -24.17 5.55 34.14
CA ASP X 435 -25.37 6.39 33.80
C ASP X 435 -26.15 6.49 35.15
N LEU X 436 -25.91 7.51 35.89
CA LEU X 436 -26.18 7.82 37.26
C LEU X 436 -26.67 9.23 37.45
N VAL X 437 -27.49 9.31 38.40
CA VAL X 437 -28.16 10.41 38.98
C VAL X 437 -27.99 10.47 40.49
N LEU X 438 -27.63 11.64 40.91
CA LEU X 438 -27.53 12.20 42.24
C LEU X 438 -28.60 13.19 42.63
N TRP X 439 -29.21 12.90 43.69
CA TRP X 439 -30.29 13.59 44.28
C TRP X 439 -30.12 14.01 45.74
N ASP X 440 -30.58 15.10 46.04
CA ASP X 440 -30.84 15.54 47.37
C ASP X 440 -32.16 14.95 47.84
N PRO X 441 -32.19 14.28 49.00
CA PRO X 441 -33.47 13.75 49.51
C PRO X 441 -34.57 14.65 49.60
N ARG X 442 -34.31 15.85 49.92
CA ARG X 442 -35.26 16.86 49.97
C ARG X 442 -36.07 17.08 48.65
N PHE X 443 -35.46 16.79 47.52
CA PHE X 443 -35.82 16.98 46.13
C PHE X 443 -35.98 15.67 45.31
N PHE X 444 -35.93 14.52 45.94
CA PHE X 444 -35.94 13.21 45.35
C PHE X 444 -37.08 13.03 44.34
N GLY X 445 -36.76 12.60 43.14
CA GLY X 445 -37.66 12.49 42.02
C GLY X 445 -37.95 13.64 41.11
N ALA X 446 -37.88 14.80 41.63
CA ALA X 446 -38.21 16.09 41.11
C ALA X 446 -37.06 16.81 40.48
N LYS X 447 -36.07 17.15 41.26
CA LYS X 447 -34.95 18.03 40.93
C LYS X 447 -33.60 17.45 41.30
N PRO X 448 -32.92 16.81 40.40
CA PRO X 448 -31.64 16.28 40.70
C PRO X 448 -30.53 17.29 40.83
N LYS X 449 -29.49 16.83 41.40
CA LYS X 449 -28.24 17.57 41.56
C LYS X 449 -27.41 17.52 40.27
N MET X 450 -27.21 16.36 39.77
CA MET X 450 -26.45 15.94 38.63
C MET X 450 -26.68 14.59 38.03
N VAL X 451 -26.35 14.56 36.78
CA VAL X 451 -26.28 13.50 35.90
C VAL X 451 -24.90 13.24 35.38
N ILE X 452 -24.53 12.07 35.65
CA ILE X 452 -23.36 11.37 35.27
C ILE X 452 -23.67 10.37 34.20
N LYS X 453 -23.02 10.65 33.07
CA LYS X 453 -23.25 10.19 31.74
C LYS X 453 -21.84 9.80 31.27
N GLY X 454 -21.65 8.56 31.21
CA GLY X 454 -20.60 7.77 30.82
C GLY X 454 -19.35 7.96 31.68
N GLY X 455 -19.52 8.32 32.91
CA GLY X 455 -18.47 8.60 33.81
C GLY X 455 -18.08 10.06 34.03
N MET X 456 -18.58 10.98 33.24
CA MET X 456 -18.55 12.42 33.29
C MET X 456 -19.91 13.00 33.56
N ILE X 457 -19.92 14.10 34.27
CA ILE X 457 -20.97 14.94 34.58
C ILE X 457 -21.31 15.72 33.29
N ASN X 458 -22.46 15.45 32.80
CA ASN X 458 -23.02 16.03 31.58
C ASN X 458 -24.02 17.11 31.77
N TRP X 459 -24.69 17.16 32.85
CA TRP X 459 -25.81 17.94 33.23
C TRP X 459 -25.90 18.10 34.72
N ALA X 460 -26.18 19.26 35.10
CA ALA X 460 -26.20 19.87 36.42
C ALA X 460 -26.88 21.20 36.66
N ALA X 461 -27.40 21.32 37.84
CA ALA X 461 -27.89 22.50 38.45
C ALA X 461 -26.72 23.35 38.94
N MET X 462 -26.56 24.40 38.31
CA MET X 462 -25.49 25.38 38.30
C MET X 462 -26.03 26.78 38.38
N GLY X 463 -25.50 27.59 39.32
CA GLY X 463 -25.71 29.01 39.39
C GLY X 463 -24.63 29.82 38.72
N ASP X 464 -24.51 31.07 39.10
CA ASP X 464 -23.90 32.19 38.34
C ASP X 464 -22.51 31.68 37.97
N PRO X 465 -22.15 31.47 36.70
CA PRO X 465 -20.78 31.12 36.33
C PRO X 465 -19.73 32.19 36.70
N ASN X 466 -20.11 33.45 36.89
CA ASN X 466 -19.27 34.54 37.34
C ASN X 466 -19.11 34.61 38.84
N ALA X 467 -19.79 33.79 39.55
CA ALA X 467 -19.81 34.00 40.95
C ALA X 467 -18.57 33.34 41.55
N SER X 468 -18.36 33.63 42.76
CA SER X 468 -17.31 33.10 43.63
C SER X 468 -17.60 31.72 44.17
N LEU X 469 -18.79 31.25 44.05
CA LEU X 469 -19.17 29.86 44.22
C LEU X 469 -20.04 29.33 43.11
N PRO X 470 -20.30 28.02 43.11
CA PRO X 470 -21.24 27.39 42.19
C PRO X 470 -22.66 27.43 42.56
N THR X 471 -22.98 27.91 43.67
CA THR X 471 -24.27 27.94 44.25
C THR X 471 -25.00 29.21 44.18
N PRO X 472 -24.38 30.34 43.85
CA PRO X 472 -25.13 31.52 43.84
C PRO X 472 -26.11 31.64 42.64
N GLN X 473 -27.16 32.31 42.91
CA GLN X 473 -28.37 32.46 42.12
C GLN X 473 -28.11 33.30 40.84
N PRO X 474 -28.75 32.97 39.71
CA PRO X 474 -29.76 31.96 39.52
C PRO X 474 -29.22 30.58 39.25
N VAL X 475 -29.76 29.64 39.94
CA VAL X 475 -29.49 28.24 39.77
C VAL X 475 -30.55 27.65 38.81
N PHE X 476 -30.07 27.09 37.74
CA PHE X 476 -30.76 26.46 36.64
C PHE X 476 -29.84 25.45 35.94
N TYR X 477 -30.46 24.47 35.32
CA TYR X 477 -29.89 23.38 34.66
C TYR X 477 -29.26 23.80 33.35
N ARG X 478 -28.12 23.37 33.22
CA ARG X 478 -27.02 23.65 32.34
C ARG X 478 -26.18 22.48 31.92
N PRO X 479 -25.81 22.41 30.67
CA PRO X 479 -24.80 21.49 30.30
C PRO X 479 -23.44 21.70 30.93
N MET X 480 -22.84 20.66 31.07
CA MET X 480 -21.52 20.46 31.61
C MET X 480 -20.54 19.85 30.55
N PHE X 481 -19.29 19.63 30.90
CA PHE X 481 -18.19 19.18 30.02
C PHE X 481 -18.42 17.84 29.35
N GLY X 482 -19.08 16.90 29.98
CA GLY X 482 -19.48 15.69 29.34
C GLY X 482 -20.47 15.90 28.15
N ALA X 483 -21.16 16.96 28.16
CA ALA X 483 -22.06 17.56 27.19
C ALA X 483 -21.40 18.47 26.16
N MET X 484 -20.12 18.45 26.06
CA MET X 484 -19.25 19.37 25.37
C MET X 484 -18.27 18.62 24.53
N GLY X 485 -17.95 19.25 23.46
CA GLY X 485 -17.10 18.80 22.55
C GLY X 485 -17.28 17.42 21.97
N LYS X 486 -16.16 16.76 21.76
CA LYS X 486 -16.14 15.35 21.34
C LYS X 486 -16.49 14.37 22.49
N THR X 487 -16.46 14.74 23.73
CA THR X 487 -16.79 13.93 24.88
C THR X 487 -18.27 13.51 24.93
N MET X 488 -19.15 14.44 24.53
N MET X 488 -19.10 14.46 24.56
CA MET X 488 -20.65 14.24 24.47
CA MET X 488 -20.58 14.34 24.41
C MET X 488 -20.87 12.92 23.63
C MET X 488 -20.85 12.98 23.62
N GLN X 489 -20.27 12.68 22.43
CA GLN X 489 -20.36 11.52 21.68
C GLN X 489 -19.67 10.35 22.33
N ASP X 490 -18.51 10.57 22.93
CA ASP X 490 -17.75 9.57 23.60
C ASP X 490 -18.46 8.92 24.78
N THR X 491 -19.27 9.62 25.44
CA THR X 491 -19.95 9.32 26.63
C THR X 491 -21.41 8.90 26.42
N CYS X 492 -21.86 8.95 25.15
CA CYS X 492 -23.24 8.63 24.73
C CYS X 492 -23.21 7.41 23.78
N VAL X 493 -24.19 6.57 23.87
CA VAL X 493 -24.47 5.35 23.17
C VAL X 493 -25.65 5.56 22.22
N THR X 494 -25.48 5.11 21.11
CA THR X 494 -26.42 4.80 20.07
C THR X 494 -26.55 3.26 19.96
N PHE X 495 -27.58 2.84 20.48
CA PHE X 495 -28.10 1.50 20.36
C PHE X 495 -28.64 1.18 18.97
N VAL X 496 -28.24 0.07 18.55
CA VAL X 496 -28.52 -0.62 17.33
C VAL X 496 -28.70 -2.16 17.40
N SER X 497 -29.17 -2.69 16.32
CA SER X 497 -29.34 -4.11 16.02
C SER X 497 -27.94 -4.71 15.81
N GLN X 498 -27.75 -5.88 16.19
CA GLN X 498 -26.59 -6.71 15.89
C GLN X 498 -26.34 -6.85 14.42
N ALA X 499 -27.40 -6.92 13.65
CA ALA X 499 -27.40 -6.95 12.21
C ALA X 499 -26.67 -5.77 11.61
N ALA X 500 -27.02 -4.65 12.09
CA ALA X 500 -26.46 -3.37 11.75
C ALA X 500 -25.01 -3.22 12.17
N LEU X 501 -24.71 -3.62 13.37
CA LEU X 501 -23.41 -3.61 13.95
C LEU X 501 -22.46 -4.43 13.10
N ASP X 502 -22.89 -5.59 12.74
CA ASP X 502 -22.17 -6.54 11.98
C ASP X 502 -21.93 -6.06 10.53
N ASP X 503 -22.85 -5.34 9.95
CA ASP X 503 -22.84 -4.70 8.64
C ASP X 503 -22.06 -3.41 8.61
N GLY X 504 -21.45 -3.00 9.68
CA GLY X 504 -20.72 -1.78 9.83
C GLY X 504 -21.36 -0.45 9.91
N VAL X 505 -22.50 -0.38 10.53
CA VAL X 505 -23.30 0.81 10.69
C VAL X 505 -22.48 2.01 11.17
N LYS X 506 -21.55 1.76 12.04
CA LYS X 506 -20.72 2.78 12.64
C LYS X 506 -19.90 3.52 11.58
N GLU X 507 -19.23 2.81 10.72
CA GLU X 507 -18.50 3.29 9.54
C GLU X 507 -19.43 3.89 8.50
N LYS X 508 -20.38 3.12 8.01
CA LYS X 508 -21.36 3.44 6.97
C LYS X 508 -22.08 4.73 7.21
N ALA X 509 -22.59 4.93 8.37
CA ALA X 509 -23.28 6.10 8.89
C ALA X 509 -22.38 7.16 9.48
N GLY X 510 -21.15 6.82 9.71
CA GLY X 510 -20.21 7.73 10.17
C GLY X 510 -20.40 8.26 11.55
N LEU X 511 -20.77 7.41 12.48
CA LEU X 511 -21.11 7.73 13.81
C LEU X 511 -19.85 7.74 14.69
N ASP X 512 -19.74 8.74 15.50
CA ASP X 512 -18.76 8.91 16.52
C ASP X 512 -19.23 8.47 17.91
N ARG X 513 -20.52 8.30 18.12
CA ARG X 513 -21.12 7.77 19.35
C ARG X 513 -20.57 6.40 19.61
N GLN X 514 -20.67 5.95 20.84
CA GLN X 514 -20.54 4.55 21.11
C GLN X 514 -21.75 3.84 20.45
N VAL X 515 -21.50 2.82 19.75
CA VAL X 515 -22.47 1.96 19.05
C VAL X 515 -22.46 0.55 19.63
N ILE X 516 -23.48 0.22 20.30
CA ILE X 516 -23.74 -0.97 21.09
C ILE X 516 -24.98 -1.76 20.61
N ALA X 517 -24.80 -3.03 20.37
CA ALA X 517 -25.83 -3.96 19.90
C ALA X 517 -26.75 -4.28 21.04
N VAL X 518 -28.03 -4.04 20.86
CA VAL X 518 -29.06 -4.65 21.70
C VAL X 518 -29.04 -6.20 21.68
N LYS X 519 -29.40 -6.79 22.82
CA LYS X 519 -29.32 -8.25 22.96
C LYS X 519 -30.29 -8.70 24.08
N ASN X 520 -30.85 -9.85 24.03
CA ASN X 520 -31.72 -10.53 24.99
C ASN X 520 -33.18 -10.00 25.06
N CYS X 521 -33.76 -9.68 23.96
CA CYS X 521 -35.09 -9.05 23.81
C CYS X 521 -36.22 -10.12 23.67
N ARG X 522 -35.95 -11.24 23.12
CA ARG X 522 -36.91 -12.25 22.63
C ARG X 522 -37.16 -13.45 23.53
N THR X 523 -36.29 -13.74 24.44
CA THR X 523 -36.35 -14.84 25.43
C THR X 523 -36.95 -14.42 26.79
N ILE X 524 -37.17 -13.26 26.98
CA ILE X 524 -37.74 -12.60 28.12
C ILE X 524 -39.25 -12.63 28.09
N SER X 525 -39.78 -12.63 29.24
CA SER X 525 -41.12 -12.61 29.65
C SER X 525 -41.35 -11.73 30.84
N LYS X 526 -42.60 -11.62 31.18
CA LYS X 526 -43.06 -10.81 32.26
C LYS X 526 -42.39 -11.14 33.57
N HIS X 527 -42.14 -12.39 33.80
CA HIS X 527 -41.49 -12.91 35.00
C HIS X 527 -40.02 -12.56 35.14
N ASP X 528 -39.36 -12.18 34.08
CA ASP X 528 -38.02 -11.64 34.10
C ASP X 528 -37.96 -10.19 34.50
N LEU X 529 -39.03 -9.63 34.72
CA LEU X 529 -39.08 -8.26 35.06
C LEU X 529 -38.86 -8.24 36.57
N VAL X 530 -38.34 -7.14 37.05
CA VAL X 530 -37.90 -6.93 38.43
C VAL X 530 -38.94 -6.16 39.20
N ARG X 531 -39.43 -6.79 40.21
CA ARG X 531 -40.43 -6.42 41.17
C ARG X 531 -41.83 -6.16 40.56
N ASN X 532 -42.02 -6.48 39.31
CA ASN X 532 -43.22 -6.21 38.59
C ASN X 532 -43.52 -7.39 37.65
N ASP X 533 -43.64 -8.56 38.22
CA ASP X 533 -43.66 -9.84 37.55
C ASP X 533 -44.97 -10.64 37.63
N GLN X 534 -46.01 -10.04 38.09
CA GLN X 534 -47.37 -10.52 38.28
C GLN X 534 -48.26 -10.56 37.02
N THR X 535 -48.87 -11.73 36.80
CA THR X 535 -49.78 -12.10 35.72
C THR X 535 -51.16 -12.56 36.24
N PRO X 536 -51.95 -11.69 36.80
CA PRO X 536 -53.28 -12.11 37.23
C PRO X 536 -54.33 -12.11 36.13
N ASN X 537 -55.50 -12.63 36.48
CA ASN X 537 -56.68 -12.55 35.64
C ASN X 537 -57.26 -11.16 35.67
N ILE X 538 -57.39 -10.57 34.53
CA ILE X 538 -57.99 -9.25 34.38
C ILE X 538 -59.23 -9.29 33.49
N GLU X 539 -60.30 -8.79 34.04
CA GLU X 539 -61.61 -8.67 33.47
C GLU X 539 -62.09 -7.24 33.48
N VAL X 540 -62.63 -6.83 32.38
CA VAL X 540 -63.23 -5.55 32.15
C VAL X 540 -64.67 -5.69 31.65
N ASP X 541 -65.51 -5.02 32.28
CA ASP X 541 -66.94 -4.95 31.99
C ASP X 541 -67.27 -4.08 30.79
N PRO X 542 -67.73 -4.67 29.68
CA PRO X 542 -67.98 -3.91 28.45
C PRO X 542 -69.04 -2.86 28.55
N GLU X 543 -69.84 -2.85 29.59
CA GLU X 543 -70.78 -1.76 29.83
C GLU X 543 -70.22 -0.62 30.65
N THR X 544 -69.88 -0.91 31.88
CA THR X 544 -69.44 0.03 32.87
C THR X 544 -67.93 0.16 32.99
N PHE X 545 -67.13 -0.64 32.26
CA PHE X 545 -65.69 -0.52 32.14
C PHE X 545 -64.97 -0.85 33.42
N ALA X 546 -65.70 -1.39 34.39
CA ALA X 546 -65.19 -1.80 35.70
C ALA X 546 -64.15 -2.92 35.51
N VAL X 547 -63.06 -2.91 36.23
CA VAL X 547 -61.97 -3.85 36.22
C VAL X 547 -61.86 -4.65 37.50
N LYS X 548 -61.82 -5.93 37.28
CA LYS X 548 -61.63 -6.98 38.21
C LYS X 548 -60.34 -7.67 37.95
N VAL X 549 -59.53 -7.86 38.98
CA VAL X 549 -58.17 -8.43 38.95
C VAL X 549 -58.25 -9.60 39.91
N ASP X 550 -58.12 -10.83 39.43
CA ASP X 550 -58.41 -12.07 40.20
C ASP X 550 -59.76 -11.92 40.93
N GLY X 551 -60.81 -11.45 40.28
CA GLY X 551 -62.15 -11.20 40.87
C GLY X 551 -62.29 -9.99 41.78
N VAL X 552 -61.33 -9.09 42.00
CA VAL X 552 -61.41 -8.02 42.92
C VAL X 552 -61.40 -6.74 42.13
N HIS X 553 -62.38 -5.96 42.42
CA HIS X 553 -62.57 -4.68 41.85
C HIS X 553 -61.31 -3.86 42.12
N ALA X 554 -60.77 -3.30 41.05
CA ALA X 554 -59.53 -2.56 41.04
C ALA X 554 -59.85 -1.11 40.82
N THR X 555 -59.96 -0.37 41.92
CA THR X 555 -60.16 1.05 41.91
C THR X 555 -59.52 1.73 43.13
N CYS X 556 -59.42 3.02 43.04
CA CYS X 556 -58.96 3.96 44.03
C CYS X 556 -59.55 5.28 43.57
N GLU X 557 -59.57 6.23 44.46
CA GLU X 557 -60.15 7.53 44.43
C GLU X 557 -59.16 8.58 43.99
N PRO X 558 -59.55 9.56 43.24
CA PRO X 558 -58.58 10.57 42.87
C PRO X 558 -58.14 11.49 43.96
N ILE X 559 -56.88 11.79 43.83
CA ILE X 559 -56.15 12.75 44.62
C ILE X 559 -56.53 14.15 44.20
N ASP X 560 -56.67 14.98 45.19
CA ASP X 560 -56.68 16.42 45.11
C ASP X 560 -55.28 17.02 45.03
N THR X 561 -54.38 16.60 45.91
CA THR X 561 -53.04 17.14 46.09
C THR X 561 -51.95 16.13 45.87
N ALA X 562 -51.13 16.40 44.88
CA ALA X 562 -49.90 15.75 44.60
C ALA X 562 -48.72 16.31 45.42
N ALA X 563 -47.85 15.38 45.85
CA ALA X 563 -46.54 15.61 46.51
C ALA X 563 -45.48 15.92 45.41
N MET X 564 -44.40 16.63 45.74
CA MET X 564 -43.27 16.93 44.85
C MET X 564 -43.88 17.75 43.71
N ASN X 565 -44.75 18.68 43.98
CA ASN X 565 -45.58 19.26 42.91
C ASN X 565 -45.52 20.79 42.96
N GLN X 566 -46.49 21.52 43.47
CA GLN X 566 -46.56 23.01 43.45
C GLN X 566 -45.53 23.64 44.43
N ARG X 567 -45.06 22.93 45.45
CA ARG X 567 -44.02 23.34 46.38
C ARG X 567 -42.67 23.62 45.74
N TYR X 568 -42.30 22.83 44.84
CA TYR X 568 -41.05 22.65 44.13
C TYR X 568 -40.94 23.30 42.75
N PHE X 569 -42.02 23.56 42.07
CA PHE X 569 -42.05 23.93 40.68
C PHE X 569 -42.78 25.26 40.45
N PHE X 570 -42.16 26.14 39.68
CA PHE X 570 -42.71 27.32 39.04
C PHE X 570 -43.47 27.02 37.75
N GLY X 571 -43.10 25.94 37.04
CA GLY X 571 -43.32 25.46 35.61
C GLY X 571 -44.66 25.99 35.19
N MET Y 1 49.53 30.19 -18.85
CA MET Y 1 50.50 29.13 -19.10
C MET Y 1 49.99 27.70 -19.26
N GLN Y 2 48.73 27.54 -18.98
CA GLN Y 2 47.91 26.43 -19.09
C GLN Y 2 48.59 25.15 -18.54
N LEU Y 3 48.87 25.22 -17.30
CA LEU Y 3 49.50 24.16 -16.53
C LEU Y 3 48.57 23.02 -16.21
N THR Y 4 48.99 21.91 -16.66
CA THR Y 4 48.49 20.61 -16.49
C THR Y 4 48.92 20.00 -15.16
N PRO Y 5 48.17 19.07 -14.65
CA PRO Y 5 48.56 18.39 -13.40
C PRO Y 5 50.03 17.91 -13.29
N ARG Y 6 50.58 17.38 -14.35
CA ARG Y 6 51.98 16.93 -14.46
C ARG Y 6 53.01 18.03 -14.31
N GLU Y 7 52.72 19.16 -14.82
CA GLU Y 7 53.47 20.41 -14.74
C GLU Y 7 53.43 21.01 -13.36
N VAL Y 8 52.31 21.08 -12.75
CA VAL Y 8 52.15 21.61 -11.43
C VAL Y 8 52.93 20.72 -10.43
N GLU Y 9 52.75 19.41 -10.51
CA GLU Y 9 53.40 18.41 -9.62
C GLU Y 9 54.90 18.56 -9.58
N LYS Y 10 55.49 18.86 -10.68
CA LYS Y 10 56.89 19.05 -10.78
C LYS Y 10 57.42 20.26 -10.05
N LEU Y 11 56.60 21.25 -9.72
CA LEU Y 11 57.03 22.36 -8.89
C LEU Y 11 57.51 21.91 -7.50
N MET Y 12 56.88 20.87 -6.93
CA MET Y 12 57.30 20.31 -5.61
C MET Y 12 58.79 19.95 -5.71
N ILE Y 13 59.24 19.33 -6.78
CA ILE Y 13 60.61 18.84 -6.95
C ILE Y 13 61.59 19.98 -6.92
N TYR Y 14 61.30 20.99 -7.65
CA TYR Y 14 62.07 22.21 -7.76
C TYR Y 14 62.27 22.95 -6.47
N THR Y 15 61.23 22.99 -5.66
CA THR Y 15 61.22 23.64 -4.34
C THR Y 15 62.04 22.85 -3.32
N LEU Y 16 61.83 21.53 -3.25
N LEU Y 16 61.83 21.53 -3.25
CA LEU Y 16 62.57 20.69 -2.27
CA LEU Y 16 62.57 20.69 -2.27
C LEU Y 16 64.10 20.75 -2.67
C LEU Y 16 64.10 20.75 -2.67
N SER Y 17 64.59 20.53 -3.93
CA SER Y 17 65.94 20.65 -4.44
C SER Y 17 66.58 21.95 -4.29
N ASP Y 18 65.86 23.02 -4.35
CA ASP Y 18 66.48 24.26 -3.99
C ASP Y 18 66.89 24.31 -2.53
N VAL Y 19 66.02 23.90 -1.63
CA VAL Y 19 66.32 23.77 -0.23
C VAL Y 19 67.50 22.83 -0.04
N ALA Y 20 67.45 21.68 -0.67
CA ALA Y 20 68.49 20.66 -0.61
C ALA Y 20 69.84 21.12 -1.08
N PHE Y 21 69.91 21.82 -2.18
CA PHE Y 21 71.16 22.35 -2.65
C PHE Y 21 71.73 23.41 -1.73
N LYS Y 22 70.91 24.20 -1.07
CA LYS Y 22 71.37 25.18 -0.08
C LYS Y 22 71.99 24.50 1.12
N ARG Y 23 71.38 23.44 1.58
CA ARG Y 23 71.82 22.65 2.72
C ARG Y 23 73.14 21.96 2.46
N LYS Y 24 73.30 21.32 1.32
CA LYS Y 24 74.51 20.67 0.92
C LYS Y 24 75.69 21.64 0.85
N ALA Y 25 75.44 22.85 0.43
CA ALA Y 25 76.41 23.90 0.34
C ALA Y 25 76.86 24.50 1.67
N ARG Y 26 76.07 24.44 2.73
CA ARG Y 26 76.37 24.61 4.15
C ARG Y 26 77.12 23.46 4.81
N GLY Y 27 77.47 22.44 4.09
CA GLY Y 27 77.93 21.23 4.62
C GLY Y 27 77.02 20.31 5.35
N LEU Y 28 75.74 20.41 5.19
CA LEU Y 28 74.85 19.47 5.81
C LEU Y 28 74.79 18.21 4.97
N LYS Y 29 74.84 17.11 5.67
N LYS Y 29 74.85 17.11 5.66
CA LYS Y 29 74.58 15.78 5.15
CA LYS Y 29 74.59 15.79 5.13
C LYS Y 29 73.07 15.58 4.99
C LYS Y 29 73.09 15.58 4.99
N LEU Y 30 72.69 15.17 3.82
CA LEU Y 30 71.34 15.09 3.38
C LEU Y 30 70.66 13.83 3.78
N ASN Y 31 69.42 13.97 3.97
CA ASN Y 31 68.45 13.00 4.19
C ASN Y 31 67.83 12.46 2.93
N TYR Y 32 66.98 11.62 3.09
CA TYR Y 32 66.28 10.84 2.08
C TYR Y 32 65.52 11.71 1.08
N PRO Y 33 64.46 12.36 1.46
CA PRO Y 33 63.80 13.35 0.59
C PRO Y 33 64.67 14.35 -0.13
N GLU Y 34 65.56 14.95 0.53
CA GLU Y 34 66.48 15.91 0.00
C GLU Y 34 67.36 15.31 -1.11
N ALA Y 35 67.90 14.15 -0.88
CA ALA Y 35 68.80 13.45 -1.77
C ALA Y 35 68.09 12.99 -3.02
N VAL Y 36 66.93 12.40 -2.87
CA VAL Y 36 66.06 12.03 -3.94
C VAL Y 36 65.72 13.26 -4.82
N SER Y 37 65.50 14.42 -4.21
CA SER Y 37 65.24 15.69 -4.88
C SER Y 37 66.35 16.09 -5.83
N ILE Y 38 67.58 16.05 -5.39
CA ILE Y 38 68.74 16.49 -6.10
C ILE Y 38 69.03 15.59 -7.30
N ILE Y 39 68.88 14.31 -7.16
CA ILE Y 39 69.05 13.35 -8.23
C ILE Y 39 67.96 13.55 -9.28
N THR Y 40 66.74 13.73 -8.84
CA THR Y 40 65.57 13.92 -9.69
C THR Y 40 65.69 15.15 -10.57
N VAL Y 41 66.08 16.25 -10.01
CA VAL Y 41 66.19 17.53 -10.69
C VAL Y 41 67.35 17.56 -11.63
N THR Y 42 68.39 16.82 -11.33
CA THR Y 42 69.57 16.69 -12.16
C THR Y 42 69.19 16.08 -13.51
N ALA Y 43 68.44 15.02 -13.48
CA ALA Y 43 67.84 14.38 -14.62
C ALA Y 43 66.94 15.29 -15.41
N MET Y 44 65.93 15.78 -14.76
CA MET Y 44 65.01 16.76 -15.27
C MET Y 44 65.68 17.92 -15.97
N GLU Y 45 66.70 18.45 -15.39
CA GLU Y 45 67.38 19.58 -15.98
C GLU Y 45 68.21 19.21 -17.20
N GLY Y 46 68.78 18.03 -17.18
CA GLY Y 46 69.45 17.46 -18.30
C GLY Y 46 68.60 17.29 -19.52
N ALA Y 47 67.46 16.66 -19.35
CA ALA Y 47 66.38 16.55 -20.30
C ALA Y 47 66.13 17.87 -20.99
N ARG Y 48 66.01 18.93 -20.22
CA ARG Y 48 65.64 20.27 -20.68
C ARG Y 48 66.74 20.90 -21.47
N ASP Y 49 67.94 20.62 -21.00
CA ASP Y 49 69.24 20.98 -21.59
C ASP Y 49 69.46 20.22 -22.91
N GLY Y 50 68.70 19.18 -23.28
CA GLY Y 50 68.82 18.49 -24.55
C GLY Y 50 69.60 17.22 -24.62
N LYS Y 51 70.07 16.69 -23.53
CA LYS Y 51 70.75 15.43 -23.42
C LYS Y 51 69.86 14.24 -23.67
N SER Y 52 70.52 13.16 -23.87
CA SER Y 52 69.96 11.85 -23.99
C SER Y 52 69.62 11.28 -22.62
N VAL Y 53 68.74 10.32 -22.59
CA VAL Y 53 68.38 9.54 -21.43
C VAL Y 53 69.63 8.88 -20.85
N GLU Y 54 70.42 8.30 -21.73
CA GLU Y 54 71.68 7.66 -21.39
C GLU Y 54 72.62 8.60 -20.68
N ASP Y 55 72.81 9.76 -21.24
CA ASP Y 55 73.68 10.77 -20.71
C ASP Y 55 73.18 11.38 -19.40
N VAL Y 56 71.88 11.59 -19.23
CA VAL Y 56 71.38 12.20 -18.04
C VAL Y 56 71.56 11.25 -16.87
N MET Y 57 71.20 10.00 -17.09
N MET Y 57 71.21 9.98 -17.09
CA MET Y 57 71.42 8.85 -16.24
CA MET Y 57 71.46 8.84 -16.22
C MET Y 57 72.77 8.79 -15.61
C MET Y 57 72.79 8.83 -15.59
N LYS Y 58 73.82 8.85 -16.38
CA LYS Y 58 75.17 8.96 -15.89
C LYS Y 58 75.34 10.13 -14.93
N GLU Y 59 74.97 11.28 -15.44
CA GLU Y 59 75.04 12.58 -14.73
C GLU Y 59 74.39 12.43 -13.36
N ALA Y 60 73.22 11.95 -13.23
CA ALA Y 60 72.43 11.83 -12.03
C ALA Y 60 72.95 10.79 -11.08
N SER Y 61 73.51 9.72 -11.61
CA SER Y 61 74.16 8.67 -10.81
C SER Y 61 75.48 9.19 -10.22
N LYS Y 62 75.95 10.38 -10.53
CA LYS Y 62 77.18 10.93 -10.04
C LYS Y 62 77.11 12.20 -9.19
N VAL Y 63 75.96 12.76 -8.97
CA VAL Y 63 75.80 14.03 -8.28
C VAL Y 63 76.01 13.90 -6.78
N LEU Y 64 75.56 12.84 -6.19
CA LEU Y 64 75.70 12.56 -4.77
C LEU Y 64 76.56 11.33 -4.46
N THR Y 65 77.37 11.48 -3.46
CA THR Y 65 78.18 10.47 -2.80
C THR Y 65 77.71 10.05 -1.42
N LYS Y 66 78.30 8.95 -0.97
N LYS Y 66 78.30 8.94 -0.97
CA LYS Y 66 78.16 8.47 0.39
CA LYS Y 66 78.14 8.47 0.40
C LYS Y 66 78.48 9.53 1.41
C LYS Y 66 78.48 9.52 1.42
N ASP Y 67 79.53 10.30 1.21
CA ASP Y 67 79.89 11.36 2.10
C ASP Y 67 78.85 12.45 2.22
N ASP Y 68 78.12 12.73 1.20
CA ASP Y 68 77.18 13.82 1.07
C ASP Y 68 75.85 13.52 1.67
N VAL Y 69 75.63 12.32 2.07
CA VAL Y 69 74.44 11.85 2.68
C VAL Y 69 74.68 11.30 4.06
N MET Y 70 73.64 11.38 4.80
CA MET Y 70 73.49 10.78 6.09
C MET Y 70 73.56 9.25 6.00
N ASP Y 71 74.28 8.68 6.94
CA ASP Y 71 74.50 7.24 7.03
C ASP Y 71 73.21 6.44 6.93
N GLY Y 72 73.19 5.55 6.02
CA GLY Y 72 72.09 4.76 5.73
C GLY Y 72 71.21 5.15 4.55
N VAL Y 73 71.29 6.37 4.08
CA VAL Y 73 70.35 6.90 3.11
C VAL Y 73 70.44 6.14 1.83
N ALA Y 74 71.63 5.78 1.43
CA ALA Y 74 71.86 4.84 0.35
C ALA Y 74 70.94 3.64 0.29
N ASP Y 75 70.76 3.02 1.46
CA ASP Y 75 69.89 1.83 1.67
C ASP Y 75 68.44 2.19 1.37
N LEU Y 76 68.05 3.45 1.48
CA LEU Y 76 66.76 4.00 1.27
C LEU Y 76 66.48 4.39 -0.17
N ILE Y 77 67.49 4.54 -0.98
CA ILE Y 77 67.53 4.97 -2.34
C ILE Y 77 68.30 3.94 -3.15
N PRO Y 78 67.79 2.81 -3.38
CA PRO Y 78 68.39 1.93 -4.32
C PRO Y 78 68.37 2.38 -5.77
N ASN Y 79 67.23 2.82 -6.25
CA ASN Y 79 67.03 3.54 -7.48
C ASN Y 79 66.13 4.75 -7.29
N VAL Y 80 66.32 5.75 -8.14
CA VAL Y 80 65.40 6.85 -8.41
C VAL Y 80 64.87 6.87 -9.83
N GLN Y 81 63.57 6.96 -9.95
CA GLN Y 81 62.82 7.21 -11.14
C GLN Y 81 62.03 8.52 -11.25
N VAL Y 82 62.18 9.15 -12.39
CA VAL Y 82 61.47 10.33 -12.91
C VAL Y 82 61.29 10.35 -14.40
N GLU Y 83 60.15 10.84 -14.78
CA GLU Y 83 59.75 11.25 -16.10
C GLU Y 83 60.09 12.69 -16.30
N ALA Y 84 60.84 12.87 -17.30
CA ALA Y 84 61.31 14.08 -17.85
C ALA Y 84 60.93 14.25 -19.32
N ILE Y 85 61.04 15.44 -19.75
CA ILE Y 85 60.60 15.89 -21.05
C ILE Y 85 61.89 16.18 -21.81
N PHE Y 86 62.18 15.26 -22.62
CA PHE Y 86 63.28 15.20 -23.55
C PHE Y 86 62.82 15.82 -24.85
N THR Y 87 63.76 16.16 -25.69
CA THR Y 87 63.50 16.63 -27.05
C THR Y 87 62.53 15.77 -27.85
N ASP Y 88 62.59 14.50 -27.73
CA ASP Y 88 61.71 13.54 -28.33
C ASP Y 88 60.51 13.15 -27.50
N GLY Y 89 60.32 13.70 -26.40
CA GLY Y 89 59.19 13.53 -25.58
C GLY Y 89 59.49 13.21 -24.17
N SER Y 90 58.44 12.92 -23.47
CA SER Y 90 58.46 12.39 -22.16
C SER Y 90 59.03 10.98 -22.19
N ARG Y 91 59.91 10.74 -21.34
CA ARG Y 91 60.67 9.55 -21.07
C ARG Y 91 61.01 9.28 -19.60
N LEU Y 92 60.85 8.05 -19.19
CA LEU Y 92 61.35 7.51 -17.96
C LEU Y 92 62.81 7.30 -17.93
N VAL Y 93 63.38 7.90 -16.94
CA VAL Y 93 64.74 7.82 -16.46
C VAL Y 93 64.75 7.07 -15.13
N THR Y 94 65.39 5.93 -15.12
CA THR Y 94 65.86 5.23 -13.96
C THR Y 94 67.33 5.47 -13.82
N VAL Y 95 67.68 5.77 -12.63
CA VAL Y 95 68.99 6.03 -12.15
C VAL Y 95 69.26 4.94 -11.13
N HIS Y 96 70.23 4.07 -11.43
CA HIS Y 96 70.54 2.83 -10.67
C HIS Y 96 71.59 3.14 -9.60
N ASP Y 97 71.35 2.77 -8.34
CA ASP Y 97 72.31 2.95 -7.21
C ASP Y 97 72.92 4.35 -7.25
N PRO Y 98 72.17 5.45 -7.22
CA PRO Y 98 72.80 6.75 -7.36
C PRO Y 98 73.80 7.20 -6.29
N ILE Y 99 73.76 6.70 -5.06
CA ILE Y 99 74.66 7.08 -4.00
C ILE Y 99 75.69 5.99 -3.92
N LYS Y 100 76.83 6.28 -4.45
CA LYS Y 100 77.95 5.36 -4.51
C LYS Y 100 78.97 5.82 -3.51
N SER Z 1 75.66 -9.50 11.54
CA SER Z 1 75.76 -9.56 13.02
C SER Z 1 74.56 -8.91 13.70
N GLU Z 2 74.30 -7.65 13.33
CA GLU Z 2 73.30 -6.66 13.85
C GLU Z 2 73.86 -5.26 13.68
N GLN Z 3 75.15 -5.10 14.02
CA GLN Z 3 75.97 -3.85 13.94
C GLN Z 3 76.21 -3.45 12.47
N ASN Z 4 76.09 -4.41 11.54
CA ASN Z 4 76.37 -4.29 10.12
C ASN Z 4 75.19 -4.32 9.15
N THR Z 5 74.02 -4.73 9.56
CA THR Z 5 72.84 -4.79 8.74
C THR Z 5 72.42 -3.41 8.24
N PRO Z 6 72.17 -3.23 6.96
CA PRO Z 6 71.58 -1.96 6.48
C PRO Z 6 70.20 -1.71 7.06
N LEU Z 7 69.72 -0.46 6.88
CA LEU Z 7 68.36 -0.05 7.25
C LEU Z 7 67.42 -1.05 6.56
N GLY Z 8 66.50 -1.65 7.25
CA GLY Z 8 65.53 -2.62 6.93
C GLY Z 8 66.02 -3.98 6.60
N GLY Z 9 67.30 -4.20 6.81
CA GLY Z 9 67.93 -5.39 6.42
C GLY Z 9 67.59 -6.56 7.27
N CYS Z 10 67.89 -7.64 6.66
CA CYS Z 10 67.70 -8.97 7.14
C CYS Z 10 69.01 -9.61 7.57
N ILE Z 11 68.95 -10.31 8.67
CA ILE Z 11 69.96 -11.25 9.14
C ILE Z 11 69.41 -12.63 8.94
N LEU Z 12 69.95 -13.28 7.97
CA LEU Z 12 69.54 -14.61 7.58
C LEU Z 12 70.34 -15.67 8.28
N ALA Z 13 69.63 -16.65 8.74
CA ALA Z 13 70.22 -17.89 9.20
C ALA Z 13 71.03 -18.62 8.11
N ASP Z 14 71.61 -19.77 8.42
CA ASP Z 14 72.51 -20.52 7.54
C ASP Z 14 71.87 -21.70 6.84
N THR Z 15 71.00 -22.40 7.52
CA THR Z 15 70.47 -23.63 7.06
C THR Z 15 69.76 -23.48 5.73
N PRO Z 16 70.18 -24.21 4.70
CA PRO Z 16 69.44 -24.26 3.43
C PRO Z 16 68.01 -24.72 3.54
N ILE Z 17 67.26 -24.31 2.57
CA ILE Z 17 65.87 -24.67 2.44
C ILE Z 17 65.77 -25.87 1.51
N THR Z 18 65.04 -26.82 1.93
CA THR Z 18 64.74 -28.01 1.19
C THR Z 18 63.28 -28.08 0.81
N PHE Z 19 63.04 -28.15 -0.48
CA PHE Z 19 61.75 -28.21 -1.08
C PHE Z 19 61.59 -29.38 -2.05
N ASN Z 20 60.36 -29.80 -2.19
CA ASN Z 20 59.80 -30.81 -3.05
C ASN Z 20 60.37 -32.23 -2.76
N GLU Z 21 61.04 -32.45 -1.61
CA GLU Z 21 61.79 -33.63 -1.13
C GLU Z 21 61.08 -34.96 -1.29
N ASN Z 22 59.82 -35.00 -1.17
CA ASN Z 22 59.08 -36.24 -1.18
C ASN Z 22 58.63 -36.70 -2.53
N LYS Z 23 58.71 -35.96 -3.41
CA LYS Z 23 58.05 -36.06 -4.65
C LYS Z 23 58.95 -36.81 -5.69
N PRO Z 24 58.44 -37.81 -6.42
CA PRO Z 24 59.25 -38.55 -7.39
C PRO Z 24 59.56 -37.83 -8.69
N VAL Z 25 60.81 -37.91 -9.07
CA VAL Z 25 61.43 -37.11 -10.12
C VAL Z 25 61.67 -37.92 -11.40
N THR Z 26 61.14 -37.43 -12.48
CA THR Z 26 61.26 -37.87 -13.86
C THR Z 26 62.08 -36.87 -14.67
N LYS Z 27 63.19 -37.31 -15.13
CA LYS Z 27 64.00 -36.57 -16.09
C LYS Z 27 63.59 -36.80 -17.54
N VAL Z 28 63.34 -35.74 -18.24
CA VAL Z 28 63.05 -35.73 -19.65
C VAL Z 28 64.01 -34.83 -20.39
N LYS Z 29 64.22 -35.17 -21.65
CA LYS Z 29 65.06 -34.47 -22.62
C LYS Z 29 64.22 -33.62 -23.57
N VAL Z 30 64.53 -32.35 -23.65
CA VAL Z 30 63.72 -31.37 -24.31
C VAL Z 30 64.53 -30.66 -25.39
N ARG Z 31 64.06 -30.73 -26.60
CA ARG Z 31 64.56 -29.99 -27.73
C ARG Z 31 63.54 -29.01 -28.29
N ASN Z 32 63.93 -27.79 -28.43
CA ASN Z 32 63.21 -26.73 -29.12
C ASN Z 32 63.52 -26.74 -30.60
N THR Z 33 62.57 -27.19 -31.31
CA THR Z 33 62.39 -27.30 -32.73
C THR Z 33 61.78 -26.12 -33.43
N GLY Z 34 61.46 -25.06 -32.75
CA GLY Z 34 61.09 -23.82 -33.37
C GLY Z 34 62.20 -22.87 -33.50
N ASP Z 35 61.88 -21.79 -34.15
CA ASP Z 35 62.76 -20.67 -34.36
C ASP Z 35 62.71 -19.60 -33.30
N ARG Z 36 61.83 -19.69 -32.38
CA ARG Z 36 61.67 -18.74 -31.36
C ARG Z 36 61.84 -19.29 -29.95
N PRO Z 37 62.41 -18.51 -29.06
CA PRO Z 37 62.55 -18.90 -27.67
C PRO Z 37 61.25 -19.24 -26.97
N ILE Z 38 61.33 -20.27 -26.18
CA ILE Z 38 60.29 -20.84 -25.35
C ILE Z 38 60.80 -20.86 -23.92
N GLN Z 39 60.02 -20.37 -23.00
CA GLN Z 39 60.21 -20.30 -21.58
C GLN Z 39 58.96 -20.75 -20.82
N VAL Z 40 59.21 -21.65 -19.91
CA VAL Z 40 58.23 -22.38 -19.15
C VAL Z 40 58.50 -22.24 -17.66
N GLY Z 41 57.51 -21.96 -16.94
CA GLY Z 41 57.48 -21.84 -15.51
C GLY Z 41 57.19 -23.04 -14.71
N SER Z 42 57.34 -22.87 -13.41
CA SER Z 42 57.42 -23.91 -12.43
C SER Z 42 56.16 -24.75 -12.29
N HIS Z 43 55.01 -24.08 -12.39
CA HIS Z 43 53.64 -24.64 -12.21
C HIS Z 43 52.90 -24.93 -13.49
N PHE Z 44 53.43 -24.64 -14.60
CA PHE Z 44 52.82 -25.07 -15.85
C PHE Z 44 52.83 -26.60 -16.00
N HIS Z 45 51.81 -27.13 -16.53
CA HIS Z 45 51.59 -28.55 -16.90
C HIS Z 45 52.42 -28.87 -18.11
N PHE Z 46 53.63 -29.37 -17.83
CA PHE Z 46 54.72 -29.62 -18.82
C PHE Z 46 54.18 -30.32 -20.10
N PHE Z 47 53.34 -31.32 -20.00
CA PHE Z 47 52.58 -31.95 -21.04
C PHE Z 47 51.97 -31.11 -22.11
N GLU Z 48 51.63 -29.91 -21.77
CA GLU Z 48 50.86 -29.00 -22.54
C GLU Z 48 51.65 -27.80 -23.00
N VAL Z 49 52.98 -27.83 -22.85
CA VAL Z 49 53.89 -26.75 -23.28
C VAL Z 49 53.87 -26.67 -24.82
N ASN Z 50 54.27 -25.52 -25.35
CA ASN Z 50 54.41 -25.12 -26.76
C ASN Z 50 54.63 -26.40 -27.64
N ARG Z 51 53.69 -26.74 -28.49
CA ARG Z 51 53.80 -27.73 -29.62
C ARG Z 51 55.24 -27.91 -30.14
N ALA Z 52 56.01 -26.86 -30.43
CA ALA Z 52 57.39 -26.87 -30.95
C ALA Z 52 58.44 -27.61 -30.07
N LEU Z 53 58.24 -27.80 -28.77
CA LEU Z 53 59.03 -28.56 -27.87
C LEU Z 53 58.78 -30.04 -28.12
N GLU Z 54 59.88 -30.74 -28.27
CA GLU Z 54 59.90 -32.17 -28.57
C GLU Z 54 60.56 -32.85 -27.39
N PHE Z 55 59.87 -33.75 -26.72
CA PHE Z 55 60.21 -34.45 -25.54
C PHE Z 55 59.24 -35.60 -25.44
N ASP Z 56 59.41 -36.49 -24.47
CA ASP Z 56 58.55 -37.62 -24.18
C ASP Z 56 57.34 -37.15 -23.42
N ARG Z 57 56.33 -36.92 -24.17
CA ARG Z 57 55.21 -36.17 -23.69
C ARG Z 57 54.47 -36.99 -22.64
N ALA Z 58 54.32 -38.25 -22.90
CA ALA Z 58 53.77 -39.24 -21.99
C ALA Z 58 54.37 -39.23 -20.60
N ALA Z 59 55.64 -38.93 -20.53
CA ALA Z 59 56.36 -38.87 -19.28
C ALA Z 59 56.06 -37.62 -18.43
N ALA Z 60 55.70 -36.55 -19.00
CA ALA Z 60 55.27 -35.26 -18.49
C ALA Z 60 53.80 -35.15 -18.12
N TYR Z 61 53.02 -36.14 -18.40
CA TYR Z 61 51.65 -36.27 -17.97
C TYR Z 61 51.56 -36.18 -16.48
N GLY Z 62 50.86 -35.21 -16.05
CA GLY Z 62 50.70 -34.81 -14.70
C GLY Z 62 51.80 -34.19 -14.07
N LYS Z 63 52.69 -33.64 -14.82
CA LYS Z 63 53.91 -33.09 -14.34
C LYS Z 63 54.21 -31.62 -14.63
N ARG Z 64 55.01 -31.11 -13.73
CA ARG Z 64 55.63 -29.86 -13.59
C ARG Z 64 57.13 -29.97 -13.36
N LEU Z 65 57.76 -28.92 -13.64
CA LEU Z 65 59.14 -28.71 -13.40
C LEU Z 65 59.49 -28.57 -11.92
N ASN Z 66 60.51 -29.30 -11.50
CA ASN Z 66 61.03 -29.43 -10.18
C ASN Z 66 62.08 -28.37 -9.92
N ILE Z 67 61.61 -27.17 -9.99
CA ILE Z 67 62.31 -25.94 -9.76
C ILE Z 67 61.57 -25.09 -8.71
N SER Z 68 62.23 -24.03 -8.29
CA SER Z 68 61.67 -23.06 -7.37
C SER Z 68 60.41 -22.43 -7.91
N SER Z 69 59.37 -22.50 -7.12
CA SER Z 69 58.20 -21.68 -7.32
C SER Z 69 58.62 -20.29 -7.75
N THR Z 70 58.00 -19.93 -8.79
CA THR Z 70 57.99 -18.69 -9.49
C THR Z 70 59.07 -18.58 -10.55
N THR Z 71 59.98 -19.49 -10.61
CA THR Z 71 61.06 -19.44 -11.54
C THR Z 71 60.65 -20.26 -12.81
N ALA Z 72 61.50 -20.22 -13.77
CA ALA Z 72 61.31 -20.71 -15.11
C ALA Z 72 62.59 -21.29 -15.74
N ILE Z 73 62.39 -22.03 -16.80
CA ILE Z 73 63.45 -22.62 -17.63
C ILE Z 73 63.25 -22.13 -19.07
N ARG Z 74 64.28 -21.64 -19.68
CA ARG Z 74 64.39 -21.12 -21.01
C ARG Z 74 65.01 -22.12 -22.00
N PHE Z 75 64.31 -22.38 -23.01
CA PHE Z 75 64.61 -23.28 -24.10
C PHE Z 75 64.77 -22.44 -25.35
N GLU Z 76 65.99 -22.12 -25.64
CA GLU Z 76 66.42 -21.41 -26.84
C GLU Z 76 66.33 -22.29 -28.09
N PRO Z 77 66.17 -21.69 -29.26
CA PRO Z 77 66.04 -22.47 -30.49
C PRO Z 77 67.21 -23.35 -30.79
N GLY Z 78 66.88 -24.60 -31.02
CA GLY Z 78 67.70 -25.68 -31.36
C GLY Z 78 68.67 -26.14 -30.34
N ASP Z 79 68.26 -26.18 -29.11
CA ASP Z 79 69.10 -26.55 -28.01
C ASP Z 79 68.40 -27.68 -27.28
N GLU Z 80 69.18 -28.46 -26.58
CA GLU Z 80 68.71 -29.57 -25.84
C GLU Z 80 69.14 -29.49 -24.40
N THR Z 81 68.17 -29.71 -23.54
CA THR Z 81 68.25 -29.62 -22.09
C THR Z 81 67.48 -30.73 -21.46
N GLU Z 82 68.02 -31.25 -20.40
CA GLU Z 82 67.38 -32.19 -19.57
C GLU Z 82 66.71 -31.45 -18.44
N VAL Z 83 65.49 -31.84 -18.17
CA VAL Z 83 64.74 -31.23 -17.12
C VAL Z 83 64.15 -32.19 -16.11
N PRO Z 84 64.18 -31.82 -14.84
CA PRO Z 84 63.53 -32.60 -13.82
C PRO Z 84 62.04 -32.28 -13.73
N LEU Z 85 61.28 -33.28 -13.68
CA LEU Z 85 59.85 -33.28 -13.54
C LEU Z 85 59.39 -34.01 -12.30
N ILE Z 86 58.32 -33.52 -11.74
CA ILE Z 86 57.63 -33.91 -10.53
C ILE Z 86 56.11 -33.77 -10.70
N PRO Z 87 55.34 -34.58 -10.02
CA PRO Z 87 53.90 -34.44 -10.05
C PRO Z 87 53.38 -33.29 -9.24
N PHE Z 88 52.30 -32.82 -9.70
CA PHE Z 88 51.44 -31.90 -9.05
C PHE Z 88 50.84 -32.58 -7.81
N GLY Z 89 50.52 -31.77 -6.88
CA GLY Z 89 49.87 -32.13 -5.69
C GLY Z 89 48.40 -31.90 -5.70
N GLY Z 90 47.91 -31.79 -4.53
CA GLY Z 90 46.53 -31.72 -4.24
C GLY Z 90 45.69 -32.80 -4.82
N LYS Z 91 44.67 -32.40 -5.45
CA LYS Z 91 43.77 -33.32 -6.09
C LYS Z 91 44.25 -33.78 -7.51
N GLN Z 92 45.32 -33.28 -8.06
CA GLN Z 92 45.81 -33.63 -9.38
C GLN Z 92 44.79 -33.45 -10.48
N THR Z 93 44.09 -32.37 -10.40
CA THR Z 93 43.07 -31.87 -11.27
C THR Z 93 43.56 -30.61 -11.98
N LEU Z 94 43.73 -30.75 -13.23
CA LEU Z 94 44.28 -29.84 -14.16
C LEU Z 94 43.24 -29.43 -15.20
N TYR Z 95 42.73 -28.19 -15.07
CA TYR Z 95 41.75 -27.60 -16.00
C TYR Z 95 42.40 -26.48 -16.80
N GLY Z 96 42.05 -26.30 -18.06
CA GLY Z 96 42.61 -25.23 -18.89
C GLY Z 96 43.94 -25.58 -19.55
N PHE Z 97 44.94 -24.69 -19.54
CA PHE Z 97 46.23 -24.82 -20.27
C PHE Z 97 45.81 -24.92 -21.79
N ASN Z 98 46.03 -26.01 -22.52
CA ASN Z 98 45.76 -26.18 -23.96
C ASN Z 98 44.57 -27.09 -24.25
N ASN Z 99 43.86 -27.40 -23.26
CA ASN Z 99 42.67 -28.19 -23.20
C ASN Z 99 42.93 -29.65 -23.61
N LEU Z 100 44.10 -30.14 -23.25
CA LEU Z 100 44.56 -31.52 -23.44
C LEU Z 100 44.04 -32.55 -22.45
N VAL Z 101 43.89 -32.20 -21.21
CA VAL Z 101 43.40 -33.00 -20.11
C VAL Z 101 42.04 -32.56 -19.58
N ASP Z 102 41.94 -31.38 -19.01
CA ASP Z 102 40.72 -30.94 -18.39
C ASP Z 102 40.09 -32.00 -17.47
N GLY Z 103 40.93 -32.48 -16.63
CA GLY Z 103 40.79 -33.37 -15.58
C GLY Z 103 41.88 -33.89 -14.67
N TRP Z 104 41.64 -35.07 -14.23
CA TRP Z 104 42.41 -35.79 -13.27
C TRP Z 104 43.59 -36.42 -13.95
N THR Z 105 44.70 -36.21 -13.39
CA THR Z 105 46.01 -36.63 -13.84
C THR Z 105 46.71 -37.58 -12.91
N GLY Z 106 46.04 -38.13 -11.98
CA GLY Z 106 46.58 -39.04 -11.07
C GLY Z 106 46.82 -40.41 -11.72
N GLU Z 107 47.52 -41.24 -11.01
CA GLU Z 107 47.80 -42.65 -11.35
C GLU Z 107 46.64 -43.54 -11.13
N GLY Z 108 45.90 -43.34 -10.09
CA GLY Z 108 44.85 -44.26 -9.82
C GLY Z 108 45.50 -45.46 -9.12
N VAL Z 109 44.89 -46.63 -9.21
CA VAL Z 109 45.05 -47.67 -8.18
C VAL Z 109 45.67 -48.98 -8.69
N VAL Z 110 45.92 -49.10 -9.98
CA VAL Z 110 46.35 -50.28 -10.71
C VAL Z 110 47.81 -50.04 -11.16
N PRO Z 111 48.95 -50.40 -10.38
CA PRO Z 111 50.63 -50.31 -10.60
C PRO Z 111 50.77 -51.24 -11.81
N ASN Z 112 51.47 -50.83 -12.88
CA ASN Z 112 51.81 -51.60 -14.12
C ASN Z 112 50.62 -51.75 -15.06
N SER Z 113 49.78 -50.73 -15.16
CA SER Z 113 48.86 -50.37 -16.28
C SER Z 113 48.70 -48.85 -16.30
N GLU Z 114 48.19 -48.31 -17.38
CA GLU Z 114 47.83 -46.88 -17.47
C GLU Z 114 46.32 -46.77 -17.38
N ARG Z 115 45.79 -45.77 -16.67
CA ARG Z 115 44.40 -45.29 -16.75
C ARG Z 115 44.09 -45.00 -18.21
N PRO Z 116 42.84 -45.30 -18.96
CA PRO Z 116 42.49 -44.91 -20.31
C PRO Z 116 42.33 -43.46 -20.59
N ASP Z 117 41.96 -42.64 -19.64
CA ASP Z 117 41.87 -41.21 -19.86
C ASP Z 117 43.27 -40.61 -20.12
N LYS Z 118 44.32 -41.20 -19.57
CA LYS Z 118 45.72 -40.83 -19.85
C LYS Z 118 46.13 -41.11 -21.31
N LEU Z 119 45.90 -42.31 -21.76
CA LEU Z 119 46.04 -42.73 -23.15
C LEU Z 119 45.21 -41.93 -24.10
N GLU Z 120 43.99 -41.56 -23.76
CA GLU Z 120 43.23 -40.61 -24.51
C GLU Z 120 43.98 -39.30 -24.66
N ALA Z 121 44.30 -38.65 -23.57
CA ALA Z 121 45.11 -37.46 -23.53
C ALA Z 121 46.32 -37.54 -24.42
N ILE Z 122 47.07 -38.60 -24.28
CA ILE Z 122 48.30 -38.76 -25.02
C ILE Z 122 48.03 -38.83 -26.52
N ARG Z 123 46.96 -39.51 -26.91
N ARG Z 123 46.95 -39.52 -26.91
CA ARG Z 123 46.55 -39.59 -28.30
CA ARG Z 123 46.53 -39.56 -28.30
C ARG Z 123 46.09 -38.22 -28.81
C ARG Z 123 46.12 -38.19 -28.79
N ARG Z 124 45.54 -37.56 -28.05
CA ARG Z 124 44.94 -36.25 -28.44
C ARG Z 124 46.06 -35.23 -28.65
N ALA Z 125 47.01 -35.06 -27.76
CA ALA Z 125 48.28 -34.42 -27.97
C ALA Z 125 48.90 -34.64 -29.32
N ALA Z 126 48.93 -35.87 -29.68
CA ALA Z 126 49.57 -36.31 -30.92
C ALA Z 126 48.92 -35.70 -32.15
N GLU Z 127 47.62 -35.64 -32.20
CA GLU Z 127 46.90 -35.19 -33.33
C GLU Z 127 46.44 -33.72 -33.32
N ARG Z 128 46.54 -32.99 -32.22
CA ARG Z 128 46.62 -31.57 -32.03
C ARG Z 128 48.01 -30.97 -32.33
N GLY Z 129 48.99 -31.78 -32.62
CA GLY Z 129 50.33 -31.39 -32.94
C GLY Z 129 51.42 -31.19 -31.96
N PHE Z 130 51.27 -31.74 -30.83
CA PHE Z 130 52.16 -31.62 -29.68
C PHE Z 130 53.24 -32.70 -29.80
N LYS Z 131 54.45 -32.27 -30.18
CA LYS Z 131 55.57 -33.06 -30.60
C LYS Z 131 56.10 -33.96 -29.51
N SER Z 132 56.14 -35.24 -29.77
CA SER Z 132 56.85 -36.30 -29.05
C SER Z 132 57.95 -37.06 -29.71
N PRO AA 1 64.57 -30.42 -4.43
CA PRO AA 1 65.87 -29.80 -4.45
C PRO AA 1 66.22 -28.99 -3.18
N GLN AA 2 67.41 -28.43 -3.15
CA GLN AA 2 67.93 -27.67 -2.01
C GLN AA 2 68.28 -26.27 -2.50
N ILE AA 3 67.92 -25.22 -1.79
CA ILE AA 3 68.17 -23.80 -2.15
C ILE AA 3 68.76 -23.12 -0.90
N SER AA 4 69.67 -22.22 -1.06
CA SER AA 4 70.23 -21.34 -0.06
C SER AA 4 69.20 -20.33 0.42
N ARG AA 5 69.29 -20.07 1.73
CA ARG AA 5 68.47 -19.06 2.42
C ARG AA 5 68.49 -17.75 1.69
N GLN AA 6 69.66 -17.32 1.28
CA GLN AA 6 69.86 -16.08 0.67
C GLN AA 6 69.13 -15.98 -0.64
N GLU AA 7 69.05 -17.05 -1.35
CA GLU AA 7 68.38 -17.14 -2.61
C GLU AA 7 66.88 -17.24 -2.42
N TYR AA 8 66.49 -18.04 -1.47
CA TYR AA 8 65.11 -18.18 -1.02
C TYR AA 8 64.55 -16.79 -0.65
N ALA AA 9 65.27 -16.00 0.18
CA ALA AA 9 64.83 -14.74 0.72
C ALA AA 9 64.57 -13.73 -0.36
N GLY AA 10 65.49 -13.65 -1.29
CA GLY AA 10 65.36 -12.93 -2.48
C GLY AA 10 64.16 -13.23 -3.32
N LEU AA 11 63.69 -14.41 -3.29
CA LEU AA 11 62.48 -14.77 -3.99
C LEU AA 11 61.20 -14.56 -3.18
N PHE AA 12 61.24 -14.82 -1.95
CA PHE AA 12 60.11 -15.02 -1.10
C PHE AA 12 60.11 -14.28 0.23
N GLY AA 13 61.09 -13.54 0.46
CA GLY AA 13 61.42 -13.00 1.70
C GLY AA 13 61.84 -13.88 2.84
N PRO AA 14 61.95 -13.30 4.03
CA PRO AA 14 62.45 -14.05 5.18
C PRO AA 14 61.60 -15.16 5.71
N THR AA 15 62.19 -16.25 6.18
CA THR AA 15 61.42 -17.36 6.79
C THR AA 15 61.77 -17.55 8.27
N THR AA 16 61.24 -18.56 8.95
CA THR AA 16 61.45 -18.86 10.40
C THR AA 16 62.93 -18.82 10.76
N GLY AA 17 63.35 -18.04 11.77
CA GLY AA 17 64.74 -17.88 12.19
C GLY AA 17 65.38 -16.66 11.61
N ASP AA 18 64.90 -16.10 10.51
CA ASP AA 18 65.40 -14.93 9.93
C ASP AA 18 64.92 -13.74 10.76
N LYS AA 19 65.80 -12.79 10.83
N LYS AA 19 65.79 -12.80 10.83
CA LYS AA 19 65.70 -11.54 11.55
CA LYS AA 19 65.71 -11.54 11.55
C LYS AA 19 65.65 -10.26 10.66
C LYS AA 19 65.65 -10.27 10.65
N ILE AA 20 64.77 -9.35 10.97
CA ILE AA 20 64.54 -8.08 10.28
C ILE AA 20 64.71 -6.89 11.21
N ARG AA 21 65.55 -6.02 10.82
CA ARG AA 21 65.79 -4.70 11.32
C ARG AA 21 64.64 -3.79 10.94
N LEU AA 22 64.09 -3.16 11.96
CA LEU AA 22 62.98 -2.21 11.86
C LEU AA 22 63.63 -0.85 11.73
N GLY AA 23 63.87 -0.37 10.58
CA GLY AA 23 64.41 0.86 10.21
C GLY AA 23 65.82 1.03 10.46
N ASP AA 24 66.09 2.19 10.94
CA ASP AA 24 67.33 2.60 11.50
C ASP AA 24 67.40 2.43 12.98
N THR AA 25 66.42 1.75 13.55
CA THR AA 25 66.47 1.35 14.95
C THR AA 25 67.43 0.15 15.09
N ASN AA 26 67.70 -0.18 16.30
CA ASN AA 26 68.33 -1.34 16.88
C ASN AA 26 67.38 -2.42 17.33
N LEU AA 27 66.20 -2.40 16.88
CA LEU AA 27 65.23 -3.41 17.03
C LEU AA 27 65.21 -4.36 15.81
N PHE AA 28 65.21 -5.57 16.14
CA PHE AA 28 65.31 -6.78 15.31
C PHE AA 28 64.23 -7.73 15.74
N ILE AA 29 63.42 -7.89 15.00
CA ILE AA 29 62.37 -8.85 14.96
C ILE AA 29 62.88 -10.11 14.27
N GLU AA 30 62.30 -11.18 14.66
CA GLU AA 30 62.53 -12.55 14.26
C GLU AA 30 61.21 -13.28 14.00
N ILE AA 31 61.15 -13.97 12.90
CA ILE AA 31 60.05 -14.79 12.48
C ILE AA 31 60.03 -16.06 13.33
N GLU AA 32 58.95 -16.22 14.04
CA GLU AA 32 58.62 -17.24 14.96
C GLU AA 32 58.11 -18.49 14.26
N LYS AA 33 57.25 -18.28 13.30
CA LYS AA 33 56.49 -19.32 12.56
C LYS AA 33 56.32 -18.97 11.08
N ASP AA 34 56.36 -19.96 10.21
CA ASP AA 34 56.13 -19.90 8.79
C ASP AA 34 55.01 -20.85 8.50
N LEU AA 35 53.90 -20.29 8.20
CA LEU AA 35 52.70 -20.97 7.87
C LEU AA 35 52.53 -21.35 6.40
N ARG AA 36 53.42 -20.99 5.53
CA ARG AA 36 53.06 -21.18 4.10
C ARG AA 36 53.99 -22.18 3.40
N GLY AA 37 54.32 -23.31 4.07
CA GLY AA 37 55.11 -24.51 3.63
C GLY AA 37 56.42 -24.15 2.97
N TYR AA 38 56.86 -24.92 1.96
CA TYR AA 38 58.01 -24.67 1.03
C TYR AA 38 57.74 -25.32 -0.34
N GLY AA 39 58.25 -24.78 -1.44
CA GLY AA 39 58.01 -25.33 -2.78
C GLY AA 39 56.69 -25.00 -3.47
N GLU AA 40 55.64 -24.45 -2.85
CA GLU AA 40 54.37 -24.13 -3.56
C GLU AA 40 53.98 -22.65 -3.37
N GLU AA 41 54.93 -21.79 -3.33
CA GLU AA 41 54.89 -20.40 -2.93
C GLU AA 41 54.10 -19.56 -3.95
N SER AA 42 53.03 -18.97 -3.52
CA SER AA 42 52.12 -18.12 -4.26
C SER AA 42 52.61 -16.71 -4.48
N VAL AA 43 52.94 -16.39 -5.70
CA VAL AA 43 53.38 -15.10 -6.20
C VAL AA 43 52.71 -14.73 -7.52
N TYR AA 44 52.39 -13.44 -7.61
CA TYR AA 44 51.72 -12.82 -8.72
C TYR AA 44 52.88 -12.44 -9.63
N GLY AA 45 52.69 -12.75 -10.83
CA GLY AA 45 53.41 -12.24 -11.95
C GLY AA 45 53.33 -13.08 -13.22
N GLY AA 46 53.88 -12.51 -14.29
CA GLY AA 46 54.24 -13.16 -15.52
C GLY AA 46 55.26 -14.23 -15.32
N GLY AA 47 54.81 -15.39 -15.65
CA GLY AA 47 55.45 -16.63 -15.52
C GLY AA 47 55.53 -17.27 -14.15
N LYS AA 48 54.74 -16.82 -13.23
CA LYS AA 48 54.71 -17.18 -11.87
C LYS AA 48 53.54 -18.07 -11.52
N SER AA 49 53.33 -18.25 -10.26
CA SER AA 49 52.51 -19.32 -9.71
C SER AA 49 51.00 -19.06 -9.65
N LEU AA 50 50.57 -17.83 -9.50
CA LEU AA 50 49.16 -17.42 -9.39
C LEU AA 50 48.65 -17.10 -10.77
N ARG AA 51 48.64 -18.11 -11.61
CA ARG AA 51 48.18 -18.08 -13.00
C ARG AA 51 47.05 -19.09 -13.04
N ASP AA 52 46.31 -19.01 -14.10
CA ASP AA 52 45.08 -19.75 -14.30
C ASP AA 52 45.35 -21.24 -14.46
N GLY AA 53 44.73 -22.02 -13.63
CA GLY AA 53 44.70 -23.45 -13.39
C GLY AA 53 45.84 -24.06 -12.63
N MET AA 54 46.78 -23.20 -12.32
N MET AA 54 46.78 -23.20 -12.32
CA MET AA 54 48.00 -23.55 -11.61
CA MET AA 54 48.00 -23.56 -11.60
C MET AA 54 47.76 -23.10 -10.10
C MET AA 54 47.76 -23.10 -10.10
N GLY AA 55 48.44 -22.12 -9.49
CA GLY AA 55 48.23 -21.62 -8.17
C GLY AA 55 46.86 -21.03 -7.94
N ALA AA 56 46.28 -20.44 -8.96
CA ALA AA 56 44.91 -20.05 -9.09
C ALA AA 56 43.96 -21.03 -9.72
N ASN AA 57 42.94 -21.30 -8.97
CA ASN AA 57 41.75 -21.91 -9.30
C ASN AA 57 41.02 -21.08 -10.31
N ASN AA 58 40.53 -21.74 -11.30
CA ASN AA 58 39.91 -21.23 -12.50
C ASN AA 58 38.51 -21.80 -12.81
N HIS AA 59 37.95 -22.51 -11.95
CA HIS AA 59 36.71 -23.16 -12.09
C HIS AA 59 35.64 -22.89 -11.02
N LEU AA 60 36.00 -22.39 -9.90
CA LEU AA 60 35.19 -22.04 -8.79
C LEU AA 60 34.68 -20.59 -8.87
N THR AA 61 33.38 -20.46 -8.71
CA THR AA 61 32.67 -19.22 -8.50
C THR AA 61 32.95 -18.76 -7.07
N ARG AA 62 32.61 -17.55 -6.84
CA ARG AA 62 33.04 -16.83 -5.65
C ARG AA 62 32.39 -17.35 -4.39
N ASP AA 63 31.25 -17.96 -4.48
CA ASP AA 63 30.35 -18.45 -3.46
C ASP AA 63 30.81 -19.75 -2.82
N ASN AA 64 31.72 -20.46 -3.43
CA ASN AA 64 32.71 -21.37 -2.90
C ASN AA 64 33.78 -20.86 -1.98
N GLY AA 65 33.70 -19.63 -1.66
CA GLY AA 65 34.57 -19.03 -0.70
C GLY AA 65 35.91 -18.56 -1.22
N VAL AA 66 36.02 -18.42 -2.53
CA VAL AA 66 37.15 -17.80 -3.15
C VAL AA 66 37.32 -16.37 -2.62
N LEU AA 67 38.53 -16.00 -2.45
CA LEU AA 67 38.97 -14.75 -1.96
C LEU AA 67 38.71 -13.63 -2.95
N ASP AA 68 38.53 -12.48 -2.42
CA ASP AA 68 38.54 -11.16 -3.08
C ASP AA 68 39.92 -10.52 -3.17
N LEU AA 69 40.80 -10.81 -2.27
CA LEU AA 69 42.14 -10.34 -2.16
C LEU AA 69 43.01 -11.30 -1.32
N VAL AA 70 44.25 -11.36 -1.68
CA VAL AA 70 45.35 -12.09 -1.08
C VAL AA 70 46.61 -11.28 -1.02
N ILE AA 71 47.21 -11.27 0.13
CA ILE AA 71 48.46 -10.68 0.47
C ILE AA 71 49.40 -11.85 0.77
N THR AA 72 50.40 -11.98 -0.02
CA THR AA 72 51.31 -13.10 -0.15
C THR AA 72 52.67 -12.90 0.46
N ASN AA 73 53.09 -13.92 1.10
CA ASN AA 73 54.39 -14.06 1.63
C ASN AA 73 54.81 -12.91 2.57
N VAL AA 74 53.96 -12.57 3.46
CA VAL AA 74 54.05 -11.40 4.33
C VAL AA 74 54.33 -11.76 5.74
N THR AA 75 55.13 -10.93 6.28
CA THR AA 75 55.48 -10.85 7.69
C THR AA 75 54.51 -10.00 8.51
N ILE AA 76 53.75 -10.67 9.28
CA ILE AA 76 52.73 -10.24 10.22
C ILE AA 76 53.33 -9.97 11.60
N VAL AA 77 53.28 -8.75 11.97
CA VAL AA 77 53.60 -8.17 13.27
C VAL AA 77 52.31 -7.69 13.90
N ASP AA 78 51.83 -8.50 14.81
CA ASP AA 78 50.55 -8.35 15.54
C ASP AA 78 50.68 -8.76 17.02
N ALA AA 79 50.05 -8.03 17.96
CA ALA AA 79 50.14 -8.20 19.42
C ALA AA 79 49.48 -9.46 19.93
N ARG AA 80 48.52 -10.01 19.24
CA ARG AA 80 47.95 -11.29 19.51
C ARG AA 80 48.52 -12.49 18.74
N LEU AA 81 48.90 -12.35 17.47
CA LEU AA 81 49.48 -13.46 16.67
C LEU AA 81 51.00 -13.56 16.80
N GLY AA 82 51.64 -12.49 17.15
CA GLY AA 82 53.08 -12.38 17.20
C GLY AA 82 53.71 -11.98 15.84
N VAL AA 83 54.83 -12.51 15.50
CA VAL AA 83 55.74 -12.39 14.36
C VAL AA 83 55.79 -13.68 13.52
N ILE AA 84 54.95 -13.69 12.51
CA ILE AA 84 54.78 -14.87 11.62
C ILE AA 84 54.84 -14.47 10.14
N LYS AA 85 55.13 -15.41 9.30
CA LYS AA 85 55.15 -15.43 7.85
C LYS AA 85 54.04 -16.30 7.33
N ALA AA 86 53.19 -15.69 6.60
CA ALA AA 86 51.92 -16.15 6.09
C ALA AA 86 51.40 -15.39 4.87
N ASP AA 87 50.47 -16.06 4.22
CA ASP AA 87 49.49 -15.56 3.29
C ASP AA 87 48.27 -15.10 4.08
N VAL AA 88 47.75 -13.94 3.70
CA VAL AA 88 46.59 -13.30 4.20
C VAL AA 88 45.60 -12.95 3.13
N GLY AA 89 44.49 -13.42 3.36
CA GLY AA 89 43.24 -13.41 2.74
C GLY AA 89 41.99 -12.70 3.21
N ILE AA 90 41.49 -11.94 2.32
CA ILE AA 90 40.38 -11.07 2.48
C ILE AA 90 39.26 -11.37 1.51
N ARG AA 91 38.11 -11.41 2.09
CA ARG AA 91 36.77 -11.66 1.67
C ARG AA 91 35.72 -10.87 2.45
N ASP AA 92 34.92 -10.21 1.70
CA ASP AA 92 33.80 -9.36 2.07
C ASP AA 92 34.21 -8.25 3.06
N GLY AA 93 35.32 -7.67 2.82
CA GLY AA 93 36.03 -6.76 3.58
C GLY AA 93 36.56 -7.21 4.94
N LYS AA 94 36.59 -8.46 5.18
CA LYS AA 94 36.99 -9.23 6.31
C LYS AA 94 38.13 -10.25 6.02
N ILE AA 95 38.98 -10.44 7.00
CA ILE AA 95 40.07 -11.42 7.15
C ILE AA 95 39.44 -12.78 7.31
N ALA AA 96 39.55 -13.61 6.28
CA ALA AA 96 39.07 -14.96 6.17
C ALA AA 96 40.04 -16.06 6.58
N GLY AA 97 41.25 -15.80 6.54
CA GLY AA 97 42.32 -16.66 6.77
C GLY AA 97 43.70 -16.08 6.73
N ILE AA 98 44.66 -16.74 7.46
CA ILE AA 98 46.10 -16.48 7.64
C ILE AA 98 46.74 -17.88 7.51
N GLY AA 99 47.60 -18.11 6.55
CA GLY AA 99 48.06 -19.48 6.30
C GLY AA 99 48.67 -19.58 4.92
N LYS AA 100 48.43 -20.68 4.25
CA LYS AA 100 48.92 -20.98 2.91
C LYS AA 100 47.75 -20.77 1.92
N SER AA 101 47.86 -19.87 1.02
CA SER AA 101 46.99 -19.63 -0.11
C SER AA 101 47.37 -20.48 -1.34
N GLY AA 102 46.47 -20.77 -2.18
CA GLY AA 102 46.48 -21.37 -3.53
C GLY AA 102 45.26 -22.15 -3.93
N ASN AA 103 45.51 -23.06 -4.80
CA ASN AA 103 44.65 -23.91 -5.53
C ASN AA 103 44.75 -25.38 -5.05
N PRO AA 104 43.79 -25.84 -4.30
CA PRO AA 104 43.79 -27.20 -3.79
C PRO AA 104 43.76 -28.31 -4.90
N GLY AA 105 43.41 -27.96 -6.10
CA GLY AA 105 43.49 -28.91 -7.21
C GLY AA 105 44.86 -29.46 -7.51
N VAL AA 106 45.86 -28.63 -7.34
CA VAL AA 106 47.23 -28.76 -7.79
C VAL AA 106 48.27 -28.61 -6.70
N MET AA 107 47.86 -28.38 -5.47
CA MET AA 107 48.62 -27.99 -4.31
C MET AA 107 48.11 -28.70 -3.08
N ASP AA 108 49.06 -29.11 -2.34
CA ASP AA 108 48.87 -29.59 -1.00
C ASP AA 108 49.00 -28.40 -0.05
N GLY AA 109 48.29 -28.51 1.03
CA GLY AA 109 48.34 -27.66 2.16
C GLY AA 109 47.76 -26.28 2.08
N VAL AA 110 46.74 -26.06 1.26
CA VAL AA 110 46.05 -24.79 1.18
C VAL AA 110 45.13 -24.63 2.37
N THR AA 111 45.33 -23.58 3.08
CA THR AA 111 44.49 -23.31 4.23
C THR AA 111 43.04 -23.16 3.78
N PRO AA 112 42.12 -23.79 4.42
CA PRO AA 112 40.73 -23.54 4.12
C PRO AA 112 40.35 -22.10 4.22
N GLY AA 113 39.61 -21.68 3.28
CA GLY AA 113 39.31 -20.30 3.13
C GLY AA 113 40.25 -19.43 2.33
N LEU AA 114 41.45 -19.90 2.05
CA LEU AA 114 42.47 -19.23 1.29
C LEU AA 114 42.63 -19.72 -0.20
N VAL AA 115 41.54 -20.09 -0.78
CA VAL AA 115 41.46 -20.40 -2.19
C VAL AA 115 41.48 -19.15 -3.05
N VAL AA 116 42.46 -19.01 -3.78
CA VAL AA 116 42.70 -18.04 -4.81
C VAL AA 116 42.08 -18.57 -6.11
N GLY AA 117 41.39 -17.69 -6.77
CA GLY AA 117 40.57 -17.80 -7.87
C GLY AA 117 40.38 -16.64 -8.79
N VAL AA 118 39.37 -16.78 -9.58
CA VAL AA 118 38.95 -15.83 -10.62
C VAL AA 118 38.64 -14.46 -9.99
N SER AA 119 37.98 -14.44 -8.84
CA SER AA 119 37.68 -13.31 -7.94
C SER AA 119 38.84 -12.62 -7.30
N THR AA 120 39.95 -13.20 -7.21
CA THR AA 120 41.07 -12.74 -6.49
C THR AA 120 42.03 -11.82 -7.20
N ASP AA 121 42.28 -10.70 -6.59
CA ASP AA 121 43.43 -9.83 -6.67
C ASP AA 121 44.49 -10.10 -5.61
N ALA AA 122 45.61 -9.56 -5.87
CA ALA AA 122 46.85 -9.80 -5.23
C ALA AA 122 47.79 -8.64 -4.98
N ILE AA 123 48.31 -8.75 -3.81
CA ILE AA 123 49.37 -8.02 -3.16
C ILE AA 123 50.51 -8.93 -2.72
N SER AA 124 51.64 -8.56 -3.13
CA SER AA 124 52.94 -9.13 -2.93
C SER AA 124 53.58 -8.56 -1.70
N GLY AA 125 53.53 -9.31 -0.69
CA GLY AA 125 54.04 -9.10 0.64
C GLY AA 125 55.42 -9.56 1.02
N GLU AA 126 56.15 -10.02 0.01
CA GLU AA 126 57.41 -10.73 0.15
C GLU AA 126 58.41 -9.97 0.99
N HIS AA 127 58.61 -8.75 0.65
CA HIS AA 127 59.54 -7.88 1.32
C HIS AA 127 58.82 -6.88 2.29
N LEU AA 128 57.61 -7.19 2.72
CA LEU AA 128 56.73 -6.35 3.52
C LEU AA 128 56.27 -6.92 4.87
N ILE AA 129 56.02 -5.97 5.76
CA ILE AA 129 55.36 -6.03 7.03
C ILE AA 129 53.95 -5.45 6.98
N LEU AA 130 53.11 -6.21 7.40
CA LEU AA 130 51.72 -6.07 7.66
C LEU AA 130 51.35 -5.96 9.14
N THR AA 131 50.77 -4.92 9.43
CA THR AA 131 50.19 -4.51 10.67
C THR AA 131 48.70 -4.19 10.52
N ALA AA 132 48.06 -4.39 11.59
CA ALA AA 132 46.87 -3.69 11.93
C ALA AA 132 47.13 -2.19 11.89
N ALA AA 133 46.15 -1.50 11.46
CA ALA AA 133 46.08 -0.07 11.51
C ALA AA 133 45.87 0.37 12.96
N GLY AA 134 46.53 1.34 13.29
CA GLY AA 134 46.37 2.05 14.49
C GLY AA 134 45.08 2.75 14.72
N ILE AA 135 44.87 2.90 15.99
CA ILE AA 135 43.74 3.51 16.60
C ILE AA 135 44.15 4.57 17.61
N ASP AA 136 43.72 5.83 17.33
CA ASP AA 136 43.99 7.09 18.04
C ASP AA 136 42.69 7.44 18.86
N THR AA 137 42.71 7.20 20.12
CA THR AA 137 41.73 7.41 21.15
C THR AA 137 41.57 8.82 21.69
N HIS AA 138 42.42 9.71 21.36
CA HIS AA 138 42.44 11.07 21.85
C HIS AA 138 42.56 12.11 20.72
N ILE AA 139 41.54 12.23 19.97
CA ILE AA 139 41.42 13.12 18.84
C ILE AA 139 40.51 14.28 19.16
N HIS AA 140 41.07 15.38 19.02
CA HIS AA 140 40.40 16.63 18.91
C HIS AA 140 40.06 16.94 17.45
N LEU AA 141 38.79 17.07 17.19
CA LEU AA 141 38.12 17.41 15.95
C LEU AA 141 38.11 18.90 15.68
N ILE AA 142 39.29 19.38 15.54
CA ILE AA 142 39.60 20.71 15.27
C ILE AA 142 39.60 21.00 13.77
N SER AA 143 40.25 20.16 12.99
CA SER AA 143 40.53 20.17 11.55
C SER AA 143 40.25 18.84 10.86
N PRO AA 144 39.41 18.81 9.82
CA PRO AA 144 39.21 17.61 9.05
C PRO AA 144 40.41 16.96 8.37
N GLN AA 145 41.43 17.67 8.11
CA GLN AA 145 42.69 17.37 7.47
C GLN AA 145 43.62 16.48 8.30
N GLN AA 146 43.39 16.43 9.58
CA GLN AA 146 44.05 15.51 10.48
C GLN AA 146 44.02 14.06 10.01
N ALA AA 147 42.94 13.65 9.47
CA ALA AA 147 42.71 12.36 8.89
C ALA AA 147 43.73 11.93 7.89
N TYR AA 148 44.21 12.86 7.10
CA TYR AA 148 45.18 12.66 6.06
C TYR AA 148 46.56 12.47 6.66
N HIS AA 149 46.87 13.26 7.67
CA HIS AA 149 48.15 13.19 8.45
C HIS AA 149 48.15 11.83 9.16
N ALA AA 150 47.08 11.34 9.62
CA ALA AA 150 46.92 10.11 10.33
C ALA AA 150 47.15 8.86 9.43
N LEU AA 151 46.38 8.78 8.38
CA LEU AA 151 46.51 7.76 7.31
C LEU AA 151 47.95 7.64 6.78
N SER AA 152 48.63 8.66 6.75
CA SER AA 152 50.00 8.83 6.35
C SER AA 152 51.07 8.36 7.35
N ASN AA 153 50.69 8.06 8.56
CA ASN AA 153 51.39 7.31 9.61
C ASN AA 153 50.74 6.03 10.07
N GLY AA 154 49.90 5.49 9.32
CA GLY AA 154 49.27 4.31 9.60
C GLY AA 154 48.14 4.15 10.60
N VAL AA 155 47.42 5.21 10.87
CA VAL AA 155 46.24 5.37 11.67
C VAL AA 155 45.03 5.65 10.82
N ALA AA 156 44.10 4.92 11.03
CA ALA AA 156 42.79 4.74 10.44
C ALA AA 156 41.54 4.70 11.27
N THR AA 157 41.63 4.85 12.56
CA THR AA 157 40.53 5.01 13.48
C THR AA 157 40.82 6.19 14.49
N PHE AA 158 39.85 7.03 14.65
CA PHE AA 158 39.75 8.21 15.50
C PHE AA 158 38.59 7.99 16.52
N PHE AA 159 38.87 8.21 17.71
CA PHE AA 159 38.04 8.37 18.85
C PHE AA 159 38.40 9.74 19.47
N GLY AA 160 37.43 10.47 19.70
CA GLY AA 160 37.29 11.80 20.17
C GLY AA 160 36.04 12.53 19.86
N GLY AA 161 36.26 13.78 19.82
CA GLY AA 161 35.30 14.84 19.79
C GLY AA 161 35.74 16.22 19.42
N GLY AA 162 34.77 16.97 19.18
CA GLY AA 162 34.76 18.30 18.77
C GLY AA 162 33.66 18.70 17.76
N ILE AA 163 33.76 19.92 17.34
CA ILE AA 163 32.89 20.61 16.40
C ILE AA 163 33.60 21.64 15.51
N GLY AA 164 34.87 21.41 15.18
CA GLY AA 164 35.80 22.27 14.46
C GLY AA 164 36.53 23.20 15.38
N PRO AA 165 37.15 24.29 14.95
CA PRO AA 165 38.00 25.06 15.83
C PRO AA 165 37.36 26.01 16.87
N THR AA 166 36.43 25.55 17.66
CA THR AA 166 35.83 26.31 18.77
C THR AA 166 36.79 26.18 19.95
N ASP AA 167 36.74 27.09 20.86
CA ASP AA 167 37.59 27.10 22.07
C ASP AA 167 37.35 25.84 22.95
N GLY AA 168 36.19 25.35 22.98
CA GLY AA 168 35.89 24.12 23.64
C GLY AA 168 36.55 22.86 23.03
N THR AA 169 36.63 22.83 21.75
CA THR AA 169 37.29 21.77 21.00
C THR AA 169 38.72 21.90 21.07
N ASN AA 170 39.25 23.11 21.01
CA ASN AA 170 40.66 23.30 21.14
C ASN AA 170 41.17 22.73 22.46
N GLY AA 171 40.41 22.79 23.48
CA GLY AA 171 40.70 22.15 24.74
C GLY AA 171 40.18 20.84 25.12
N THR AA 172 39.07 20.42 24.57
CA THR AA 172 38.51 19.15 24.99
C THR AA 172 37.99 18.38 23.76
N THR AA 173 37.87 17.09 23.88
CA THR AA 173 37.32 15.97 23.09
C THR AA 173 35.83 15.68 23.37
N VAL AA 174 35.12 16.74 23.15
CA VAL AA 174 33.67 16.80 23.44
C VAL AA 174 32.93 17.34 22.20
N THR AA 175 31.81 16.78 21.90
CA THR AA 175 30.82 17.08 20.91
C THR AA 175 29.56 17.23 21.72
N PRO AA 176 29.26 18.43 22.18
CA PRO AA 176 28.21 18.59 23.13
C PRO AA 176 26.80 18.68 22.57
N GLY AA 177 26.05 17.82 23.04
CA GLY AA 177 24.66 17.66 22.84
C GLY AA 177 24.17 17.03 21.58
N PRO AA 178 22.95 16.55 21.57
CA PRO AA 178 22.34 15.85 20.46
C PRO AA 178 22.34 16.52 19.06
N TRP AA 179 22.26 17.82 19.00
CA TRP AA 179 22.35 18.59 17.76
C TRP AA 179 23.72 18.54 17.17
N ASN AA 180 24.68 18.93 17.90
CA ASN AA 180 26.08 18.90 17.60
C ASN AA 180 26.60 17.48 17.24
N ILE AA 181 26.16 16.48 17.94
CA ILE AA 181 26.48 15.05 17.69
C ILE AA 181 25.99 14.66 16.30
N ARG AA 182 24.74 14.91 16.00
CA ARG AA 182 24.06 14.62 14.73
C ARG AA 182 24.82 15.22 13.56
N GLN AA 183 25.18 16.42 13.72
CA GLN AA 183 25.96 17.26 12.83
C GLN AA 183 27.28 16.69 12.54
N MET AA 184 27.92 16.23 13.55
CA MET AA 184 29.21 15.71 13.50
C MET AA 184 29.23 14.30 12.90
N LEU AA 185 28.27 13.48 13.21
CA LEU AA 185 28.06 12.20 12.57
C LEU AA 185 27.95 12.35 11.05
N ARG AA 186 27.17 13.27 10.61
CA ARG AA 186 26.91 13.65 9.23
C ARG AA 186 28.13 14.17 8.50
N SER AA 187 28.97 14.92 9.13
CA SER AA 187 30.17 15.47 8.65
C SER AA 187 31.23 14.44 8.36
N VAL AA 188 31.40 13.50 9.26
CA VAL AA 188 32.45 12.53 9.24
C VAL AA 188 32.27 11.52 8.13
N GLU AA 189 31.10 11.43 7.60
CA GLU AA 189 30.79 10.80 6.33
C GLU AA 189 31.74 11.22 5.20
N GLY AA 190 32.31 12.34 5.27
CA GLY AA 190 33.27 12.84 4.43
C GLY AA 190 34.72 12.57 4.74
N LEU AA 191 34.98 11.73 5.66
CA LEU AA 191 36.28 11.38 6.11
C LEU AA 191 36.67 9.89 5.88
N PRO AA 192 37.83 9.63 5.61
CA PRO AA 192 38.27 8.31 5.20
C PRO AA 192 38.83 7.41 6.28
N VAL AA 193 38.48 7.72 7.49
CA VAL AA 193 38.75 7.06 8.74
C VAL AA 193 37.50 6.69 9.48
N ASN AA 194 37.58 5.66 10.22
CA ASN AA 194 36.60 5.24 11.18
C ASN AA 194 36.54 6.30 12.27
N VAL AA 195 35.42 6.46 12.88
CA VAL AA 195 35.09 7.44 13.92
C VAL AA 195 34.07 6.95 14.93
N GLY AA 196 34.38 7.27 16.11
CA GLY AA 196 33.47 7.35 17.20
C GLY AA 196 33.57 8.63 18.01
N ILE AA 197 32.49 9.12 18.39
CA ILE AA 197 32.37 10.44 18.99
C ILE AA 197 32.08 10.29 20.48
N LEU AA 198 32.70 11.17 21.19
CA LEU AA 198 32.55 11.50 22.59
C LEU AA 198 31.74 12.75 22.96
N GLY AA 199 30.98 12.59 23.80
CA GLY AA 199 30.11 13.48 24.52
C GLY AA 199 30.62 14.12 25.83
N LYS AA 200 29.90 15.07 26.33
CA LYS AA 200 30.18 15.86 27.52
C LYS AA 200 29.54 15.18 28.72
N GLY AA 201 30.30 14.78 29.54
CA GLY AA 201 30.03 14.05 30.76
C GLY AA 201 29.64 14.86 31.99
N ASN AA 202 29.98 16.11 32.00
CA ASN AA 202 29.76 16.94 33.21
C ASN AA 202 28.29 17.27 33.31
N SER AA 203 27.50 16.48 33.96
CA SER AA 203 26.06 16.57 34.18
C SER AA 203 25.60 16.13 35.58
N TYR AA 204 24.56 16.73 36.11
CA TYR AA 204 24.04 16.30 37.42
C TYR AA 204 23.02 15.16 37.22
N GLY AA 205 21.86 15.22 36.59
CA GLY AA 205 21.02 13.99 36.47
C GLY AA 205 21.39 13.09 35.26
N ARG AA 206 20.63 12.03 35.02
CA ARG AA 206 20.68 11.13 33.92
C ARG AA 206 20.26 11.75 32.57
N GLY AA 207 19.38 12.67 32.56
CA GLY AA 207 18.80 13.26 31.39
C GLY AA 207 19.74 13.68 30.32
N PRO AA 208 20.66 14.57 30.68
CA PRO AA 208 21.60 15.13 29.76
C PRO AA 208 22.62 14.19 29.19
N LEU AA 209 22.91 13.12 29.85
CA LEU AA 209 23.77 12.04 29.45
C LEU AA 209 23.09 11.06 28.51
N LEU AA 210 21.87 10.73 28.80
CA LEU AA 210 21.09 9.75 28.09
C LEU AA 210 20.82 10.19 26.64
N GLU AA 211 20.43 11.43 26.50
CA GLU AA 211 20.33 12.36 25.37
C GLU AA 211 21.39 12.13 24.35
N GLN AA 212 22.59 12.23 24.81
CA GLN AA 212 23.74 12.16 23.97
C GLN AA 212 24.04 10.70 23.53
N ALA AA 213 23.86 9.77 24.43
CA ALA AA 213 23.88 8.32 24.28
C ALA AA 213 22.98 7.87 23.11
N ILE AA 214 21.74 8.20 23.13
CA ILE AA 214 20.78 7.91 22.10
C ILE AA 214 21.16 8.62 20.76
N ALA AA 215 21.60 9.87 20.86
CA ALA AA 215 22.05 10.69 19.71
C ALA AA 215 23.20 9.96 19.00
N GLY AA 216 23.95 9.05 19.66
CA GLY AA 216 24.97 8.19 19.04
C GLY AA 216 26.37 8.15 19.65
N VAL AA 217 26.73 8.81 20.77
CA VAL AA 217 28.14 8.81 21.27
C VAL AA 217 28.53 7.40 21.75
N VAL AA 218 29.80 7.11 21.80
CA VAL AA 218 30.48 5.93 22.23
C VAL AA 218 31.14 6.04 23.59
N GLY AA 219 30.97 7.18 24.19
CA GLY AA 219 31.62 7.60 25.29
C GLY AA 219 31.30 9.00 25.79
N TYR AA 220 31.69 9.26 26.96
CA TYR AA 220 31.65 10.55 27.66
C TYR AA 220 33.05 10.96 28.10
N VAL AA 222 34.92 13.54 30.42
CA VAL AA 222 35.13 14.35 31.63
C VAL AA 222 36.49 15.11 31.70
N HIS AA 223 36.33 16.38 31.53
CA HIS AA 223 37.34 17.41 31.38
C HIS AA 223 37.22 18.53 32.42
N GLU AA 224 38.37 19.00 32.95
CA GLU AA 224 38.49 20.13 33.89
C GLU AA 224 37.87 21.40 33.40
N ASP AA 225 38.12 21.71 32.18
CA ASP AA 225 37.61 22.81 31.42
C ASP AA 225 36.11 23.00 31.43
N TRP AA 226 35.42 21.92 31.56
CA TRP AA 226 33.98 21.97 31.73
C TRP AA 226 33.57 21.54 33.15
N GLY AA 227 34.52 21.33 34.06
CA GLY AA 227 34.40 20.71 35.42
C GLY AA 227 34.72 19.24 35.61
N ALA AA 228 35.89 18.84 36.10
CA ALA AA 228 36.29 17.43 36.40
C ALA AA 228 36.00 17.06 37.89
N THR AA 229 34.80 17.27 38.31
CA THR AA 229 34.18 17.10 39.61
C THR AA 229 33.90 15.64 39.93
N ALA AA 230 33.73 15.34 41.23
CA ALA AA 230 33.33 14.06 41.68
C ALA AA 230 31.95 13.72 41.14
N ASN AA 231 31.13 14.70 41.10
CA ASN AA 231 29.78 14.63 40.61
C ASN AA 231 29.77 14.13 39.15
N ALA AA 232 30.51 14.80 38.31
CA ALA AA 232 30.70 14.49 36.92
C ALA AA 232 31.04 13.03 36.68
N LEU AA 233 32.11 12.61 37.31
CA LEU AA 233 32.60 11.28 37.34
C LEU AA 233 31.57 10.27 37.69
N ARG AA 234 30.99 10.43 38.82
CA ARG AA 234 30.03 9.56 39.36
C ARG AA 234 28.85 9.38 38.43
N HIS AA 235 28.28 10.45 37.91
CA HIS AA 235 27.10 10.30 37.11
C HIS AA 235 27.42 9.70 35.71
N SER AA 236 28.48 10.13 35.11
CA SER AA 236 29.11 9.64 33.87
C SER AA 236 29.39 8.15 33.86
N LEU AA 237 29.99 7.65 34.91
CA LEU AA 237 30.25 6.27 35.09
C LEU AA 237 29.01 5.43 35.33
N ARG AA 238 28.12 5.90 36.12
CA ARG AA 238 26.83 5.22 36.33
C ARG AA 238 26.00 5.09 35.03
N MET AA 239 25.96 6.10 34.27
CA MET AA 239 25.34 6.09 32.96
C MET AA 239 26.03 5.16 32.01
N ALA AA 240 27.32 5.16 32.01
CA ALA AA 240 28.18 4.34 31.18
C ALA AA 240 27.94 2.87 31.32
N ASP AA 241 27.82 2.47 32.52
CA ASP AA 241 27.53 1.13 32.89
C ASP AA 241 26.15 0.76 32.40
N GLU AA 242 25.27 1.70 32.42
CA GLU AA 242 23.94 1.51 31.87
C GLU AA 242 23.95 1.35 30.33
N MET AA 243 24.66 2.17 29.64
CA MET AA 243 24.69 2.31 28.22
C MET AA 243 25.70 1.46 27.47
N ASP AA 244 26.57 0.72 28.13
CA ASP AA 244 27.75 0.09 27.63
C ASP AA 244 28.59 0.96 26.69
N ILE AA 245 29.01 2.00 27.25
CA ILE AA 245 29.93 2.91 26.73
C ILE AA 245 31.03 3.30 27.72
N GLN AA 246 32.06 3.87 27.21
CA GLN AA 246 33.27 4.28 27.87
C GLN AA 246 33.26 5.71 28.42
N VAL AA 247 34.10 5.95 29.36
CA VAL AA 247 34.40 7.20 29.98
C VAL AA 247 35.88 7.39 30.03
N SER AA 248 36.30 8.50 29.52
CA SER AA 248 37.57 9.09 29.42
C SER AA 248 37.59 10.35 30.29
N VAL AA 249 38.75 10.65 30.86
CA VAL AA 249 39.03 11.69 31.83
C VAL AA 249 40.37 12.35 31.70
N HIS AA 250 40.26 13.63 31.84
CA HIS AA 250 41.22 14.71 32.01
C HIS AA 250 40.92 15.39 33.37
N THR AA 251 41.74 15.08 34.33
CA THR AA 251 41.45 15.40 35.75
C THR AA 251 41.82 16.86 36.07
N ASP AA 252 41.37 17.30 37.21
CA ASP AA 252 41.55 18.63 37.82
C ASP AA 252 43.05 18.89 38.11
N SER AA 253 43.72 19.72 37.35
CA SER AA 253 45.16 20.04 37.51
C SER AA 253 45.46 20.95 38.73
N LEU AA 254 44.54 21.77 39.10
CA LEU AA 254 44.54 22.77 40.17
C LEU AA 254 44.31 22.28 41.62
N ASN AA 255 43.93 21.09 41.75
CA ASN AA 255 43.48 20.35 42.91
C ASN AA 255 42.24 20.98 43.70
N GLU AA 256 41.47 21.77 42.93
CA GLU AA 256 40.31 22.55 43.40
C GLU AA 256 39.37 21.68 44.25
N CYS AA 257 38.72 20.66 43.72
CA CYS AA 257 37.73 19.90 44.47
C CYS AA 257 38.38 18.71 45.15
N GLY AA 258 39.70 18.50 45.06
CA GLY AA 258 40.40 17.30 45.46
C GLY AA 258 41.77 17.05 44.89
N TYR AA 259 42.40 16.09 45.50
CA TYR AA 259 43.61 15.45 45.14
C TYR AA 259 43.26 14.16 44.39
N VAL AA 260 44.23 13.61 43.74
CA VAL AA 260 44.19 12.36 43.01
C VAL AA 260 43.47 11.22 43.70
N GLU AA 261 43.76 11.02 44.95
CA GLU AA 261 43.10 10.07 45.81
C GLU AA 261 41.57 10.24 45.87
N ASP AA 262 41.09 11.45 45.93
CA ASP AA 262 39.68 11.77 45.87
C ASP AA 262 39.07 11.49 44.48
N THR AA 263 39.77 11.83 43.43
CA THR AA 263 39.42 11.42 42.07
C THR AA 263 39.26 9.92 41.97
N ILE AA 264 40.20 9.22 42.51
CA ILE AA 264 40.22 7.77 42.49
C ILE AA 264 38.96 7.21 43.12
N ASP AA 265 38.54 7.80 44.20
CA ASP AA 265 37.38 7.44 44.94
C ASP AA 265 36.10 7.79 44.19
N ALA AA 266 36.09 8.86 43.41
CA ALA AA 266 35.04 9.22 42.49
C ALA AA 266 34.85 8.19 41.39
N PHE AA 267 35.90 7.51 40.97
CA PHE AA 267 35.81 6.40 40.01
C PHE AA 267 34.98 5.23 40.53
N GLU AA 268 35.03 4.96 41.80
CA GLU AA 268 34.18 4.05 42.50
C GLU AA 268 34.26 2.60 41.90
N GLY AA 269 35.44 2.19 41.67
CA GLY AA 269 36.03 1.04 41.05
C GLY AA 269 35.63 0.63 39.63
N ARG AA 270 34.93 1.53 38.99
CA ARG AA 270 34.30 1.50 37.71
C ARG AA 270 35.34 1.71 36.61
N THR AA 271 35.18 1.02 35.50
CA THR AA 271 36.06 1.13 34.38
C THR AA 271 36.15 2.57 33.81
N ILE AA 272 37.34 3.00 33.60
CA ILE AA 272 37.74 4.30 33.11
C ILE AA 272 39.06 4.36 32.39
N HIS AA 273 39.04 5.18 31.36
CA HIS AA 273 40.11 5.57 30.51
C HIS AA 273 40.64 6.95 30.91
N THR AA 274 41.80 6.97 31.24
CA THR AA 274 42.63 8.06 31.72
C THR AA 274 43.61 8.51 30.68
N PHE AA 275 43.38 9.69 30.04
CA PHE AA 275 44.22 10.38 29.06
C PHE AA 275 45.47 10.97 29.72
N HIS AA 276 46.51 11.24 28.97
CA HIS AA 276 47.77 11.85 29.44
C HIS AA 276 48.00 11.55 30.94
N THR AA 277 48.21 10.27 31.29
CA THR AA 277 48.26 9.73 32.66
C THR AA 277 49.42 10.33 33.49
N GLU AA 278 50.48 10.73 32.84
CA GLU AA 278 51.64 11.46 33.36
C GLU AA 278 51.35 12.84 33.94
N GLY AA 279 50.50 13.59 33.30
CA GLY AA 279 50.08 14.92 33.64
C GLY AA 279 50.56 16.13 32.85
N ALA AA 280 51.59 16.06 32.01
CA ALA AA 280 52.01 17.23 31.21
C ALA AA 280 50.85 17.83 30.40
N GLY AA 281 49.95 17.00 29.91
CA GLY AA 281 48.75 17.31 29.14
C GLY AA 281 47.51 17.65 29.89
N GLY AA 282 47.60 17.73 31.19
CA GLY AA 282 46.59 17.85 32.14
C GLY AA 282 46.52 16.76 33.21
N GLY AA 283 46.14 17.16 34.41
CA GLY AA 283 45.84 16.25 35.51
C GLY AA 283 46.48 16.74 36.78
N HIS AA 284 45.87 16.29 37.88
CA HIS AA 284 46.24 16.47 39.26
C HIS AA 284 47.74 16.52 39.39
N ALA AA 285 48.20 17.59 39.82
CA ALA AA 285 49.61 17.86 39.88
C ALA AA 285 50.19 17.55 41.27
N PRO AA 286 51.32 16.91 41.39
CA PRO AA 286 52.27 16.38 40.45
C PRO AA 286 52.02 14.95 40.04
N ASP AA 287 50.98 14.34 40.59
CA ASP AA 287 50.88 12.90 40.86
C ASP AA 287 49.69 12.12 40.29
N ILE AA 288 49.09 12.58 39.24
CA ILE AA 288 48.08 11.83 38.48
C ILE AA 288 48.50 10.43 38.01
N ILE AA 289 49.77 10.21 37.80
CA ILE AA 289 50.49 8.97 37.43
C ILE AA 289 50.22 7.75 38.29
N ARG AA 290 49.73 7.98 39.48
CA ARG AA 290 49.35 6.96 40.46
C ARG AA 290 48.08 6.19 40.16
N VAL AA 291 47.26 6.70 39.28
CA VAL AA 291 46.09 6.06 38.73
C VAL AA 291 46.46 4.77 37.93
N ALA AA 292 47.67 4.67 37.41
CA ALA AA 292 48.27 3.52 36.70
C ALA AA 292 48.47 2.26 37.56
N SER AA 293 48.25 2.34 38.88
CA SER AA 293 48.22 1.28 39.90
C SER AA 293 46.85 0.59 40.13
N GLN AA 294 45.91 1.09 39.68
CA GLN AA 294 44.57 0.69 39.87
C GLN AA 294 44.06 -0.23 38.72
N PRO AA 295 43.34 -1.28 39.09
CA PRO AA 295 42.85 -2.30 38.13
C PRO AA 295 41.72 -1.88 37.19
N ASN AA 296 41.03 -0.86 37.50
CA ASN AA 296 39.91 -0.28 36.82
C ASN AA 296 40.27 0.83 35.85
N VAL AA 297 41.47 1.26 35.87
CA VAL AA 297 42.04 2.28 35.08
C VAL AA 297 42.78 1.65 33.89
N LEU AA 298 42.46 2.14 32.75
CA LEU AA 298 42.98 1.84 31.44
C LEU AA 298 43.76 3.05 31.00
N PRO AA 299 45.04 3.04 31.23
CA PRO AA 299 45.83 4.22 31.06
C PRO AA 299 46.48 4.42 29.72
N SER AA 300 46.43 5.60 29.34
CA SER AA 300 47.03 6.26 28.23
C SER AA 300 47.87 7.44 28.56
N SER AA 301 48.90 7.67 27.67
CA SER AA 301 49.75 8.84 27.49
C SER AA 301 49.53 9.51 26.14
N THR AA 302 49.67 10.79 26.07
CA THR AA 302 49.66 11.52 24.80
C THR AA 302 51.08 11.47 24.25
N ASN AA 303 51.21 11.60 22.97
CA ASN AA 303 52.49 11.33 22.33
C ASN AA 303 53.48 12.47 22.47
N PRO AA 304 53.48 13.88 22.92
CA PRO AA 304 54.62 14.81 22.89
C PRO AA 304 55.76 14.54 23.89
N THR AA 305 55.58 13.78 24.94
CA THR AA 305 56.57 13.37 25.94
C THR AA 305 57.35 12.07 25.64
N LEU AA 306 56.97 11.34 24.65
CA LEU AA 306 57.49 10.07 24.21
C LEU AA 306 58.17 10.18 22.84
N PRO AA 307 59.45 10.01 22.69
CA PRO AA 307 60.36 9.70 23.73
C PRO AA 307 60.78 10.95 24.43
N TYR AA 308 61.41 10.78 25.56
CA TYR AA 308 61.97 11.85 26.37
C TYR AA 308 63.28 12.30 25.84
N GLY AA 309 63.29 13.53 25.43
CA GLY AA 309 64.44 14.15 24.88
C GLY AA 309 64.85 15.45 25.55
N VAL AA 310 65.98 15.89 25.11
CA VAL AA 310 66.74 17.04 25.57
C VAL AA 310 66.05 18.36 25.35
N ASN AA 311 65.25 18.48 24.36
CA ASN AA 311 64.41 19.60 24.08
C ASN AA 311 63.03 19.51 24.68
N SER AA 312 62.70 18.44 25.41
CA SER AA 312 61.36 18.18 25.88
C SER AA 312 60.88 19.15 26.94
N GLN AA 313 61.74 19.57 27.80
CA GLN AA 313 61.34 20.46 28.88
C GLN AA 313 61.10 21.87 28.38
N ALA AA 314 62.04 22.41 27.66
CA ALA AA 314 61.90 23.66 26.91
C ALA AA 314 60.62 23.80 26.09
N GLU AA 315 60.23 22.76 25.42
CA GLU AA 315 59.10 22.77 24.55
C GLU AA 315 57.82 22.91 25.32
N LEU AA 316 57.68 22.07 26.29
CA LEU AA 316 56.47 21.88 27.05
C LEU AA 316 56.14 23.07 27.89
N PHE AA 317 57.15 23.62 28.53
CA PHE AA 317 57.09 24.85 29.27
C PHE AA 317 56.42 25.90 28.45
N ASP AA 318 57.06 26.15 27.34
CA ASP AA 318 56.66 27.24 26.51
C ASP AA 318 55.28 27.02 25.93
N MET AA 319 54.96 25.78 25.62
CA MET AA 319 53.65 25.34 25.09
C MET AA 319 52.49 25.61 25.98
N ILE AA 320 52.61 25.30 27.26
CA ILE AA 320 51.54 25.57 28.20
C ILE AA 320 51.36 27.02 28.36
N MET AA 321 52.46 27.69 28.50
CA MET AA 321 52.42 29.11 28.67
C MET AA 321 51.81 29.81 27.52
N VAL AA 322 51.66 29.15 26.39
CA VAL AA 322 50.80 29.68 25.36
C VAL AA 322 49.49 28.97 25.28
N CYS AA 323 49.46 27.66 25.53
CA CYS AA 323 48.22 26.93 25.51
C CYS AA 323 47.19 27.63 26.40
N HIS AA 324 47.62 28.05 27.60
CA HIS AA 324 46.80 28.71 28.59
C HIS AA 324 47.02 30.22 28.63
N ASN AA 325 47.45 30.80 27.53
CA ASN AA 325 47.81 32.22 27.47
C ASN AA 325 48.36 32.85 28.76
N LEU AA 326 49.39 32.27 29.31
CA LEU AA 326 49.89 32.80 30.51
C LEU AA 326 50.83 33.94 30.22
N VAL AA 334 53.54 31.06 36.68
CA VAL AA 334 54.75 30.28 36.50
C VAL AA 334 54.92 29.18 37.48
N SER AA 335 54.00 29.12 38.40
CA SER AA 335 54.02 28.15 39.43
C SER AA 335 52.96 27.13 39.15
N PHE AA 336 52.04 27.46 38.26
CA PHE AA 336 51.26 26.49 37.54
C PHE AA 336 52.14 25.79 36.51
N ALA AA 337 53.11 26.52 35.93
CA ALA AA 337 53.90 26.01 34.81
C ALA AA 337 54.89 24.93 35.23
N GLU AA 338 55.77 25.24 36.16
CA GLU AA 338 56.85 24.38 36.64
C GLU AA 338 56.35 23.26 37.53
N SER AA 339 55.08 23.26 37.82
CA SER AA 339 54.38 22.20 38.51
C SER AA 339 53.66 21.25 37.59
N ARG AA 340 53.40 21.73 36.39
CA ARG AA 340 52.75 21.07 35.30
C ARG AA 340 53.75 20.31 34.48
N VAL AA 341 54.98 20.79 34.42
CA VAL AA 341 55.99 20.35 33.54
C VAL AA 341 57.17 19.91 34.40
N ARG AA 342 57.26 18.63 34.58
CA ARG AA 342 58.08 17.90 35.50
C ARG AA 342 59.00 16.88 34.83
N PRO AA 343 60.28 17.16 34.71
CA PRO AA 343 61.21 16.20 34.10
C PRO AA 343 61.14 14.81 34.67
N GLU AA 344 60.93 14.75 35.97
CA GLU AA 344 60.87 13.52 36.75
C GLU AA 344 59.72 12.62 36.39
N THR AA 345 58.57 13.17 36.18
CA THR AA 345 57.44 12.35 35.86
C THR AA 345 57.42 11.96 34.36
N ILE AA 346 58.04 12.77 33.51
CA ILE AA 346 58.11 12.56 32.09
C ILE AA 346 58.98 11.35 31.81
N ALA AA 347 60.18 11.30 32.39
CA ALA AA 347 61.01 10.14 32.44
C ALA AA 347 60.32 8.93 32.98
N ALA AA 348 59.57 9.12 34.00
CA ALA AA 348 58.84 8.06 34.62
C ALA AA 348 57.84 7.44 33.66
N GLU AA 349 57.17 8.27 32.87
CA GLU AA 349 56.16 7.86 31.88
C GLU AA 349 56.78 6.85 30.89
N ASN AA 350 57.94 7.13 30.39
CA ASN AA 350 58.81 6.41 29.49
C ASN AA 350 59.12 5.02 30.03
N VAL AA 351 59.48 4.97 31.28
CA VAL AA 351 59.79 3.72 31.95
C VAL AA 351 58.58 2.89 32.15
N LEU AA 352 57.52 3.47 32.54
CA LEU AA 352 56.32 2.76 32.81
C LEU AA 352 55.70 2.11 31.56
N HIS AA 353 55.86 2.78 30.47
CA HIS AA 353 55.57 2.30 29.13
C HIS AA 353 56.29 1.01 28.86
N ASP AA 354 57.60 1.03 28.98
CA ASP AA 354 58.47 -0.10 28.84
C ASP AA 354 58.19 -1.24 29.76
N MET AA 355 57.61 -0.99 30.88
CA MET AA 355 57.19 -1.98 31.86
C MET AA 355 55.86 -2.63 31.58
N GLY AA 356 55.06 -2.08 30.75
CA GLY AA 356 53.70 -2.45 30.58
C GLY AA 356 52.70 -1.90 31.58
N VAL AA 357 53.00 -0.80 32.21
CA VAL AA 357 52.16 -0.13 33.18
C VAL AA 357 51.27 0.98 32.58
N ILE AA 358 51.68 1.70 31.58
CA ILE AA 358 50.84 2.58 30.74
C ILE AA 358 50.56 1.84 29.40
N SER AA 359 49.32 1.67 29.10
CA SER AA 359 48.86 0.68 28.19
C SER AA 359 48.60 1.15 26.72
N MET AA 360 48.56 2.41 26.45
CA MET AA 360 48.24 3.12 25.23
C MET AA 360 48.88 4.47 24.99
N PHE AA 361 49.23 4.67 23.75
CA PHE AA 361 49.64 5.85 23.12
C PHE AA 361 48.41 6.51 22.47
N SER AA 362 48.45 7.79 22.31
CA SER AA 362 47.46 8.73 21.82
C SER AA 362 48.08 10.05 21.47
N SER AA 363 47.18 10.85 20.72
CA SER AA 363 47.75 12.07 20.18
C SER AA 363 47.26 13.28 20.93
N ASP AA 364 46.20 13.51 21.21
CA ASP AA 364 45.78 14.79 21.75
C ASP AA 364 45.80 15.88 20.63
N SER AA 365 45.41 15.49 19.42
CA SER AA 365 45.61 16.20 18.15
C SER AA 365 45.32 17.67 18.24
N GLN AA 366 46.31 18.47 17.96
CA GLN AA 366 46.29 19.95 17.93
C GLN AA 366 45.78 20.60 19.20
N ALA AA 367 45.93 19.86 20.27
CA ALA AA 367 45.81 20.13 21.68
C ALA AA 367 46.91 19.40 22.51
N MET AA 368 48.10 19.70 22.17
CA MET AA 368 49.44 19.36 22.56
C MET AA 368 50.17 18.16 21.95
N GLY AA 369 49.47 17.31 21.23
CA GLY AA 369 50.14 16.21 20.53
C GLY AA 369 49.97 16.20 19.00
N ARG AA 370 50.42 15.12 18.33
CA ARG AA 370 50.79 15.01 16.90
C ARG AA 370 50.21 13.70 16.31
N VAL AA 371 49.06 13.85 15.71
CA VAL AA 371 48.19 12.96 15.00
C VAL AA 371 48.86 12.13 13.99
N GLY AA 372 49.91 12.58 13.44
CA GLY AA 372 50.70 11.87 12.43
C GLY AA 372 52.04 11.28 12.83
N GLU AA 373 52.19 11.02 14.09
CA GLU AA 373 53.39 10.59 14.75
C GLU AA 373 53.26 9.47 15.83
N ASN AA 374 52.12 8.88 16.02
CA ASN AA 374 51.83 7.79 16.96
C ASN AA 374 52.59 6.50 16.66
N TRP AA 375 52.63 6.07 15.40
CA TRP AA 375 53.39 4.90 14.98
C TRP AA 375 54.87 5.24 15.03
N LEU AA 376 55.26 6.46 14.61
CA LEU AA 376 56.64 6.96 14.67
C LEU AA 376 57.16 7.00 16.11
N ARG AA 377 56.33 7.39 17.06
CA ARG AA 377 56.88 7.76 18.33
C ARG AA 377 57.08 6.51 19.23
N VAL AA 378 56.15 5.61 19.13
CA VAL AA 378 56.07 4.24 19.62
C VAL AA 378 57.38 3.48 19.36
N MET AA 379 57.77 3.45 18.13
CA MET AA 379 59.03 2.89 17.65
C MET AA 379 60.22 3.66 18.16
N GLN AA 380 60.12 4.92 18.14
CA GLN AA 380 61.17 5.80 18.69
C GLN AA 380 61.43 5.55 20.21
N THR AA 381 60.40 5.33 20.95
CA THR AA 381 60.36 5.04 22.38
C THR AA 381 60.96 3.67 22.69
N ALA AA 382 60.49 2.59 22.06
CA ALA AA 382 61.01 1.25 22.13
C ALA AA 382 62.50 1.20 21.96
N ASN AA 383 63.02 1.90 21.03
CA ASN AA 383 64.40 2.00 20.68
C ASN AA 383 65.21 2.85 21.61
N ALA AA 384 64.70 3.93 22.12
CA ALA AA 384 65.41 4.70 23.14
C ALA AA 384 65.53 3.89 24.43
N MET AA 385 64.51 3.20 24.77
CA MET AA 385 64.40 2.37 25.95
C MET AA 385 65.27 1.11 25.93
N LYS AA 386 65.42 0.46 24.78
CA LYS AA 386 66.35 -0.65 24.61
C LYS AA 386 67.75 -0.20 24.92
N ALA AA 387 68.10 0.91 24.39
CA ALA AA 387 69.37 1.54 24.62
C ALA AA 387 69.64 1.76 26.12
N SER AA 388 68.71 2.37 26.82
CA SER AA 388 68.88 2.74 28.22
C SER AA 388 68.75 1.63 29.24
N ARG AA 389 67.92 0.68 29.00
CA ARG AA 389 67.52 -0.35 29.90
C ARG AA 389 67.99 -1.74 29.53
N GLY AA 390 68.35 -1.96 28.29
CA GLY AA 390 68.51 -3.21 27.66
C GLY AA 390 67.29 -4.04 27.43
N LYS AA 391 67.50 -5.32 27.38
CA LYS AA 391 66.47 -6.26 27.09
C LYS AA 391 65.55 -6.39 28.23
N LEU AA 392 64.34 -6.23 27.95
CA LEU AA 392 63.34 -6.69 28.82
C LEU AA 392 63.59 -8.11 29.26
N PRO AA 393 63.18 -8.42 30.47
CA PRO AA 393 63.50 -9.73 31.03
C PRO AA 393 62.90 -10.88 30.30
N GLU AA 394 61.67 -10.71 29.85
CA GLU AA 394 60.94 -11.59 28.97
C GLU AA 394 61.40 -11.61 27.52
N ASP AA 395 62.25 -10.72 27.07
CA ASP AA 395 62.82 -10.88 25.77
C ASP AA 395 63.61 -12.18 25.70
N ALA AA 396 63.62 -12.67 24.62
CA ALA AA 396 64.47 -13.69 24.07
C ALA AA 396 65.81 -13.12 23.67
N PRO AA 397 66.87 -13.85 23.88
CA PRO AA 397 68.19 -13.28 23.68
C PRO AA 397 68.51 -12.81 22.30
N GLY AA 398 68.08 -13.50 21.28
CA GLY AA 398 68.46 -13.05 20.00
C GLY AA 398 67.62 -11.95 19.39
N ASN AA 399 66.44 -11.71 19.92
CA ASN AA 399 65.47 -10.79 19.36
C ASN AA 399 64.67 -9.92 20.34
N ASP AA 400 64.10 -8.88 19.76
CA ASP AA 400 63.32 -7.83 20.33
C ASP AA 400 61.81 -7.95 20.14
N ASN AA 401 61.32 -9.11 19.86
CA ASN AA 401 59.92 -9.40 19.67
C ASN AA 401 59.04 -9.02 20.86
N PHE AA 402 59.35 -9.48 22.05
CA PHE AA 402 58.60 -9.17 23.26
C PHE AA 402 58.37 -7.68 23.38
N ARG AA 403 59.41 -6.91 23.24
CA ARG AA 403 59.40 -5.50 23.32
C ARG AA 403 58.51 -4.86 22.26
N VAL AA 404 58.84 -5.09 21.01
CA VAL AA 404 58.15 -4.55 19.87
C VAL AA 404 56.70 -4.75 20.00
N LEU AA 405 56.34 -5.96 20.32
N LEU AA 405 56.33 -5.94 20.32
CA LEU AA 405 54.99 -6.38 20.45
CA LEU AA 405 54.97 -6.32 20.42
C LEU AA 405 54.25 -5.67 21.61
C LEU AA 405 54.24 -5.67 21.61
N ARG AA 406 54.92 -5.39 22.67
CA ARG AA 406 54.34 -4.57 23.76
C ARG AA 406 53.85 -3.22 23.24
N TYR AA 407 54.78 -2.58 22.56
CA TYR AA 407 54.63 -1.25 21.92
C TYR AA 407 53.50 -1.21 20.88
N VAL AA 408 53.40 -2.16 20.00
CA VAL AA 408 52.38 -2.38 19.00
C VAL AA 408 51.02 -2.53 19.58
N ALA AA 409 50.90 -3.20 20.68
CA ALA AA 409 49.68 -3.33 21.39
C ALA AA 409 49.06 -1.97 21.81
N LYS AA 410 49.91 -1.05 22.06
CA LYS AA 410 49.69 0.28 22.52
C LYS AA 410 48.87 1.12 21.52
N ILE AA 411 49.12 1.00 20.22
CA ILE AA 411 48.46 1.68 19.12
C ILE AA 411 47.46 0.87 18.32
N THR AA 412 47.28 -0.39 18.62
CA THR AA 412 46.44 -1.37 18.00
C THR AA 412 45.38 -2.04 18.86
N ILE AA 413 45.67 -3.08 19.53
CA ILE AA 413 44.68 -3.85 20.15
C ILE AA 413 44.16 -3.22 21.47
N ASN AA 414 45.01 -2.57 22.16
CA ASN AA 414 44.68 -1.95 23.44
C ASN AA 414 43.70 -0.79 23.33
N PRO AA 415 43.94 0.21 22.56
CA PRO AA 415 42.87 1.14 22.21
C PRO AA 415 41.50 0.56 21.83
N ALA AA 416 41.51 -0.44 21.05
CA ALA AA 416 40.30 -1.13 20.64
C ALA AA 416 39.57 -1.72 21.78
N ILE AA 417 40.27 -2.35 22.61
CA ILE AA 417 39.67 -3.00 23.76
C ILE AA 417 39.04 -1.96 24.67
N ALA AA 418 39.73 -0.89 24.87
CA ALA AA 418 39.34 0.24 25.72
C ALA AA 418 38.00 0.89 25.30
N GLN AA 419 37.71 0.93 24.05
CA GLN AA 419 36.57 1.63 23.45
C GLN AA 419 35.48 0.65 22.92
N GLY AA 420 35.64 -0.54 23.15
CA GLY AA 420 34.87 -1.69 22.87
C GLY AA 420 34.59 -2.07 21.45
N VAL AA 421 35.59 -2.05 20.70
CA VAL AA 421 35.71 -2.36 19.29
C VAL AA 421 36.72 -3.40 18.78
N SER AA 422 37.23 -4.18 19.66
CA SER AA 422 38.16 -5.27 19.42
C SER AA 422 37.50 -6.43 18.79
N HIS AA 423 36.25 -6.49 18.77
CA HIS AA 423 35.50 -7.43 18.02
C HIS AA 423 35.52 -7.24 16.48
N VAL AA 424 35.77 -6.08 16.03
CA VAL AA 424 35.80 -5.66 14.67
C VAL AA 424 37.09 -5.13 14.14
N ILE AA 425 37.88 -4.54 14.92
CA ILE AA 425 39.14 -3.96 14.61
C ILE AA 425 40.21 -4.17 15.68
N GLY AA 426 41.43 -3.80 15.37
CA GLY AA 426 42.66 -3.79 16.14
C GLY AA 426 43.77 -4.83 16.11
N SER AA 427 43.59 -5.95 15.46
CA SER AA 427 44.46 -7.08 15.30
C SER AA 427 44.18 -7.72 13.92
N VAL AA 428 45.18 -8.34 13.43
CA VAL AA 428 45.22 -9.22 12.28
C VAL AA 428 44.85 -10.61 12.70
N GLU AA 429 43.58 -10.88 12.68
CA GLU AA 429 42.97 -12.06 13.17
C GLU AA 429 41.73 -12.36 12.33
N VAL AA 430 41.46 -13.61 12.25
CA VAL AA 430 40.34 -14.08 11.51
C VAL AA 430 39.05 -13.59 12.15
N GLY AA 431 38.26 -13.12 11.31
CA GLY AA 431 36.98 -12.53 11.39
C GLY AA 431 36.85 -11.02 11.51
N LYS AA 432 37.93 -10.33 11.59
CA LYS AA 432 38.07 -8.95 11.68
C LYS AA 432 38.13 -8.18 10.37
N MET AA 433 37.65 -6.94 10.49
N MET AA 433 37.65 -6.94 10.50
CA MET AA 433 37.58 -5.93 9.41
CA MET AA 433 37.60 -5.95 9.41
C MET AA 433 39.00 -5.78 8.87
C MET AA 433 39.00 -5.78 8.87
N ALA AA 434 39.10 -5.86 7.46
CA ALA AA 434 40.56 -5.69 7.07
C ALA AA 434 40.98 -4.21 7.09
N ASP AA 435 41.35 -3.64 8.25
CA ASP AA 435 41.94 -2.29 8.57
C ASP AA 435 43.45 -2.61 8.85
N LEU AA 436 44.26 -2.51 7.85
CA LEU AA 436 45.60 -2.96 7.63
C LEU AA 436 46.46 -1.92 6.96
N VAL AA 437 47.65 -2.00 7.33
CA VAL AA 437 48.81 -1.29 6.96
C VAL AA 437 49.95 -2.20 6.58
N LEU AA 438 50.50 -1.88 5.45
CA LEU AA 438 51.71 -2.34 4.78
C LEU AA 438 52.88 -1.39 4.79
N TRP AA 439 53.94 -1.87 5.27
CA TRP AA 439 55.17 -1.22 5.45
C TRP AA 439 56.40 -1.87 4.83
N ASP AA 440 57.22 -1.11 4.34
CA ASP AA 440 58.57 -1.46 4.04
C ASP AA 440 59.42 -1.44 5.30
N PRO AA 441 60.14 -2.52 5.62
CA PRO AA 441 61.00 -2.50 6.80
C PRO AA 441 61.92 -1.42 6.94
N ARG AA 442 62.44 -0.97 5.87
CA ARG AA 442 63.29 0.14 5.83
C ARG AA 442 62.69 1.45 6.44
N PHE AA 443 61.39 1.60 6.39
CA PHE AA 443 60.51 2.71 6.71
C PHE AA 443 59.51 2.43 7.85
N PHE AA 444 59.61 1.31 8.52
CA PHE AA 444 58.71 0.82 9.53
C PHE AA 444 58.39 1.86 10.60
N GLY AA 445 57.14 2.12 10.86
CA GLY AA 445 56.65 3.16 11.73
C GLY AA 445 56.43 4.56 11.28
N ALA AA 446 57.19 4.95 10.34
CA ALA AA 446 57.37 6.25 9.75
C ALA AA 446 56.52 6.49 8.54
N LYS AA 447 56.78 5.75 7.50
CA LYS AA 447 56.25 5.94 6.15
C LYS AA 447 55.69 4.66 5.54
N PRO AA 448 54.41 4.42 5.65
CA PRO AA 448 53.85 3.26 5.07
C PRO AA 448 53.74 3.26 3.56
N LYS AA 449 53.52 2.11 3.06
CA LYS AA 449 53.28 1.84 1.65
C LYS AA 449 51.81 2.13 1.30
N MET AA 450 50.92 1.58 2.03
CA MET AA 450 49.49 1.58 1.96
C MET AA 450 48.69 1.18 3.16
N VAL AA 451 47.51 1.71 3.13
CA VAL AA 451 46.42 1.50 3.94
C VAL AA 451 45.23 0.93 3.24
N ILE AA 452 44.87 -0.16 3.74
CA ILE AA 452 43.76 -0.99 3.47
C ILE AA 452 42.74 -0.85 4.54
N LYS AA 453 41.59 -0.35 4.06
CA LYS AA 453 40.49 0.23 4.73
C LYS AA 453 39.28 -0.46 4.09
N GLY AA 454 38.72 -1.32 4.83
CA GLY AA 454 37.63 -2.14 4.70
C GLY AA 454 37.77 -3.15 3.55
N GLY AA 455 38.96 -3.53 3.25
CA GLY AA 455 39.26 -4.41 2.17
C GLY AA 455 39.72 -3.81 0.86
N MET AA 456 39.64 -2.51 0.68
CA MET AA 456 40.14 -1.63 -0.35
C MET AA 456 41.21 -0.73 0.17
N ILE AA 457 42.15 -0.43 -0.69
CA ILE AA 457 43.21 0.47 -0.60
C ILE AA 457 42.59 1.89 -0.70
N ASN AA 458 42.68 2.59 0.36
CA ASN AA 458 42.16 3.93 0.54
C ASN AA 458 43.16 5.04 0.46
N TRP AA 459 44.38 4.78 0.73
CA TRP AA 459 45.50 5.64 0.93
C TRP AA 459 46.80 4.93 0.66
N ALA AA 460 47.62 5.59 -0.02
CA ALA AA 460 48.89 5.23 -0.62
C ALA AA 460 49.86 6.29 -1.10
N ALA AA 461 51.10 5.95 -0.99
CA ALA AA 461 52.23 6.61 -1.56
C ALA AA 461 52.32 6.27 -3.04
N MET AA 462 52.07 7.23 -3.80
CA MET AA 462 51.87 7.31 -5.23
C MET AA 462 52.66 8.43 -5.83
N GLY AA 463 53.42 8.14 -6.92
CA GLY AA 463 54.04 9.11 -7.77
C GLY AA 463 53.23 9.46 -8.99
N ASP AA 464 53.89 9.98 -10.00
CA ASP AA 464 53.35 10.83 -11.09
C ASP AA 464 52.20 10.00 -11.66
N PRO AA 465 50.92 10.41 -11.59
CA PRO AA 465 49.84 9.70 -12.25
C PRO AA 465 49.96 9.64 -13.79
N ASN AA 466 50.71 10.52 -14.41
CA ASN AA 466 51.02 10.53 -15.84
C ASN AA 466 52.17 9.64 -16.22
N ALA AA 467 52.82 9.05 -15.28
CA ALA AA 467 54.02 8.38 -15.61
C ALA AA 467 53.66 6.98 -16.12
N SER AA 468 54.63 6.36 -16.65
CA SER AA 468 54.63 4.99 -17.14
C SER AA 468 54.76 3.94 -16.05
N LEU AA 469 55.11 4.33 -14.87
CA LEU AA 469 54.97 3.53 -13.67
C LEU AA 469 54.33 4.28 -12.52
N PRO AA 470 54.03 3.57 -11.43
CA PRO AA 470 53.54 4.18 -10.19
C PRO AA 470 54.56 4.73 -9.27
N THR AA 471 55.76 4.55 -9.56
CA THR AA 471 56.89 4.89 -8.76
C THR AA 471 57.61 6.13 -9.12
N PRO AA 472 57.40 6.70 -10.29
CA PRO AA 472 58.15 7.86 -10.57
C PRO AA 472 57.72 9.12 -9.80
N GLN AA 473 58.68 9.92 -9.55
CA GLN AA 473 58.68 11.10 -8.70
C GLN AA 473 57.81 12.24 -9.28
N PRO AA 474 57.11 13.01 -8.43
CA PRO AA 474 57.11 12.99 -6.99
C PRO AA 474 56.18 11.99 -6.36
N VAL AA 475 56.70 11.27 -5.43
CA VAL AA 475 55.96 10.33 -4.62
C VAL AA 475 55.52 11.05 -3.34
N PHE AA 476 54.24 11.06 -3.11
CA PHE AA 476 53.50 11.64 -2.04
C PHE AA 476 52.14 10.93 -1.87
N TYR AA 477 51.63 10.98 -0.66
CA TYR AA 477 50.45 10.37 -0.20
C TYR AA 477 49.23 11.07 -0.74
N ARG AA 478 48.41 10.29 -1.23
CA ARG AA 478 47.26 10.41 -2.07
C ARG AA 478 46.11 9.47 -1.78
N PRO AA 479 44.91 9.96 -1.80
CA PRO AA 479 43.82 9.08 -1.83
C PRO AA 479 43.72 8.15 -3.01
N MET AA 480 43.18 7.10 -2.74
CA MET AA 480 42.89 5.99 -3.61
C MET AA 480 41.37 5.71 -3.72
N PHE AA 481 40.96 4.73 -4.48
CA PHE AA 481 39.55 4.38 -4.82
C PHE AA 481 38.68 4.03 -3.62
N GLY AA 482 39.21 3.41 -2.60
CA GLY AA 482 38.50 3.21 -1.39
C GLY AA 482 38.10 4.52 -0.66
N ALA AA 483 38.79 5.55 -0.91
CA ALA AA 483 38.66 6.96 -0.55
C ALA AA 483 37.80 7.79 -1.50
N MET AA 484 37.09 7.18 -2.37
CA MET AA 484 36.40 7.72 -3.52
C MET AA 484 34.99 7.23 -3.57
N GLY AA 485 34.19 8.09 -4.07
CA GLY AA 485 32.87 7.88 -4.21
C GLY AA 485 32.05 7.43 -3.04
N LYS AA 486 31.10 6.55 -3.34
CA LYS AA 486 30.29 5.89 -2.30
C LYS AA 486 31.08 4.78 -1.54
N THR AA 487 32.18 4.29 -2.02
CA THR AA 487 32.99 3.27 -1.39
C THR AA 487 33.63 3.73 -0.07
N MET AA 488 34.06 5.00 -0.03
N MET AA 488 34.06 4.97 -0.09
CA MET AA 488 34.68 5.68 1.17
CA MET AA 488 34.62 5.74 1.06
C MET AA 488 33.68 5.43 2.37
C MET AA 488 33.69 5.47 2.30
N GLN AA 489 32.34 5.67 2.30
CA GLN AA 489 31.40 5.40 3.28
C GLN AA 489 31.20 3.92 3.51
N ASP AA 490 31.17 3.13 2.45
CA ASP AA 490 31.01 1.72 2.51
C ASP AA 490 32.10 0.98 3.28
N THR AA 491 33.26 1.46 3.26
CA THR AA 491 34.45 0.94 3.78
C THR AA 491 34.87 1.54 5.13
N CYS AA 492 34.10 2.53 5.60
CA CYS AA 492 34.33 3.27 6.86
C CYS AA 492 33.15 3.02 7.82
N VAL AA 493 33.44 2.93 9.08
CA VAL AA 493 32.61 2.70 10.23
C VAL AA 493 32.50 3.98 11.06
N THR AA 494 31.37 4.25 11.42
CA THR AA 494 30.89 5.13 12.45
C THR AA 494 30.37 4.28 13.62
N PHE AA 495 31.15 4.23 14.57
CA PHE AA 495 30.88 3.71 15.87
C PHE AA 495 29.92 4.59 16.69
N VAL AA 496 29.03 3.91 17.25
CA VAL AA 496 27.95 4.31 18.10
C VAL AA 496 27.59 3.38 19.28
N SER AA 497 26.78 3.91 20.15
CA SER AA 497 26.15 3.26 21.30
C SER AA 497 25.09 2.30 20.76
N GLN AA 498 24.93 1.22 21.40
CA GLN AA 498 23.85 0.27 21.18
C GLN AA 498 22.49 0.90 21.33
N ALA AA 499 22.36 1.84 22.24
CA ALA AA 499 21.19 2.65 22.49
C ALA AA 499 20.75 3.37 21.23
N ALA AA 500 21.67 3.99 20.63
CA ALA AA 500 21.54 4.71 19.40
C ALA AA 500 21.21 3.83 18.21
N LEU AA 501 21.90 2.73 18.10
CA LEU AA 501 21.73 1.74 17.09
C LEU AA 501 20.30 1.23 17.11
N ASP AA 502 19.83 0.90 18.28
CA ASP AA 502 18.57 0.37 18.54
C ASP AA 502 17.43 1.39 18.26
N ASP AA 503 17.65 2.66 18.49
CA ASP AA 503 16.82 3.81 18.23
C ASP AA 503 16.83 4.26 16.79
N GLY AA 504 17.51 3.59 15.92
CA GLY AA 504 17.67 3.91 14.54
C GLY AA 504 18.49 5.04 14.05
N VAL AA 505 19.58 5.31 14.70
CA VAL AA 505 20.50 6.38 14.42
C VAL AA 505 20.88 6.45 12.94
N LYS AA 506 21.03 5.32 12.33
CA LYS AA 506 21.43 5.21 10.95
C LYS AA 506 20.42 5.86 10.01
N GLU AA 507 19.16 5.57 10.17
CA GLU AA 507 18.01 6.19 9.49
C GLU AA 507 17.83 7.64 9.89
N LYS AA 508 17.66 7.91 11.16
CA LYS AA 508 17.42 9.21 11.78
C LYS AA 508 18.39 10.27 11.35
N ALA AA 509 19.64 9.99 11.40
CA ALA AA 509 20.79 10.79 10.99
C ALA AA 509 21.16 10.67 9.54
N GLY AA 510 20.62 9.70 8.88
CA GLY AA 510 20.82 9.53 7.51
C GLY AA 510 22.19 9.17 7.08
N LEU AA 511 22.86 8.28 7.78
CA LEU AA 511 24.20 7.89 7.61
C LEU AA 511 24.29 6.75 6.58
N ASP AA 512 25.21 6.87 5.69
CA ASP AA 512 25.61 5.89 4.73
C ASP AA 512 26.81 5.04 5.16
N ARG AA 513 27.57 5.48 6.15
CA ARG AA 513 28.67 4.74 6.77
C ARG AA 513 28.15 3.43 7.29
N GLN AA 514 29.05 2.49 7.51
CA GLN AA 514 28.74 1.36 8.33
C GLN AA 514 28.58 1.92 9.78
N VAL AA 515 27.54 1.54 10.41
CA VAL AA 515 27.19 1.89 11.79
C VAL AA 515 27.18 0.65 12.68
N ILE AA 516 28.13 0.58 13.54
CA ILE AA 516 28.49 -0.51 14.44
C ILE AA 516 28.46 -0.10 15.92
N ALA AA 517 27.77 -0.87 16.71
CA ALA AA 517 27.59 -0.68 18.15
C ALA AA 517 28.86 -1.06 18.85
N VAL AA 518 29.43 -0.15 19.61
CA VAL AA 518 30.40 -0.50 20.64
C VAL AA 518 29.88 -1.48 21.70
N LYS AA 519 30.77 -2.34 22.20
CA LYS AA 519 30.37 -3.40 23.15
C LYS AA 519 31.60 -3.83 23.96
N ASN AA 520 31.45 -4.25 25.16
CA ASN AA 520 32.44 -4.79 26.11
C ASN AA 520 33.38 -3.75 26.76
N CYS AA 521 32.89 -2.62 27.10
CA CYS AA 521 33.64 -1.44 27.61
C CYS AA 521 33.74 -1.47 29.18
N ARG AA 522 32.79 -2.00 29.85
CA ARG AA 522 32.53 -1.88 31.31
C ARG AA 522 32.99 -3.04 32.18
N THR AA 523 33.20 -4.19 31.64
CA THR AA 523 33.67 -5.43 32.29
C THR AA 523 35.20 -5.64 32.23
N ILE AA 524 35.84 -4.89 31.54
CA ILE AA 524 37.26 -4.84 31.31
C ILE AA 524 37.97 -4.06 32.41
N SER AA 525 39.17 -4.46 32.59
CA SER AA 525 40.16 -3.99 33.47
C SER AA 525 41.52 -4.01 32.84
N LYS AA 526 42.44 -3.49 33.58
CA LYS AA 526 43.81 -3.36 33.20
C LYS AA 526 44.42 -4.66 32.76
N HIS AA 527 44.07 -5.73 33.42
CA HIS AA 527 44.55 -7.08 33.15
C HIS AA 527 44.05 -7.69 31.85
N ASP AA 528 42.98 -7.17 31.28
CA ASP AA 528 42.52 -7.52 29.95
C ASP AA 528 43.29 -6.86 28.84
N LEU AA 529 44.17 -6.08 29.17
CA LEU AA 529 44.93 -5.37 28.21
C LEU AA 529 46.04 -6.34 27.81
N VAL AA 530 46.53 -6.18 26.61
CA VAL AA 530 47.49 -7.06 25.96
C VAL AA 530 48.89 -6.48 26.03
N ARG AA 531 49.73 -7.23 26.66
CA ARG AA 531 51.12 -7.04 26.97
C ARG AA 531 51.40 -5.80 27.86
N ASN AA 532 50.39 -5.18 28.40
CA ASN AA 532 50.49 -3.99 29.17
C ASN AA 532 49.50 -4.04 30.34
N ASP AA 533 49.62 -5.05 31.15
CA ASP AA 533 48.67 -5.47 32.16
C ASP AA 533 49.12 -5.36 33.63
N GLN AA 534 50.21 -4.72 33.88
CA GLN AA 534 50.88 -4.43 35.13
C GLN AA 534 50.29 -3.29 35.97
N THR AA 535 50.03 -3.59 37.23
CA THR AA 535 49.49 -2.74 38.30
C THR AA 535 50.45 -2.63 39.51
N PRO AA 536 51.58 -2.00 39.38
CA PRO AA 536 52.44 -1.82 40.55
C PRO AA 536 52.08 -0.66 41.45
N ASN AA 537 52.76 -0.60 42.58
CA ASN AA 537 52.70 0.54 43.48
C ASN AA 537 53.47 1.70 42.91
N ILE AA 538 52.81 2.81 42.76
CA ILE AA 538 53.41 4.04 42.28
C ILE AA 538 53.31 5.16 43.32
N GLU AA 539 54.44 5.71 43.63
CA GLU AA 539 54.67 6.79 44.57
C GLU AA 539 55.39 7.95 43.91
N VAL AA 540 54.90 9.11 44.16
CA VAL AA 540 55.44 10.37 43.72
C VAL AA 540 55.70 11.29 44.91
N ASP AA 541 56.85 11.80 44.95
CA ASP AA 541 57.35 12.74 45.94
C ASP AA 541 56.82 14.15 45.74
N PRO AA 542 55.97 14.65 46.64
CA PRO AA 542 55.35 15.97 46.48
C PRO AA 542 56.31 17.12 46.48
N GLU AA 543 57.55 16.93 46.88
CA GLU AA 543 58.56 17.98 46.74
C GLU AA 543 59.31 17.94 45.42
N THR AA 544 60.04 16.89 45.21
CA THR AA 544 60.93 16.68 44.11
C THR AA 544 60.31 15.93 42.92
N PHE AA 545 59.07 15.44 43.03
CA PHE AA 545 58.28 14.84 41.96
C PHE AA 545 58.85 13.53 41.49
N ALA AA 546 59.83 13.00 42.22
CA ALA AA 546 60.49 11.72 41.97
C ALA AA 546 59.45 10.59 42.05
N VAL AA 547 59.49 9.62 41.16
CA VAL AA 547 58.65 8.46 41.04
C VAL AA 547 59.36 7.16 41.34
N LYS AA 548 58.74 6.45 42.23
CA LYS AA 548 59.05 5.14 42.70
C LYS AA 548 57.97 4.20 42.30
N VAL AA 549 58.34 3.06 41.71
CA VAL AA 549 57.46 2.02 41.16
C VAL AA 549 57.88 0.77 41.89
N ASP AA 550 57.03 0.20 42.73
CA ASP AA 550 57.37 -0.90 43.67
C ASP AA 550 58.68 -0.52 44.42
N GLY AA 551 58.83 0.69 44.93
CA GLY AA 551 60.05 1.19 45.60
C GLY AA 551 61.26 1.51 44.73
N VAL AA 552 61.25 1.47 43.39
CA VAL AA 552 62.38 1.66 42.57
C VAL AA 552 62.16 2.92 41.78
N HIS AA 553 63.14 3.76 41.88
CA HIS AA 553 63.19 5.00 41.21
C HIS AA 553 63.06 4.72 39.73
N ALA AA 554 62.11 5.42 39.11
CA ALA AA 554 61.73 5.27 37.72
C ALA AA 554 62.19 6.49 36.97
N THR AA 555 63.37 6.37 36.38
CA THR AA 555 63.94 7.38 35.53
C THR AA 555 64.83 6.79 34.43
N CYS AA 556 65.12 7.62 33.47
CA CYS AA 556 66.00 7.43 32.34
C CYS AA 556 66.36 8.83 31.92
N GLU AA 557 67.39 8.94 31.13
CA GLU AA 557 68.09 10.09 30.64
C GLU AA 557 67.58 10.49 29.28
N PRO AA 558 67.49 11.75 28.98
CA PRO AA 558 67.06 12.12 27.65
C PRO AA 558 68.01 11.85 26.54
N ILE AA 559 67.38 11.48 25.47
CA ILE AA 559 67.98 11.26 24.17
C ILE AA 559 68.28 12.59 23.52
N ASP AA 560 69.42 12.63 22.90
CA ASP AA 560 69.84 13.60 21.91
C ASP AA 560 69.28 13.31 20.53
N THR AA 561 69.40 12.08 20.06
CA THR AA 561 69.05 11.64 18.71
C THR AA 561 68.00 10.55 18.68
N ALA AA 562 66.91 10.88 18.06
CA ALA AA 562 65.86 10.00 17.70
C ALA AA 562 66.11 9.27 16.36
N ALA AA 563 65.72 7.99 16.32
CA ALA AA 563 65.67 7.09 15.14
C ALA AA 563 64.37 7.38 14.35
N MET AA 564 64.33 7.09 13.05
CA MET AA 564 63.16 7.21 12.17
C MET AA 564 62.81 8.71 12.21
N ASN AA 565 63.77 9.59 12.12
CA ASN AA 565 63.50 11.00 12.47
C ASN AA 565 64.01 11.92 11.35
N GLN AA 566 65.14 12.59 11.45
CA GLN AA 566 65.66 13.58 10.47
C GLN AA 566 66.14 12.89 9.16
N ARG AA 567 66.50 11.62 9.17
CA ARG AA 567 66.87 10.82 8.01
C ARG AA 567 65.78 10.68 6.97
N TYR AA 568 64.61 10.49 7.38
CA TYR AA 568 63.35 10.15 6.74
C TYR AA 568 62.41 11.31 6.42
N PHE AA 569 62.48 12.42 7.09
CA PHE AA 569 61.50 13.46 7.06
C PHE AA 569 62.12 14.82 6.68
N PHE AA 570 61.48 15.51 5.75
CA PHE AA 570 61.63 16.92 5.42
C PHE AA 570 60.86 17.85 6.36
N GLY AA 571 59.75 17.39 6.94
CA GLY AA 571 58.56 18.01 7.64
C GLY AA 571 59.05 19.27 8.29
N MET BA 1 -29.74 4.86 -53.01
CA MET BA 1 -30.76 3.83 -52.92
C MET BA 1 -31.10 3.26 -51.53
N GLN BA 2 -30.32 3.64 -50.58
CA GLN BA 2 -30.37 3.41 -49.23
C GLN BA 2 -30.67 1.93 -48.88
N LEU BA 3 -29.78 1.12 -49.33
CA LEU BA 3 -29.83 -0.32 -49.14
C LEU BA 3 -29.47 -0.76 -47.74
N THR BA 4 -30.41 -1.43 -47.20
CA THR BA 4 -30.45 -2.11 -45.96
C THR BA 4 -29.78 -3.47 -46.05
N PRO BA 5 -29.31 -3.99 -44.95
CA PRO BA 5 -28.71 -5.33 -44.94
C PRO BA 5 -29.50 -6.45 -45.66
N ARG BA 6 -30.80 -6.46 -45.52
CA ARG BA 6 -31.74 -7.41 -46.17
C ARG BA 6 -31.75 -7.32 -47.69
N GLU BA 7 -31.65 -6.16 -48.19
CA GLU BA 7 -31.55 -5.78 -49.60
C GLU BA 7 -30.23 -6.17 -50.20
N VAL BA 8 -29.16 -5.89 -49.54
CA VAL BA 8 -27.85 -6.23 -49.99
C VAL BA 8 -27.70 -7.76 -50.08
N GLU BA 9 -28.11 -8.47 -49.03
CA GLU BA 9 -28.05 -9.95 -48.92
C GLU BA 9 -28.69 -10.64 -50.09
N LYS BA 10 -29.77 -10.13 -50.56
CA LYS BA 10 -30.47 -10.67 -51.65
C LYS BA 10 -29.76 -10.57 -52.97
N LEU BA 11 -28.77 -9.71 -53.14
CA LEU BA 11 -27.95 -9.69 -54.33
C LEU BA 11 -27.20 -11.02 -54.56
N MET BA 12 -26.78 -11.70 -53.48
CA MET BA 12 -26.10 -13.03 -53.58
C MET BA 12 -27.03 -13.97 -54.37
N ILE BA 13 -28.31 -13.99 -54.09
CA ILE BA 13 -29.28 -14.90 -54.69
C ILE BA 13 -29.38 -14.69 -56.18
N TYR BA 14 -29.49 -13.47 -56.57
CA TYR BA 14 -29.56 -13.02 -57.93
C TYR BA 14 -28.37 -13.38 -58.78
N THR BA 15 -27.20 -13.29 -58.20
CA THR BA 15 -25.91 -13.62 -58.84
C THR BA 15 -25.76 -15.13 -59.02
N LEU BA 16 -26.02 -15.91 -57.98
N LEU BA 16 -26.02 -15.91 -57.98
CA LEU BA 16 -25.87 -17.39 -58.05
CA LEU BA 16 -25.87 -17.39 -58.05
C LEU BA 16 -26.93 -17.91 -59.10
C LEU BA 16 -26.93 -17.91 -59.10
N SER BA 17 -28.25 -17.57 -59.11
CA SER BA 17 -29.29 -17.90 -60.07
C SER BA 17 -29.07 -17.48 -61.45
N ASP BA 18 -28.41 -16.39 -61.67
CA ASP BA 18 -28.02 -16.12 -63.03
C ASP BA 18 -27.01 -17.13 -63.58
N VAL BA 19 -26.00 -17.46 -62.80
CA VAL BA 19 -25.06 -18.49 -63.13
C VAL BA 19 -25.80 -19.81 -63.34
N ALA BA 20 -26.66 -20.17 -62.41
CA ALA BA 20 -27.45 -21.39 -62.45
C ALA BA 20 -28.34 -21.52 -63.65
N PHE BA 21 -29.04 -20.48 -64.02
CA PHE BA 21 -29.86 -20.50 -65.20
C PHE BA 21 -29.05 -20.65 -66.47
N LYS BA 22 -27.85 -20.10 -66.54
CA LYS BA 22 -26.97 -20.26 -67.69
C LYS BA 22 -26.52 -21.71 -67.84
N ARG BA 23 -26.19 -22.34 -66.73
CA ARG BA 23 -25.75 -23.72 -66.67
C ARG BA 23 -26.83 -24.70 -67.08
N LYS BA 24 -28.05 -24.53 -66.57
CA LYS BA 24 -29.17 -25.35 -66.93
C LYS BA 24 -29.49 -25.28 -68.42
N ALA BA 25 -29.32 -24.14 -69.02
CA ALA BA 25 -29.53 -23.91 -70.42
C ALA BA 25 -28.47 -24.52 -71.35
N ARG BA 26 -27.24 -24.76 -70.91
CA ARG BA 26 -26.20 -25.62 -71.45
C ARG BA 26 -26.40 -27.11 -71.28
N GLY BA 27 -27.49 -27.54 -70.70
CA GLY BA 27 -27.68 -28.85 -70.26
C GLY BA 27 -26.94 -29.38 -69.09
N LEU BA 28 -26.41 -28.57 -68.24
CA LEU BA 28 -25.79 -29.08 -67.05
C LEU BA 28 -26.85 -29.38 -66.00
N LYS BA 29 -26.67 -30.51 -65.38
N LYS BA 29 -26.68 -30.52 -65.39
CA LYS BA 29 -27.38 -30.92 -64.20
CA LYS BA 29 -27.40 -30.91 -64.22
C LYS BA 29 -26.84 -30.20 -62.98
C LYS BA 29 -26.85 -30.19 -62.98
N LEU BA 30 -27.74 -29.60 -62.25
CA LEU BA 30 -27.45 -28.70 -61.17
C LEU BA 30 -27.21 -29.38 -59.89
N ASN BA 31 -26.40 -28.77 -59.13
CA ASN BA 31 -26.06 -29.03 -57.80
C ASN BA 31 -26.95 -28.33 -56.82
N TYR BA 32 -26.68 -28.51 -55.66
CA TYR BA 32 -27.40 -28.10 -54.46
C TYR BA 32 -27.54 -26.58 -54.39
N PRO BA 33 -26.51 -25.83 -54.16
CA PRO BA 33 -26.55 -24.36 -54.24
C PRO BA 33 -27.25 -23.74 -55.44
N GLU BA 34 -26.96 -24.20 -56.59
CA GLU BA 34 -27.52 -23.76 -57.82
C GLU BA 34 -29.05 -23.95 -57.86
N ALA BA 35 -29.50 -25.11 -57.47
CA ALA BA 35 -30.89 -25.51 -57.48
C ALA BA 35 -31.71 -24.73 -56.48
N VAL BA 36 -31.21 -24.61 -55.27
CA VAL BA 36 -31.76 -23.77 -54.25
C VAL BA 36 -31.90 -22.31 -54.74
N SER BA 37 -30.93 -21.80 -55.46
CA SER BA 37 -30.93 -20.47 -56.08
C SER BA 37 -32.10 -20.24 -57.00
N ILE BA 38 -32.37 -21.15 -57.89
CA ILE BA 38 -33.36 -21.06 -58.92
C ILE BA 38 -34.77 -21.09 -58.31
N ILE BA 39 -35.00 -21.92 -57.33
CA ILE BA 39 -36.27 -22.01 -56.63
C ILE BA 39 -36.51 -20.72 -55.85
N THR BA 40 -35.50 -20.24 -55.18
CA THR BA 40 -35.54 -19.04 -54.36
C THR BA 40 -35.92 -17.81 -55.17
N VAL BA 41 -35.29 -17.61 -56.30
CA VAL BA 41 -35.48 -16.46 -57.15
C VAL BA 41 -36.80 -16.50 -57.85
N THR BA 42 -37.30 -17.67 -58.12
CA THR BA 42 -38.61 -17.88 -58.73
C THR BA 42 -39.71 -17.32 -57.84
N ALA BA 43 -39.65 -17.63 -56.59
CA ALA BA 43 -40.49 -17.08 -55.54
C ALA BA 43 -40.39 -15.58 -55.44
N MET BA 44 -39.21 -15.13 -55.16
CA MET BA 44 -38.85 -13.73 -55.12
C MET BA 44 -39.36 -12.94 -56.29
N GLU BA 45 -39.22 -13.43 -57.46
CA GLU BA 45 -39.66 -12.73 -58.63
C GLU BA 45 -41.18 -12.70 -58.78
N GLY BA 46 -41.82 -13.76 -58.37
CA GLY BA 46 -43.24 -13.83 -58.27
C GLY BA 46 -43.87 -12.80 -57.38
N ALA BA 47 -43.38 -12.72 -56.17
CA ALA BA 47 -43.65 -11.70 -55.19
C ALA BA 47 -43.65 -10.32 -55.84
N ARG BA 48 -42.63 -10.02 -56.60
CA ARG BA 48 -42.37 -8.72 -57.20
C ARG BA 48 -43.35 -8.42 -58.29
N ASP BA 49 -43.65 -9.48 -59.01
CA ASP BA 49 -44.65 -9.59 -60.09
C ASP BA 49 -46.08 -9.43 -59.51
N GLY BA 50 -46.33 -9.49 -58.20
CA GLY BA 50 -47.64 -9.27 -57.63
C GLY BA 50 -48.51 -10.46 -57.28
N LYS BA 51 -48.03 -11.65 -57.40
CA LYS BA 51 -48.68 -12.86 -57.02
C LYS BA 51 -48.83 -13.03 -55.54
N SER BA 52 -49.67 -13.95 -55.23
CA SER BA 52 -49.92 -14.42 -53.90
C SER BA 52 -48.84 -15.41 -53.47
N VAL BA 53 -48.69 -15.58 -52.18
CA VAL BA 53 -47.83 -16.58 -51.56
C VAL BA 53 -48.19 -17.96 -52.06
N GLU BA 54 -49.47 -18.25 -52.09
CA GLU BA 54 -50.03 -19.49 -52.58
C GLU BA 54 -49.62 -19.77 -54.01
N ASP BA 55 -49.79 -18.81 -54.87
CA ASP BA 55 -49.46 -18.91 -56.25
C ASP BA 55 -47.96 -19.01 -56.52
N VAL BA 56 -47.11 -18.30 -55.77
CA VAL BA 56 -45.70 -18.34 -56.03
C VAL BA 56 -45.16 -19.70 -55.66
N MET BA 57 -45.56 -20.20 -54.51
N MET BA 57 -45.58 -20.22 -54.51
CA MET BA 57 -45.36 -21.53 -54.00
CA MET BA 57 -45.37 -21.56 -54.01
C MET BA 57 -45.53 -22.63 -55.00
C MET BA 57 -45.52 -22.63 -55.04
N LYS BA 58 -46.65 -22.69 -55.68
CA LYS BA 58 -46.88 -23.59 -56.77
C LYS BA 58 -45.83 -23.47 -57.83
N GLU BA 59 -45.67 -22.25 -58.30
CA GLU BA 59 -44.72 -21.86 -59.36
C GLU BA 59 -43.33 -22.40 -59.00
N ALA BA 60 -42.81 -22.18 -57.85
CA ALA BA 60 -41.50 -22.54 -57.40
C ALA BA 60 -41.32 -24.02 -57.18
N SER BA 61 -42.37 -24.68 -56.76
CA SER BA 61 -42.39 -26.16 -56.59
C SER BA 61 -42.39 -26.84 -57.98
N LYS BA 62 -42.48 -26.13 -59.08
CA LYS BA 62 -42.51 -26.69 -60.41
C LYS BA 62 -41.38 -26.33 -61.37
N VAL BA 63 -40.45 -25.51 -60.98
CA VAL BA 63 -39.39 -24.99 -61.86
C VAL BA 63 -38.33 -26.05 -62.14
N LEU BA 64 -37.98 -26.84 -61.16
CA LEU BA 64 -37.00 -27.90 -61.28
C LEU BA 64 -37.57 -29.31 -61.07
N THR BA 65 -37.12 -30.20 -61.90
CA THR BA 65 -37.31 -31.63 -61.87
C THR BA 65 -36.10 -32.46 -61.46
N LYS BA 66 -36.39 -33.72 -61.16
N LYS BA 66 -36.39 -33.72 -61.16
CA LYS BA 66 -35.38 -34.73 -60.94
CA LYS BA 66 -35.37 -34.72 -60.92
C LYS BA 66 -34.37 -34.79 -62.05
C LYS BA 66 -34.36 -34.81 -62.05
N ASP BA 67 -34.80 -34.73 -63.29
CA ASP BA 67 -33.90 -34.74 -64.42
C ASP BA 67 -32.94 -33.58 -64.46
N ASP BA 68 -33.31 -32.43 -63.99
CA ASP BA 68 -32.61 -31.18 -64.07
C ASP BA 68 -31.56 -31.04 -63.00
N VAL BA 69 -31.52 -31.93 -62.09
CA VAL BA 69 -30.59 -31.96 -61.00
C VAL BA 69 -29.78 -33.24 -60.99
N MET BA 70 -28.65 -33.07 -60.42
CA MET BA 70 -27.73 -34.11 -60.10
C MET BA 70 -28.33 -35.08 -59.07
N ASP BA 71 -28.11 -36.35 -59.32
CA ASP BA 71 -28.62 -37.43 -58.50
C ASP BA 71 -28.33 -37.24 -57.01
N GLY BA 72 -29.34 -37.28 -56.25
CA GLY BA 72 -29.30 -37.05 -54.88
C GLY BA 72 -29.69 -35.69 -54.36
N VAL BA 73 -29.72 -34.67 -55.19
CA VAL BA 73 -29.86 -33.28 -54.76
C VAL BA 73 -31.18 -33.09 -54.10
N ALA BA 74 -32.20 -33.71 -54.62
CA ALA BA 74 -33.49 -33.81 -53.98
C ALA BA 74 -33.48 -34.07 -52.49
N ASP BA 75 -32.65 -35.05 -52.09
CA ASP BA 75 -32.45 -35.48 -50.70
C ASP BA 75 -31.86 -34.33 -49.88
N LEU BA 76 -31.16 -33.40 -50.50
CA LEU BA 76 -30.53 -32.26 -49.93
C LEU BA 76 -31.41 -31.04 -49.80
N ILE BA 77 -32.52 -31.00 -50.50
CA ILE BA 77 -33.50 -29.97 -50.61
C ILE BA 77 -34.87 -30.57 -50.32
N PRO BA 78 -35.16 -30.89 -49.15
CA PRO BA 78 -36.51 -31.23 -48.81
C PRO BA 78 -37.53 -30.11 -48.90
N ASN BA 79 -37.21 -28.97 -48.32
CA ASN BA 79 -37.87 -27.70 -48.51
C ASN BA 79 -36.87 -26.57 -48.74
N VAL BA 80 -37.32 -25.53 -49.44
CA VAL BA 80 -36.73 -24.21 -49.53
C VAL BA 80 -37.61 -23.11 -48.96
N GLN BA 81 -37.04 -22.31 -48.08
CA GLN BA 81 -37.56 -21.09 -47.56
C GLN BA 81 -36.82 -19.79 -47.90
N VAL BA 82 -37.61 -18.81 -48.26
CA VAL BA 82 -37.30 -17.39 -48.51
C VAL BA 82 -38.42 -16.43 -48.17
N GLU BA 83 -37.99 -15.32 -47.66
CA GLU BA 83 -38.72 -14.10 -47.46
C GLU BA 83 -38.58 -13.24 -48.67
N ALA BA 84 -39.71 -12.93 -49.18
CA ALA BA 84 -39.98 -12.09 -50.26
C ALA BA 84 -40.93 -10.94 -49.90
N ILE BA 85 -40.94 -9.98 -50.74
CA ILE BA 85 -41.63 -8.73 -50.55
C ILE BA 85 -42.78 -8.76 -51.54
N PHE BA 86 -43.88 -9.05 -50.99
CA PHE BA 86 -45.19 -9.12 -51.59
C PHE BA 86 -45.81 -7.74 -51.50
N THR BA 87 -46.83 -7.53 -52.27
CA THR BA 87 -47.65 -6.32 -52.22
C THR BA 87 -48.11 -5.91 -50.81
N ASP BA 88 -48.45 -6.83 -49.99
CA ASP BA 88 -48.81 -6.65 -48.62
C ASP BA 88 -47.68 -6.75 -47.63
N GLY BA 89 -46.53 -6.94 -48.04
CA GLY BA 89 -45.36 -6.93 -47.24
C GLY BA 89 -44.48 -8.09 -47.44
N SER BA 90 -43.49 -8.14 -46.60
CA SER BA 90 -42.62 -9.24 -46.44
C SER BA 90 -43.39 -10.43 -45.86
N ARG BA 91 -43.20 -11.51 -46.46
CA ARG BA 91 -43.74 -12.83 -46.19
C ARG BA 91 -42.81 -14.01 -46.45
N LEU BA 92 -42.81 -14.94 -45.55
CA LEU BA 92 -42.23 -16.25 -45.72
C LEU BA 92 -43.00 -17.16 -46.61
N VAL BA 93 -42.28 -17.64 -47.57
CA VAL BA 93 -42.60 -18.65 -48.53
C VAL BA 93 -41.76 -19.89 -48.22
N THR BA 94 -42.45 -20.95 -47.88
CA THR BA 94 -41.97 -22.32 -47.90
C THR BA 94 -42.51 -22.98 -49.12
N VAL BA 95 -41.62 -23.65 -49.76
CA VAL BA 95 -41.79 -24.42 -50.93
C VAL BA 95 -41.46 -25.85 -50.52
N HIS BA 96 -42.45 -26.73 -50.55
CA HIS BA 96 -42.40 -28.13 -50.02
C HIS BA 96 -41.96 -29.08 -51.12
N ASP BA 97 -40.94 -29.91 -50.89
CA ASP BA 97 -40.44 -30.93 -51.86
C ASP BA 97 -40.32 -30.33 -53.25
N PRO BA 98 -39.57 -29.25 -53.49
CA PRO BA 98 -39.55 -28.65 -54.82
C PRO BA 98 -39.03 -29.50 -56.00
N ILE BA 99 -38.19 -30.50 -55.81
CA ILE BA 99 -37.64 -31.31 -56.86
C ILE BA 99 -38.45 -32.60 -56.84
N LYS BA 100 -39.35 -32.68 -57.77
CA LYS BA 100 -40.24 -33.81 -57.91
C LYS BA 100 -39.79 -34.62 -59.10
N SER CA 1 -31.01 -51.34 -48.36
CA SER CA 1 -29.89 -52.29 -48.61
C SER CA 1 -28.54 -51.64 -48.30
N GLU CA 2 -28.29 -50.49 -48.95
CA GLU CA 2 -27.06 -49.62 -49.00
C GLU CA 2 -27.02 -48.93 -50.35
N GLN CA 3 -27.33 -49.68 -51.42
CA GLN CA 3 -27.39 -49.24 -52.84
C GLN CA 3 -28.56 -48.28 -53.08
N ASN CA 4 -29.56 -48.29 -52.19
CA ASN CA 4 -30.82 -47.56 -52.26
C ASN CA 4 -31.03 -46.41 -51.26
N THR CA 5 -30.24 -46.32 -50.22
CA THR CA 5 -30.35 -45.27 -49.23
C THR CA 5 -30.10 -43.90 -49.81
N PRO CA 6 -30.96 -42.92 -49.57
CA PRO CA 6 -30.64 -41.53 -49.96
C PRO CA 6 -29.40 -40.99 -49.25
N LEU CA 7 -28.91 -39.85 -49.76
CA LEU CA 7 -27.80 -39.09 -49.14
C LEU CA 7 -28.23 -38.87 -47.68
N GLY CA 8 -27.40 -39.17 -46.71
CA GLY CA 8 -27.49 -39.11 -45.31
C GLY CA 8 -28.47 -40.04 -44.68
N GLY CA 9 -29.00 -40.97 -45.45
CA GLY CA 9 -30.01 -41.82 -45.01
C GLY CA 9 -29.53 -42.87 -44.08
N CYS CA 10 -30.52 -43.38 -43.45
CA CYS CA 10 -30.47 -44.41 -42.46
C CYS CA 10 -30.99 -45.75 -43.00
N ILE CA 11 -30.30 -46.78 -42.63
CA ILE CA 11 -30.72 -48.18 -42.77
C ILE CA 11 -31.06 -48.66 -41.39
N LEU CA 12 -32.33 -48.81 -41.17
CA LEU CA 12 -32.88 -49.23 -39.91
C LEU CA 12 -33.04 -50.72 -39.84
N ALA CA 13 -32.64 -51.25 -38.73
CA ALA CA 13 -32.97 -52.61 -38.35
C ALA CA 13 -34.49 -52.86 -38.25
N ASP CA 14 -34.90 -54.07 -37.91
CA ASP CA 14 -36.30 -54.51 -37.88
C ASP CA 14 -36.92 -54.54 -36.51
N THR CA 15 -36.18 -54.93 -35.52
CA THR CA 15 -36.69 -55.17 -34.22
C THR CA 15 -37.37 -53.96 -33.62
N PRO CA 16 -38.64 -54.06 -33.26
CA PRO CA 16 -39.32 -53.00 -32.53
C PRO CA 16 -38.68 -52.61 -31.21
N ILE CA 17 -38.96 -51.41 -30.82
CA ILE CA 17 -38.49 -50.86 -29.58
C ILE CA 17 -39.59 -51.04 -28.53
N THR CA 18 -39.20 -51.51 -27.42
CA THR CA 18 -40.05 -51.71 -26.27
C THR CA 18 -39.66 -50.79 -25.14
N PHE CA 19 -40.60 -49.98 -24.74
CA PHE CA 19 -40.46 -49.00 -23.69
C PHE CA 19 -41.56 -49.12 -22.62
N ASN CA 20 -41.20 -48.68 -21.44
CA ASN CA 20 -41.96 -48.55 -20.22
C ASN CA 20 -42.46 -49.92 -19.68
N GLU CA 21 -41.92 -51.06 -20.18
CA GLU CA 21 -42.30 -52.47 -19.95
C GLU CA 21 -42.52 -52.87 -18.51
N ASN CA 22 -41.81 -52.32 -17.60
CA ASN CA 22 -41.85 -52.73 -16.22
C ASN CA 22 -42.88 -52.03 -15.38
N LYS CA 23 -43.38 -51.08 -15.82
CA LYS CA 23 -44.09 -50.11 -15.11
C LYS CA 23 -45.62 -50.45 -15.07
N PRO CA 24 -46.28 -50.42 -13.90
CA PRO CA 24 -47.70 -50.75 -13.81
C PRO CA 24 -48.67 -49.70 -14.34
N VAL CA 25 -49.63 -50.18 -15.11
CA VAL CA 25 -50.52 -49.39 -15.94
C VAL CA 25 -51.93 -49.30 -15.36
N THR CA 26 -52.38 -48.10 -15.16
CA THR CA 26 -53.69 -47.65 -14.75
C THR CA 26 -54.42 -46.97 -15.90
N LYS CA 27 -55.49 -47.55 -16.30
CA LYS CA 27 -56.42 -46.95 -17.25
C LYS CA 27 -57.47 -46.06 -16.58
N VAL CA 28 -57.56 -44.85 -17.04
CA VAL CA 28 -58.56 -43.88 -16.63
C VAL CA 28 -59.33 -43.38 -17.82
N LYS CA 29 -60.56 -42.98 -17.56
CA LYS CA 29 -61.53 -42.41 -18.49
C LYS CA 29 -61.61 -40.90 -18.34
N VAL CA 30 -61.41 -40.19 -19.44
CA VAL CA 30 -61.22 -38.77 -19.44
C VAL CA 30 -62.25 -38.11 -20.35
N ARG CA 31 -63.02 -37.23 -19.78
CA ARG CA 31 -63.95 -36.36 -20.49
C ARG CA 31 -63.57 -34.89 -20.36
N ASN CA 32 -63.48 -34.23 -21.48
CA ASN CA 32 -63.33 -32.78 -21.60
C ASN CA 32 -64.69 -32.11 -21.59
N THR CA 33 -64.94 -31.50 -20.50
CA THR CA 33 -66.04 -30.67 -20.09
C THR CA 33 -65.91 -29.20 -20.37
N GLY CA 34 -64.86 -28.74 -20.99
CA GLY CA 34 -64.78 -27.41 -21.49
C GLY CA 34 -65.10 -27.29 -22.91
N ASP CA 35 -65.14 -26.06 -23.34
CA ASP CA 35 -65.37 -25.67 -24.71
C ASP CA 35 -64.14 -25.56 -25.58
N ARG CA 36 -62.99 -25.70 -25.03
CA ARG CA 36 -61.78 -25.59 -25.73
C ARG CA 36 -60.90 -26.85 -25.67
N PRO CA 37 -60.20 -27.14 -26.75
CA PRO CA 37 -59.29 -28.25 -26.78
C PRO CA 37 -58.18 -28.21 -25.73
N ILE CA 38 -57.94 -29.35 -25.19
CA ILE CA 38 -56.93 -29.66 -24.19
C ILE CA 38 -56.04 -30.76 -24.75
N GLN CA 39 -54.76 -30.56 -24.66
CA GLN CA 39 -53.67 -31.43 -25.07
C GLN CA 39 -52.59 -31.52 -23.99
N VAL CA 40 -52.28 -32.73 -23.67
CA VAL CA 40 -51.42 -33.14 -22.58
C VAL CA 40 -50.30 -34.05 -23.09
N GLY CA 41 -49.15 -33.77 -22.69
CA GLY CA 41 -47.94 -34.49 -22.97
C GLY CA 41 -47.54 -35.57 -22.04
N SER CA 42 -46.52 -36.27 -22.47
CA SER CA 42 -46.10 -37.55 -21.95
C SER CA 42 -45.64 -37.53 -20.51
N HIS CA 43 -44.94 -36.45 -20.15
CA HIS CA 43 -44.30 -36.20 -18.82
C HIS CA 43 -45.05 -35.28 -17.90
N PHE CA 44 -46.12 -34.73 -18.31
CA PHE CA 44 -46.98 -33.98 -17.39
C PHE CA 44 -47.59 -34.88 -16.33
N HIS CA 45 -47.71 -34.39 -15.15
CA HIS CA 45 -48.34 -34.99 -13.96
C HIS CA 45 -49.84 -34.93 -14.14
N PHE CA 46 -50.37 -36.04 -14.69
CA PHE CA 46 -51.78 -36.17 -15.14
C PHE CA 46 -52.79 -35.62 -14.09
N PHE CA 47 -52.63 -35.88 -12.81
CA PHE CA 47 -53.29 -35.30 -11.68
C PHE CA 47 -53.58 -33.84 -11.68
N GLU CA 48 -52.75 -33.09 -12.32
CA GLU CA 48 -52.70 -31.67 -12.30
C GLU CA 48 -53.07 -31.05 -13.61
N VAL CA 49 -53.60 -31.85 -14.55
CA VAL CA 49 -54.04 -31.36 -15.89
C VAL CA 49 -55.25 -30.42 -15.70
N ASN CA 50 -55.50 -29.59 -16.69
CA ASN CA 50 -56.58 -28.59 -16.86
C ASN CA 50 -57.82 -29.01 -16.01
N ARG CA 51 -58.16 -28.27 -14.96
CA ARG CA 51 -59.44 -28.32 -14.19
C ARG CA 51 -60.62 -28.87 -15.01
N ALA CA 52 -60.89 -28.43 -16.23
CA ALA CA 52 -61.99 -28.85 -17.13
C ALA CA 52 -62.04 -30.36 -17.48
N LEU CA 53 -60.96 -31.12 -17.40
CA LEU CA 53 -60.88 -32.53 -17.56
C LEU CA 53 -61.43 -33.21 -16.32
N GLU CA 54 -62.32 -34.14 -16.59
CA GLU CA 54 -63.05 -34.89 -15.57
C GLU CA 54 -62.63 -36.34 -15.74
N PHE CA 55 -62.05 -36.94 -14.72
CA PHE CA 55 -61.49 -38.25 -14.65
C PHE CA 55 -61.31 -38.54 -13.18
N ASP CA 56 -60.91 -39.76 -12.83
CA ASP CA 56 -60.62 -40.20 -11.48
C ASP CA 56 -59.26 -39.72 -11.06
N ARG CA 57 -59.28 -38.62 -10.40
CA ARG CA 57 -58.10 -37.84 -10.21
C ARG CA 57 -57.15 -38.59 -9.27
N ALA CA 58 -57.71 -39.18 -8.26
CA ALA CA 58 -57.03 -40.04 -7.32
C ALA CA 58 -56.19 -41.14 -7.95
N ALA CA 59 -56.67 -41.64 -9.07
CA ALA CA 59 -55.99 -42.69 -9.80
C ALA CA 59 -54.74 -42.23 -10.58
N ALA CA 60 -54.68 -41.01 -10.99
CA ALA CA 60 -53.65 -40.26 -11.65
C ALA CA 60 -52.58 -39.65 -10.75
N TYR CA 61 -52.75 -39.73 -9.47
CA TYR CA 61 -51.77 -39.35 -8.48
C TYR CA 61 -50.49 -40.10 -8.70
N GLY CA 62 -49.48 -39.36 -8.93
CA GLY CA 62 -48.18 -39.80 -9.31
C GLY CA 62 -48.01 -40.32 -10.62
N LYS CA 63 -48.88 -40.00 -11.51
CA LYS CA 63 -48.91 -40.54 -12.82
C LYS CA 63 -48.81 -39.59 -14.00
N ARG CA 64 -48.31 -40.19 -15.05
CA ARG CA 64 -48.10 -39.79 -16.39
C ARG CA 64 -48.68 -40.76 -17.40
N LEU CA 65 -48.88 -40.24 -18.52
CA LEU CA 65 -49.30 -40.95 -19.68
C LEU CA 65 -48.22 -41.89 -20.24
N ASN CA 66 -48.62 -43.11 -20.52
CA ASN CA 66 -47.86 -44.22 -20.99
C ASN CA 66 -47.82 -44.22 -22.50
N ILE CA 67 -47.25 -43.17 -23.00
CA ILE CA 67 -47.01 -42.88 -24.38
C ILE CA 67 -45.52 -42.55 -24.60
N SER CA 68 -45.16 -42.45 -25.87
CA SER CA 68 -43.82 -42.08 -26.29
C SER CA 68 -43.44 -40.71 -25.75
N SER CA 69 -42.32 -40.67 -25.09
CA SER CA 69 -41.62 -39.44 -24.80
C SER CA 69 -41.73 -38.52 -26.00
N THR CA 70 -42.14 -37.37 -25.66
CA THR CA 70 -42.30 -36.17 -26.41
C THR CA 70 -43.64 -36.05 -27.10
N THR CA 71 -44.43 -37.06 -27.09
CA THR CA 71 -45.71 -37.05 -27.75
C THR CA 71 -46.80 -36.64 -26.71
N ALA CA 72 -47.98 -36.51 -27.19
CA ALA CA 72 -49.14 -35.96 -26.51
C ALA CA 72 -50.46 -36.63 -26.93
N ILE CA 73 -51.45 -36.38 -26.11
CA ILE CA 73 -52.84 -36.84 -26.32
C ILE CA 73 -53.75 -35.60 -26.31
N ARG CA 74 -54.59 -35.46 -27.29
CA ARG CA 74 -55.54 -34.42 -27.52
C ARG CA 74 -56.96 -34.82 -27.12
N PHE CA 75 -57.52 -34.05 -26.30
CA PHE CA 75 -58.84 -34.16 -25.72
C PHE CA 75 -59.66 -32.98 -26.24
N GLU CA 76 -60.40 -33.23 -27.27
CA GLU CA 76 -61.34 -32.32 -27.89
C GLU CA 76 -62.59 -32.12 -27.03
N PRO CA 77 -63.25 -30.99 -27.16
CA PRO CA 77 -64.44 -30.72 -26.34
C PRO CA 77 -65.56 -31.72 -26.52
N GLY CA 78 -65.98 -32.21 -25.38
CA GLY CA 78 -67.01 -33.12 -25.15
C GLY CA 78 -66.81 -34.51 -25.67
N ASP CA 79 -65.64 -35.04 -25.54
CA ASP CA 79 -65.28 -36.32 -26.03
C ASP CA 79 -64.71 -37.11 -24.86
N GLU CA 80 -64.78 -38.40 -24.98
CA GLU CA 80 -64.32 -39.29 -23.99
C GLU CA 80 -63.34 -40.28 -24.56
N THR CA 81 -62.24 -40.42 -23.85
CA THR CA 81 -61.09 -41.23 -24.18
C THR CA 81 -60.56 -41.91 -22.96
N GLU CA 82 -60.15 -43.13 -23.14
CA GLU CA 82 -59.47 -43.88 -22.16
C GLU CA 82 -57.98 -43.71 -22.36
N VAL CA 83 -57.28 -43.49 -21.28
CA VAL CA 83 -55.88 -43.32 -21.33
C VAL CA 83 -55.08 -44.20 -20.39
N PRO CA 84 -53.94 -44.70 -20.87
CA PRO CA 84 -53.06 -45.46 -20.01
C PRO CA 84 -52.15 -44.54 -19.20
N LEU CA 85 -52.06 -44.82 -17.97
CA LEU CA 85 -51.25 -44.17 -16.98
C LEU CA 85 -50.25 -45.12 -16.34
N ILE CA 86 -49.11 -44.56 -16.02
CA ILE CA 86 -47.94 -45.15 -15.43
C ILE CA 86 -47.28 -44.19 -14.44
N PRO CA 87 -46.62 -44.69 -13.44
CA PRO CA 87 -45.88 -43.86 -12.51
C PRO CA 87 -44.60 -43.32 -13.06
N PHE CA 88 -44.29 -42.20 -12.57
CA PHE CA 88 -43.04 -41.55 -12.69
C PHE CA 88 -41.96 -42.38 -11.99
N GLY CA 89 -40.80 -42.23 -12.45
CA GLY CA 89 -39.63 -42.81 -11.93
C GLY CA 89 -38.84 -41.90 -11.05
N GLY CA 90 -37.61 -42.24 -10.94
CA GLY CA 90 -36.68 -41.65 -10.07
C GLY CA 90 -37.08 -41.59 -8.65
N LYS CA 91 -36.97 -40.45 -8.11
CA LYS CA 91 -37.34 -40.20 -6.74
C LYS CA 91 -38.86 -39.94 -6.54
N GLN CA 92 -39.67 -39.85 -7.57
CA GLN CA 92 -41.10 -39.57 -7.48
C GLN CA 92 -41.42 -38.31 -6.72
N THR CA 93 -40.66 -37.31 -6.98
CA THR CA 93 -40.70 -35.96 -6.48
C THR CA 93 -41.11 -35.00 -7.61
N LEU CA 94 -42.24 -34.46 -7.43
CA LEU CA 94 -42.97 -33.62 -8.32
C LEU CA 94 -43.16 -32.24 -7.72
N TYR CA 95 -42.40 -31.26 -8.24
CA TYR CA 95 -42.48 -29.85 -7.82
C TYR CA 95 -43.08 -29.00 -8.94
N GLY CA 96 -43.86 -27.99 -8.63
CA GLY CA 96 -44.46 -27.12 -9.64
C GLY CA 96 -45.76 -27.65 -10.24
N PHE CA 97 -45.95 -27.60 -11.56
CA PHE CA 97 -47.23 -27.92 -12.27
C PHE CA 97 -48.28 -26.91 -11.69
N ASN CA 98 -49.33 -27.30 -10.97
CA ASN CA 98 -50.41 -26.44 -10.45
C ASN CA 98 -50.36 -26.25 -8.94
N ASN CA 99 -49.30 -26.64 -8.37
CA ASN CA 99 -48.93 -26.59 -7.00
C ASN CA 99 -49.87 -27.41 -6.10
N LEU CA 100 -50.32 -28.53 -6.63
CA LEU CA 100 -51.15 -29.55 -5.98
C LEU CA 100 -50.43 -30.52 -5.04
N VAL CA 101 -49.24 -30.92 -5.37
CA VAL CA 101 -48.36 -31.82 -4.62
C VAL CA 101 -47.14 -31.13 -4.05
N ASP CA 102 -46.23 -30.64 -4.88
CA ASP CA 102 -44.98 -30.10 -4.43
C ASP CA 102 -44.29 -30.98 -3.39
N GLY CA 103 -44.18 -32.21 -3.76
CA GLY CA 103 -43.55 -33.30 -3.21
C GLY CA 103 -43.52 -34.70 -3.74
N TRP CA 104 -43.43 -35.59 -2.81
CA TRP CA 104 -43.27 -37.01 -3.00
C TRP CA 104 -44.61 -37.62 -3.29
N THR CA 105 -44.63 -38.37 -4.30
CA THR CA 105 -45.77 -39.06 -4.86
C THR CA 105 -45.68 -40.56 -4.84
N GLY CA 106 -44.79 -41.09 -4.13
CA GLY CA 106 -44.61 -42.48 -4.01
C GLY CA 106 -45.70 -43.11 -3.14
N GLU CA 107 -45.74 -44.40 -3.15
CA GLU CA 107 -46.61 -45.25 -2.32
C GLU CA 107 -46.15 -45.36 -0.91
N GLY CA 108 -44.88 -45.44 -0.68
CA GLY CA 108 -44.46 -45.65 0.65
C GLY CA 108 -44.59 -47.15 0.92
N VAL CA 109 -44.76 -47.54 2.18
CA VAL CA 109 -44.34 -48.88 2.63
C VAL CA 109 -45.49 -49.74 3.17
N VAL CA 110 -46.69 -49.21 3.28
CA VAL CA 110 -47.87 -49.78 3.89
C VAL CA 110 -48.87 -50.10 2.79
N PRO CA 111 -48.93 -51.37 2.10
CA PRO CA 111 -49.90 -52.05 0.90
C PRO CA 111 -51.26 -52.02 1.63
N ASN CA 112 -52.32 -51.51 1.00
CA ASN CA 112 -53.74 -51.47 1.49
C ASN CA 112 -53.97 -50.42 2.57
N SER CA 113 -53.29 -49.27 2.46
CA SER CA 113 -53.64 -47.94 3.02
C SER CA 113 -53.07 -46.86 2.09
N GLU CA 114 -53.51 -45.63 2.23
CA GLU CA 114 -52.95 -44.49 1.50
C GLU CA 114 -52.10 -43.69 2.47
N ARG CA 115 -50.94 -43.19 2.04
CA ARG CA 115 -50.16 -42.11 2.71
C ARG CA 115 -51.10 -40.95 2.94
N PRO CA 116 -51.18 -40.07 4.13
CA PRO CA 116 -51.97 -38.86 4.32
C PRO CA 116 -51.65 -37.68 3.46
N ASP CA 117 -50.43 -37.53 3.02
CA ASP CA 117 -50.09 -36.43 2.11
C ASP CA 117 -50.80 -36.62 0.75
N LYS CA 118 -51.06 -37.84 0.33
CA LYS CA 118 -51.85 -38.16 -0.85
C LYS CA 118 -53.32 -37.72 -0.74
N LEU CA 119 -53.98 -38.11 0.32
CA LEU CA 119 -55.29 -37.66 0.72
C LEU CA 119 -55.40 -36.19 0.89
N GLU CA 120 -54.39 -35.52 1.44
CA GLU CA 120 -54.33 -34.09 1.43
C GLU CA 120 -54.38 -33.55 0.02
N ALA CA 121 -53.45 -33.91 -0.83
CA ALA CA 121 -53.42 -33.59 -2.22
C ALA CA 121 -54.76 -33.75 -2.89
N ILE CA 122 -55.37 -34.89 -2.70
CA ILE CA 122 -56.63 -35.20 -3.35
C ILE CA 122 -57.73 -34.25 -2.89
N ARG CA 123 -57.74 -33.93 -1.60
N ARG CA 123 -57.73 -33.92 -1.59
CA ARG CA 123 -58.67 -32.97 -1.05
CA ARG CA 123 -58.66 -32.94 -1.06
C ARG CA 123 -58.43 -31.57 -1.61
C ARG CA 123 -58.41 -31.57 -1.65
N ARG CA 124 -57.32 -31.30 -1.78
CA ARG CA 124 -56.91 -29.92 -2.21
C ARG CA 124 -57.30 -29.72 -3.69
N ALA CA 125 -57.00 -30.62 -4.60
CA ALA CA 125 -57.58 -30.72 -5.92
C ALA CA 125 -59.04 -30.42 -5.99
N ALA CA 126 -59.76 -31.02 -5.11
CA ALA CA 126 -61.21 -30.91 -5.07
C ALA CA 126 -61.68 -29.49 -4.84
N GLU CA 127 -61.06 -28.76 -3.97
CA GLU CA 127 -61.48 -27.45 -3.62
C GLU CA 127 -60.77 -26.28 -4.31
N ARG CA 128 -59.70 -26.49 -5.05
CA ARG CA 128 -59.10 -25.73 -6.13
C ARG CA 128 -59.84 -25.89 -7.47
N GLY CA 129 -60.82 -26.74 -7.56
CA GLY CA 129 -61.61 -27.00 -8.72
C GLY CA 129 -61.29 -27.98 -9.77
N PHE CA 130 -60.48 -28.91 -9.46
CA PHE CA 130 -59.96 -29.93 -10.33
C PHE CA 130 -60.93 -31.11 -10.33
N LYS CA 131 -61.68 -31.25 -11.42
CA LYS CA 131 -62.85 -32.09 -11.60
C LYS CA 131 -62.52 -33.56 -11.51
N SER CA 132 -63.17 -34.26 -10.61
CA SER CA 132 -63.28 -35.70 -10.48
C SER CA 132 -64.60 -36.38 -10.63
N PRO DA 1 -45.28 -49.96 -23.65
CA PRO DA 1 -45.73 -50.22 -24.99
C PRO DA 1 -44.62 -50.59 -25.99
N GLN DA 2 -45.01 -50.87 -27.22
CA GLN DA 2 -44.09 -51.30 -28.29
C GLN DA 2 -44.19 -50.30 -29.44
N ILE DA 3 -43.11 -49.85 -30.01
CA ILE DA 3 -43.05 -48.86 -31.12
C ILE DA 3 -42.10 -49.44 -32.19
N SER DA 4 -42.40 -49.24 -33.43
CA SER DA 4 -41.57 -49.53 -34.59
C SER DA 4 -40.35 -48.64 -34.63
N ARG DA 5 -39.25 -49.25 -35.07
CA ARG DA 5 -37.95 -48.58 -35.30
C ARG DA 5 -38.14 -47.33 -36.11
N GLN DA 6 -38.90 -47.43 -37.17
CA GLN DA 6 -39.08 -46.38 -38.09
C GLN DA 6 -39.76 -45.19 -37.45
N GLU DA 7 -40.63 -45.45 -36.54
CA GLU DA 7 -41.35 -44.43 -35.82
C GLU DA 7 -40.50 -43.83 -34.72
N TYR DA 8 -39.80 -44.69 -34.04
CA TYR DA 8 -38.81 -44.34 -33.04
C TYR DA 8 -37.77 -43.36 -33.66
N ALA DA 9 -37.20 -43.69 -34.83
CA ALA DA 9 -36.13 -42.98 -35.50
C ALA DA 9 -36.55 -41.57 -35.84
N GLY DA 10 -37.73 -41.47 -36.40
CA GLY DA 10 -38.39 -40.26 -36.64
C GLY DA 10 -38.58 -39.36 -35.47
N LEU DA 11 -38.71 -39.89 -34.32
CA LEU DA 11 -38.79 -39.10 -33.10
C LEU DA 11 -37.43 -38.77 -32.47
N PHE DA 12 -36.56 -39.67 -32.50
CA PHE DA 12 -35.37 -39.69 -31.68
C PHE DA 12 -34.06 -39.98 -32.40
N GLY DA 13 -34.10 -40.14 -33.64
CA GLY DA 13 -33.09 -40.68 -34.43
C GLY DA 13 -32.67 -42.11 -34.29
N PRO DA 14 -31.58 -42.46 -34.95
CA PRO DA 14 -31.14 -43.86 -34.95
C PRO DA 14 -30.65 -44.44 -33.66
N THR DA 15 -30.91 -45.71 -33.38
CA THR DA 15 -30.42 -46.37 -32.16
C THR DA 15 -29.46 -47.54 -32.49
N THR DA 16 -28.97 -48.30 -31.52
CA THR DA 16 -28.00 -49.43 -31.68
C THR DA 16 -28.42 -50.36 -32.81
N GLY DA 17 -27.56 -50.65 -33.78
CA GLY DA 17 -27.84 -51.50 -34.94
C GLY DA 17 -28.24 -50.71 -36.15
N ASP DA 18 -28.70 -49.48 -36.04
CA ASP DA 18 -29.04 -48.66 -37.11
C ASP DA 18 -27.75 -48.11 -37.72
N LYS DA 19 -27.81 -48.00 -39.01
N LYS DA 19 -27.81 -48.00 -39.01
CA LYS DA 19 -26.77 -47.56 -39.93
CA LYS DA 19 -26.78 -47.55 -39.93
C LYS DA 19 -27.05 -46.21 -40.65
C LYS DA 19 -27.06 -46.20 -40.63
N ILE DA 20 -26.07 -45.34 -40.70
CA ILE DA 20 -26.10 -44.03 -41.32
C ILE DA 20 -25.03 -43.87 -42.40
N ARG DA 21 -25.49 -43.52 -43.54
CA ARG DA 21 -24.77 -43.09 -44.70
C ARG DA 21 -24.22 -41.69 -44.46
N LEU DA 22 -22.91 -41.59 -44.68
CA LEU DA 22 -22.14 -40.36 -44.54
C LEU DA 22 -22.13 -39.74 -45.92
N GLY DA 23 -23.01 -38.89 -46.25
CA GLY DA 23 -23.18 -38.19 -47.42
C GLY DA 23 -23.61 -38.93 -48.57
N ASP DA 24 -22.97 -38.60 -49.66
CA ASP DA 24 -22.99 -39.29 -50.88
C ASP DA 24 -21.89 -40.29 -51.03
N THR DA 25 -21.18 -40.54 -49.96
CA THR DA 25 -20.20 -41.62 -49.92
C THR DA 25 -20.96 -42.97 -49.78
N ASN DA 26 -20.21 -44.01 -49.93
CA ASN DA 26 -20.44 -45.41 -49.65
C ASN DA 26 -19.95 -45.88 -48.30
N LEU DA 27 -19.73 -45.00 -47.41
CA LEU DA 27 -19.47 -45.24 -46.06
C LEU DA 27 -20.75 -45.14 -45.19
N PHE DA 28 -20.89 -46.10 -44.40
CA PHE DA 28 -21.99 -46.45 -43.51
C PHE DA 28 -21.43 -46.76 -42.16
N ILE DA 29 -21.67 -46.02 -41.37
CA ILE DA 29 -21.51 -46.07 -39.95
C ILE DA 29 -22.72 -46.74 -39.33
N GLU DA 30 -22.47 -47.36 -38.24
CA GLU DA 30 -23.34 -48.14 -37.39
C GLU DA 30 -23.15 -47.78 -35.92
N ILE DA 31 -24.24 -47.56 -35.23
CA ILE DA 31 -24.31 -47.28 -33.83
C ILE DA 31 -24.02 -48.56 -33.06
N GLU DA 32 -22.97 -48.52 -32.29
CA GLU DA 32 -22.39 -49.54 -31.48
C GLU DA 32 -23.12 -49.68 -30.15
N LYS DA 33 -23.41 -48.55 -29.55
CA LYS DA 33 -23.96 -48.41 -28.19
C LYS DA 33 -24.97 -47.25 -28.09
N ASP DA 34 -26.01 -47.40 -27.31
CA ASP DA 34 -27.02 -46.44 -26.98
C ASP DA 34 -27.03 -46.31 -25.48
N LEU DA 35 -26.53 -45.21 -25.04
CA LEU DA 35 -26.42 -44.84 -23.68
C LEU DA 35 -27.65 -44.16 -23.07
N ARG DA 36 -28.67 -43.88 -23.82
CA ARG DA 36 -29.72 -43.02 -23.23
C ARG DA 36 -31.06 -43.72 -23.08
N GLY DA 37 -31.04 -45.00 -22.62
CA GLY DA 37 -32.19 -45.91 -22.28
C GLY DA 37 -33.26 -45.99 -23.36
N TYR DA 38 -34.54 -46.14 -22.98
CA TYR DA 38 -35.76 -46.03 -23.83
C TYR DA 38 -36.95 -45.53 -22.98
N GLY DA 39 -37.93 -44.81 -23.56
CA GLY DA 39 -39.06 -44.28 -22.80
C GLY DA 39 -38.86 -43.00 -22.00
N GLU DA 40 -37.67 -42.47 -21.74
CA GLU DA 40 -37.52 -41.19 -20.96
C GLU DA 40 -36.69 -40.15 -21.75
N GLU DA 41 -36.83 -40.12 -23.02
CA GLU DA 41 -36.05 -39.43 -24.01
C GLU DA 41 -36.20 -37.89 -23.89
N SER DA 42 -35.13 -37.22 -23.61
CA SER DA 42 -35.01 -35.79 -23.45
C SER DA 42 -34.97 -35.01 -24.73
N VAL DA 43 -36.02 -34.27 -25.01
CA VAL DA 43 -36.20 -33.39 -26.15
C VAL DA 43 -36.82 -32.04 -25.74
N TYR DA 44 -36.32 -31.01 -26.39
CA TYR DA 44 -36.68 -29.64 -26.19
C TYR DA 44 -37.86 -29.47 -27.13
N GLY DA 45 -38.84 -28.88 -26.60
CA GLY DA 45 -39.92 -28.29 -27.30
C GLY DA 45 -41.19 -28.06 -26.48
N GLY DA 46 -42.13 -27.36 -27.09
CA GLY DA 46 -43.53 -27.26 -26.72
C GLY DA 46 -44.21 -28.58 -26.72
N GLY DA 47 -44.63 -28.91 -25.55
CA GLY DA 47 -45.24 -30.11 -25.16
C GLY DA 47 -44.39 -31.33 -24.97
N LYS DA 48 -43.10 -31.18 -24.86
CA LYS DA 48 -42.11 -32.17 -24.80
C LYS DA 48 -41.55 -32.34 -23.41
N SER DA 49 -40.49 -33.07 -23.31
CA SER DA 49 -40.00 -33.65 -22.08
C SER DA 49 -39.12 -32.74 -21.21
N LEU DA 50 -38.38 -31.82 -21.77
CA LEU DA 50 -37.47 -30.90 -21.09
C LEU DA 50 -38.23 -29.64 -20.75
N ARG DA 51 -39.23 -29.80 -19.92
CA ARG DA 51 -40.11 -28.76 -19.41
C ARG DA 51 -39.91 -28.79 -17.91
N ASP DA 52 -40.38 -27.76 -17.28
CA ASP DA 52 -40.18 -27.49 -15.88
C ASP DA 52 -40.93 -28.50 -15.00
N GLY DA 53 -40.21 -29.16 -14.15
CA GLY DA 53 -40.47 -30.20 -13.18
C GLY DA 53 -40.62 -31.60 -13.65
N MET DA 54 -40.54 -31.71 -14.96
N MET DA 54 -40.54 -31.71 -14.97
CA MET DA 54 -40.68 -32.97 -15.68
CA MET DA 54 -40.68 -32.97 -15.68
C MET DA 54 -39.21 -33.41 -16.05
C MET DA 54 -39.21 -33.41 -16.05
N GLY DA 55 -38.72 -33.48 -17.30
CA GLY DA 55 -37.39 -33.81 -17.69
C GLY DA 55 -36.34 -32.86 -17.17
N ALA DA 56 -36.68 -31.59 -17.03
CA ALA DA 56 -35.98 -30.58 -16.31
C ALA DA 56 -36.34 -30.36 -14.86
N ASN DA 57 -35.33 -30.43 -14.08
CA ASN DA 57 -35.21 -30.03 -12.77
C ASN DA 57 -35.40 -28.53 -12.68
N ASN DA 58 -36.17 -28.15 -11.73
CA ASN DA 58 -36.66 -26.82 -11.46
C ASN DA 58 -36.42 -26.30 -10.04
N HIS DA 59 -35.68 -26.96 -9.28
CA HIS DA 59 -35.39 -26.64 -7.94
C HIS DA 59 -33.93 -26.54 -7.52
N LEU DA 60 -33.03 -27.05 -8.30
CA LEU DA 60 -31.61 -27.04 -8.13
C LEU DA 60 -30.97 -25.81 -8.77
N THR DA 61 -30.15 -25.15 -7.97
CA THR DA 61 -29.22 -24.12 -8.36
C THR DA 61 -28.06 -24.77 -9.08
N ARG DA 62 -27.31 -23.96 -9.72
CA ARG DA 62 -26.33 -24.40 -10.70
C ARG DA 62 -25.15 -25.12 -10.06
N ASP DA 63 -24.87 -24.87 -8.82
CA ASP DA 63 -23.76 -25.31 -8.01
C ASP DA 63 -23.89 -26.75 -7.53
N ASN DA 64 -25.07 -27.31 -7.57
CA ASN DA 64 -25.42 -28.70 -7.71
C ASN DA 64 -25.05 -29.46 -8.97
N GLY DA 65 -24.35 -28.81 -9.81
CA GLY DA 65 -23.79 -29.42 -10.99
C GLY DA 65 -24.73 -29.50 -12.17
N VAL DA 66 -25.80 -28.72 -12.16
CA VAL DA 66 -26.64 -28.55 -13.29
C VAL DA 66 -25.83 -28.02 -14.48
N LEU DA 67 -26.17 -28.50 -15.61
CA LEU DA 67 -25.58 -28.21 -16.87
C LEU DA 67 -25.89 -26.78 -17.32
N ASP DA 68 -25.00 -26.26 -18.07
CA ASP DA 68 -25.10 -25.04 -18.89
C ASP DA 68 -25.64 -25.29 -20.31
N LEU DA 69 -25.45 -26.45 -20.85
CA LEU DA 69 -25.86 -26.89 -22.13
C LEU DA 69 -25.92 -28.44 -22.20
N VAL DA 70 -26.84 -28.90 -22.98
CA VAL DA 70 -27.14 -30.27 -23.34
C VAL DA 70 -27.46 -30.43 -24.80
N ILE DA 71 -26.81 -31.39 -25.40
CA ILE DA 71 -26.96 -31.84 -26.74
C ILE DA 71 -27.56 -33.24 -26.63
N THR DA 72 -28.73 -33.39 -27.12
CA THR DA 72 -29.65 -34.51 -26.98
C THR DA 72 -29.76 -35.42 -28.15
N ASN DA 73 -29.78 -36.65 -27.84
CA ASN DA 73 -30.04 -37.71 -28.72
C ASN DA 73 -29.12 -37.72 -29.97
N VAL DA 74 -27.86 -37.58 -29.73
CA VAL DA 74 -26.83 -37.37 -30.74
C VAL DA 74 -25.95 -38.55 -30.90
N THR DA 75 -25.63 -38.75 -32.12
CA THR DA 75 -24.64 -39.68 -32.63
C THR DA 75 -23.22 -39.11 -32.66
N ILE DA 76 -22.44 -39.58 -31.79
CA ILE DA 76 -21.05 -39.32 -31.49
C ILE DA 76 -20.14 -40.24 -32.31
N VAL DA 77 -19.41 -39.64 -33.18
CA VAL DA 77 -18.34 -40.19 -34.01
C VAL DA 77 -17.03 -39.57 -33.51
N ASP DA 78 -16.33 -40.37 -32.75
CA ASP DA 78 -15.06 -40.02 -32.06
C ASP DA 78 -14.06 -41.22 -32.08
N ALA DA 79 -12.76 -40.95 -32.29
CA ALA DA 79 -11.68 -41.94 -32.45
C ALA DA 79 -11.36 -42.70 -31.18
N ARG DA 80 -11.62 -42.17 -30.03
CA ARG DA 80 -11.54 -42.85 -28.78
C ARG DA 80 -12.85 -43.47 -28.23
N LEU DA 81 -14.00 -42.85 -28.40
CA LEU DA 81 -15.29 -43.40 -27.92
C LEU DA 81 -15.97 -44.32 -28.94
N GLY DA 82 -15.65 -44.16 -30.20
CA GLY DA 82 -16.28 -44.86 -31.29
C GLY DA 82 -17.56 -44.14 -31.80
N VAL DA 83 -18.56 -44.87 -32.18
CA VAL DA 83 -19.88 -44.62 -32.74
C VAL DA 83 -21.01 -44.98 -31.76
N ILE DA 84 -21.41 -43.98 -31.00
CA ILE DA 84 -22.44 -44.13 -29.93
C ILE DA 84 -23.53 -43.06 -30.04
N LYS DA 85 -24.65 -43.34 -29.46
CA LYS DA 85 -25.84 -42.54 -29.25
C LYS DA 85 -25.99 -42.22 -27.79
N ALA DA 86 -25.97 -40.98 -27.49
CA ALA DA 86 -25.91 -40.34 -26.20
C ALA DA 86 -26.39 -38.89 -26.18
N ASP DA 87 -26.68 -38.47 -24.97
CA ASP DA 87 -26.79 -37.12 -24.49
C ASP DA 87 -25.40 -36.64 -24.07
N VAL DA 88 -25.07 -35.42 -24.45
CA VAL DA 88 -23.89 -34.70 -24.16
C VAL DA 88 -24.14 -33.35 -23.55
N GLY DA 89 -23.57 -33.22 -22.46
CA GLY DA 89 -23.45 -32.21 -21.51
C GLY DA 89 -22.23 -31.40 -21.19
N ILE DA 90 -22.45 -30.14 -21.23
CA ILE DA 90 -21.50 -29.10 -21.06
C ILE DA 90 -21.81 -28.17 -19.94
N ARG DA 91 -20.80 -27.93 -19.19
CA ARG DA 91 -20.57 -27.18 -18.00
C ARG DA 91 -19.16 -26.57 -17.92
N ASP DA 92 -19.16 -25.31 -17.72
CA ASP DA 92 -18.03 -24.40 -17.58
C ASP DA 92 -17.07 -24.47 -18.77
N GLY DA 93 -17.61 -24.53 -19.92
CA GLY DA 93 -17.06 -24.74 -21.18
C GLY DA 93 -16.37 -26.08 -21.43
N LYS DA 94 -16.60 -27.03 -20.62
CA LYS DA 94 -16.13 -28.38 -20.54
C LYS DA 94 -17.26 -29.45 -20.58
N ILE DA 95 -16.94 -30.57 -21.19
CA ILE DA 95 -17.68 -31.83 -21.31
C ILE DA 95 -17.68 -32.47 -19.94
N ALA DA 96 -18.85 -32.49 -19.29
CA ALA DA 96 -19.15 -33.03 -17.99
C ALA DA 96 -19.65 -34.47 -17.97
N GLY DA 97 -20.18 -34.90 -19.00
CA GLY DA 97 -20.80 -36.13 -19.19
C GLY DA 97 -21.32 -36.45 -20.56
N ILE DA 98 -21.43 -37.78 -20.90
CA ILE DA 98 -21.90 -38.45 -22.11
C ILE DA 98 -22.78 -39.59 -21.57
N GLY DA 99 -24.05 -39.64 -21.87
CA GLY DA 99 -24.94 -40.60 -21.20
C GLY DA 99 -26.38 -40.20 -21.36
N LYS DA 100 -27.16 -40.39 -20.33
CA LYS DA 100 -28.59 -40.08 -20.27
C LYS DA 100 -28.74 -38.79 -19.44
N SER DA 101 -29.21 -37.75 -20.01
CA SER DA 101 -29.62 -36.49 -19.41
C SER DA 101 -31.08 -36.54 -18.91
N GLY DA 102 -31.42 -35.78 -17.94
CA GLY DA 102 -32.71 -35.40 -17.32
C GLY DA 102 -32.67 -35.05 -15.87
N ASN DA 103 -33.80 -35.26 -15.29
CA ASN DA 103 -34.26 -34.95 -13.97
C ASN DA 103 -34.39 -36.21 -13.10
N PRO DA 104 -33.47 -36.46 -12.21
CA PRO DA 104 -33.49 -37.61 -11.34
C PRO DA 104 -34.74 -37.68 -10.39
N GLY DA 105 -35.43 -36.59 -10.21
CA GLY DA 105 -36.66 -36.60 -9.44
C GLY DA 105 -37.76 -37.48 -9.98
N VAL DA 106 -37.84 -37.56 -11.28
CA VAL DA 106 -38.92 -38.10 -12.09
C VAL DA 106 -38.51 -39.14 -13.09
N MET DA 107 -37.23 -39.50 -13.15
CA MET DA 107 -36.55 -40.29 -14.12
C MET DA 107 -35.54 -41.20 -13.45
N ASP DA 108 -35.54 -42.37 -13.94
CA ASP DA 108 -34.52 -43.33 -13.68
C ASP DA 108 -33.43 -43.19 -14.74
N GLY DA 109 -32.25 -43.50 -14.32
CA GLY DA 109 -31.08 -43.64 -15.11
C GLY DA 109 -30.42 -42.42 -15.65
N VAL DA 110 -30.50 -41.28 -14.96
CA VAL DA 110 -29.81 -40.07 -15.34
C VAL DA 110 -28.34 -40.18 -14.99
N THR DA 111 -27.53 -40.00 -15.96
CA THR DA 111 -26.10 -40.06 -15.73
C THR DA 111 -25.69 -38.97 -14.75
N PRO DA 112 -24.93 -39.27 -13.75
CA PRO DA 112 -24.41 -38.21 -12.91
C PRO DA 112 -23.67 -37.15 -13.66
N GLY DA 113 -23.93 -35.97 -13.29
CA GLY DA 113 -23.46 -34.85 -14.00
C GLY DA 113 -24.29 -34.31 -15.15
N LEU DA 114 -25.24 -35.07 -15.63
CA LEU DA 114 -26.15 -34.73 -16.70
C LEU DA 114 -27.58 -34.27 -16.24
N VAL DA 115 -27.63 -33.62 -15.15
CA VAL DA 115 -28.84 -32.97 -14.67
C VAL DA 115 -29.14 -31.69 -15.41
N VAL DA 116 -30.16 -31.69 -16.09
CA VAL DA 116 -30.79 -30.60 -16.78
C VAL DA 116 -31.70 -29.88 -15.79
N GLY DA 117 -31.61 -28.58 -15.81
CA GLY DA 117 -32.14 -27.60 -15.00
C GLY DA 117 -32.40 -26.23 -15.54
N VAL DA 118 -32.61 -25.36 -14.60
CA VAL DA 118 -32.92 -23.94 -14.83
C VAL DA 118 -31.81 -23.27 -15.65
N SER DA 119 -30.55 -23.56 -15.36
CA SER DA 119 -29.31 -23.21 -16.08
C SER DA 119 -29.13 -23.72 -17.47
N THR DA 120 -29.80 -24.72 -17.86
CA THR DA 120 -29.61 -25.41 -19.07
C THR DA 120 -30.36 -24.90 -20.27
N ASP DA 121 -29.63 -24.66 -21.33
CA ASP DA 121 -29.96 -24.65 -22.73
C ASP DA 121 -29.73 -25.97 -23.44
N ALA DA 122 -30.31 -26.04 -24.57
CA ALA DA 122 -30.49 -27.20 -25.37
C ALA DA 122 -30.37 -27.08 -26.88
N ILE DA 123 -29.70 -28.08 -27.34
CA ILE DA 123 -29.47 -28.52 -28.68
C ILE DA 123 -29.97 -29.95 -28.92
N SER DA 124 -30.73 -30.05 -29.92
CA SER DA 124 -31.40 -31.20 -30.48
C SER DA 124 -30.54 -31.86 -31.51
N GLY DA 125 -29.95 -32.90 -31.09
CA GLY DA 125 -29.04 -33.78 -31.79
C GLY DA 125 -29.57 -35.00 -32.50
N GLU DA 126 -30.89 -35.09 -32.53
CA GLU DA 126 -31.63 -36.28 -32.96
C GLU DA 126 -31.20 -36.78 -34.31
N HIS DA 127 -31.17 -35.91 -35.25
CA HIS DA 127 -30.81 -36.22 -36.61
C HIS DA 127 -29.35 -35.76 -36.94
N LEU DA 128 -28.50 -35.57 -35.94
CA LEU DA 128 -27.16 -35.05 -36.03
C LEU DA 128 -26.02 -35.95 -35.51
N ILE DA 129 -24.88 -35.71 -36.11
CA ILE DA 129 -23.54 -36.15 -35.80
C ILE DA 129 -22.70 -35.02 -35.20
N LEU DA 130 -22.20 -35.32 -34.14
CA LEU DA 130 -21.25 -34.67 -33.30
C LEU DA 130 -19.85 -35.25 -33.33
N THR DA 131 -18.99 -34.45 -33.70
CA THR DA 131 -17.56 -34.59 -33.75
C THR DA 131 -16.85 -33.55 -32.91
N ALA DA 132 -15.73 -33.95 -32.47
CA ALA DA 132 -14.64 -33.09 -32.17
C ALA DA 132 -14.32 -32.25 -33.39
N ALA DA 133 -13.96 -31.05 -33.11
CA ALA DA 133 -13.41 -30.14 -34.07
C ALA DA 133 -12.00 -30.57 -34.44
N GLY DA 134 -11.74 -30.47 -35.62
CA GLY DA 134 -10.46 -30.62 -36.19
C GLY DA 134 -9.41 -29.65 -35.79
N ILE DA 135 -8.22 -30.16 -35.94
CA ILE DA 135 -6.99 -29.54 -35.65
C ILE DA 135 -6.02 -29.65 -36.83
N ASP DA 136 -5.64 -28.46 -37.37
CA ASP DA 136 -4.77 -28.20 -38.53
C ASP DA 136 -3.37 -27.78 -37.98
N THR DA 137 -2.44 -28.66 -38.02
CA THR DA 137 -1.06 -28.61 -37.62
C THR DA 137 -0.09 -27.94 -38.57
N HIS DA 138 -0.47 -27.61 -39.74
CA HIS DA 138 0.36 -27.03 -40.77
C HIS DA 138 -0.28 -25.77 -41.41
N ILE DA 139 -0.34 -24.75 -40.67
CA ILE DA 139 -0.90 -23.47 -41.02
C ILE DA 139 0.19 -22.46 -41.25
N HIS DA 140 0.16 -21.95 -42.39
CA HIS DA 140 0.81 -20.74 -42.76
C HIS DA 140 -0.11 -19.53 -42.53
N LEU DA 141 0.36 -18.65 -41.67
CA LEU DA 141 -0.21 -17.38 -41.25
C LEU DA 141 0.07 -16.27 -42.24
N ILE DA 142 -0.48 -16.47 -43.39
CA ILE DA 142 -0.40 -15.63 -44.49
C ILE DA 142 -1.52 -14.59 -44.47
N SER DA 143 -2.75 -15.02 -44.22
CA SER DA 143 -4.05 -14.33 -44.21
C SER DA 143 -4.90 -14.64 -42.99
N PRO DA 144 -5.34 -13.64 -42.23
CA PRO DA 144 -6.25 -13.86 -41.13
C PRO DA 144 -7.60 -14.52 -41.43
N GLN DA 145 -8.08 -14.43 -42.61
CA GLN DA 145 -9.31 -14.90 -43.19
C GLN DA 145 -9.40 -16.43 -43.35
N GLN DA 146 -8.27 -17.07 -43.34
CA GLN DA 146 -8.15 -18.51 -43.30
C GLN DA 146 -9.00 -19.15 -42.19
N ALA DA 147 -9.03 -18.55 -41.08
CA ALA DA 147 -9.81 -18.93 -39.93
C ALA DA 147 -11.27 -19.16 -40.22
N TYR DA 148 -11.83 -18.36 -41.07
CA TYR DA 148 -13.21 -18.39 -41.47
C TYR DA 148 -13.47 -19.57 -42.39
N HIS DA 149 -12.55 -19.79 -43.31
CA HIS DA 149 -12.57 -20.94 -44.28
C HIS DA 149 -12.45 -22.22 -43.44
N ALA DA 150 -11.71 -22.25 -42.41
CA ALA DA 150 -11.45 -23.36 -41.55
C ALA DA 150 -12.70 -23.76 -40.71
N LEU DA 151 -13.20 -22.82 -39.96
CA LEU DA 151 -14.46 -22.93 -39.19
C LEU DA 151 -15.63 -23.44 -40.04
N SER DA 152 -15.66 -23.12 -41.22
CA SER DA 152 -16.61 -23.47 -42.24
C SER DA 152 -16.48 -24.90 -42.82
N ASN DA 153 -15.41 -25.59 -42.51
CA ASN DA 153 -15.15 -27.03 -42.64
C ASN DA 153 -14.89 -27.78 -41.37
N GLY DA 154 -15.24 -27.26 -40.29
CA GLY DA 154 -15.10 -27.87 -39.07
C GLY DA 154 -13.78 -27.96 -38.31
N VAL DA 155 -12.87 -27.07 -38.59
CA VAL DA 155 -11.59 -26.82 -37.99
C VAL DA 155 -11.59 -25.53 -37.19
N ALA DA 156 -11.20 -25.65 -36.06
CA ALA DA 156 -11.09 -24.75 -34.93
C ALA DA 156 -9.82 -24.62 -34.14
N THR DA 157 -8.77 -25.30 -34.51
CA THR DA 157 -7.44 -25.15 -33.98
C THR DA 157 -6.38 -25.13 -35.14
N PHE DA 158 -5.50 -24.18 -35.07
CA PHE DA 158 -4.38 -23.85 -35.95
C PHE DA 158 -3.06 -23.98 -35.13
N PHE DA 159 -2.16 -24.67 -35.66
CA PHE DA 159 -0.78 -24.79 -35.35
C PHE DA 159 -0.01 -24.45 -36.65
N GLY DA 160 0.89 -23.62 -36.51
CA GLY DA 160 1.77 -22.97 -37.40
C GLY DA 160 2.38 -21.68 -36.98
N GLY DA 161 2.65 -20.97 -37.99
CA GLY DA 161 3.44 -19.78 -38.04
C GLY DA 161 3.36 -18.91 -39.26
N GLY DA 162 3.91 -17.80 -39.07
CA GLY DA 162 4.01 -16.69 -39.93
C GLY DA 162 3.87 -15.30 -39.28
N ILE DA 163 3.88 -14.33 -40.14
CA ILE DA 163 3.76 -12.91 -39.87
C ILE DA 163 3.04 -12.11 -40.95
N GLY DA 164 2.07 -12.70 -41.63
CA GLY DA 164 1.32 -12.22 -42.78
C GLY DA 164 2.01 -12.53 -44.07
N PRO DA 165 1.71 -11.89 -45.21
CA PRO DA 165 2.25 -12.35 -46.47
C PRO DA 165 3.71 -11.99 -46.83
N THR DA 166 4.65 -12.27 -45.97
CA THR DA 166 6.10 -12.12 -46.25
C THR DA 166 6.53 -13.36 -47.01
N ASP DA 167 7.59 -13.28 -47.73
CA ASP DA 167 8.15 -14.40 -48.52
C ASP DA 167 8.58 -15.58 -47.61
N GLY DA 168 9.01 -15.31 -46.45
CA GLY DA 168 9.28 -16.32 -45.48
C GLY DA 168 8.07 -17.12 -44.98
N THR DA 169 6.97 -16.46 -44.83
CA THR DA 169 5.69 -17.04 -44.44
C THR DA 169 5.09 -17.73 -45.56
N ASN DA 170 5.17 -17.20 -46.76
CA ASN DA 170 4.66 -17.87 -47.91
C ASN DA 170 5.29 -19.27 -48.06
N GLY DA 171 6.50 -19.40 -47.73
CA GLY DA 171 7.16 -20.69 -47.67
C GLY DA 171 7.30 -21.48 -46.45
N THR DA 172 7.27 -20.86 -45.30
CA THR DA 172 7.46 -21.63 -44.09
C THR DA 172 6.47 -21.16 -42.99
N THR DA 173 6.22 -21.99 -42.03
CA THR DA 173 5.48 -21.98 -40.76
C THR DA 173 6.34 -21.55 -39.55
N VAL DA 174 6.86 -20.39 -39.74
CA VAL DA 174 7.82 -19.77 -38.80
C VAL DA 174 7.37 -18.33 -38.48
N THR DA 175 7.49 -17.96 -37.25
CA THR DA 175 7.27 -16.68 -36.62
C THR DA 175 8.60 -16.41 -35.96
N PRO DA 176 9.50 -15.75 -36.64
CA PRO DA 176 10.84 -15.66 -36.15
C PRO DA 176 11.12 -14.55 -35.15
N GLY DA 177 11.59 -14.99 -34.10
CA GLY DA 177 12.05 -14.26 -32.98
C GLY DA 177 11.07 -13.68 -32.01
N PRO DA 178 11.51 -13.38 -30.81
CA PRO DA 178 10.67 -12.87 -29.72
C PRO DA 178 9.77 -11.64 -29.99
N TRP DA 179 10.17 -10.74 -30.83
CA TRP DA 179 9.38 -9.58 -31.23
C TRP DA 179 8.21 -9.98 -32.08
N ASN DA 180 8.47 -10.64 -33.13
CA ASN DA 180 7.53 -11.20 -34.05
C ASN DA 180 6.51 -12.17 -33.38
N ILE DA 181 6.98 -12.99 -32.48
CA ILE DA 181 6.15 -13.92 -31.68
C ILE DA 181 5.14 -13.13 -30.86
N ARG DA 182 5.59 -12.16 -30.09
CA ARG DA 182 4.81 -11.27 -29.24
C ARG DA 182 3.68 -10.60 -30.01
N GLN DA 183 4.03 -10.11 -31.13
CA GLN DA 183 3.20 -9.47 -32.13
C GLN DA 183 2.13 -10.34 -32.62
N MET DA 184 2.49 -11.53 -32.91
CA MET DA 184 1.64 -12.51 -33.44
C MET DA 184 0.69 -13.08 -32.38
N LEU DA 185 1.14 -13.30 -31.17
CA LEU DA 185 0.31 -13.64 -30.04
C LEU DA 185 -0.82 -12.61 -29.84
N ARG DA 186 -0.48 -11.38 -29.88
CA ARG DA 186 -1.35 -10.22 -29.75
C ARG DA 186 -2.37 -10.09 -30.87
N SER DA 187 -2.03 -10.39 -32.07
CA SER DA 187 -2.83 -10.38 -33.23
C SER DA 187 -3.92 -11.42 -33.22
N VAL DA 188 -3.58 -12.62 -32.82
CA VAL DA 188 -4.43 -13.78 -32.88
C VAL DA 188 -5.57 -13.69 -31.89
N GLU DA 189 -5.44 -12.85 -30.92
CA GLU DA 189 -6.53 -12.37 -30.08
C GLU DA 189 -7.77 -11.93 -30.87
N GLY DA 190 -7.62 -11.55 -32.05
CA GLY DA 190 -8.61 -11.24 -32.95
C GLY DA 190 -9.16 -12.34 -33.85
N LEU DA 191 -8.84 -13.54 -33.58
CA LEU DA 191 -9.23 -14.68 -34.32
C LEU DA 191 -10.08 -15.71 -33.52
N PRO DA 192 -10.95 -16.31 -34.11
CA PRO DA 192 -11.93 -17.15 -33.45
C PRO DA 192 -11.63 -18.64 -33.38
N VAL DA 193 -10.38 -18.95 -33.52
CA VAL DA 193 -9.72 -20.21 -33.44
C VAL DA 193 -8.62 -20.24 -32.41
N ASN DA 194 -8.41 -21.37 -31.87
CA ASN DA 194 -7.29 -21.68 -31.03
C ASN DA 194 -6.03 -21.60 -31.89
N VAL DA 195 -4.93 -21.27 -31.29
CA VAL DA 195 -3.61 -21.06 -31.90
C VAL DA 195 -2.46 -21.43 -30.99
N GLY DA 196 -1.56 -22.07 -31.61
CA GLY DA 196 -0.19 -22.17 -31.17
C GLY DA 196 0.83 -21.86 -32.26
N ILE DA 197 1.82 -21.21 -31.90
CA ILE DA 197 2.80 -20.64 -32.81
C ILE DA 197 4.10 -21.43 -32.72
N LEU DA 198 4.66 -21.60 -33.88
CA LEU DA 198 5.96 -22.11 -34.20
C LEU DA 198 7.08 -21.10 -34.57
N GLY DA 199 8.06 -21.30 -34.03
CA GLY DA 199 9.36 -20.70 -34.16
C GLY DA 199 10.38 -21.29 -35.15
N LYS DA 200 11.46 -20.60 -35.38
CA LYS DA 200 12.53 -20.92 -36.30
C LYS DA 200 13.59 -21.71 -35.56
N GLY DA 201 13.74 -22.83 -35.93
CA GLY DA 201 14.63 -23.86 -35.42
C GLY DA 201 16.07 -23.83 -35.88
N ASN DA 202 16.32 -23.22 -37.00
CA ASN DA 202 17.68 -23.26 -37.60
C ASN DA 202 18.60 -22.35 -36.81
N SER DA 203 19.24 -22.83 -35.80
CA SER DA 203 20.16 -22.16 -34.88
C SER DA 203 21.38 -23.01 -34.46
N TYR DA 204 22.51 -22.40 -34.23
CA TYR DA 204 23.68 -23.15 -33.75
C TYR DA 204 23.65 -23.24 -32.20
N GLY DA 205 23.73 -22.24 -31.35
CA GLY DA 205 23.63 -22.55 -29.88
C GLY DA 205 22.19 -22.62 -29.33
N ARG DA 206 22.03 -22.76 -28.03
CA ARG DA 206 20.82 -22.74 -27.28
C ARG DA 206 20.14 -21.37 -27.21
N GLY DA 207 20.87 -20.31 -27.23
CA GLY DA 207 20.41 -18.97 -27.05
C GLY DA 207 19.21 -18.57 -27.84
N PRO DA 208 19.34 -18.68 -29.16
CA PRO DA 208 18.31 -18.27 -30.09
C PRO DA 208 17.05 -19.08 -30.07
N LEU DA 209 17.09 -20.28 -29.63
CA LEU DA 209 15.99 -21.20 -29.42
C LEU DA 209 15.24 -20.93 -28.12
N LEU DA 210 15.97 -20.68 -27.08
CA LEU DA 210 15.46 -20.50 -25.74
C LEU DA 210 14.57 -19.26 -25.64
N GLU DA 211 15.06 -18.18 -26.21
CA GLU DA 211 14.49 -16.89 -26.62
C GLU DA 211 13.08 -17.01 -27.06
N GLN DA 212 12.89 -17.80 -28.04
CA GLN DA 212 11.62 -17.97 -28.68
C GLN DA 212 10.65 -18.81 -27.81
N ALA DA 213 11.15 -19.82 -27.17
CA ALA DA 213 10.55 -20.67 -26.14
C ALA DA 213 9.90 -19.85 -25.03
N ILE DA 214 10.63 -18.99 -24.38
CA ILE DA 214 10.17 -18.10 -23.37
C ILE DA 214 9.14 -17.07 -23.92
N ALA DA 215 9.42 -16.56 -25.11
CA ALA DA 215 8.53 -15.60 -25.83
C ALA DA 215 7.16 -16.27 -26.02
N GLY DA 216 7.02 -17.60 -26.01
CA GLY DA 216 5.74 -18.31 -26.04
C GLY DA 216 5.53 -19.41 -27.10
N VAL DA 217 6.47 -19.81 -27.96
CA VAL DA 217 6.19 -20.83 -29.04
C VAL DA 217 5.92 -22.21 -28.41
N VAL DA 218 5.24 -23.06 -29.12
CA VAL DA 218 4.87 -24.42 -28.84
C VAL DA 218 5.68 -25.47 -29.58
N GLY DA 219 6.62 -24.98 -30.34
CA GLY DA 219 7.32 -25.68 -31.25
C GLY DA 219 8.35 -24.89 -32.08
N TYR DA 220 9.18 -25.60 -32.68
CA TYR DA 220 10.18 -25.16 -33.67
C TYR DA 220 9.99 -25.86 -35.00
N VAL DA 222 11.79 -26.49 -38.47
CA VAL DA 222 12.92 -26.77 -39.35
C VAL DA 222 12.55 -27.02 -40.84
N HIS DA 223 12.90 -26.04 -41.59
CA HIS DA 223 12.62 -25.80 -43.00
C HIS DA 223 13.89 -25.61 -43.84
N GLU DA 224 13.90 -26.19 -45.06
CA GLU DA 224 14.98 -26.09 -46.07
C GLU DA 224 15.30 -24.66 -46.43
N ASP DA 225 14.30 -23.90 -46.64
CA ASP DA 225 14.29 -22.50 -46.94
C ASP DA 225 15.09 -21.62 -46.02
N TRP DA 226 15.20 -22.03 -44.81
CA TRP DA 226 16.05 -21.35 -43.85
C TRP DA 226 17.27 -22.23 -43.47
N GLY DA 227 17.46 -23.37 -44.13
CA GLY DA 227 18.41 -24.48 -43.81
C GLY DA 227 17.92 -25.69 -43.05
N ALA DA 228 17.63 -26.83 -43.66
CA ALA DA 228 17.21 -28.11 -43.01
C ALA DA 228 18.43 -29.05 -42.77
N THR DA 229 19.43 -28.54 -42.14
CA THR DA 229 20.73 -29.09 -41.78
C THR DA 229 20.65 -30.06 -40.61
N ALA DA 230 21.68 -30.89 -40.47
CA ALA DA 230 21.82 -31.77 -39.36
C ALA DA 230 21.96 -30.98 -38.08
N ASN DA 231 22.65 -29.91 -38.18
CA ASN DA 231 22.88 -28.99 -37.10
C ASN DA 231 21.56 -28.46 -36.54
N ALA DA 232 20.73 -27.94 -37.39
CA ALA DA 232 19.41 -27.43 -37.11
C ALA DA 232 18.59 -28.40 -36.30
N LEU DA 233 18.42 -29.58 -36.86
CA LEU DA 233 17.77 -30.71 -36.28
C LEU DA 233 18.22 -31.03 -34.91
N ARG DA 234 19.47 -31.27 -34.78
CA ARG DA 234 20.10 -31.64 -33.58
C ARG DA 234 19.87 -30.63 -32.48
N HIS DA 235 20.08 -29.35 -32.75
CA HIS DA 235 19.97 -28.38 -31.70
C HIS DA 235 18.48 -28.13 -31.30
N SER DA 236 17.62 -28.06 -32.25
CA SER DA 236 16.15 -27.99 -32.18
C SER DA 236 15.52 -29.08 -31.32
N LEU DA 237 15.91 -30.31 -31.56
CA LEU DA 237 15.48 -31.42 -30.81
C LEU DA 237 16.00 -31.48 -29.39
N ARG DA 238 17.23 -31.16 -29.21
CA ARG DA 238 17.82 -31.05 -27.87
C ARG DA 238 17.14 -29.98 -27.00
N MET DA 239 16.87 -28.87 -27.56
CA MET DA 239 16.11 -27.82 -26.92
C MET DA 239 14.69 -28.22 -26.62
N ALA DA 240 14.07 -28.89 -27.52
CA ALA DA 240 12.70 -29.37 -27.43
C ALA DA 240 12.46 -30.27 -26.27
N ASP DA 241 13.35 -31.15 -26.08
CA ASP DA 241 13.35 -32.07 -25.00
C ASP DA 241 13.53 -31.33 -23.71
N GLU DA 242 14.28 -30.27 -23.73
CA GLU DA 242 14.43 -29.41 -22.59
C GLU DA 242 13.13 -28.65 -22.26
N MET DA 243 12.48 -28.08 -23.22
CA MET DA 243 11.37 -27.19 -23.13
C MET DA 243 9.98 -27.83 -23.15
N ASP DA 244 9.86 -29.12 -23.33
CA ASP DA 244 8.66 -29.85 -23.65
C ASP DA 244 7.79 -29.19 -24.72
N ILE DA 245 8.37 -29.05 -25.82
CA ILE DA 245 7.79 -28.64 -27.03
C ILE DA 245 8.16 -29.52 -28.20
N GLN DA 246 7.44 -29.39 -29.26
CA GLN DA 246 7.51 -30.13 -30.49
C GLN DA 246 8.43 -29.51 -31.56
N VAL DA 247 8.85 -30.34 -32.45
CA VAL DA 247 9.61 -30.04 -33.62
C VAL DA 247 8.98 -30.70 -34.81
N SER DA 248 8.73 -29.91 -35.80
CA SER DA 248 8.22 -30.14 -37.09
C SER DA 248 9.33 -29.83 -38.11
N VAL DA 249 9.31 -30.56 -39.21
CA VAL DA 249 10.29 -30.59 -40.29
C VAL DA 249 9.75 -30.78 -41.66
N HIS DA 250 10.32 -29.98 -42.51
CA HIS DA 250 10.35 -29.87 -43.94
C HIS DA 250 11.82 -30.05 -44.41
N THR DA 251 12.09 -31.23 -44.90
CA THR DA 251 13.48 -31.69 -45.14
C THR DA 251 14.04 -31.13 -46.46
N ASP DA 252 15.31 -31.26 -46.62
CA ASP DA 252 16.16 -30.85 -47.75
C ASP DA 252 15.73 -31.61 -49.04
N SER DA 253 15.06 -31.00 -49.97
CA SER DA 253 14.59 -31.62 -51.23
C SER DA 253 15.73 -31.89 -52.25
N LEU DA 254 16.74 -31.11 -52.24
CA LEU DA 254 17.94 -31.07 -53.09
C LEU DA 254 19.06 -32.09 -52.80
N ASN DA 255 18.96 -32.74 -51.73
CA ASN DA 255 19.88 -33.64 -51.07
C ASN DA 255 21.33 -33.06 -50.76
N GLU DA 256 21.35 -31.72 -50.65
CA GLU DA 256 22.55 -30.91 -50.43
C GLU DA 256 23.41 -31.45 -49.30
N CYS DA 257 22.98 -31.46 -48.05
CA CYS DA 257 23.82 -31.88 -46.93
C CYS DA 257 23.66 -33.37 -46.66
N GLY DA 258 22.87 -34.12 -47.44
CA GLY DA 258 22.45 -35.48 -47.16
C GLY DA 258 21.23 -36.02 -47.86
N TYR DA 259 21.11 -37.31 -47.73
CA TYR DA 259 20.00 -38.14 -48.09
C TYR DA 259 19.16 -38.34 -46.83
N VAL DA 260 17.98 -38.82 -47.03
CA VAL DA 260 17.01 -39.18 -46.04
C VAL DA 260 17.54 -39.95 -44.83
N GLU DA 261 18.33 -40.94 -45.09
CA GLU DA 261 19.04 -41.70 -44.09
C GLU DA 261 19.91 -40.84 -43.14
N ASP DA 262 20.58 -39.84 -43.65
CA ASP DA 262 21.34 -38.89 -42.88
C ASP DA 262 20.43 -37.96 -42.04
N THR DA 263 19.35 -37.50 -42.61
CA THR DA 263 18.28 -36.81 -41.88
C THR DA 263 17.80 -37.63 -40.72
N ILE DA 264 17.54 -38.88 -40.97
CA ILE DA 264 17.05 -39.80 -39.97
C ILE DA 264 17.98 -39.88 -38.79
N ASP DA 265 19.25 -39.91 -39.07
CA ASP DA 265 20.30 -39.96 -38.11
C ASP DA 265 20.44 -38.65 -37.34
N ALA DA 266 20.16 -37.52 -37.96
CA ALA DA 266 20.06 -36.22 -37.34
C ALA DA 266 18.92 -36.16 -36.32
N PHE DA 267 17.84 -36.89 -36.53
CA PHE DA 267 16.75 -37.00 -35.55
C PHE DA 267 17.20 -37.62 -34.23
N GLU DA 268 18.11 -38.55 -34.27
CA GLU DA 268 18.79 -39.10 -33.14
C GLU DA 268 17.79 -39.73 -32.10
N GLY DA 269 16.90 -40.46 -32.60
CA GLY DA 269 15.73 -41.16 -32.15
C GLY DA 269 14.66 -40.39 -31.36
N ARG DA 270 14.78 -39.10 -31.40
CA ARG DA 270 14.04 -38.06 -30.75
C ARG DA 270 12.71 -37.83 -31.46
N THR DA 271 11.68 -37.55 -30.70
CA THR DA 271 10.36 -37.29 -31.23
C THR DA 271 10.33 -36.10 -32.21
N ILE DA 272 9.72 -36.30 -33.32
CA ILE DA 272 9.55 -35.40 -34.43
C ILE DA 272 8.34 -35.62 -35.29
N HIS DA 273 7.79 -34.50 -35.69
CA HIS DA 273 6.70 -34.31 -36.59
C HIS DA 273 7.22 -33.92 -37.98
N THR DA 274 6.92 -34.69 -38.86
CA THR DA 274 7.26 -34.70 -40.28
C THR DA 274 6.07 -34.32 -41.12
N PHE DA 275 6.06 -33.08 -41.68
CA PHE DA 275 5.09 -32.50 -42.61
C PHE DA 275 5.18 -33.14 -44.00
N HIS DA 276 4.16 -33.07 -44.81
CA HIS DA 276 4.11 -33.60 -46.19
C HIS DA 276 5.13 -34.76 -46.36
N THR DA 277 4.89 -35.89 -45.68
CA THR DA 277 5.79 -37.05 -45.53
C THR DA 277 6.08 -37.74 -46.91
N GLU DA 278 5.17 -37.65 -47.82
CA GLU DA 278 5.25 -38.07 -49.23
C GLU DA 278 6.31 -37.36 -50.07
N GLY DA 279 6.46 -36.08 -49.89
CA GLY DA 279 7.37 -35.21 -50.57
C GLY DA 279 6.89 -34.22 -51.63
N ALA DA 280 5.69 -34.33 -52.18
CA ALA DA 280 5.22 -33.33 -53.16
C ALA DA 280 5.33 -31.88 -52.66
N GLY DA 281 5.10 -31.67 -51.37
CA GLY DA 281 5.17 -30.43 -50.63
C GLY DA 281 6.51 -30.00 -50.10
N GLY DA 282 7.54 -30.73 -50.41
CA GLY DA 282 8.85 -30.69 -49.93
C GLY DA 282 9.38 -31.96 -49.28
N GLY DA 283 10.67 -32.20 -49.47
CA GLY DA 283 11.40 -33.25 -48.80
C GLY DA 283 12.28 -34.00 -49.76
N HIS DA 284 13.31 -34.59 -49.19
CA HIS DA 284 14.31 -35.46 -49.77
C HIS DA 284 13.68 -36.28 -50.88
N ALA DA 285 14.16 -36.07 -52.01
CA ALA DA 285 13.61 -36.65 -53.21
C ALA DA 285 14.34 -37.93 -53.60
N PRO DA 286 13.67 -39.00 -53.97
CA PRO DA 286 12.28 -39.30 -54.14
C PRO DA 286 11.61 -39.84 -52.91
N ASP DA 287 12.34 -40.01 -51.84
CA ASP DA 287 12.16 -41.04 -50.80
C ASP DA 287 12.02 -40.60 -49.33
N ILE DA 288 11.62 -39.40 -49.08
CA ILE DA 288 11.26 -38.93 -47.73
C ILE DA 288 10.22 -39.78 -46.98
N ILE DA 289 9.36 -40.45 -47.69
CA ILE DA 289 8.29 -41.41 -47.29
C ILE DA 289 8.73 -42.54 -46.37
N ARG DA 290 9.99 -42.82 -46.37
CA ARG DA 290 10.64 -43.84 -45.54
C ARG DA 290 10.77 -43.51 -44.07
N VAL DA 291 10.64 -42.25 -43.71
CA VAL DA 291 10.56 -41.77 -42.36
C VAL DA 291 9.30 -42.32 -41.61
N ALA DA 292 8.25 -42.70 -42.32
CA ALA DA 292 7.02 -43.34 -41.83
C ALA DA 292 7.20 -44.74 -41.23
N SER DA 293 8.40 -45.33 -41.31
CA SER DA 293 8.90 -46.58 -40.71
C SER DA 293 9.52 -46.45 -39.31
N GLN DA 294 9.79 -45.40 -38.92
CA GLN DA 294 10.47 -45.07 -37.75
C GLN DA 294 9.50 -44.75 -36.57
N PRO DA 295 9.80 -45.26 -35.39
CA PRO DA 295 8.93 -45.11 -34.18
C PRO DA 295 8.87 -43.73 -33.54
N ASN DA 296 9.80 -42.90 -33.82
CA ASN DA 296 9.99 -41.56 -33.33
C ASN DA 296 9.38 -40.48 -34.21
N VAL DA 297 8.95 -40.83 -35.35
CA VAL DA 297 8.37 -40.02 -36.35
C VAL DA 297 6.84 -40.14 -36.25
N LEU DA 298 6.24 -39.00 -36.20
CA LEU DA 298 4.82 -38.70 -36.16
C LEU DA 298 4.48 -38.08 -37.48
N PRO DA 299 4.03 -38.88 -38.42
CA PRO DA 299 3.90 -38.42 -39.77
C PRO DA 299 2.55 -37.86 -40.16
N SER DA 300 2.66 -36.86 -40.89
CA SER DA 300 1.67 -36.11 -41.61
C SER DA 300 1.92 -35.97 -43.06
N SER DA 301 0.77 -35.85 -43.82
CA SER DA 301 0.59 -35.43 -45.21
C SER DA 301 -0.17 -34.11 -45.32
N THR DA 302 0.12 -33.32 -46.30
CA THR DA 302 -0.67 -32.12 -46.60
C THR DA 302 -1.82 -32.56 -47.49
N ASN DA 303 -2.88 -31.82 -47.47
CA ASN DA 303 -4.11 -32.29 -48.09
C ASN DA 303 -4.12 -32.15 -49.61
N PRO DA 304 -3.28 -31.49 -50.65
CA PRO DA 304 -3.57 -31.46 -52.10
C PRO DA 304 -3.40 -32.79 -52.87
N THR DA 305 -2.72 -33.78 -52.37
CA THR DA 305 -2.54 -35.12 -52.92
C THR DA 305 -3.60 -36.18 -52.52
N LEU DA 306 -4.44 -35.89 -51.60
CA LEU DA 306 -5.47 -36.73 -51.03
C LEU DA 306 -6.86 -36.23 -51.37
N PRO DA 307 -7.67 -36.91 -52.14
CA PRO DA 307 -7.39 -38.16 -52.72
C PRO DA 307 -6.61 -37.97 -53.98
N TYR DA 308 -6.07 -39.06 -54.48
CA TYR DA 308 -5.34 -39.12 -55.74
C TYR DA 308 -6.28 -39.20 -56.90
N GLY DA 309 -6.20 -38.18 -57.69
CA GLY DA 309 -7.00 -38.05 -58.84
C GLY DA 309 -6.24 -37.80 -60.14
N VAL DA 310 -7.02 -37.86 -61.18
CA VAL DA 310 -6.64 -37.77 -62.58
C VAL DA 310 -6.04 -36.44 -62.98
N ASN DA 311 -6.42 -35.41 -62.36
CA ASN DA 311 -5.86 -34.09 -62.50
C ASN DA 311 -4.71 -33.79 -61.54
N SER DA 312 -4.32 -34.72 -60.68
CA SER DA 312 -3.37 -34.47 -59.62
C SER DA 312 -1.96 -34.20 -60.12
N GLN DA 313 -1.54 -34.86 -61.15
CA GLN DA 313 -0.19 -34.70 -61.64
C GLN DA 313 -0.02 -33.39 -62.38
N ALA DA 314 -0.89 -33.12 -63.31
CA ALA DA 314 -1.02 -31.80 -63.97
C ALA DA 314 -1.00 -30.60 -63.04
N GLU DA 315 -1.69 -30.69 -61.95
CA GLU DA 315 -1.84 -29.60 -61.03
C GLU DA 315 -0.55 -29.30 -60.33
N LEU DA 316 0.04 -30.31 -59.79
CA LEU DA 316 1.18 -30.26 -58.92
C LEU DA 316 2.41 -29.80 -59.65
N PHE DA 317 2.62 -30.33 -60.84
CA PHE DA 317 3.65 -29.93 -61.74
C PHE DA 317 3.65 -28.45 -61.89
N ASP DA 318 2.53 -27.99 -62.35
CA ASP DA 318 2.41 -26.60 -62.71
C ASP DA 318 2.55 -25.71 -61.49
N MET DA 319 2.04 -26.16 -60.36
CA MET DA 319 2.11 -25.48 -59.06
C MET DA 319 3.50 -25.21 -58.55
N ILE DA 320 4.37 -26.21 -58.61
CA ILE DA 320 5.74 -26.01 -58.18
C ILE DA 320 6.43 -25.09 -59.09
N MET DA 321 6.23 -25.29 -60.36
CA MET DA 321 6.84 -24.46 -61.33
C MET DA 321 6.45 -23.05 -61.22
N VAL DA 322 5.39 -22.74 -60.48
CA VAL DA 322 5.16 -21.39 -60.10
C VAL DA 322 5.50 -21.12 -58.67
N CYS DA 323 5.30 -22.09 -57.79
CA CYS DA 323 5.65 -21.91 -56.39
C CYS DA 323 7.10 -21.45 -56.29
N HIS DA 324 8.00 -22.08 -57.07
CA HIS DA 324 9.42 -21.80 -57.09
C HIS DA 324 9.83 -20.97 -58.30
N ASN DA 325 8.92 -20.19 -58.84
CA ASN DA 325 9.17 -19.43 -60.06
C ASN DA 325 10.13 -20.04 -61.09
N LEU DA 326 9.88 -21.26 -61.49
CA LEU DA 326 10.79 -21.86 -62.38
C LEU DA 326 10.47 -21.44 -63.80
N VAL DA 334 13.40 -28.38 -64.66
CA VAL DA 334 12.41 -29.39 -64.94
C VAL DA 334 12.75 -30.73 -64.45
N SER DA 335 13.92 -30.83 -63.91
CA SER DA 335 14.43 -32.05 -63.38
C SER DA 335 14.39 -32.00 -61.89
N PHE DA 336 14.23 -30.80 -61.34
CA PHE DA 336 13.72 -30.63 -60.01
C PHE DA 336 12.23 -30.92 -60.00
N ALA DA 337 11.52 -30.63 -61.09
CA ALA DA 337 10.06 -30.72 -61.14
C ALA DA 337 9.57 -32.16 -61.15
N GLU DA 338 9.98 -32.94 -62.12
CA GLU DA 338 9.55 -34.33 -62.34
C GLU DA 338 10.16 -35.30 -61.35
N SER DA 339 11.01 -34.81 -60.50
CA SER DA 339 11.56 -35.54 -59.38
C SER DA 339 10.87 -35.24 -58.08
N ARG DA 340 10.20 -34.11 -58.05
CA ARG DA 340 9.41 -33.58 -56.97
C ARG DA 340 8.01 -34.13 -57.03
N VAL DA 341 7.52 -34.40 -58.21
CA VAL DA 341 6.16 -34.70 -58.49
C VAL DA 341 6.13 -36.07 -59.15
N ARG DA 342 5.81 -37.04 -58.33
CA ARG DA 342 5.91 -38.46 -58.56
C ARG DA 342 4.59 -39.20 -58.39
N PRO DA 343 3.95 -39.61 -59.47
CA PRO DA 343 2.69 -40.35 -59.36
C PRO DA 343 2.73 -41.54 -58.44
N GLU DA 344 3.87 -42.22 -58.45
CA GLU DA 344 4.11 -43.42 -57.66
C GLU DA 344 4.11 -43.19 -56.17
N THR DA 345 4.68 -42.12 -55.71
CA THR DA 345 4.71 -41.90 -54.30
C THR DA 345 3.38 -41.27 -53.79
N ILE DA 346 2.67 -40.59 -54.66
CA ILE DA 346 1.41 -39.95 -54.35
C ILE DA 346 0.35 -41.02 -54.10
N ALA DA 347 0.23 -41.98 -54.98
CA ALA DA 347 -0.53 -43.19 -54.78
C ALA DA 347 -0.15 -43.92 -53.52
N ALA DA 348 1.12 -43.99 -53.27
CA ALA DA 348 1.61 -44.65 -52.12
C ALA DA 348 1.14 -43.99 -50.85
N GLU DA 349 1.10 -42.66 -50.83
CA GLU DA 349 0.67 -41.85 -49.69
C GLU DA 349 -0.78 -42.25 -49.28
N ASN DA 350 -1.65 -42.37 -50.22
CA ASN DA 350 -3.04 -42.78 -50.20
C ASN DA 350 -3.22 -44.12 -49.53
N VAL DA 351 -2.40 -45.06 -49.92
CA VAL DA 351 -2.42 -46.39 -49.38
C VAL DA 351 -1.94 -46.43 -47.98
N LEU DA 352 -0.90 -45.73 -47.69
CA LEU DA 352 -0.32 -45.73 -46.40
C LEU DA 352 -1.24 -45.12 -45.32
N HIS DA 353 -1.99 -44.14 -45.73
CA HIS DA 353 -3.09 -43.54 -44.99
C HIS DA 353 -4.08 -44.58 -44.57
N ASP DA 354 -4.62 -45.30 -45.53
CA ASP DA 354 -5.53 -46.39 -45.34
C ASP DA 354 -5.01 -47.51 -44.48
N MET DA 355 -3.75 -47.70 -44.42
CA MET DA 355 -3.08 -48.68 -43.58
C MET DA 355 -2.86 -48.25 -42.15
N GLY DA 356 -2.96 -47.01 -41.84
CA GLY DA 356 -2.54 -46.45 -40.61
C GLY DA 356 -1.06 -46.17 -40.43
N VAL DA 357 -0.34 -45.97 -41.50
CA VAL DA 357 1.06 -45.67 -41.52
C VAL DA 357 1.38 -44.16 -41.57
N ILE DA 358 0.61 -43.34 -42.21
CA ILE DA 358 0.62 -41.86 -42.11
C ILE DA 358 -0.55 -41.42 -41.19
N SER DA 359 -0.24 -40.72 -40.16
CA SER DA 359 -1.08 -40.60 -39.03
C SER DA 359 -1.98 -39.34 -38.94
N MET DA 360 -1.76 -38.35 -39.74
CA MET DA 360 -2.35 -37.02 -39.84
C MET DA 360 -2.42 -36.35 -41.19
N PHE DA 361 -3.54 -35.69 -41.39
CA PHE DA 361 -3.86 -34.79 -42.40
C PHE DA 361 -3.56 -33.37 -41.90
N SER DA 362 -3.30 -32.47 -42.80
CA SER DA 362 -2.90 -31.08 -42.68
C SER DA 362 -3.05 -30.36 -43.97
N SER DA 363 -2.96 -28.96 -43.79
CA SER DA 363 -3.28 -28.15 -44.95
C SER DA 363 -2.04 -27.56 -45.57
N ASP DA 364 -1.21 -27.03 -45.02
CA ASP DA 364 -0.16 -26.30 -45.69
C ASP DA 364 -0.71 -24.97 -46.29
N SER DA 365 -1.62 -24.33 -45.58
CA SER DA 365 -2.52 -23.25 -46.02
C SER DA 365 -1.82 -22.21 -46.84
N GLN DA 366 -2.27 -22.05 -48.07
CA GLN DA 366 -1.80 -21.07 -49.06
C GLN DA 366 -0.30 -21.12 -49.35
N ALA DA 367 0.23 -22.29 -49.10
CA ALA DA 367 1.52 -22.85 -49.41
C ALA DA 367 1.41 -24.35 -49.81
N MET DA 368 0.65 -24.58 -50.79
CA MET DA 368 0.21 -25.71 -51.57
C MET DA 368 -1.05 -26.51 -51.14
N GLY DA 369 -1.56 -26.27 -49.96
CA GLY DA 369 -2.81 -26.92 -49.55
C GLY DA 369 -3.96 -25.97 -49.21
N ARG DA 370 -5.09 -26.50 -48.68
CA ARG DA 370 -6.47 -25.96 -48.65
C ARG DA 370 -7.07 -26.16 -47.24
N VAL DA 371 -6.94 -25.13 -46.45
CA VAL DA 371 -7.38 -24.85 -45.12
C VAL DA 371 -8.80 -25.15 -44.86
N GLY DA 372 -9.61 -25.08 -45.84
CA GLY DA 372 -11.04 -25.37 -45.75
C GLY DA 372 -11.58 -26.66 -46.33
N GLU DA 373 -10.72 -27.62 -46.45
CA GLU DA 373 -10.91 -28.89 -47.10
C GLU DA 373 -10.34 -30.16 -46.38
N ASN DA 374 -9.82 -30.06 -45.20
CA ASN DA 374 -9.28 -31.15 -44.37
C ASN DA 374 -10.32 -32.20 -43.97
N TRP DA 375 -11.49 -31.76 -43.51
CA TRP DA 375 -12.58 -32.67 -43.18
C TRP DA 375 -13.16 -33.23 -44.47
N LEU DA 376 -13.30 -32.42 -45.51
CA LEU DA 376 -13.76 -32.85 -46.84
C LEU DA 376 -12.84 -33.90 -47.46
N ARG DA 377 -11.54 -33.77 -47.29
CA ARG DA 377 -10.66 -34.54 -48.12
C ARG DA 377 -10.44 -35.95 -47.52
N VAL DA 378 -10.36 -36.00 -46.23
CA VAL DA 378 -10.38 -37.11 -45.30
C VAL DA 378 -11.48 -38.12 -45.64
N MET DA 379 -12.68 -37.65 -45.72
CA MET DA 379 -13.86 -38.37 -46.15
C MET DA 379 -13.78 -38.77 -47.61
N GLN DA 380 -13.33 -37.92 -48.40
CA GLN DA 380 -13.13 -38.20 -49.83
C GLN DA 380 -12.11 -39.35 -50.07
N THR DA 381 -11.07 -39.39 -49.29
CA THR DA 381 -9.99 -40.38 -49.29
C THR DA 381 -10.49 -41.75 -48.80
N ALA DA 382 -11.12 -41.82 -47.62
CA ALA DA 382 -11.75 -43.00 -47.07
C ALA DA 382 -12.64 -43.69 -48.06
N ASN DA 383 -13.41 -42.98 -48.76
CA ASN DA 383 -14.35 -43.42 -49.76
C ASN DA 383 -13.71 -43.84 -51.06
N ALA DA 384 -12.69 -43.16 -51.53
CA ALA DA 384 -11.97 -43.62 -52.71
C ALA DA 384 -11.26 -44.94 -52.43
N MET DA 385 -10.71 -45.05 -51.28
CA MET DA 385 -9.97 -46.20 -50.80
C MET DA 385 -10.83 -47.44 -50.52
N LYS DA 386 -12.05 -47.28 -50.02
CA LYS DA 386 -12.99 -48.37 -49.88
C LYS DA 386 -13.29 -48.97 -51.23
N ALA DA 387 -13.53 -48.14 -52.16
CA ALA DA 387 -13.75 -48.52 -53.52
C ALA DA 387 -12.61 -49.37 -54.09
N SER DA 388 -11.39 -48.90 -53.97
CA SER DA 388 -10.22 -49.55 -54.56
C SER DA 388 -9.71 -50.78 -53.84
N ARG DA 389 -9.79 -50.82 -52.56
CA ARG DA 389 -9.20 -51.80 -51.69
C ARG DA 389 -10.19 -52.71 -51.01
N GLY DA 390 -11.44 -52.33 -50.92
CA GLY DA 390 -12.44 -52.86 -50.07
C GLY DA 390 -12.29 -52.63 -48.61
N LYS DA 391 -12.85 -53.55 -47.85
CA LYS DA 391 -12.90 -53.45 -46.43
C LYS DA 391 -11.55 -53.72 -45.86
N LEU DA 392 -11.13 -52.83 -45.08
CA LEU DA 392 -10.08 -53.10 -44.19
C LEU DA 392 -10.32 -54.40 -43.45
N PRO DA 393 -9.25 -55.07 -43.10
CA PRO DA 393 -9.37 -56.41 -42.51
C PRO DA 393 -10.04 -56.42 -41.18
N GLU DA 394 -9.75 -55.41 -40.38
CA GLU DA 394 -10.39 -55.11 -39.12
C GLU DA 394 -11.79 -54.53 -39.21
N ASP DA 395 -12.28 -54.12 -40.37
CA ASP DA 395 -13.67 -53.78 -40.46
C ASP DA 395 -14.54 -54.98 -40.10
N ALA DA 396 -15.57 -54.68 -39.61
CA ALA DA 396 -16.76 -55.46 -39.41
C ALA DA 396 -17.56 -55.55 -40.70
N PRO DA 397 -18.16 -56.69 -40.97
CA PRO DA 397 -18.77 -56.87 -42.26
C PRO DA 397 -19.89 -55.95 -42.62
N GLY DA 398 -20.73 -55.59 -41.68
CA GLY DA 398 -21.81 -54.77 -42.07
C GLY DA 398 -21.52 -53.29 -42.16
N ASN DA 399 -20.44 -52.83 -41.56
CA ASN DA 399 -20.11 -51.42 -41.44
C ASN DA 399 -18.63 -51.01 -41.62
N ASP DA 400 -18.49 -49.72 -41.86
CA ASP DA 400 -17.31 -48.97 -42.11
C ASP DA 400 -16.75 -48.18 -40.95
N ASN DA 401 -17.12 -48.50 -39.76
CA ASN DA 401 -16.68 -47.86 -38.54
C ASN DA 401 -15.16 -47.84 -38.36
N PHE DA 402 -14.49 -48.98 -38.44
CA PHE DA 402 -13.06 -49.09 -38.30
C PHE DA 402 -12.36 -48.08 -39.19
N ARG DA 403 -12.74 -48.06 -40.44
CA ARG DA 403 -12.20 -47.18 -41.43
C ARG DA 403 -12.41 -45.71 -41.08
N VAL DA 404 -13.66 -45.31 -40.98
CA VAL DA 404 -14.06 -43.96 -40.70
C VAL DA 404 -13.31 -43.43 -39.55
N LEU DA 405 -13.27 -44.19 -38.52
N LEU DA 405 -13.26 -44.17 -38.51
CA LEU DA 405 -12.65 -43.85 -37.29
CA LEU DA 405 -12.64 -43.78 -37.30
C LEU DA 405 -11.11 -43.68 -37.43
C LEU DA 405 -11.10 -43.67 -37.42
N ARG DA 406 -10.49 -44.44 -38.25
CA ARG DA 406 -9.05 -44.25 -38.58
C ARG DA 406 -8.79 -42.82 -39.09
N TYR DA 407 -9.58 -42.51 -40.08
CA TYR DA 407 -9.60 -41.21 -40.81
C TYR DA 407 -9.87 -40.00 -39.88
N VAL DA 408 -10.85 -40.08 -39.03
CA VAL DA 408 -11.22 -39.11 -38.01
C VAL DA 408 -10.13 -38.85 -37.02
N ALA DA 409 -9.41 -39.85 -36.65
CA ALA DA 409 -8.27 -39.70 -35.80
C ALA DA 409 -7.18 -38.77 -36.37
N LYS DA 410 -7.10 -38.75 -37.65
CA LYS DA 410 -6.19 -38.04 -38.48
C LYS DA 410 -6.31 -36.51 -38.34
N ILE DA 411 -7.53 -35.98 -38.24
CA ILE DA 411 -7.87 -34.57 -38.08
C ILE DA 411 -8.28 -34.13 -36.70
N THR DA 412 -8.37 -35.01 -35.75
CA THR DA 412 -8.77 -34.86 -34.37
C THR DA 412 -7.78 -35.23 -33.30
N ILE DA 413 -7.72 -36.44 -32.88
CA ILE DA 413 -6.99 -36.77 -31.75
C ILE DA 413 -5.46 -36.86 -32.00
N ASN DA 414 -5.11 -37.27 -33.15
CA ASN DA 414 -3.72 -37.44 -33.54
C ASN DA 414 -2.93 -36.13 -33.64
N PRO DA 415 -3.35 -35.17 -34.39
CA PRO DA 415 -2.80 -33.83 -34.23
C PRO DA 415 -2.62 -33.28 -32.80
N ALA DA 416 -3.59 -33.47 -32.00
CA ALA DA 416 -3.55 -33.06 -30.62
C ALA DA 416 -2.46 -33.72 -29.86
N ILE DA 417 -2.34 -34.96 -30.04
CA ILE DA 417 -1.34 -35.72 -29.34
C ILE DA 417 0.06 -35.25 -29.75
N ALA DA 418 0.23 -35.04 -31.01
CA ALA DA 418 1.49 -34.59 -31.63
C ALA DA 418 2.01 -33.26 -31.09
N GLN DA 419 1.16 -32.37 -30.73
CA GLN DA 419 1.45 -31.00 -30.32
C GLN DA 419 1.24 -30.75 -28.79
N GLY DA 420 0.95 -31.73 -28.10
CA GLY DA 420 0.75 -31.91 -26.73
C GLY DA 420 -0.39 -31.21 -26.07
N VAL DA 421 -1.49 -31.27 -26.66
CA VAL DA 421 -2.79 -30.73 -26.33
C VAL DA 421 -4.04 -31.61 -26.24
N SER DA 422 -3.83 -32.89 -26.19
CA SER DA 422 -4.83 -33.92 -26.04
C SER DA 422 -5.40 -33.97 -24.68
N HIS DA 423 -4.81 -33.36 -23.76
CA HIS DA 423 -5.36 -33.15 -22.46
C HIS DA 423 -6.54 -32.16 -22.39
N VAL DA 424 -6.65 -31.28 -23.30
CA VAL DA 424 -7.63 -30.25 -23.42
C VAL DA 424 -8.53 -30.27 -24.61
N ILE DA 425 -8.08 -30.75 -25.69
CA ILE DA 425 -8.77 -30.85 -26.94
C ILE DA 425 -8.49 -32.14 -27.71
N GLY DA 426 -9.23 -32.35 -28.77
CA GLY DA 426 -9.21 -33.41 -29.76
C GLY DA 426 -10.12 -34.63 -29.81
N SER DA 427 -10.92 -34.88 -28.81
CA SER DA 427 -11.85 -35.96 -28.62
C SER DA 427 -13.03 -35.45 -27.78
N VAL DA 428 -14.13 -36.07 -27.98
CA VAL DA 428 -15.36 -36.00 -27.22
C VAL DA 428 -15.28 -36.94 -26.05
N GLU DA 429 -14.76 -36.45 -24.97
CA GLU DA 429 -14.46 -37.17 -23.80
C GLU DA 429 -14.63 -36.25 -22.59
N VAL DA 430 -14.96 -36.88 -21.52
CA VAL DA 430 -15.16 -36.18 -20.30
C VAL DA 430 -13.85 -35.57 -19.83
N GLY DA 431 -13.99 -34.38 -19.46
CA GLY DA 431 -13.11 -33.39 -18.99
C GLY DA 431 -12.44 -32.42 -19.97
N LYS DA 432 -12.68 -32.58 -21.22
CA LYS DA 432 -12.23 -31.83 -22.28
C LYS DA 432 -13.08 -30.62 -22.67
N MET DA 433 -12.33 -29.63 -23.20
N MET DA 433 -12.33 -29.65 -23.20
CA MET DA 433 -12.84 -28.34 -23.70
CA MET DA 433 -12.85 -28.35 -23.69
C MET DA 433 -13.93 -28.65 -24.72
C MET DA 433 -13.93 -28.65 -24.72
N ALA DA 434 -15.14 -27.96 -24.53
CA ALA DA 434 -16.12 -28.37 -25.62
C ALA DA 434 -15.83 -27.65 -26.94
N ASP DA 435 -14.87 -28.13 -27.77
CA ASP DA 435 -14.48 -27.76 -29.17
C ASP DA 435 -15.10 -28.89 -30.06
N LEU DA 436 -16.26 -28.67 -30.54
CA LEU DA 436 -17.24 -29.52 -31.15
C LEU DA 436 -17.87 -28.91 -32.37
N VAL DA 437 -18.18 -29.78 -33.22
CA VAL DA 437 -18.83 -29.71 -34.47
C VAL DA 437 -20.00 -30.66 -34.59
N LEU DA 438 -21.07 -30.09 -35.02
CA LEU DA 438 -22.35 -30.63 -35.46
C LEU DA 438 -22.61 -30.62 -36.94
N TRP DA 439 -22.89 -31.74 -37.42
CA TRP DA 439 -23.15 -32.07 -38.77
C TRP DA 439 -24.46 -32.76 -39.09
N ASP DA 440 -25.01 -32.41 -40.13
CA ASP DA 440 -26.04 -33.16 -40.79
C ASP DA 440 -25.43 -34.29 -41.58
N PRO DA 441 -25.88 -35.53 -41.39
CA PRO DA 441 -25.34 -36.64 -42.19
C PRO DA 441 -25.34 -36.50 -43.61
N ARG DA 442 -26.30 -35.86 -44.13
CA ARG DA 442 -26.40 -35.57 -45.48
C ARG DA 442 -25.18 -34.77 -46.06
N PHE DA 443 -24.54 -33.98 -45.25
CA PHE DA 443 -23.47 -32.99 -45.45
C PHE DA 443 -22.16 -33.31 -44.71
N PHE DA 444 -22.02 -34.47 -44.11
CA PHE DA 444 -20.93 -34.90 -43.28
C PHE DA 444 -19.57 -34.68 -43.95
N GLY DA 445 -18.67 -34.02 -43.27
CA GLY DA 445 -17.38 -33.61 -43.77
C GLY DA 445 -17.17 -32.33 -44.54
N ALA DA 446 -18.18 -31.93 -45.21
CA ALA DA 446 -18.32 -30.85 -46.14
C ALA DA 446 -18.80 -29.57 -45.54
N LYS DA 447 -20.02 -29.58 -45.04
CA LYS DA 447 -20.79 -28.42 -44.60
C LYS DA 447 -21.42 -28.61 -43.23
N PRO DA 448 -20.78 -28.17 -42.18
CA PRO DA 448 -21.35 -28.30 -40.89
C PRO DA 448 -22.51 -27.38 -40.58
N LYS DA 449 -23.19 -27.72 -39.57
CA LYS DA 449 -24.29 -26.95 -39.00
C LYS DA 449 -23.76 -25.82 -38.12
N MET DA 450 -22.91 -26.14 -37.22
CA MET DA 450 -22.26 -25.37 -36.20
C MET DA 450 -21.03 -25.89 -35.53
N VAL DA 451 -20.30 -24.93 -35.06
CA VAL DA 451 -19.18 -24.97 -34.27
C VAL DA 451 -19.34 -24.33 -32.94
N ILE DA 452 -19.12 -25.13 -32.01
CA ILE DA 452 -19.07 -24.95 -30.61
C ILE DA 452 -17.65 -24.94 -30.13
N LYS DA 453 -17.31 -23.76 -29.61
CA LYS DA 453 -16.04 -23.21 -29.33
C LYS DA 453 -16.19 -22.66 -27.90
N GLY DA 454 -15.60 -23.34 -27.02
CA GLY DA 454 -15.44 -23.23 -25.67
C GLY DA 454 -16.76 -23.30 -24.90
N GLY DA 455 -17.72 -23.98 -25.43
CA GLY DA 455 -19.01 -24.09 -24.87
C GLY DA 455 -20.10 -23.18 -25.42
N MET DA 456 -19.79 -22.20 -26.23
CA MET DA 456 -20.57 -21.31 -27.04
C MET DA 456 -20.39 -21.58 -28.50
N ILE DA 457 -21.45 -21.37 -29.24
CA ILE DA 457 -21.59 -21.39 -30.63
C ILE DA 457 -20.91 -20.11 -31.15
N ASN DA 458 -19.86 -20.32 -31.87
CA ASN DA 458 -19.04 -19.28 -32.46
C ASN DA 458 -19.23 -19.05 -33.92
N TRP DA 459 -19.69 -19.99 -34.64
CA TRP DA 459 -19.81 -20.12 -36.05
C TRP DA 459 -20.89 -21.09 -36.43
N ALA DA 460 -21.63 -20.70 -37.37
CA ALA DA 460 -22.86 -21.24 -37.93
C ALA DA 460 -23.38 -20.78 -39.28
N ALA DA 461 -24.02 -21.70 -39.92
CA ALA DA 461 -24.80 -21.53 -41.10
C ALA DA 461 -26.16 -20.94 -40.70
N MET DA 462 -26.34 -19.77 -41.09
CA MET DA 462 -27.36 -18.80 -40.79
C MET DA 462 -27.86 -18.14 -42.03
N GLY DA 463 -29.22 -18.10 -42.20
CA GLY DA 463 -29.89 -17.31 -43.20
C GLY DA 463 -30.36 -15.97 -42.68
N ASP DA 464 -31.34 -15.39 -43.35
CA ASP DA 464 -31.67 -13.95 -43.40
C ASP DA 464 -31.84 -13.56 -41.94
N PRO DA 465 -31.01 -12.69 -41.34
CA PRO DA 465 -31.25 -12.21 -39.97
C PRO DA 465 -32.57 -11.44 -39.80
N ASN DA 466 -33.16 -10.90 -40.84
CA ASN DA 466 -34.46 -10.23 -40.85
C ASN DA 466 -35.62 -11.18 -40.98
N ALA DA 467 -35.37 -12.43 -41.17
CA ALA DA 467 -36.45 -13.29 -41.51
C ALA DA 467 -37.14 -13.71 -40.21
N SER DA 468 -38.25 -14.29 -40.38
CA SER DA 468 -39.10 -14.89 -39.35
C SER DA 468 -38.62 -16.25 -38.89
N LEU DA 469 -37.71 -16.86 -39.56
CA LEU DA 469 -36.93 -17.98 -39.09
C LEU DA 469 -35.45 -17.85 -39.34
N PRO DA 470 -34.65 -18.76 -38.80
CA PRO DA 470 -33.21 -18.83 -39.06
C PRO DA 470 -32.80 -19.52 -40.29
N THR DA 471 -33.67 -20.09 -40.98
CA THR DA 471 -33.47 -20.91 -42.12
C THR DA 471 -33.72 -20.28 -43.42
N PRO DA 472 -34.37 -19.13 -43.51
CA PRO DA 472 -34.59 -18.61 -44.80
C PRO DA 472 -33.34 -18.02 -45.49
N GLN DA 473 -33.35 -18.14 -46.75
CA GLN DA 473 -32.28 -17.88 -47.71
C GLN DA 473 -31.94 -16.37 -47.78
N PRO DA 474 -30.67 -16.00 -47.95
CA PRO DA 474 -29.51 -16.84 -48.16
C PRO DA 474 -28.86 -17.35 -46.90
N VAL DA 475 -28.61 -18.61 -46.91
CA VAL DA 475 -27.90 -19.30 -45.86
C VAL DA 475 -26.40 -19.35 -46.23
N PHE DA 476 -25.61 -18.82 -45.38
CA PHE DA 476 -24.17 -18.69 -45.42
C PHE DA 476 -23.60 -18.53 -43.99
N TYR DA 477 -22.36 -18.93 -43.84
CA TYR DA 477 -21.62 -18.97 -42.66
C TYR DA 477 -21.22 -17.60 -42.20
N ARG DA 478 -21.46 -17.40 -41.02
CA ARG DA 478 -21.53 -16.26 -40.16
C ARG DA 478 -21.04 -16.44 -38.74
N PRO DA 479 -20.32 -15.50 -38.24
CA PRO DA 479 -20.08 -15.48 -36.85
C PRO DA 479 -21.29 -15.35 -35.95
N MET DA 480 -21.14 -15.91 -34.89
CA MET DA 480 -22.07 -15.98 -33.79
C MET DA 480 -21.49 -15.32 -32.51
N PHE DA 481 -22.24 -15.29 -31.42
CA PHE DA 481 -21.94 -14.60 -30.14
C PHE DA 481 -20.65 -15.07 -29.46
N GLY DA 482 -20.29 -16.32 -29.56
CA GLY DA 482 -19.03 -16.78 -29.10
C GLY DA 482 -17.81 -16.14 -29.83
N ALA DA 483 -18.02 -15.70 -31.00
CA ALA DA 483 -17.20 -14.93 -31.93
C ALA DA 483 -17.28 -13.42 -31.77
N MET DA 484 -17.83 -12.95 -30.70
CA MET DA 484 -18.24 -11.59 -30.44
C MET DA 484 -17.75 -11.15 -29.09
N GLY DA 485 -17.47 -9.90 -29.05
CA GLY DA 485 -17.01 -9.29 -27.96
C GLY DA 485 -15.81 -9.83 -27.25
N LYS DA 486 -15.87 -9.73 -25.92
CA LYS DA 486 -14.86 -10.33 -25.04
C LYS DA 486 -14.99 -11.88 -24.93
N THR DA 487 -16.07 -12.49 -25.30
CA THR DA 487 -16.30 -13.92 -25.26
C THR DA 487 -15.39 -14.71 -26.22
N MET DA 488 -15.16 -14.13 -27.41
N MET DA 488 -15.22 -14.12 -27.39
CA MET DA 488 -14.28 -14.70 -28.49
CA MET DA 488 -14.33 -14.56 -28.49
C MET DA 488 -12.90 -15.02 -27.80
C MET DA 488 -12.95 -14.98 -27.82
N GLN DA 489 -12.22 -14.14 -27.00
CA GLN DA 489 -11.05 -14.40 -26.30
C GLN DA 489 -11.26 -15.38 -25.18
N ASP DA 490 -12.35 -15.26 -24.45
CA ASP DA 490 -12.67 -16.13 -23.36
C ASP DA 490 -12.84 -17.59 -23.73
N THR DA 491 -13.26 -17.86 -24.88
CA THR DA 491 -13.61 -19.11 -25.43
C THR DA 491 -12.52 -19.71 -26.35
N CYS DA 492 -11.44 -18.95 -26.55
CA CYS DA 492 -10.30 -19.31 -27.42
C CYS DA 492 -9.01 -19.41 -26.56
N VAL DA 493 -8.18 -20.34 -26.89
CA VAL DA 493 -6.91 -20.72 -26.31
C VAL DA 493 -5.77 -20.31 -27.25
N THR DA 494 -4.84 -19.77 -26.69
CA THR DA 494 -3.49 -19.55 -27.13
C THR DA 494 -2.56 -20.50 -26.33
N PHE DA 495 -2.21 -21.48 -26.99
CA PHE DA 495 -1.19 -22.41 -26.64
C PHE DA 495 0.24 -21.83 -26.69
N VAL DA 496 0.91 -22.12 -25.67
CA VAL DA 496 2.26 -21.80 -25.32
C VAL DA 496 3.08 -22.89 -24.59
N SER DA 497 4.35 -22.64 -24.52
CA SER DA 497 5.37 -23.38 -23.79
C SER DA 497 5.14 -23.16 -22.29
N GLN DA 498 5.39 -24.11 -21.52
CA GLN DA 498 5.45 -24.05 -20.08
C GLN DA 498 6.43 -23.04 -19.57
N ALA DA 499 7.54 -22.88 -20.28
CA ALA DA 499 8.57 -21.91 -20.06
C ALA DA 499 8.02 -20.50 -20.06
N ALA DA 500 7.27 -20.24 -21.05
CA ALA DA 500 6.58 -19.00 -21.28
C ALA DA 500 5.49 -18.71 -20.26
N LEU DA 501 4.72 -19.72 -19.96
CA LEU DA 501 3.66 -19.68 -19.00
C LEU DA 501 4.21 -19.30 -17.64
N ASP DA 502 5.27 -19.93 -17.27
CA ASP DA 502 5.94 -19.78 -16.03
C ASP DA 502 6.60 -18.38 -15.91
N ASP DA 503 7.09 -17.81 -16.97
CA ASP DA 503 7.68 -16.50 -17.15
C ASP DA 503 6.65 -15.39 -17.25
N GLY DA 504 5.38 -15.68 -17.15
CA GLY DA 504 4.30 -14.76 -17.27
C GLY DA 504 3.87 -14.18 -18.56
N VAL DA 505 3.95 -14.93 -19.62
CA VAL DA 505 3.62 -14.56 -20.96
C VAL DA 505 2.27 -13.86 -21.06
N LYS DA 506 1.33 -14.31 -20.29
CA LYS DA 506 -0.02 -13.80 -20.29
C LYS DA 506 -0.06 -12.33 -19.90
N GLU DA 507 0.59 -11.96 -18.83
CA GLU DA 507 0.80 -10.59 -18.34
C GLU DA 507 1.68 -9.78 -19.29
N LYS DA 508 2.88 -10.26 -19.54
CA LYS DA 508 3.93 -9.65 -20.37
C LYS DA 508 3.45 -9.22 -21.72
N ALA DA 509 2.77 -10.07 -22.42
CA ALA DA 509 2.16 -9.91 -23.72
C ALA DA 509 0.75 -9.35 -23.68
N GLY DA 510 0.17 -9.32 -22.53
CA GLY DA 510 -1.08 -8.75 -22.35
C GLY DA 510 -2.23 -9.44 -23.01
N LEU DA 511 -2.27 -10.75 -22.96
CA LEU DA 511 -3.20 -11.59 -23.60
C LEU DA 511 -4.44 -11.78 -22.72
N ASP DA 512 -5.59 -11.67 -23.33
CA ASP DA 512 -6.87 -11.94 -22.78
C ASP DA 512 -7.40 -13.35 -23.10
N ARG DA 513 -6.83 -14.03 -24.08
CA ARG DA 513 -7.10 -15.43 -24.44
C ARG DA 513 -6.87 -16.29 -23.25
N GLN DA 514 -7.45 -17.48 -23.25
CA GLN DA 514 -6.98 -18.52 -22.38
C GLN DA 514 -5.56 -18.90 -22.86
N VAL DA 515 -4.67 -18.98 -21.96
CA VAL DA 515 -3.26 -19.36 -22.17
C VAL DA 515 -2.94 -20.66 -21.43
N ILE DA 516 -2.74 -21.68 -22.17
CA ILE DA 516 -2.55 -23.08 -21.80
C ILE DA 516 -1.20 -23.65 -22.29
N ALA DA 517 -0.46 -24.23 -21.38
CA ALA DA 517 0.84 -24.83 -21.61
C ALA DA 517 0.66 -26.14 -22.34
N VAL DA 518 1.28 -26.28 -23.48
CA VAL DA 518 1.53 -27.59 -24.08
C VAL DA 518 2.31 -28.57 -23.18
N LYS DA 519 2.00 -29.86 -23.30
CA LYS DA 519 2.61 -30.86 -22.41
C LYS DA 519 2.53 -32.24 -23.10
N ASN DA 520 3.44 -33.12 -22.89
CA ASN DA 520 3.54 -34.51 -23.35
C ASN DA 520 3.94 -34.70 -24.83
N CYS DA 521 4.83 -33.92 -25.32
CA CYS DA 521 5.26 -33.83 -26.75
C CYS DA 521 6.46 -34.80 -27.03
N ARG DA 522 7.30 -35.05 -26.09
CA ARG DA 522 8.63 -35.66 -26.21
C ARG DA 522 8.74 -37.15 -25.85
N THR DA 523 7.82 -37.68 -25.12
CA THR DA 523 7.71 -39.08 -24.68
C THR DA 523 6.84 -39.97 -25.61
N ILE DA 524 6.22 -39.42 -26.48
CA ILE DA 524 5.35 -39.97 -27.47
C ILE DA 524 6.14 -40.47 -28.67
N SER DA 525 5.57 -41.45 -29.27
CA SER DA 525 5.94 -42.16 -30.43
C SER DA 525 4.76 -42.50 -31.29
N LYS DA 526 5.08 -43.08 -32.40
CA LYS DA 526 4.14 -43.47 -33.39
C LYS DA 526 3.06 -44.36 -32.85
N HIS DA 527 3.41 -45.24 -31.97
CA HIS DA 527 2.52 -46.21 -31.32
C HIS DA 527 1.52 -45.60 -30.35
N ASP DA 528 1.75 -44.39 -29.89
CA ASP DA 528 0.79 -43.62 -29.11
C ASP DA 528 -0.26 -42.96 -29.95
N LEU DA 529 -0.18 -43.10 -31.17
CA LEU DA 529 -1.09 -42.49 -32.05
C LEU DA 529 -2.29 -43.44 -32.09
N VAL DA 530 -3.44 -42.91 -32.38
CA VAL DA 530 -4.73 -43.59 -32.34
C VAL DA 530 -5.17 -43.97 -33.74
N ARG DA 531 -5.32 -45.25 -33.91
CA ARG DA 531 -5.68 -46.01 -35.07
C ARG DA 531 -4.70 -45.87 -36.25
N ASN DA 532 -3.57 -45.27 -36.05
CA ASN DA 532 -2.60 -44.99 -37.07
C ASN DA 532 -1.19 -45.18 -36.50
N ASP DA 533 -0.94 -46.36 -36.01
CA ASP DA 533 0.22 -46.72 -35.20
C ASP DA 533 1.20 -47.72 -35.82
N GLN DA 534 1.09 -48.00 -37.06
CA GLN DA 534 1.86 -48.88 -37.91
C GLN DA 534 3.21 -48.32 -38.42
N THR DA 535 4.26 -49.11 -38.22
CA THR DA 535 5.66 -48.90 -38.58
C THR DA 535 6.21 -50.00 -39.50
N PRO DA 536 5.75 -50.11 -40.73
CA PRO DA 536 6.33 -51.10 -41.62
C PRO DA 536 7.61 -50.68 -42.31
N ASN DA 537 8.21 -51.64 -43.01
CA ASN DA 537 9.34 -51.39 -43.88
C ASN DA 537 8.89 -50.72 -45.15
N ILE DA 538 9.44 -49.58 -45.44
CA ILE DA 538 9.16 -48.83 -46.64
C ILE DA 538 10.41 -48.65 -47.50
N GLU DA 539 10.29 -49.05 -48.72
CA GLU DA 539 11.28 -49.02 -49.77
C GLU DA 539 10.78 -48.27 -50.98
N VAL DA 540 11.59 -47.41 -51.49
CA VAL DA 540 11.40 -46.63 -52.68
C VAL DA 540 12.53 -46.85 -53.68
N ASP DA 541 12.16 -47.14 -54.85
CA ASP DA 541 13.02 -47.36 -56.00
C ASP DA 541 13.58 -46.07 -56.58
N PRO DA 542 14.89 -45.83 -56.46
CA PRO DA 542 15.48 -44.56 -56.91
C PRO DA 542 15.39 -44.32 -58.39
N GLU DA 543 15.05 -45.30 -59.19
CA GLU DA 543 14.78 -45.08 -60.61
C GLU DA 543 13.33 -44.74 -60.92
N THR DA 544 12.46 -45.66 -60.66
CA THR DA 544 11.06 -45.61 -60.99
C THR DA 544 10.17 -45.10 -59.86
N PHE DA 545 10.70 -44.85 -58.66
CA PHE DA 545 10.03 -44.22 -57.53
C PHE DA 545 8.94 -45.09 -56.95
N ALA DA 546 8.89 -46.34 -57.36
CA ALA DA 546 7.93 -47.36 -56.91
C ALA DA 546 8.14 -47.60 -55.41
N VAL DA 547 7.08 -47.73 -54.64
CA VAL DA 547 7.03 -47.97 -53.21
C VAL DA 547 6.51 -49.34 -52.86
N LYS DA 548 7.29 -49.98 -52.07
CA LYS DA 548 7.09 -51.25 -51.44
C LYS DA 548 6.99 -51.08 -49.97
N VAL DA 549 5.97 -51.66 -49.35
CA VAL DA 549 5.61 -51.55 -47.92
C VAL DA 549 5.58 -53.00 -47.46
N ASP DA 550 6.48 -53.40 -46.59
CA ASP DA 550 6.73 -54.83 -46.21
C ASP DA 550 6.80 -55.68 -47.50
N GLY DA 551 7.54 -55.28 -48.53
CA GLY DA 551 7.64 -55.95 -49.83
C GLY DA 551 6.45 -55.87 -50.77
N VAL DA 552 5.36 -55.13 -50.54
CA VAL DA 552 4.20 -55.11 -51.34
C VAL DA 552 4.09 -53.75 -51.96
N HIS DA 553 3.96 -53.76 -53.24
CA HIS DA 553 3.80 -52.61 -54.03
C HIS DA 553 2.58 -51.87 -53.53
N ALA DA 554 2.77 -50.60 -53.26
CA ALA DA 554 1.79 -49.70 -52.68
C ALA DA 554 1.35 -48.73 -53.74
N THR DA 555 0.26 -49.06 -54.41
CA THR DA 555 -0.37 -48.22 -55.37
C THR DA 555 -1.89 -48.42 -55.42
N CYS DA 556 -2.55 -47.50 -56.08
CA CYS DA 556 -3.95 -47.43 -56.38
C CYS DA 556 -4.01 -46.47 -57.54
N GLU DA 557 -5.12 -46.49 -58.25
CA GLU DA 557 -5.48 -45.82 -59.45
C GLU DA 557 -6.20 -44.52 -59.18
N PRO DA 558 -5.98 -43.50 -59.95
CA PRO DA 558 -6.72 -42.28 -59.69
C PRO DA 558 -8.17 -42.31 -60.01
N ILE DA 559 -8.86 -41.61 -59.15
CA ILE DA 559 -10.26 -41.31 -59.23
C ILE DA 559 -10.51 -40.25 -60.27
N ASP DA 560 -11.56 -40.45 -61.01
CA ASP DA 560 -12.24 -39.47 -61.82
C ASP DA 560 -13.18 -38.58 -61.03
N THR DA 561 -14.02 -39.17 -60.19
CA THR DA 561 -15.08 -38.50 -59.44
C THR DA 561 -14.94 -38.64 -57.94
N ALA DA 562 -14.80 -37.52 -57.31
CA ALA DA 562 -14.86 -37.34 -55.89
C ALA DA 562 -16.30 -37.16 -55.37
N ALA DA 563 -16.55 -37.76 -54.21
CA ALA DA 563 -17.78 -37.65 -53.38
C ALA DA 563 -17.69 -36.34 -52.54
N MET DA 564 -18.81 -35.77 -52.12
CA MET DA 564 -18.90 -34.58 -51.25
C MET DA 564 -18.22 -33.46 -52.05
N ASN DA 565 -18.47 -33.34 -53.32
CA ASN DA 565 -17.59 -32.50 -54.16
C ASN DA 565 -18.45 -31.53 -54.99
N GLN DA 566 -18.71 -31.74 -56.28
CA GLN DA 566 -19.43 -30.80 -57.18
C GLN DA 566 -20.95 -30.75 -56.84
N ARG DA 567 -21.52 -31.75 -56.21
CA ARG DA 567 -22.91 -31.79 -55.75
C ARG DA 567 -23.26 -30.74 -54.72
N TYR DA 568 -22.41 -30.49 -53.84
CA TYR DA 568 -22.42 -29.70 -52.62
C TYR DA 568 -21.84 -28.28 -52.71
N PHE DA 569 -20.97 -28.00 -53.63
CA PHE DA 569 -20.17 -26.80 -53.67
C PHE DA 569 -20.33 -26.03 -54.99
N PHE DA 570 -20.55 -24.73 -54.87
CA PHE DA 570 -20.44 -23.71 -55.91
C PHE DA 570 -19.00 -23.26 -56.16
N GLY DA 571 -18.12 -23.32 -55.14
CA GLY DA 571 -16.77 -22.72 -54.83
C GLY DA 571 -16.07 -22.52 -56.16
N MET EA 1 50.11 33.40 9.16
CA MET EA 1 50.09 34.35 8.05
C MET EA 1 48.77 34.55 7.29
N GLN EA 2 47.83 33.73 7.61
CA GLN EA 2 46.51 33.68 7.21
C GLN EA 2 46.34 33.86 5.68
N LEU EA 3 46.93 32.96 5.00
CA LEU EA 3 46.93 32.89 3.56
C LEU EA 3 45.62 32.42 2.97
N THR EA 4 45.10 33.27 2.18
CA THR EA 4 43.97 33.18 1.35
C THR EA 4 44.26 32.44 0.05
N PRO EA 5 43.27 31.86 -0.55
CA PRO EA 5 43.47 31.18 -1.84
C PRO EA 5 44.27 31.94 -2.92
N ARG EA 6 44.05 33.24 -3.04
CA ARG EA 6 44.77 34.13 -3.97
C ARG EA 6 46.26 34.27 -3.70
N GLU EA 7 46.62 34.28 -2.47
CA GLU EA 7 47.97 34.29 -1.92
C GLU EA 7 48.69 32.99 -2.14
N VAL EA 8 48.06 31.90 -1.87
CA VAL EA 8 48.64 30.60 -2.05
C VAL EA 8 48.92 30.37 -3.54
N GLU EA 9 47.95 30.67 -4.41
CA GLU EA 9 48.03 30.50 -5.88
C GLU EA 9 49.23 31.17 -6.47
N LYS EA 10 49.57 32.32 -5.98
CA LYS EA 10 50.68 33.05 -6.43
C LYS EA 10 52.02 32.44 -6.13
N LEU EA 11 52.13 31.51 -5.17
CA LEU EA 11 53.35 30.78 -4.96
C LEU EA 11 53.80 29.97 -6.20
N MET EA 12 52.84 29.43 -6.97
CA MET EA 12 53.14 28.67 -8.22
C MET EA 12 54.00 29.59 -9.12
N ILE EA 13 53.64 30.86 -9.26
CA ILE EA 13 54.29 31.80 -10.17
C ILE EA 13 55.74 32.01 -9.79
N TYR EA 14 55.96 32.22 -8.54
CA TYR EA 14 57.26 32.42 -7.94
C TYR EA 14 58.21 31.27 -8.10
N THR EA 15 57.69 30.07 -8.00
CA THR EA 15 58.45 28.81 -8.16
C THR EA 15 58.83 28.57 -9.61
N LEU EA 16 57.87 28.71 -10.53
N LEU EA 16 57.87 28.71 -10.53
CA LEU EA 16 58.13 28.47 -11.98
CA LEU EA 16 58.13 28.47 -11.98
C LEU EA 16 59.19 29.57 -12.43
C LEU EA 16 59.19 29.57 -12.43
N SER EA 17 59.08 30.91 -12.20
CA SER EA 17 60.00 31.99 -12.48
C SER EA 17 61.33 31.88 -11.88
N ASP EA 18 61.46 31.31 -10.73
CA ASP EA 18 62.78 31.03 -10.26
C ASP EA 18 63.51 30.00 -11.14
N VAL EA 19 62.85 28.92 -11.47
CA VAL EA 19 63.36 27.94 -12.39
C VAL EA 19 63.68 28.61 -13.73
N ALA EA 20 62.75 29.38 -14.25
CA ALA EA 20 62.90 30.10 -15.51
C ALA EA 20 64.05 31.06 -15.55
N PHE EA 21 64.26 31.84 -14.53
CA PHE EA 21 65.37 32.73 -14.48
C PHE EA 21 66.69 32.00 -14.41
N LYS EA 22 66.77 30.86 -13.77
CA LYS EA 22 67.98 30.03 -13.73
C LYS EA 22 68.33 29.51 -15.11
N ARG EA 23 67.33 29.07 -15.84
CA ARG EA 23 67.47 28.54 -17.18
C ARG EA 23 67.94 29.58 -18.18
N LYS EA 24 67.35 30.77 -18.17
CA LYS EA 24 67.74 31.86 -19.00
C LYS EA 24 69.18 32.29 -18.78
N ALA EA 25 69.64 32.22 -17.57
CA ALA EA 25 70.98 32.54 -17.19
C ALA EA 25 72.06 31.52 -17.60
N ARG EA 26 71.71 30.25 -17.80
CA ARG EA 26 72.43 29.18 -18.52
C ARG EA 26 72.43 29.29 -20.03
N GLY EA 27 71.85 30.31 -20.60
CA GLY EA 27 71.57 30.38 -21.97
C GLY EA 27 70.52 29.53 -22.58
N LEU EA 28 69.60 29.00 -21.85
CA LEU EA 28 68.53 28.26 -22.45
C LEU EA 28 67.47 29.22 -22.94
N LYS EA 29 67.00 28.94 -24.13
N LYS EA 29 67.02 28.95 -24.13
CA LYS EA 29 65.84 29.54 -24.74
CA LYS EA 29 65.85 29.56 -24.72
C LYS EA 29 64.58 28.97 -24.12
C LYS EA 29 64.57 28.98 -24.12
N LEU EA 30 63.72 29.84 -23.68
CA LEU EA 30 62.56 29.55 -22.91
C LEU EA 30 61.39 29.17 -23.72
N ASN EA 31 60.61 28.35 -23.15
CA ASN EA 31 59.36 27.91 -23.55
C ASN EA 31 58.23 28.77 -23.04
N TYR EA 32 57.13 28.41 -23.34
CA TYR EA 32 55.84 29.08 -23.13
C TYR EA 32 55.58 29.31 -21.64
N PRO EA 33 55.31 28.31 -20.86
CA PRO EA 33 55.21 28.46 -19.39
C PRO EA 33 56.28 29.27 -18.69
N GLU EA 34 57.49 29.02 -18.98
CA GLU EA 34 58.61 29.70 -18.42
C GLU EA 34 58.59 31.21 -18.73
N ALA EA 35 58.33 31.55 -19.94
CA ALA EA 35 58.30 32.93 -20.44
C ALA EA 35 57.16 33.71 -19.85
N VAL EA 36 55.99 33.14 -19.84
CA VAL EA 36 54.83 33.68 -19.18
C VAL EA 36 55.12 33.95 -17.68
N SER EA 37 55.83 33.06 -17.02
CA SER EA 37 56.27 33.18 -15.63
C SER EA 37 57.09 34.42 -15.37
N ILE EA 38 58.07 34.69 -16.18
CA ILE EA 38 59.01 35.76 -16.05
C ILE EA 38 58.34 37.12 -16.25
N ILE EA 39 57.46 37.23 -17.20
CA ILE EA 39 56.70 38.44 -17.47
C ILE EA 39 55.75 38.71 -16.31
N THR EA 40 55.08 37.69 -15.83
CA THR EA 40 54.12 37.75 -14.75
C THR EA 40 54.74 38.25 -13.46
N VAL EA 41 55.87 37.72 -13.08
CA VAL EA 41 56.56 38.04 -11.86
C VAL EA 41 57.18 39.40 -11.90
N THR EA 42 57.56 39.85 -13.06
CA THR EA 42 58.12 41.17 -13.30
C THR EA 42 57.10 42.24 -12.91
N ALA EA 43 55.91 42.08 -13.37
CA ALA EA 43 54.76 42.88 -13.02
C ALA EA 43 54.46 42.87 -11.54
N MET EA 44 54.20 41.70 -11.04
CA MET EA 44 54.00 41.42 -9.63
C MET EA 44 55.03 42.07 -8.75
N GLU EA 45 56.26 41.98 -9.09
CA GLU EA 45 57.31 42.54 -8.28
C GLU EA 45 57.36 44.06 -8.34
N GLY EA 46 57.04 44.61 -9.48
CA GLY EA 46 56.87 46.02 -9.66
C GLY EA 46 55.83 46.64 -8.80
N ALA EA 47 54.64 46.08 -8.82
CA ALA EA 47 53.54 46.35 -7.96
C ALA EA 47 54.00 46.48 -6.52
N ARG EA 48 54.77 45.53 -6.05
CA ARG EA 48 55.21 45.40 -4.67
C ARG EA 48 56.20 46.46 -4.32
N ASP EA 49 57.03 46.75 -5.30
CA ASP EA 49 58.05 47.81 -5.34
C ASP EA 49 57.38 49.19 -5.36
N GLY EA 50 56.07 49.36 -5.60
CA GLY EA 50 55.40 50.64 -5.55
C GLY EA 50 55.15 51.40 -6.82
N LYS EA 51 55.46 50.86 -7.95
CA LYS EA 51 55.20 51.40 -9.25
C LYS EA 51 53.73 51.44 -9.61
N SER EA 52 53.49 52.19 -10.62
CA SER EA 52 52.23 52.33 -11.27
C SER EA 52 51.99 51.15 -12.21
N VAL EA 53 50.74 50.91 -12.53
CA VAL EA 53 50.30 49.95 -13.53
C VAL EA 53 50.96 50.25 -14.87
N GLU EA 54 50.95 51.52 -15.23
CA GLU EA 54 51.55 52.03 -16.44
C GLU EA 54 53.03 51.69 -16.51
N ASP EA 55 53.74 51.99 -15.48
CA ASP EA 55 55.14 51.74 -15.38
C ASP EA 55 55.51 50.26 -15.34
N VAL EA 56 54.74 49.42 -14.67
CA VAL EA 56 55.08 48.02 -14.58
C VAL EA 56 54.91 47.38 -15.94
N MET EA 57 53.81 47.67 -16.59
N MET EA 57 53.81 47.68 -16.62
CA MET EA 57 53.48 47.35 -17.97
CA MET EA 57 53.51 47.35 -17.99
C MET EA 57 54.61 47.52 -18.94
C MET EA 57 54.64 47.50 -18.93
N LYS EA 58 55.21 48.67 -19.00
CA LYS EA 58 56.39 48.92 -19.77
C LYS EA 58 57.51 47.94 -19.45
N GLU EA 59 57.82 47.89 -18.17
CA GLU EA 59 58.87 47.04 -17.58
C GLU EA 59 58.67 45.60 -18.07
N ALA EA 60 57.54 45.02 -17.95
CA ALA EA 60 57.22 43.66 -18.28
C ALA EA 60 57.19 43.38 -19.75
N SER EA 61 56.79 44.35 -20.54
CA SER EA 61 56.82 44.26 -22.02
C SER EA 61 58.28 44.32 -22.51
N LYS EA 62 59.28 44.53 -21.69
CA LYS EA 62 60.67 44.61 -22.09
C LYS EA 62 61.64 43.57 -21.53
N VAL EA 63 61.20 42.67 -20.69
CA VAL EA 63 62.07 41.72 -20.01
C VAL EA 63 62.54 40.61 -20.94
N LEU EA 64 61.70 40.15 -21.82
CA LEU EA 64 62.00 39.10 -22.79
C LEU EA 64 61.94 39.57 -24.24
N THR EA 65 62.90 39.11 -24.99
CA THR EA 65 63.03 39.22 -26.43
C THR EA 65 62.81 37.94 -27.20
N LYS EA 66 62.65 38.12 -28.51
N LYS EA 66 62.65 38.12 -28.51
CA LYS EA 66 62.62 37.04 -29.47
CA LYS EA 66 62.60 37.03 -29.46
C LYS EA 66 63.80 36.10 -29.32
C LYS EA 66 63.79 36.10 -29.34
N ASP EA 67 64.98 36.63 -29.13
CA ASP EA 67 66.16 35.81 -28.95
C ASP EA 67 66.10 34.92 -27.73
N ASP EA 68 65.48 35.34 -26.68
CA ASP EA 68 65.44 34.72 -25.38
C ASP EA 68 64.43 33.61 -25.30
N VAL EA 69 63.63 33.45 -26.28
CA VAL EA 69 62.62 32.46 -26.38
C VAL EA 69 62.82 31.57 -27.59
N MET EA 70 62.30 30.41 -27.41
CA MET EA 70 62.17 29.41 -28.41
C MET EA 70 61.24 29.88 -29.54
N ASP EA 71 61.65 29.59 -30.76
CA ASP EA 71 60.95 29.98 -31.96
C ASP EA 71 59.47 29.58 -31.93
N GLY EA 72 58.66 30.54 -32.13
CA GLY EA 72 57.28 30.42 -32.08
C GLY EA 72 56.56 30.86 -30.81
N VAL EA 73 57.25 31.01 -29.70
CA VAL EA 73 56.65 31.21 -28.41
C VAL EA 73 55.89 32.50 -28.38
N ALA EA 74 56.43 33.51 -29.00
CA ALA EA 74 55.73 34.75 -29.27
C ALA EA 74 54.29 34.62 -29.72
N ASP EA 75 54.07 33.70 -30.67
CA ASP EA 75 52.75 33.38 -31.26
C ASP EA 75 51.83 32.81 -30.18
N LEU EA 76 52.36 32.22 -29.13
CA LEU EA 76 51.70 31.62 -28.02
C LEU EA 76 51.37 32.57 -26.90
N ILE EA 77 51.98 33.72 -26.85
CA ILE EA 77 51.91 34.77 -25.89
C ILE EA 77 51.62 36.07 -26.61
N PRO EA 78 50.48 36.26 -27.10
CA PRO EA 78 50.11 37.57 -27.57
C PRO EA 78 49.99 38.66 -26.52
N ASN EA 79 49.29 38.37 -25.44
CA ASN EA 79 49.28 39.11 -24.19
C ASN EA 79 49.43 38.22 -22.98
N VAL EA 80 49.97 38.78 -21.92
CA VAL EA 80 49.91 38.28 -20.54
C VAL EA 80 49.16 39.19 -19.58
N GLN EA 81 48.23 38.61 -18.87
CA GLN EA 81 47.52 39.16 -17.76
C GLN EA 81 47.73 38.54 -16.37
N VAL EA 82 47.93 39.42 -15.41
CA VAL EA 82 48.01 39.20 -13.96
C VAL EA 82 47.50 40.36 -13.12
N GLU EA 83 46.86 39.98 -12.05
CA GLU EA 83 46.48 40.76 -10.93
C GLU EA 83 47.56 40.76 -9.91
N ALA EA 84 47.97 41.93 -9.62
CA ALA EA 84 48.92 42.34 -8.69
C ALA EA 84 48.36 43.32 -7.66
N ILE EA 85 49.06 43.45 -6.61
CA ILE EA 85 48.68 44.20 -5.44
C ILE EA 85 49.60 45.41 -5.44
N PHE EA 86 49.03 46.45 -5.87
CA PHE EA 86 49.54 47.80 -5.95
C PHE EA 86 49.26 48.50 -4.65
N THR EA 87 49.92 49.58 -4.42
CA THR EA 87 49.66 50.47 -3.28
C THR EA 87 48.20 50.85 -3.07
N ASP EA 88 47.48 51.09 -4.11
CA ASP EA 88 46.08 51.36 -4.12
C ASP EA 88 45.18 50.16 -4.27
N GLY EA 89 45.67 49.02 -4.33
CA GLY EA 89 44.96 47.81 -4.33
C GLY EA 89 45.35 46.87 -5.40
N SER EA 90 44.59 45.82 -5.47
CA SER EA 90 44.63 44.87 -6.52
C SER EA 90 44.14 45.53 -7.82
N ARG EA 91 44.88 45.32 -8.81
CA ARG EA 91 44.75 45.75 -10.18
C ARG EA 91 45.23 44.77 -11.25
N LEU EA 92 44.45 44.64 -12.29
CA LEU EA 92 44.80 44.01 -13.52
C LEU EA 92 45.76 44.77 -14.36
N VAL EA 93 46.81 44.10 -14.67
CA VAL EA 93 47.88 44.40 -15.57
C VAL EA 93 47.78 43.48 -16.79
N THR EA 94 47.53 44.06 -17.93
CA THR EA 94 47.75 43.50 -19.24
C THR EA 94 49.02 44.08 -19.79
N VAL EA 95 49.77 43.19 -20.31
CA VAL EA 95 51.03 43.39 -20.95
C VAL EA 95 50.82 42.95 -22.39
N HIS EA 96 50.90 43.89 -23.33
CA HIS EA 96 50.56 43.71 -24.77
C HIS EA 96 51.79 43.28 -25.54
N ASP EA 97 51.74 42.20 -26.32
CA ASP EA 97 52.85 41.70 -27.18
C ASP EA 97 54.16 41.72 -26.41
N PRO EA 98 54.31 41.05 -25.25
CA PRO EA 98 55.55 41.17 -24.50
C PRO EA 98 56.84 40.68 -25.15
N ILE EA 99 56.85 39.76 -26.11
CA ILE EA 99 58.02 39.23 -26.75
C ILE EA 99 58.11 39.95 -28.09
N LYS EA 100 58.99 40.90 -28.12
CA LYS EA 100 59.22 41.74 -29.28
C LYS EA 100 60.52 41.31 -29.90
N SER FA 1 52.52 30.78 -47.14
CA SER FA 1 52.95 29.62 -47.97
C SER FA 1 52.64 28.30 -47.27
N GLU FA 2 53.16 28.17 -46.03
CA GLU FA 2 53.17 27.01 -45.09
C GLU FA 2 54.43 27.10 -44.23
N GLN FA 3 55.56 27.43 -44.86
CA GLN FA 3 56.91 27.61 -44.26
C GLN FA 3 56.95 28.86 -43.36
N ASN FA 4 56.02 29.79 -43.55
CA ASN FA 4 55.91 31.09 -42.90
C ASN FA 4 54.77 31.31 -41.91
N THR FA 5 53.78 30.46 -41.89
CA THR FA 5 52.66 30.58 -40.98
C THR FA 5 53.07 30.45 -39.53
N PRO FA 6 52.66 31.34 -38.65
CA PRO FA 6 52.90 31.14 -37.20
C PRO FA 6 52.19 29.90 -36.67
N LEU FA 7 52.58 29.50 -35.44
CA LEU FA 7 51.94 28.42 -34.68
C LEU FA 7 50.44 28.76 -34.68
N GLY FA 8 49.56 27.86 -35.04
CA GLY FA 8 48.16 27.86 -35.15
C GLY FA 8 47.60 28.72 -36.22
N GLY FA 9 48.45 29.24 -37.07
CA GLY FA 9 48.06 30.16 -38.05
C GLY FA 9 47.30 29.57 -39.17
N CYS FA 10 46.68 30.46 -39.82
CA CYS FA 10 45.83 30.29 -40.96
C CYS FA 10 46.51 30.75 -42.25
N ILE FA 11 46.32 29.98 -43.27
CA ILE FA 11 46.61 30.32 -44.67
C ILE FA 11 45.28 30.54 -45.34
N LEU FA 12 45.01 31.77 -45.60
CA LEU FA 12 43.77 32.20 -46.20
C LEU FA 12 43.88 32.27 -47.71
N ALA FA 13 42.87 31.76 -48.34
CA ALA FA 13 42.65 31.98 -49.75
C ALA FA 13 42.50 33.46 -50.12
N ASP FA 14 42.28 33.77 -51.40
CA ASP FA 14 42.24 35.13 -51.93
C ASP FA 14 40.83 35.66 -52.17
N THR FA 15 39.95 34.84 -52.64
CA THR FA 15 38.67 35.24 -53.06
C THR FA 15 37.88 35.95 -51.99
N PRO FA 16 37.46 37.19 -52.21
CA PRO FA 16 36.56 37.88 -51.30
C PRO FA 16 35.24 37.18 -51.04
N ILE FA 17 34.69 37.51 -49.91
CA ILE FA 17 33.43 36.99 -49.48
C ILE FA 17 32.34 38.00 -49.88
N THR FA 18 31.32 37.51 -50.45
CA THR FA 18 30.16 38.26 -50.84
C THR FA 18 28.95 37.85 -50.04
N PHE FA 19 28.39 38.81 -49.35
CA PHE FA 19 27.23 38.67 -48.51
C PHE FA 19 26.13 39.68 -48.83
N ASN FA 20 24.92 39.27 -48.52
CA ASN FA 20 23.66 39.95 -48.59
C ASN FA 20 23.26 40.33 -50.04
N GLU FA 21 23.93 39.76 -51.07
CA GLU FA 21 23.87 40.03 -52.52
C GLU FA 21 22.47 40.12 -53.11
N ASN FA 22 21.54 39.39 -52.63
CA ASN FA 22 20.23 39.31 -53.21
C ASN FA 22 19.25 40.32 -52.68
N LYS FA 23 19.54 40.91 -51.73
CA LYS FA 23 18.66 41.63 -50.91
C LYS FA 23 18.58 43.13 -51.36
N PRO FA 24 17.39 43.71 -51.52
CA PRO FA 24 17.25 45.10 -51.95
C PRO FA 24 17.58 46.16 -50.92
N VAL FA 25 18.35 47.14 -51.37
CA VAL FA 25 19.02 48.14 -50.55
C VAL FA 25 18.35 49.50 -50.63
N THR FA 26 17.98 50.01 -49.50
CA THR FA 26 17.43 51.32 -49.20
C THR FA 26 18.44 52.17 -48.44
N LYS FA 27 18.85 53.23 -49.04
CA LYS FA 27 19.65 54.25 -48.40
C LYS FA 27 18.81 55.31 -47.67
N VAL FA 28 19.12 55.51 -46.42
CA VAL FA 28 18.53 56.53 -45.59
C VAL FA 28 19.60 57.41 -45.00
N LYS FA 29 19.22 58.65 -44.73
CA LYS FA 29 20.01 59.71 -44.11
C LYS FA 29 19.67 59.88 -42.65
N VAL FA 30 20.66 59.80 -41.80
CA VAL FA 30 20.51 59.70 -40.37
C VAL FA 30 21.26 60.83 -39.68
N ARG FA 31 20.54 61.62 -38.93
CA ARG FA 31 21.08 62.64 -38.07
C ARG FA 31 20.79 62.35 -36.58
N ASN FA 32 21.82 62.37 -35.80
CA ASN FA 32 21.77 62.33 -34.33
C ASN FA 32 21.58 63.72 -33.76
N THR FA 33 20.42 63.94 -33.32
CA THR FA 33 19.84 65.05 -32.62
C THR FA 33 19.94 65.04 -31.12
N GLY FA 34 20.55 64.07 -30.52
CA GLY FA 34 20.89 64.11 -29.13
C GLY FA 34 22.26 64.53 -28.87
N ASP FA 35 22.53 64.66 -27.60
CA ASP FA 35 23.83 65.02 -27.06
C ASP FA 35 24.75 63.86 -26.76
N ARG FA 36 24.29 62.67 -26.88
CA ARG FA 36 25.04 61.52 -26.60
C ARG FA 36 25.19 60.57 -27.78
N PRO FA 37 26.34 59.93 -27.89
CA PRO FA 37 26.57 58.93 -28.93
C PRO FA 37 25.58 57.78 -28.93
N ILE FA 38 25.21 57.42 -30.12
CA ILE FA 38 24.31 56.34 -30.47
C ILE FA 38 25.06 55.41 -31.43
N GLN FA 39 25.03 54.13 -31.15
CA GLN FA 39 25.59 53.03 -31.88
C GLN FA 39 24.61 51.88 -32.02
N VAL FA 40 24.47 51.46 -33.25
CA VAL FA 40 23.48 50.51 -33.72
C VAL FA 40 24.18 49.38 -34.47
N GLY FA 41 23.81 48.22 -34.16
CA GLY FA 41 24.25 46.99 -34.76
C GLY FA 41 23.50 46.46 -35.91
N SER FA 42 24.07 45.42 -36.49
CA SER FA 42 23.74 44.89 -37.78
C SER FA 42 22.33 44.35 -37.90
N HIS FA 43 21.87 43.68 -36.83
CA HIS FA 43 20.56 42.97 -36.71
C HIS FA 43 19.50 43.73 -35.95
N PHE FA 44 19.78 44.85 -35.43
CA PHE FA 44 18.72 45.68 -34.86
C PHE FA 44 17.74 46.16 -35.93
N HIS FA 45 16.51 46.23 -35.60
CA HIS FA 45 15.35 46.75 -36.38
C HIS FA 45 15.45 48.26 -36.41
N PHE FA 46 16.10 48.75 -37.46
CA PHE FA 46 16.48 50.17 -37.65
C PHE FA 46 15.30 51.14 -37.31
N PHE FA 47 14.09 50.87 -37.70
CA PHE FA 47 12.86 51.50 -37.32
C PHE FA 47 12.65 51.88 -35.90
N GLU FA 48 13.24 51.14 -35.01
CA GLU FA 48 13.05 51.17 -33.61
C GLU FA 48 14.24 51.67 -32.86
N VAL FA 49 15.25 52.23 -33.57
CA VAL FA 49 16.49 52.78 -32.96
C VAL FA 49 16.11 54.03 -32.14
N ASN FA 50 16.97 54.40 -31.21
CA ASN FA 50 16.95 55.55 -30.28
C ASN FA 50 16.07 56.70 -30.89
N ARG FA 51 14.94 57.01 -30.31
CA ARG FA 51 14.10 58.23 -30.54
C ARG FA 51 14.91 59.43 -31.07
N ALA FA 52 16.05 59.81 -30.50
CA ALA FA 52 16.92 60.94 -30.89
C ALA FA 52 17.45 60.92 -32.34
N LEU FA 53 17.54 59.78 -33.03
CA LEU FA 53 17.88 59.62 -34.41
C LEU FA 53 16.71 60.06 -35.27
N GLU FA 54 17.03 60.91 -36.22
CA GLU FA 54 16.07 61.50 -37.14
C GLU FA 54 16.45 61.01 -38.52
N PHE FA 55 15.56 60.32 -39.20
CA PHE FA 55 15.69 59.68 -40.46
C PHE FA 55 14.27 59.38 -40.92
N ASP FA 56 14.09 58.88 -42.13
CA ASP FA 56 12.85 58.46 -42.72
C ASP FA 56 12.45 57.12 -42.19
N ARG FA 57 11.66 57.17 -41.18
CA ARG FA 57 11.44 56.03 -40.36
C ARG FA 57 10.65 54.98 -41.14
N ALA FA 58 9.69 55.42 -41.89
CA ALA FA 58 8.91 54.62 -42.82
C ALA FA 58 9.73 53.77 -43.76
N ALA FA 59 10.87 54.28 -44.16
CA ALA FA 59 11.76 53.59 -45.05
C ALA FA 59 12.55 52.44 -44.41
N ALA FA 60 12.82 52.48 -43.16
CA ALA FA 60 13.44 51.53 -42.26
C ALA FA 60 12.53 50.46 -41.69
N TYR FA 61 11.26 50.53 -41.93
CA TYR FA 61 10.28 49.51 -41.61
C TYR FA 61 10.67 48.21 -42.24
N GLY FA 62 10.88 47.26 -41.41
CA GLY FA 62 11.39 45.97 -41.70
C GLY FA 62 12.75 45.85 -42.05
N LYS FA 63 13.54 46.79 -41.68
CA LYS FA 63 14.91 46.89 -42.05
C LYS FA 63 15.97 46.92 -40.96
N ARG FA 64 17.11 46.47 -41.39
CA ARG FA 64 18.39 46.36 -40.81
C ARG FA 64 19.47 46.95 -41.70
N LEU FA 65 20.52 47.26 -41.06
CA LEU FA 65 21.73 47.70 -41.66
C LEU FA 65 22.47 46.61 -42.43
N ASN FA 66 22.87 46.96 -43.64
CA ASN FA 66 23.53 46.16 -44.63
C ASN FA 66 25.03 46.22 -44.44
N ILE FA 67 25.41 45.75 -43.31
CA ILE FA 67 26.76 45.62 -42.83
C ILE FA 67 27.02 44.18 -42.36
N SER FA 68 28.29 43.91 -42.09
CA SER FA 68 28.74 42.63 -41.57
C SER FA 68 28.05 42.30 -40.26
N SER FA 69 27.46 41.14 -40.23
CA SER FA 69 27.07 40.51 -38.99
C SER FA 69 28.13 40.75 -37.93
N THR FA 70 27.63 41.21 -36.87
CA THR FA 70 28.20 41.50 -35.60
C THR FA 70 28.79 42.89 -35.48
N THR FA 71 28.86 43.61 -36.55
CA THR FA 71 29.44 44.93 -36.55
C THR FA 71 28.28 45.97 -36.36
N ALA FA 72 28.68 47.19 -36.25
CA ALA FA 72 27.88 48.32 -35.87
C ALA FA 72 28.29 49.63 -36.57
N ILE FA 73 27.38 50.58 -36.50
CA ILE FA 73 27.57 51.94 -37.02
C ILE FA 73 27.35 52.93 -35.86
N ARG FA 74 28.25 53.84 -35.67
CA ARG FA 74 28.31 54.87 -34.68
C ARG FA 74 27.86 56.23 -35.23
N PHE FA 75 26.92 56.78 -34.60
CA PHE FA 75 26.28 58.05 -34.87
C PHE FA 75 26.60 58.98 -33.71
N GLU FA 76 27.61 59.76 -33.88
CA GLU FA 76 28.06 60.80 -32.97
C GLU FA 76 27.10 62.00 -32.96
N PRO FA 77 27.05 62.74 -31.88
CA PRO FA 77 26.13 63.88 -31.79
C PRO FA 77 26.37 64.94 -32.83
N GLY FA 78 25.27 65.25 -33.50
CA GLY FA 78 25.10 66.21 -34.51
C GLY FA 78 25.81 65.96 -35.79
N ASP FA 79 25.81 64.74 -36.25
CA ASP FA 79 26.48 64.34 -37.43
C ASP FA 79 25.46 63.65 -38.32
N GLU FA 80 25.73 63.64 -39.59
CA GLU FA 80 24.88 63.06 -40.57
C GLU FA 80 25.63 62.06 -41.40
N THR FA 81 25.02 60.91 -41.55
CA THR FA 81 25.52 59.73 -42.22
C THR FA 81 24.42 59.08 -43.00
N GLU FA 82 24.79 58.60 -44.17
CA GLU FA 82 23.94 57.81 -44.98
C GLU FA 82 24.21 56.36 -44.67
N VAL FA 83 23.16 55.61 -44.54
CA VAL FA 83 23.26 54.21 -44.26
C VAL FA 83 22.50 53.30 -45.20
N PRO FA 84 23.10 52.18 -45.56
CA PRO FA 84 22.40 51.18 -46.34
C PRO FA 84 21.53 50.29 -45.47
N LEU FA 85 20.36 50.09 -45.89
CA LEU FA 85 19.35 49.26 -45.32
C LEU FA 85 18.89 48.17 -46.25
N ILE FA 86 18.57 47.04 -45.67
CA ILE FA 86 18.13 45.80 -46.24
C ILE FA 86 17.06 45.14 -45.35
N PRO FA 87 16.17 44.38 -45.93
CA PRO FA 87 15.20 43.64 -45.16
C PRO FA 87 15.75 42.43 -44.47
N PHE FA 88 15.14 42.16 -43.40
CA PHE FA 88 15.25 40.96 -42.65
C PHE FA 88 14.72 39.79 -43.49
N GLY FA 89 15.25 38.67 -43.20
CA GLY FA 89 14.86 37.43 -43.75
C GLY FA 89 13.92 36.65 -42.89
N GLY FA 90 13.93 35.40 -43.16
CA GLY FA 90 13.05 34.45 -42.62
C GLY FA 90 11.61 34.76 -42.76
N LYS FA 91 10.94 34.68 -41.70
CA LYS FA 91 9.53 34.97 -41.64
C LYS FA 91 9.22 36.49 -41.51
N GLN FA 92 10.16 37.37 -41.36
CA GLN FA 92 9.96 38.81 -41.19
C GLN FA 92 9.02 39.16 -40.06
N THR FA 93 9.20 38.48 -38.98
CA THR FA 93 8.54 38.57 -37.71
C THR FA 93 9.51 39.10 -36.65
N LEU FA 94 9.21 40.26 -36.22
CA LEU FA 94 9.93 41.10 -35.33
C LEU FA 94 9.14 41.34 -34.05
N TYR FA 95 9.58 40.69 -32.96
CA TYR FA 95 8.99 40.82 -31.62
C TYR FA 95 9.95 41.54 -30.69
N GLY FA 96 9.47 42.37 -29.78
CA GLY FA 96 10.32 43.09 -28.84
C GLY FA 96 10.91 44.38 -29.39
N PHE FA 97 12.20 44.68 -29.19
CA PHE FA 97 12.87 45.97 -29.50
C PHE FA 97 12.10 47.03 -28.65
N ASN FA 98 11.39 48.01 -29.20
CA ASN FA 98 10.68 49.11 -28.48
C ASN FA 98 9.17 48.97 -28.49
N ASN FA 99 8.72 47.85 -28.87
CA ASN FA 99 7.38 47.39 -28.95
C ASN FA 99 6.54 48.21 -29.95
N LEU FA 100 7.18 48.62 -31.02
CA LEU FA 100 6.61 49.34 -32.16
C LEU FA 100 5.85 48.49 -33.19
N VAL FA 101 6.29 47.31 -33.46
CA VAL FA 101 5.72 46.34 -34.38
C VAL FA 101 5.14 45.12 -33.67
N ASP FA 102 5.96 44.31 -33.03
CA ASP FA 102 5.51 43.06 -32.46
C ASP FA 102 4.63 42.25 -33.41
N GLY FA 103 5.17 42.08 -34.57
CA GLY FA 103 4.79 41.34 -35.68
C GLY FA 103 5.50 41.27 -37.01
N TRP FA 104 4.69 41.05 -37.99
CA TRP FA 104 5.06 40.83 -39.35
C TRP FA 104 5.36 42.14 -40.01
N THR FA 105 6.45 42.19 -40.64
CA THR FA 105 7.03 43.32 -41.33
C THR FA 105 7.20 43.13 -42.81
N GLY FA 106 6.61 42.15 -43.36
CA GLY FA 106 6.68 41.88 -44.75
C GLY FA 106 5.83 42.86 -45.55
N GLU FA 107 6.01 42.83 -46.82
CA GLU FA 107 5.25 43.58 -47.85
C GLU FA 107 3.89 43.02 -48.08
N GLY FA 108 3.75 41.74 -48.10
CA GLY FA 108 2.48 41.21 -48.44
C GLY FA 108 2.39 41.24 -49.97
N VAL FA 109 1.19 41.29 -50.52
CA VAL FA 109 0.93 40.75 -51.87
C VAL FA 109 0.43 41.81 -52.87
N VAL FA 110 0.19 43.03 -52.44
CA VAL FA 110 -0.42 44.13 -53.16
C VAL FA 110 0.67 45.18 -53.42
N PRO FA 111 1.50 45.20 -54.60
CA PRO FA 111 2.72 46.21 -55.19
C PRO FA 111 1.91 47.50 -55.35
N ASN FA 112 2.40 48.64 -54.84
CA ASN FA 112 1.83 50.03 -54.96
C ASN FA 112 0.62 50.25 -54.07
N SER FA 113 0.62 49.65 -52.87
CA SER FA 113 -0.13 50.05 -51.64
C SER FA 113 0.69 49.62 -50.43
N GLU FA 114 0.38 50.13 -49.27
CA GLU FA 114 0.99 49.69 -47.99
C GLU FA 114 -0.03 48.82 -47.26
N ARG FA 115 0.40 47.73 -46.64
CA ARG FA 115 -0.35 46.98 -45.60
C ARG FA 115 -0.78 47.96 -44.53
N PRO FA 116 -2.08 48.02 -43.82
CA PRO FA 116 -2.46 48.88 -42.70
C PRO FA 116 -1.74 48.69 -41.41
N ASP FA 117 -1.24 47.50 -41.11
CA ASP FA 117 -0.47 47.31 -39.89
C ASP FA 117 0.86 48.09 -39.96
N LYS FA 118 1.41 48.30 -41.14
CA LYS FA 118 2.58 49.15 -41.37
C LYS FA 118 2.32 50.64 -41.05
N LEU FA 119 1.29 51.18 -41.61
CA LEU FA 119 0.76 52.51 -41.32
C LEU FA 119 0.40 52.69 -39.88
N GLU FA 120 -0.17 51.70 -39.21
CA GLU FA 120 -0.34 51.72 -37.79
C GLU FA 120 0.99 51.90 -37.09
N ALA FA 121 1.93 51.01 -37.27
CA ALA FA 121 3.27 51.10 -36.79
C ALA FA 121 3.87 52.46 -36.96
N ILE FA 122 3.79 52.98 -38.15
CA ILE FA 122 4.40 54.27 -38.48
C ILE FA 122 3.75 55.39 -37.67
N ARG FA 123 2.43 55.32 -37.50
N ARG FA 123 2.43 55.32 -37.50
CA ARG FA 123 1.71 56.28 -36.69
CA ARG FA 123 1.72 56.27 -36.66
C ARG FA 123 2.10 56.16 -35.21
C ARG FA 123 2.15 56.15 -35.22
N ARG FA 124 2.31 55.09 -34.85
CA ARG FA 124 2.59 54.80 -33.40
C ARG FA 124 3.99 55.30 -33.06
N ALA FA 125 5.04 55.01 -33.81
CA ALA FA 125 6.31 55.67 -33.80
C ALA FA 125 6.27 57.15 -33.59
N ALA FA 126 5.42 57.76 -34.35
CA ALA FA 126 5.28 59.21 -34.33
C ALA FA 126 4.86 59.75 -32.99
N GLU FA 127 3.94 59.13 -32.33
CA GLU FA 127 3.39 59.60 -31.12
C GLU FA 127 3.97 59.01 -29.82
N ARG FA 128 4.80 57.98 -29.86
CA ARG FA 128 5.81 57.53 -28.93
C ARG FA 128 7.11 58.33 -28.99
N GLY FA 129 7.25 59.26 -29.88
CA GLY FA 129 8.39 60.10 -30.04
C GLY FA 129 9.57 59.80 -30.88
N PHE FA 130 9.42 58.91 -31.78
CA PHE FA 130 10.45 58.39 -32.64
C PHE FA 130 10.54 59.27 -33.89
N LYS FA 131 11.60 60.10 -33.93
CA LYS FA 131 11.80 61.21 -34.82
C LYS FA 131 11.92 60.78 -36.27
N SER FA 132 11.08 61.33 -37.11
CA SER FA 132 11.12 61.34 -38.58
C SER FA 132 11.27 62.62 -39.32
N PRO GA 1 27.04 43.41 -49.80
CA PRO GA 1 28.36 43.93 -49.92
C PRO GA 1 29.47 42.87 -50.09
N GLN GA 2 30.70 43.32 -50.25
CA GLN GA 2 31.87 42.45 -50.47
C GLN GA 2 32.88 42.70 -49.35
N ILE GA 3 33.44 41.68 -48.76
CA ILE GA 3 34.42 41.76 -47.64
C ILE GA 3 35.61 40.86 -48.01
N SER GA 4 36.81 41.25 -47.68
CA SER GA 4 38.03 40.48 -47.78
C SER GA 4 38.03 39.33 -46.79
N ARG GA 5 38.62 38.22 -47.27
CA ARG GA 5 38.82 36.99 -46.49
C ARG GA 5 39.47 37.30 -45.17
N GLN GA 6 40.48 38.14 -45.19
CA GLN GA 6 41.25 38.44 -44.06
C GLN GA 6 40.43 39.14 -43.00
N GLU GA 7 39.50 39.93 -43.43
CA GLU GA 7 38.62 40.67 -42.56
C GLU GA 7 37.50 39.77 -42.04
N TYR GA 8 36.98 38.98 -42.92
CA TYR GA 8 36.00 37.94 -42.63
C TYR GA 8 36.56 37.03 -41.52
N ALA GA 9 37.79 36.51 -41.66
CA ALA GA 9 38.43 35.54 -40.80
C ALA GA 9 38.56 36.07 -39.39
N GLY GA 10 39.04 37.28 -39.30
CA GLY GA 10 39.08 38.03 -38.13
C GLY GA 10 37.79 38.21 -37.38
N LEU GA 11 36.71 38.22 -38.06
CA LEU GA 11 35.41 38.27 -37.44
C LEU GA 11 34.82 36.90 -37.08
N PHE GA 12 35.02 35.97 -37.91
CA PHE GA 12 34.28 34.74 -37.95
C PHE GA 12 35.10 33.46 -38.05
N GLY GA 13 36.36 33.57 -38.07
CA GLY GA 13 37.26 32.59 -38.43
C GLY GA 13 37.33 32.07 -39.83
N PRO GA 14 38.09 31.01 -40.02
CA PRO GA 14 38.29 30.47 -41.37
C PRO GA 14 37.12 29.88 -42.08
N THR GA 15 36.99 30.03 -43.38
CA THR GA 15 35.89 29.41 -44.15
C THR GA 15 36.43 28.40 -45.19
N THR GA 16 35.59 27.80 -46.03
CA THR GA 16 35.94 26.78 -47.06
C THR GA 16 37.16 27.22 -47.89
N GLY GA 17 38.21 26.40 -47.98
CA GLY GA 17 39.45 26.72 -48.70
C GLY GA 17 40.52 27.24 -47.81
N ASP GA 18 40.23 27.77 -46.64
CA ASP GA 18 41.16 28.22 -45.71
C ASP GA 18 41.77 27.03 -45.01
N LYS GA 19 43.04 27.17 -44.74
N LYS GA 19 43.04 27.17 -44.74
CA LYS GA 19 43.95 26.24 -44.12
CA LYS GA 19 43.95 26.24 -44.12
C LYS GA 19 44.47 26.65 -42.71
C LYS GA 19 44.46 26.65 -42.71
N ILE GA 20 44.47 25.72 -41.78
CA ILE GA 20 44.92 25.89 -40.40
C ILE GA 20 46.04 24.91 -40.04
N ARG GA 21 47.10 25.45 -39.59
CA ARG GA 21 48.23 24.85 -38.97
C ARG GA 21 47.85 24.36 -37.57
N LEU GA 22 48.12 23.09 -37.36
CA LEU GA 22 47.87 22.38 -36.10
C LEU GA 22 49.17 22.51 -35.32
N GLY GA 23 49.33 23.46 -34.50
CA GLY GA 23 50.40 23.76 -33.67
C GLY GA 23 51.60 24.22 -34.31
N ASP GA 24 52.68 23.68 -33.79
CA ASP GA 24 53.97 23.74 -34.33
C ASP GA 24 54.31 22.59 -35.22
N THR GA 25 53.32 21.79 -35.55
CA THR GA 25 53.48 20.75 -36.55
C THR GA 25 53.47 21.39 -37.96
N ASN GA 26 53.80 20.61 -38.92
CA ASN GA 26 53.68 20.72 -40.36
C ASN GA 26 52.44 20.11 -40.95
N LEU GA 27 51.45 19.88 -40.17
CA LEU GA 27 50.16 19.52 -40.55
C LEU GA 27 49.21 20.74 -40.65
N PHE GA 28 48.55 20.77 -41.71
CA PHE GA 28 47.63 21.78 -42.25
C PHE GA 28 46.37 21.11 -42.68
N ILE GA 29 45.48 21.34 -42.06
CA ILE GA 29 44.09 21.09 -42.27
C ILE GA 29 43.50 22.21 -43.10
N GLU GA 30 42.51 21.84 -43.82
CA GLU GA 30 41.71 22.62 -44.76
C GLU GA 30 40.22 22.34 -44.56
N ILE GA 31 39.45 23.40 -44.51
CA ILE GA 31 38.02 23.38 -44.42
C ILE GA 31 37.43 22.97 -45.76
N GLU GA 32 36.73 21.87 -45.74
CA GLU GA 32 36.10 21.18 -46.81
C GLU GA 32 34.76 21.80 -47.15
N LYS GA 33 34.00 22.11 -46.13
CA LYS GA 33 32.61 22.59 -46.19
C LYS GA 33 32.29 23.66 -45.12
N ASP GA 34 31.47 24.63 -45.45
CA ASP GA 34 30.96 25.67 -44.60
C ASP GA 34 29.46 25.58 -44.66
N LEU GA 35 28.93 25.13 -43.59
CA LEU GA 35 27.53 24.96 -43.38
C LEU GA 35 26.78 26.18 -42.87
N ARG GA 36 27.41 27.27 -42.58
CA ARG GA 36 26.66 28.33 -41.87
C ARG GA 36 26.53 29.61 -42.68
N GLY GA 37 26.24 29.48 -44.00
CA GLY GA 37 25.94 30.53 -45.04
C GLY GA 37 26.96 31.67 -45.05
N TYR GA 38 26.53 32.89 -45.33
CA TYR GA 38 27.28 34.19 -45.22
C TYR GA 38 26.31 35.35 -44.90
N GLY GA 39 26.73 36.40 -44.19
CA GLY GA 39 25.85 37.52 -43.83
C GLY GA 39 24.91 37.34 -42.65
N GLU GA 40 24.65 36.17 -42.08
CA GLU GA 40 23.73 36.05 -40.89
C GLU GA 40 24.42 35.34 -39.70
N GLU GA 41 25.67 35.58 -39.52
CA GLU GA 41 26.61 34.90 -38.67
C GLU GA 41 26.29 35.15 -37.18
N SER GA 42 25.99 34.11 -36.48
CA SER GA 42 25.65 34.07 -35.06
C SER GA 42 26.83 34.15 -34.14
N VAL GA 43 26.95 35.26 -33.44
CA VAL GA 43 27.95 35.58 -32.44
C VAL GA 43 27.33 36.26 -31.21
N TYR GA 44 27.88 35.87 -30.07
CA TYR GA 44 27.49 36.30 -28.75
C TYR GA 44 28.34 37.55 -28.56
N GLY GA 45 27.67 38.53 -28.12
CA GLY GA 45 28.24 39.70 -27.52
C GLY GA 45 27.31 40.91 -27.48
N GLY GA 46 27.78 41.94 -26.78
CA GLY GA 46 27.31 43.30 -26.83
C GLY GA 46 27.44 43.89 -28.18
N GLY GA 47 26.30 44.22 -28.68
CA GLY GA 47 26.02 44.73 -29.96
C GLY GA 47 26.04 43.78 -31.14
N LYS GA 48 26.00 42.50 -30.90
CA LYS GA 48 26.12 41.46 -31.82
C LYS GA 48 24.79 40.79 -32.12
N SER GA 49 24.85 39.68 -32.77
CA SER GA 49 23.73 39.06 -33.47
C SER GA 49 22.81 38.19 -32.61
N LEU GA 50 23.29 37.55 -31.58
CA LEU GA 50 22.55 36.66 -30.68
C LEU GA 50 22.03 37.47 -29.53
N ARG GA 51 21.16 38.41 -29.87
CA ARG GA 51 20.46 39.32 -28.96
C ARG GA 51 18.99 39.01 -29.17
N ASP GA 52 18.21 39.51 -28.25
CA ASP GA 52 16.80 39.23 -28.14
C ASP GA 52 16.02 39.84 -29.30
N GLY GA 53 15.30 39.03 -30.00
CA GLY GA 53 14.46 39.16 -31.16
C GLY GA 53 15.10 39.25 -32.51
N MET GA 54 16.40 39.26 -32.45
N MET GA 54 16.40 39.26 -32.45
CA MET GA 54 17.28 39.36 -33.62
CA MET GA 54 17.27 39.36 -33.62
C MET GA 54 17.79 37.89 -33.91
C MET GA 54 17.79 37.88 -33.90
N GLY GA 55 19.05 37.49 -33.80
CA GLY GA 55 19.57 36.17 -33.97
C GLY GA 55 18.99 35.15 -33.02
N ALA GA 56 18.67 35.56 -31.82
CA ALA GA 56 17.88 34.88 -30.84
C ALA GA 56 16.38 35.15 -30.83
N ASN GA 57 15.68 34.08 -30.93
CA ASN GA 57 14.33 33.90 -30.67
C ASN GA 57 14.06 34.18 -29.23
N ASN GA 58 13.01 34.91 -29.01
CA ASN GA 58 12.56 35.46 -27.77
C ASN GA 58 11.10 35.16 -27.40
N HIS GA 59 10.47 34.33 -28.09
CA HIS GA 59 9.12 33.97 -27.93
C HIS GA 59 8.79 32.50 -27.77
N LEU GA 60 9.67 31.62 -28.11
CA LEU GA 60 9.59 30.20 -28.03
C LEU GA 60 10.09 29.67 -26.68
N THR GA 61 9.28 28.85 -26.08
CA THR GA 61 9.58 28.02 -24.93
C THR GA 61 10.45 26.86 -25.41
N ARG GA 62 11.03 26.22 -24.47
CA ARG GA 62 12.11 25.28 -24.72
C ARG GA 62 11.65 24.02 -25.43
N ASP GA 63 10.40 23.67 -25.30
CA ASP GA 63 9.72 22.49 -25.77
C ASP GA 63 9.41 22.49 -27.26
N ASN GA 64 9.46 23.63 -27.89
CA ASN GA 64 9.76 23.90 -29.29
C ASN GA 64 11.11 23.56 -29.85
N GLY GA 65 11.91 22.97 -29.06
CA GLY GA 65 13.19 22.46 -29.48
C GLY GA 65 14.31 23.46 -29.48
N VAL GA 66 14.12 24.57 -28.79
CA VAL GA 66 15.19 25.50 -28.54
C VAL GA 66 16.34 24.82 -27.81
N LEU GA 67 17.50 25.19 -28.17
CA LEU GA 67 18.75 24.71 -27.70
C LEU GA 67 18.99 25.14 -26.24
N ASP GA 68 19.72 24.34 -25.57
CA ASP GA 68 20.38 24.57 -24.28
C ASP GA 68 21.77 25.19 -24.38
N LEU GA 69 22.47 24.96 -25.45
CA LEU GA 69 23.77 25.43 -25.76
C LEU GA 69 24.04 25.40 -27.29
N VAL GA 70 24.80 26.35 -27.71
CA VAL GA 70 25.32 26.58 -29.05
C VAL GA 70 26.77 26.97 -29.05
N ILE GA 71 27.52 26.31 -29.88
CA ILE GA 71 28.89 26.52 -30.18
C ILE GA 71 28.93 27.02 -31.62
N THR GA 72 29.37 28.22 -31.80
CA THR GA 72 29.30 29.05 -32.98
C THR GA 72 30.58 29.18 -33.75
N ASN GA 73 30.43 29.10 -35.01
CA ASN GA 73 31.42 29.36 -35.97
C ASN GA 73 32.72 28.52 -35.76
N VAL GA 74 32.54 27.26 -35.56
CA VAL GA 74 33.56 26.32 -35.15
C VAL GA 74 33.92 25.37 -36.24
N THR GA 75 35.17 25.13 -36.27
CA THR GA 75 35.86 24.11 -37.05
C THR GA 75 35.90 22.74 -36.38
N ILE GA 76 35.13 21.88 -36.90
CA ILE GA 76 34.90 20.48 -36.58
C ILE GA 76 35.87 19.58 -37.34
N VAL GA 77 36.70 18.95 -36.58
CA VAL GA 77 37.65 17.91 -36.94
C VAL GA 77 37.17 16.60 -36.30
N ASP GA 78 36.55 15.81 -37.13
CA ASP GA 78 35.89 14.52 -36.78
C ASP GA 78 36.14 13.44 -37.88
N ALA GA 79 36.38 12.18 -37.51
CA ALA GA 79 36.74 11.06 -38.39
C ALA GA 79 35.59 10.60 -39.27
N ARG GA 80 34.36 10.82 -38.91
CA ARG GA 80 33.22 10.61 -39.73
C ARG GA 80 32.67 11.82 -40.51
N LEU GA 81 32.69 13.04 -39.96
CA LEU GA 81 32.22 14.25 -40.65
C LEU GA 81 33.31 14.94 -41.48
N GLY GA 82 34.54 14.71 -41.15
CA GLY GA 82 35.67 15.38 -41.75
C GLY GA 82 36.02 16.72 -41.07
N VAL GA 83 36.42 17.70 -41.82
CA VAL GA 83 36.86 19.07 -41.59
C VAL GA 83 35.87 20.11 -42.15
N ILE GA 84 34.98 20.52 -41.28
CA ILE GA 84 33.88 21.45 -41.64
C ILE GA 84 33.79 22.61 -40.65
N LYS GA 85 33.18 23.68 -41.07
CA LYS GA 85 32.79 24.90 -40.38
C LYS GA 85 31.29 24.97 -40.26
N ALA GA 86 30.85 25.02 -39.07
CA ALA GA 86 29.50 24.90 -38.57
C ALA GA 86 29.26 25.47 -37.18
N ASP GA 87 28.00 25.70 -36.94
CA ASP GA 87 27.34 25.86 -35.67
C ASP GA 87 26.95 24.48 -35.14
N VAL GA 88 27.19 24.26 -33.87
CA VAL GA 88 26.88 23.11 -33.10
C VAL GA 88 26.09 23.41 -31.86
N GLY GA 89 25.04 22.76 -31.82
CA GLY GA 89 23.97 22.65 -30.94
C GLY GA 89 23.62 21.46 -30.08
N ILE GA 90 23.49 21.76 -28.84
CA ILE GA 90 23.26 20.88 -27.77
C ILE GA 90 22.00 21.16 -27.01
N ARG GA 91 21.28 20.12 -26.80
CA ARG GA 91 20.04 19.86 -26.18
C ARG GA 91 19.96 18.50 -25.48
N ASP GA 92 19.60 18.56 -24.26
CA ASP GA 92 19.41 17.48 -23.29
C ASP GA 92 20.65 16.60 -23.15
N GLY GA 93 21.77 17.22 -23.10
CA GLY GA 93 23.07 16.74 -23.12
C GLY GA 93 23.54 15.99 -24.37
N LYS GA 94 22.83 16.10 -25.43
CA LYS GA 94 22.96 15.54 -26.74
C LYS GA 94 23.07 16.60 -27.86
N ILE GA 95 23.84 16.25 -28.88
CA ILE GA 95 24.07 16.92 -30.17
C ILE GA 95 22.80 16.79 -30.98
N ALA GA 96 22.08 17.89 -31.15
CA ALA GA 96 20.85 18.07 -31.86
C ALA GA 96 20.98 18.48 -33.33
N GLY GA 97 22.02 19.06 -33.67
CA GLY GA 97 22.33 19.61 -34.91
C GLY GA 97 23.70 20.20 -35.09
N ILE GA 98 24.18 20.24 -36.37
CA ILE GA 98 25.45 20.76 -36.92
C ILE GA 98 25.00 21.52 -38.18
N GLY GA 99 25.24 22.80 -38.29
CA GLY GA 99 24.65 23.58 -39.39
C GLY GA 99 24.66 25.05 -39.07
N LYS GA 100 23.62 25.74 -39.45
CA LYS GA 100 23.44 27.18 -39.24
C LYS GA 100 22.44 27.35 -38.08
N SER GA 101 22.84 27.94 -37.00
CA SER GA 101 22.05 28.38 -35.87
C SER GA 101 21.48 29.81 -36.08
N GLY GA 102 20.41 30.12 -35.47
CA GLY GA 102 19.68 31.38 -35.26
C GLY GA 102 18.19 31.27 -35.09
N ASN GA 103 17.58 32.34 -35.45
CA ASN GA 103 16.21 32.72 -35.33
C ASN GA 103 15.49 32.73 -36.70
N PRO GA 104 14.70 31.73 -36.98
CA PRO GA 104 13.99 31.63 -38.24
C PRO GA 104 12.98 32.78 -38.51
N GLY GA 105 12.62 33.53 -37.49
CA GLY GA 105 11.79 34.71 -37.69
C GLY GA 105 12.37 35.78 -38.58
N VAL GA 106 13.66 35.94 -38.50
CA VAL GA 106 14.47 37.04 -39.01
C VAL GA 106 15.62 36.63 -39.90
N MET GA 107 15.79 35.35 -40.14
CA MET GA 107 16.90 34.68 -40.78
C MET GA 107 16.41 33.57 -41.67
N ASP GA 108 17.04 33.52 -42.77
CA ASP GA 108 16.96 32.45 -43.69
C ASP GA 108 18.06 31.44 -43.34
N GLY GA 109 17.75 30.20 -43.61
CA GLY GA 109 18.62 29.08 -43.56
C GLY GA 109 19.04 28.54 -42.24
N VAL GA 110 18.21 28.64 -41.21
CA VAL GA 110 18.49 28.06 -39.92
C VAL GA 110 18.22 26.57 -39.96
N THR GA 111 19.22 25.83 -39.61
CA THR GA 111 19.08 24.40 -39.59
C THR GA 111 17.99 24.00 -38.61
N PRO GA 112 17.09 23.15 -38.96
CA PRO GA 112 16.15 22.64 -37.99
C PRO GA 112 16.81 22.03 -36.80
N GLY GA 113 16.28 22.33 -35.69
CA GLY GA 113 16.87 21.98 -34.46
C GLY GA 113 17.89 22.92 -33.85
N LEU GA 114 18.41 23.85 -34.61
CA LEU GA 114 19.36 24.85 -34.21
C LEU GA 114 18.78 26.27 -33.91
N VAL GA 115 17.60 26.29 -33.40
CA VAL GA 115 16.97 27.50 -32.91
C VAL GA 115 17.52 27.92 -31.56
N VAL GA 116 18.14 29.00 -31.56
CA VAL GA 116 18.65 29.74 -30.44
C VAL GA 116 17.52 30.63 -29.91
N GLY GA 117 17.38 30.62 -28.61
CA GLY GA 117 16.43 31.15 -27.78
C GLY GA 117 16.78 31.54 -26.38
N VAL GA 118 15.73 31.73 -25.64
CA VAL GA 118 15.75 32.14 -24.23
C VAL GA 118 16.54 31.14 -23.39
N SER GA 119 16.37 29.85 -23.63
CA SER GA 119 17.11 28.68 -23.10
C SER GA 119 18.56 28.57 -23.43
N THR GA 120 19.03 29.19 -24.42
CA THR GA 120 20.33 29.05 -24.93
C THR GA 120 21.42 29.91 -24.35
N ASP GA 121 22.46 29.26 -23.92
CA ASP GA 121 23.83 29.70 -23.77
C ASP GA 121 24.72 29.43 -24.96
N ALA GA 122 25.81 30.07 -24.94
CA ALA GA 122 26.74 30.24 -26.00
C ALA GA 122 28.23 30.23 -25.70
N ILE GA 123 28.85 29.54 -26.58
CA ILE GA 123 30.25 29.36 -26.84
C ILE GA 123 30.63 29.79 -28.26
N SER GA 124 31.59 30.61 -28.29
CA SER GA 124 32.25 31.24 -29.41
C SER GA 124 33.40 30.40 -29.88
N GLY GA 125 33.16 29.73 -30.91
CA GLY GA 125 34.01 28.82 -31.63
C GLY GA 125 34.84 29.32 -32.80
N GLU GA 126 34.81 30.63 -32.98
CA GLU GA 126 35.33 31.30 -34.15
C GLU GA 126 36.76 30.95 -34.44
N HIS GA 127 37.59 31.04 -33.47
CA HIS GA 127 38.99 30.74 -33.58
C HIS GA 127 39.34 29.34 -32.98
N LEU GA 128 38.39 28.44 -32.87
CA LEU GA 128 38.47 27.14 -32.24
C LEU GA 128 38.15 25.92 -33.11
N ILE GA 129 38.78 24.84 -32.72
CA ILE GA 129 38.60 23.46 -33.10
C ILE GA 129 37.92 22.65 -32.00
N LEU GA 130 36.94 22.06 -32.39
CA LEU GA 130 36.08 21.10 -31.77
C LEU GA 130 36.27 19.66 -32.23
N THR GA 131 36.59 18.89 -31.34
CA THR GA 131 36.74 17.47 -31.39
C THR GA 131 35.81 16.76 -30.40
N ALA GA 132 35.50 15.60 -30.77
CA ALA GA 132 35.16 14.55 -29.89
C ALA GA 132 36.28 14.36 -28.87
N ALA GA 133 35.87 14.06 -27.70
CA ALA GA 133 36.74 13.64 -26.63
C ALA GA 133 37.25 12.23 -26.92
N GLY GA 134 38.42 12.06 -26.66
CA GLY GA 134 39.08 10.81 -26.64
C GLY GA 134 38.62 9.81 -25.65
N ILE GA 135 38.90 8.60 -26.06
CA ILE GA 135 38.62 7.39 -25.39
C ILE GA 135 39.85 6.50 -25.29
N ASP GA 136 40.25 6.22 -24.01
CA ASP GA 136 41.43 5.46 -23.55
C ASP GA 136 40.91 4.06 -23.11
N THR GA 137 41.11 3.07 -23.91
CA THR GA 137 40.80 1.67 -23.80
C THR GA 137 41.71 0.82 -22.95
N HIS GA 138 42.80 1.30 -22.51
CA HIS GA 138 43.80 0.58 -21.76
C HIS GA 138 44.23 1.33 -20.49
N ILE GA 139 43.37 1.41 -19.55
CA ILE GA 139 43.53 2.07 -18.28
C ILE GA 139 43.68 1.07 -17.18
N HIS GA 140 44.75 1.21 -16.55
CA HIS GA 140 45.00 0.66 -15.26
C HIS GA 140 44.56 1.64 -14.15
N LEU GA 141 43.64 1.18 -13.35
CA LEU GA 141 43.03 1.78 -12.19
C LEU GA 141 43.88 1.65 -10.94
N ILE GA 142 45.01 2.26 -11.05
CA ILE GA 142 46.00 2.31 -10.07
C ILE GA 142 45.79 3.49 -9.12
N SER GA 143 45.53 4.67 -9.67
CA SER GA 143 45.35 6.00 -9.08
C SER GA 143 44.12 6.75 -9.61
N PRO GA 144 43.22 7.20 -8.72
CA PRO GA 144 42.11 8.02 -9.15
C PRO GA 144 42.41 9.34 -9.86
N GLN GA 145 43.52 9.90 -9.66
CA GLN GA 145 44.09 11.15 -10.14
C GLN GA 145 44.44 11.14 -11.63
N GLN GA 146 44.59 9.97 -12.20
CA GLN GA 146 44.73 9.77 -13.62
C GLN GA 146 43.66 10.49 -14.45
N ALA GA 147 42.48 10.49 -14.00
CA ALA GA 147 41.35 11.16 -14.57
C ALA GA 147 41.57 12.61 -14.86
N TYR GA 148 42.28 13.29 -14.01
CA TYR GA 148 42.61 14.69 -14.08
C TYR GA 148 43.64 14.93 -15.16
N HIS GA 149 44.64 14.06 -15.20
CA HIS GA 149 45.73 14.06 -16.22
C HIS GA 149 45.08 13.82 -17.58
N ALA GA 150 44.10 13.00 -17.68
CA ALA GA 150 43.41 12.63 -18.87
C ALA GA 150 42.55 13.79 -19.46
N LEU GA 151 41.66 14.29 -18.65
CA LEU GA 151 40.84 15.49 -18.96
C LEU GA 151 41.67 16.68 -19.43
N SER GA 152 42.81 16.81 -18.98
CA SER GA 152 43.81 17.79 -19.27
C SER GA 152 44.56 17.61 -20.60
N ASN GA 153 44.41 16.49 -21.24
CA ASN GA 153 44.74 16.14 -22.63
C ASN GA 153 43.57 15.74 -23.52
N GLY GA 154 42.43 16.07 -23.16
CA GLY GA 154 41.30 15.80 -23.89
C GLY GA 154 40.65 14.43 -23.99
N VAL GA 155 40.86 13.60 -23.00
CA VAL GA 155 40.31 12.31 -22.74
C VAL GA 155 39.36 12.33 -21.56
N ALA GA 156 38.27 11.86 -21.79
CA ALA GA 156 37.05 11.73 -21.03
C ALA GA 156 36.33 10.41 -20.90
N THR GA 157 36.84 9.35 -21.46
CA THR GA 157 36.38 8.00 -21.27
C THR GA 157 37.59 7.03 -21.04
N PHE GA 158 37.45 6.21 -20.04
CA PHE GA 158 38.34 5.17 -19.53
C PHE GA 158 37.63 3.79 -19.67
N PHE GA 159 38.30 2.89 -20.22
CA PHE GA 159 38.08 1.48 -20.28
C PHE GA 159 39.38 0.83 -19.74
N GLY GA 160 39.17 -0.03 -18.86
CA GLY GA 160 40.03 -0.79 -18.05
C GLY GA 160 39.50 -1.35 -16.77
N GLY GA 161 40.43 -1.51 -15.94
CA GLY GA 161 40.37 -2.22 -14.69
C GLY GA 161 41.47 -2.00 -13.68
N GLY GA 162 41.17 -2.49 -12.56
CA GLY GA 162 41.88 -2.47 -11.37
C GLY GA 162 41.05 -2.27 -10.08
N ILE GA 163 41.78 -2.16 -9.00
CA ILE GA 163 41.32 -1.97 -7.64
C ILE GA 163 42.25 -1.13 -6.76
N GLY GA 164 42.95 -0.16 -7.34
CA GLY GA 164 43.97 0.70 -6.78
C GLY GA 164 45.34 0.08 -6.88
N PRO GA 165 46.36 0.50 -6.14
CA PRO GA 165 47.70 0.01 -6.39
C PRO GA 165 48.10 -1.39 -5.89
N THR GA 166 47.34 -2.40 -6.21
CA THR GA 166 47.68 -3.81 -5.91
C THR GA 166 48.62 -4.28 -7.02
N ASP GA 167 49.39 -5.28 -6.77
CA ASP GA 167 50.34 -5.86 -7.74
C ASP GA 167 49.61 -6.41 -9.00
N GLY GA 168 48.47 -6.90 -8.84
CA GLY GA 168 47.65 -7.30 -9.95
C GLY GA 168 47.18 -6.17 -10.89
N THR GA 169 46.88 -5.06 -10.32
CA THR GA 169 46.50 -3.85 -11.04
C THR GA 169 47.66 -3.21 -11.63
N ASN GA 170 48.78 -3.19 -10.95
CA ASN GA 170 49.97 -2.64 -11.52
C ASN GA 170 50.33 -3.34 -12.83
N GLY GA 171 50.09 -4.58 -12.91
CA GLY GA 171 50.23 -5.32 -14.15
C GLY GA 171 49.13 -5.60 -15.07
N THR GA 172 47.91 -5.60 -14.60
CA THR GA 172 46.83 -5.92 -15.50
C THR GA 172 45.63 -4.98 -15.23
N THR GA 173 44.76 -4.84 -16.20
CA THR GA 173 43.45 -4.21 -16.39
C THR GA 173 42.25 -5.11 -16.06
N VAL GA 174 42.33 -5.54 -14.83
CA VAL GA 174 41.38 -6.52 -14.28
C VAL GA 174 40.85 -6.00 -12.92
N THR GA 175 39.60 -6.19 -12.70
CA THR GA 175 38.80 -5.93 -11.53
C THR GA 175 38.19 -7.27 -11.24
N PRO GA 176 38.83 -8.09 -10.44
CA PRO GA 176 38.42 -9.46 -10.31
C PRO GA 176 37.30 -9.73 -9.33
N GLY GA 177 36.34 -10.29 -9.85
CA GLY GA 177 35.16 -10.78 -9.23
C GLY GA 177 34.07 -9.83 -8.85
N PRO GA 178 32.88 -10.34 -8.66
CA PRO GA 178 31.68 -9.54 -8.35
C PRO GA 178 31.74 -8.54 -7.16
N TRP GA 179 32.48 -8.84 -6.14
CA TRP GA 179 32.70 -7.94 -4.99
C TRP GA 179 33.52 -6.75 -5.37
N ASN GA 180 34.65 -6.99 -5.88
CA ASN GA 180 35.58 -6.01 -6.39
C ASN GA 180 34.97 -5.11 -7.50
N ILE GA 181 34.21 -5.68 -8.40
CA ILE GA 181 33.49 -4.98 -9.47
C ILE GA 181 32.52 -3.98 -8.86
N ARG GA 182 31.67 -4.41 -7.96
CA ARG GA 182 30.65 -3.63 -7.24
C ARG GA 182 31.28 -2.42 -6.56
N GLN GA 183 32.33 -2.66 -5.92
CA GLN GA 183 33.20 -1.73 -5.22
C GLN GA 183 33.73 -0.68 -6.10
N MET GA 184 34.19 -1.09 -7.22
CA MET GA 184 34.78 -0.27 -8.18
C MET GA 184 33.76 0.57 -8.95
N LEU GA 185 32.62 0.02 -9.26
CA LEU GA 185 31.49 0.75 -9.81
C LEU GA 185 31.09 1.92 -8.90
N ARG GA 186 30.99 1.68 -7.65
CA ARG GA 186 30.67 2.59 -6.58
C ARG GA 186 31.69 3.70 -6.39
N SER GA 187 32.95 3.42 -6.51
CA SER GA 187 34.05 4.29 -6.43
C SER GA 187 34.09 5.31 -7.52
N VAL GA 188 33.87 4.87 -8.75
CA VAL GA 188 34.03 5.65 -9.95
C VAL GA 188 32.98 6.72 -10.06
N GLU GA 189 31.91 6.58 -9.34
CA GLU GA 189 30.96 7.65 -9.04
C GLU GA 189 31.60 8.95 -8.60
N GLY GA 190 32.75 8.91 -8.06
CA GLY GA 190 33.54 9.98 -7.71
C GLY GA 190 34.52 10.52 -8.73
N LEU GA 191 34.44 10.09 -9.93
CA LEU GA 191 35.29 10.47 -11.00
C LEU GA 191 34.58 11.19 -12.18
N PRO GA 192 35.18 12.07 -12.76
CA PRO GA 192 34.58 12.95 -13.74
C PRO GA 192 34.72 12.54 -15.20
N VAL GA 193 34.97 11.28 -15.41
CA VAL GA 193 35.08 10.55 -16.63
C VAL GA 193 34.14 9.39 -16.69
N ASN GA 194 33.76 9.06 -17.86
CA ASN GA 194 33.02 7.87 -18.19
C ASN GA 194 33.94 6.68 -17.92
N VAL GA 195 33.38 5.57 -17.59
CA VAL GA 195 34.03 4.30 -17.21
C VAL GA 195 33.24 3.07 -17.60
N GLY GA 196 33.99 2.18 -18.10
CA GLY GA 196 33.65 0.78 -18.15
C GLY GA 196 34.75 -0.14 -17.64
N ILE GA 197 34.37 -1.10 -16.97
CA ILE GA 197 35.26 -1.98 -16.22
C ILE GA 197 35.35 -3.34 -16.93
N LEU GA 198 36.55 -3.82 -16.91
CA LEU GA 198 37.01 -5.14 -17.29
C LEU GA 198 37.31 -6.15 -16.16
N GLY GA 199 36.87 -7.18 -16.34
CA GLY GA 199 36.99 -8.44 -15.65
C GLY GA 199 38.11 -9.41 -16.04
N LYS GA 200 38.31 -10.42 -15.26
CA LYS GA 200 39.32 -11.45 -15.39
C LYS GA 200 38.75 -12.62 -16.18
N GLY GA 201 39.27 -12.81 -17.23
CA GLY GA 201 38.95 -13.79 -18.25
C GLY GA 201 39.49 -15.19 -18.06
N ASN GA 202 40.53 -15.33 -17.30
CA ASN GA 202 41.22 -16.65 -17.18
C ASN GA 202 40.37 -17.55 -16.31
N SER GA 203 39.47 -18.29 -16.86
CA SER GA 203 38.53 -19.23 -16.24
C SER GA 203 38.29 -20.53 -17.04
N TYR GA 204 38.05 -21.62 -16.38
CA TYR GA 204 37.75 -22.88 -17.10
C TYR GA 204 36.22 -22.95 -17.39
N GLY GA 205 35.25 -23.03 -16.51
CA GLY GA 205 33.83 -23.06 -16.98
C GLY GA 205 33.21 -21.66 -17.23
N ARG GA 206 31.94 -21.59 -17.55
CA ARG GA 206 31.12 -20.43 -17.69
C ARG GA 206 30.83 -19.68 -16.39
N GLY GA 207 30.76 -20.33 -15.30
CA GLY GA 207 30.40 -19.80 -14.02
C GLY GA 207 31.06 -18.53 -13.61
N PRO GA 208 32.38 -18.58 -13.55
CA PRO GA 208 33.18 -17.47 -13.10
C PRO GA 208 33.19 -16.26 -13.99
N LEU GA 209 32.90 -16.40 -15.25
CA LEU GA 209 32.76 -15.39 -16.24
C LEU GA 209 31.39 -14.72 -16.20
N LEU GA 210 30.37 -15.50 -16.03
CA LEU GA 210 29.00 -15.07 -16.04
C LEU GA 210 28.69 -14.11 -14.89
N GLU GA 211 29.13 -14.48 -13.72
CA GLU GA 211 29.36 -13.81 -12.43
C GLU GA 211 29.72 -12.38 -12.59
N GLN GA 212 30.77 -12.17 -13.28
CA GLN GA 212 31.35 -10.88 -13.45
C GLN GA 212 30.54 -10.02 -14.46
N ALA GA 213 30.06 -10.63 -15.51
CA ALA GA 213 29.12 -10.16 -16.51
C ALA GA 213 27.88 -9.53 -15.88
N ILE GA 214 27.17 -10.26 -15.07
CA ILE GA 214 26.02 -9.81 -14.34
C ILE GA 214 26.38 -8.68 -13.32
N ALA GA 215 27.51 -8.84 -12.66
CA ALA GA 215 28.05 -7.85 -11.68
C ALA GA 215 28.24 -6.50 -12.42
N GLY GA 216 28.40 -6.46 -13.74
CA GLY GA 216 28.44 -5.23 -14.53
C GLY GA 216 29.61 -5.02 -15.51
N VAL GA 217 30.58 -5.92 -15.73
CA VAL GA 217 31.75 -5.63 -16.62
C VAL GA 217 31.29 -5.49 -18.09
N VAL GA 218 32.05 -4.82 -18.90
CA VAL GA 218 31.93 -4.55 -20.31
C VAL GA 218 32.84 -5.37 -21.19
N GLY GA 219 33.59 -6.23 -20.55
CA GLY GA 219 34.62 -6.92 -21.08
C GLY GA 219 35.40 -7.83 -20.14
N TYR GA 220 36.14 -8.66 -20.69
CA TYR GA 220 37.11 -9.56 -20.08
C TYR GA 220 38.52 -9.32 -20.62
N VAL GA 222 42.13 -10.92 -20.69
CA VAL GA 222 43.11 -12.01 -20.78
C VAL GA 222 44.60 -11.56 -20.87
N HIS GA 223 45.24 -11.79 -19.77
CA HIS GA 223 46.57 -11.41 -19.39
C HIS GA 223 47.46 -12.60 -19.01
N GLU GA 224 48.75 -12.57 -19.44
CA GLU GA 224 49.80 -13.56 -19.13
C GLU GA 224 49.99 -13.77 -17.65
N ASP GA 225 50.05 -12.70 -16.95
CA ASP GA 225 50.16 -12.59 -15.53
C ASP GA 225 49.19 -13.39 -14.71
N TRP GA 226 48.04 -13.61 -15.25
CA TRP GA 226 47.06 -14.48 -14.63
C TRP GA 226 46.88 -15.77 -15.47
N GLY GA 227 47.69 -15.99 -16.51
CA GLY GA 227 47.56 -17.02 -17.57
C GLY GA 227 46.93 -16.67 -18.90
N ALA GA 228 47.68 -16.40 -19.98
CA ALA GA 228 47.16 -16.11 -21.36
C ALA GA 228 47.12 -17.41 -22.22
N THR GA 229 46.48 -18.42 -21.73
CA THR GA 229 46.26 -19.77 -22.21
C THR GA 229 45.23 -19.82 -23.33
N ALA GA 230 45.27 -20.91 -24.10
CA ALA GA 230 44.29 -21.19 -25.09
C ALA GA 230 42.92 -21.36 -24.45
N ASN GA 231 42.92 -21.97 -23.34
CA ASN GA 231 41.75 -22.21 -22.53
C ASN GA 231 41.05 -20.90 -22.17
N ALA GA 232 41.78 -19.99 -21.61
CA ALA GA 232 41.36 -18.66 -21.23
C ALA GA 232 40.63 -17.95 -22.36
N LEU GA 233 41.32 -17.84 -23.46
CA LEU GA 233 40.86 -17.29 -24.70
C LEU GA 233 39.57 -17.86 -25.16
N ARG GA 234 39.55 -19.13 -25.32
CA ARG GA 234 38.45 -19.86 -25.80
C ARG GA 234 37.21 -19.64 -24.93
N HIS GA 235 37.32 -19.75 -23.62
CA HIS GA 235 36.15 -19.64 -22.80
C HIS GA 235 35.63 -18.18 -22.71
N SER GA 236 36.52 -17.24 -22.58
CA SER GA 236 36.35 -15.79 -22.63
C SER GA 236 35.61 -15.28 -23.86
N LEU GA 237 36.02 -15.73 -25.01
CA LEU GA 237 35.39 -15.42 -26.24
C LEU GA 237 34.03 -16.05 -26.43
N ARG GA 238 33.88 -17.27 -26.05
CA ARG GA 238 32.57 -17.94 -26.07
C ARG GA 238 31.53 -17.24 -25.15
N MET GA 239 31.93 -16.87 -24.01
CA MET GA 239 31.12 -16.09 -23.09
C MET GA 239 30.79 -14.74 -23.64
N ALA GA 240 31.73 -14.09 -24.24
CA ALA GA 240 31.62 -12.76 -24.83
C ALA GA 240 30.57 -12.66 -25.87
N ASP GA 241 30.54 -13.62 -26.70
CA ASP GA 241 29.60 -13.75 -27.74
C ASP GA 241 28.22 -13.97 -27.15
N GLU GA 242 28.17 -14.64 -26.06
CA GLU GA 242 26.94 -14.81 -25.32
C GLU GA 242 26.43 -13.49 -24.70
N MET GA 243 27.28 -12.74 -24.07
CA MET GA 243 27.01 -11.59 -23.28
C MET GA 243 27.02 -10.25 -24.01
N ASP GA 244 27.36 -10.20 -25.28
CA ASP GA 244 27.71 -9.03 -26.05
C ASP GA 244 28.62 -8.04 -25.32
N ILE GA 245 29.73 -8.54 -25.01
CA ILE GA 245 30.83 -7.84 -24.49
C ILE GA 245 32.14 -8.20 -25.19
N GLN GA 246 33.11 -7.41 -24.99
CA GLN GA 246 34.43 -7.43 -25.56
C GLN GA 246 35.47 -8.24 -24.76
N VAL GA 247 36.48 -8.65 -25.44
CA VAL GA 247 37.65 -9.31 -24.95
C VAL GA 247 38.88 -8.65 -25.49
N SER GA 248 39.73 -8.27 -24.62
CA SER GA 248 41.01 -7.69 -24.73
C SER GA 248 42.06 -8.71 -24.21
N VAL GA 249 43.24 -8.67 -24.80
CA VAL GA 249 44.36 -9.58 -24.64
C VAL GA 249 45.72 -8.95 -24.69
N HIS GA 250 46.48 -9.41 -23.76
CA HIS GA 250 47.90 -9.33 -23.46
C HIS GA 250 48.46 -10.77 -23.48
N THR GA 251 49.12 -11.08 -24.57
CA THR GA 251 49.50 -12.48 -24.90
C THR GA 251 50.77 -12.91 -24.14
N ASP GA 252 51.02 -14.18 -24.17
CA ASP GA 252 52.13 -14.92 -23.56
C ASP GA 252 53.48 -14.46 -24.19
N SER GA 253 54.28 -13.69 -23.52
CA SER GA 253 55.59 -13.18 -24.01
C SER GA 253 56.70 -14.26 -24.07
N LEU GA 254 56.64 -15.22 -23.22
CA LEU GA 254 57.56 -16.35 -23.00
C LEU GA 254 57.46 -17.54 -23.96
N ASN GA 255 56.48 -17.57 -24.74
CA ASN GA 255 55.99 -18.58 -25.65
C ASN GA 255 55.70 -20.00 -25.00
N GLU GA 256 55.42 -19.95 -23.69
CA GLU GA 256 55.17 -21.10 -22.83
C GLU GA 256 54.17 -22.08 -23.45
N CYS GA 257 52.91 -21.72 -23.65
CA CYS GA 257 51.91 -22.67 -24.14
C CYS GA 257 51.82 -22.62 -25.65
N GLY GA 258 52.64 -21.84 -26.36
CA GLY GA 258 52.50 -21.52 -27.76
C GLY GA 258 53.20 -20.29 -28.31
N TYR GA 259 53.23 -20.26 -29.59
CA TYR GA 259 53.61 -19.19 -30.45
C TYR GA 259 52.35 -18.45 -30.88
N VAL GA 260 52.54 -17.29 -31.41
CA VAL GA 260 51.53 -16.40 -31.95
C VAL GA 260 50.48 -17.07 -32.82
N GLU GA 261 50.90 -17.91 -33.72
CA GLU GA 261 50.04 -18.73 -34.53
C GLU GA 261 49.05 -19.60 -33.75
N ASP GA 262 49.47 -20.17 -32.64
CA ASP GA 262 48.63 -20.92 -31.74
C ASP GA 262 47.63 -20.01 -31.00
N THR GA 263 48.08 -18.87 -30.54
CA THR GA 263 47.21 -17.81 -30.03
C THR GA 263 46.12 -17.45 -31.02
N ILE GA 264 46.51 -17.27 -32.23
CA ILE GA 264 45.61 -16.90 -33.31
C ILE GA 264 44.51 -17.92 -33.47
N ASP GA 265 44.86 -19.17 -33.36
CA ASP GA 265 43.98 -20.28 -33.46
C ASP GA 265 43.05 -20.39 -32.24
N ALA GA 266 43.52 -19.99 -31.07
CA ALA GA 266 42.73 -19.85 -29.86
C ALA GA 266 41.65 -18.78 -30.01
N PHE GA 267 41.89 -17.74 -30.78
CA PHE GA 267 40.86 -16.73 -31.09
C PHE GA 267 39.66 -17.31 -31.83
N GLU GA 268 39.86 -18.27 -32.69
CA GLU GA 268 38.86 -19.05 -33.33
C GLU GA 268 37.85 -18.18 -34.14
N GLY GA 269 38.39 -17.30 -34.87
CA GLY GA 269 37.95 -16.21 -35.69
C GLY GA 269 37.02 -15.14 -35.11
N ARG GA 270 36.89 -15.17 -33.82
CA ARG GA 270 36.08 -14.42 -32.93
C ARG GA 270 36.68 -13.03 -32.71
N THR GA 271 35.82 -12.04 -32.59
CA THR GA 271 36.24 -10.68 -32.36
C THR GA 271 37.06 -10.51 -31.07
N ILE GA 272 38.14 -9.84 -31.18
CA ILE GA 272 39.12 -9.54 -30.15
C ILE GA 272 39.94 -8.28 -30.36
N HIS GA 273 40.16 -7.63 -29.23
CA HIS GA 273 40.96 -6.48 -29.02
C HIS GA 273 42.32 -6.88 -28.43
N THR GA 274 43.26 -6.57 -29.11
CA THR GA 274 44.69 -6.81 -28.92
C THR GA 274 45.41 -5.56 -28.53
N PHE GA 275 45.81 -5.42 -27.23
CA PHE GA 275 46.60 -4.35 -26.60
C PHE GA 275 48.06 -4.39 -27.07
N HIS GA 276 48.79 -3.32 -26.97
CA HIS GA 276 50.21 -3.22 -27.32
C HIS GA 276 50.60 -4.28 -28.39
N THR GA 277 50.04 -4.15 -29.60
CA THR GA 277 50.11 -5.15 -30.71
C THR GA 277 51.56 -5.39 -31.20
N GLU GA 278 52.41 -4.41 -31.06
CA GLU GA 278 53.86 -4.42 -31.31
C GLU GA 278 54.66 -5.37 -30.43
N GLY GA 279 54.34 -5.46 -29.18
CA GLY GA 279 54.96 -6.26 -28.16
C GLY GA 279 55.85 -5.64 -27.09
N ALA GA 280 56.33 -4.42 -27.21
CA ALA GA 280 57.16 -3.83 -26.13
C ALA GA 280 56.47 -3.88 -24.76
N GLY GA 281 55.17 -3.72 -24.73
CA GLY GA 281 54.28 -3.76 -23.57
C GLY GA 281 53.78 -5.09 -23.12
N GLY GA 282 54.24 -6.16 -23.74
CA GLY GA 282 53.83 -7.48 -23.65
C GLY GA 282 53.39 -8.14 -24.95
N GLY GA 283 53.68 -9.42 -25.08
CA GLY GA 283 53.18 -10.26 -26.14
C GLY GA 283 54.29 -11.12 -26.71
N HIS GA 284 53.85 -12.22 -27.30
CA HIS GA 284 54.60 -13.23 -28.01
C HIS GA 284 55.77 -12.60 -28.73
N ALA GA 285 56.90 -12.97 -28.35
CA ALA GA 285 58.11 -12.38 -28.83
C ALA GA 285 58.71 -13.16 -29.99
N PRO GA 286 59.17 -12.54 -31.06
CA PRO GA 286 59.29 -11.15 -31.42
C PRO GA 286 58.11 -10.61 -32.16
N ASP GA 287 57.10 -11.43 -32.40
CA ASP GA 287 56.21 -11.37 -33.56
C ASP GA 287 54.69 -11.31 -33.31
N ILE GA 288 54.26 -10.84 -32.19
CA ILE GA 288 52.85 -10.55 -31.90
C ILE GA 288 52.15 -9.62 -32.92
N ILE GA 289 52.88 -8.75 -33.56
CA ILE GA 289 52.55 -7.79 -34.63
C ILE GA 289 51.80 -8.35 -35.83
N ARG GA 290 51.91 -9.64 -36.02
CA ARG GA 290 51.26 -10.40 -37.08
C ARG GA 290 49.76 -10.61 -36.92
N VAL GA 291 49.24 -10.42 -35.74
CA VAL GA 291 47.84 -10.40 -35.42
C VAL GA 291 47.10 -9.24 -36.15
N ALA GA 292 47.78 -8.17 -36.53
CA ALA GA 292 47.30 -7.01 -37.30
C ALA GA 292 46.89 -7.33 -38.75
N SER GA 293 47.13 -8.55 -39.23
CA SER GA 293 46.71 -9.17 -40.51
C SER GA 293 45.35 -9.87 -40.51
N GLN GA 294 44.85 -10.10 -39.48
CA GLN GA 294 43.68 -10.83 -39.27
C GLN GA 294 42.42 -9.93 -39.16
N PRO GA 295 41.33 -10.34 -39.79
CA PRO GA 295 40.07 -9.55 -39.85
C PRO GA 295 39.26 -9.45 -38.57
N ASN GA 296 39.48 -10.29 -37.64
CA ASN GA 296 38.84 -10.43 -36.36
C ASN GA 296 39.53 -9.70 -35.23
N VAL GA 297 40.68 -9.22 -35.47
CA VAL GA 297 41.53 -8.52 -34.58
C VAL GA 297 41.36 -7.01 -34.82
N LEU GA 298 41.13 -6.34 -33.74
CA LEU GA 298 40.97 -4.91 -33.55
C LEU GA 298 42.19 -4.45 -32.81
N PRO GA 299 43.18 -3.98 -33.50
CA PRO GA 299 44.45 -3.73 -32.90
C PRO GA 299 44.69 -2.33 -32.39
N SER GA 300 45.30 -2.32 -31.31
CA SER GA 300 45.86 -1.25 -30.55
C SER GA 300 47.29 -1.38 -30.21
N SER GA 301 47.95 -0.18 -30.07
CA SER GA 301 49.27 0.11 -29.51
C SER GA 301 49.17 0.96 -28.25
N THR GA 302 50.05 0.79 -27.33
CA THR GA 302 50.16 1.68 -26.16
C THR GA 302 51.02 2.85 -26.57
N ASN GA 303 50.85 3.96 -25.91
CA ASN GA 303 51.45 5.19 -26.39
C ASN GA 303 52.92 5.31 -26.07
N PRO GA 304 53.93 4.60 -25.22
CA PRO GA 304 55.35 4.97 -25.05
C PRO GA 304 56.29 4.79 -26.26
N THR GA 305 55.95 3.99 -27.25
CA THR GA 305 56.68 3.78 -28.50
C THR GA 305 56.36 4.73 -29.67
N LEU GA 306 55.36 5.53 -29.55
CA LEU GA 306 54.84 6.46 -30.53
C LEU GA 306 55.03 7.90 -30.08
N PRO GA 307 55.83 8.72 -30.72
CA PRO GA 307 56.57 8.39 -31.87
C PRO GA 307 57.86 7.71 -31.48
N TYR GA 308 58.51 7.15 -32.45
CA TYR GA 308 59.81 6.50 -32.30
C TYR GA 308 60.91 7.50 -32.31
N GLY GA 309 61.57 7.55 -31.20
CA GLY GA 309 62.65 8.44 -30.99
C GLY GA 309 63.95 7.79 -30.54
N VAL GA 310 64.94 8.62 -30.52
CA VAL GA 310 66.34 8.34 -30.23
C VAL GA 310 66.61 7.86 -28.83
N ASN GA 311 65.83 8.26 -27.90
CA ASN GA 311 65.84 7.80 -26.54
C ASN GA 311 64.92 6.61 -26.27
N SER GA 312 64.22 6.10 -27.27
CA SER GA 312 63.19 5.09 -27.10
C SER GA 312 63.72 3.74 -26.66
N GLN GA 313 64.85 3.36 -27.17
CA GLN GA 313 65.40 2.05 -26.85
C GLN GA 313 65.98 2.01 -25.45
N ALA GA 314 66.81 2.97 -25.13
CA ALA GA 314 67.29 3.22 -23.76
C ALA GA 314 66.22 3.22 -22.67
N GLU GA 315 65.10 3.82 -22.94
CA GLU GA 315 64.05 3.98 -21.99
C GLU GA 315 63.40 2.66 -21.68
N LEU GA 316 63.04 1.97 -22.71
CA LEU GA 316 62.23 0.79 -22.68
C LEU GA 316 62.96 -0.36 -22.05
N PHE GA 317 64.22 -0.52 -22.41
CA PHE GA 317 65.14 -1.46 -21.84
C PHE GA 317 65.09 -1.35 -20.36
N ASP GA 318 65.42 -0.18 -19.91
CA ASP GA 318 65.58 0.06 -18.51
C ASP GA 318 64.28 -0.11 -17.76
N MET GA 319 63.19 0.28 -18.38
CA MET GA 319 61.82 0.17 -17.86
C MET GA 319 61.37 -1.23 -17.56
N ILE GA 320 61.60 -2.16 -18.49
CA ILE GA 320 61.23 -3.54 -18.25
C ILE GA 320 62.05 -4.10 -17.17
N MET GA 321 63.33 -3.83 -17.23
CA MET GA 321 64.22 -4.32 -16.25
C MET GA 321 63.91 -3.84 -14.89
N VAL GA 322 63.08 -2.82 -14.75
CA VAL GA 322 62.51 -2.54 -13.48
C VAL GA 322 61.08 -2.95 -13.36
N CYS GA 323 60.32 -2.87 -14.44
CA CYS GA 323 58.94 -3.31 -14.41
C CYS GA 323 58.86 -4.73 -13.86
N HIS GA 324 59.76 -5.61 -14.33
CA HIS GA 324 59.84 -7.00 -13.93
C HIS GA 324 60.96 -7.28 -12.95
N ASN GA 325 61.34 -6.29 -12.17
CA ASN GA 325 62.47 -6.40 -11.25
C ASN GA 325 63.61 -7.34 -11.66
N LEU GA 326 64.16 -7.13 -12.84
CA LEU GA 326 65.17 -8.01 -13.26
C LEU GA 326 66.51 -7.57 -12.69
N VAL GA 334 68.40 -10.87 -19.25
CA VAL GA 334 68.75 -9.92 -20.28
C VAL GA 334 68.45 -10.39 -21.65
N SER GA 335 67.99 -11.60 -21.73
CA SER GA 335 67.67 -12.22 -22.97
C SER GA 335 66.17 -12.27 -23.10
N PHE GA 336 65.47 -12.08 -21.99
CA PHE GA 336 64.11 -11.65 -22.02
C PHE GA 336 64.04 -10.19 -22.42
N ALA GA 337 65.05 -9.39 -22.05
CA ALA GA 337 65.01 -7.94 -22.24
C ALA GA 337 65.18 -7.53 -23.69
N GLU GA 338 66.26 -7.94 -24.32
CA GLU GA 338 66.63 -7.58 -25.69
C GLU GA 338 65.81 -8.30 -26.73
N SER GA 339 64.95 -9.18 -26.30
CA SER GA 339 63.96 -9.85 -27.11
C SER GA 339 62.60 -9.23 -27.02
N ARG GA 340 62.39 -8.48 -25.96
CA ARG GA 340 61.21 -7.75 -25.62
C ARG GA 340 61.25 -6.39 -26.25
N VAL GA 341 62.43 -5.83 -26.42
CA VAL GA 341 62.66 -4.48 -26.78
C VAL GA 341 63.48 -4.49 -28.06
N ARG GA 342 62.78 -4.30 -29.13
CA ARG GA 342 63.19 -4.47 -30.51
C ARG GA 342 63.04 -3.22 -31.35
N PRO GA 343 64.12 -2.54 -31.67
CA PRO GA 343 64.03 -1.33 -32.51
C PRO GA 343 63.27 -1.51 -33.80
N GLU GA 344 63.43 -2.69 -34.38
CA GLU GA 344 62.82 -3.06 -35.66
C GLU GA 344 61.31 -3.14 -35.62
N THR GA 345 60.76 -3.67 -34.58
CA THR GA 345 59.33 -3.78 -34.52
C THR GA 345 58.67 -2.46 -34.06
N ILE GA 346 59.40 -1.64 -33.33
CA ILE GA 346 58.95 -0.36 -32.82
C ILE GA 346 58.76 0.61 -33.98
N ALA GA 347 59.75 0.73 -34.84
CA ALA GA 347 59.65 1.39 -36.11
C ALA GA 347 58.53 0.87 -36.96
N ALA GA 348 58.36 -0.39 -36.97
CA ALA GA 348 57.34 -1.02 -37.73
C ALA GA 348 55.96 -0.59 -37.26
N GLU GA 349 55.78 -0.47 -35.95
CA GLU GA 349 54.51 -0.06 -35.32
C GLU GA 349 54.08 1.33 -35.86
N ASN GA 350 54.97 2.25 -35.93
CA ASN GA 350 54.91 3.61 -36.44
C ASN GA 350 54.42 3.64 -37.87
N VAL GA 351 54.98 2.80 -38.69
CA VAL GA 351 54.61 2.69 -40.07
C VAL GA 351 53.25 2.12 -40.25
N LEU GA 352 52.94 1.12 -39.52
CA LEU GA 352 51.69 0.45 -39.64
C LEU GA 352 50.49 1.33 -39.22
N HIS GA 353 50.74 2.17 -38.26
CA HIS GA 353 49.86 3.25 -37.83
C HIS GA 353 49.52 4.14 -38.99
N ASP GA 354 50.53 4.69 -39.63
CA ASP GA 354 50.42 5.52 -40.78
C ASP GA 354 49.74 4.88 -41.96
N MET GA 355 49.78 3.61 -42.06
CA MET GA 355 49.12 2.82 -43.09
C MET GA 355 47.65 2.53 -42.83
N GLY GA 356 47.19 2.68 -41.64
CA GLY GA 356 45.92 2.23 -41.20
C GLY GA 356 45.79 0.75 -40.84
N VAL GA 357 46.87 0.13 -40.47
CA VAL GA 357 46.94 -1.26 -40.07
C VAL GA 357 46.82 -1.48 -38.55
N ILE GA 358 47.30 -0.60 -37.70
CA ILE GA 358 47.02 -0.54 -36.26
C ILE GA 358 45.99 0.60 -36.02
N SER GA 359 44.90 0.27 -35.43
CA SER GA 359 43.70 1.03 -35.51
C SER GA 359 43.40 2.01 -34.34
N MET GA 360 44.08 1.90 -33.24
CA MET GA 360 43.98 2.58 -31.96
C MET GA 360 45.22 2.79 -31.13
N PHE GA 361 45.28 3.95 -30.53
CA PHE GA 361 46.14 4.39 -29.54
C PHE GA 361 45.48 4.16 -28.17
N SER GA 362 46.28 4.01 -27.16
CA SER GA 362 46.00 3.69 -25.76
C SER GA 362 47.19 3.99 -24.90
N SER GA 363 46.84 3.96 -23.53
CA SER GA 363 47.87 4.41 -22.61
C SER GA 363 48.47 3.25 -21.86
N ASP GA 364 47.91 2.43 -21.35
CA ASP GA 364 48.56 1.47 -20.47
C ASP GA 364 48.95 2.15 -19.13
N SER GA 365 48.10 3.04 -18.64
CA SER GA 365 48.35 4.04 -17.58
C SER GA 365 49.08 3.47 -16.41
N GLN GA 366 50.23 4.01 -16.12
CA GLN GA 366 51.14 3.67 -15.01
C GLN GA 366 51.51 2.20 -14.90
N ALA GA 367 51.44 1.58 -16.05
CA ALA GA 367 51.89 0.27 -16.49
C ALA GA 367 52.47 0.31 -17.93
N MET GA 368 53.43 1.12 -18.09
CA MET GA 368 54.32 1.54 -19.14
C MET GA 368 53.92 2.72 -20.07
N GLY GA 369 52.69 3.16 -20.02
CA GLY GA 369 52.30 4.34 -20.81
C GLY GA 369 51.78 5.52 -19.99
N ARG GA 370 51.24 6.57 -20.66
CA ARG GA 370 51.07 7.97 -20.22
C ARG GA 370 49.66 8.47 -20.63
N VAL GA 371 48.75 8.36 -19.70
CA VAL GA 371 47.38 8.71 -19.62
C VAL GA 371 47.07 10.09 -20.05
N GLY GA 372 47.98 10.98 -19.92
CA GLY GA 372 47.85 12.37 -20.33
C GLY GA 372 48.55 12.85 -21.56
N GLU GA 373 48.84 11.96 -22.44
CA GLU GA 373 49.63 12.11 -23.63
C GLU GA 373 49.11 11.41 -24.93
N ASN GA 374 47.97 10.82 -24.94
CA ASN GA 374 47.32 10.15 -26.08
C ASN GA 374 46.99 11.10 -27.24
N TRP GA 375 46.41 12.26 -26.95
CA TRP GA 375 46.13 13.27 -27.97
C TRP GA 375 47.44 13.89 -28.41
N LEU GA 376 48.37 14.16 -27.49
CA LEU GA 376 49.72 14.68 -27.78
C LEU GA 376 50.50 13.74 -28.68
N ARG GA 377 50.40 12.43 -28.48
CA ARG GA 377 51.37 11.58 -29.09
C ARG GA 377 50.97 11.22 -30.53
N VAL GA 378 49.71 11.06 -30.74
CA VAL GA 378 48.93 10.94 -31.96
C VAL GA 378 49.32 11.99 -32.98
N MET GA 379 49.27 13.22 -32.60
CA MET GA 379 49.71 14.38 -33.35
C MET GA 379 51.21 14.38 -33.56
N GLN GA 380 51.92 14.03 -32.59
CA GLN GA 380 53.38 13.92 -32.66
C GLN GA 380 53.83 12.84 -33.72
N THR GA 381 53.13 11.74 -33.78
CA THR GA 381 53.30 10.62 -34.68
C THR GA 381 52.97 10.99 -36.12
N ALA GA 382 51.78 11.53 -36.39
CA ALA GA 382 51.34 12.06 -37.66
C ALA GA 382 52.35 12.95 -38.29
N ASN GA 383 52.91 13.82 -37.55
CA ASN GA 383 53.91 14.80 -37.94
C ASN GA 383 55.28 14.22 -38.14
N ALA GA 384 55.71 13.28 -37.34
CA ALA GA 384 56.98 12.61 -37.60
C ALA GA 384 56.92 11.80 -38.90
N MET GA 385 55.82 11.17 -39.10
CA MET GA 385 55.53 10.33 -40.24
C MET GA 385 55.37 11.08 -41.57
N LYS GA 386 54.78 12.27 -41.56
CA LYS GA 386 54.72 13.14 -42.72
C LYS GA 386 56.12 13.48 -43.18
N ALA GA 387 56.92 13.83 -42.26
CA ALA GA 387 58.30 14.13 -42.48
C ALA GA 387 59.05 12.98 -43.18
N SER GA 388 58.94 11.78 -42.65
CA SER GA 388 59.67 10.62 -43.13
C SER GA 388 59.15 9.97 -44.40
N ARG GA 389 57.88 9.97 -44.61
CA ARG GA 389 57.18 9.27 -45.63
C ARG GA 389 56.55 10.14 -46.69
N GLY GA 390 56.34 11.40 -46.41
CA GLY GA 390 55.51 12.30 -47.11
C GLY GA 390 54.04 12.08 -47.04
N LYS GA 391 53.37 12.53 -48.08
CA LYS GA 391 51.95 12.47 -48.16
C LYS GA 391 51.51 11.09 -48.41
N LEU GA 392 50.64 10.68 -47.59
CA LEU GA 392 49.85 9.56 -47.89
C LEU GA 392 49.27 9.65 -49.28
N PRO GA 393 49.08 8.52 -49.92
CA PRO GA 393 48.65 8.53 -51.32
C PRO GA 393 47.29 9.10 -51.54
N GLU GA 394 46.39 8.82 -50.62
CA GLU GA 394 45.07 9.39 -50.52
C GLU GA 394 45.00 10.83 -50.03
N ASP GA 395 46.06 11.42 -49.53
CA ASP GA 395 46.04 12.83 -49.28
C ASP GA 395 45.78 13.59 -50.57
N ALA GA 396 45.19 14.60 -50.41
CA ALA GA 396 45.04 15.74 -51.30
C ALA GA 396 46.26 16.61 -51.28
N PRO GA 397 46.64 17.14 -52.42
CA PRO GA 397 47.91 17.83 -52.49
C PRO GA 397 48.07 19.03 -51.61
N GLY GA 398 47.05 19.82 -51.43
CA GLY GA 398 47.27 20.98 -50.64
C GLY GA 398 47.19 20.80 -49.14
N ASN GA 399 46.61 19.70 -48.69
CA ASN GA 399 46.33 19.45 -47.28
C ASN GA 399 46.54 18.03 -46.75
N ASP GA 400 46.63 17.98 -45.44
CA ASP GA 400 46.85 16.87 -44.57
C ASP GA 400 45.64 16.29 -43.89
N ASN GA 401 44.47 16.55 -44.38
CA ASN GA 401 43.21 16.07 -43.87
C ASN GA 401 43.13 14.55 -43.77
N PHE GA 402 43.38 13.82 -44.83
CA PHE GA 402 43.35 12.38 -44.85
C PHE GA 402 44.14 11.80 -43.70
N ARG GA 403 45.35 12.26 -43.55
CA ARG GA 403 46.24 11.86 -42.53
C ARG GA 403 45.72 12.13 -41.12
N VAL GA 404 45.48 13.38 -40.83
CA VAL GA 404 45.01 13.86 -39.56
C VAL GA 404 43.85 13.06 -39.12
N LEU GA 405 42.93 12.91 -40.00
N LEU GA 405 42.92 12.90 -39.97
CA LEU GA 405 41.70 12.22 -39.76
CA LEU GA 405 41.71 12.22 -39.69
C LEU GA 405 41.91 10.72 -39.47
C LEU GA 405 41.91 10.70 -39.46
N ARG GA 406 42.86 10.10 -40.07
CA ARG GA 406 43.24 8.71 -39.74
C ARG GA 406 43.59 8.57 -38.25
N TYR GA 407 44.48 9.45 -37.87
CA TYR GA 407 45.04 9.60 -36.50
C TYR GA 407 43.95 9.88 -35.45
N VAL GA 408 43.06 10.79 -35.69
CA VAL GA 408 41.91 11.16 -34.89
C VAL GA 408 40.97 10.02 -34.66
N ALA GA 409 40.76 9.21 -35.64
CA ALA GA 409 39.96 8.03 -35.52
C ALA GA 409 40.49 7.05 -34.44
N LYS GA 410 41.75 7.05 -34.27
CA LYS GA 410 42.53 6.24 -33.40
C LYS GA 410 42.20 6.45 -31.92
N ILE GA 411 41.95 7.69 -31.50
CA ILE GA 411 41.60 8.12 -30.14
C ILE GA 411 40.16 8.45 -29.89
N THR GA 412 39.32 8.43 -30.90
CA THR GA 412 37.91 8.74 -30.94
C THR GA 412 36.95 7.66 -31.37
N ILE GA 413 36.69 7.49 -32.61
CA ILE GA 413 35.65 6.66 -33.02
C ILE GA 413 36.02 5.15 -32.96
N ASN GA 414 37.22 4.86 -33.22
CA ASN GA 414 37.71 3.49 -33.23
C ASN GA 414 37.69 2.80 -31.86
N PRO GA 415 38.28 3.32 -30.86
CA PRO GA 415 38.00 2.85 -29.51
C PRO GA 415 36.52 2.61 -29.13
N ALA GA 416 35.70 3.50 -29.49
CA ALA GA 416 34.28 3.40 -29.25
C ALA GA 416 33.67 2.22 -29.91
N ILE GA 417 34.02 2.04 -31.11
CA ILE GA 417 33.48 0.94 -31.88
C ILE GA 417 33.91 -0.39 -31.26
N ALA GA 418 35.13 -0.46 -30.89
CA ALA GA 418 35.78 -1.64 -30.28
C ALA GA 418 35.10 -2.12 -28.98
N GLN GA 419 34.57 -1.24 -28.20
CA GLN GA 419 34.01 -1.47 -26.88
C GLN GA 419 32.47 -1.35 -26.84
N GLY GA 420 31.89 -1.17 -27.92
CA GLY GA 420 30.53 -1.07 -28.28
C GLY GA 420 29.72 0.06 -27.74
N VAL GA 421 30.26 1.20 -27.80
CA VAL GA 421 29.77 2.49 -27.41
C VAL GA 421 29.74 3.68 -28.39
N SER GA 422 29.85 3.39 -29.63
CA SER GA 422 29.79 4.30 -30.75
C SER GA 422 28.40 4.79 -31.01
N HIS GA 423 27.45 4.17 -30.46
CA HIS GA 423 26.11 4.64 -30.46
C HIS GA 423 25.84 5.87 -29.57
N VAL GA 424 26.63 6.10 -28.59
CA VAL GA 424 26.55 7.16 -27.63
C VAL GA 424 27.69 8.12 -27.57
N ILE GA 425 28.84 7.72 -27.88
CA ILE GA 425 30.04 8.49 -27.87
C ILE GA 425 30.98 8.18 -29.04
N GLY GA 426 32.01 8.97 -29.16
CA GLY GA 426 33.13 8.95 -30.10
C GLY GA 426 33.29 9.79 -31.36
N SER GA 427 32.28 10.50 -31.79
CA SER GA 427 32.18 11.33 -32.95
C SER GA 427 31.20 12.49 -32.63
N VAL GA 428 31.41 13.56 -33.30
CA VAL GA 428 30.59 14.74 -33.41
C VAL GA 428 29.55 14.53 -34.47
N GLU GA 429 28.45 13.97 -34.09
CA GLU GA 429 27.40 13.54 -34.93
C GLU GA 429 26.08 13.68 -34.18
N VAL GA 430 25.07 13.90 -34.94
CA VAL GA 430 23.77 14.06 -34.42
C VAL GA 430 23.30 12.77 -33.77
N GLY GA 431 22.77 12.96 -32.66
CA GLY GA 431 22.24 12.10 -31.67
C GLY GA 431 23.12 11.58 -30.54
N LYS GA 432 24.36 11.89 -30.57
CA LYS GA 432 25.35 11.56 -29.65
C LYS GA 432 25.53 12.50 -28.47
N MET GA 433 25.98 11.86 -27.38
N MET GA 433 25.98 11.86 -27.39
CA MET GA 433 26.29 12.48 -26.07
CA MET GA 433 26.27 12.49 -26.09
C MET GA 433 27.26 13.61 -26.34
C MET GA 433 27.27 13.62 -26.34
N ALA GA 434 26.92 14.85 -25.76
CA ALA GA 434 27.99 15.87 -26.10
C ALA GA 434 29.22 15.73 -25.21
N ASP GA 435 30.17 14.80 -25.52
CA ASP GA 435 31.53 14.52 -24.94
C ASP GA 435 32.51 15.13 -26.00
N LEU GA 436 32.90 16.33 -25.81
CA LEU GA 436 33.54 17.29 -26.65
C LEU GA 436 34.64 18.04 -25.94
N VAL GA 437 35.57 18.35 -26.73
CA VAL GA 437 36.75 19.08 -26.55
C VAL GA 437 36.93 20.20 -27.56
N LEU GA 438 37.23 21.34 -27.01
CA LEU GA 438 37.65 22.61 -27.59
C LEU GA 438 39.10 22.96 -27.41
N TRP GA 439 39.71 23.21 -28.49
CA TRP GA 439 41.06 23.54 -28.66
C TRP GA 439 41.38 24.82 -29.40
N ASP GA 440 42.33 25.46 -28.97
CA ASP GA 440 43.03 26.48 -29.70
C ASP GA 440 43.99 25.84 -30.69
N PRO GA 441 43.93 26.21 -31.98
CA PRO GA 441 44.89 25.66 -32.93
C PRO GA 441 46.28 25.75 -32.62
N ARG GA 442 46.66 26.78 -32.00
CA ARG GA 442 47.96 26.99 -31.54
C ARG GA 442 48.51 25.87 -30.60
N PHE GA 443 47.63 25.23 -29.86
CA PHE GA 443 47.78 24.24 -28.79
C PHE GA 443 47.16 22.86 -29.11
N PHE GA 444 46.72 22.62 -30.31
CA PHE GA 444 46.02 21.44 -30.76
C PHE GA 444 46.73 20.15 -30.36
N GLY GA 445 46.03 19.24 -29.73
CA GLY GA 445 46.56 18.03 -29.17
C GLY GA 445 47.15 17.96 -27.80
N ALA GA 446 47.72 19.02 -27.39
CA ALA GA 446 48.49 19.29 -26.22
C ALA GA 446 47.70 19.82 -25.06
N LYS GA 447 47.14 20.99 -25.21
CA LYS GA 447 46.51 21.81 -24.18
C LYS GA 447 45.14 22.33 -24.58
N PRO GA 448 44.09 21.65 -24.21
CA PRO GA 448 42.79 22.12 -24.54
C PRO GA 448 42.30 23.31 -23.75
N LYS GA 449 41.30 23.89 -24.27
CA LYS GA 449 40.58 25.01 -23.65
C LYS GA 449 39.59 24.49 -22.60
N MET GA 450 38.79 23.56 -22.97
CA MET GA 450 37.72 22.90 -22.28
C MET GA 450 37.20 21.59 -22.79
N VAL GA 451 36.67 20.89 -21.85
CA VAL GA 451 35.95 19.72 -21.91
C VAL GA 451 34.54 19.83 -21.44
N ILE GA 452 33.73 19.49 -22.33
CA ILE GA 452 32.32 19.37 -22.31
C ILE GA 452 31.93 17.91 -22.26
N LYS GA 453 31.29 17.62 -21.13
CA LYS GA 453 31.02 16.37 -20.53
C LYS GA 453 29.52 16.46 -20.18
N GLY GA 454 28.78 15.77 -20.93
CA GLY GA 454 27.43 15.53 -20.97
C GLY GA 454 26.60 16.77 -21.22
N GLY GA 455 27.14 17.73 -21.90
CA GLY GA 455 26.53 18.97 -22.16
C GLY GA 455 26.90 20.16 -21.28
N MET GA 456 27.60 19.96 -20.19
CA MET GA 456 28.25 20.85 -19.27
C MET GA 456 29.74 20.75 -19.33
N ILE GA 457 30.37 21.87 -19.11
CA ILE GA 457 31.75 22.11 -18.98
C ILE GA 457 32.14 21.55 -17.59
N ASN GA 458 32.94 20.54 -17.64
CA ASN GA 458 33.44 19.82 -16.49
C ASN GA 458 34.85 20.13 -16.09
N TRP GA 459 35.65 20.58 -16.96
CA TRP GA 459 37.06 20.78 -16.93
C TRP GA 459 37.49 21.82 -17.92
N ALA GA 460 38.33 22.64 -17.47
CA ALA GA 460 38.88 23.87 -18.03
C ALA GA 460 40.13 24.51 -17.44
N ALA GA 461 40.85 25.12 -18.31
CA ALA GA 461 41.94 26.01 -18.06
C ALA GA 461 41.39 27.36 -17.63
N MET GA 462 41.62 27.64 -16.44
CA MET GA 462 41.13 28.71 -15.59
C MET GA 462 42.25 29.33 -14.81
N GLY GA 463 42.34 30.68 -14.85
CA GLY GA 463 43.18 31.48 -13.99
C GLY GA 463 42.47 31.99 -12.76
N ASP GA 464 43.01 33.06 -12.18
CA ASP GA 464 42.86 33.48 -10.77
C ASP GA 464 41.34 33.57 -10.58
N PRO GA 465 40.69 32.76 -9.73
CA PRO GA 465 39.27 32.94 -9.44
C PRO GA 465 38.90 34.28 -8.79
N ASN GA 466 39.85 34.98 -8.16
CA ASN GA 466 39.70 36.32 -7.60
C ASN GA 466 39.87 37.42 -8.61
N ALA GA 467 40.23 37.11 -9.80
CA ALA GA 467 40.61 38.14 -10.69
C ALA GA 467 39.34 38.72 -11.32
N SER GA 468 39.51 39.80 -11.94
CA SER GA 468 38.52 40.54 -12.73
C SER GA 468 38.26 39.95 -14.09
N LEU GA 469 39.06 39.06 -14.55
CA LEU GA 469 38.79 38.17 -15.67
C LEU GA 469 39.10 36.71 -15.39
N PRO GA 470 38.72 35.83 -16.31
CA PRO GA 470 39.08 34.41 -16.24
C PRO GA 470 40.40 34.03 -16.75
N THR GA 471 41.11 34.92 -17.29
CA THR GA 471 42.35 34.74 -17.94
C THR GA 471 43.56 35.12 -17.18
N PRO GA 472 43.47 35.84 -16.08
CA PRO GA 472 44.65 36.18 -15.42
C PRO GA 472 45.34 35.02 -14.67
N GLN GA 473 46.61 35.11 -14.62
CA GLN GA 473 47.58 34.13 -14.18
C GLN GA 473 47.49 33.89 -12.65
N PRO GA 474 47.68 32.65 -12.18
CA PRO GA 474 48.06 31.46 -12.90
C PRO GA 474 46.91 30.71 -13.52
N VAL GA 475 47.10 30.37 -14.75
CA VAL GA 475 46.18 29.55 -15.50
C VAL GA 475 46.65 28.08 -15.41
N PHE GA 476 45.78 27.26 -14.92
CA PHE GA 476 45.89 25.85 -14.68
C PHE GA 476 44.49 25.19 -14.66
N TYR GA 477 44.48 23.92 -14.98
CA TYR GA 477 43.35 23.09 -15.12
C TYR GA 477 42.75 22.75 -13.78
N ARG GA 478 41.54 22.94 -13.76
CA ARG GA 478 40.54 23.02 -12.73
C ARG GA 478 39.19 22.42 -13.05
N PRO GA 479 38.61 21.72 -12.11
CA PRO GA 479 37.24 21.39 -12.27
C PRO GA 479 36.27 22.54 -12.32
N MET GA 480 35.29 22.29 -12.99
CA MET GA 480 34.16 23.14 -13.27
C MET GA 480 32.84 22.52 -12.72
N PHE GA 481 31.71 23.19 -12.88
CA PHE GA 481 30.39 22.84 -12.34
C PHE GA 481 29.85 21.49 -12.79
N GLY GA 482 30.11 21.06 -14.00
CA GLY GA 482 29.80 19.74 -14.42
C GLY GA 482 30.52 18.63 -13.61
N ALA GA 483 31.60 18.93 -13.04
CA ALA GA 483 32.48 18.23 -12.11
C ALA GA 483 32.13 18.39 -10.63
N MET GA 484 30.98 18.90 -10.34
CA MET GA 484 30.51 19.37 -9.06
C MET GA 484 29.16 18.83 -8.76
N GLY GA 485 28.97 18.63 -7.51
CA GLY GA 485 27.84 18.12 -6.99
C GLY GA 485 27.27 16.86 -7.53
N LYS GA 486 25.94 16.83 -7.59
CA LYS GA 486 25.21 15.73 -8.22
C LYS GA 486 25.30 15.75 -9.78
N THR GA 487 25.67 16.82 -10.42
CA THR GA 487 25.80 16.95 -11.85
C THR GA 487 26.90 16.05 -12.45
N MET GA 488 28.03 15.95 -11.72
N MET GA 488 28.00 16.00 -11.70
CA MET GA 488 29.23 15.10 -12.08
CA MET GA 488 29.19 15.15 -11.96
C MET GA 488 28.66 13.66 -12.39
C MET GA 488 28.66 13.70 -12.35
N GLN GA 489 27.80 12.98 -11.58
CA GLN GA 489 27.21 11.76 -11.83
C GLN GA 489 26.20 11.82 -12.95
N ASP GA 490 25.40 12.87 -13.01
CA ASP GA 490 24.41 13.07 -14.02
C ASP GA 490 24.96 13.16 -15.43
N THR GA 491 26.10 13.64 -15.59
CA THR GA 491 26.79 13.95 -16.79
C THR GA 491 27.83 12.89 -17.19
N CYS GA 492 28.00 11.88 -16.34
CA CYS GA 492 28.98 10.78 -16.51
C CYS GA 492 28.22 9.43 -16.62
N VAL GA 493 28.71 8.56 -17.44
CA VAL GA 493 28.26 7.24 -17.79
C VAL GA 493 29.19 6.19 -17.20
N THR GA 494 28.64 5.26 -16.66
CA THR GA 494 29.12 3.96 -16.29
C THR GA 494 28.50 2.92 -17.26
N PHE GA 495 29.31 2.55 -18.13
CA PHE GA 495 29.14 1.45 -19.03
C PHE GA 495 29.20 0.07 -18.33
N VAL GA 496 28.26 -0.68 -18.69
CA VAL GA 496 27.96 -2.02 -18.33
C VAL GA 496 27.42 -2.97 -19.43
N SER GA 497 27.40 -4.21 -19.10
CA SER GA 497 26.83 -5.32 -19.85
C SER GA 497 25.30 -5.19 -19.83
N GLN GA 498 24.68 -5.55 -20.86
CA GLN GA 498 23.23 -5.70 -20.97
C GLN GA 498 22.68 -6.65 -19.96
N ALA GA 499 23.41 -7.69 -19.64
CA ALA GA 499 23.13 -8.68 -18.62
C ALA GA 499 22.92 -8.03 -17.28
N ALA GA 500 23.83 -7.21 -16.94
CA ALA GA 500 23.86 -6.43 -15.74
C ALA GA 500 22.74 -5.40 -15.66
N LEU GA 501 22.53 -4.71 -16.74
CA LEU GA 501 21.51 -3.71 -16.90
C LEU GA 501 20.15 -4.34 -16.64
N ASP GA 502 19.93 -5.46 -17.24
CA ASP GA 502 18.72 -6.19 -17.19
C ASP GA 502 18.47 -6.77 -15.77
N ASP GA 503 19.47 -7.15 -15.05
CA ASP GA 503 19.52 -7.64 -13.69
C ASP GA 503 19.42 -6.54 -12.65
N GLY GA 504 19.28 -5.31 -13.03
CA GLY GA 504 19.22 -4.17 -12.19
C GLY GA 504 20.40 -3.61 -11.49
N VAL GA 505 21.55 -3.66 -12.10
CA VAL GA 505 22.81 -3.22 -11.58
C VAL GA 505 22.73 -1.82 -10.99
N LYS GA 506 21.97 -0.97 -11.59
CA LYS GA 506 21.83 0.40 -11.18
C LYS GA 506 21.25 0.52 -9.77
N GLU GA 507 20.18 -0.17 -9.49
CA GLU GA 507 19.54 -0.34 -8.18
C GLU GA 507 20.43 -1.10 -7.20
N LYS GA 508 20.81 -2.31 -7.56
CA LYS GA 508 21.62 -3.26 -6.78
C LYS GA 508 22.88 -2.67 -6.22
N ALA GA 509 23.63 -2.00 -7.03
CA ALA GA 509 24.87 -1.28 -6.76
C ALA GA 509 24.67 0.14 -6.31
N GLY GA 510 23.49 0.65 -6.46
CA GLY GA 510 23.17 1.92 -6.00
C GLY GA 510 23.84 3.07 -6.69
N LEU GA 511 23.95 3.03 -8.00
CA LEU GA 511 24.65 3.94 -8.81
C LEU GA 511 23.72 5.11 -9.20
N ASP GA 512 24.24 6.29 -9.10
CA ASP GA 512 23.65 7.51 -9.53
C ASP GA 512 24.12 7.98 -10.92
N ARG GA 513 25.21 7.42 -11.44
CA ARG GA 513 25.73 7.64 -12.78
C ARG GA 513 24.67 7.27 -13.78
N GLN GA 514 24.78 7.77 -14.99
CA GLN GA 514 24.09 7.17 -16.09
C GLN GA 514 24.68 5.78 -16.31
N VAL GA 515 23.87 4.81 -16.43
CA VAL GA 515 24.20 3.40 -16.69
C VAL GA 515 23.65 2.96 -18.04
N ILE GA 516 24.52 2.74 -18.95
CA ILE GA 516 24.35 2.43 -20.36
C ILE GA 516 24.98 1.10 -20.77
N ALA GA 517 24.20 0.26 -21.41
CA ALA GA 517 24.58 -1.06 -21.89
C ALA GA 517 25.45 -0.92 -23.10
N VAL GA 518 26.64 -1.47 -23.05
CA VAL GA 518 27.42 -1.75 -24.26
C VAL GA 518 26.70 -2.66 -25.28
N LYS GA 519 26.95 -2.42 -26.57
CA LYS GA 519 26.24 -3.16 -27.63
C LYS GA 519 27.10 -3.11 -28.91
N ASN GA 520 27.05 -4.08 -29.75
CA ASN GA 520 27.68 -4.24 -31.05
C ASN GA 520 29.20 -4.55 -31.04
N CYS GA 521 29.64 -5.35 -30.14
CA CYS GA 521 31.06 -5.67 -29.85
C CYS GA 521 31.54 -6.91 -30.69
N ARG GA 522 30.69 -7.83 -30.99
CA ARG GA 522 30.97 -9.20 -31.49
C ARG GA 522 30.80 -9.41 -32.99
N THR GA 523 30.09 -8.58 -33.68
CA THR GA 523 29.83 -8.60 -35.13
C THR GA 523 30.80 -7.73 -35.95
N ILE GA 524 31.56 -7.01 -35.35
CA ILE GA 524 32.57 -6.12 -35.84
C ILE GA 524 33.86 -6.85 -36.12
N SER GA 525 34.55 -6.31 -37.06
CA SER GA 525 35.80 -6.64 -37.60
C SER GA 525 36.63 -5.43 -37.92
N LYS GA 526 37.83 -5.70 -38.33
CA LYS GA 526 38.80 -4.73 -38.66
C LYS GA 526 38.31 -3.75 -39.69
N HIS GA 527 37.57 -4.21 -40.64
CA HIS GA 527 37.00 -3.43 -41.74
C HIS GA 527 35.90 -2.45 -41.32
N ASP GA 528 35.30 -2.64 -40.18
CA ASP GA 528 34.38 -1.69 -39.57
C ASP GA 528 35.07 -0.54 -38.89
N LEU GA 529 36.30 -0.55 -38.88
CA LEU GA 529 37.03 0.46 -38.23
C LEU GA 529 37.13 1.59 -39.25
N VAL GA 530 37.27 2.79 -38.77
CA VAL GA 530 37.24 4.02 -39.55
C VAL GA 530 38.65 4.53 -39.78
N ARG GA 531 38.97 4.62 -41.03
CA ARG GA 531 40.20 5.00 -41.67
C ARG GA 531 41.41 4.11 -41.33
N ASN GA 532 41.20 3.01 -40.67
CA ASN GA 532 42.23 2.15 -40.19
C ASN GA 532 41.77 0.69 -40.36
N ASP GA 533 41.45 0.32 -41.57
CA ASP GA 533 40.76 -0.91 -41.94
C ASP GA 533 41.55 -1.92 -42.78
N GLN GA 534 42.82 -1.73 -42.92
CA GLN GA 534 43.82 -2.50 -43.64
C GLN GA 534 44.33 -3.76 -42.92
N THR GA 535 44.29 -4.88 -43.64
CA THR GA 535 44.71 -6.24 -43.30
C THR GA 535 45.80 -6.79 -44.24
N PRO GA 536 46.99 -6.26 -44.22
CA PRO GA 536 48.03 -6.83 -45.06
C PRO GA 536 48.75 -8.03 -44.47
N ASN GA 537 49.59 -8.64 -45.29
CA ASN GA 537 50.49 -9.69 -44.86
C ASN GA 537 51.64 -9.11 -44.06
N ILE GA 538 51.81 -9.58 -42.86
CA ILE GA 538 52.90 -9.17 -42.00
C ILE GA 538 53.79 -10.35 -41.63
N GLU GA 539 55.05 -10.16 -41.89
CA GLU GA 539 56.14 -11.08 -41.65
C GLU GA 539 57.21 -10.44 -40.79
N VAL GA 540 57.65 -11.18 -39.83
CA VAL GA 540 58.72 -10.84 -38.92
C VAL GA 540 59.81 -11.92 -38.94
N ASP GA 541 60.98 -11.49 -39.11
CA ASP GA 541 62.20 -12.28 -39.12
C ASP GA 541 62.64 -12.72 -37.73
N PRO GA 542 62.57 -14.02 -37.42
CA PRO GA 542 62.90 -14.50 -36.08
C PRO GA 542 64.32 -14.30 -35.65
N GLU GA 543 65.22 -13.96 -36.55
CA GLU GA 543 66.58 -13.57 -36.18
C GLU GA 543 66.76 -12.10 -35.90
N THR GA 544 66.57 -11.30 -36.92
CA THR GA 544 66.80 -9.89 -36.93
C THR GA 544 65.56 -9.04 -36.63
N PHE GA 545 64.38 -9.64 -36.48
CA PHE GA 545 63.14 -9.00 -36.04
C PHE GA 545 62.60 -8.02 -37.05
N ALA GA 546 63.18 -8.01 -38.24
CA ALA GA 546 62.81 -7.15 -39.37
C ALA GA 546 61.36 -7.47 -39.78
N VAL GA 547 60.55 -6.49 -40.08
CA VAL GA 547 59.17 -6.55 -40.49
C VAL GA 547 58.95 -6.13 -41.93
N LYS GA 548 58.28 -7.01 -42.61
CA LYS GA 548 57.82 -6.93 -43.96
C LYS GA 548 56.33 -6.92 -43.97
N VAL GA 549 55.74 -5.98 -44.69
CA VAL GA 549 54.29 -5.72 -44.78
C VAL GA 549 54.01 -5.81 -46.27
N ASP GA 550 53.25 -6.80 -46.72
CA ASP GA 550 53.07 -7.16 -48.16
C ASP GA 550 54.47 -7.20 -48.85
N GLY GA 551 55.47 -7.84 -48.26
CA GLY GA 551 56.85 -7.89 -48.78
C GLY GA 551 57.70 -6.64 -48.66
N VAL GA 552 57.32 -5.53 -48.03
CA VAL GA 552 58.05 -4.32 -48.00
C VAL GA 552 58.47 -4.07 -46.58
N HIS GA 553 59.73 -3.85 -46.45
CA HIS GA 553 60.37 -3.57 -45.22
C HIS GA 553 59.71 -2.35 -44.64
N ALA GA 554 59.29 -2.47 -43.39
CA ALA GA 554 58.54 -1.48 -42.64
C ALA GA 554 59.44 -0.91 -41.59
N THR GA 555 60.08 0.20 -41.91
CA THR GA 555 60.89 0.95 -41.01
C THR GA 555 60.88 2.45 -41.31
N CYS GA 556 61.36 3.21 -40.36
CA CYS GA 556 61.58 4.63 -40.36
C CYS GA 556 62.61 4.84 -39.27
N GLU GA 557 63.23 5.98 -39.27
CA GLU GA 557 64.32 6.47 -38.49
C GLU GA 557 63.85 7.24 -37.29
N PRO GA 558 64.49 7.15 -36.17
CA PRO GA 558 64.05 7.94 -35.05
C PRO GA 558 64.28 9.41 -35.15
N ILE GA 559 63.30 10.08 -34.61
CA ILE GA 559 63.25 11.50 -34.41
C ILE GA 559 64.13 11.88 -33.24
N ASP GA 560 64.82 12.96 -33.43
CA ASP GA 560 65.48 13.76 -32.41
C ASP GA 560 64.52 14.70 -31.69
N THR GA 561 63.70 15.44 -32.44
CA THR GA 561 62.82 16.48 -31.94
C THR GA 561 61.36 16.23 -32.25
N ALA GA 562 60.60 16.12 -31.21
CA ALA GA 562 59.17 16.10 -31.20
C ALA GA 562 58.55 17.51 -31.20
N ALA GA 563 57.46 17.64 -31.96
CA ALA GA 563 56.55 18.81 -32.03
C ALA GA 563 55.56 18.76 -30.83
N MET GA 564 55.01 19.88 -30.38
CA MET GA 564 53.99 19.98 -29.33
C MET GA 564 54.68 19.42 -28.07
N ASN GA 565 55.91 19.77 -27.81
CA ASN GA 565 56.69 19.02 -26.82
C ASN GA 565 57.34 19.99 -25.83
N GLN GA 566 58.62 20.32 -25.89
CA GLN GA 566 59.34 21.15 -24.90
C GLN GA 566 58.93 22.65 -25.00
N ARG GA 567 58.39 23.12 -26.11
CA ARG GA 567 57.85 24.46 -26.31
C ARG GA 567 56.68 24.81 -25.41
N TYR GA 568 55.83 23.91 -25.21
CA TYR GA 568 54.51 23.88 -24.58
C TYR GA 568 54.46 23.41 -23.12
N PHE GA 569 55.39 22.63 -22.67
CA PHE GA 569 55.32 21.90 -21.43
C PHE GA 569 56.52 22.20 -20.52
N PHE GA 570 56.23 22.50 -19.25
CA PHE GA 570 57.13 22.52 -18.11
C PHE GA 570 57.42 21.13 -17.54
N GLY GA 571 56.46 20.19 -17.66
CA GLY GA 571 56.17 18.85 -17.00
C GLY GA 571 57.49 18.27 -16.60
N MET HA 1 -6.31 -9.46 -59.86
CA MET HA 1 -6.88 -8.21 -60.35
C MET HA 1 -6.78 -6.97 -59.46
N GLN HA 2 -6.33 -7.19 -58.26
CA GLN HA 2 -6.03 -6.31 -57.23
C GLN HA 2 -7.11 -5.24 -57.04
N LEU HA 3 -8.26 -5.73 -56.72
CA LEU HA 3 -9.45 -4.95 -56.46
C LEU HA 3 -9.43 -4.24 -55.13
N THR HA 4 -9.54 -2.97 -55.25
CA THR HA 4 -9.69 -1.98 -54.27
C THR HA 4 -11.12 -1.86 -53.77
N PRO HA 5 -11.31 -1.38 -52.58
CA PRO HA 5 -12.68 -1.18 -52.06
C PRO HA 5 -13.69 -0.48 -53.00
N ARG HA 6 -13.26 0.53 -53.73
CA ARG HA 6 -14.05 1.27 -54.73
C ARG HA 6 -14.53 0.42 -55.91
N GLU HA 7 -13.70 -0.45 -56.34
CA GLU HA 7 -13.91 -1.45 -57.38
C GLU HA 7 -14.87 -2.53 -56.96
N VAL HA 8 -14.71 -3.06 -55.79
CA VAL HA 8 -15.56 -4.07 -55.27
C VAL HA 8 -16.99 -3.52 -55.10
N GLU HA 9 -17.12 -2.34 -54.49
CA GLU HA 9 -18.40 -1.64 -54.23
C GLU HA 9 -19.24 -1.49 -55.46
N LYS HA 10 -18.64 -1.22 -56.55
CA LYS HA 10 -19.30 -1.06 -57.78
C LYS HA 10 -19.91 -2.32 -58.35
N LEU HA 11 -19.50 -3.51 -57.92
CA LEU HA 11 -20.16 -4.73 -58.30
C LEU HA 11 -21.64 -4.78 -57.88
N MET HA 12 -21.98 -4.17 -56.71
CA MET HA 12 -23.39 -4.11 -56.23
C MET HA 12 -24.24 -3.44 -57.33
N ILE HA 13 -23.75 -2.37 -57.94
CA ILE HA 13 -24.49 -1.59 -58.93
C ILE HA 13 -24.82 -2.41 -60.15
N TYR HA 14 -23.86 -3.11 -60.63
CA TYR HA 14 -23.93 -3.99 -61.77
C TYR HA 14 -24.91 -5.12 -61.62
N THR HA 15 -24.97 -5.68 -60.43
CA THR HA 15 -25.88 -6.78 -60.06
C THR HA 15 -27.32 -6.30 -59.95
N LEU HA 16 -27.55 -5.19 -59.24
N LEU HA 16 -27.55 -5.19 -59.24
CA LEU HA 16 -28.93 -4.66 -59.07
CA LEU HA 16 -28.93 -4.66 -59.07
C LEU HA 16 -29.45 -4.23 -60.50
C LEU HA 16 -29.45 -4.23 -60.50
N SER HA 17 -28.76 -3.45 -61.38
CA SER HA 17 -29.09 -3.08 -62.75
C SER HA 17 -29.29 -4.17 -63.68
N ASP HA 18 -28.61 -5.26 -63.55
CA ASP HA 18 -28.98 -6.39 -64.35
C ASP HA 18 -30.37 -6.92 -64.03
N VAL HA 19 -30.68 -7.08 -62.76
CA VAL HA 19 -31.99 -7.45 -62.32
C VAL HA 19 -33.01 -6.42 -62.81
N ALA HA 20 -32.73 -5.15 -62.62
CA ALA HA 20 -33.58 -4.05 -63.04
C ALA HA 20 -33.86 -4.00 -64.51
N PHE HA 21 -32.87 -4.18 -65.35
CA PHE HA 21 -33.08 -4.23 -66.76
C PHE HA 21 -33.91 -5.41 -67.20
N LYS HA 22 -33.81 -6.55 -66.54
CA LYS HA 22 -34.64 -7.72 -66.83
C LYS HA 22 -36.10 -7.45 -66.52
N ARG HA 23 -36.35 -6.80 -65.41
CA ARG HA 23 -37.68 -6.44 -64.94
C ARG HA 23 -38.37 -5.44 -65.86
N LYS HA 24 -37.68 -4.38 -66.26
CA LYS HA 24 -38.19 -3.41 -67.17
C LYS HA 24 -38.57 -4.01 -68.51
N ALA HA 25 -37.83 -4.98 -68.98
CA ALA HA 25 -38.08 -5.69 -70.20
C ALA HA 25 -39.27 -6.66 -70.18
N ARG HA 26 -39.69 -7.17 -69.03
CA ARG HA 26 -40.96 -7.81 -68.69
C ARG HA 26 -42.15 -6.88 -68.54
N GLY HA 27 -41.99 -5.61 -68.77
CA GLY HA 27 -42.93 -4.63 -68.42
C GLY HA 27 -43.20 -4.29 -67.01
N LEU HA 28 -42.34 -4.57 -66.09
CA LEU HA 28 -42.54 -4.15 -64.73
C LEU HA 28 -42.10 -2.71 -64.59
N LYS HA 29 -42.93 -1.97 -63.90
N LYS HA 29 -42.94 -1.97 -63.90
CA LYS HA 29 -42.66 -0.65 -63.41
CA LYS HA 29 -42.65 -0.65 -63.43
C LYS HA 29 -41.72 -0.71 -62.21
C LYS HA 29 -41.73 -0.71 -62.21
N LEU HA 30 -40.66 0.05 -62.27
CA LEU HA 30 -39.58 0.00 -61.36
C LEU HA 30 -39.79 0.83 -60.16
N ASN HA 31 -39.20 0.38 -59.12
CA ASN HA 31 -39.06 0.97 -57.87
C ASN HA 31 -37.82 1.81 -57.75
N TYR HA 32 -37.64 2.32 -56.68
CA TYR HA 32 -36.62 3.28 -56.27
C TYR HA 32 -35.20 2.72 -56.46
N PRO HA 33 -34.77 1.77 -55.68
CA PRO HA 33 -33.49 1.08 -55.92
C PRO HA 33 -33.18 0.64 -57.34
N GLU HA 34 -34.08 0.04 -57.99
CA GLU HA 34 -33.96 -0.43 -59.33
C GLU HA 34 -33.70 0.72 -60.32
N ALA HA 35 -34.45 1.77 -60.19
CA ALA HA 35 -34.39 2.94 -61.06
C ALA HA 35 -33.09 3.69 -60.89
N VAL HA 36 -32.69 3.93 -59.66
CA VAL HA 36 -31.41 4.49 -59.32
C VAL HA 36 -30.27 3.66 -59.92
N SER HA 37 -30.37 2.35 -59.90
CA SER HA 37 -29.42 1.40 -60.49
C SER HA 37 -29.20 1.63 -61.97
N ILE HA 38 -30.25 1.76 -62.74
CA ILE HA 38 -30.24 1.88 -64.16
C ILE HA 38 -29.63 3.22 -64.60
N ILE HA 39 -29.93 4.28 -63.92
CA ILE HA 39 -29.38 5.59 -64.19
C ILE HA 39 -27.89 5.58 -63.87
N THR HA 40 -27.52 5.01 -62.76
CA THR HA 40 -26.15 4.92 -62.28
C THR HA 40 -25.25 4.19 -63.26
N VAL HA 41 -25.67 3.05 -63.73
CA VAL HA 41 -24.91 2.20 -64.62
C VAL HA 41 -24.80 2.78 -66.00
N THR HA 42 -25.78 3.53 -66.41
CA THR HA 42 -25.80 4.23 -67.69
C THR HA 42 -24.65 5.22 -67.77
N ALA HA 43 -24.49 6.00 -66.75
CA ALA HA 43 -23.38 6.89 -66.54
C ALA HA 43 -22.04 6.19 -66.54
N MET HA 44 -21.89 5.30 -65.62
CA MET HA 44 -20.75 4.42 -65.48
C MET HA 44 -20.32 3.79 -66.79
N GLU HA 45 -21.24 3.29 -67.54
CA GLU HA 45 -20.90 2.65 -68.79
C GLU HA 45 -20.48 3.63 -69.88
N GLY HA 46 -21.07 4.79 -69.87
CA GLY HA 46 -20.66 5.88 -70.70
C GLY HA 46 -19.25 6.33 -70.51
N ALA HA 47 -18.89 6.60 -69.29
CA ALA HA 47 -17.55 6.84 -68.81
C ALA HA 47 -16.57 5.87 -69.44
N ARG HA 48 -16.89 4.60 -69.39
CA ARG HA 48 -16.04 3.49 -69.82
C ARG HA 48 -15.87 3.47 -71.30
N ASP HA 49 -16.98 3.78 -71.95
CA ASP HA 49 -17.17 3.95 -73.40
C ASP HA 49 -16.39 5.21 -73.88
N GLY HA 50 -15.89 6.12 -73.04
CA GLY HA 50 -15.10 7.25 -73.46
C GLY HA 50 -15.75 8.59 -73.64
N LYS HA 51 -17.00 8.73 -73.31
CA LYS HA 51 -17.74 9.95 -73.32
C LYS HA 51 -17.31 10.94 -72.27
N SER HA 52 -17.75 12.12 -72.48
CA SER HA 52 -17.61 13.23 -71.58
C SER HA 52 -18.65 13.14 -70.46
N VAL HA 53 -18.37 13.81 -69.37
CA VAL HA 53 -19.28 13.99 -68.25
C VAL HA 53 -20.59 14.62 -68.73
N GLU HA 54 -20.46 15.64 -69.55
CA GLU HA 54 -21.57 16.34 -70.16
C GLU HA 54 -22.46 15.41 -70.95
N ASP HA 55 -21.87 14.64 -71.81
CA ASP HA 55 -22.56 13.70 -72.64
C ASP HA 55 -23.20 12.55 -71.88
N VAL HA 56 -22.55 12.02 -70.84
CA VAL HA 56 -23.10 10.90 -70.12
C VAL HA 56 -24.33 11.35 -69.37
N MET HA 57 -24.23 12.47 -68.70
N MET HA 57 -24.24 12.49 -68.70
CA MET HA 57 -25.29 13.23 -68.05
CA MET HA 57 -25.31 13.23 -68.06
C MET HA 57 -26.56 13.31 -68.81
C MET HA 57 -26.57 13.28 -68.83
N LYS HA 58 -26.52 13.77 -70.03
CA LYS HA 58 -27.65 13.76 -70.93
C LYS HA 58 -28.24 12.39 -71.07
N GLU HA 59 -27.38 11.46 -71.45
CA GLU HA 59 -27.71 10.04 -71.69
C GLU HA 59 -28.48 9.50 -70.47
N ALA HA 60 -28.03 9.65 -69.29
CA ALA HA 60 -28.57 9.13 -68.07
C ALA HA 60 -29.84 9.80 -67.65
N SER HA 61 -29.96 11.08 -67.92
CA SER HA 61 -31.21 11.85 -67.67
C SER HA 61 -32.30 11.42 -68.66
N LYS HA 62 -32.05 10.58 -69.63
CA LYS HA 62 -33.02 10.15 -70.61
C LYS HA 62 -33.38 8.67 -70.66
N VAL HA 63 -32.80 7.84 -69.84
CA VAL HA 63 -32.98 6.39 -69.88
C VAL HA 63 -34.32 5.96 -69.32
N LEU HA 64 -34.78 6.60 -68.27
CA LEU HA 64 -36.05 6.33 -67.63
C LEU HA 64 -37.05 7.49 -67.70
N THR HA 65 -38.26 7.14 -67.95
CA THR HA 65 -39.46 7.96 -67.91
C THR HA 65 -40.39 7.70 -66.74
N LYS HA 66 -41.32 8.64 -66.59
N LYS HA 66 -41.33 8.64 -66.58
CA LYS HA 66 -42.43 8.51 -65.68
CA LYS HA 66 -42.43 8.51 -65.64
C LYS HA 66 -43.20 7.23 -65.87
C LYS HA 66 -43.22 7.23 -65.86
N ASP HA 67 -43.46 6.84 -67.09
CA ASP HA 67 -44.15 5.61 -67.38
C ASP HA 67 -43.43 4.37 -66.90
N ASP HA 68 -42.14 4.37 -66.90
CA ASP HA 68 -41.27 3.24 -66.63
C ASP HA 68 -41.08 3.01 -65.15
N VAL HA 69 -41.54 3.87 -64.34
CA VAL HA 69 -41.45 3.83 -62.92
C VAL HA 69 -42.81 3.84 -62.28
N MET HA 70 -42.80 3.26 -61.14
CA MET HA 70 -43.87 3.26 -60.20
C MET HA 70 -44.17 4.68 -59.70
N ASP HA 71 -45.45 4.99 -59.63
CA ASP HA 71 -45.96 6.28 -59.22
C ASP HA 71 -45.34 6.77 -57.92
N GLY HA 72 -44.79 7.92 -57.98
CA GLY HA 72 -44.10 8.53 -56.93
C GLY HA 72 -42.59 8.45 -56.91
N VAL HA 73 -41.98 7.55 -57.67
CA VAL HA 73 -40.58 7.25 -57.57
C VAL HA 73 -39.76 8.46 -57.92
N ALA HA 74 -40.20 9.17 -58.92
CA ALA HA 74 -39.66 10.48 -59.25
C ALA HA 74 -39.36 11.39 -58.08
N ASP HA 75 -40.33 11.47 -57.16
CA ASP HA 75 -40.25 12.27 -55.92
C ASP HA 75 -39.13 11.76 -55.02
N LEU HA 76 -38.72 10.52 -55.14
CA LEU HA 76 -37.71 9.83 -54.41
C LEU HA 76 -36.32 9.98 -55.00
N ILE HA 77 -36.21 10.38 -56.24
CA ILE HA 77 -35.05 10.52 -57.06
C ILE HA 77 -35.06 11.92 -57.66
N PRO HA 78 -34.83 12.90 -56.92
CA PRO HA 78 -34.61 14.20 -57.49
C PRO HA 78 -33.34 14.36 -58.32
N ASN HA 79 -32.22 13.91 -57.78
CA ASN HA 79 -30.97 13.69 -58.46
C ASN HA 79 -30.36 12.34 -58.12
N VAL HA 80 -29.57 11.82 -59.05
CA VAL HA 80 -28.60 10.74 -58.86
C VAL HA 80 -27.16 11.17 -59.09
N GLN HA 81 -26.32 10.86 -58.13
CA GLN HA 81 -24.90 10.95 -58.19
C GLN HA 81 -24.08 9.64 -58.10
N VAL HA 82 -23.11 9.56 -58.98
CA VAL HA 82 -22.05 8.55 -59.10
C VAL HA 82 -20.75 9.07 -59.66
N GLU HA 83 -19.70 8.54 -59.10
CA GLU HA 83 -18.34 8.60 -59.53
C GLU HA 83 -18.05 7.46 -60.45
N ALA HA 84 -17.62 7.84 -61.59
CA ALA HA 84 -17.19 7.07 -62.67
C ALA HA 84 -15.77 7.40 -63.11
N ILE HA 85 -15.23 6.53 -63.85
CA ILE HA 85 -13.85 6.53 -64.28
C ILE HA 85 -13.90 6.83 -65.77
N PHE HA 86 -13.63 8.03 -66.02
CA PHE HA 86 -13.51 8.67 -67.30
C PHE HA 86 -12.07 8.52 -67.77
N THR HA 87 -11.86 8.75 -69.04
CA THR HA 87 -10.52 8.79 -69.63
C THR HA 87 -9.52 9.68 -68.89
N ASP HA 88 -9.93 10.79 -68.41
CA ASP HA 88 -9.16 11.69 -67.60
C ASP HA 88 -9.23 11.47 -66.12
N GLY HA 89 -9.90 10.52 -65.67
CA GLY HA 89 -9.95 10.12 -64.31
C GLY HA 89 -11.31 9.93 -63.78
N SER HA 90 -11.34 9.70 -62.51
CA SER HA 90 -12.52 9.66 -61.72
C SER HA 90 -13.12 11.07 -61.65
N ARG HA 91 -14.34 11.12 -61.89
CA ARG HA 91 -15.24 12.25 -61.90
C ARG HA 91 -16.66 11.99 -61.40
N LEU HA 92 -17.17 12.90 -60.62
CA LEU HA 92 -18.55 13.01 -60.24
C LEU HA 92 -19.45 13.49 -61.33
N VAL HA 93 -20.43 12.69 -61.55
CA VAL HA 93 -21.58 12.86 -62.40
C VAL HA 93 -22.82 13.02 -61.51
N THR HA 94 -23.42 14.17 -61.57
CA THR HA 94 -24.77 14.45 -61.15
C THR HA 94 -25.65 14.48 -62.37
N VAL HA 95 -26.73 13.82 -62.21
CA VAL HA 95 -27.80 13.67 -63.14
C VAL HA 95 -28.99 14.31 -62.48
N HIS HA 96 -29.49 15.41 -63.05
CA HIS HA 96 -30.54 16.29 -62.48
C HIS HA 96 -31.91 15.82 -62.94
N ASP HA 97 -32.87 15.61 -62.03
CA ASP HA 97 -34.27 15.21 -62.36
C ASP HA 97 -34.28 14.10 -63.40
N PRO HA 98 -33.64 12.94 -63.20
CA PRO HA 98 -33.60 11.95 -64.27
C PRO HA 98 -34.92 11.35 -64.75
N ILE HA 99 -36.00 11.30 -63.97
CA ILE HA 99 -37.27 10.72 -64.35
C ILE HA 99 -38.15 11.90 -64.72
N LYS HA 100 -38.29 12.08 -65.99
CA LYS HA 100 -39.07 13.16 -66.56
C LYS HA 100 -40.36 12.57 -67.09
N SER IA 1 -53.83 19.81 -51.67
CA SER IA 1 -55.09 19.32 -51.05
C SER IA 1 -54.81 18.23 -50.02
N GLU IA 2 -54.10 17.17 -50.47
CA GLU IA 2 -53.73 15.88 -49.80
C GLU IA 2 -53.62 14.80 -50.87
N GLN IA 3 -54.57 14.79 -51.81
CA GLN IA 3 -54.69 13.88 -52.97
C GLN IA 3 -53.57 14.13 -53.99
N ASN IA 4 -52.96 15.32 -53.96
CA ASN IA 4 -51.97 15.84 -54.89
C ASN IA 4 -50.54 15.99 -54.37
N THR IA 5 -50.30 15.95 -53.08
CA THR IA 5 -48.99 16.08 -52.51
C THR IA 5 -48.06 14.96 -52.91
N PRO IA 6 -46.85 15.24 -53.38
CA PRO IA 6 -45.87 14.16 -53.61
C PRO IA 6 -45.51 13.42 -52.33
N LEU IA 7 -44.83 12.27 -52.50
CA LEU IA 7 -44.26 11.48 -51.40
C LEU IA 7 -43.41 12.46 -50.58
N GLY IA 8 -43.57 12.54 -49.30
CA GLY IA 8 -42.99 13.32 -48.29
C GLY IA 8 -43.28 14.78 -48.33
N GLY IA 9 -44.22 15.16 -49.17
CA GLY IA 9 -44.51 16.51 -49.41
C GLY IA 9 -45.25 17.16 -48.29
N CYS IA 10 -45.17 18.42 -48.38
CA CYS IA 10 -45.74 19.41 -47.51
C CYS IA 10 -46.96 20.08 -48.12
N ILE IA 11 -47.94 20.27 -47.30
CA ILE IA 11 -49.09 21.14 -47.53
C ILE IA 11 -48.92 22.35 -46.65
N LEU IA 12 -48.59 23.42 -47.29
CA LEU IA 12 -48.34 24.68 -46.62
C LEU IA 12 -49.58 25.52 -46.53
N ALA IA 13 -49.76 26.08 -45.38
CA ALA IA 13 -50.72 27.14 -45.18
C ALA IA 13 -50.46 28.38 -46.04
N ASP IA 14 -51.28 29.41 -45.92
CA ASP IA 14 -51.24 30.61 -46.77
C ASP IA 14 -50.58 31.81 -46.11
N THR IA 15 -50.80 32.01 -44.85
CA THR IA 15 -50.38 33.17 -44.16
C THR IA 15 -48.90 33.40 -44.26
N PRO IA 16 -48.46 34.55 -44.79
CA PRO IA 16 -47.05 34.93 -44.76
C PRO IA 16 -46.42 35.01 -43.38
N ILE IA 17 -45.14 34.87 -43.38
CA ILE IA 17 -44.35 34.94 -42.19
C ILE IA 17 -43.81 36.36 -42.08
N THR IA 18 -43.93 36.90 -40.93
CA THR IA 18 -43.43 38.21 -40.58
C THR IA 18 -42.32 38.11 -39.56
N PHE IA 19 -41.18 38.62 -39.94
CA PHE IA 19 -39.98 38.64 -39.14
C PHE IA 19 -39.37 40.04 -39.02
N ASN IA 20 -38.67 40.21 -37.93
CA ASN IA 20 -37.87 41.34 -37.49
C ASN IA 20 -38.73 42.62 -37.27
N GLU IA 21 -40.08 42.50 -37.21
CA GLU IA 21 -41.13 43.54 -37.14
C GLU IA 21 -40.90 44.65 -36.13
N ASN IA 22 -40.28 44.38 -35.04
CA ASN IA 22 -40.14 45.33 -33.97
C ASN IA 22 -38.91 46.19 -34.07
N LYS IA 23 -38.09 45.87 -34.82
CA LYS IA 23 -36.75 46.31 -34.82
C LYS IA 23 -36.59 47.58 -35.72
N PRO IA 24 -35.93 48.65 -35.27
CA PRO IA 24 -35.76 49.85 -36.08
C PRO IA 24 -34.75 49.77 -37.21
N VAL IA 25 -35.16 50.26 -38.36
CA VAL IA 25 -34.50 50.09 -39.64
C VAL IA 25 -33.79 51.35 -40.11
N THR IA 26 -32.52 51.22 -40.36
CA THR IA 26 -31.57 52.17 -40.92
C THR IA 26 -31.18 51.75 -42.34
N LYS IA 27 -31.52 52.56 -43.28
CA LYS IA 27 -31.05 52.43 -44.64
C LYS IA 27 -29.71 53.12 -44.89
N VAL IA 28 -28.79 52.38 -45.42
CA VAL IA 28 -27.49 52.87 -45.84
C VAL IA 28 -27.25 52.54 -47.29
N LYS IA 29 -26.43 53.37 -47.92
CA LYS IA 29 -25.97 53.29 -49.30
C LYS IA 29 -24.57 52.73 -49.39
N VAL IA 30 -24.40 51.69 -50.16
CA VAL IA 30 -23.20 50.89 -50.18
C VAL IA 30 -22.63 50.84 -51.60
N ARG IA 31 -21.42 51.28 -51.75
CA ARG IA 31 -20.64 51.16 -52.95
C ARG IA 31 -19.40 50.28 -52.76
N ASN IA 32 -19.26 49.32 -53.61
CA ASN IA 32 -18.07 48.48 -53.76
C ASN IA 32 -17.06 49.13 -54.68
N THR IA 33 -16.06 49.62 -54.08
CA THR IA 33 -14.84 50.23 -54.54
C THR IA 33 -13.69 49.31 -54.82
N GLY IA 34 -13.83 48.03 -54.66
CA GLY IA 34 -12.86 47.09 -55.12
C GLY IA 34 -13.17 46.50 -56.42
N ASP IA 35 -12.24 45.73 -56.89
CA ASP IA 35 -12.32 44.98 -58.13
C ASP IA 35 -12.90 43.58 -58.01
N ARG IA 36 -13.16 43.14 -56.84
CA ARG IA 36 -13.69 41.86 -56.61
C ARG IA 36 -15.04 41.84 -55.89
N PRO IA 37 -15.90 40.91 -56.23
CA PRO IA 37 -17.16 40.75 -55.56
C PRO IA 37 -17.07 40.52 -54.07
N ILE IA 38 -17.96 41.15 -53.37
CA ILE IA 38 -18.17 41.12 -51.94
C ILE IA 38 -19.61 40.70 -51.69
N GLN IA 39 -19.79 39.74 -50.82
CA GLN IA 39 -21.03 39.17 -50.35
C GLN IA 39 -21.04 39.01 -48.83
N VAL IA 40 -22.09 39.52 -48.27
CA VAL IA 40 -22.31 39.69 -46.85
C VAL IA 40 -23.62 39.04 -46.44
N GLY IA 41 -23.58 38.31 -45.42
CA GLY IA 41 -24.67 37.63 -44.79
C GLY IA 41 -25.41 38.34 -43.72
N SER IA 42 -26.50 37.71 -43.32
CA SER IA 42 -27.55 38.28 -42.54
C SER IA 42 -27.15 38.72 -41.14
N HIS IA 43 -26.28 37.93 -40.52
CA HIS IA 43 -25.77 38.07 -39.13
C HIS IA 43 -24.39 38.67 -39.00
N PHE IA 44 -23.74 38.95 -40.06
CA PHE IA 44 -22.49 39.71 -39.98
C PHE IA 44 -22.71 41.13 -39.46
N HIS IA 45 -21.83 41.61 -38.68
CA HIS IA 45 -21.72 42.98 -38.12
C HIS IA 45 -21.30 43.91 -39.23
N PHE IA 46 -22.30 44.50 -39.88
CA PHE IA 46 -22.16 45.32 -41.12
C PHE IA 46 -21.00 46.35 -41.01
N PHE IA 47 -20.82 47.02 -39.91
CA PHE IA 47 -19.69 47.84 -39.53
C PHE IA 47 -18.32 47.38 -39.85
N GLU IA 48 -18.13 46.10 -39.88
CA GLU IA 48 -16.89 45.42 -39.97
C GLU IA 48 -16.71 44.69 -41.27
N VAL IA 49 -17.59 44.93 -42.26
CA VAL IA 49 -17.51 44.31 -43.60
C VAL IA 49 -16.26 44.83 -44.32
N ASN IA 50 -15.81 44.09 -45.33
CA ASN IA 50 -14.67 44.31 -46.23
C ASN IA 50 -14.35 45.83 -46.33
N ARG IA 51 -13.23 46.29 -45.83
CA ARG IA 51 -12.60 47.64 -46.06
C ARG IA 51 -13.04 48.29 -47.38
N ALA IA 52 -13.01 47.62 -48.53
CA ALA IA 52 -13.38 48.12 -49.88
C ALA IA 52 -14.82 48.65 -50.03
N LEU IA 53 -15.79 48.28 -49.21
CA LEU IA 53 -17.12 48.78 -49.13
C LEU IA 53 -17.10 50.16 -48.48
N GLU IA 54 -17.75 51.08 -49.16
CA GLU IA 54 -17.83 52.48 -48.78
C GLU IA 54 -19.29 52.76 -48.50
N PHE IA 55 -19.63 53.17 -47.29
CA PHE IA 55 -20.92 53.41 -46.76
C PHE IA 55 -20.70 54.21 -45.48
N ASP IA 56 -21.76 54.67 -44.84
CA ASP IA 56 -21.75 55.39 -43.59
C ASP IA 56 -21.58 54.43 -42.46
N ARG IA 57 -20.36 54.30 -42.07
CA ARG IA 57 -19.97 53.20 -41.24
C ARG IA 57 -20.56 53.38 -39.85
N ALA IA 58 -20.55 54.58 -39.37
CA ALA IA 58 -21.18 55.01 -38.13
C ALA IA 58 -22.62 54.58 -37.98
N ALA IA 59 -23.33 54.55 -39.08
CA ALA IA 59 -24.72 54.16 -39.11
C ALA IA 59 -24.97 52.65 -38.95
N ALA IA 60 -24.07 51.82 -39.34
CA ALA IA 60 -23.95 50.39 -39.26
C ALA IA 60 -23.40 49.84 -37.95
N TYR IA 61 -22.96 50.68 -37.07
CA TYR IA 61 -22.55 50.34 -35.72
C TYR IA 61 -23.68 49.68 -35.00
N GLY IA 62 -23.42 48.48 -34.60
CA GLY IA 62 -24.33 47.56 -34.02
C GLY IA 62 -25.31 46.99 -34.86
N LYS IA 63 -25.09 46.98 -36.12
CA LYS IA 63 -26.04 46.54 -37.08
C LYS IA 63 -25.66 45.39 -38.02
N ARG IA 64 -26.72 44.76 -38.44
CA ARG IA 64 -26.91 43.71 -39.36
C ARG IA 64 -27.96 44.04 -40.40
N LEU IA 65 -27.86 43.32 -41.44
CA LEU IA 65 -28.78 43.33 -42.51
C LEU IA 65 -30.14 42.70 -42.17
N ASN IA 66 -31.19 43.40 -42.52
CA ASN IA 66 -32.57 43.12 -42.28
C ASN IA 66 -33.13 42.28 -43.42
N ILE IA 67 -32.55 41.13 -43.52
CA ILE IA 67 -32.88 40.09 -44.45
C ILE IA 67 -33.10 38.76 -43.71
N SER IA 68 -33.59 37.77 -44.45
CA SER IA 68 -33.80 36.44 -43.95
C SER IA 68 -32.52 35.82 -43.42
N SER IA 69 -32.59 35.37 -42.21
CA SER IA 69 -31.60 34.47 -41.66
C SER IA 69 -31.18 33.47 -42.74
N THR IA 70 -29.93 33.41 -42.86
CA THR IA 70 -29.10 32.57 -43.64
C THR IA 70 -28.83 33.10 -45.03
N THR IA 71 -29.49 34.13 -45.44
CA THR IA 71 -29.33 34.68 -46.76
C THR IA 71 -28.28 35.81 -46.70
N ALA IA 72 -27.98 36.33 -47.84
CA ALA IA 72 -26.90 37.26 -48.11
C ALA IA 72 -27.24 38.28 -49.21
N ILE IA 73 -26.43 39.31 -49.24
CA ILE IA 73 -26.50 40.40 -50.25
C ILE IA 73 -25.13 40.47 -50.95
N ARG IA 74 -25.12 40.48 -52.24
CA ARG IA 74 -24.00 40.54 -53.13
C ARG IA 74 -23.78 41.96 -53.69
N PHE IA 75 -22.63 42.43 -53.50
CA PHE IA 75 -22.13 43.73 -53.90
C PHE IA 75 -21.03 43.50 -54.93
N GLU IA 76 -21.41 43.57 -56.16
CA GLU IA 76 -20.54 43.48 -57.32
C GLU IA 76 -19.67 44.74 -57.49
N PRO IA 77 -18.53 44.62 -58.13
CA PRO IA 77 -17.64 45.77 -58.28
C PRO IA 77 -18.25 46.92 -59.04
N GLY IA 78 -18.15 48.07 -58.39
CA GLY IA 78 -18.56 49.34 -58.79
C GLY IA 78 -20.03 49.56 -58.92
N ASP IA 79 -20.79 49.04 -58.01
CA ASP IA 79 -22.22 49.12 -58.04
C ASP IA 79 -22.66 49.70 -56.71
N GLU IA 80 -23.82 50.28 -56.72
CA GLU IA 80 -24.39 50.89 -55.58
C GLU IA 80 -25.76 50.36 -55.28
N THR IA 81 -25.96 50.02 -54.04
CA THR IA 81 -27.14 49.39 -53.47
C THR IA 81 -27.44 49.99 -52.13
N GLU IA 82 -28.71 50.16 -51.89
CA GLU IA 82 -29.22 50.56 -50.63
C GLU IA 82 -29.58 49.31 -49.85
N VAL IA 83 -29.20 49.30 -48.60
CA VAL IA 83 -29.49 48.19 -47.75
C VAL IA 83 -30.18 48.54 -46.45
N PRO IA 84 -31.13 47.72 -46.04
CA PRO IA 84 -31.75 47.89 -44.74
C PRO IA 84 -30.92 47.26 -43.63
N LEU IA 85 -30.75 47.98 -42.61
CA LEU IA 85 -30.05 47.65 -41.41
C LEU IA 85 -30.96 47.71 -40.18
N ILE IA 86 -30.69 46.83 -39.26
CA ILE IA 86 -31.35 46.58 -38.00
C ILE IA 86 -30.33 46.20 -36.91
N PRO IA 87 -30.62 46.50 -35.68
CA PRO IA 87 -29.76 46.09 -34.59
C PRO IA 87 -29.86 44.64 -34.24
N PHE IA 88 -28.79 44.18 -33.78
CA PHE IA 88 -28.63 42.92 -33.13
C PHE IA 88 -29.44 42.92 -31.82
N GLY IA 89 -29.82 41.77 -31.45
CA GLY IA 89 -30.49 41.49 -30.24
C GLY IA 89 -29.60 40.99 -29.16
N GLY IA 90 -30.24 40.33 -28.26
CA GLY IA 90 -29.67 39.88 -27.06
C GLY IA 90 -28.99 40.89 -26.23
N LYS IA 91 -27.82 40.57 -25.86
CA LYS IA 91 -27.00 41.45 -25.08
C LYS IA 91 -26.23 42.51 -25.93
N GLN IA 92 -26.29 42.51 -27.24
CA GLN IA 92 -25.57 43.43 -28.11
C GLN IA 92 -24.09 43.49 -27.86
N THR IA 93 -23.53 42.34 -27.67
CA THR IA 93 -22.15 42.02 -27.44
C THR IA 93 -21.59 41.26 -28.65
N LEU IA 94 -20.71 41.90 -29.31
CA LEU IA 94 -20.08 41.56 -30.53
C LEU IA 94 -18.58 41.39 -30.32
N TYR IA 95 -18.13 40.12 -30.33
CA TYR IA 95 -16.71 39.75 -30.20
C TYR IA 95 -16.19 39.19 -31.51
N GLY IA 96 -14.96 39.43 -31.88
CA GLY IA 96 -14.38 38.92 -33.12
C GLY IA 96 -14.67 39.76 -34.35
N PHE IA 97 -15.04 39.17 -35.49
CA PHE IA 97 -15.20 39.83 -36.81
C PHE IA 97 -13.78 40.42 -37.14
N ASN IA 98 -13.56 41.73 -37.23
CA ASN IA 98 -12.28 42.38 -37.61
C ASN IA 98 -11.58 43.07 -36.44
N ASN IA 99 -12.04 42.81 -35.29
CA ASN IA 99 -11.60 43.25 -34.02
C ASN IA 99 -11.72 44.77 -33.85
N LEU IA 100 -12.77 45.33 -34.44
CA LEU IA 100 -13.18 46.73 -34.37
C LEU IA 100 -13.92 47.16 -33.10
N VAL IA 101 -14.74 46.34 -32.54
CA VAL IA 101 -15.53 46.53 -31.34
C VAL IA 101 -15.07 45.65 -30.18
N ASP IA 102 -15.22 44.34 -30.28
CA ASP IA 102 -14.95 43.46 -29.18
C ASP IA 102 -15.55 43.92 -27.87
N GLY IA 103 -16.81 44.21 -27.96
CA GLY IA 103 -17.77 44.56 -27.03
C GLY IA 103 -19.21 44.90 -27.29
N TRP IA 104 -19.67 45.74 -26.43
CA TRP IA 104 -21.03 46.19 -26.33
C TRP IA 104 -21.29 47.26 -27.36
N THR IA 105 -22.31 47.08 -28.07
CA THR IA 105 -22.77 47.90 -29.16
C THR IA 105 -24.12 48.55 -28.94
N GLY IA 106 -24.60 48.53 -27.77
CA GLY IA 106 -25.83 49.11 -27.42
C GLY IA 106 -25.74 50.63 -27.40
N GLU IA 107 -26.88 51.26 -27.31
CA GLU IA 107 -27.07 52.71 -27.15
C GLU IA 107 -26.79 53.19 -25.78
N GLY IA 108 -27.16 52.46 -24.79
CA GLY IA 108 -26.99 52.96 -23.47
C GLY IA 108 -28.17 53.89 -23.21
N VAL IA 109 -28.01 54.86 -22.32
CA VAL IA 109 -29.16 55.42 -21.58
C VAL IA 109 -29.36 56.93 -21.81
N VAL IA 110 -28.51 57.58 -22.56
CA VAL IA 110 -28.42 59.02 -22.78
C VAL IA 110 -28.81 59.27 -24.24
N PRO IA 111 -30.17 59.53 -24.67
CA PRO IA 111 -30.92 59.89 -26.14
C PRO IA 111 -30.22 61.22 -26.46
N ASN IA 112 -29.67 61.41 -27.67
CA ASN IA 112 -29.03 62.65 -28.21
C ASN IA 112 -27.65 62.92 -27.63
N SER IA 113 -26.88 61.85 -27.39
CA SER IA 113 -25.39 61.78 -27.31
C SER IA 113 -24.95 60.38 -27.78
N GLU IA 114 -23.69 60.21 -28.07
CA GLU IA 114 -23.11 58.89 -28.37
C GLU IA 114 -22.31 58.45 -27.17
N ARG IA 115 -22.37 57.16 -26.79
CA ARG IA 115 -21.42 56.47 -25.89
C ARG IA 115 -20.02 56.72 -26.43
N PRO IA 116 -18.78 57.02 -25.66
CA PRO IA 116 -17.41 57.12 -26.15
C PRO IA 116 -16.78 55.89 -26.70
N ASP IA 117 -17.17 54.72 -26.27
CA ASP IA 117 -16.63 53.49 -26.86
C ASP IA 117 -17.08 53.34 -28.33
N LYS IA 118 -18.24 53.87 -28.69
CA LYS IA 118 -18.72 53.95 -30.08
C LYS IA 118 -17.84 54.85 -30.98
N LEU IA 119 -17.60 56.05 -30.54
CA LEU IA 119 -16.67 57.00 -31.14
C LEU IA 119 -15.28 56.47 -31.21
N GLU IA 120 -14.78 55.75 -30.22
CA GLU IA 120 -13.55 55.04 -30.32
C GLU IA 120 -13.56 54.07 -31.49
N ALA IA 121 -14.48 53.13 -31.49
CA ALA IA 121 -14.71 52.22 -32.57
C ALA IA 121 -14.69 52.88 -33.93
N ILE IA 122 -15.44 53.94 -34.05
CA ILE IA 122 -15.58 54.62 -35.32
C ILE IA 122 -14.24 55.21 -35.76
N ARG IA 123 -13.49 55.75 -34.83
N ARG IA 123 -13.48 55.75 -34.82
CA ARG IA 123 -12.16 56.27 -35.10
CA ARG IA 123 -12.14 56.24 -35.10
C ARG IA 123 -11.20 55.16 -35.49
C ARG IA 123 -11.22 55.12 -35.52
N ARG IA 124 -11.36 54.15 -34.95
CA ARG IA 124 -10.42 52.99 -35.15
C ARG IA 124 -10.66 52.40 -36.53
N ALA IA 125 -11.87 52.10 -36.96
CA ALA IA 125 -12.27 51.85 -38.33
C ALA IA 125 -11.60 52.72 -39.34
N ALA IA 126 -11.60 53.97 -39.07
CA ALA IA 126 -11.04 54.97 -39.99
C ALA IA 126 -9.58 54.76 -40.25
N GLU IA 127 -8.80 54.46 -39.27
CA GLU IA 127 -7.38 54.34 -39.38
C GLU IA 127 -6.81 52.94 -39.57
N ARG IA 128 -7.59 51.87 -39.43
CA ARG IA 128 -7.49 50.53 -39.94
C ARG IA 128 -7.90 50.41 -41.43
N GLY IA 129 -8.39 51.44 -42.03
CA GLY IA 129 -8.79 51.49 -43.40
C GLY IA 129 -10.15 51.17 -43.91
N PHE IA 130 -11.09 51.18 -43.05
CA PHE IA 130 -12.47 50.81 -43.29
C PHE IA 130 -13.22 52.05 -43.79
N LYS IA 131 -13.51 52.05 -45.10
CA LYS IA 131 -13.96 53.17 -45.89
C LYS IA 131 -15.33 53.67 -45.47
N SER IA 132 -15.43 54.92 -45.14
CA SER IA 132 -16.63 55.74 -44.96
C SER IA 132 -16.88 56.91 -45.86
N PRO JA 1 -39.37 42.51 -42.10
CA PRO JA 1 -39.94 42.23 -43.38
C PRO JA 1 -40.97 41.07 -43.41
N GLN JA 2 -41.55 40.82 -44.56
CA GLN JA 2 -42.59 39.79 -44.74
C GLN JA 2 -42.09 38.80 -45.79
N ILE JA 3 -42.22 37.51 -45.58
CA ILE JA 3 -41.78 36.43 -46.48
C ILE JA 3 -42.95 35.45 -46.63
N SER JA 4 -43.15 34.90 -47.79
CA SER JA 4 -44.08 33.83 -48.11
C SER JA 4 -43.66 32.53 -47.44
N ARG JA 5 -44.69 31.79 -47.02
CA ARG JA 5 -44.57 30.45 -46.43
C ARG JA 5 -43.72 29.56 -47.29
N GLN JA 6 -43.95 29.59 -48.58
CA GLN JA 6 -43.31 28.74 -49.49
C GLN JA 6 -41.83 29.00 -49.55
N GLU JA 7 -41.46 30.24 -49.40
CA GLU JA 7 -40.09 30.66 -49.40
C GLU JA 7 -39.41 30.37 -48.07
N TYR JA 8 -40.13 30.64 -47.02
CA TYR JA 8 -39.75 30.31 -45.66
C TYR JA 8 -39.44 28.80 -45.57
N ALA JA 9 -40.32 27.92 -46.06
CA ALA JA 9 -40.25 26.48 -45.95
C ALA JA 9 -39.01 25.94 -46.63
N GLY JA 10 -38.77 26.42 -47.82
CA GLY JA 10 -37.59 26.20 -48.54
C GLY JA 10 -36.31 26.55 -47.85
N LEU JA 11 -36.33 27.50 -47.01
CA LEU JA 11 -35.17 27.85 -46.21
C LEU JA 11 -35.05 27.08 -44.90
N PHE JA 12 -36.11 26.85 -44.27
CA PHE JA 12 -36.20 26.46 -42.89
C PHE JA 12 -37.10 25.28 -42.57
N GLY JA 13 -37.69 24.72 -43.52
CA GLY JA 13 -38.74 23.83 -43.43
C GLY JA 13 -40.07 24.27 -42.91
N PRO JA 14 -40.96 23.31 -42.68
CA PRO JA 14 -42.31 23.64 -42.25
C PRO JA 14 -42.51 24.26 -40.91
N THR JA 15 -43.46 25.18 -40.74
CA THR JA 15 -43.74 25.77 -39.43
C THR JA 15 -45.16 25.45 -38.95
N THR JA 16 -45.64 25.98 -37.83
CA THR JA 16 -46.97 25.73 -37.22
C THR JA 16 -48.09 25.86 -38.26
N GLY JA 17 -48.96 24.86 -38.42
CA GLY JA 17 -50.04 24.82 -39.40
C GLY JA 17 -49.67 24.09 -40.66
N ASP JA 18 -48.41 23.91 -40.99
CA ASP JA 18 -47.97 23.20 -42.10
C ASP JA 18 -48.09 21.71 -41.79
N LYS JA 19 -48.45 21.01 -42.83
N LYS JA 19 -48.44 21.01 -42.82
CA LYS JA 19 -48.70 19.58 -42.90
CA LYS JA 19 -48.69 19.59 -42.91
C LYS JA 19 -47.68 18.78 -43.75
C LYS JA 19 -47.67 18.78 -43.76
N ILE JA 20 -47.23 17.65 -43.25
CA ILE JA 20 -46.28 16.74 -43.88
C ILE JA 20 -46.87 15.33 -44.03
N ARG JA 21 -46.84 14.88 -45.23
CA ARG JA 21 -47.09 13.55 -45.70
C ARG JA 21 -45.92 12.64 -45.30
N LEU JA 22 -46.30 11.56 -44.64
CA LEU JA 22 -45.41 10.52 -44.15
C LEU JA 22 -45.37 9.49 -45.25
N GLY JA 23 -44.47 9.54 -46.14
CA GLY JA 23 -44.22 8.71 -47.22
C GLY JA 23 -45.17 8.75 -48.30
N ASP JA 24 -45.46 7.56 -48.75
CA ASP JA 24 -46.51 7.24 -49.63
C ASP JA 24 -47.77 6.84 -48.95
N THR JA 25 -47.83 7.02 -47.65
CA THR JA 25 -49.05 6.85 -46.89
C THR JA 25 -49.97 8.08 -47.13
N ASN JA 26 -51.17 7.95 -46.67
CA ASN JA 26 -52.23 8.91 -46.47
C ASN JA 26 -52.30 9.50 -45.08
N LEU JA 27 -51.26 9.41 -44.35
CA LEU JA 27 -51.06 10.06 -43.12
C LEU JA 27 -50.27 11.38 -43.29
N PHE JA 28 -50.80 12.35 -42.69
CA PHE JA 28 -50.46 13.77 -42.68
C PHE JA 28 -50.40 14.23 -41.26
N ILE JA 29 -49.39 14.48 -40.88
CA ILE JA 29 -48.98 15.16 -39.69
C ILE JA 29 -48.97 16.66 -39.93
N GLU JA 30 -49.19 17.35 -38.88
CA GLU JA 30 -49.31 18.79 -38.72
C GLU JA 30 -48.51 19.27 -37.51
N ILE JA 31 -47.75 20.31 -37.70
CA ILE JA 31 -46.97 20.98 -36.70
C ILE JA 31 -47.91 21.78 -35.81
N GLU JA 32 -47.91 21.43 -34.56
CA GLU JA 32 -48.68 21.92 -33.47
C GLU JA 32 -48.11 23.21 -32.91
N LYS JA 33 -46.80 23.22 -32.74
CA LYS JA 33 -46.02 24.27 -32.08
C LYS JA 33 -44.66 24.50 -32.75
N ASP JA 34 -44.20 25.74 -32.81
CA ASP JA 34 -42.93 26.18 -33.30
C ASP JA 34 -42.27 26.92 -32.17
N LEU JA 35 -41.29 26.30 -31.63
CA LEU JA 35 -40.50 26.80 -30.56
C LEU JA 35 -39.31 27.67 -30.94
N ARG JA 36 -39.03 27.87 -32.20
CA ARG JA 36 -37.74 28.53 -32.50
C ARG JA 36 -37.91 29.88 -33.18
N GLY JA 37 -38.87 30.70 -32.69
CA GLY JA 37 -39.22 32.12 -33.08
C GLY JA 37 -39.35 32.33 -34.57
N TYR JA 38 -38.97 33.50 -35.09
CA TYR JA 38 -38.81 33.87 -36.53
C TYR JA 38 -37.70 34.92 -36.70
N GLY JA 39 -36.99 34.99 -37.83
CA GLY JA 39 -35.90 35.94 -38.04
C GLY JA 39 -34.55 35.63 -37.42
N GLU JA 40 -34.34 34.68 -36.51
CA GLU JA 40 -32.98 34.41 -35.94
C GLU JA 40 -32.59 32.92 -36.11
N GLU JA 41 -32.97 32.33 -37.17
CA GLU JA 41 -32.97 30.92 -37.50
C GLU JA 41 -31.52 30.40 -37.65
N SER JA 42 -31.14 29.49 -36.81
CA SER JA 42 -29.86 28.82 -36.75
C SER JA 42 -29.66 27.74 -37.78
N VAL JA 43 -28.79 28.00 -38.73
CA VAL JA 43 -28.37 27.11 -39.80
C VAL JA 43 -26.85 27.16 -40.02
N TYR JA 44 -26.32 25.99 -40.30
CA TYR JA 44 -24.93 25.70 -40.51
C TYR JA 44 -24.76 25.95 -41.99
N GLY JA 45 -23.76 26.67 -42.27
CA GLY JA 45 -23.17 26.78 -43.57
C GLY JA 45 -22.29 28.02 -43.77
N GLY JA 46 -21.62 28.03 -44.90
CA GLY JA 46 -20.97 29.17 -45.52
C GLY JA 46 -21.94 30.26 -45.83
N GLY JA 47 -21.67 31.34 -45.18
CA GLY JA 47 -22.41 32.53 -45.16
C GLY JA 47 -23.68 32.59 -44.34
N LYS JA 48 -23.88 31.68 -43.46
CA LYS JA 48 -25.03 31.46 -42.68
C LYS JA 48 -24.85 31.89 -41.25
N SER JA 49 -25.77 31.51 -40.42
CA SER JA 49 -25.99 32.10 -39.10
C SER JA 49 -25.13 31.52 -37.97
N LEU JA 50 -24.74 30.28 -38.01
CA LEU JA 50 -23.95 29.57 -37.00
C LEU JA 50 -22.49 29.70 -37.35
N ARG JA 51 -22.04 30.94 -37.34
CA ARG JA 51 -20.66 31.36 -37.62
C ARG JA 51 -20.21 32.04 -36.34
N ASP JA 52 -18.93 32.23 -36.26
CA ASP JA 52 -18.24 32.73 -35.10
C ASP JA 52 -18.59 34.18 -34.80
N GLY JA 53 -19.08 34.43 -33.64
CA GLY JA 53 -19.56 35.61 -32.96
C GLY JA 53 -20.94 36.11 -33.28
N MET JA 54 -21.52 35.40 -34.21
N MET JA 54 -21.52 35.40 -34.21
CA MET JA 54 -22.85 35.70 -34.74
CA MET JA 54 -22.86 35.70 -34.74
C MET JA 54 -23.82 34.65 -34.03
C MET JA 54 -23.82 34.65 -34.03
N GLY JA 55 -24.49 33.68 -34.66
CA GLY JA 55 -25.31 32.68 -34.09
C GLY JA 55 -24.60 31.78 -33.10
N ALA JA 56 -23.33 31.52 -33.34
CA ALA JA 56 -22.38 30.93 -32.45
C ALA JA 56 -21.54 31.86 -31.59
N ASN JA 57 -21.63 31.60 -30.33
CA ASN JA 57 -20.84 32.04 -29.30
C ASN JA 57 -19.43 31.53 -29.50
N ASN JA 58 -18.52 32.41 -29.29
CA ASN JA 58 -17.10 32.29 -29.55
C ASN JA 58 -16.20 32.63 -28.36
N HIS JA 59 -16.72 32.82 -27.24
CA HIS JA 59 -16.05 33.20 -26.07
C HIS JA 59 -16.25 32.33 -24.82
N LEU JA 60 -17.24 31.51 -24.79
CA LEU JA 60 -17.60 30.60 -23.76
C LEU JA 60 -16.94 29.22 -23.94
N THR JA 61 -16.30 28.77 -22.88
CA THR JA 61 -15.81 27.44 -22.68
C THR JA 61 -17.00 26.52 -22.42
N ARG JA 62 -16.73 25.28 -22.51
CA ARG JA 62 -17.77 24.26 -22.59
C ARG JA 62 -18.54 24.09 -21.28
N ASP JA 63 -17.94 24.45 -20.17
CA ASP JA 63 -18.37 24.30 -18.81
C ASP JA 63 -19.42 25.32 -18.38
N ASN JA 64 -19.59 26.38 -19.12
CA ASN JA 64 -20.76 27.20 -19.31
C ASN JA 64 -21.99 26.61 -19.95
N GLY JA 65 -21.93 25.37 -20.21
CA GLY JA 65 -23.07 24.63 -20.70
C GLY JA 65 -23.29 24.69 -22.19
N VAL JA 66 -22.28 25.09 -22.94
CA VAL JA 66 -22.29 25.01 -24.36
C VAL JA 66 -22.49 23.56 -24.80
N LEU JA 67 -23.23 23.41 -25.82
CA LEU JA 67 -23.61 22.18 -26.44
C LEU JA 67 -22.41 21.51 -27.12
N ASP JA 68 -22.49 20.23 -27.17
CA ASP JA 68 -21.69 19.30 -27.99
C ASP JA 68 -22.25 19.04 -29.38
N LEU JA 69 -23.53 19.15 -29.56
CA LEU JA 69 -24.26 18.96 -30.76
C LEU JA 69 -25.64 19.68 -30.71
N VAL JA 70 -26.04 20.12 -31.84
CA VAL JA 70 -27.31 20.77 -32.17
C VAL JA 70 -27.88 20.28 -33.47
N ILE JA 71 -29.14 19.95 -33.42
CA ILE JA 71 -29.99 19.55 -34.50
C ILE JA 71 -31.00 20.67 -34.66
N THR JA 72 -30.96 21.31 -35.77
CA THR JA 72 -31.62 22.54 -36.13
C THR JA 72 -32.81 22.42 -37.01
N ASN JA 73 -33.78 23.17 -36.68
CA ASN JA 73 -34.96 23.37 -37.41
C ASN JA 73 -35.70 22.04 -37.77
N VAL JA 74 -35.86 21.22 -36.80
CA VAL JA 74 -36.35 19.85 -36.93
C VAL JA 74 -37.71 19.68 -36.37
N THR JA 75 -38.42 18.90 -37.07
CA THR JA 75 -39.73 18.35 -36.74
C THR JA 75 -39.66 17.07 -35.91
N ILE JA 76 -39.98 17.21 -34.70
CA ILE JA 76 -40.07 16.25 -33.61
C ILE JA 76 -41.46 15.60 -33.56
N VAL JA 77 -41.46 14.34 -33.81
CA VAL JA 77 -42.56 13.39 -33.70
C VAL JA 77 -42.23 12.44 -32.55
N ASP JA 78 -42.87 12.72 -31.45
CA ASP JA 78 -42.69 12.04 -30.14
C ASP JA 78 -44.05 11.86 -29.41
N ALA JA 79 -44.28 10.71 -28.75
CA ALA JA 79 -45.54 10.32 -28.09
C ALA JA 79 -45.84 11.12 -26.84
N ARG JA 80 -44.87 11.68 -26.19
CA ARG JA 80 -45.05 12.60 -25.11
C ARG JA 80 -45.00 14.11 -25.46
N LEU JA 81 -44.17 14.55 -26.39
CA LEU JA 81 -44.10 15.98 -26.81
C LEU JA 81 -45.07 16.33 -27.93
N GLY JA 82 -45.48 15.35 -28.69
CA GLY JA 82 -46.31 15.54 -29.86
C GLY JA 82 -45.49 15.84 -31.15
N VAL JA 83 -45.97 16.68 -32.00
CA VAL JA 83 -45.55 17.20 -33.30
C VAL JA 83 -45.17 18.69 -33.24
N ILE JA 84 -43.89 18.92 -33.01
CA ILE JA 84 -43.34 20.29 -32.84
C ILE JA 84 -42.11 20.52 -33.73
N LYS JA 85 -41.81 21.74 -33.97
CA LYS JA 85 -40.66 22.33 -34.65
C LYS JA 85 -39.81 23.08 -33.66
N ALA JA 86 -38.61 22.65 -33.55
CA ALA JA 86 -37.60 23.00 -32.60
C ALA JA 86 -36.16 22.68 -33.03
N ASP JA 87 -35.27 23.34 -32.33
CA ASP JA 87 -33.87 23.06 -32.16
C ASP JA 87 -33.72 22.08 -30.99
N VAL JA 88 -32.87 21.08 -31.20
CA VAL JA 88 -32.48 20.07 -30.29
C VAL JA 88 -31.00 19.96 -30.11
N GLY JA 89 -30.65 20.06 -28.92
CA GLY JA 89 -29.46 20.03 -28.23
C GLY JA 89 -28.98 18.96 -27.28
N ILE JA 90 -27.83 18.52 -27.57
CA ILE JA 90 -27.14 17.45 -26.94
C ILE JA 90 -25.81 17.86 -26.38
N ARG JA 91 -25.64 17.43 -25.17
CA ARG JA 91 -24.60 17.55 -24.19
C ARG JA 91 -24.46 16.32 -23.30
N ASP JA 92 -23.28 15.84 -23.26
CA ASP JA 92 -22.75 14.70 -22.52
C ASP JA 92 -23.54 13.41 -22.80
N GLY JA 93 -23.85 13.22 -24.03
CA GLY JA 93 -24.66 12.25 -24.61
C GLY JA 93 -26.13 12.23 -24.22
N LYS JA 94 -26.60 13.28 -23.66
CA LYS JA 94 -27.92 13.61 -23.17
C LYS JA 94 -28.53 14.87 -23.83
N ILE JA 95 -29.83 14.84 -23.98
CA ILE JA 95 -30.77 15.88 -24.42
C ILE JA 95 -30.84 16.91 -23.31
N ALA JA 96 -30.27 18.08 -23.56
CA ALA JA 96 -30.19 19.25 -22.71
C ALA JA 96 -31.30 20.27 -22.88
N GLY JA 97 -31.90 20.30 -23.96
CA GLY JA 97 -32.87 21.20 -24.37
C GLY JA 97 -33.49 20.98 -25.73
N ILE JA 98 -34.76 21.49 -25.93
CA ILE JA 98 -35.64 21.49 -27.09
C ILE JA 98 -36.19 22.92 -27.13
N GLY JA 99 -35.97 23.69 -28.17
CA GLY JA 99 -36.31 25.11 -28.13
C GLY JA 99 -35.58 25.86 -29.22
N LYS JA 100 -35.14 27.05 -28.91
CA LYS JA 100 -34.41 27.95 -29.80
C LYS JA 100 -32.93 27.91 -29.39
N SER JA 101 -32.08 27.47 -30.24
CA SER JA 101 -30.62 27.51 -30.15
C SER JA 101 -30.04 28.82 -30.71
N GLY JA 102 -28.93 29.23 -30.26
CA GLY JA 102 -27.98 30.30 -30.65
C GLY JA 102 -27.16 30.89 -29.55
N ASN JA 103 -26.79 32.09 -29.81
CA ASN JA 103 -25.91 32.98 -29.12
C ASN JA 103 -26.66 34.12 -28.43
N PRO JA 104 -26.83 34.06 -27.13
CA PRO JA 104 -27.53 35.08 -26.38
C PRO JA 104 -26.87 36.49 -26.44
N GLY JA 105 -25.63 36.57 -26.85
CA GLY JA 105 -24.99 37.87 -27.05
C GLY JA 105 -25.64 38.76 -28.09
N VAL JA 106 -26.16 38.16 -29.12
CA VAL JA 106 -26.60 38.74 -30.37
C VAL JA 106 -28.02 38.39 -30.77
N MET JA 107 -28.73 37.62 -29.96
CA MET JA 107 -29.99 36.98 -30.19
C MET JA 107 -30.85 37.04 -28.95
N ASP JA 108 -32.05 37.31 -29.20
CA ASP JA 108 -33.11 37.19 -28.27
C ASP JA 108 -33.70 35.77 -28.39
N GLY JA 109 -34.18 35.31 -27.27
CA GLY JA 109 -34.93 34.11 -27.12
C GLY JA 109 -34.25 32.79 -27.22
N VAL JA 110 -32.97 32.70 -26.87
CA VAL JA 110 -32.26 31.45 -26.84
C VAL JA 110 -32.65 30.65 -25.61
N THR JA 111 -33.10 29.48 -25.85
CA THR JA 111 -33.49 28.61 -24.75
C THR JA 111 -32.29 28.36 -23.85
N PRO JA 112 -32.42 28.48 -22.58
CA PRO JA 112 -31.34 28.09 -21.70
C PRO JA 112 -30.90 26.67 -21.90
N GLY JA 113 -29.65 26.50 -21.90
CA GLY JA 113 -29.05 25.27 -22.26
C GLY JA 113 -28.76 25.00 -23.71
N LEU JA 114 -29.31 25.76 -24.62
CA LEU JA 114 -29.13 25.68 -26.04
C LEU JA 114 -28.13 26.72 -26.66
N VAL JA 115 -27.13 27.05 -25.92
CA VAL JA 115 -26.03 27.86 -26.38
C VAL JA 115 -25.08 27.08 -27.26
N VAL JA 116 -25.02 27.44 -28.44
CA VAL JA 116 -24.13 27.02 -29.48
C VAL JA 116 -22.86 27.86 -29.38
N GLY JA 117 -21.75 27.19 -29.45
CA GLY JA 117 -20.42 27.54 -29.27
C GLY JA 117 -19.33 26.82 -29.98
N VAL JA 118 -18.16 27.06 -29.49
CA VAL JA 118 -16.91 26.50 -29.99
C VAL JA 118 -16.94 24.97 -29.97
N SER JA 119 -17.47 24.37 -28.92
CA SER JA 119 -17.79 22.94 -28.71
C SER JA 119 -18.81 22.31 -29.60
N THR JA 120 -19.63 23.03 -30.23
CA THR JA 120 -20.73 22.56 -30.97
C THR JA 120 -20.49 22.22 -32.42
N ASP JA 121 -20.88 21.03 -32.77
CA ASP JA 121 -21.28 20.51 -34.06
C ASP JA 121 -22.77 20.57 -34.32
N ALA JA 122 -23.07 20.40 -35.54
CA ALA JA 122 -24.33 20.64 -36.16
C ALA JA 122 -24.82 19.69 -37.24
N ILE JA 123 -26.06 19.44 -37.07
CA ILE JA 123 -27.01 18.75 -37.90
C ILE JA 123 -28.20 19.63 -38.27
N SER JA 124 -28.42 19.69 -39.51
CA SER JA 124 -29.45 20.39 -40.25
C SER JA 124 -30.66 19.54 -40.41
N GLY JA 125 -31.60 19.82 -39.62
CA GLY JA 125 -32.91 19.21 -39.49
C GLY JA 125 -34.08 19.76 -40.25
N GLU JA 126 -33.78 20.72 -41.11
CA GLU JA 126 -34.76 21.56 -41.79
C GLU JA 126 -35.81 20.76 -42.50
N HIS JA 127 -35.41 19.84 -43.29
CA HIS JA 127 -36.28 18.99 -44.05
C HIS JA 127 -36.42 17.57 -43.42
N LEU JA 128 -36.17 17.43 -42.13
CA LEU JA 128 -36.12 16.19 -41.38
C LEU JA 128 -37.07 16.07 -40.18
N ILE JA 129 -37.43 14.83 -39.93
CA ILE JA 129 -38.09 14.25 -38.79
C ILE JA 129 -37.13 13.46 -37.90
N LEU JA 130 -37.16 13.81 -36.74
CA LEU JA 130 -36.57 13.29 -35.57
C LEU JA 130 -37.51 12.54 -34.63
N THR JA 131 -37.19 11.37 -34.44
CA THR JA 131 -37.77 10.41 -33.55
C THR JA 131 -36.75 9.86 -32.55
N ALA JA 132 -37.28 9.50 -31.47
CA ALA JA 132 -36.74 8.49 -30.63
C ALA JA 132 -36.53 7.22 -31.44
N ALA JA 133 -35.49 6.57 -31.11
CA ALA JA 133 -35.19 5.24 -31.57
C ALA JA 133 -36.14 4.25 -30.92
N GLY JA 134 -36.55 3.38 -31.66
CA GLY JA 134 -37.27 2.23 -31.25
C GLY JA 134 -36.58 1.26 -30.38
N ILE JA 135 -37.44 0.58 -29.68
CA ILE JA 135 -37.16 -0.42 -28.73
C ILE JA 135 -37.98 -1.68 -29.00
N ASP JA 136 -37.23 -2.80 -29.27
CA ASP JA 136 -37.69 -4.16 -29.64
C ASP JA 136 -37.53 -5.05 -28.36
N THR JA 137 -38.60 -5.32 -27.70
CA THR JA 137 -38.83 -6.11 -26.52
C THR JA 137 -38.87 -7.61 -26.70
N HIS JA 138 -38.89 -8.12 -27.86
CA HIS JA 138 -39.00 -9.52 -28.17
C HIS JA 138 -37.93 -9.99 -29.19
N ILE JA 139 -36.74 -10.03 -28.76
CA ILE JA 139 -35.57 -10.41 -29.52
C ILE JA 139 -35.08 -11.77 -29.09
N HIS JA 140 -35.05 -12.59 -30.03
CA HIS JA 140 -34.31 -13.81 -30.00
C HIS JA 140 -32.88 -13.59 -30.54
N LEU JA 141 -31.93 -13.86 -29.68
CA LEU JA 141 -30.49 -13.82 -29.84
C LEU JA 141 -29.95 -15.06 -30.53
N ILE JA 142 -30.39 -15.19 -31.74
CA ILE JA 142 -30.07 -16.23 -32.60
C ILE JA 142 -28.80 -15.90 -33.40
N SER JA 143 -28.73 -14.71 -33.96
CA SER JA 143 -27.73 -14.10 -34.85
C SER JA 143 -27.30 -12.70 -34.43
N PRO JA 144 -26.01 -12.44 -34.23
CA PRO JA 144 -25.54 -11.10 -33.96
C PRO JA 144 -25.82 -10.00 -34.99
N GLN JA 145 -26.01 -10.33 -36.19
CA GLN JA 145 -26.28 -9.56 -37.39
C GLN JA 145 -27.66 -8.88 -37.41
N GLN JA 146 -28.57 -9.38 -36.62
CA GLN JA 146 -29.86 -8.78 -36.39
C GLN JA 146 -29.77 -7.29 -36.01
N ALA JA 147 -28.82 -6.94 -35.24
CA ALA JA 147 -28.51 -5.60 -34.82
C ALA JA 147 -28.38 -4.63 -35.96
N TYR JA 148 -27.81 -5.05 -37.05
CA TYR JA 148 -27.57 -4.28 -38.24
C TYR JA 148 -28.86 -4.04 -38.98
N HIS JA 149 -29.68 -5.08 -39.08
CA HIS JA 149 -31.03 -5.06 -39.71
C HIS JA 149 -31.90 -4.10 -38.86
N ALA JA 150 -31.76 -4.07 -37.60
CA ALA JA 150 -32.51 -3.27 -36.68
C ALA JA 150 -32.18 -1.76 -36.80
N LEU JA 151 -30.93 -1.44 -36.64
CA LEU JA 151 -30.38 -0.07 -36.85
C LEU JA 151 -30.79 0.54 -38.20
N SER JA 152 -30.92 -0.23 -39.14
CA SER JA 152 -31.33 0.06 -40.49
C SER JA 152 -32.83 0.31 -40.71
N ASN JA 153 -33.65 0.03 -39.74
CA ASN JA 153 -35.05 0.45 -39.52
C ASN JA 153 -35.32 1.28 -38.31
N GLY JA 154 -34.37 1.89 -37.77
CA GLY JA 154 -34.50 2.72 -36.69
C GLY JA 154 -34.69 2.23 -35.26
N VAL JA 155 -34.28 1.04 -34.97
CA VAL JA 155 -34.23 0.34 -33.71
C VAL JA 155 -32.80 0.16 -33.24
N ALA JA 156 -32.61 0.54 -32.12
CA ALA JA 156 -31.44 0.66 -31.27
C ALA JA 156 -31.42 0.12 -29.87
N THR JA 157 -32.47 -0.51 -29.40
CA THR JA 157 -32.54 -1.24 -28.17
C THR JA 157 -33.26 -2.61 -28.38
N PHE JA 158 -32.66 -3.63 -27.85
CA PHE JA 158 -33.02 -5.05 -27.84
C PHE JA 158 -33.24 -5.49 -26.36
N PHE JA 159 -34.30 -6.09 -26.12
CA PHE JA 159 -34.71 -6.85 -24.99
C PHE JA 159 -35.12 -8.24 -25.53
N GLY JA 160 -34.60 -9.19 -24.91
CA GLY JA 160 -34.61 -10.58 -25.10
C GLY JA 160 -33.50 -11.40 -24.52
N GLY JA 161 -33.34 -12.45 -25.19
CA GLY JA 161 -32.53 -13.59 -24.83
C GLY JA 161 -32.19 -14.59 -25.90
N GLY JA 162 -31.30 -15.38 -25.51
CA GLY JA 162 -30.67 -16.41 -26.19
C GLY JA 162 -29.16 -16.61 -25.92
N ILE JA 163 -28.61 -17.53 -26.67
CA ILE JA 163 -27.22 -17.95 -26.67
C ILE JA 163 -26.70 -18.40 -28.05
N GLY JA 164 -27.18 -17.79 -29.13
CA GLY JA 164 -26.95 -18.10 -30.53
C GLY JA 164 -27.90 -19.13 -31.05
N PRO JA 165 -27.66 -19.82 -32.17
CA PRO JA 165 -28.68 -20.68 -32.73
C PRO JA 165 -28.94 -22.06 -32.11
N THR JA 166 -29.15 -22.14 -30.83
CA THR JA 166 -29.54 -23.39 -30.12
C THR JA 166 -31.05 -23.52 -30.30
N ASP JA 167 -31.55 -24.71 -30.19
CA ASP JA 167 -32.99 -25.01 -30.32
C ASP JA 167 -33.84 -24.28 -29.24
N GLY JA 168 -33.31 -24.09 -28.11
CA GLY JA 168 -33.93 -23.30 -27.10
C GLY JA 168 -34.09 -21.80 -27.42
N THR JA 169 -33.13 -21.25 -28.06
CA THR JA 169 -33.12 -19.87 -28.52
C THR JA 169 -33.94 -19.72 -29.70
N ASN JA 170 -33.94 -20.67 -30.61
CA ASN JA 170 -34.79 -20.61 -31.75
C ASN JA 170 -36.27 -20.50 -31.33
N GLY JA 171 -36.63 -21.11 -30.29
CA GLY JA 171 -37.93 -20.96 -29.69
C GLY JA 171 -38.23 -20.03 -28.60
N THR JA 172 -37.26 -19.68 -27.80
CA THR JA 172 -37.56 -18.81 -26.68
C THR JA 172 -36.46 -17.75 -26.53
N THR JA 173 -36.75 -16.67 -25.88
CA THR JA 173 -36.07 -15.48 -25.37
C THR JA 173 -35.51 -15.62 -23.95
N VAL JA 174 -34.71 -16.64 -23.87
CA VAL JA 174 -34.11 -17.10 -22.61
C VAL JA 174 -32.58 -17.26 -22.79
N THR JA 175 -31.85 -16.87 -21.81
CA THR JA 175 -30.43 -16.96 -21.59
C THR JA 175 -30.34 -17.67 -20.27
N PRO JA 176 -30.29 -18.99 -20.27
CA PRO JA 176 -30.42 -19.71 -19.05
C PRO JA 176 -29.16 -19.87 -18.22
N GLY JA 177 -29.31 -19.44 -17.06
CA GLY JA 177 -28.40 -19.50 -15.99
C GLY JA 177 -27.24 -18.55 -15.93
N PRO JA 178 -26.66 -18.37 -14.77
CA PRO JA 178 -25.58 -17.43 -14.52
C PRO JA 178 -24.31 -17.50 -15.42
N TRP JA 179 -23.95 -18.65 -15.90
CA TRP JA 179 -22.84 -18.85 -16.83
C TRP JA 179 -23.14 -18.28 -18.18
N ASN JA 180 -24.19 -18.73 -18.75
CA ASN JA 180 -24.73 -18.29 -20.01
C ASN JA 180 -25.04 -16.78 -20.05
N ILE JA 181 -25.58 -16.23 -18.98
CA ILE JA 181 -25.86 -14.80 -18.82
C ILE JA 181 -24.56 -14.00 -18.91
N ARG JA 182 -23.56 -14.36 -18.14
CA ARG JA 182 -22.23 -13.75 -18.07
C ARG JA 182 -21.59 -13.68 -19.45
N GLN JA 183 -21.66 -14.75 -20.12
CA GLN JA 183 -21.21 -15.00 -21.48
C GLN JA 183 -21.84 -14.09 -22.45
N MET JA 184 -23.11 -13.95 -22.32
CA MET JA 184 -23.90 -13.20 -23.18
C MET JA 184 -23.75 -11.69 -22.93
N LEU JA 185 -23.62 -11.27 -21.70
CA LEU JA 185 -23.27 -9.91 -21.33
C LEU JA 185 -21.96 -9.47 -22.00
N ARG JA 186 -20.98 -10.30 -21.94
CA ARG JA 186 -19.65 -10.15 -22.50
C ARG JA 186 -19.64 -10.09 -24.02
N SER JA 187 -20.45 -10.83 -24.69
CA SER JA 187 -20.62 -10.89 -26.08
C SER JA 187 -21.20 -9.65 -26.67
N VAL JA 188 -22.21 -9.11 -26.04
CA VAL JA 188 -23.01 -8.01 -26.51
C VAL JA 188 -22.23 -6.72 -26.49
N GLU JA 189 -21.17 -6.67 -25.76
CA GLU JA 189 -20.13 -5.67 -25.86
C GLU JA 189 -19.65 -5.41 -27.29
N GLY JA 190 -19.79 -6.33 -28.15
CA GLY JA 190 -19.55 -6.26 -29.49
C GLY JA 190 -20.67 -5.83 -30.41
N LEU JA 191 -21.74 -5.38 -29.89
CA LEU JA 191 -22.89 -4.97 -30.59
C LEU JA 191 -23.26 -3.47 -30.42
N PRO JA 192 -23.73 -2.89 -31.38
CA PRO JA 192 -23.95 -1.46 -31.41
C PRO JA 192 -25.33 -0.95 -31.03
N VAL JA 193 -26.03 -1.77 -30.30
CA VAL JA 193 -27.31 -1.61 -29.70
C VAL JA 193 -27.28 -1.81 -28.21
N ASN JA 194 -28.15 -1.16 -27.55
CA ASN JA 194 -28.45 -1.36 -26.16
C ASN JA 194 -29.07 -2.75 -26.02
N VAL JA 195 -28.89 -3.36 -24.90
CA VAL JA 195 -29.33 -4.71 -24.53
C VAL JA 195 -29.66 -4.87 -23.06
N GLY JA 196 -30.72 -5.55 -22.89
CA GLY JA 196 -31.05 -6.24 -21.68
C GLY JA 196 -31.49 -7.68 -21.89
N ILE JA 197 -31.07 -8.49 -21.04
CA ILE JA 197 -31.20 -9.92 -21.16
C ILE JA 197 -32.26 -10.44 -20.19
N LEU JA 198 -32.99 -11.38 -20.70
CA LEU JA 198 -33.95 -12.25 -20.06
C LEU JA 198 -33.53 -13.68 -19.73
N GLY JA 199 -33.79 -14.01 -18.67
CA GLY JA 199 -33.71 -15.28 -17.99
C GLY JA 199 -34.89 -16.25 -18.04
N LYS JA 200 -34.69 -17.45 -17.59
CA LYS JA 200 -35.62 -18.56 -17.57
C LYS JA 200 -36.37 -18.55 -16.25
N GLY JA 201 -37.53 -18.34 -16.33
CA GLY JA 201 -38.52 -18.22 -15.27
C GLY JA 201 -39.10 -19.50 -14.70
N ASN JA 202 -39.04 -20.56 -15.45
CA ASN JA 202 -39.70 -21.83 -15.03
C ASN JA 202 -38.88 -22.47 -13.93
N SER JA 203 -39.14 -22.17 -12.71
CA SER JA 203 -38.48 -22.63 -11.49
C SER JA 203 -39.44 -22.89 -10.30
N TYR JA 204 -39.16 -23.84 -9.46
CA TYR JA 204 -39.99 -24.06 -8.28
C TYR JA 204 -39.51 -23.16 -7.11
N GLY JA 205 -38.35 -23.22 -6.50
CA GLY JA 205 -38.05 -22.24 -5.41
C GLY JA 205 -37.48 -20.89 -5.92
N ARG JA 206 -37.10 -20.01 -5.01
CA ARG JA 206 -36.43 -18.75 -5.21
C ARG JA 206 -34.99 -18.87 -5.73
N GLY JA 207 -34.28 -19.88 -5.38
CA GLY JA 207 -32.90 -20.08 -5.68
C GLY JA 207 -32.47 -19.84 -7.09
N PRO JA 208 -33.10 -20.59 -8.00
CA PRO JA 208 -32.76 -20.55 -9.39
C PRO JA 208 -33.08 -19.27 -10.12
N LEU JA 209 -34.01 -18.50 -9.63
CA LEU JA 209 -34.40 -17.20 -10.08
C LEU JA 209 -33.47 -16.10 -9.60
N LEU JA 210 -33.09 -16.17 -8.36
CA LEU JA 210 -32.30 -15.17 -7.68
C LEU JA 210 -30.89 -15.06 -8.30
N GLU JA 211 -30.29 -16.20 -8.53
CA GLU JA 211 -29.13 -16.62 -9.32
C GLU JA 211 -28.98 -15.80 -10.56
N GLN JA 212 -29.98 -15.82 -11.35
CA GLN JA 212 -29.97 -15.20 -12.63
C GLN JA 212 -30.11 -13.64 -12.51
N ALA JA 213 -30.92 -13.20 -11.60
CA ALA JA 213 -31.12 -11.84 -11.12
C ALA JA 213 -29.79 -11.15 -10.77
N ILE JA 214 -29.03 -11.72 -9.89
CA ILE JA 214 -27.74 -11.26 -9.49
C ILE JA 214 -26.72 -11.30 -10.67
N ALA JA 215 -26.78 -12.36 -11.45
CA ALA JA 215 -25.93 -12.57 -12.66
C ALA JA 215 -26.18 -11.40 -13.63
N GLY JA 216 -27.31 -10.69 -13.58
CA GLY JA 216 -27.57 -9.46 -14.35
C GLY JA 216 -28.85 -9.37 -15.18
N VAL JA 217 -29.81 -10.32 -15.21
CA VAL JA 217 -31.00 -10.22 -16.10
C VAL JA 217 -31.92 -9.06 -15.67
N VAL JA 218 -32.72 -8.56 -16.55
CA VAL JA 218 -33.71 -7.52 -16.45
C VAL JA 218 -35.15 -8.02 -16.39
N GLY JA 219 -35.27 -9.32 -16.41
CA GLY JA 219 -36.44 -9.98 -16.60
C GLY JA 219 -36.35 -11.51 -16.64
N TYR JA 220 -37.44 -12.10 -16.51
CA TYR JA 220 -37.71 -13.53 -16.66
C TYR JA 220 -38.76 -13.79 -17.73
N VAL JA 222 -41.10 -16.63 -19.17
CA VAL JA 222 -42.01 -17.77 -19.09
C VAL JA 222 -42.66 -18.19 -20.43
N HIS JA 223 -42.17 -19.30 -20.86
CA HIS JA 223 -42.39 -19.96 -22.14
C HIS JA 223 -42.90 -21.41 -22.00
N GLU JA 224 -43.87 -21.79 -22.85
CA GLU JA 224 -44.46 -23.15 -22.95
C GLU JA 224 -43.43 -24.23 -23.15
N ASP JA 225 -42.54 -23.98 -24.04
CA ASP JA 225 -41.40 -24.78 -24.40
C ASP JA 225 -40.53 -25.26 -23.27
N TRP JA 226 -40.48 -24.50 -22.25
CA TRP JA 226 -39.79 -24.90 -21.02
C TRP JA 226 -40.80 -25.15 -19.88
N GLY JA 227 -42.11 -25.11 -20.15
CA GLY JA 227 -43.25 -25.11 -19.19
C GLY JA 227 -43.90 -23.79 -18.80
N ALA JA 228 -45.04 -23.39 -19.35
CA ALA JA 228 -45.80 -22.15 -19.00
C ALA JA 228 -46.91 -22.46 -17.93
N THR JA 229 -46.53 -23.06 -16.86
CA THR JA 229 -47.27 -23.53 -15.70
C THR JA 229 -47.68 -22.41 -14.78
N ALA JA 230 -48.68 -22.68 -13.93
CA ALA JA 230 -49.08 -21.78 -12.91
C ALA JA 230 -47.97 -21.56 -11.92
N ASN JA 231 -47.27 -22.59 -11.65
CA ASN JA 231 -46.12 -22.61 -10.78
C ASN JA 231 -45.06 -21.60 -11.24
N ALA JA 232 -44.66 -21.72 -12.47
CA ALA JA 232 -43.71 -20.86 -13.15
C ALA JA 232 -44.04 -19.40 -12.97
N LEU JA 233 -45.23 -19.05 -13.38
CA LEU JA 233 -45.82 -17.75 -13.26
C LEU JA 233 -45.74 -17.20 -11.89
N ARG JA 234 -46.29 -17.89 -10.97
CA ARG JA 234 -46.36 -17.52 -9.61
C ARG JA 234 -45.00 -17.24 -9.02
N HIS JA 235 -44.03 -18.12 -9.22
CA HIS JA 235 -42.76 -17.92 -8.57
C HIS JA 235 -41.95 -16.77 -9.25
N SER JA 236 -41.96 -16.70 -10.54
CA SER JA 236 -41.44 -15.66 -11.42
C SER JA 236 -41.90 -14.25 -11.07
N LEU JA 237 -43.20 -14.08 -10.89
CA LEU JA 237 -43.77 -12.87 -10.48
C LEU JA 237 -43.47 -12.46 -9.06
N ARG JA 238 -43.49 -13.37 -8.16
CA ARG JA 238 -43.08 -13.12 -6.78
C ARG JA 238 -41.61 -12.66 -6.65
N MET JA 239 -40.75 -13.29 -7.36
CA MET JA 239 -39.37 -12.90 -7.47
C MET JA 239 -39.20 -11.54 -8.09
N ALA JA 240 -39.92 -11.27 -9.12
CA ALA JA 240 -39.92 -10.04 -9.88
C ALA JA 240 -40.21 -8.83 -9.06
N ASP JA 241 -41.19 -8.95 -8.27
CA ASP JA 241 -41.61 -7.96 -7.36
C ASP JA 241 -40.52 -7.72 -6.33
N GLU JA 242 -39.84 -8.75 -5.97
CA GLU JA 242 -38.70 -8.65 -5.08
C GLU JA 242 -37.52 -7.90 -5.74
N MET JA 243 -37.17 -8.21 -6.94
CA MET JA 243 -36.02 -7.80 -7.67
C MET JA 243 -36.18 -6.53 -8.50
N ASP JA 244 -37.35 -5.95 -8.61
CA ASP JA 244 -37.75 -4.94 -9.55
C ASP JA 244 -37.29 -5.18 -10.97
N ILE JA 245 -37.74 -6.25 -11.46
CA ILE JA 245 -37.65 -6.67 -12.79
C ILE JA 245 -38.97 -7.18 -13.36
N GLN JA 246 -39.01 -7.28 -14.64
CA GLN JA 246 -40.13 -7.66 -15.46
C GLN JA 246 -40.25 -9.15 -15.75
N VAL JA 247 -41.43 -9.55 -16.07
CA VAL JA 247 -41.82 -10.87 -16.51
C VAL JA 247 -42.65 -10.76 -17.76
N SER JA 248 -42.24 -11.45 -18.75
CA SER JA 248 -42.75 -11.68 -20.03
C SER JA 248 -43.19 -13.16 -20.14
N VAL JA 249 -44.23 -13.40 -20.91
CA VAL JA 249 -44.94 -14.66 -21.10
C VAL JA 249 -45.44 -14.93 -22.49
N HIS JA 250 -45.21 -16.15 -22.83
CA HIS JA 250 -45.65 -17.00 -23.93
C HIS JA 250 -46.41 -18.20 -23.33
N THR JA 251 -47.71 -18.11 -23.41
CA THR JA 251 -48.63 -19.01 -22.66
C THR JA 251 -48.77 -20.37 -23.37
N ASP JA 252 -49.33 -21.30 -22.65
CA ASP JA 252 -49.63 -22.69 -23.01
C ASP JA 252 -50.64 -22.73 -24.20
N SER JA 253 -50.24 -23.03 -25.40
CA SER JA 253 -51.11 -23.09 -26.60
C SER JA 253 -52.06 -24.32 -26.62
N LEU JA 254 -51.65 -25.39 -26.03
CA LEU JA 254 -52.30 -26.71 -25.93
C LEU JA 254 -53.42 -26.87 -24.89
N ASN JA 255 -53.58 -25.93 -24.07
CA ASN JA 255 -54.41 -25.81 -22.89
C ASN JA 255 -54.21 -26.94 -21.79
N GLU JA 256 -53.00 -27.52 -21.82
CA GLU JA 256 -52.56 -28.63 -20.97
C GLU JA 256 -52.89 -28.38 -19.49
N CYS JA 257 -52.32 -27.39 -18.82
CA CYS JA 257 -52.53 -27.20 -17.40
C CYS JA 257 -53.70 -26.26 -17.14
N GLY JA 258 -54.42 -25.77 -18.16
CA GLY JA 258 -55.38 -24.70 -18.08
C GLY JA 258 -55.75 -23.97 -19.35
N TYR JA 259 -56.80 -23.21 -19.21
CA TYR JA 259 -57.33 -22.23 -20.10
C TYR JA 259 -56.80 -20.88 -19.67
N VAL JA 260 -56.95 -19.93 -20.53
CA VAL JA 260 -56.60 -18.53 -20.36
C VAL JA 260 -57.01 -17.91 -19.02
N GLU JA 261 -58.21 -18.16 -18.61
CA GLU JA 261 -58.73 -17.77 -17.32
C GLU JA 261 -57.89 -18.27 -16.12
N ASP JA 262 -57.40 -19.49 -16.19
CA ASP JA 262 -56.50 -20.04 -15.20
C ASP JA 262 -55.11 -19.38 -15.23
N THR JA 263 -54.59 -19.14 -16.41
CA THR JA 263 -53.39 -18.30 -16.61
C THR JA 263 -53.55 -16.96 -15.95
N ILE JA 264 -54.66 -16.34 -16.19
CA ILE JA 264 -54.97 -15.03 -15.65
C ILE JA 264 -54.89 -15.02 -14.14
N ASP JA 265 -55.39 -16.05 -13.53
CA ASP JA 265 -55.41 -16.26 -12.13
C ASP JA 265 -54.01 -16.55 -11.57
N ALA JA 266 -53.15 -17.20 -12.35
CA ALA JA 266 -51.74 -17.40 -12.07
C ALA JA 266 -50.98 -16.09 -12.02
N PHE JA 267 -51.38 -15.09 -12.79
CA PHE JA 267 -50.80 -13.75 -12.73
C PHE JA 267 -51.01 -13.07 -11.38
N GLU JA 268 -52.11 -13.30 -10.74
CA GLU JA 268 -52.39 -12.93 -9.39
C GLU JA 268 -52.26 -11.37 -9.18
N GLY JA 269 -52.83 -10.68 -10.06
CA GLY JA 269 -52.93 -9.28 -10.38
C GLY JA 269 -51.64 -8.45 -10.56
N ARG JA 270 -50.55 -9.16 -10.63
CA ARG JA 270 -49.18 -8.76 -10.71
C ARG JA 270 -48.84 -8.31 -12.13
N THR JA 271 -48.01 -7.29 -12.23
CA THR JA 271 -47.58 -6.78 -13.51
C THR JA 271 -46.87 -7.83 -14.38
N ILE JA 272 -47.28 -7.89 -15.60
CA ILE JA 272 -46.83 -8.78 -16.64
C ILE JA 272 -46.98 -8.28 -18.07
N HIS JA 273 -45.96 -8.63 -18.83
CA HIS JA 273 -45.80 -8.43 -20.23
C HIS JA 273 -46.12 -9.72 -21.00
N THR JA 274 -47.02 -9.62 -21.78
CA THR JA 274 -47.65 -10.61 -22.64
C THR JA 274 -47.27 -10.40 -24.07
N PHE JA 275 -46.37 -11.26 -24.63
CA PHE JA 275 -45.90 -11.34 -26.03
C PHE JA 275 -47.01 -11.85 -26.96
N HIS JA 276 -46.93 -11.60 -28.23
CA HIS JA 276 -47.89 -12.07 -29.25
C HIS JA 276 -49.28 -12.34 -28.63
N THR JA 277 -49.95 -11.28 -28.15
CA THR JA 277 -51.20 -11.31 -27.35
C THR JA 277 -52.39 -11.94 -28.15
N GLU JA 278 -52.37 -11.82 -29.44
CA GLU JA 278 -53.28 -12.43 -30.42
C GLU JA 278 -53.28 -13.96 -30.45
N GLY JA 279 -52.13 -14.56 -30.34
CA GLY JA 279 -51.88 -15.98 -30.36
C GLY JA 279 -51.25 -16.65 -31.57
N ALA JA 280 -51.17 -16.06 -32.75
CA ALA JA 280 -50.51 -16.71 -33.91
C ALA JA 280 -49.09 -17.18 -33.58
N GLY JA 281 -48.37 -16.43 -32.76
CA GLY JA 281 -47.02 -16.65 -32.28
C GLY JA 281 -46.85 -17.50 -31.07
N GLY JA 282 -47.92 -18.07 -30.57
CA GLY JA 282 -48.08 -18.75 -29.37
C GLY JA 282 -49.14 -18.20 -28.41
N GLY JA 283 -49.80 -19.10 -27.71
CA GLY JA 283 -50.70 -18.77 -26.62
C GLY JA 283 -51.97 -19.57 -26.73
N HIS JA 284 -52.60 -19.72 -25.57
CA HIS JA 284 -53.88 -20.34 -25.29
C HIS JA 284 -54.82 -20.12 -26.46
N ALA JA 285 -55.18 -21.16 -27.04
CA ALA JA 285 -55.97 -21.14 -28.24
C ALA JA 285 -57.46 -21.28 -27.95
N PRO JA 286 -58.34 -20.51 -28.56
CA PRO JA 286 -58.24 -19.47 -29.55
C PRO JA 286 -58.07 -18.09 -28.98
N ASP JA 287 -58.06 -17.97 -27.68
CA ASP JA 287 -58.53 -16.80 -26.92
C ASP JA 287 -57.57 -16.11 -25.92
N ILE JA 288 -56.29 -16.25 -26.11
CA ILE JA 288 -55.28 -15.49 -25.35
C ILE JA 288 -55.45 -13.97 -25.37
N ILE JA 289 -56.04 -13.42 -26.40
CA ILE JA 289 -56.43 -12.01 -26.67
C ILE JA 289 -57.22 -11.30 -25.59
N ARG JA 290 -57.84 -12.08 -24.74
CA ARG JA 290 -58.64 -11.62 -23.60
C ARG JA 290 -57.85 -11.07 -22.43
N VAL JA 291 -56.58 -11.36 -22.36
CA VAL JA 291 -55.62 -10.81 -21.43
C VAL JA 291 -55.47 -9.27 -21.60
N ALA JA 292 -55.75 -8.73 -22.77
CA ALA JA 292 -55.77 -7.30 -23.13
C ALA JA 292 -56.84 -6.46 -22.42
N SER JA 293 -57.75 -7.08 -21.67
CA SER JA 293 -58.78 -6.54 -20.76
C SER JA 293 -58.34 -6.29 -19.31
N GLN JA 294 -57.36 -6.76 -18.95
CA GLN JA 294 -56.84 -6.75 -17.65
C GLN JA 294 -55.84 -5.58 -17.40
N PRO JA 295 -55.96 -4.93 -16.26
CA PRO JA 295 -55.12 -3.74 -15.91
C PRO JA 295 -53.67 -3.99 -15.60
N ASN JA 296 -53.30 -5.17 -15.29
CA ASN JA 296 -52.00 -5.66 -14.93
C ASN JA 296 -51.18 -6.21 -16.09
N VAL JA 297 -51.78 -6.35 -17.20
CA VAL JA 297 -51.25 -6.84 -18.42
C VAL JA 297 -50.86 -5.66 -19.31
N LEU JA 298 -49.66 -5.72 -19.76
CA LEU JA 298 -48.96 -4.85 -20.68
C LEU JA 298 -48.78 -5.60 -21.96
N PRO JA 299 -49.69 -5.42 -22.89
CA PRO JA 299 -49.74 -6.25 -24.04
C PRO JA 299 -48.98 -5.77 -25.25
N SER JA 300 -48.40 -6.69 -25.84
CA SER JA 300 -47.71 -6.73 -27.08
C SER JA 300 -48.18 -7.74 -28.06
N SER JA 301 -48.01 -7.39 -29.39
CA SER JA 301 -48.09 -8.20 -30.59
C SER JA 301 -46.74 -8.33 -31.29
N THR JA 302 -46.49 -9.43 -31.93
CA THR JA 302 -45.30 -9.58 -32.79
C THR JA 302 -45.67 -9.03 -34.15
N ASN JA 303 -44.69 -8.62 -34.90
CA ASN JA 303 -44.96 -7.86 -36.11
C ASN JA 303 -45.38 -8.74 -37.27
N PRO JA 304 -45.43 -10.19 -37.60
CA PRO JA 304 -45.86 -10.78 -38.89
C PRO JA 304 -47.35 -10.69 -39.25
N THR JA 305 -48.25 -10.45 -38.32
CA THR JA 305 -49.69 -10.25 -38.50
C THR JA 305 -50.16 -8.81 -38.77
N LEU JA 306 -49.32 -7.85 -38.65
CA LEU JA 306 -49.54 -6.43 -38.78
C LEU JA 306 -48.81 -5.86 -39.99
N PRO JA 307 -49.44 -5.39 -41.01
CA PRO JA 307 -50.84 -5.31 -41.16
C PRO JA 307 -51.38 -6.63 -41.64
N TYR JA 308 -52.67 -6.79 -41.58
CA TYR JA 308 -53.40 -7.95 -42.06
C TYR JA 308 -53.61 -7.87 -43.52
N GLY JA 309 -53.03 -8.81 -44.18
CA GLY JA 309 -53.08 -8.93 -45.59
C GLY JA 309 -53.57 -10.27 -46.12
N VAL JA 310 -53.76 -10.26 -47.40
CA VAL JA 310 -54.31 -11.30 -48.24
C VAL JA 310 -53.46 -12.56 -48.28
N ASN JA 311 -52.20 -12.44 -48.16
CA ASN JA 311 -51.26 -13.51 -48.03
C ASN JA 311 -50.99 -13.95 -46.60
N SER JA 312 -51.61 -13.34 -45.60
CA SER JA 312 -51.31 -13.56 -44.21
C SER JA 312 -51.67 -14.95 -43.70
N GLN JA 313 -52.74 -15.48 -44.16
CA GLN JA 313 -53.19 -16.78 -43.69
C GLN JA 313 -52.35 -17.91 -44.27
N ALA JA 314 -52.18 -17.91 -45.56
CA ALA JA 314 -51.22 -18.78 -46.27
C ALA JA 314 -49.84 -18.84 -45.67
N GLU JA 315 -49.31 -17.74 -45.27
CA GLU JA 315 -47.97 -17.64 -44.77
C GLU JA 315 -47.83 -18.32 -43.45
N LEU JA 316 -48.72 -17.98 -42.56
CA LEU JA 316 -48.69 -18.34 -41.17
C LEU JA 316 -48.91 -19.81 -40.98
N PHE JA 317 -49.88 -20.35 -41.70
CA PHE JA 317 -50.17 -21.76 -41.78
C PHE JA 317 -48.91 -22.52 -42.03
N ASP JA 318 -48.33 -22.19 -43.15
CA ASP JA 318 -47.20 -22.92 -43.63
C ASP JA 318 -46.02 -22.78 -42.69
N MET JA 319 -45.85 -21.62 -42.11
CA MET JA 319 -44.80 -21.28 -41.14
C MET JA 319 -44.80 -22.12 -39.90
N ILE JA 320 -45.96 -22.30 -39.28
CA ILE JA 320 -46.04 -23.13 -38.10
C ILE JA 320 -45.76 -24.53 -38.44
N MET JA 321 -46.34 -24.97 -39.52
CA MET JA 321 -46.14 -26.31 -39.94
C MET JA 321 -44.74 -26.62 -40.25
N VAL JA 322 -43.89 -25.63 -40.40
CA VAL JA 322 -42.48 -25.88 -40.38
C VAL JA 322 -41.82 -25.47 -39.10
N CYS JA 323 -42.30 -24.41 -38.47
CA CYS JA 323 -41.74 -23.99 -37.19
C CYS JA 323 -41.73 -25.18 -36.23
N HIS JA 324 -42.83 -25.93 -36.19
CA HIS JA 324 -43.02 -27.09 -35.32
C HIS JA 324 -42.86 -28.41 -36.07
N ASN JA 325 -42.09 -28.42 -37.13
CA ASN JA 325 -41.93 -29.60 -37.98
C ASN JA 325 -43.14 -30.55 -38.08
N LEU JA 326 -44.28 -30.02 -38.44
CA LEU JA 326 -45.41 -30.87 -38.48
C LEU JA 326 -45.45 -31.59 -39.80
N VAL JA 334 -52.77 -30.94 -37.91
CA VAL JA 334 -53.46 -29.91 -38.66
C VAL JA 334 -54.58 -29.28 -37.93
N SER JA 335 -54.81 -29.77 -36.76
CA SER JA 335 -55.85 -29.29 -35.92
C SER JA 335 -55.26 -28.48 -34.81
N PHE JA 336 -53.95 -28.63 -34.61
CA PHE JA 336 -53.16 -27.64 -33.94
C PHE JA 336 -52.97 -26.43 -34.85
N ALA JA 337 -52.90 -26.66 -36.17
CA ALA JA 337 -52.56 -25.60 -37.13
C ALA JA 337 -53.68 -24.59 -37.32
N GLU JA 338 -54.85 -25.05 -37.71
CA GLU JA 338 -56.02 -24.23 -38.03
C GLU JA 338 -56.71 -23.68 -36.79
N SER JA 339 -56.22 -24.05 -35.64
CA SER JA 339 -56.62 -23.52 -34.37
C SER JA 339 -55.67 -22.46 -33.84
N ARG JA 340 -54.47 -22.48 -34.37
CA ARG JA 340 -53.37 -21.59 -34.10
C ARG JA 340 -53.45 -20.39 -34.98
N VAL JA 341 -53.98 -20.54 -36.17
CA VAL JA 341 -53.94 -19.60 -37.22
C VAL JA 341 -55.38 -19.29 -37.62
N ARG JA 342 -55.85 -18.18 -37.10
CA ARG JA 342 -57.21 -17.72 -37.07
C ARG JA 342 -57.41 -16.36 -37.71
N PRO JA 343 -57.97 -16.30 -38.91
CA PRO JA 343 -58.20 -15.00 -39.56
C PRO JA 343 -58.93 -13.99 -38.71
N GLU JA 344 -59.87 -14.49 -37.93
CA GLU JA 344 -60.73 -13.69 -37.05
C GLU JA 344 -59.98 -12.99 -35.95
N THR JA 345 -59.04 -13.64 -35.33
CA THR JA 345 -58.33 -13.01 -34.26
C THR JA 345 -57.21 -12.08 -34.78
N ILE JA 346 -56.69 -12.36 -35.97
CA ILE JA 346 -55.65 -11.60 -36.61
C ILE JA 346 -56.19 -10.22 -36.98
N ALA JA 347 -57.32 -10.16 -37.64
CA ALA JA 347 -58.08 -8.95 -37.85
C ALA JA 347 -58.38 -8.22 -36.57
N ALA JA 348 -58.73 -8.95 -35.58
CA ALA JA 348 -59.05 -8.38 -34.32
C ALA JA 348 -57.85 -7.67 -33.71
N GLU JA 349 -56.67 -8.24 -33.85
CA GLU JA 349 -55.41 -7.69 -33.34
C GLU JA 349 -55.18 -6.27 -33.91
N ASN JA 350 -55.37 -6.10 -35.18
CA ASN JA 350 -55.29 -4.92 -36.01
C ASN JA 350 -56.20 -3.82 -35.48
N VAL JA 351 -57.41 -4.17 -35.17
CA VAL JA 351 -58.39 -3.27 -34.63
C VAL JA 351 -58.05 -2.82 -33.25
N LEU JA 352 -57.65 -3.73 -32.44
CA LEU JA 352 -57.34 -3.44 -31.08
C LEU JA 352 -56.13 -2.50 -30.91
N HIS JA 353 -55.20 -2.65 -31.80
CA HIS JA 353 -54.07 -1.75 -31.99
C HIS JA 353 -54.54 -0.34 -32.21
N ASP JA 354 -55.37 -0.14 -33.21
CA ASP JA 354 -55.98 1.11 -33.54
C ASP JA 354 -56.81 1.72 -32.46
N MET JA 355 -57.33 0.94 -31.58
CA MET JA 355 -58.09 1.37 -30.41
C MET JA 355 -57.26 1.79 -29.22
N GLY JA 356 -56.03 1.45 -29.18
CA GLY JA 356 -55.20 1.55 -28.02
C GLY JA 356 -55.34 0.47 -26.96
N VAL JA 357 -55.76 -0.69 -27.34
CA VAL JA 357 -55.94 -1.85 -26.48
C VAL JA 357 -54.72 -2.80 -26.46
N ILE JA 358 -53.99 -2.96 -27.53
CA ILE JA 358 -52.65 -3.60 -27.59
C ILE JA 358 -51.58 -2.48 -27.68
N SER JA 359 -50.69 -2.47 -26.77
CA SER JA 359 -49.91 -1.32 -26.44
C SER JA 359 -48.50 -1.22 -27.08
N MET JA 360 -47.98 -2.27 -27.65
CA MET JA 360 -46.67 -2.51 -28.23
C MET JA 360 -46.54 -3.49 -29.37
N PHE JA 361 -45.71 -3.11 -30.29
CA PHE JA 361 -45.17 -3.84 -31.36
C PHE JA 361 -43.82 -4.43 -30.93
N SER JA 362 -43.45 -5.51 -31.53
CA SER JA 362 -42.29 -6.38 -31.31
C SER JA 362 -42.08 -7.30 -32.48
N SER JA 363 -40.81 -7.91 -32.40
CA SER JA 363 -40.42 -8.68 -33.58
C SER JA 363 -40.49 -10.16 -33.31
N ASP JA 364 -40.08 -10.69 -32.41
CA ASP JA 364 -39.99 -12.13 -32.33
C ASP JA 364 -38.88 -12.67 -33.26
N SER JA 365 -37.77 -11.94 -33.36
CA SER JA 365 -36.71 -12.04 -34.38
C SER JA 365 -36.31 -13.46 -34.67
N GLN JA 366 -36.46 -13.86 -35.91
CA GLN JA 366 -36.11 -15.18 -36.45
C GLN JA 366 -36.70 -16.37 -35.71
N ALA JA 367 -37.80 -16.08 -35.07
CA ALA JA 367 -38.80 -16.90 -34.42
C ALA JA 367 -40.23 -16.35 -34.64
N MET JA 368 -40.57 -16.23 -35.87
CA MET JA 368 -41.71 -15.81 -36.63
C MET JA 368 -41.88 -14.33 -37.03
N GLY JA 369 -41.10 -13.44 -36.47
CA GLY JA 369 -41.15 -12.03 -36.91
C GLY JA 369 -39.84 -11.48 -37.47
N ARG JA 370 -39.78 -10.15 -37.74
CA ARG JA 370 -38.88 -9.42 -38.65
C ARG JA 370 -38.36 -8.13 -37.95
N VAL JA 371 -37.19 -8.27 -37.36
CA VAL JA 371 -36.35 -7.38 -36.65
C VAL JA 371 -36.08 -6.10 -37.34
N GLY JA 372 -36.13 -6.07 -38.61
CA GLY JA 372 -35.94 -4.89 -39.43
C GLY JA 372 -37.13 -4.23 -40.08
N GLU JA 373 -38.27 -4.46 -39.54
CA GLU JA 373 -39.58 -4.09 -40.03
C GLU JA 373 -40.59 -3.51 -38.99
N ASN JA 374 -40.24 -3.30 -37.77
CA ASN JA 374 -41.07 -2.74 -36.69
C ASN JA 374 -41.53 -1.31 -36.95
N TRP JA 375 -40.63 -0.43 -37.39
CA TRP JA 375 -40.98 0.95 -37.75
C TRP JA 375 -41.78 0.92 -39.04
N LEU JA 376 -41.40 0.08 -40.01
CA LEU JA 376 -42.12 -0.11 -41.28
C LEU JA 376 -43.55 -0.60 -41.05
N ARG JA 377 -43.76 -1.50 -40.10
CA ARG JA 377 -45.00 -2.20 -40.10
C ARG JA 377 -46.10 -1.39 -39.36
N VAL JA 378 -45.69 -0.73 -38.33
CA VAL JA 378 -46.33 0.29 -37.52
C VAL JA 378 -47.01 1.35 -38.39
N MET JA 379 -46.27 1.94 -39.25
CA MET JA 379 -46.71 2.88 -40.28
C MET JA 379 -47.62 2.24 -41.30
N GLN JA 380 -47.29 1.09 -41.70
CA GLN JA 380 -48.10 0.30 -42.63
C GLN JA 380 -49.53 -0.01 -42.04
N THR JA 381 -49.60 -0.31 -40.78
CA THR JA 381 -50.78 -0.61 -39.99
C THR JA 381 -51.66 0.63 -39.81
N ALA JA 382 -51.12 1.74 -39.30
CA ALA JA 382 -51.76 3.03 -39.18
C ALA JA 382 -52.47 3.45 -40.43
N ASN JA 383 -51.85 3.28 -41.54
CA ASN JA 383 -52.34 3.61 -42.85
C ASN JA 383 -53.36 2.66 -43.39
N ALA JA 384 -53.24 1.38 -43.16
CA ALA JA 384 -54.28 0.44 -43.55
C ALA JA 384 -55.56 0.70 -42.76
N MET JA 385 -55.42 0.98 -41.52
CA MET JA 385 -56.46 1.24 -40.57
C MET JA 385 -57.20 2.56 -40.79
N LYS JA 386 -56.52 3.62 -41.20
CA LYS JA 386 -57.15 4.88 -41.60
C LYS JA 386 -58.08 4.63 -42.74
N ALA JA 387 -57.62 3.92 -43.69
CA ALA JA 387 -58.37 3.53 -44.85
C ALA JA 387 -59.67 2.80 -44.46
N SER JA 388 -59.58 1.79 -43.63
CA SER JA 388 -60.72 0.95 -43.26
C SER JA 388 -61.70 1.53 -42.27
N ARG JA 389 -61.25 2.30 -41.35
CA ARG JA 389 -61.97 2.80 -40.21
C ARG JA 389 -62.23 4.28 -40.23
N GLY JA 390 -61.48 5.03 -41.01
CA GLY JA 390 -61.34 6.44 -40.94
C GLY JA 390 -60.66 7.02 -39.76
N LYS JA 391 -61.02 8.24 -39.45
CA LYS JA 391 -60.41 8.99 -38.40
C LYS JA 391 -60.84 8.47 -37.09
N LEU JA 392 -59.90 8.18 -36.31
CA LEU JA 392 -60.12 8.04 -34.94
C LEU JA 392 -60.93 9.19 -34.39
N PRO JA 393 -61.72 8.93 -33.38
CA PRO JA 393 -62.64 9.96 -32.87
C PRO JA 393 -61.96 11.14 -32.29
N GLU JA 394 -60.87 10.91 -31.60
CA GLU JA 394 -59.96 11.90 -31.06
C GLU JA 394 -59.06 12.57 -32.09
N ASP JA 395 -58.98 12.12 -33.32
CA ASP JA 395 -58.30 12.88 -34.31
C ASP JA 395 -58.97 14.24 -34.49
N ALA JA 396 -58.21 15.10 -34.80
CA ALA JA 396 -58.48 16.41 -35.34
C ALA JA 396 -58.79 16.33 -36.82
N PRO JA 397 -59.71 17.13 -37.30
CA PRO JA 397 -60.15 16.95 -38.67
C PRO JA 397 -59.14 17.14 -39.74
N GLY JA 398 -58.23 18.06 -39.58
CA GLY JA 398 -57.32 18.23 -40.66
C GLY JA 398 -56.13 17.31 -40.68
N ASN JA 399 -55.84 16.65 -39.59
CA ASN JA 399 -54.65 15.83 -39.41
C ASN JA 399 -54.80 14.50 -38.65
N ASP JA 400 -53.78 13.69 -38.86
CA ASP JA 400 -53.56 12.36 -38.37
C ASP JA 400 -52.61 12.23 -37.22
N ASN JA 401 -52.35 13.28 -36.51
CA ASN JA 401 -51.48 13.32 -35.36
C ASN JA 401 -51.86 12.33 -34.25
N PHE JA 402 -53.08 12.34 -33.78
CA PHE JA 402 -53.56 11.45 -32.75
C PHE JA 402 -53.21 10.01 -33.07
N ARG JA 403 -53.51 9.60 -34.26
CA ARG JA 403 -53.26 8.30 -34.75
C ARG JA 403 -51.78 7.94 -34.77
N VAL JA 404 -51.02 8.71 -35.52
CA VAL JA 404 -49.61 8.52 -35.70
C VAL JA 404 -48.93 8.36 -34.40
N LEU JA 405 -49.25 9.23 -33.51
N LEU JA 405 -49.23 9.22 -33.50
CA LEU JA 405 -48.69 9.29 -32.20
CA LEU JA 405 -48.63 9.23 -32.21
C LEU JA 405 -49.05 8.05 -31.34
C LEU JA 405 -49.05 8.04 -31.34
N ARG JA 406 -50.20 7.51 -31.50
CA ARG JA 406 -50.59 6.24 -30.86
C ARG JA 406 -49.59 5.13 -31.21
N TYR JA 407 -49.43 5.00 -32.51
CA TYR JA 407 -48.55 4.03 -33.21
C TYR JA 407 -47.07 4.16 -32.79
N VAL JA 408 -46.53 5.35 -32.75
CA VAL JA 408 -45.20 5.71 -32.31
C VAL JA 408 -44.93 5.34 -30.89
N ALA JA 409 -45.89 5.49 -30.04
CA ALA JA 409 -45.79 5.08 -28.68
C ALA JA 409 -45.50 3.56 -28.51
N LYS JA 410 -45.98 2.82 -29.43
CA LYS JA 410 -45.93 1.40 -29.55
C LYS JA 410 -44.49 0.86 -29.67
N ILE JA 411 -43.62 1.54 -30.42
CA ILE JA 411 -42.21 1.22 -30.66
C ILE JA 411 -41.20 2.04 -29.91
N THR JA 412 -41.61 3.03 -29.15
CA THR JA 412 -40.86 3.97 -28.38
C THR JA 412 -41.09 4.01 -26.90
N ILE JA 413 -42.02 4.75 -26.42
CA ILE JA 413 -42.12 4.99 -25.05
C ILE JA 413 -42.74 3.81 -24.27
N ASN JA 414 -43.63 3.14 -24.88
CA ASN JA 414 -44.34 2.02 -24.26
C ASN JA 414 -43.45 0.82 -23.96
N PRO JA 415 -42.75 0.27 -24.89
CA PRO JA 415 -41.68 -0.66 -24.54
C PRO JA 415 -40.73 -0.27 -23.40
N ALA JA 416 -40.32 0.93 -23.39
CA ALA JA 416 -39.47 1.46 -22.35
C ALA JA 416 -40.09 1.39 -21.02
N ILE JA 417 -41.29 1.78 -20.96
CA ILE JA 417 -42.01 1.81 -19.70
C ILE JA 417 -42.17 0.38 -19.17
N ALA JA 418 -42.49 -0.51 -20.04
CA ALA JA 418 -42.70 -1.94 -19.75
C ALA JA 418 -41.47 -2.65 -19.13
N GLN JA 419 -40.29 -2.26 -19.48
CA GLN JA 419 -39.03 -2.87 -19.12
C GLN JA 419 -38.19 -2.02 -18.12
N GLY JA 420 -38.73 -0.99 -17.69
CA GLY JA 420 -38.32 -0.03 -16.75
C GLY JA 420 -37.11 0.81 -17.04
N VAL JA 421 -37.06 1.28 -18.20
CA VAL JA 421 -36.08 2.15 -18.82
C VAL JA 421 -36.45 3.48 -19.47
N SER JA 422 -37.62 3.95 -19.17
CA SER JA 422 -38.19 5.20 -19.60
C SER JA 422 -37.56 6.37 -18.93
N HIS JA 423 -36.86 6.16 -17.90
CA HIS JA 423 -36.04 7.15 -17.29
C HIS JA 423 -34.79 7.58 -18.08
N VAL JA 424 -34.31 6.75 -18.93
CA VAL JA 424 -33.16 6.91 -19.75
C VAL JA 424 -33.33 6.91 -21.23
N ILE JA 425 -34.28 6.23 -21.72
CA ILE JA 425 -34.61 6.11 -23.10
C ILE JA 425 -36.12 6.09 -23.39
N GLY JA 426 -36.46 6.14 -24.65
CA GLY JA 426 -37.76 6.09 -25.28
C GLY JA 426 -38.60 7.26 -25.79
N SER JA 427 -38.21 8.47 -25.52
CA SER JA 427 -38.82 9.73 -25.86
C SER JA 427 -37.71 10.79 -26.02
N VAL JA 428 -38.00 11.75 -26.82
CA VAL JA 428 -37.30 12.99 -27.03
C VAL JA 428 -37.72 13.99 -26.01
N GLU JA 429 -37.05 13.99 -24.90
CA GLU JA 429 -37.36 14.73 -23.74
C GLU JA 429 -36.05 15.07 -23.01
N VAL JA 430 -36.11 16.16 -22.35
CA VAL JA 430 -35.00 16.63 -21.62
C VAL JA 430 -34.68 15.68 -20.48
N GLY JA 431 -33.45 15.43 -20.39
CA GLY JA 431 -32.68 14.59 -19.58
C GLY JA 431 -32.37 13.17 -19.99
N LYS JA 432 -32.89 12.74 -21.08
CA LYS JA 432 -32.74 11.50 -21.68
C LYS JA 432 -31.57 11.33 -22.63
N MET JA 433 -31.12 10.07 -22.66
N MET JA 433 -31.13 10.07 -22.65
CA MET JA 433 -30.01 9.56 -23.48
CA MET JA 433 -30.01 9.59 -23.48
C MET JA 433 -30.33 9.93 -24.92
C MET JA 433 -30.34 9.94 -24.92
N ALA JA 434 -29.29 10.57 -25.62
CA ALA JA 434 -29.75 10.87 -27.04
C ALA JA 434 -29.68 9.63 -27.93
N ASP JA 435 -30.70 8.73 -27.91
CA ASP JA 435 -30.99 7.52 -28.76
C ASP JA 435 -32.12 8.02 -29.71
N LEU JA 436 -31.76 8.47 -30.86
CA LEU JA 436 -32.44 9.23 -31.87
C LEU JA 436 -32.15 8.75 -33.26
N VAL JA 437 -33.14 8.91 -34.02
CA VAL JA 437 -33.34 8.67 -35.38
C VAL JA 437 -33.87 9.87 -36.14
N LEU JA 438 -33.20 10.14 -37.21
CA LEU JA 438 -33.45 11.05 -38.31
C LEU JA 438 -33.90 10.43 -39.61
N TRP JA 439 -34.99 10.90 -40.05
CA TRP JA 439 -35.68 10.51 -41.20
C TRP JA 439 -36.02 11.58 -42.22
N ASP JA 440 -35.93 11.26 -43.39
CA ASP JA 440 -36.52 11.97 -44.49
C ASP JA 440 -37.99 11.64 -44.59
N PRO JA 441 -38.89 12.63 -44.62
CA PRO JA 441 -40.30 12.33 -44.77
C PRO JA 441 -40.70 11.50 -45.86
N ARG JA 442 -40.05 11.62 -46.93
CA ARG JA 442 -40.25 10.81 -48.06
C ARG JA 442 -40.12 9.28 -47.80
N PHE JA 443 -39.30 8.90 -46.84
CA PHE JA 443 -38.84 7.59 -46.41
C PHE JA 443 -39.25 7.19 -44.98
N PHE JA 444 -40.08 7.96 -44.32
CA PHE JA 444 -40.49 7.82 -42.95
C PHE JA 444 -40.95 6.40 -42.61
N GLY JA 445 -40.39 5.83 -41.57
CA GLY JA 445 -40.60 4.44 -41.18
C GLY JA 445 -39.80 3.31 -41.76
N ALA JA 446 -39.40 3.48 -42.94
CA ALA JA 446 -38.74 2.58 -43.84
C ALA JA 446 -37.24 2.67 -43.82
N LYS JA 447 -36.71 3.79 -44.22
CA LYS JA 447 -35.29 4.03 -44.49
C LYS JA 447 -34.78 5.30 -43.83
N PRO JA 448 -34.20 5.21 -42.66
CA PRO JA 448 -33.67 6.35 -42.03
C PRO JA 448 -32.40 6.92 -42.64
N LYS JA 449 -32.13 8.11 -42.26
CA LYS JA 449 -30.92 8.83 -42.61
C LYS JA 449 -29.76 8.40 -41.70
N MET JA 450 -29.97 8.44 -40.45
CA MET JA 450 -29.11 8.17 -39.33
C MET JA 450 -29.70 7.89 -37.97
N VAL JA 451 -28.90 7.18 -37.24
CA VAL JA 451 -28.98 6.84 -35.92
C VAL JA 451 -27.87 7.36 -35.07
N ILE JA 452 -28.32 8.08 -34.14
CA ILE JA 452 -27.66 8.71 -33.06
C ILE JA 452 -27.90 7.96 -31.79
N LYS JA 453 -26.77 7.45 -31.28
CA LYS JA 453 -26.56 6.44 -30.32
C LYS JA 453 -25.52 7.07 -29.37
N GLY JA 454 -25.99 7.44 -28.27
CA GLY JA 454 -25.45 8.00 -27.14
C GLY JA 454 -24.83 9.37 -27.38
N GLY JA 455 -25.33 10.08 -28.34
CA GLY JA 455 -24.83 11.36 -28.74
C GLY JA 455 -23.91 11.42 -29.93
N MET JA 456 -23.44 10.31 -30.45
CA MET JA 456 -22.70 10.01 -31.66
C MET JA 456 -23.53 9.22 -32.63
N ILE JA 457 -23.29 9.48 -33.89
CA ILE JA 457 -23.77 8.86 -35.04
C ILE JA 457 -23.03 7.50 -35.13
N ASN JA 458 -23.80 6.47 -34.98
CA ASN JA 458 -23.34 5.09 -35.00
C ASN JA 458 -23.61 4.34 -36.26
N TRP JA 459 -24.57 4.71 -37.01
CA TRP JA 459 -25.16 4.10 -38.15
C TRP JA 459 -25.83 5.11 -39.04
N ALA JA 460 -25.61 4.95 -40.27
CA ALA JA 460 -25.92 5.77 -41.43
C ALA JA 460 -25.85 5.19 -42.83
N ALA JA 461 -26.70 5.72 -43.64
CA ALA JA 461 -26.74 5.58 -45.06
C ALA JA 461 -25.68 6.48 -45.68
N MET JA 462 -24.73 5.86 -46.21
CA MET JA 462 -23.46 6.31 -46.73
C MET JA 462 -23.17 5.68 -48.06
N GLY JA 463 -22.80 6.53 -49.06
CA GLY JA 463 -22.25 6.11 -50.33
C GLY JA 463 -20.76 6.11 -50.37
N ASP JA 464 -20.19 6.17 -51.56
CA ASP JA 464 -18.84 5.72 -51.95
C ASP JA 464 -17.91 6.45 -50.97
N PRO JA 465 -17.18 5.79 -50.07
CA PRO JA 465 -16.19 6.45 -49.24
C PRO JA 465 -15.04 7.12 -50.01
N ASN JA 466 -14.77 6.73 -51.25
CA ASN JA 466 -13.79 7.34 -52.15
C ASN JA 466 -14.33 8.53 -52.89
N ALA JA 467 -15.57 8.83 -52.76
CA ALA JA 467 -16.12 9.81 -53.63
C ALA JA 467 -15.82 11.19 -53.03
N SER JA 468 -16.07 12.14 -53.82
CA SER JA 468 -15.98 13.58 -53.52
C SER JA 468 -17.14 14.12 -52.73
N LEU JA 469 -18.20 13.39 -52.61
CA LEU JA 469 -19.26 13.61 -51.63
C LEU JA 469 -19.67 12.36 -50.88
N PRO JA 470 -20.51 12.51 -49.87
CA PRO JA 470 -21.10 11.38 -49.15
C PRO JA 470 -22.28 10.74 -49.76
N THR JA 471 -22.78 11.26 -50.78
CA THR JA 471 -23.97 10.88 -51.44
C THR JA 471 -23.82 10.06 -52.66
N PRO JA 472 -22.64 9.95 -53.26
CA PRO JA 472 -22.59 9.18 -54.43
C PRO JA 472 -22.70 7.66 -54.21
N GLN JA 473 -23.25 7.04 -55.17
CA GLN JA 473 -23.69 5.65 -55.23
C GLN JA 473 -22.49 4.67 -55.23
N PRO JA 474 -22.60 3.51 -54.57
CA PRO JA 474 -23.76 2.97 -53.91
C PRO JA 474 -23.95 3.43 -52.49
N VAL JA 475 -25.14 3.82 -52.20
CA VAL JA 475 -25.58 4.20 -50.88
C VAL JA 475 -26.21 2.96 -50.21
N PHE JA 476 -25.66 2.61 -49.09
CA PHE JA 476 -25.99 1.51 -48.23
C PHE JA 476 -25.51 1.80 -46.79
N TYR JA 477 -26.17 1.18 -45.84
CA TYR JA 477 -26.01 1.31 -44.46
C TYR JA 477 -24.75 0.64 -43.99
N ARG JA 478 -24.07 1.36 -43.27
CA ARG JA 478 -22.73 1.34 -42.76
C ARG JA 478 -22.52 1.83 -41.36
N PRO JA 479 -21.72 1.15 -40.59
CA PRO JA 479 -21.28 1.73 -39.38
C PRO JA 479 -20.46 3.00 -39.49
N MET JA 480 -20.63 3.73 -38.53
CA MET JA 480 -20.00 5.01 -38.28
C MET JA 480 -19.13 4.98 -36.99
N PHE JA 481 -18.49 6.08 -36.64
CA PHE JA 481 -17.51 6.23 -35.54
C PHE JA 481 -18.05 5.89 -34.16
N GLY JA 482 -19.30 6.17 -33.88
CA GLY JA 482 -19.92 5.73 -32.68
C GLY JA 482 -19.98 4.19 -32.53
N ALA JA 483 -19.95 3.50 -33.59
CA ALA JA 483 -19.86 2.07 -33.85
C ALA JA 483 -18.44 1.51 -33.93
N MET JA 484 -17.48 2.26 -33.51
CA MET JA 484 -16.06 2.07 -33.70
C MET JA 484 -15.33 2.24 -32.40
N GLY JA 485 -14.30 1.49 -32.31
CA GLY JA 485 -13.50 1.46 -31.25
C GLY JA 485 -14.07 1.25 -29.88
N LYS JA 486 -13.48 1.96 -28.92
CA LYS JA 486 -14.00 1.99 -27.55
C LYS JA 486 -15.28 2.85 -27.40
N THR JA 487 -15.63 3.70 -28.30
CA THR JA 487 -16.81 4.54 -28.28
C THR JA 487 -18.13 3.74 -28.36
N MET JA 488 -18.12 2.68 -29.18
N MET JA 488 -18.08 2.73 -29.20
CA MET JA 488 -19.29 1.73 -29.38
CA MET JA 488 -19.15 1.70 -29.41
C MET JA 488 -19.73 1.28 -27.94
C MET JA 488 -19.68 1.27 -27.98
N GLN JA 489 -18.88 0.82 -26.98
CA GLN JA 489 -19.18 0.48 -25.68
C GLN JA 489 -19.57 1.69 -24.86
N ASP JA 490 -18.88 2.80 -25.01
CA ASP JA 490 -19.15 4.01 -24.30
C ASP JA 490 -20.54 4.59 -24.55
N THR JA 491 -21.07 4.41 -25.67
CA THR JA 491 -22.27 4.94 -26.19
C THR JA 491 -23.45 3.95 -26.13
N CYS JA 492 -23.18 2.73 -25.67
CA CYS JA 492 -24.16 1.62 -25.57
C CYS JA 492 -24.31 1.22 -24.08
N VAL JA 493 -25.51 0.87 -23.70
CA VAL JA 493 -26.00 0.47 -22.42
C VAL JA 493 -26.33 -1.03 -22.44
N THR JA 494 -25.93 -1.65 -21.47
CA THR JA 494 -26.30 -2.93 -20.96
C THR JA 494 -27.12 -2.73 -19.67
N PHE JA 495 -28.33 -2.89 -19.86
CA PHE JA 495 -29.33 -2.99 -18.84
C PHE JA 495 -29.26 -4.29 -18.02
N VAL JA 496 -29.34 -4.09 -16.79
CA VAL JA 496 -29.34 -5.00 -15.69
C VAL JA 496 -30.28 -4.70 -14.50
N SER JA 497 -30.41 -5.67 -13.66
CA SER JA 497 -31.10 -5.66 -12.38
C SER JA 497 -30.30 -4.80 -11.40
N GLN JA 498 -30.95 -4.12 -10.57
CA GLN JA 498 -30.37 -3.41 -9.43
C GLN JA 498 -29.60 -4.31 -8.53
N ALA JA 499 -30.04 -5.54 -8.37
CA ALA JA 499 -29.41 -6.60 -7.62
C ALA JA 499 -28.00 -6.85 -8.12
N ALA JA 500 -27.91 -6.99 -9.37
CA ALA JA 500 -26.69 -7.19 -10.12
C ALA JA 500 -25.75 -6.00 -10.06
N LEU JA 501 -26.29 -4.83 -10.24
CA LEU JA 501 -25.59 -3.59 -10.18
C LEU JA 501 -24.92 -3.42 -8.82
N ASP JA 502 -25.66 -3.68 -7.81
CA ASP JA 502 -25.28 -3.57 -6.45
C ASP JA 502 -24.20 -4.61 -6.07
N ASP JA 503 -24.23 -5.79 -6.63
CA ASP JA 503 -23.31 -6.90 -6.51
C ASP JA 503 -22.06 -6.74 -7.36
N GLY JA 504 -21.90 -5.66 -8.05
CA GLY JA 504 -20.81 -5.38 -8.93
C GLY JA 504 -20.64 -6.03 -10.24
N VAL JA 505 -21.72 -6.31 -10.93
CA VAL JA 505 -21.77 -6.96 -12.20
C VAL JA 505 -20.78 -6.38 -13.21
N LYS JA 506 -20.63 -5.10 -13.18
CA LYS JA 506 -19.78 -4.38 -14.09
C LYS JA 506 -18.32 -4.81 -13.96
N GLU JA 507 -17.80 -4.87 -12.77
CA GLU JA 507 -16.48 -5.40 -12.39
C GLU JA 507 -16.38 -6.89 -12.63
N LYS JA 508 -17.24 -7.67 -12.00
CA LYS JA 508 -17.31 -9.13 -12.03
C LYS JA 508 -17.29 -9.71 -13.41
N ALA JA 509 -18.08 -9.22 -14.28
CA ALA JA 509 -18.23 -9.54 -15.69
C ALA JA 509 -17.31 -8.79 -16.61
N GLY JA 510 -16.69 -7.77 -16.11
CA GLY JA 510 -15.74 -7.05 -16.83
C GLY JA 510 -16.25 -6.27 -18.00
N LEU JA 511 -17.37 -5.61 -17.86
CA LEU JA 511 -18.07 -4.92 -18.87
C LEU JA 511 -17.55 -3.47 -18.97
N ASP JA 512 -17.33 -3.05 -20.17
CA ASP JA 512 -16.99 -1.72 -20.55
C ASP JA 512 -18.19 -0.87 -20.99
N ARG JA 513 -19.32 -1.49 -21.31
CA ARG JA 513 -20.59 -0.83 -21.63
C ARG JA 513 -21.00 0.04 -20.48
N GLN JA 514 -21.87 0.99 -20.74
CA GLN JA 514 -22.61 1.60 -19.68
C GLN JA 514 -23.55 0.52 -19.10
N VAL JA 515 -23.56 0.39 -17.84
CA VAL JA 515 -24.40 -0.53 -17.05
C VAL JA 515 -25.37 0.24 -16.17
N ILE JA 516 -26.60 0.16 -16.49
CA ILE JA 516 -27.75 0.87 -15.96
C ILE JA 516 -28.83 -0.08 -15.41
N ALA JA 517 -29.24 0.16 -14.20
CA ALA JA 517 -30.25 -0.61 -13.47
C ALA JA 517 -31.61 -0.28 -14.02
N VAL JA 518 -32.33 -1.26 -14.47
CA VAL JA 518 -33.78 -1.15 -14.65
C VAL JA 518 -34.56 -0.79 -13.37
N LYS JA 519 -35.64 -0.03 -13.52
CA LYS JA 519 -36.38 0.48 -12.37
C LYS JA 519 -37.83 0.79 -12.81
N ASN JA 520 -38.79 0.68 -11.98
CA ASN JA 520 -40.22 1.00 -12.13
C ASN JA 520 -41.04 0.01 -12.99
N CYS JA 521 -40.80 -1.24 -12.87
CA CYS JA 521 -41.37 -2.34 -13.69
C CYS JA 521 -42.69 -2.90 -13.04
N ARG JA 522 -42.81 -2.88 -11.76
CA ARG JA 522 -43.80 -3.61 -10.94
C ARG JA 522 -45.01 -2.81 -10.46
N THR JA 523 -44.94 -1.52 -10.44
CA THR JA 523 -45.98 -0.56 -10.03
C THR JA 523 -46.85 -0.04 -11.21
N ILE JA 524 -46.49 -0.31 -12.33
CA ILE JA 524 -47.09 0.02 -13.58
C ILE JA 524 -48.20 -0.94 -13.95
N SER JA 525 -49.11 -0.42 -14.66
CA SER JA 525 -50.26 -0.98 -15.25
C SER JA 525 -50.53 -0.44 -16.62
N LYS JA 526 -51.53 -1.00 -17.22
CA LYS JA 526 -51.95 -0.68 -18.53
C LYS JA 526 -52.22 0.78 -18.73
N HIS JA 527 -52.79 1.42 -17.75
CA HIS JA 527 -53.13 2.83 -17.73
C HIS JA 527 -51.95 3.78 -17.70
N ASP JA 528 -50.78 3.31 -17.31
CA ASP JA 528 -49.53 4.05 -17.40
C ASP JA 528 -48.94 4.04 -18.78
N LEU JA 529 -49.53 3.39 -19.64
CA LEU JA 529 -49.03 3.29 -20.96
C LEU JA 529 -49.54 4.55 -21.66
N VAL JA 530 -48.83 4.98 -22.67
CA VAL JA 530 -49.03 6.22 -23.39
C VAL JA 530 -49.74 5.95 -24.71
N ARG JA 531 -50.89 6.55 -24.81
CA ARG JA 531 -51.87 6.54 -25.86
C ARG JA 531 -52.47 5.14 -26.14
N ASN JA 532 -52.21 4.18 -25.32
CA ASN JA 532 -52.61 2.83 -25.51
C ASN JA 532 -53.00 2.22 -24.15
N ASP JA 533 -53.95 2.84 -23.50
CA ASP JA 533 -54.31 2.62 -22.11
C ASP JA 533 -55.71 2.05 -21.84
N GLN JA 534 -56.38 1.61 -22.85
CA GLN JA 534 -57.69 1.00 -22.91
C GLN JA 534 -57.79 -0.48 -22.49
N THR JA 535 -58.72 -0.76 -21.59
CA THR JA 535 -59.08 -2.03 -20.99
C THR JA 535 -60.56 -2.41 -21.24
N PRO JA 536 -60.96 -2.70 -22.45
CA PRO JA 536 -62.34 -3.12 -22.67
C PRO JA 536 -62.60 -4.60 -22.42
N ASN JA 537 -63.88 -4.95 -22.47
CA ASN JA 537 -64.31 -6.33 -22.44
C ASN JA 537 -64.05 -7.00 -23.76
N ILE JA 538 -63.31 -8.07 -23.73
CA ILE JA 538 -63.01 -8.86 -24.90
C ILE JA 538 -63.53 -10.29 -24.77
N GLU JA 539 -64.29 -10.67 -25.75
CA GLU JA 539 -64.94 -11.96 -25.91
C GLU JA 539 -64.56 -12.60 -27.24
N VAL JA 540 -64.24 -13.84 -27.18
CA VAL JA 540 -63.91 -14.69 -28.28
C VAL JA 540 -64.82 -15.93 -28.31
N ASP JA 541 -65.39 -16.16 -29.40
CA ASP JA 541 -66.26 -17.29 -29.71
C ASP JA 541 -65.49 -18.58 -29.92
N PRO JA 542 -65.64 -19.56 -29.01
CA PRO JA 542 -64.86 -20.81 -29.10
C PRO JA 542 -65.15 -21.65 -30.31
N GLU JA 543 -66.21 -21.38 -31.04
CA GLU JA 543 -66.44 -22.05 -32.32
C GLU JA 543 -65.82 -21.35 -33.51
N THR JA 544 -66.29 -20.17 -33.79
CA THR JA 544 -65.94 -19.37 -34.92
C THR JA 544 -64.81 -18.37 -34.68
N PHE JA 545 -64.31 -18.23 -33.46
CA PHE JA 545 -63.14 -17.44 -33.09
C PHE JA 545 -63.37 -15.95 -33.25
N ALA JA 546 -64.62 -15.57 -33.50
CA ALA JA 546 -65.07 -14.17 -33.67
C ALA JA 546 -64.79 -13.41 -32.36
N VAL JA 547 -64.31 -12.19 -32.42
CA VAL JA 547 -63.99 -11.27 -31.36
C VAL JA 547 -64.91 -10.08 -31.30
N LYS JA 548 -65.43 -9.92 -30.12
CA LYS JA 548 -66.26 -8.86 -29.66
C LYS JA 548 -65.54 -8.07 -28.61
N VAL JA 549 -65.53 -6.76 -28.74
CA VAL JA 549 -64.81 -5.79 -27.88
C VAL JA 549 -65.90 -4.86 -27.41
N ASP JA 550 -66.21 -4.84 -26.12
CA ASP JA 550 -67.41 -4.16 -25.55
C ASP JA 550 -68.65 -4.50 -26.40
N GLY JA 551 -68.88 -5.76 -26.75
CA GLY JA 551 -70.00 -6.21 -27.60
C GLY JA 551 -69.91 -5.91 -29.10
N VAL JA 552 -68.84 -5.37 -29.69
CA VAL JA 552 -68.78 -4.98 -31.05
C VAL JA 552 -67.76 -5.86 -31.72
N HIS JA 553 -68.20 -6.45 -32.78
CA HIS JA 553 -67.42 -7.29 -33.59
C HIS JA 553 -66.22 -6.50 -34.07
N ALA JA 554 -65.05 -7.08 -33.86
CA ALA JA 554 -63.75 -6.49 -34.14
C ALA JA 554 -63.15 -7.18 -35.32
N THR JA 555 -63.37 -6.61 -36.50
CA THR JA 555 -62.78 -7.08 -37.72
C THR JA 555 -62.52 -5.93 -38.70
N CYS JA 556 -61.76 -6.25 -39.71
CA CYS JA 556 -61.39 -5.45 -40.86
C CYS JA 556 -60.94 -6.47 -41.87
N GLU JA 557 -60.87 -6.06 -43.11
CA GLU JA 557 -60.62 -6.75 -44.32
C GLU JA 557 -59.16 -6.69 -44.70
N PRO JA 558 -58.60 -7.72 -45.25
CA PRO JA 558 -57.21 -7.63 -45.65
C PRO JA 558 -56.92 -6.76 -46.82
N ILE JA 559 -55.79 -6.13 -46.67
CA ILE JA 559 -55.13 -5.31 -47.66
C ILE JA 559 -54.51 -6.20 -48.71
N ASP JA 560 -54.63 -5.75 -49.92
CA ASP JA 560 -53.87 -6.15 -51.08
C ASP JA 560 -52.51 -5.47 -51.16
N THR JA 561 -52.47 -4.16 -51.00
CA THR JA 561 -51.29 -3.31 -51.17
C THR JA 561 -50.91 -2.55 -49.92
N ALA JA 562 -49.73 -2.83 -49.46
CA ALA JA 562 -49.03 -2.11 -48.45
C ALA JA 562 -48.26 -0.89 -48.99
N ALA JA 563 -48.30 0.19 -48.20
CA ALA JA 563 -47.53 1.45 -48.35
C ALA JA 563 -46.10 1.24 -47.79
N MET JA 564 -45.10 1.98 -48.25
CA MET JA 564 -43.71 1.97 -47.75
C MET JA 564 -43.22 0.54 -48.03
N ASN JA 565 -43.50 -0.01 -49.17
CA ASN JA 565 -43.32 -1.47 -49.34
C ASN JA 565 -42.52 -1.76 -50.62
N GLN JA 566 -43.09 -2.16 -51.74
CA GLN JA 566 -42.37 -2.57 -52.98
C GLN JA 566 -41.75 -1.34 -53.70
N ARG JA 567 -42.23 -0.13 -53.49
CA ARG JA 567 -41.69 1.12 -54.02
C ARG JA 567 -40.27 1.42 -53.56
N TYR JA 568 -39.99 1.18 -52.37
CA TYR JA 568 -38.85 1.48 -51.52
C TYR JA 568 -37.81 0.36 -51.36
N PHE JA 569 -38.15 -0.87 -51.53
CA PHE JA 569 -37.34 -2.01 -51.16
C PHE JA 569 -37.10 -2.95 -52.35
N PHE JA 570 -35.84 -3.34 -52.52
CA PHE JA 570 -35.36 -4.44 -53.34
C PHE JA 570 -35.48 -5.80 -52.66
N GLY JA 571 -35.42 -5.84 -51.31
CA GLY JA 571 -35.18 -6.93 -50.27
C GLY JA 571 -35.70 -8.20 -50.86
#